data_2M6X
#
_entry.id   2M6X
#
_entity_poly.entity_id   1
_entity_poly.type   'polypeptide(L)'
_entity_poly.pdbx_seq_one_letter_code
;GAKNVIVLNAASAAGNHGFFWGLLVVTLAWHVKGRLVPGATYLSLGVWPLLLVRLLRPHRALA
;
_entity_poly.pdbx_strand_id   A,B,C,D,E,F
#
# COMPACT_ATOMS: atom_id res chain seq x y z
N GLY A 1 -8.58 26.03 -3.35
CA GLY A 1 -9.67 26.18 -4.36
C GLY A 1 -9.87 24.84 -5.07
N ALA A 2 -10.26 24.91 -6.32
CA ALA A 2 -10.49 23.70 -7.10
C ALA A 2 -9.17 23.02 -7.44
N LYS A 3 -8.29 23.74 -8.10
CA LYS A 3 -6.99 23.20 -8.49
C LYS A 3 -5.97 23.40 -7.37
N ASN A 4 -6.07 22.58 -6.37
CA ASN A 4 -5.16 22.64 -5.24
C ASN A 4 -5.17 21.30 -4.51
N VAL A 5 -6.34 20.79 -4.28
CA VAL A 5 -6.49 19.50 -3.62
C VAL A 5 -5.85 18.43 -4.50
N ILE A 6 -6.34 18.33 -5.71
CA ILE A 6 -5.83 17.37 -6.67
C ILE A 6 -4.33 17.63 -6.92
N VAL A 7 -3.96 18.87 -6.86
CA VAL A 7 -2.56 19.26 -7.07
C VAL A 7 -1.66 18.57 -6.04
N LEU A 8 -2.13 18.49 -4.82
CA LEU A 8 -1.35 17.85 -3.77
C LEU A 8 -1.05 16.39 -4.15
N ASN A 9 -2.03 15.72 -4.71
CA ASN A 9 -1.85 14.32 -5.11
C ASN A 9 -0.73 14.22 -6.15
N ALA A 10 -0.73 15.15 -7.06
CA ALA A 10 0.27 15.15 -8.13
C ALA A 10 1.66 15.19 -7.51
N ALA A 11 1.81 15.96 -6.47
CA ALA A 11 3.10 16.08 -5.80
C ALA A 11 3.56 14.70 -5.33
N SER A 12 2.66 13.91 -4.82
CA SER A 12 3.02 12.57 -4.35
C SER A 12 3.59 11.75 -5.52
N ALA A 13 2.96 11.86 -6.66
CA ALA A 13 3.40 11.13 -7.85
C ALA A 13 4.85 11.45 -8.18
N ALA A 14 5.22 12.69 -7.99
CA ALA A 14 6.59 13.10 -8.27
C ALA A 14 7.55 12.29 -7.40
N GLY A 15 7.16 12.07 -6.18
CA GLY A 15 7.99 11.32 -5.24
C GLY A 15 8.27 9.92 -5.78
N ASN A 16 7.28 9.29 -6.34
CA ASN A 16 7.45 7.96 -6.91
C ASN A 16 8.50 7.97 -8.02
N HIS A 17 8.45 8.99 -8.83
CA HIS A 17 9.39 9.12 -9.95
C HIS A 17 10.83 8.98 -9.46
N GLY A 18 11.30 7.75 -9.40
CA GLY A 18 12.65 7.48 -8.95
C GLY A 18 13.07 6.07 -9.34
N PHE A 19 14.08 5.96 -10.15
CA PHE A 19 14.55 4.65 -10.61
C PHE A 19 14.67 3.66 -9.45
N PHE A 20 15.09 4.14 -8.30
CA PHE A 20 15.24 3.26 -7.15
C PHE A 20 13.90 2.61 -6.84
N TRP A 21 12.86 3.39 -6.89
CA TRP A 21 11.52 2.89 -6.61
C TRP A 21 11.15 1.78 -7.59
N GLY A 22 11.52 1.97 -8.83
CA GLY A 22 11.24 0.99 -9.86
C GLY A 22 11.89 -0.36 -9.55
N LEU A 23 13.08 -0.31 -9.02
CA LEU A 23 13.80 -1.54 -8.69
C LEU A 23 13.03 -2.38 -7.67
N LEU A 24 12.41 -1.73 -6.72
CA LEU A 24 11.69 -2.46 -5.67
C LEU A 24 10.54 -3.33 -6.21
N VAL A 25 9.75 -2.82 -7.11
CA VAL A 25 8.61 -3.62 -7.60
C VAL A 25 9.07 -4.88 -8.35
N VAL A 26 10.06 -4.75 -9.18
CA VAL A 26 10.56 -5.89 -9.92
C VAL A 26 11.17 -6.93 -8.98
N THR A 27 11.89 -6.47 -8.00
CA THR A 27 12.54 -7.36 -7.06
C THR A 27 11.53 -8.21 -6.30
N LEU A 28 10.47 -7.60 -5.86
CA LEU A 28 9.45 -8.33 -5.13
C LEU A 28 8.84 -9.41 -6.01
N ALA A 29 8.59 -9.07 -7.24
CA ALA A 29 7.99 -10.01 -8.18
C ALA A 29 8.89 -11.23 -8.42
N TRP A 30 10.16 -11.01 -8.59
CA TRP A 30 11.09 -12.11 -8.84
C TRP A 30 11.19 -13.06 -7.64
N HIS A 31 11.24 -12.51 -6.45
CA HIS A 31 11.39 -13.31 -5.24
C HIS A 31 10.23 -14.28 -5.00
N VAL A 32 9.03 -13.83 -5.24
CA VAL A 32 7.86 -14.67 -4.98
C VAL A 32 7.83 -15.93 -5.82
N LYS A 33 8.62 -16.00 -6.88
CA LYS A 33 8.61 -17.22 -7.70
C LYS A 33 8.68 -18.46 -6.82
N GLY A 34 9.71 -18.54 -6.02
CA GLY A 34 9.87 -19.67 -5.12
C GLY A 34 8.68 -19.83 -4.18
N ARG A 35 8.13 -18.74 -3.74
CA ARG A 35 6.97 -18.78 -2.85
C ARG A 35 5.77 -19.46 -3.51
N LEU A 36 5.61 -19.23 -4.79
CA LEU A 36 4.45 -19.77 -5.52
C LEU A 36 4.32 -21.31 -5.51
N VAL A 37 5.39 -22.02 -5.74
CA VAL A 37 5.30 -23.50 -5.80
C VAL A 37 4.86 -24.18 -4.46
N PRO A 38 5.38 -23.81 -3.30
CA PRO A 38 4.95 -24.43 -2.00
C PRO A 38 3.47 -24.15 -1.72
N GLY A 39 3.05 -22.98 -2.13
CA GLY A 39 1.66 -22.57 -1.96
C GLY A 39 0.73 -23.53 -2.68
N ALA A 40 1.14 -23.96 -3.85
CA ALA A 40 0.33 -24.86 -4.65
C ALA A 40 0.01 -26.15 -3.89
N THR A 41 0.98 -26.69 -3.20
CA THR A 41 0.78 -27.94 -2.45
C THR A 41 0.42 -27.66 -0.99
N TYR A 42 -0.81 -27.93 -0.65
CA TYR A 42 -1.30 -27.74 0.73
C TYR A 42 -2.37 -28.78 1.04
N LEU A 43 -3.54 -28.31 1.42
CA LEU A 43 -4.66 -29.18 1.74
C LEU A 43 -5.77 -28.97 0.74
N SER A 44 -6.82 -29.72 0.88
CA SER A 44 -7.97 -29.63 -0.03
C SER A 44 -9.22 -29.13 0.70
N LEU A 45 -9.47 -27.85 0.57
CA LEU A 45 -10.65 -27.23 1.20
C LEU A 45 -11.79 -27.17 0.17
N GLY A 46 -11.67 -26.27 -0.77
CA GLY A 46 -12.67 -26.13 -1.83
C GLY A 46 -13.91 -25.36 -1.40
N VAL A 47 -14.32 -25.52 -0.16
CA VAL A 47 -15.53 -24.83 0.34
C VAL A 47 -15.18 -23.70 1.31
N TRP A 48 -14.05 -23.83 1.95
CA TRP A 48 -13.61 -22.83 2.93
C TRP A 48 -13.47 -21.42 2.34
N PRO A 49 -12.92 -21.25 1.15
CA PRO A 49 -12.73 -19.89 0.58
C PRO A 49 -14.04 -19.31 0.04
N LEU A 50 -14.69 -20.06 -0.80
CA LEU A 50 -15.92 -19.58 -1.43
C LEU A 50 -16.93 -19.09 -0.41
N LEU A 51 -17.04 -19.71 0.73
CA LEU A 51 -18.00 -19.21 1.69
C LEU A 51 -17.65 -17.76 2.03
N LEU A 52 -16.38 -17.49 2.25
CA LEU A 52 -15.95 -16.13 2.59
C LEU A 52 -16.22 -15.16 1.42
N VAL A 53 -15.85 -15.54 0.23
CA VAL A 53 -16.08 -14.69 -0.95
C VAL A 53 -17.57 -14.46 -1.18
N ARG A 54 -18.36 -15.44 -0.84
CA ARG A 54 -19.79 -15.34 -1.05
C ARG A 54 -20.34 -14.08 -0.39
N LEU A 55 -19.88 -13.78 0.79
CA LEU A 55 -20.36 -12.57 1.47
C LEU A 55 -20.04 -11.35 0.59
N LEU A 56 -18.85 -11.34 0.07
CA LEU A 56 -18.34 -10.30 -0.84
C LEU A 56 -19.05 -10.31 -2.22
N ARG A 57 -19.42 -11.48 -2.64
CA ARG A 57 -20.00 -11.70 -3.99
C ARG A 57 -21.24 -10.85 -4.33
N PRO A 58 -22.22 -10.68 -3.46
CA PRO A 58 -23.40 -9.82 -3.80
C PRO A 58 -22.96 -8.39 -4.08
N HIS A 59 -22.03 -7.91 -3.30
CA HIS A 59 -21.52 -6.55 -3.47
C HIS A 59 -22.65 -5.53 -3.35
N ARG A 60 -22.31 -4.35 -2.92
CA ARG A 60 -23.29 -3.28 -2.76
C ARG A 60 -22.60 -1.93 -2.72
N ALA A 61 -22.16 -1.45 -3.85
CA ALA A 61 -21.48 -0.17 -3.93
C ALA A 61 -22.28 0.91 -3.22
N LEU A 62 -23.50 0.60 -2.87
CA LEU A 62 -24.36 1.55 -2.18
C LEU A 62 -23.95 1.65 -0.71
N ALA A 63 -22.73 1.28 -0.43
CA ALA A 63 -22.21 1.34 0.94
C ALA A 63 -22.43 2.72 1.54
N GLY B 1 -4.54 24.34 -17.45
CA GLY B 1 -4.59 24.09 -15.97
C GLY B 1 -5.69 23.10 -15.66
N ALA B 2 -5.53 21.89 -16.14
CA ALA B 2 -6.53 20.84 -15.90
C ALA B 2 -5.90 19.46 -16.09
N LYS B 3 -5.73 19.08 -17.32
CA LYS B 3 -5.13 17.77 -17.63
C LYS B 3 -3.61 17.84 -17.47
N ASN B 4 -3.18 17.92 -16.24
CA ASN B 4 -1.77 17.98 -15.91
C ASN B 4 -1.54 17.49 -14.50
N VAL B 5 -2.63 17.14 -13.86
CA VAL B 5 -2.62 16.63 -12.49
C VAL B 5 -3.04 15.16 -12.53
N ILE B 6 -4.26 14.93 -12.92
CA ILE B 6 -4.80 13.59 -13.04
C ILE B 6 -3.94 12.78 -14.02
N VAL B 7 -3.44 13.47 -15.01
CA VAL B 7 -2.60 12.82 -16.03
C VAL B 7 -1.38 12.18 -15.37
N LEU B 8 -0.80 12.85 -14.41
CA LEU B 8 0.36 12.31 -13.72
C LEU B 8 0.01 10.98 -13.07
N ASN B 9 -1.17 10.91 -12.50
CA ASN B 9 -1.62 9.67 -11.88
C ASN B 9 -1.70 8.57 -12.92
N ALA B 10 -2.14 8.95 -14.09
CA ALA B 10 -2.29 8.00 -15.19
C ALA B 10 -0.95 7.32 -15.45
N ALA B 11 0.10 8.08 -15.42
CA ALA B 11 1.43 7.52 -15.66
C ALA B 11 1.74 6.42 -14.66
N SER B 12 1.35 6.62 -13.42
CA SER B 12 1.60 5.60 -12.41
C SER B 12 0.89 4.29 -12.77
N ALA B 13 -0.33 4.41 -13.23
CA ALA B 13 -1.12 3.22 -13.58
C ALA B 13 -0.44 2.39 -14.67
N ALA B 14 0.17 3.06 -15.61
CA ALA B 14 0.89 2.35 -16.66
C ALA B 14 2.02 1.54 -16.06
N GLY B 15 2.68 2.14 -15.10
CA GLY B 15 3.81 1.50 -14.44
C GLY B 15 3.41 0.17 -13.77
N ASN B 16 2.28 0.15 -13.11
CA ASN B 16 1.84 -1.08 -12.44
C ASN B 16 1.67 -2.21 -13.45
N HIS B 17 1.10 -1.89 -14.59
CA HIS B 17 0.88 -2.88 -15.63
C HIS B 17 0.20 -4.13 -15.06
N GLY B 18 0.17 -5.18 -15.85
CA GLY B 18 -0.47 -6.44 -15.45
C GLY B 18 0.44 -7.64 -15.68
N PHE B 19 1.60 -7.41 -16.24
CA PHE B 19 2.52 -8.52 -16.52
C PHE B 19 3.20 -8.99 -15.23
N PHE B 20 4.38 -8.49 -14.98
CA PHE B 20 5.12 -8.90 -13.77
C PHE B 20 4.32 -8.55 -12.52
N TRP B 21 3.74 -7.37 -12.50
CA TRP B 21 2.97 -6.93 -11.35
C TRP B 21 1.79 -7.85 -11.08
N GLY B 22 1.14 -8.29 -12.12
CA GLY B 22 0.00 -9.18 -11.95
C GLY B 22 0.42 -10.49 -11.26
N LEU B 23 1.56 -10.98 -11.62
CA LEU B 23 2.07 -12.22 -11.04
C LEU B 23 2.28 -12.06 -9.52
N LEU B 24 2.76 -10.93 -9.11
CA LEU B 24 3.04 -10.70 -7.70
C LEU B 24 1.79 -10.85 -6.82
N VAL B 25 0.69 -10.27 -7.22
CA VAL B 25 -0.51 -10.37 -6.40
C VAL B 25 -1.00 -11.82 -6.30
N VAL B 26 -1.01 -12.52 -7.41
CA VAL B 26 -1.47 -13.91 -7.40
C VAL B 26 -0.57 -14.80 -6.55
N THR B 27 0.72 -14.61 -6.69
CA THR B 27 1.68 -15.42 -5.96
C THR B 27 1.56 -15.23 -4.45
N LEU B 28 1.41 -14.01 -4.03
CA LEU B 28 1.32 -13.74 -2.61
C LEU B 28 0.09 -14.44 -2.02
N ALA B 29 -1.00 -14.40 -2.75
CA ALA B 29 -2.23 -15.04 -2.28
C ALA B 29 -2.04 -16.55 -2.11
N TRP B 30 -1.38 -17.18 -3.04
CA TRP B 30 -1.16 -18.62 -2.97
C TRP B 30 -0.29 -19.01 -1.76
N HIS B 31 0.72 -18.23 -1.50
CA HIS B 31 1.65 -18.54 -0.42
C HIS B 31 0.96 -18.63 0.94
N VAL B 32 0.06 -17.73 1.20
CA VAL B 32 -0.62 -17.73 2.49
C VAL B 32 -1.47 -18.99 2.68
N LYS B 33 -1.49 -19.87 1.71
CA LYS B 33 -2.26 -21.11 1.85
C LYS B 33 -1.92 -21.78 3.19
N GLY B 34 -0.69 -22.21 3.31
CA GLY B 34 -0.23 -22.86 4.53
C GLY B 34 -0.43 -21.92 5.72
N ARG B 35 -0.19 -20.66 5.52
CA ARG B 35 -0.34 -19.66 6.57
C ARG B 35 -1.78 -19.64 7.08
N LEU B 36 -2.69 -19.83 6.18
CA LEU B 36 -4.12 -19.77 6.49
C LEU B 36 -4.59 -20.79 7.54
N VAL B 37 -4.13 -22.02 7.48
CA VAL B 37 -4.61 -23.04 8.43
C VAL B 37 -4.28 -22.73 9.91
N PRO B 38 -3.06 -22.36 10.27
CA PRO B 38 -2.71 -22.01 11.68
C PRO B 38 -3.47 -20.77 12.15
N GLY B 39 -3.63 -19.87 11.23
CA GLY B 39 -4.34 -18.63 11.48
C GLY B 39 -5.77 -18.88 11.90
N ALA B 40 -6.37 -19.88 11.31
CA ALA B 40 -7.77 -20.20 11.57
C ALA B 40 -8.02 -20.54 13.05
N THR B 41 -7.12 -21.26 13.66
CA THR B 41 -7.30 -21.65 15.07
C THR B 41 -7.04 -20.48 16.02
N TYR B 42 -8.02 -20.17 16.84
CA TYR B 42 -7.91 -19.09 17.83
C TYR B 42 -9.22 -18.92 18.59
N LEU B 43 -9.18 -19.17 19.87
CA LEU B 43 -10.37 -19.03 20.71
C LEU B 43 -10.34 -17.66 21.40
N SER B 44 -11.33 -17.42 22.21
CA SER B 44 -11.44 -16.16 22.93
C SER B 44 -11.34 -14.98 21.96
N LEU B 45 -12.38 -14.78 21.20
CA LEU B 45 -12.41 -13.69 20.23
C LEU B 45 -13.87 -13.35 19.86
N GLY B 46 -14.74 -13.49 20.81
CA GLY B 46 -16.16 -13.24 20.59
C GLY B 46 -16.48 -11.78 20.24
N VAL B 47 -16.15 -10.87 21.13
CA VAL B 47 -16.44 -9.45 20.91
C VAL B 47 -15.24 -8.57 21.23
N TRP B 48 -14.23 -9.18 21.80
CA TRP B 48 -13.03 -8.46 22.15
C TRP B 48 -12.53 -7.60 20.98
N PRO B 49 -12.48 -8.12 19.76
CA PRO B 49 -12.01 -7.30 18.62
C PRO B 49 -13.04 -6.23 18.24
N LEU B 50 -14.29 -6.59 18.33
CA LEU B 50 -15.38 -5.70 17.96
C LEU B 50 -15.32 -4.37 18.72
N LEU B 51 -14.92 -4.37 19.97
CA LEU B 51 -14.89 -3.11 20.69
C LEU B 51 -14.01 -2.11 19.93
N LEU B 52 -12.88 -2.58 19.48
CA LEU B 52 -11.98 -1.71 18.71
C LEU B 52 -12.73 -1.22 17.47
N VAL B 53 -13.43 -2.13 16.86
CA VAL B 53 -14.24 -1.84 15.67
C VAL B 53 -15.29 -0.78 15.99
N ARG B 54 -15.75 -0.79 17.22
CA ARG B 54 -16.80 0.14 17.62
C ARG B 54 -16.37 1.57 17.28
N LEU B 55 -15.13 1.90 17.51
CA LEU B 55 -14.67 3.25 17.19
C LEU B 55 -14.87 3.48 15.69
N LEU B 56 -14.48 2.50 14.91
CA LEU B 56 -14.61 2.50 13.44
C LEU B 56 -16.06 2.43 12.94
N ARG B 57 -16.87 1.74 13.70
CA ARG B 57 -18.26 1.46 13.31
C ARG B 57 -19.13 2.70 12.99
N PRO B 58 -19.09 3.78 13.75
CA PRO B 58 -19.92 4.98 13.40
C PRO B 58 -19.55 5.56 12.03
N HIS B 59 -18.27 5.61 11.75
CA HIS B 59 -17.80 6.15 10.46
C HIS B 59 -18.35 7.56 10.26
N ARG B 60 -17.71 8.31 9.40
CA ARG B 60 -18.14 9.69 9.13
C ARG B 60 -17.37 10.26 7.94
N ALA B 61 -18.07 10.53 6.87
CA ALA B 61 -17.44 11.06 5.67
C ALA B 61 -16.84 12.44 5.93
N LEU B 62 -17.67 13.38 6.31
CA LEU B 62 -17.19 14.73 6.58
C LEU B 62 -16.39 14.76 7.89
N ALA B 63 -15.47 13.84 8.01
CA ALA B 63 -14.63 13.75 9.20
C ALA B 63 -13.89 15.07 9.44
N GLY C 1 -8.08 14.40 -23.88
CA GLY C 1 -8.36 13.05 -23.32
C GLY C 1 -9.20 13.18 -22.06
N ALA C 2 -10.38 13.71 -22.22
CA ALA C 2 -11.29 13.88 -21.08
C ALA C 2 -11.52 12.56 -20.38
N LYS C 3 -12.54 11.85 -20.76
CA LYS C 3 -12.85 10.57 -20.16
C LYS C 3 -11.88 9.51 -20.64
N ASN C 4 -10.68 9.55 -20.12
CA ASN C 4 -9.64 8.60 -20.46
C ASN C 4 -8.69 8.43 -19.28
N VAL C 5 -8.45 9.52 -18.60
CA VAL C 5 -7.57 9.49 -17.43
C VAL C 5 -8.30 8.79 -16.28
N ILE C 6 -9.45 9.29 -15.96
CA ILE C 6 -10.27 8.73 -14.90
C ILE C 6 -10.60 7.26 -15.23
N VAL C 7 -10.79 7.02 -16.49
CA VAL C 7 -11.11 5.66 -16.96
C VAL C 7 -9.99 4.70 -16.58
N LEU C 8 -8.77 5.14 -16.74
CA LEU C 8 -7.62 4.31 -16.42
C LEU C 8 -7.64 3.90 -14.95
N ASN C 9 -8.01 4.81 -14.09
CA ASN C 9 -8.08 4.48 -12.66
C ASN C 9 -9.09 3.35 -12.44
N ALA C 10 -10.18 3.45 -13.14
CA ALA C 10 -11.24 2.44 -13.02
C ALA C 10 -10.69 1.06 -13.35
N ALA C 11 -9.87 1.00 -14.35
CA ALA C 11 -9.27 -0.27 -14.76
C ALA C 11 -8.49 -0.88 -13.61
N SER C 12 -7.79 -0.07 -12.87
CA SER C 12 -7.02 -0.56 -11.75
C SER C 12 -7.94 -1.25 -10.74
N ALA C 13 -9.08 -0.66 -10.50
CA ALA C 13 -10.04 -1.22 -9.56
C ALA C 13 -10.46 -2.62 -9.98
N ALA C 14 -10.61 -2.82 -11.25
CA ALA C 14 -10.99 -4.13 -11.76
C ALA C 14 -9.92 -5.16 -11.38
N GLY C 15 -8.68 -4.74 -11.49
CA GLY C 15 -7.56 -5.60 -11.18
C GLY C 15 -7.60 -6.09 -9.73
N ASN C 16 -7.95 -5.20 -8.82
CA ASN C 16 -8.01 -5.57 -7.41
C ASN C 16 -9.06 -6.67 -7.18
N HIS C 17 -10.18 -6.54 -7.85
CA HIS C 17 -11.24 -7.53 -7.70
C HIS C 17 -10.77 -8.90 -8.17
N GLY C 18 -10.78 -9.85 -7.28
CA GLY C 18 -10.35 -11.20 -7.61
C GLY C 18 -10.72 -12.19 -6.52
N PHE C 19 -10.59 -13.46 -6.83
CA PHE C 19 -10.90 -14.52 -5.89
C PHE C 19 -9.73 -14.77 -4.91
N PHE C 20 -8.61 -15.19 -5.43
CA PHE C 20 -7.44 -15.46 -4.60
C PHE C 20 -7.01 -14.22 -3.82
N TRP C 21 -7.04 -13.09 -4.49
CA TRP C 21 -6.63 -11.84 -3.87
C TRP C 21 -7.48 -11.50 -2.63
N GLY C 22 -8.76 -11.74 -2.72
CA GLY C 22 -9.67 -11.44 -1.61
C GLY C 22 -9.37 -12.25 -0.35
N LEU C 23 -9.05 -13.50 -0.54
CA LEU C 23 -8.77 -14.40 0.59
C LEU C 23 -7.60 -13.92 1.44
N LEU C 24 -6.58 -13.42 0.80
CA LEU C 24 -5.40 -12.97 1.51
C LEU C 24 -5.69 -11.86 2.53
N VAL C 25 -6.50 -10.92 2.17
CA VAL C 25 -6.79 -9.80 3.08
C VAL C 25 -7.48 -10.27 4.37
N VAL C 26 -8.46 -11.12 4.25
CA VAL C 26 -9.17 -11.60 5.43
C VAL C 26 -8.27 -12.41 6.36
N THR C 27 -7.48 -13.25 5.77
CA THR C 27 -6.59 -14.12 6.54
C THR C 27 -5.56 -13.32 7.33
N LEU C 28 -5.00 -12.32 6.70
CA LEU C 28 -4.00 -11.52 7.36
C LEU C 28 -4.58 -10.79 8.57
N ALA C 29 -5.77 -10.27 8.44
CA ALA C 29 -6.35 -9.51 9.54
C ALA C 29 -6.56 -10.36 10.80
N TRP C 30 -7.13 -11.52 10.69
CA TRP C 30 -7.32 -12.36 11.88
C TRP C 30 -5.98 -12.89 12.42
N HIS C 31 -5.08 -13.21 11.52
CA HIS C 31 -3.79 -13.77 11.91
C HIS C 31 -2.98 -12.85 12.83
N VAL C 32 -2.97 -11.58 12.54
CA VAL C 32 -2.18 -10.66 13.37
C VAL C 32 -2.63 -10.72 14.84
N LYS C 33 -3.67 -11.46 15.11
CA LYS C 33 -4.18 -11.58 16.49
C LYS C 33 -3.03 -11.74 17.48
N GLY C 34 -2.23 -12.74 17.29
CA GLY C 34 -1.11 -13.02 18.20
C GLY C 34 -0.15 -11.83 18.29
N ARG C 35 0.08 -11.17 17.20
CA ARG C 35 0.99 -10.03 17.18
C ARG C 35 0.50 -8.94 18.12
N LEU C 36 -0.79 -8.79 18.20
CA LEU C 36 -1.41 -7.74 19.02
C LEU C 36 -1.11 -7.84 20.54
N VAL C 37 -1.15 -9.01 21.13
CA VAL C 37 -0.95 -9.10 22.61
C VAL C 37 0.45 -8.63 23.06
N PRO C 38 1.51 -9.05 22.41
CA PRO C 38 2.90 -8.58 22.74
C PRO C 38 3.03 -7.06 22.58
N GLY C 39 2.33 -6.55 21.61
CA GLY C 39 2.33 -5.12 21.33
C GLY C 39 1.79 -4.32 22.52
N ALA C 40 0.80 -4.86 23.17
CA ALA C 40 0.17 -4.18 24.30
C ALA C 40 1.19 -3.84 25.38
N THR C 41 2.09 -4.73 25.68
CA THR C 41 3.10 -4.47 26.72
C THR C 41 3.66 -3.06 26.58
N TYR C 42 3.34 -2.22 27.54
CA TYR C 42 3.81 -0.83 27.55
C TYR C 42 5.05 -0.68 28.41
N LEU C 43 6.15 -1.22 27.94
CA LEU C 43 7.41 -1.15 28.68
C LEU C 43 8.12 0.17 28.37
N SER C 44 8.01 1.10 29.28
CA SER C 44 8.65 2.41 29.10
C SER C 44 8.10 3.10 27.85
N LEU C 45 6.81 3.31 27.83
CA LEU C 45 6.14 3.96 26.69
C LEU C 45 4.98 4.82 27.18
N GLY C 46 5.04 5.21 28.43
CA GLY C 46 3.97 6.02 28.99
C GLY C 46 3.63 7.20 28.08
N VAL C 47 4.52 8.15 28.02
CA VAL C 47 4.28 9.35 27.20
C VAL C 47 5.52 9.79 26.42
N TRP C 48 6.67 9.28 26.79
CA TRP C 48 7.90 9.67 26.10
C TRP C 48 7.71 9.61 24.57
N PRO C 49 7.18 8.54 24.04
CA PRO C 49 6.96 8.39 22.56
C PRO C 49 6.15 9.55 21.97
N LEU C 50 5.18 10.02 22.72
CA LEU C 50 4.28 11.07 22.27
C LEU C 50 5.02 12.34 21.82
N LEU C 51 6.10 12.70 22.45
CA LEU C 51 6.77 13.93 22.04
C LEU C 51 7.11 13.84 20.55
N LEU C 52 7.59 12.72 20.11
CA LEU C 52 7.91 12.55 18.70
C LEU C 52 6.64 12.76 17.87
N VAL C 53 5.56 12.23 18.37
CA VAL C 53 4.26 12.34 17.72
C VAL C 53 3.85 13.79 17.51
N ARG C 54 4.29 14.65 18.40
CA ARG C 54 3.92 16.06 18.30
C ARG C 54 4.28 16.59 16.90
N LEU C 55 5.40 16.18 16.37
CA LEU C 55 5.78 16.66 15.04
C LEU C 55 4.68 16.28 14.03
N LEU C 56 4.22 15.06 14.15
CA LEU C 56 3.14 14.50 13.33
C LEU C 56 1.76 15.16 13.60
N ARG C 57 1.58 15.55 14.84
CA ARG C 57 0.29 16.10 15.32
C ARG C 57 -0.27 17.30 14.52
N PRO C 58 0.50 18.30 14.13
CA PRO C 58 -0.06 19.43 13.33
C PRO C 58 -0.66 18.93 12.03
N HIS C 59 -0.02 17.98 11.42
CA HIS C 59 -0.51 17.40 10.17
C HIS C 59 -0.51 18.44 9.04
N ARG C 60 -1.35 19.43 9.17
CA ARG C 60 -1.45 20.47 8.16
C ARG C 60 -1.84 19.86 6.81
N ALA C 61 -2.99 20.24 6.32
CA ALA C 61 -3.47 19.71 5.03
C ALA C 61 -3.02 20.59 3.87
N LEU C 62 -2.38 21.67 4.19
CA LEU C 62 -1.90 22.59 3.15
C LEU C 62 -0.80 21.92 2.33
N ALA C 63 0.06 21.20 3.00
CA ALA C 63 1.17 20.51 2.33
C ALA C 63 1.86 21.45 1.33
N GLY D 1 -20.17 8.13 -21.33
CA GLY D 1 -19.49 7.60 -20.11
C GLY D 1 -19.10 8.76 -19.19
N ALA D 2 -19.34 8.59 -17.92
CA ALA D 2 -19.01 9.63 -16.95
C ALA D 2 -19.18 9.10 -15.53
N LYS D 3 -20.34 8.57 -15.24
CA LYS D 3 -20.63 8.04 -13.90
C LYS D 3 -20.15 6.58 -13.82
N ASN D 4 -19.89 5.99 -14.95
CA ASN D 4 -19.43 4.61 -14.99
C ASN D 4 -17.92 4.55 -14.76
N VAL D 5 -17.47 5.37 -13.85
CA VAL D 5 -16.05 5.44 -13.51
C VAL D 5 -15.92 5.70 -12.00
N ILE D 6 -16.31 6.88 -11.60
CA ILE D 6 -16.25 7.25 -10.20
C ILE D 6 -17.08 6.25 -9.39
N VAL D 7 -18.16 5.78 -9.96
CA VAL D 7 -19.00 4.80 -9.28
C VAL D 7 -18.19 3.53 -9.00
N LEU D 8 -17.39 3.16 -9.95
CA LEU D 8 -16.56 1.96 -9.79
C LEU D 8 -15.65 2.10 -8.56
N ASN D 9 -15.10 3.28 -8.37
CA ASN D 9 -14.24 3.53 -7.22
C ASN D 9 -15.04 3.34 -5.92
N ALA D 10 -16.25 3.81 -5.93
CA ALA D 10 -17.11 3.73 -4.76
C ALA D 10 -17.26 2.26 -4.34
N ALA D 11 -17.41 1.40 -5.31
CA ALA D 11 -17.56 -0.02 -5.01
C ALA D 11 -16.36 -0.52 -4.21
N SER D 12 -15.20 -0.05 -4.55
CA SER D 12 -14.00 -0.46 -3.82
C SER D 12 -14.12 -0.07 -2.35
N ALA D 13 -14.64 1.11 -2.11
CA ALA D 13 -14.79 1.61 -0.74
C ALA D 13 -15.67 0.67 0.08
N ALA D 14 -16.69 0.14 -0.53
CA ALA D 14 -17.56 -0.79 0.16
C ALA D 14 -16.75 -2.00 0.61
N GLY D 15 -15.86 -2.43 -0.25
CA GLY D 15 -15.02 -3.59 0.03
C GLY D 15 -14.21 -3.35 1.31
N ASN D 16 -13.69 -2.17 1.47
CA ASN D 16 -12.92 -1.84 2.67
C ASN D 16 -13.79 -1.99 3.92
N HIS D 17 -15.02 -1.55 3.80
CA HIS D 17 -15.96 -1.63 4.92
C HIS D 17 -16.07 -3.06 5.44
N GLY D 18 -15.11 -3.44 6.24
CA GLY D 18 -15.09 -4.78 6.82
C GLY D 18 -14.31 -4.78 8.14
N PHE D 19 -14.95 -5.26 9.18
CA PHE D 19 -14.33 -5.28 10.50
C PHE D 19 -12.92 -5.87 10.43
N PHE D 20 -12.75 -6.89 9.63
CA PHE D 20 -11.45 -7.53 9.52
C PHE D 20 -10.42 -6.53 9.01
N TRP D 21 -10.77 -5.76 8.02
CA TRP D 21 -9.84 -4.79 7.45
C TRP D 21 -9.43 -3.76 8.49
N GLY D 22 -10.38 -3.28 9.25
CA GLY D 22 -10.10 -2.28 10.28
C GLY D 22 -9.14 -2.83 11.32
N LEU D 23 -9.34 -4.06 11.68
CA LEU D 23 -8.51 -4.73 12.68
C LEU D 23 -7.04 -4.79 12.26
N LEU D 24 -6.80 -5.07 11.01
CA LEU D 24 -5.43 -5.21 10.52
C LEU D 24 -4.61 -3.93 10.68
N VAL D 25 -5.16 -2.81 10.32
CA VAL D 25 -4.41 -1.56 10.42
C VAL D 25 -4.05 -1.23 11.87
N VAL D 26 -4.99 -1.39 12.76
CA VAL D 26 -4.72 -1.11 14.16
C VAL D 26 -3.64 -2.05 14.71
N THR D 27 -3.75 -3.30 14.34
CA THR D 27 -2.81 -4.31 14.79
C THR D 27 -1.38 -4.03 14.33
N LEU D 28 -1.24 -3.64 13.09
CA LEU D 28 0.09 -3.37 12.56
C LEU D 28 0.77 -2.27 13.35
N ALA D 29 0.02 -1.26 13.68
CA ALA D 29 0.61 -0.15 14.44
C ALA D 29 1.14 -0.61 15.79
N TRP D 30 0.42 -1.45 16.46
CA TRP D 30 0.84 -1.96 17.76
C TRP D 30 2.12 -2.79 17.69
N HIS D 31 2.26 -3.59 16.66
CA HIS D 31 3.41 -4.46 16.54
C HIS D 31 4.74 -3.71 16.53
N VAL D 32 4.80 -2.62 15.82
CA VAL D 32 6.05 -1.88 15.73
C VAL D 32 6.48 -1.31 17.08
N LYS D 33 5.70 -1.54 18.11
CA LYS D 33 6.05 -1.04 19.44
C LYS D 33 7.51 -1.39 19.76
N GLY D 34 7.79 -2.66 19.86
CA GLY D 34 9.12 -3.12 20.17
C GLY D 34 10.14 -2.63 19.15
N ARG D 35 9.75 -2.59 17.91
CA ARG D 35 10.63 -2.14 16.83
C ARG D 35 11.07 -0.70 17.06
N LEU D 36 10.17 0.10 17.56
CA LEU D 36 10.44 1.53 17.75
C LEU D 36 11.63 1.83 18.70
N VAL D 37 11.74 1.11 19.79
CA VAL D 37 12.81 1.41 20.77
C VAL D 37 14.26 1.23 20.22
N PRO D 38 14.59 0.16 19.53
CA PRO D 38 15.97 -0.03 18.95
C PRO D 38 16.29 1.05 17.91
N GLY D 39 15.27 1.45 17.21
CA GLY D 39 15.40 2.48 16.19
C GLY D 39 15.87 3.79 16.81
N ALA D 40 15.36 4.09 17.96
CA ALA D 40 15.71 5.33 18.66
C ALA D 40 17.21 5.40 18.93
N THR D 41 17.80 4.30 19.33
CA THR D 41 19.23 4.28 19.64
C THR D 41 20.07 3.97 18.40
N TYR D 42 20.85 4.92 17.98
CA TYR D 42 21.70 4.75 16.81
C TYR D 42 22.79 5.83 16.78
N LEU D 43 22.37 7.05 16.83
CA LEU D 43 23.30 8.17 16.80
C LEU D 43 24.15 8.13 15.54
N SER D 44 23.60 8.63 14.47
CA SER D 44 24.33 8.65 13.19
C SER D 44 23.48 9.30 12.11
N LEU D 45 24.01 9.32 10.91
CA LEU D 45 23.30 9.92 9.79
C LEU D 45 23.00 11.39 10.09
N GLY D 46 23.98 12.08 10.59
CA GLY D 46 23.83 13.49 10.96
C GLY D 46 23.42 14.39 9.78
N VAL D 47 24.28 14.50 8.80
CA VAL D 47 24.03 15.36 7.63
C VAL D 47 23.92 14.56 6.34
N TRP D 48 24.38 13.34 6.38
CA TRP D 48 24.35 12.47 5.22
C TRP D 48 22.93 12.29 4.65
N PRO D 49 21.89 12.11 5.45
CA PRO D 49 20.53 11.90 4.90
C PRO D 49 19.95 13.18 4.28
N LEU D 50 20.09 14.27 4.97
CA LEU D 50 19.51 15.54 4.52
C LEU D 50 19.94 15.91 3.09
N LEU D 51 21.15 15.65 2.70
CA LEU D 51 21.55 16.03 1.33
C LEU D 51 20.61 15.36 0.32
N LEU D 52 20.34 14.09 0.51
CA LEU D 52 19.44 13.39 -0.42
C LEU D 52 18.07 14.07 -0.39
N VAL D 53 17.63 14.41 0.79
CA VAL D 53 16.35 15.08 0.99
C VAL D 53 16.29 16.40 0.23
N ARG D 54 17.42 17.04 0.09
CA ARG D 54 17.44 18.34 -0.58
C ARG D 54 16.78 18.22 -1.96
N LEU D 55 17.05 17.15 -2.66
CA LEU D 55 16.42 17.00 -3.98
C LEU D 55 14.90 16.94 -3.78
N LEU D 56 14.50 16.16 -2.81
CA LEU D 56 13.10 15.95 -2.40
C LEU D 56 12.42 17.19 -1.80
N ARG D 57 13.18 17.98 -1.09
CA ARG D 57 12.65 19.14 -0.37
C ARG D 57 11.89 20.17 -1.23
N PRO D 58 12.37 20.57 -2.39
CA PRO D 58 11.61 21.54 -3.24
C PRO D 58 10.24 20.99 -3.64
N HIS D 59 10.21 19.74 -4.01
CA HIS D 59 8.96 19.08 -4.43
C HIS D 59 8.30 19.87 -5.56
N ARG D 60 7.40 19.23 -6.27
CA ARG D 60 6.72 19.89 -7.37
C ARG D 60 5.63 18.98 -7.94
N ALA D 61 4.49 19.56 -8.24
CA ALA D 61 3.38 18.79 -8.79
C ALA D 61 3.53 18.62 -10.30
N LEU D 62 4.42 19.37 -10.89
CA LEU D 62 4.64 19.28 -12.33
C LEU D 62 5.20 17.91 -12.68
N ALA D 63 6.27 17.54 -12.02
CA ALA D 63 6.91 16.25 -12.26
C ALA D 63 7.04 15.98 -13.77
N GLY E 1 -25.36 9.17 -8.18
CA GLY E 1 -25.20 10.53 -8.76
C GLY E 1 -23.76 10.99 -8.60
N ALA E 2 -23.51 12.25 -8.86
CA ALA E 2 -22.16 12.80 -8.74
C ALA E 2 -21.67 12.70 -7.30
N LYS E 3 -22.57 12.90 -6.37
CA LYS E 3 -22.23 12.83 -4.95
C LYS E 3 -22.36 11.41 -4.43
N ASN E 4 -22.15 11.24 -3.16
CA ASN E 4 -22.23 9.92 -2.53
C ASN E 4 -20.99 9.11 -2.88
N VAL E 5 -20.57 9.20 -4.10
CA VAL E 5 -19.39 8.48 -4.57
C VAL E 5 -18.14 9.01 -3.86
N ILE E 6 -17.85 10.26 -4.09
CA ILE E 6 -16.71 10.90 -3.47
C ILE E 6 -16.86 10.86 -1.95
N VAL E 7 -18.08 10.97 -1.51
CA VAL E 7 -18.38 10.93 -0.07
C VAL E 7 -17.92 9.61 0.53
N LEU E 8 -18.13 8.54 -0.18
CA LEU E 8 -17.73 7.23 0.31
C LEU E 8 -16.22 7.19 0.55
N ASN E 9 -15.47 7.79 -0.34
CA ASN E 9 -14.02 7.83 -0.19
C ASN E 9 -13.63 8.55 1.10
N ALA E 10 -14.32 9.62 1.36
CA ALA E 10 -14.05 10.42 2.56
C ALA E 10 -14.20 9.56 3.81
N ALA E 11 -15.17 8.70 3.81
CA ALA E 11 -15.39 7.82 4.95
C ALA E 11 -14.12 7.01 5.22
N SER E 12 -13.48 6.58 4.18
CA SER E 12 -12.24 5.82 4.35
C SER E 12 -11.21 6.66 5.09
N ALA E 13 -11.14 7.92 4.74
CA ALA E 13 -10.19 8.84 5.36
C ALA E 13 -10.44 8.91 6.87
N ALA E 14 -11.69 8.89 7.26
CA ALA E 14 -12.04 8.93 8.67
C ALA E 14 -11.42 7.73 9.38
N GLY E 15 -11.45 6.60 8.72
CA GLY E 15 -10.90 5.37 9.29
C GLY E 15 -9.42 5.56 9.60
N ASN E 16 -8.72 6.22 8.72
CA ASN E 16 -7.29 6.47 8.90
C ASN E 16 -7.05 7.31 10.16
N HIS E 17 -7.90 8.28 10.38
CA HIS E 17 -7.76 9.15 11.54
C HIS E 17 -7.69 8.33 12.82
N GLY E 18 -6.50 8.13 13.30
CA GLY E 18 -6.29 7.36 14.53
C GLY E 18 -4.84 7.49 15.00
N PHE E 19 -4.63 8.29 16.01
CA PHE E 19 -3.30 8.53 16.56
C PHE E 19 -2.40 7.30 16.45
N PHE E 20 -2.95 6.14 16.70
CA PHE E 20 -2.16 4.92 16.62
C PHE E 20 -1.62 4.75 15.20
N TRP E 21 -2.44 5.02 14.23
CA TRP E 21 -2.03 4.90 12.84
C TRP E 21 -0.86 5.83 12.54
N GLY E 22 -0.93 7.03 13.07
CA GLY E 22 0.13 8.01 12.86
C GLY E 22 1.46 7.52 13.42
N LEU E 23 1.40 6.87 14.55
CA LEU E 23 2.60 6.35 15.21
C LEU E 23 3.37 5.37 14.31
N LEU E 24 2.65 4.58 13.57
CA LEU E 24 3.28 3.55 12.73
C LEU E 24 4.29 4.14 11.74
N VAL E 25 3.97 5.24 11.12
CA VAL E 25 4.89 5.81 10.14
C VAL E 25 6.25 6.15 10.76
N VAL E 26 6.24 6.70 11.95
CA VAL E 26 7.49 7.07 12.61
C VAL E 26 8.39 5.87 12.89
N THR E 27 7.82 4.79 13.37
CA THR E 27 8.62 3.62 13.71
C THR E 27 9.34 3.04 12.49
N LEU E 28 8.63 2.94 11.40
CA LEU E 28 9.23 2.38 10.19
C LEU E 28 10.39 3.24 9.73
N ALA E 29 10.21 4.53 9.77
CA ALA E 29 11.25 5.45 9.33
C ALA E 29 12.52 5.34 10.18
N TRP E 30 12.36 5.24 11.48
CA TRP E 30 13.51 5.13 12.37
C TRP E 30 14.29 3.82 12.16
N HIS E 31 13.57 2.74 12.01
CA HIS E 31 14.20 1.42 11.87
C HIS E 31 15.08 1.31 10.62
N VAL E 32 14.61 1.83 9.54
CA VAL E 32 15.36 1.71 8.28
C VAL E 32 16.75 2.33 8.37
N LYS E 33 17.00 3.18 9.33
CA LYS E 33 18.33 3.80 9.44
C LYS E 33 19.41 2.73 9.24
N GLY E 34 19.43 1.75 10.08
CA GLY E 34 20.42 0.70 9.99
C GLY E 34 20.34 -0.02 8.64
N ARG E 35 19.15 -0.20 8.12
CA ARG E 35 18.99 -0.87 6.84
C ARG E 35 19.70 -0.11 5.73
N LEU E 36 19.67 1.18 5.80
CA LEU E 36 20.25 2.04 4.77
C LEU E 36 21.78 1.88 4.56
N VAL E 37 22.57 1.79 5.61
CA VAL E 37 24.04 1.72 5.41
C VAL E 37 24.50 0.45 4.65
N PRO E 38 24.02 -0.71 5.01
CA PRO E 38 24.36 -1.99 4.31
C PRO E 38 23.93 -1.95 2.83
N GLY E 39 22.83 -1.31 2.59
CA GLY E 39 22.30 -1.16 1.24
C GLY E 39 23.27 -0.40 0.35
N ALA E 40 23.90 0.60 0.91
CA ALA E 40 24.82 1.45 0.16
C ALA E 40 25.95 0.64 -0.47
N THR E 41 26.49 -0.31 0.24
CA THR E 41 27.58 -1.12 -0.31
C THR E 41 27.31 -1.50 -1.76
N TYR E 42 28.15 -1.02 -2.65
CA TYR E 42 28.00 -1.29 -4.07
C TYR E 42 28.73 -2.57 -4.46
N LEU E 43 28.16 -3.68 -4.07
CA LEU E 43 28.75 -4.98 -4.39
C LEU E 43 28.85 -5.17 -5.89
N SER E 44 28.34 -6.27 -6.38
CA SER E 44 28.37 -6.57 -7.81
C SER E 44 27.05 -6.18 -8.47
N LEU E 45 26.95 -4.94 -8.87
CA LEU E 45 25.75 -4.44 -9.53
C LEU E 45 25.92 -2.99 -9.97
N GLY E 46 27.01 -2.70 -10.63
CA GLY E 46 27.28 -1.34 -11.09
C GLY E 46 26.32 -0.88 -12.19
N VAL E 47 26.31 -1.57 -13.30
CA VAL E 47 25.46 -1.17 -14.44
C VAL E 47 24.32 -2.18 -14.67
N TRP E 48 24.47 -3.37 -14.17
CA TRP E 48 23.44 -4.39 -14.35
C TRP E 48 22.04 -3.82 -14.05
N PRO E 49 21.87 -3.13 -12.95
CA PRO E 49 20.54 -2.54 -12.58
C PRO E 49 19.98 -1.60 -13.66
N LEU E 50 20.82 -0.71 -14.12
CA LEU E 50 20.42 0.31 -15.09
C LEU E 50 19.76 -0.28 -16.34
N LEU E 51 20.20 -1.40 -16.83
CA LEU E 51 19.54 -1.94 -18.02
C LEU E 51 18.05 -2.13 -17.72
N LEU E 52 17.76 -2.65 -16.55
CA LEU E 52 16.38 -2.85 -16.13
C LEU E 52 15.67 -1.49 -16.09
N VAL E 53 16.36 -0.50 -15.59
CA VAL E 53 15.82 0.85 -15.46
C VAL E 53 15.36 1.39 -16.81
N ARG E 54 16.05 1.05 -17.86
CA ARG E 54 15.70 1.56 -19.18
C ARG E 54 14.24 1.24 -19.48
N LEU E 55 13.80 0.06 -19.14
CA LEU E 55 12.40 -0.29 -19.38
C LEU E 55 11.50 0.69 -18.61
N LEU E 56 11.87 0.92 -17.37
CA LEU E 56 11.17 1.84 -16.46
C LEU E 56 11.27 3.32 -16.88
N ARG E 57 12.40 3.67 -17.46
CA ARG E 57 12.70 5.07 -17.82
C ARG E 57 11.66 5.77 -18.72
N PRO E 58 11.13 5.15 -19.76
CA PRO E 58 10.09 5.84 -20.60
C PRO E 58 8.88 6.22 -19.75
N HIS E 59 8.52 5.35 -18.85
CA HIS E 59 7.38 5.60 -17.96
C HIS E 59 6.13 5.95 -18.78
N ARG E 60 5.78 5.09 -19.69
CA ARG E 60 4.61 5.30 -20.53
C ARG E 60 3.43 5.72 -19.67
N ALA E 61 2.44 6.32 -20.30
CA ALA E 61 1.24 6.76 -19.58
C ALA E 61 -0.01 6.50 -20.42
N LEU E 62 0.17 5.95 -21.59
CA LEU E 62 -0.96 5.63 -22.45
C LEU E 62 -1.74 4.45 -21.89
N ALA E 63 -1.01 3.44 -21.47
CA ALA E 63 -1.64 2.26 -20.90
C ALA E 63 -2.83 1.81 -21.74
N GLY F 1 -21.41 19.27 0.69
CA GLY F 1 -20.06 19.85 0.92
C GLY F 1 -19.16 19.51 -0.28
N ALA F 2 -19.03 20.45 -1.17
CA ALA F 2 -18.19 20.25 -2.35
C ALA F 2 -16.73 20.18 -1.96
N LYS F 3 -16.20 21.28 -1.46
CA LYS F 3 -14.80 21.34 -1.05
C LYS F 3 -14.67 20.93 0.41
N ASN F 4 -14.81 19.66 0.65
CA ASN F 4 -14.70 19.11 2.00
C ASN F 4 -14.38 17.62 1.91
N VAL F 5 -14.87 17.02 0.86
CA VAL F 5 -14.65 15.60 0.62
C VAL F 5 -13.23 15.40 0.10
N ILE F 6 -12.97 15.99 -1.03
CA ILE F 6 -11.66 15.91 -1.67
C ILE F 6 -10.61 16.50 -0.72
N VAL F 7 -11.03 17.51 0.00
CA VAL F 7 -10.16 18.19 0.95
C VAL F 7 -9.65 17.20 2.00
N LEU F 8 -10.50 16.33 2.44
CA LEU F 8 -10.11 15.33 3.44
C LEU F 8 -8.98 14.46 2.90
N ASN F 9 -9.06 14.10 1.65
CA ASN F 9 -8.01 13.28 1.03
C ASN F 9 -6.69 14.04 1.06
N ALA F 10 -6.77 15.32 0.77
CA ALA F 10 -5.57 16.15 0.72
C ALA F 10 -4.85 16.09 2.07
N ALA F 11 -5.60 16.10 3.14
CA ALA F 11 -5.00 16.04 4.46
C ALA F 11 -4.15 14.78 4.60
N SER F 12 -4.64 13.68 4.09
CA SER F 12 -3.89 12.44 4.14
C SER F 12 -2.57 12.60 3.40
N ALA F 13 -2.63 13.22 2.25
CA ALA F 13 -1.45 13.43 1.42
C ALA F 13 -0.39 14.25 2.14
N ALA F 14 -0.82 15.26 2.86
CA ALA F 14 0.12 16.09 3.60
C ALA F 14 0.85 15.23 4.62
N GLY F 15 0.12 14.38 5.27
CA GLY F 15 0.68 13.50 6.28
C GLY F 15 1.77 12.62 5.70
N ASN F 16 1.54 12.10 4.52
CA ASN F 16 2.53 11.26 3.86
C ASN F 16 3.82 12.03 3.60
N HIS F 17 3.68 13.26 3.18
CA HIS F 17 4.83 14.11 2.90
C HIS F 17 5.53 14.50 4.20
N GLY F 18 6.82 14.37 4.22
CA GLY F 18 7.58 14.72 5.42
C GLY F 18 9.06 14.38 5.26
N PHE F 19 9.80 14.57 6.32
CA PHE F 19 11.25 14.30 6.32
C PHE F 19 11.54 12.80 6.55
N PHE F 20 11.18 12.31 7.71
CA PHE F 20 11.45 10.92 8.06
C PHE F 20 10.79 9.96 7.07
N TRP F 21 9.59 10.25 6.66
CA TRP F 21 8.86 9.40 5.74
C TRP F 21 9.62 9.24 4.41
N GLY F 22 10.20 10.29 3.93
CA GLY F 22 10.93 10.25 2.67
C GLY F 22 12.09 9.26 2.73
N LEU F 23 12.76 9.22 3.84
CA LEU F 23 13.90 8.32 4.02
C LEU F 23 13.50 6.86 3.84
N LEU F 24 12.33 6.51 4.30
CA LEU F 24 11.88 5.12 4.23
C LEU F 24 11.85 4.58 2.80
N VAL F 25 11.36 5.35 1.88
CA VAL F 25 11.28 4.88 0.50
C VAL F 25 12.65 4.58 -0.10
N VAL F 26 13.60 5.44 0.12
CA VAL F 26 14.93 5.22 -0.43
C VAL F 26 15.61 4.00 0.16
N THR F 27 15.52 3.84 1.44
CA THR F 27 16.18 2.71 2.11
C THR F 27 15.63 1.36 1.65
N LEU F 28 14.34 1.26 1.55
CA LEU F 28 13.76 -0.01 1.13
C LEU F 28 14.26 -0.38 -0.25
N ALA F 29 14.32 0.58 -1.13
CA ALA F 29 14.79 0.32 -2.47
C ALA F 29 16.25 -0.14 -2.48
N TRP F 30 17.08 0.51 -1.72
CA TRP F 30 18.50 0.16 -1.66
C TRP F 30 18.72 -1.24 -1.07
N HIS F 31 18.00 -1.54 -0.04
CA HIS F 31 18.16 -2.83 0.65
C HIS F 31 17.88 -4.02 -0.25
N VAL F 32 16.85 -3.93 -1.04
CA VAL F 32 16.48 -5.05 -1.91
C VAL F 32 17.54 -5.32 -2.97
N LYS F 33 18.53 -4.48 -3.08
CA LYS F 33 19.58 -4.70 -4.08
C LYS F 33 20.06 -6.14 -3.99
N GLY F 34 20.64 -6.48 -2.88
CA GLY F 34 21.13 -7.83 -2.66
C GLY F 34 20.01 -8.85 -2.81
N ARG F 35 18.84 -8.48 -2.37
CA ARG F 35 17.68 -9.37 -2.46
C ARG F 35 17.39 -9.74 -3.91
N LEU F 36 17.55 -8.79 -4.79
CA LEU F 36 17.27 -8.98 -6.20
C LEU F 36 18.09 -10.08 -6.90
N VAL F 37 19.36 -10.20 -6.61
CA VAL F 37 20.20 -11.20 -7.29
C VAL F 37 19.77 -12.67 -7.06
N PRO F 38 19.49 -13.12 -5.86
CA PRO F 38 19.02 -14.53 -5.61
C PRO F 38 17.71 -14.82 -6.31
N GLY F 39 16.89 -13.81 -6.38
CA GLY F 39 15.59 -13.91 -7.03
C GLY F 39 15.76 -14.27 -8.51
N ALA F 40 16.75 -13.68 -9.12
CA ALA F 40 17.01 -13.92 -10.54
C ALA F 40 17.25 -15.41 -10.80
N THR F 41 17.98 -16.06 -9.94
CA THR F 41 18.27 -17.48 -10.12
C THR F 41 17.08 -18.32 -9.69
N TYR F 42 16.43 -18.93 -10.64
CA TYR F 42 15.27 -19.78 -10.36
C TYR F 42 15.03 -20.72 -11.54
N LEU F 43 15.10 -21.99 -11.26
CA LEU F 43 14.89 -23.00 -12.28
C LEU F 43 13.40 -23.16 -12.53
N SER F 44 13.08 -23.43 -13.75
CA SER F 44 11.69 -23.62 -14.16
C SER F 44 10.89 -22.32 -14.00
N LEU F 45 9.61 -22.39 -14.30
CA LEU F 45 8.73 -21.23 -14.23
C LEU F 45 9.09 -20.24 -15.32
N GLY F 46 9.49 -20.77 -16.45
CA GLY F 46 9.87 -19.94 -17.60
C GLY F 46 8.71 -19.82 -18.60
N VAL F 47 8.10 -20.92 -18.91
CA VAL F 47 6.97 -20.95 -19.85
C VAL F 47 5.91 -21.95 -19.38
N TRP F 48 5.18 -21.62 -18.35
CA TRP F 48 4.14 -22.51 -17.85
C TRP F 48 3.22 -21.71 -16.91
N PRO F 49 3.74 -20.87 -16.04
CA PRO F 49 2.90 -20.05 -15.11
C PRO F 49 2.18 -18.95 -15.88
N LEU F 50 2.80 -18.51 -16.95
CA LEU F 50 2.28 -17.42 -17.78
C LEU F 50 0.88 -17.73 -18.31
N LEU F 51 0.59 -18.96 -18.62
CA LEU F 51 -0.73 -19.27 -19.15
C LEU F 51 -1.81 -18.82 -18.15
N LEU F 52 -1.61 -19.08 -16.89
CA LEU F 52 -2.57 -18.64 -15.88
C LEU F 52 -2.65 -17.12 -15.91
N VAL F 53 -1.50 -16.50 -16.04
CA VAL F 53 -1.39 -15.04 -16.13
C VAL F 53 -2.16 -14.52 -17.33
N ARG F 54 -2.22 -15.33 -18.36
CA ARG F 54 -2.89 -14.94 -19.59
C ARG F 54 -4.32 -14.48 -19.27
N LEU F 55 -4.96 -15.15 -18.37
CA LEU F 55 -6.34 -14.78 -18.02
C LEU F 55 -6.35 -13.31 -17.56
N LEU F 56 -5.38 -12.95 -16.76
CA LEU F 56 -5.18 -11.59 -16.25
C LEU F 56 -4.80 -10.56 -17.34
N ARG F 57 -4.05 -11.05 -18.30
CA ARG F 57 -3.48 -10.19 -19.37
C ARG F 57 -4.53 -9.34 -20.15
N PRO F 58 -5.66 -9.85 -20.56
CA PRO F 58 -6.66 -9.01 -21.29
C PRO F 58 -7.12 -7.83 -20.43
N HIS F 59 -7.31 -8.09 -19.17
CA HIS F 59 -7.74 -7.05 -18.23
C HIS F 59 -9.02 -6.39 -18.72
N ARG F 60 -9.66 -5.66 -17.84
CA ARG F 60 -10.90 -4.97 -18.17
C ARG F 60 -11.09 -3.77 -17.25
N ALA F 61 -12.18 -3.07 -17.43
CA ALA F 61 -12.46 -1.89 -16.61
C ALA F 61 -13.97 -1.74 -16.42
N LEU F 62 -14.71 -2.67 -16.93
CA LEU F 62 -16.17 -2.63 -16.81
C LEU F 62 -16.60 -3.23 -15.47
N ALA F 63 -15.70 -3.22 -14.52
CA ALA F 63 -15.98 -3.75 -13.20
C ALA F 63 -17.27 -3.15 -12.64
N GLY A 1 -10.73 27.94 -7.46
CA GLY A 1 -9.89 27.61 -8.65
C GLY A 1 -9.99 26.12 -8.94
N ALA A 2 -10.49 25.38 -7.99
CA ALA A 2 -10.63 23.94 -8.15
C ALA A 2 -9.31 23.31 -8.57
N LYS A 3 -8.24 24.04 -8.38
CA LYS A 3 -6.91 23.54 -8.73
C LYS A 3 -5.92 23.82 -7.59
N ASN A 4 -5.99 23.00 -6.58
CA ASN A 4 -5.11 23.13 -5.43
C ASN A 4 -5.05 21.79 -4.71
N VAL A 5 -6.20 21.24 -4.44
CA VAL A 5 -6.28 19.94 -3.77
C VAL A 5 -5.64 18.89 -4.67
N ILE A 6 -6.15 18.78 -5.86
CA ILE A 6 -5.64 17.83 -6.84
C ILE A 6 -4.15 18.10 -7.10
N VAL A 7 -3.80 19.35 -7.08
CA VAL A 7 -2.40 19.73 -7.31
C VAL A 7 -1.50 19.06 -6.27
N LEU A 8 -1.95 19.03 -5.05
CA LEU A 8 -1.16 18.42 -3.99
C LEU A 8 -0.89 16.95 -4.33
N ASN A 9 -1.86 16.27 -4.86
CA ASN A 9 -1.69 14.86 -5.24
C ASN A 9 -0.59 14.73 -6.29
N ALA A 10 -0.60 15.65 -7.22
CA ALA A 10 0.38 15.61 -8.31
C ALA A 10 1.79 15.65 -7.72
N ALA A 11 1.98 16.46 -6.71
CA ALA A 11 3.28 16.56 -6.08
C ALA A 11 3.74 15.19 -5.56
N SER A 12 2.81 14.44 -5.01
CA SER A 12 3.15 13.12 -4.52
C SER A 12 3.65 12.26 -5.68
N ALA A 13 2.98 12.37 -6.79
CA ALA A 13 3.33 11.60 -7.98
C ALA A 13 4.78 11.86 -8.39
N ALA A 14 5.22 13.08 -8.25
CA ALA A 14 6.59 13.42 -8.59
C ALA A 14 7.54 12.59 -7.73
N GLY A 15 7.18 12.48 -6.47
CA GLY A 15 8.01 11.73 -5.53
C GLY A 15 8.19 10.29 -6.02
N ASN A 16 7.14 9.70 -6.50
CA ASN A 16 7.20 8.33 -7.02
C ASN A 16 8.16 8.26 -8.21
N HIS A 17 8.11 9.26 -9.05
CA HIS A 17 8.96 9.31 -10.23
C HIS A 17 10.43 9.20 -9.85
N GLY A 18 10.93 8.01 -9.85
CA GLY A 18 12.33 7.77 -9.49
C GLY A 18 12.74 6.36 -9.90
N PHE A 19 13.73 6.26 -10.74
CA PHE A 19 14.19 4.96 -11.21
C PHE A 19 14.41 4.00 -10.04
N PHE A 20 14.89 4.50 -8.94
CA PHE A 20 15.13 3.66 -7.78
C PHE A 20 13.82 3.00 -7.35
N TRP A 21 12.76 3.76 -7.34
CA TRP A 21 11.46 3.25 -6.95
C TRP A 21 11.04 2.10 -7.87
N GLY A 22 11.31 2.28 -9.13
CA GLY A 22 10.96 1.28 -10.14
C GLY A 22 11.64 -0.06 -9.84
N LEU A 23 12.86 0.00 -9.40
CA LEU A 23 13.60 -1.23 -9.08
C LEU A 23 12.89 -2.04 -7.98
N LEU A 24 12.36 -1.37 -7.01
CA LEU A 24 11.73 -2.06 -5.88
C LEU A 24 10.54 -2.95 -6.27
N VAL A 25 9.66 -2.45 -7.10
CA VAL A 25 8.50 -3.28 -7.49
C VAL A 25 8.93 -4.52 -8.26
N VAL A 26 9.84 -4.36 -9.18
CA VAL A 26 10.31 -5.49 -9.97
C VAL A 26 11.02 -6.51 -9.09
N THR A 27 11.83 -6.01 -8.19
CA THR A 27 12.59 -6.88 -7.29
C THR A 27 11.67 -7.70 -6.39
N LEU A 28 10.65 -7.07 -5.87
CA LEU A 28 9.73 -7.76 -4.98
C LEU A 28 9.09 -8.94 -5.70
N ALA A 29 8.72 -8.73 -6.93
CA ALA A 29 8.10 -9.79 -7.70
C ALA A 29 9.03 -10.99 -7.86
N TRP A 30 10.27 -10.73 -8.13
CA TRP A 30 11.27 -11.79 -8.30
C TRP A 30 11.47 -12.61 -7.02
N HIS A 31 11.48 -11.95 -5.90
CA HIS A 31 11.73 -12.62 -4.62
C HIS A 31 10.70 -13.71 -4.30
N VAL A 32 9.47 -13.44 -4.56
CA VAL A 32 8.42 -14.41 -4.24
C VAL A 32 8.54 -15.70 -5.06
N LYS A 33 9.46 -15.74 -5.99
CA LYS A 33 9.64 -16.96 -6.80
C LYS A 33 9.62 -18.19 -5.91
N GLY A 34 10.58 -18.27 -5.02
CA GLY A 34 10.68 -19.42 -4.12
C GLY A 34 9.41 -19.57 -3.29
N ARG A 35 8.84 -18.47 -2.90
CA ARG A 35 7.62 -18.48 -2.09
C ARG A 35 6.48 -19.19 -2.82
N LEU A 36 6.43 -18.99 -4.11
CA LEU A 36 5.35 -19.56 -4.93
C LEU A 36 5.26 -21.10 -4.89
N VAL A 37 6.37 -21.79 -4.96
CA VAL A 37 6.34 -23.27 -4.99
C VAL A 37 5.71 -23.95 -3.74
N PRO A 38 6.06 -23.57 -2.52
CA PRO A 38 5.46 -24.16 -1.28
C PRO A 38 3.96 -23.91 -1.20
N GLY A 39 3.57 -22.77 -1.67
CA GLY A 39 2.16 -22.37 -1.68
C GLY A 39 1.34 -23.36 -2.51
N ALA A 40 1.90 -23.79 -3.60
CA ALA A 40 1.20 -24.71 -4.50
C ALA A 40 0.82 -25.99 -3.76
N THR A 41 1.69 -26.49 -2.93
CA THR A 41 1.39 -27.72 -2.18
C THR A 41 0.83 -27.40 -0.79
N TYR A 42 -0.44 -27.65 -0.61
CA TYR A 42 -1.11 -27.40 0.67
C TYR A 42 -1.97 -28.60 1.06
N LEU A 43 -3.24 -28.37 1.23
CA LEU A 43 -4.18 -29.44 1.60
C LEU A 43 -5.53 -29.18 0.96
N SER A 44 -5.84 -29.94 -0.06
CA SER A 44 -7.11 -29.79 -0.77
C SER A 44 -8.27 -29.50 0.18
N LEU A 45 -8.86 -28.34 0.02
CA LEU A 45 -9.99 -27.93 0.85
C LEU A 45 -11.29 -28.29 0.16
N GLY A 46 -11.59 -27.62 -0.92
CA GLY A 46 -12.80 -27.90 -1.70
C GLY A 46 -13.85 -26.81 -1.53
N VAL A 47 -14.20 -26.51 -0.30
CA VAL A 47 -15.23 -25.50 -0.05
C VAL A 47 -15.08 -24.82 1.31
N TRP A 48 -14.25 -25.32 2.17
CA TRP A 48 -14.10 -24.72 3.49
C TRP A 48 -13.97 -23.18 3.43
N PRO A 49 -13.14 -22.63 2.57
CA PRO A 49 -12.97 -21.15 2.52
C PRO A 49 -14.10 -20.46 1.75
N LEU A 50 -14.55 -21.09 0.70
CA LEU A 50 -15.58 -20.52 -0.16
C LEU A 50 -16.87 -20.14 0.58
N LEU A 51 -17.29 -20.88 1.58
CA LEU A 51 -18.54 -20.50 2.25
C LEU A 51 -18.44 -19.07 2.79
N LEU A 52 -17.34 -18.74 3.40
CA LEU A 52 -17.16 -17.38 3.92
C LEU A 52 -17.25 -16.38 2.77
N VAL A 53 -16.67 -16.75 1.66
CA VAL A 53 -16.68 -15.93 0.45
C VAL A 53 -18.11 -15.68 -0.01
N ARG A 54 -18.98 -16.60 0.25
CA ARG A 54 -20.37 -16.47 -0.19
C ARG A 54 -20.94 -15.14 0.29
N LEU A 55 -20.64 -14.76 1.50
CA LEU A 55 -21.15 -13.48 2.00
C LEU A 55 -20.60 -12.36 1.08
N LEU A 56 -19.33 -12.46 0.81
CA LEU A 56 -18.59 -11.55 -0.07
C LEU A 56 -19.02 -11.62 -1.55
N ARG A 57 -19.40 -12.79 -1.97
CA ARG A 57 -19.73 -13.06 -3.37
C ARG A 57 -20.80 -12.14 -3.99
N PRO A 58 -21.91 -11.85 -3.35
CA PRO A 58 -22.92 -10.93 -3.93
C PRO A 58 -22.32 -9.55 -4.21
N HIS A 59 -21.51 -9.08 -3.30
CA HIS A 59 -20.85 -7.78 -3.45
C HIS A 59 -21.86 -6.69 -3.77
N ARG A 60 -21.42 -5.46 -3.68
CA ARG A 60 -22.29 -4.32 -3.98
C ARG A 60 -21.48 -3.03 -3.93
N ALA A 61 -22.02 -1.98 -4.51
CA ALA A 61 -21.35 -0.67 -4.53
C ALA A 61 -22.28 0.40 -3.98
N LEU A 62 -23.38 -0.02 -3.41
CA LEU A 62 -24.35 0.92 -2.84
C LEU A 62 -23.88 1.35 -1.45
N ALA A 63 -22.73 0.88 -1.05
CA ALA A 63 -22.18 1.22 0.25
C ALA A 63 -22.37 2.70 0.56
N GLY B 1 -2.34 24.75 -17.30
CA GLY B 1 -3.44 24.56 -18.30
C GLY B 1 -4.64 23.92 -17.61
N ALA B 2 -4.64 22.62 -17.55
CA ALA B 2 -5.74 21.89 -16.92
C ALA B 2 -5.38 20.42 -16.75
N LYS B 3 -5.33 19.71 -17.84
CA LYS B 3 -5.01 18.29 -17.81
C LYS B 3 -3.50 18.11 -17.71
N ASN B 4 -2.98 18.32 -16.53
CA ASN B 4 -1.55 18.18 -16.27
C ASN B 4 -1.35 17.75 -14.82
N VAL B 5 -2.44 17.53 -14.15
CA VAL B 5 -2.42 17.09 -12.74
C VAL B 5 -2.83 15.62 -12.70
N ILE B 6 -4.04 15.35 -13.10
CA ILE B 6 -4.57 14.02 -13.14
C ILE B 6 -3.70 13.13 -14.05
N VAL B 7 -3.18 13.75 -15.09
CA VAL B 7 -2.33 13.02 -16.03
C VAL B 7 -1.14 12.39 -15.29
N LEU B 8 -0.58 13.13 -14.39
CA LEU B 8 0.56 12.62 -13.62
C LEU B 8 0.15 11.36 -12.86
N ASN B 9 -1.04 11.35 -12.32
CA ASN B 9 -1.53 10.17 -11.60
C ASN B 9 -1.60 8.97 -12.53
N ALA B 10 -2.06 9.22 -13.74
CA ALA B 10 -2.21 8.15 -14.72
C ALA B 10 -0.86 7.46 -14.93
N ALA B 11 0.19 8.23 -14.96
CA ALA B 11 1.52 7.69 -15.15
C ALA B 11 1.84 6.66 -14.06
N SER B 12 1.39 6.92 -12.87
CA SER B 12 1.62 6.00 -11.77
C SER B 12 1.04 4.62 -12.11
N ALA B 13 -0.12 4.62 -12.71
CA ALA B 13 -0.80 3.38 -13.07
C ALA B 13 0.09 2.53 -14.00
N ALA B 14 0.79 3.18 -14.88
CA ALA B 14 1.68 2.48 -15.79
C ALA B 14 2.73 1.72 -14.97
N GLY B 15 3.18 2.36 -13.92
CA GLY B 15 4.21 1.78 -13.06
C GLY B 15 3.77 0.42 -12.49
N ASN B 16 2.53 0.30 -12.10
CA ASN B 16 2.05 -0.97 -11.54
C ASN B 16 2.21 -2.10 -12.55
N HIS B 17 1.90 -1.82 -13.79
CA HIS B 17 2.02 -2.83 -14.85
C HIS B 17 1.21 -4.08 -14.49
N GLY B 18 1.27 -5.07 -15.34
CA GLY B 18 0.53 -6.32 -15.11
C GLY B 18 1.40 -7.56 -15.29
N PHE B 19 2.58 -7.39 -15.81
CA PHE B 19 3.47 -8.53 -16.02
C PHE B 19 4.01 -9.05 -14.68
N PHE B 20 5.18 -8.61 -14.29
CA PHE B 20 5.78 -9.06 -13.05
C PHE B 20 4.89 -8.70 -11.86
N TRP B 21 4.35 -7.51 -11.87
CA TRP B 21 3.51 -7.04 -10.79
C TRP B 21 2.26 -7.92 -10.62
N GLY B 22 1.67 -8.30 -11.73
CA GLY B 22 0.47 -9.14 -11.67
C GLY B 22 0.78 -10.50 -11.03
N LEU B 23 1.90 -11.05 -11.39
CA LEU B 23 2.32 -12.36 -10.86
C LEU B 23 2.45 -12.33 -9.34
N LEU B 24 2.97 -11.25 -8.84
CA LEU B 24 3.19 -11.12 -7.39
C LEU B 24 1.88 -11.26 -6.62
N VAL B 25 0.82 -10.65 -7.11
CA VAL B 25 -0.46 -10.72 -6.41
C VAL B 25 -0.98 -12.15 -6.31
N VAL B 26 -0.89 -12.90 -7.39
CA VAL B 26 -1.38 -14.27 -7.38
C VAL B 26 -0.57 -15.14 -6.42
N THR B 27 0.73 -14.97 -6.45
CA THR B 27 1.63 -15.75 -5.61
C THR B 27 1.37 -15.50 -4.13
N LEU B 28 1.18 -14.26 -3.78
CA LEU B 28 0.96 -13.92 -2.38
C LEU B 28 -0.30 -14.61 -1.89
N ALA B 29 -1.32 -14.59 -2.69
CA ALA B 29 -2.58 -15.23 -2.31
C ALA B 29 -2.41 -16.74 -2.14
N TRP B 30 -1.69 -17.35 -3.04
CA TRP B 30 -1.46 -18.80 -2.97
C TRP B 30 -0.63 -19.20 -1.74
N HIS B 31 0.38 -18.43 -1.44
CA HIS B 31 1.27 -18.75 -0.34
C HIS B 31 0.55 -18.82 1.01
N VAL B 32 -0.35 -17.91 1.23
CA VAL B 32 -1.06 -17.91 2.50
C VAL B 32 -1.91 -19.17 2.67
N LYS B 33 -1.89 -20.05 1.69
CA LYS B 33 -2.65 -21.29 1.80
C LYS B 33 -2.40 -21.92 3.16
N GLY B 34 -1.18 -22.36 3.37
CA GLY B 34 -0.79 -22.99 4.62
C GLY B 34 -1.04 -22.04 5.79
N ARG B 35 -0.79 -20.78 5.57
CA ARG B 35 -0.99 -19.77 6.61
C ARG B 35 -2.45 -19.74 7.04
N LEU B 36 -3.33 -19.92 6.10
CA LEU B 36 -4.76 -19.87 6.35
C LEU B 36 -5.29 -20.89 7.39
N VAL B 37 -4.80 -22.11 7.33
CA VAL B 37 -5.32 -23.14 8.26
C VAL B 37 -5.07 -22.85 9.77
N PRO B 38 -3.89 -22.46 10.19
CA PRO B 38 -3.61 -22.11 11.63
C PRO B 38 -4.43 -20.90 12.08
N GLY B 39 -4.59 -19.98 11.18
CA GLY B 39 -5.34 -18.76 11.45
C GLY B 39 -6.78 -19.10 11.83
N ALA B 40 -7.33 -20.07 11.14
CA ALA B 40 -8.72 -20.47 11.36
C ALA B 40 -8.97 -20.92 12.80
N THR B 41 -8.05 -21.65 13.37
CA THR B 41 -8.23 -22.15 14.73
C THR B 41 -8.00 -21.05 15.77
N TYR B 42 -9.01 -20.80 16.58
CA TYR B 42 -8.95 -19.80 17.64
C TYR B 42 -10.27 -19.73 18.39
N LEU B 43 -10.26 -20.12 19.64
CA LEU B 43 -11.47 -20.11 20.48
C LEU B 43 -11.41 -18.94 21.46
N SER B 44 -11.67 -17.75 20.97
CA SER B 44 -11.65 -16.55 21.81
C SER B 44 -11.92 -15.31 20.98
N LEU B 45 -11.80 -14.15 21.60
CA LEU B 45 -12.02 -12.88 20.92
C LEU B 45 -13.49 -12.77 20.53
N GLY B 46 -14.37 -13.11 21.45
CA GLY B 46 -15.80 -13.05 21.22
C GLY B 46 -16.41 -11.78 21.80
N VAL B 47 -15.95 -11.40 22.96
CA VAL B 47 -16.43 -10.20 23.62
C VAL B 47 -15.34 -9.63 24.54
N TRP B 48 -14.40 -8.91 23.97
CA TRP B 48 -13.34 -8.31 24.75
C TRP B 48 -12.57 -7.31 23.84
N PRO B 49 -12.09 -7.75 22.69
CA PRO B 49 -11.33 -6.84 21.78
C PRO B 49 -12.26 -5.99 20.92
N LEU B 50 -13.37 -6.56 20.54
CA LEU B 50 -14.34 -5.89 19.69
C LEU B 50 -14.81 -4.57 20.30
N LEU B 51 -14.95 -4.48 21.58
CA LEU B 51 -15.44 -3.25 22.17
C LEU B 51 -14.53 -2.08 21.74
N LEU B 52 -13.24 -2.29 21.78
CA LEU B 52 -12.32 -1.25 21.34
C LEU B 52 -12.60 -0.94 19.87
N VAL B 53 -12.83 -1.97 19.11
CA VAL B 53 -13.16 -1.86 17.70
C VAL B 53 -14.44 -1.07 17.50
N ARG B 54 -15.31 -1.13 18.48
CA ARG B 54 -16.58 -0.43 18.39
C ARG B 54 -16.35 1.04 18.04
N LEU B 55 -15.35 1.63 18.61
CA LEU B 55 -15.07 3.04 18.30
C LEU B 55 -14.84 3.18 16.78
N LEU B 56 -14.08 2.26 16.26
CA LEU B 56 -13.74 2.16 14.83
C LEU B 56 -14.95 1.78 13.94
N ARG B 57 -15.82 0.99 14.51
CA ARG B 57 -16.97 0.42 13.78
C ARG B 57 -17.91 1.44 13.10
N PRO B 58 -18.29 2.54 13.70
CA PRO B 58 -19.17 3.54 13.02
C PRO B 58 -18.52 4.05 11.72
N HIS B 59 -17.24 4.27 11.77
CA HIS B 59 -16.51 4.75 10.59
C HIS B 59 -17.10 6.07 10.10
N ARG B 60 -17.07 7.06 10.94
CA ARG B 60 -17.59 8.37 10.58
C ARG B 60 -16.82 8.95 9.40
N ALA B 61 -17.53 9.58 8.49
CA ALA B 61 -16.89 10.18 7.31
C ALA B 61 -16.82 11.70 7.45
N LEU B 62 -17.12 12.18 8.63
CA LEU B 62 -17.08 13.61 8.89
C LEU B 62 -15.66 14.06 9.20
N ALA B 63 -14.73 13.15 9.05
CA ALA B 63 -13.32 13.45 9.31
C ALA B 63 -12.82 14.53 8.35
N GLY C 1 -9.45 12.64 -24.54
CA GLY C 1 -9.32 14.02 -23.99
C GLY C 1 -10.02 14.11 -22.64
N ALA C 2 -9.29 14.49 -21.63
CA ALA C 2 -9.85 14.61 -20.30
C ALA C 2 -10.60 13.33 -19.92
N LYS C 3 -10.17 12.22 -20.47
CA LYS C 3 -10.80 10.93 -20.18
C LYS C 3 -9.73 9.84 -20.06
N ASN C 4 -8.62 10.04 -20.70
CA ASN C 4 -7.53 9.07 -20.63
C ASN C 4 -6.78 9.22 -19.32
N VAL C 5 -7.52 9.20 -18.26
CA VAL C 5 -6.96 9.35 -16.91
C VAL C 5 -7.88 8.66 -15.91
N ILE C 6 -9.05 9.20 -15.74
CA ILE C 6 -10.01 8.63 -14.83
C ILE C 6 -10.33 7.21 -15.28
N VAL C 7 -10.40 7.01 -16.58
CA VAL C 7 -10.66 5.69 -17.13
C VAL C 7 -9.57 4.71 -16.71
N LEU C 8 -8.35 5.17 -16.74
CA LEU C 8 -7.22 4.32 -16.35
C LEU C 8 -7.38 3.85 -14.91
N ASN C 9 -7.83 4.73 -14.06
CA ASN C 9 -8.03 4.37 -12.66
C ASN C 9 -9.07 3.25 -12.57
N ALA C 10 -10.10 3.38 -13.35
CA ALA C 10 -11.17 2.39 -13.36
C ALA C 10 -10.60 1.02 -13.75
N ALA C 11 -9.71 1.02 -14.72
CA ALA C 11 -9.09 -0.21 -15.18
C ALA C 11 -8.35 -0.89 -14.03
N SER C 12 -7.69 -0.12 -13.21
CA SER C 12 -6.95 -0.69 -12.10
C SER C 12 -7.90 -1.44 -11.16
N ALA C 13 -9.06 -0.88 -10.93
CA ALA C 13 -10.05 -1.50 -10.06
C ALA C 13 -10.44 -2.87 -10.61
N ALA C 14 -10.58 -2.94 -11.91
CA ALA C 14 -10.93 -4.20 -12.55
C ALA C 14 -9.84 -5.23 -12.27
N GLY C 15 -8.61 -4.79 -12.37
CA GLY C 15 -7.47 -5.66 -12.13
C GLY C 15 -7.46 -6.20 -10.71
N ASN C 16 -7.79 -5.36 -9.76
CA ASN C 16 -7.81 -5.77 -8.36
C ASN C 16 -8.80 -6.90 -8.15
N HIS C 17 -9.95 -6.80 -8.77
CA HIS C 17 -10.98 -7.83 -8.63
C HIS C 17 -10.37 -9.21 -8.86
N GLY C 18 -10.32 -9.99 -7.82
CA GLY C 18 -9.76 -11.33 -7.90
C GLY C 18 -10.36 -12.25 -6.83
N PHE C 19 -10.35 -13.52 -7.10
CA PHE C 19 -10.91 -14.50 -6.17
C PHE C 19 -9.90 -14.83 -5.06
N PHE C 20 -8.82 -15.46 -5.42
CA PHE C 20 -7.79 -15.85 -4.46
C PHE C 20 -7.23 -14.64 -3.72
N TRP C 21 -7.04 -13.57 -4.44
CA TRP C 21 -6.48 -12.36 -3.84
C TRP C 21 -7.35 -11.84 -2.70
N GLY C 22 -8.65 -11.89 -2.89
CA GLY C 22 -9.58 -11.43 -1.87
C GLY C 22 -9.47 -12.21 -0.56
N LEU C 23 -9.29 -13.50 -0.68
CA LEU C 23 -9.22 -14.37 0.50
C LEU C 23 -8.06 -14.00 1.43
N LEU C 24 -6.94 -13.63 0.86
CA LEU C 24 -5.76 -13.31 1.66
C LEU C 24 -6.01 -12.15 2.62
N VAL C 25 -6.68 -11.12 2.19
CA VAL C 25 -6.91 -9.98 3.05
C VAL C 25 -7.75 -10.32 4.29
N VAL C 26 -8.81 -11.06 4.10
CA VAL C 26 -9.67 -11.42 5.22
C VAL C 26 -8.95 -12.32 6.22
N THR C 27 -8.25 -13.28 5.71
CA THR C 27 -7.53 -14.24 6.54
C THR C 27 -6.44 -13.57 7.37
N LEU C 28 -5.73 -12.67 6.76
CA LEU C 28 -4.65 -11.98 7.43
C LEU C 28 -5.18 -11.16 8.60
N ALA C 29 -6.28 -10.50 8.40
CA ALA C 29 -6.81 -9.63 9.45
C ALA C 29 -7.13 -10.37 10.74
N TRP C 30 -7.81 -11.48 10.68
CA TRP C 30 -8.10 -12.23 11.91
C TRP C 30 -6.84 -12.83 12.52
N HIS C 31 -5.94 -13.29 11.69
CA HIS C 31 -4.72 -13.95 12.17
C HIS C 31 -3.86 -13.04 13.06
N VAL C 32 -3.73 -11.80 12.71
CA VAL C 32 -2.90 -10.91 13.52
C VAL C 32 -3.44 -10.83 14.95
N LYS C 33 -4.56 -11.46 15.19
CA LYS C 33 -5.17 -11.44 16.53
C LYS C 33 -4.09 -11.61 17.62
N GLY C 34 -3.30 -12.64 17.51
CA GLY C 34 -2.26 -12.91 18.50
C GLY C 34 -1.28 -11.73 18.63
N ARG C 35 -0.97 -11.11 17.53
CA ARG C 35 -0.03 -9.97 17.56
C ARG C 35 -0.56 -8.86 18.46
N LEU C 36 -1.84 -8.70 18.47
CA LEU C 36 -2.49 -7.63 19.23
C LEU C 36 -2.26 -7.70 20.77
N VAL C 37 -2.35 -8.87 21.37
CA VAL C 37 -2.23 -8.93 22.85
C VAL C 37 -0.84 -8.48 23.37
N PRO C 38 0.25 -8.95 22.78
CA PRO C 38 1.63 -8.50 23.17
C PRO C 38 1.79 -6.98 23.00
N GLY C 39 1.17 -6.48 21.99
CA GLY C 39 1.20 -5.05 21.68
C GLY C 39 0.63 -4.22 22.83
N ALA C 40 -0.40 -4.74 23.44
CA ALA C 40 -1.07 -4.02 24.53
C ALA C 40 -0.10 -3.64 25.65
N THR C 41 0.80 -4.51 26.00
CA THR C 41 1.75 -4.23 27.07
C THR C 41 2.25 -2.78 27.01
N TYR C 42 1.78 -1.98 27.93
CA TYR C 42 2.16 -0.56 28.00
C TYR C 42 3.29 -0.35 29.00
N LEU C 43 4.47 -0.76 28.63
CA LEU C 43 5.64 -0.60 29.50
C LEU C 43 6.23 0.79 29.34
N SER C 44 5.95 1.64 30.30
CA SER C 44 6.48 3.01 30.26
C SER C 44 6.22 3.65 28.90
N LEU C 45 5.00 4.10 28.69
CA LEU C 45 4.61 4.74 27.43
C LEU C 45 3.49 5.74 27.69
N GLY C 46 3.50 6.33 28.84
CA GLY C 46 2.47 7.30 29.20
C GLY C 46 2.33 8.39 28.16
N VAL C 47 3.31 9.25 28.09
CA VAL C 47 3.27 10.37 27.14
C VAL C 47 4.63 10.66 26.51
N TRP C 48 5.67 10.06 27.02
CA TRP C 48 6.99 10.31 26.46
C TRP C 48 6.96 10.20 24.92
N PRO C 49 6.37 9.17 24.36
CA PRO C 49 6.29 9.01 22.88
C PRO C 49 5.67 10.23 22.17
N LEU C 50 4.69 10.82 22.79
CA LEU C 50 3.97 11.95 22.20
C LEU C 50 4.90 13.11 21.81
N LEU C 51 5.94 13.35 22.55
CA LEU C 51 6.79 14.48 22.19
C LEU C 51 7.26 14.32 20.74
N LEU C 52 7.65 13.13 20.37
CA LEU C 52 8.07 12.90 18.99
C LEU C 52 6.90 13.23 18.05
N VAL C 53 5.72 12.82 18.44
CA VAL C 53 4.51 13.09 17.69
C VAL C 53 4.28 14.59 17.52
N ARG C 54 4.72 15.35 18.50
CA ARG C 54 4.53 16.80 18.46
C ARG C 54 5.11 17.36 17.16
N LEU C 55 6.21 16.84 16.72
CA LEU C 55 6.82 17.34 15.48
C LEU C 55 5.80 17.26 14.33
N LEU C 56 5.07 16.18 14.30
CA LEU C 56 4.00 15.93 13.31
C LEU C 56 2.79 16.91 13.48
N ARG C 57 2.52 17.24 14.71
CA ARG C 57 1.33 18.05 15.08
C ARG C 57 1.20 19.43 14.40
N PRO C 58 2.24 20.24 14.25
CA PRO C 58 2.11 21.58 13.59
C PRO C 58 1.61 21.46 12.15
N HIS C 59 2.06 20.45 11.44
CA HIS C 59 1.65 20.25 10.05
C HIS C 59 0.16 20.57 9.86
N ARG C 60 -0.24 20.76 8.63
CA ARG C 60 -1.64 21.07 8.32
C ARG C 60 -2.14 20.10 7.24
N ALA C 61 -3.06 20.55 6.42
CA ALA C 61 -3.60 19.71 5.35
C ALA C 61 -3.14 20.20 3.98
N LEU C 62 -2.73 21.44 3.90
CA LEU C 62 -2.26 22.01 2.63
C LEU C 62 -0.83 21.57 2.36
N ALA C 63 -0.39 20.54 3.06
CA ALA C 63 0.96 20.03 2.90
C ALA C 63 1.97 21.17 2.79
N GLY D 1 -21.95 7.11 -19.41
CA GLY D 1 -20.61 7.70 -19.15
C GLY D 1 -20.66 8.56 -17.89
N ALA D 2 -19.79 9.53 -17.82
CA ALA D 2 -19.75 10.42 -16.66
C ALA D 2 -19.77 9.61 -15.36
N LYS D 3 -20.89 9.61 -14.69
CA LYS D 3 -21.02 8.87 -13.44
C LYS D 3 -20.95 7.38 -13.69
N ASN D 4 -19.76 6.88 -13.91
CA ASN D 4 -19.55 5.46 -14.16
C ASN D 4 -18.11 5.08 -13.80
N VAL D 5 -17.19 5.89 -14.23
CA VAL D 5 -15.78 5.64 -13.92
C VAL D 5 -15.57 5.77 -12.41
N ILE D 6 -15.94 6.91 -11.89
CA ILE D 6 -15.83 7.18 -10.47
C ILE D 6 -16.66 6.16 -9.68
N VAL D 7 -17.75 5.77 -10.26
CA VAL D 7 -18.65 4.80 -9.62
C VAL D 7 -17.89 3.49 -9.35
N LEU D 8 -17.07 3.09 -10.28
CA LEU D 8 -16.30 1.86 -10.10
C LEU D 8 -15.42 1.95 -8.85
N ASN D 9 -14.83 3.08 -8.62
CA ASN D 9 -13.99 3.27 -7.44
C ASN D 9 -14.80 3.06 -6.16
N ALA D 10 -15.99 3.60 -6.18
CA ALA D 10 -16.87 3.49 -5.01
C ALA D 10 -17.10 2.02 -4.67
N ALA D 11 -17.28 1.21 -5.68
CA ALA D 11 -17.50 -0.21 -5.48
C ALA D 11 -16.34 -0.82 -4.70
N SER D 12 -15.14 -0.41 -5.01
CA SER D 12 -13.98 -0.94 -4.31
C SER D 12 -14.07 -0.59 -2.83
N ALA D 13 -14.49 0.62 -2.55
CA ALA D 13 -14.63 1.08 -1.16
C ALA D 13 -15.59 0.18 -0.39
N ALA D 14 -16.64 -0.24 -1.03
CA ALA D 14 -17.60 -1.12 -0.38
C ALA D 14 -16.90 -2.41 0.03
N GLY D 15 -16.06 -2.90 -0.83
CA GLY D 15 -15.33 -4.14 -0.56
C GLY D 15 -14.47 -3.99 0.70
N ASN D 16 -13.80 -2.87 0.82
CA ASN D 16 -12.96 -2.63 1.99
C ASN D 16 -13.79 -2.62 3.27
N HIS D 17 -14.95 -2.01 3.20
CA HIS D 17 -15.83 -1.92 4.36
C HIS D 17 -16.06 -3.30 4.97
N GLY D 18 -15.37 -3.56 6.05
CA GLY D 18 -15.50 -4.84 6.74
C GLY D 18 -14.78 -4.79 8.08
N PHE D 19 -15.52 -4.99 9.14
CA PHE D 19 -14.96 -4.95 10.49
C PHE D 19 -13.61 -5.68 10.52
N PHE D 20 -13.51 -6.75 9.78
CA PHE D 20 -12.26 -7.50 9.75
C PHE D 20 -11.13 -6.61 9.26
N TRP D 21 -11.39 -5.86 8.23
CA TRP D 21 -10.37 -4.99 7.67
C TRP D 21 -9.89 -3.95 8.68
N GLY D 22 -10.82 -3.39 9.41
CA GLY D 22 -10.49 -2.39 10.42
C GLY D 22 -9.56 -2.95 11.49
N LEU D 23 -9.80 -4.17 11.86
CA LEU D 23 -9.00 -4.85 12.89
C LEU D 23 -7.53 -4.93 12.49
N LEU D 24 -7.27 -5.20 11.25
CA LEU D 24 -5.88 -5.35 10.78
C LEU D 24 -5.06 -4.09 11.04
N VAL D 25 -5.61 -2.94 10.75
CA VAL D 25 -4.86 -1.70 10.94
C VAL D 25 -4.46 -1.48 12.39
N VAL D 26 -5.38 -1.72 13.30
CA VAL D 26 -5.09 -1.52 14.71
C VAL D 26 -4.01 -2.49 15.19
N THR D 27 -4.12 -3.72 14.76
CA THR D 27 -3.17 -4.76 15.17
C THR D 27 -1.75 -4.48 14.68
N LEU D 28 -1.62 -4.06 13.45
CA LEU D 28 -0.31 -3.79 12.89
C LEU D 28 0.39 -2.68 13.67
N ALA D 29 -0.35 -1.65 13.99
CA ALA D 29 0.22 -0.53 14.73
C ALA D 29 0.73 -0.98 16.10
N TRP D 30 -0.02 -1.79 16.77
CA TRP D 30 0.36 -2.27 18.09
C TRP D 30 1.64 -3.13 18.06
N HIS D 31 1.74 -3.98 17.07
CA HIS D 31 2.89 -4.88 16.98
C HIS D 31 4.22 -4.16 16.85
N VAL D 32 4.26 -3.13 16.07
CA VAL D 32 5.51 -2.40 15.86
C VAL D 32 6.02 -1.73 17.13
N LYS D 33 5.23 -1.74 18.17
CA LYS D 33 5.66 -1.12 19.43
C LYS D 33 7.09 -1.54 19.76
N GLY D 34 7.29 -2.82 19.91
CA GLY D 34 8.61 -3.35 20.23
C GLY D 34 9.63 -2.96 19.17
N ARG D 35 9.22 -2.97 17.93
CA ARG D 35 10.11 -2.62 16.82
C ARG D 35 10.64 -1.19 16.97
N LEU D 36 9.81 -0.33 17.45
CA LEU D 36 10.16 1.09 17.58
C LEU D 36 11.39 1.36 18.50
N VAL D 37 11.48 0.68 19.61
CA VAL D 37 12.59 0.94 20.55
C VAL D 37 14.01 0.67 20.00
N PRO D 38 14.28 -0.45 19.33
CA PRO D 38 15.63 -0.73 18.74
C PRO D 38 16.00 0.29 17.67
N GLY D 39 15.00 0.73 16.96
CA GLY D 39 15.18 1.73 15.92
C GLY D 39 15.75 3.02 16.48
N ALA D 40 15.29 3.37 17.65
CA ALA D 40 15.74 4.60 18.31
C ALA D 40 17.25 4.62 18.49
N THR D 41 17.83 3.50 18.85
CA THR D 41 19.28 3.43 19.06
C THR D 41 20.01 3.05 17.77
N TYR D 42 20.79 3.97 17.27
CA TYR D 42 21.57 3.73 16.05
C TYR D 42 22.68 4.76 15.91
N LEU D 43 22.33 6.01 15.96
CA LEU D 43 23.30 7.09 15.85
C LEU D 43 24.10 6.97 14.55
N SER D 44 23.50 7.35 13.46
CA SER D 44 24.18 7.27 12.17
C SER D 44 23.34 7.97 11.10
N LEU D 45 23.91 8.16 9.94
CA LEU D 45 23.20 8.81 8.85
C LEU D 45 22.71 10.19 9.30
N GLY D 46 23.61 10.99 9.81
CA GLY D 46 23.25 12.32 10.30
C GLY D 46 23.04 13.34 9.18
N VAL D 47 24.02 13.52 8.31
CA VAL D 47 23.92 14.50 7.23
C VAL D 47 23.60 13.84 5.89
N TRP D 48 23.94 12.59 5.75
CA TRP D 48 23.68 11.89 4.49
C TRP D 48 22.21 11.99 4.08
N PRO D 49 21.27 11.93 5.00
CA PRO D 49 19.82 12.03 4.63
C PRO D 49 19.48 13.39 3.99
N LEU D 50 19.79 14.44 4.69
CA LEU D 50 19.44 15.78 4.23
C LEU D 50 19.96 16.12 2.83
N LEU D 51 21.13 15.69 2.47
CA LEU D 51 21.62 16.02 1.13
C LEU D 51 20.64 15.45 0.09
N LEU D 52 20.22 14.23 0.29
CA LEU D 52 19.28 13.61 -0.65
C LEU D 52 17.99 14.42 -0.67
N VAL D 53 17.56 14.85 0.49
CA VAL D 53 16.34 15.63 0.64
C VAL D 53 16.42 16.93 -0.18
N ARG D 54 17.60 17.47 -0.31
CA ARG D 54 17.76 18.71 -1.04
C ARG D 54 17.16 18.59 -2.44
N LEU D 55 17.38 17.47 -3.08
CA LEU D 55 16.82 17.31 -4.43
C LEU D 55 15.29 17.41 -4.34
N LEU D 56 14.74 16.75 -3.35
CA LEU D 56 13.30 16.71 -3.04
C LEU D 56 12.69 18.04 -2.55
N ARG D 57 13.50 18.82 -1.88
CA ARG D 57 13.02 20.05 -1.21
C ARG D 57 12.26 21.05 -2.11
N PRO D 58 12.65 21.29 -3.33
CA PRO D 58 11.93 22.25 -4.22
C PRO D 58 10.49 21.80 -4.47
N HIS D 59 10.32 20.52 -4.66
CA HIS D 59 8.99 19.95 -4.90
C HIS D 59 8.32 20.64 -6.10
N ARG D 60 7.42 19.94 -6.73
CA ARG D 60 6.71 20.49 -7.89
C ARG D 60 5.62 19.53 -8.34
N ALA D 61 4.46 20.08 -8.62
CA ALA D 61 3.33 19.26 -9.06
C ALA D 61 3.44 18.96 -10.55
N LEU D 62 4.23 19.71 -11.24
CA LEU D 62 4.43 19.51 -12.67
C LEU D 62 5.14 18.18 -12.92
N ALA D 63 5.93 17.76 -11.98
CA ALA D 63 6.66 16.51 -12.11
C ALA D 63 7.42 16.46 -13.43
N GLY E 1 -26.91 14.48 -7.61
CA GLY E 1 -26.25 14.45 -6.27
C GLY E 1 -24.75 14.64 -6.44
N ALA E 2 -24.16 13.87 -7.30
CA ALA E 2 -22.72 13.97 -7.55
C ALA E 2 -21.95 14.00 -6.23
N LYS E 3 -22.60 13.60 -5.17
CA LYS E 3 -21.97 13.59 -3.84
C LYS E 3 -22.32 12.31 -3.09
N ASN E 4 -21.75 11.22 -3.53
CA ASN E 4 -21.97 9.92 -2.90
C ASN E 4 -20.82 8.99 -3.25
N VAL E 5 -20.24 9.24 -4.39
CA VAL E 5 -19.12 8.44 -4.86
C VAL E 5 -17.84 8.93 -4.18
N ILE E 6 -17.51 10.17 -4.42
CA ILE E 6 -16.35 10.80 -3.82
C ILE E 6 -16.48 10.76 -2.29
N VAL E 7 -17.70 10.91 -1.85
CA VAL E 7 -18.00 10.89 -0.42
C VAL E 7 -17.55 9.57 0.20
N LEU E 8 -17.77 8.50 -0.50
CA LEU E 8 -17.37 7.18 0.00
C LEU E 8 -15.87 7.15 0.24
N ASN E 9 -15.12 7.74 -0.67
CA ASN E 9 -13.66 7.77 -0.53
C ASN E 9 -13.29 8.51 0.75
N ALA E 10 -13.97 9.59 1.00
CA ALA E 10 -13.71 10.40 2.18
C ALA E 10 -13.86 9.54 3.44
N ALA E 11 -14.85 8.69 3.45
CA ALA E 11 -15.08 7.82 4.59
C ALA E 11 -13.85 6.96 4.86
N SER E 12 -13.24 6.48 3.81
CA SER E 12 -12.04 5.66 3.97
C SER E 12 -10.95 6.46 4.68
N ALA E 13 -10.82 7.71 4.31
CA ALA E 13 -9.82 8.58 4.90
C ALA E 13 -10.02 8.70 6.41
N ALA E 14 -11.25 8.73 6.82
CA ALA E 14 -11.56 8.83 8.25
C ALA E 14 -10.98 7.61 8.97
N GLY E 15 -11.11 6.47 8.34
CA GLY E 15 -10.60 5.24 8.93
C GLY E 15 -9.10 5.33 9.18
N ASN E 16 -8.38 5.91 8.24
CA ASN E 16 -6.94 6.08 8.39
C ASN E 16 -6.61 6.94 9.61
N HIS E 17 -7.38 7.98 9.80
CA HIS E 17 -7.16 8.88 10.93
C HIS E 17 -7.23 8.13 12.25
N GLY E 18 -6.11 8.01 12.91
CA GLY E 18 -6.04 7.31 14.18
C GLY E 18 -4.60 7.32 14.71
N PHE E 19 -4.38 8.01 15.79
CA PHE E 19 -3.07 8.14 16.41
C PHE E 19 -2.25 6.85 16.26
N PHE E 20 -2.87 5.73 16.48
CA PHE E 20 -2.15 4.46 16.37
C PHE E 20 -1.61 4.30 14.95
N TRP E 21 -2.42 4.61 13.98
CA TRP E 21 -2.01 4.50 12.58
C TRP E 21 -0.81 5.38 12.29
N GLY E 22 -0.82 6.57 12.83
CA GLY E 22 0.27 7.52 12.63
C GLY E 22 1.60 6.96 13.16
N LEU E 23 1.53 6.32 14.29
CA LEU E 23 2.72 5.76 14.92
C LEU E 23 3.40 4.73 14.02
N LEU E 24 2.63 3.95 13.31
CA LEU E 24 3.18 2.88 12.48
C LEU E 24 4.18 3.40 11.44
N VAL E 25 3.87 4.50 10.80
CA VAL E 25 4.80 5.00 9.79
C VAL E 25 6.16 5.34 10.39
N VAL E 26 6.18 5.94 11.54
CA VAL E 26 7.43 6.30 12.18
C VAL E 26 8.28 5.09 12.54
N THR E 27 7.67 4.05 13.06
CA THR E 27 8.42 2.87 13.47
C THR E 27 9.11 2.20 12.28
N LEU E 28 8.41 2.06 11.20
CA LEU E 28 8.99 1.40 10.03
C LEU E 28 10.19 2.19 9.53
N ALA E 29 10.04 3.49 9.49
CA ALA E 29 11.13 4.36 9.02
C ALA E 29 12.36 4.26 9.92
N TRP E 30 12.15 4.23 11.20
CA TRP E 30 13.26 4.15 12.14
C TRP E 30 14.03 2.83 12.03
N HIS E 31 13.32 1.75 11.89
CA HIS E 31 13.94 0.42 11.83
C HIS E 31 14.88 0.26 10.63
N VAL E 32 14.46 0.75 9.51
CA VAL E 32 15.24 0.60 8.29
C VAL E 32 16.60 1.31 8.35
N LYS E 33 16.85 2.07 9.39
CA LYS E 33 18.13 2.77 9.51
C LYS E 33 19.28 1.80 9.18
N GLY E 34 19.38 0.74 9.93
CA GLY E 34 20.43 -0.24 9.72
C GLY E 34 20.39 -0.82 8.32
N ARG E 35 19.20 -1.02 7.81
CA ARG E 35 19.02 -1.58 6.47
C ARG E 35 19.70 -0.70 5.42
N LEU E 36 19.66 0.58 5.64
CA LEU E 36 20.23 1.56 4.71
C LEU E 36 21.76 1.44 4.47
N VAL E 37 22.55 1.26 5.49
CA VAL E 37 24.02 1.23 5.29
C VAL E 37 24.48 0.07 4.38
N PRO E 38 24.00 -1.13 4.58
CA PRO E 38 24.34 -2.30 3.69
C PRO E 38 23.91 -2.04 2.25
N GLY E 39 22.81 -1.35 2.11
CA GLY E 39 22.27 -1.00 0.81
C GLY E 39 23.26 -0.14 0.01
N ALA E 40 23.94 0.73 0.70
CA ALA E 40 24.88 1.64 0.06
C ALA E 40 25.96 0.90 -0.72
N THR E 41 26.47 -0.18 -0.18
CA THR E 41 27.51 -0.94 -0.88
C THR E 41 27.17 -1.10 -2.36
N TYR E 42 27.94 -0.47 -3.20
CA TYR E 42 27.72 -0.53 -4.64
C TYR E 42 28.50 -1.67 -5.27
N LEU E 43 28.10 -2.87 -4.98
CA LEU E 43 28.76 -4.06 -5.52
C LEU E 43 28.73 -4.01 -7.05
N SER E 44 28.02 -4.94 -7.63
CA SER E 44 27.88 -5.02 -9.08
C SER E 44 26.51 -4.49 -9.50
N LEU E 45 26.39 -3.19 -9.55
CA LEU E 45 25.13 -2.54 -9.93
C LEU E 45 25.39 -1.43 -10.94
N GLY E 46 26.51 -1.50 -11.60
CA GLY E 46 26.88 -0.49 -12.58
C GLY E 46 25.79 -0.27 -13.62
N VAL E 47 25.56 -1.26 -14.45
CA VAL E 47 24.57 -1.14 -15.53
C VAL E 47 23.59 -2.32 -15.56
N TRP E 48 23.92 -3.41 -14.93
CA TRP E 48 23.04 -4.57 -14.94
C TRP E 48 21.61 -4.17 -14.51
N PRO E 49 21.44 -3.36 -13.48
CA PRO E 49 20.08 -2.92 -13.03
C PRO E 49 19.34 -2.15 -14.11
N LEU E 50 20.02 -1.21 -14.71
CA LEU E 50 19.43 -0.33 -15.70
C LEU E 50 18.78 -1.08 -16.87
N LEU E 51 19.35 -2.18 -17.30
CA LEU E 51 18.72 -2.86 -18.43
C LEU E 51 17.27 -3.21 -18.09
N LEU E 52 17.07 -3.71 -16.90
CA LEU E 52 15.71 -4.04 -16.47
C LEU E 52 14.86 -2.78 -16.50
N VAL E 53 15.44 -1.69 -16.05
CA VAL E 53 14.76 -0.40 -16.02
C VAL E 53 14.34 0.03 -17.42
N ARG E 54 15.11 -0.36 -18.41
CA ARG E 54 14.82 0.04 -19.78
C ARG E 54 13.41 -0.39 -20.15
N LEU E 55 12.99 -1.56 -19.76
CA LEU E 55 11.64 -2.01 -20.10
C LEU E 55 10.62 -1.02 -19.51
N LEU E 56 10.87 -0.65 -18.28
CA LEU E 56 10.06 0.31 -17.52
C LEU E 56 10.13 1.75 -18.08
N ARG E 57 11.27 2.08 -18.60
CA ARG E 57 11.56 3.45 -19.08
C ARG E 57 10.60 4.02 -20.15
N PRO E 58 10.20 3.30 -21.17
CA PRO E 58 9.24 3.84 -22.19
C PRO E 58 7.90 4.25 -21.60
N HIS E 59 7.37 3.46 -20.70
CA HIS E 59 6.08 3.76 -20.10
C HIS E 59 6.09 5.13 -19.41
N ARG E 60 4.92 5.72 -19.28
CA ARG E 60 4.81 7.02 -18.65
C ARG E 60 3.33 7.38 -18.42
N ALA E 61 2.46 6.66 -19.09
CA ALA E 61 1.02 6.89 -18.97
C ALA E 61 0.30 6.22 -20.13
N LEU E 62 -0.99 6.42 -20.21
CA LEU E 62 -1.80 5.83 -21.28
C LEU E 62 -1.86 4.31 -21.11
N ALA E 63 -1.31 3.81 -20.04
CA ALA E 63 -1.31 2.37 -19.78
C ALA E 63 -2.74 1.84 -19.75
N GLY F 1 -22.01 19.31 -1.33
CA GLY F 1 -20.91 20.29 -1.08
C GLY F 1 -20.02 20.38 -2.32
N ALA F 2 -18.73 20.39 -2.10
CA ALA F 2 -17.78 20.46 -3.21
C ALA F 2 -16.36 20.35 -2.69
N LYS F 3 -15.74 21.48 -2.45
CA LYS F 3 -14.37 21.49 -1.96
C LYS F 3 -14.34 21.13 -0.48
N ASN F 4 -14.53 19.86 -0.19
CA ASN F 4 -14.52 19.38 1.18
C ASN F 4 -14.17 17.89 1.19
N VAL F 5 -14.75 17.16 0.28
CA VAL F 5 -14.47 15.73 0.18
C VAL F 5 -13.02 15.53 -0.26
N ILE F 6 -12.68 16.14 -1.36
CA ILE F 6 -11.33 16.08 -1.91
C ILE F 6 -10.35 16.66 -0.89
N VAL F 7 -10.81 17.66 -0.18
CA VAL F 7 -9.98 18.32 0.83
C VAL F 7 -9.51 17.30 1.86
N LEU F 8 -10.38 16.41 2.24
CA LEU F 8 -10.01 15.40 3.23
C LEU F 8 -8.84 14.57 2.69
N ASN F 9 -8.87 14.26 1.43
CA ASN F 9 -7.78 13.49 0.81
C ASN F 9 -6.47 14.26 0.93
N ALA F 10 -6.54 15.54 0.70
CA ALA F 10 -5.35 16.38 0.76
C ALA F 10 -4.70 16.25 2.12
N ALA F 11 -5.50 16.18 3.15
CA ALA F 11 -4.96 16.06 4.50
C ALA F 11 -4.08 14.82 4.61
N SER F 12 -4.48 13.74 3.98
CA SER F 12 -3.67 12.53 4.01
C SER F 12 -2.32 12.80 3.36
N ALA F 13 -2.35 13.52 2.27
CA ALA F 13 -1.12 13.83 1.53
C ALA F 13 -0.15 14.63 2.39
N ALA F 14 -0.66 15.53 3.18
CA ALA F 14 0.19 16.32 4.06
C ALA F 14 0.91 15.39 5.04
N GLY F 15 0.17 14.44 5.53
CA GLY F 15 0.72 13.48 6.49
C GLY F 15 1.88 12.70 5.87
N ASN F 16 1.73 12.29 4.64
CA ASN F 16 2.79 11.55 3.97
C ASN F 16 4.05 12.40 3.85
N HIS F 17 3.87 13.65 3.53
CA HIS F 17 4.99 14.57 3.39
C HIS F 17 5.68 14.78 4.73
N GLY F 18 6.95 14.50 4.79
CA GLY F 18 7.69 14.66 6.03
C GLY F 18 9.16 14.29 5.85
N PHE F 19 9.90 14.41 6.92
CA PHE F 19 11.33 14.10 6.91
C PHE F 19 11.59 12.58 7.05
N PHE F 20 11.16 12.01 8.15
CA PHE F 20 11.38 10.59 8.39
C PHE F 20 10.75 9.72 7.30
N TRP F 21 9.57 10.09 6.87
CA TRP F 21 8.87 9.32 5.84
C TRP F 21 9.70 9.24 4.56
N GLY F 22 10.32 10.32 4.19
CA GLY F 22 11.14 10.35 2.98
C GLY F 22 12.27 9.34 3.03
N LEU F 23 12.87 9.20 4.18
CA LEU F 23 13.99 8.28 4.36
C LEU F 23 13.57 6.83 4.04
N LEU F 24 12.38 6.47 4.44
CA LEU F 24 11.91 5.11 4.25
C LEU F 24 11.87 4.68 2.78
N VAL F 25 11.37 5.52 1.91
CA VAL F 25 11.26 5.15 0.50
C VAL F 25 12.62 4.89 -0.15
N VAL F 26 13.56 5.75 0.10
CA VAL F 26 14.89 5.58 -0.49
C VAL F 26 15.58 4.32 0.02
N THR F 27 15.48 4.10 1.30
CA THR F 27 16.13 2.95 1.92
C THR F 27 15.61 1.62 1.38
N LEU F 28 14.31 1.51 1.24
CA LEU F 28 13.75 0.26 0.77
C LEU F 28 14.29 -0.04 -0.63
N ALA F 29 14.35 0.97 -1.45
CA ALA F 29 14.86 0.78 -2.81
C ALA F 29 16.32 0.35 -2.79
N TRP F 30 17.10 0.99 -1.95
CA TRP F 30 18.52 0.65 -1.86
C TRP F 30 18.76 -0.76 -1.32
N HIS F 31 18.01 -1.13 -0.31
CA HIS F 31 18.18 -2.44 0.32
C HIS F 31 17.97 -3.59 -0.65
N VAL F 32 16.97 -3.49 -1.46
CA VAL F 32 16.67 -4.57 -2.39
C VAL F 32 17.77 -4.78 -3.43
N LYS F 33 18.76 -3.94 -3.44
CA LYS F 33 19.86 -4.10 -4.40
C LYS F 33 20.34 -5.55 -4.39
N GLY F 34 20.85 -5.98 -3.27
CA GLY F 34 21.35 -7.34 -3.13
C GLY F 34 20.24 -8.35 -3.43
N ARG F 35 19.04 -8.03 -3.03
CA ARG F 35 17.91 -8.92 -3.26
C ARG F 35 17.66 -9.16 -4.75
N LEU F 36 17.83 -8.13 -5.53
CA LEU F 36 17.56 -8.20 -6.98
C LEU F 36 18.39 -9.25 -7.76
N VAL F 37 19.67 -9.34 -7.52
CA VAL F 37 20.51 -10.28 -8.28
C VAL F 37 20.16 -11.79 -8.06
N PRO F 38 19.95 -12.27 -6.85
CA PRO F 38 19.59 -13.71 -6.61
C PRO F 38 18.27 -14.09 -7.28
N GLY F 39 17.37 -13.14 -7.29
CA GLY F 39 16.07 -13.34 -7.90
C GLY F 39 16.22 -13.68 -9.38
N ALA F 40 17.13 -12.99 -10.03
CA ALA F 40 17.35 -13.20 -11.45
C ALA F 40 17.74 -14.64 -11.74
N THR F 41 18.56 -15.22 -10.91
CA THR F 41 18.98 -16.61 -11.12
C THR F 41 17.84 -17.56 -10.77
N TYR F 42 17.29 -18.20 -11.76
CA TYR F 42 16.20 -19.14 -11.56
C TYR F 42 15.90 -19.90 -12.85
N LEU F 43 16.05 -21.19 -12.80
CA LEU F 43 15.79 -22.03 -13.95
C LEU F 43 14.32 -22.45 -13.94
N SER F 44 13.87 -22.87 -15.08
CA SER F 44 12.49 -23.32 -15.24
C SER F 44 11.52 -22.13 -15.20
N LEU F 45 10.27 -22.42 -15.42
CA LEU F 45 9.22 -21.39 -15.45
C LEU F 45 9.50 -20.39 -16.57
N GLY F 46 9.88 -20.90 -17.71
CA GLY F 46 10.20 -20.07 -18.86
C GLY F 46 9.01 -19.24 -19.38
N VAL F 47 7.99 -19.91 -19.88
CA VAL F 47 6.80 -19.21 -20.41
C VAL F 47 5.59 -19.40 -19.51
N TRP F 48 5.74 -20.24 -18.54
CA TRP F 48 4.66 -20.51 -17.60
C TRP F 48 4.25 -19.22 -16.89
N PRO F 49 5.16 -18.34 -16.53
CA PRO F 49 4.78 -17.05 -15.87
C PRO F 49 3.78 -16.29 -16.73
N LEU F 50 4.11 -16.14 -17.98
CA LEU F 50 3.30 -15.38 -18.93
C LEU F 50 1.85 -15.88 -18.99
N LEU F 51 1.62 -17.16 -18.88
CA LEU F 51 0.24 -17.63 -18.97
C LEU F 51 -0.60 -16.93 -17.90
N LEU F 52 -0.08 -16.85 -16.70
CA LEU F 52 -0.81 -16.18 -15.62
C LEU F 52 -1.03 -14.72 -16.04
N VAL F 53 -0.02 -14.13 -16.61
CA VAL F 53 -0.07 -12.75 -17.08
C VAL F 53 -1.18 -12.58 -18.12
N ARG F 54 -1.43 -13.62 -18.86
CA ARG F 54 -2.44 -13.55 -19.91
C ARG F 54 -3.76 -13.07 -19.32
N LEU F 55 -4.10 -13.52 -18.15
CA LEU F 55 -5.34 -13.06 -17.54
C LEU F 55 -5.26 -11.53 -17.35
N LEU F 56 -4.13 -11.11 -16.88
CA LEU F 56 -3.80 -9.69 -16.61
C LEU F 56 -3.65 -8.80 -17.89
N ARG F 57 -3.16 -9.39 -18.95
CA ARG F 57 -2.82 -8.62 -20.17
C ARG F 57 -3.99 -7.80 -20.75
N PRO F 58 -5.18 -8.33 -20.84
CA PRO F 58 -6.35 -7.57 -21.34
C PRO F 58 -6.56 -6.29 -20.53
N HIS F 59 -6.41 -6.40 -19.23
CA HIS F 59 -6.57 -5.24 -18.35
C HIS F 59 -7.81 -4.45 -18.73
N ARG F 60 -8.91 -5.13 -18.91
CA ARG F 60 -10.15 -4.46 -19.27
C ARG F 60 -10.47 -3.34 -18.28
N ALA F 61 -11.65 -2.80 -18.37
CA ALA F 61 -12.05 -1.72 -17.47
C ALA F 61 -13.57 -1.62 -17.39
N LEU F 62 -14.15 -2.32 -16.44
CA LEU F 62 -15.59 -2.30 -16.26
C LEU F 62 -15.96 -2.92 -14.92
N ALA F 63 -15.13 -3.82 -14.45
CA ALA F 63 -15.36 -4.48 -13.17
C ALA F 63 -16.83 -4.83 -13.00
N GLY A 1 -11.90 24.49 -2.32
CA GLY A 1 -11.46 23.22 -2.97
C GLY A 1 -11.81 23.27 -4.46
N ALA A 2 -10.98 22.65 -5.26
CA ALA A 2 -11.20 22.63 -6.70
C ALA A 2 -10.13 21.79 -7.39
N LYS A 3 -9.10 22.45 -7.85
CA LYS A 3 -8.00 21.76 -8.54
C LYS A 3 -6.77 21.66 -7.63
N ASN A 4 -6.58 22.65 -6.80
CA ASN A 4 -5.44 22.64 -5.87
C ASN A 4 -5.33 21.26 -5.22
N VAL A 5 -6.44 20.60 -5.12
CA VAL A 5 -6.50 19.27 -4.53
C VAL A 5 -5.83 18.28 -5.47
N ILE A 6 -6.30 18.23 -6.68
CA ILE A 6 -5.75 17.34 -7.70
C ILE A 6 -4.27 17.64 -7.88
N VAL A 7 -3.94 18.91 -7.79
CA VAL A 7 -2.56 19.34 -7.93
C VAL A 7 -1.69 18.69 -6.85
N LEU A 8 -2.20 18.61 -5.66
CA LEU A 8 -1.45 18.02 -4.55
C LEU A 8 -1.13 16.55 -4.85
N ASN A 9 -2.08 15.84 -5.42
CA ASN A 9 -1.84 14.43 -5.76
C ASN A 9 -0.68 14.32 -6.74
N ALA A 10 -0.66 15.21 -7.70
CA ALA A 10 0.39 15.21 -8.70
C ALA A 10 1.74 15.35 -8.03
N ALA A 11 1.82 16.17 -7.03
CA ALA A 11 3.07 16.36 -6.31
C ALA A 11 3.57 15.04 -5.73
N SER A 12 2.67 14.25 -5.22
CA SER A 12 3.06 12.96 -4.66
C SER A 12 3.68 12.10 -5.75
N ALA A 13 3.09 12.11 -6.91
CA ALA A 13 3.58 11.32 -8.04
C ALA A 13 5.01 11.73 -8.39
N ALA A 14 5.29 13.00 -8.30
CA ALA A 14 6.63 13.49 -8.59
C ALA A 14 7.62 12.83 -7.62
N GLY A 15 7.21 12.72 -6.39
CA GLY A 15 8.06 12.12 -5.36
C GLY A 15 8.42 10.69 -5.75
N ASN A 16 7.46 9.97 -6.25
CA ASN A 16 7.70 8.59 -6.68
C ASN A 16 8.75 8.55 -7.79
N HIS A 17 8.66 9.51 -8.70
CA HIS A 17 9.60 9.58 -9.81
C HIS A 17 11.03 9.39 -9.33
N GLY A 18 11.46 8.16 -9.30
CA GLY A 18 12.82 7.85 -8.86
C GLY A 18 13.21 6.45 -9.35
N PHE A 19 14.14 6.39 -10.26
CA PHE A 19 14.58 5.12 -10.82
C PHE A 19 14.79 4.09 -9.72
N PHE A 20 15.32 4.52 -8.60
CA PHE A 20 15.54 3.59 -7.50
C PHE A 20 14.22 2.98 -7.05
N TRP A 21 13.22 3.80 -6.93
CA TRP A 21 11.91 3.33 -6.49
C TRP A 21 11.34 2.30 -7.47
N GLY A 22 11.49 2.58 -8.73
CA GLY A 22 10.99 1.70 -9.77
C GLY A 22 11.66 0.33 -9.70
N LEU A 23 12.93 0.34 -9.41
CA LEU A 23 13.70 -0.91 -9.34
C LEU A 23 13.15 -1.83 -8.26
N LEU A 24 12.75 -1.28 -7.14
CA LEU A 24 12.26 -2.10 -6.05
C LEU A 24 11.05 -2.94 -6.44
N VAL A 25 10.11 -2.37 -7.15
CA VAL A 25 8.93 -3.12 -7.54
C VAL A 25 9.28 -4.31 -8.43
N VAL A 26 10.13 -4.09 -9.39
CA VAL A 26 10.53 -5.16 -10.29
C VAL A 26 11.27 -6.26 -9.52
N THR A 27 12.14 -5.83 -8.64
CA THR A 27 12.93 -6.76 -7.85
C THR A 27 12.06 -7.64 -6.97
N LEU A 28 11.08 -7.05 -6.36
CA LEU A 28 10.18 -7.79 -5.48
C LEU A 28 9.46 -8.89 -6.26
N ALA A 29 9.05 -8.55 -7.44
CA ALA A 29 8.33 -9.52 -8.28
C ALA A 29 9.20 -10.75 -8.56
N TRP A 30 10.46 -10.54 -8.80
CA TRP A 30 11.37 -11.66 -9.09
C TRP A 30 11.50 -12.62 -7.89
N HIS A 31 11.58 -12.08 -6.72
CA HIS A 31 11.75 -12.90 -5.51
C HIS A 31 10.62 -13.88 -5.26
N VAL A 32 9.41 -13.44 -5.46
CA VAL A 32 8.26 -14.29 -5.20
C VAL A 32 8.21 -15.50 -6.12
N LYS A 33 8.98 -15.52 -7.16
CA LYS A 33 8.97 -16.66 -8.08
C LYS A 33 8.99 -17.97 -7.30
N GLY A 34 9.99 -18.14 -6.48
CA GLY A 34 10.12 -19.36 -5.68
C GLY A 34 8.90 -19.59 -4.80
N ARG A 35 8.36 -18.52 -4.26
CA ARG A 35 7.19 -18.62 -3.38
C ARG A 35 6.00 -19.25 -4.13
N LEU A 36 5.86 -18.94 -5.37
CA LEU A 36 4.75 -19.43 -6.18
C LEU A 36 4.65 -20.97 -6.27
N VAL A 37 5.75 -21.65 -6.45
CA VAL A 37 5.71 -23.11 -6.62
C VAL A 37 5.13 -23.90 -5.40
N PRO A 38 5.54 -23.63 -4.17
CA PRO A 38 4.97 -24.32 -2.97
C PRO A 38 3.47 -24.03 -2.82
N GLY A 39 3.12 -22.85 -3.20
CA GLY A 39 1.71 -22.41 -3.15
C GLY A 39 0.84 -23.31 -4.03
N ALA A 40 1.37 -23.69 -5.16
CA ALA A 40 0.63 -24.53 -6.09
C ALA A 40 0.20 -25.85 -5.43
N THR A 41 1.07 -26.43 -4.65
CA THR A 41 0.75 -27.69 -3.99
C THR A 41 -0.13 -27.46 -2.76
N TYR A 42 -1.34 -27.97 -2.79
CA TYR A 42 -2.26 -27.83 -1.68
C TYR A 42 -3.50 -28.69 -1.91
N LEU A 43 -3.71 -29.62 -1.03
CA LEU A 43 -4.86 -30.52 -1.12
C LEU A 43 -6.11 -29.76 -1.55
N SER A 44 -6.58 -30.10 -2.72
CA SER A 44 -7.77 -29.46 -3.28
C SER A 44 -8.83 -29.20 -2.21
N LEU A 45 -9.31 -27.98 -2.18
CA LEU A 45 -10.33 -27.59 -1.21
C LEU A 45 -11.72 -27.88 -1.78
N GLY A 46 -12.13 -27.11 -2.75
CA GLY A 46 -13.43 -27.30 -3.39
C GLY A 46 -14.43 -26.22 -3.00
N VAL A 47 -14.62 -26.02 -1.73
CA VAL A 47 -15.60 -25.03 -1.26
C VAL A 47 -15.23 -24.39 0.08
N TRP A 48 -14.28 -24.95 0.78
CA TRP A 48 -13.91 -24.39 2.09
C TRP A 48 -13.72 -22.86 2.04
N PRO A 49 -13.03 -22.31 1.07
CA PRO A 49 -12.81 -20.84 1.01
C PRO A 49 -14.02 -20.09 0.44
N LEU A 50 -14.64 -20.67 -0.56
CA LEU A 50 -15.75 -20.03 -1.24
C LEU A 50 -16.89 -19.58 -0.29
N LEU A 51 -17.21 -20.35 0.73
CA LEU A 51 -18.31 -19.92 1.59
C LEU A 51 -18.01 -18.54 2.18
N LEU A 52 -16.81 -18.33 2.64
CA LEU A 52 -16.45 -17.03 3.21
C LEU A 52 -16.61 -15.96 2.13
N VAL A 53 -16.17 -16.30 0.94
CA VAL A 53 -16.27 -15.42 -0.21
C VAL A 53 -17.72 -15.06 -0.50
N ARG A 54 -18.61 -15.98 -0.21
CA ARG A 54 -20.02 -15.75 -0.48
C ARG A 54 -20.48 -14.44 0.15
N LEU A 55 -20.03 -14.16 1.34
CA LEU A 55 -20.42 -12.90 1.98
C LEU A 55 -19.93 -11.73 1.10
N LEU A 56 -18.70 -11.87 0.66
CA LEU A 56 -18.03 -10.90 -0.23
C LEU A 56 -18.64 -10.83 -1.64
N ARG A 57 -19.12 -11.96 -2.09
CA ARG A 57 -19.63 -12.10 -3.48
C ARG A 57 -20.74 -11.11 -3.88
N PRO A 58 -21.76 -10.85 -3.08
CA PRO A 58 -22.81 -9.87 -3.47
C PRO A 58 -22.21 -8.47 -3.70
N HIS A 59 -21.30 -8.10 -2.85
CA HIS A 59 -20.64 -6.80 -2.96
C HIS A 59 -21.67 -5.66 -3.00
N ARG A 60 -21.23 -4.48 -2.69
CA ARG A 60 -22.11 -3.32 -2.68
C ARG A 60 -21.29 -2.03 -2.63
N ALA A 61 -21.48 -1.19 -3.61
CA ALA A 61 -20.74 0.07 -3.66
C ALA A 61 -21.41 1.13 -2.78
N LEU A 62 -22.45 0.73 -2.10
CA LEU A 62 -23.16 1.64 -1.22
C LEU A 62 -22.32 1.96 0.01
N ALA A 63 -21.63 0.96 0.51
CA ALA A 63 -20.78 1.13 1.67
C ALA A 63 -21.52 1.90 2.77
N GLY B 1 -2.41 23.88 -15.61
CA GLY B 1 -3.01 23.37 -14.34
C GLY B 1 -4.47 22.99 -14.59
N ALA B 2 -4.68 21.74 -14.93
CA ALA B 2 -6.03 21.26 -15.19
C ALA B 2 -6.01 19.75 -15.42
N LYS B 3 -6.06 19.34 -16.66
CA LYS B 3 -6.03 17.93 -16.99
C LYS B 3 -4.61 17.38 -16.90
N ASN B 4 -3.64 18.20 -17.24
CA ASN B 4 -2.25 17.77 -17.16
C ASN B 4 -2.01 17.06 -15.84
N VAL B 5 -2.70 17.50 -14.82
CA VAL B 5 -2.59 16.89 -13.50
C VAL B 5 -3.13 15.47 -13.58
N ILE B 6 -4.33 15.34 -14.05
CA ILE B 6 -4.98 14.05 -14.20
C ILE B 6 -4.14 13.14 -15.10
N VAL B 7 -3.55 13.72 -16.10
CA VAL B 7 -2.70 12.98 -17.03
C VAL B 7 -1.54 12.32 -16.30
N LEU B 8 -0.97 13.03 -15.36
CA LEU B 8 0.16 12.49 -14.60
C LEU B 8 -0.27 11.19 -13.92
N ASN B 9 -1.47 11.15 -13.42
CA ASN B 9 -1.98 9.94 -12.77
C ASN B 9 -1.98 8.79 -13.78
N ALA B 10 -2.34 9.11 -14.99
CA ALA B 10 -2.40 8.09 -16.04
C ALA B 10 -1.05 7.42 -16.19
N ALA B 11 -0.02 8.20 -16.15
CA ALA B 11 1.34 7.67 -16.29
C ALA B 11 1.63 6.63 -15.21
N SER B 12 1.17 6.88 -14.02
CA SER B 12 1.40 5.93 -12.93
C SER B 12 0.77 4.57 -13.28
N ALA B 13 -0.42 4.60 -13.82
CA ALA B 13 -1.13 3.38 -14.18
C ALA B 13 -0.33 2.55 -15.19
N ALA B 14 0.29 3.21 -16.12
CA ALA B 14 1.11 2.51 -17.11
C ALA B 14 2.25 1.80 -16.39
N GLY B 15 2.80 2.47 -15.42
CA GLY B 15 3.92 1.94 -14.66
C GLY B 15 3.59 0.61 -13.98
N ASN B 16 2.41 0.49 -13.41
CA ASN B 16 2.04 -0.75 -12.73
C ASN B 16 2.06 -1.93 -13.70
N HIS B 17 1.57 -1.71 -14.89
CA HIS B 17 1.54 -2.77 -15.91
C HIS B 17 0.80 -4.00 -15.38
N GLY B 18 0.61 -4.98 -16.24
CA GLY B 18 -0.11 -6.21 -15.89
C GLY B 18 0.74 -7.46 -16.14
N PHE B 19 1.88 -7.31 -16.75
CA PHE B 19 2.75 -8.45 -17.03
C PHE B 19 3.41 -8.96 -15.73
N PHE B 20 4.59 -8.49 -15.48
CA PHE B 20 5.33 -8.91 -14.29
C PHE B 20 4.55 -8.56 -13.03
N TRP B 21 3.99 -7.38 -12.99
CA TRP B 21 3.23 -6.94 -11.83
C TRP B 21 2.05 -7.86 -11.56
N GLY B 22 1.38 -8.29 -12.60
CA GLY B 22 0.23 -9.17 -12.46
C GLY B 22 0.62 -10.48 -11.78
N LEU B 23 1.76 -10.99 -12.14
CA LEU B 23 2.24 -12.24 -11.57
C LEU B 23 2.44 -12.12 -10.06
N LEU B 24 2.97 -11.02 -9.62
CA LEU B 24 3.25 -10.82 -8.20
C LEU B 24 1.99 -10.89 -7.35
N VAL B 25 0.93 -10.25 -7.77
CA VAL B 25 -0.30 -10.26 -6.97
C VAL B 25 -0.89 -11.68 -6.86
N VAL B 26 -0.90 -12.41 -7.93
CA VAL B 26 -1.44 -13.77 -7.91
C VAL B 26 -0.60 -14.67 -7.01
N THR B 27 0.70 -14.54 -7.12
CA THR B 27 1.61 -15.35 -6.34
C THR B 27 1.47 -15.10 -4.85
N LEU B 28 1.35 -13.86 -4.48
CA LEU B 28 1.22 -13.54 -3.06
C LEU B 28 -0.02 -14.19 -2.49
N ALA B 29 -1.10 -14.13 -3.21
CA ALA B 29 -2.34 -14.74 -2.75
C ALA B 29 -2.20 -16.26 -2.62
N TRP B 30 -1.55 -16.86 -3.57
CA TRP B 30 -1.35 -18.32 -3.57
C TRP B 30 -0.51 -18.79 -2.39
N HIS B 31 0.53 -18.05 -2.09
CA HIS B 31 1.45 -18.45 -1.02
C HIS B 31 0.75 -18.58 0.32
N VAL B 32 -0.13 -17.68 0.63
CA VAL B 32 -0.81 -17.74 1.91
C VAL B 32 -1.79 -18.91 2.01
N LYS B 33 -1.87 -19.71 0.97
CA LYS B 33 -2.77 -20.86 1.01
C LYS B 33 -2.54 -21.68 2.27
N GLY B 34 -1.36 -22.23 2.38
CA GLY B 34 -1.01 -23.05 3.55
C GLY B 34 -1.16 -22.25 4.83
N ARG B 35 -0.79 -21.01 4.79
CA ARG B 35 -0.89 -20.13 5.95
C ARG B 35 -2.33 -20.00 6.40
N LEU B 36 -3.21 -20.00 5.45
CA LEU B 36 -4.64 -19.82 5.71
C LEU B 36 -5.27 -20.90 6.61
N VAL B 37 -4.92 -22.15 6.42
CA VAL B 37 -5.55 -23.21 7.22
C VAL B 37 -5.27 -23.11 8.75
N PRO B 38 -4.03 -22.93 9.19
CA PRO B 38 -3.72 -22.78 10.65
C PRO B 38 -4.34 -21.51 11.24
N GLY B 39 -4.33 -20.48 10.45
CA GLY B 39 -4.89 -19.20 10.86
C GLY B 39 -6.37 -19.35 11.18
N ALA B 40 -7.05 -20.09 10.35
CA ALA B 40 -8.49 -20.29 10.50
C ALA B 40 -8.84 -20.94 11.83
N THR B 41 -8.06 -21.89 12.27
CA THR B 41 -8.34 -22.58 13.54
C THR B 41 -7.78 -21.83 14.74
N TYR B 42 -8.66 -21.23 15.51
CA TYR B 42 -8.26 -20.48 16.70
C TYR B 42 -9.50 -19.99 17.46
N LEU B 43 -9.72 -20.52 18.62
CA LEU B 43 -10.87 -20.14 19.43
C LEU B 43 -10.54 -18.88 20.22
N SER B 44 -11.40 -18.54 21.12
CA SER B 44 -11.22 -17.36 21.96
C SER B 44 -11.51 -16.08 21.17
N LEU B 45 -11.25 -14.96 21.81
CA LEU B 45 -11.49 -13.66 21.17
C LEU B 45 -12.99 -13.50 20.90
N GLY B 46 -13.78 -13.84 21.88
CA GLY B 46 -15.24 -13.74 21.77
C GLY B 46 -15.77 -12.49 22.47
N VAL B 47 -15.16 -12.15 23.58
CA VAL B 47 -15.56 -10.98 24.35
C VAL B 47 -14.37 -10.46 25.16
N TRP B 48 -13.48 -9.73 24.53
CA TRP B 48 -12.34 -9.16 25.21
C TRP B 48 -11.65 -8.15 24.27
N PRO B 49 -11.29 -8.53 23.06
CA PRO B 49 -10.63 -7.61 22.11
C PRO B 49 -11.64 -6.73 21.37
N LEU B 50 -12.79 -7.29 21.11
CA LEU B 50 -13.85 -6.61 20.40
C LEU B 50 -14.26 -5.30 21.08
N LEU B 51 -14.26 -5.26 22.38
CA LEU B 51 -14.68 -4.03 23.04
C LEU B 51 -13.83 -2.87 22.55
N LEU B 52 -12.53 -3.07 22.46
CA LEU B 52 -11.66 -2.01 21.96
C LEU B 52 -12.10 -1.65 20.54
N VAL B 53 -12.42 -2.66 19.78
CA VAL B 53 -12.91 -2.50 18.41
C VAL B 53 -14.20 -1.68 18.38
N ARG B 54 -14.95 -1.78 19.44
CA ARG B 54 -16.23 -1.08 19.52
C ARG B 54 -16.05 0.40 19.24
N LEU B 55 -14.99 0.99 19.72
CA LEU B 55 -14.77 2.42 19.48
C LEU B 55 -14.71 2.67 17.97
N LEU B 56 -14.00 1.81 17.29
CA LEU B 56 -13.84 1.82 15.82
C LEU B 56 -15.15 1.49 15.07
N ARG B 57 -15.93 0.64 15.69
CA ARG B 57 -17.17 0.10 15.07
C ARG B 57 -18.18 1.16 14.59
N PRO B 58 -18.50 2.21 15.30
CA PRO B 58 -19.47 3.23 14.80
C PRO B 58 -18.99 3.85 13.48
N HIS B 59 -17.71 4.12 13.41
CA HIS B 59 -17.12 4.72 12.22
C HIS B 59 -17.90 5.98 11.82
N ARG B 60 -17.36 6.72 10.89
CA ARG B 60 -17.99 7.95 10.43
C ARG B 60 -17.27 8.50 9.21
N ALA B 61 -17.51 9.75 8.91
CA ALA B 61 -16.86 10.39 7.76
C ALA B 61 -16.79 11.90 7.95
N LEU B 62 -16.89 12.33 9.18
CA LEU B 62 -16.83 13.75 9.48
C LEU B 62 -15.38 14.24 9.39
N ALA B 63 -14.48 13.47 9.93
CA ALA B 63 -13.06 13.81 9.92
C ALA B 63 -12.86 15.30 10.19
N GLY C 1 -6.79 14.63 -22.24
CA GLY C 1 -7.69 15.00 -23.36
C GLY C 1 -9.10 14.51 -23.05
N ALA C 2 -9.54 14.73 -21.84
CA ALA C 2 -10.87 14.31 -21.43
C ALA C 2 -11.00 12.78 -21.51
N LYS C 3 -11.58 12.21 -20.50
CA LYS C 3 -11.77 10.76 -20.46
C LYS C 3 -10.44 10.06 -20.71
N ASN C 4 -10.48 8.75 -20.73
CA ASN C 4 -9.27 7.96 -20.94
C ASN C 4 -8.44 7.97 -19.66
N VAL C 5 -8.24 9.14 -19.13
CA VAL C 5 -7.47 9.29 -17.89
C VAL C 5 -8.19 8.58 -16.76
N ILE C 6 -9.34 9.09 -16.41
CA ILE C 6 -10.15 8.51 -15.34
C ILE C 6 -10.48 7.06 -15.68
N VAL C 7 -10.72 6.81 -16.94
CA VAL C 7 -11.06 5.47 -17.40
C VAL C 7 -9.92 4.50 -17.07
N LEU C 8 -8.71 4.96 -17.25
CA LEU C 8 -7.55 4.12 -16.97
C LEU C 8 -7.55 3.69 -15.50
N ASN C 9 -7.91 4.60 -14.62
CA ASN C 9 -7.97 4.27 -13.20
C ASN C 9 -8.97 3.14 -12.98
N ALA C 10 -10.07 3.22 -13.66
CA ALA C 10 -11.12 2.21 -13.53
C ALA C 10 -10.57 0.84 -13.89
N ALA C 11 -9.76 0.79 -14.92
CA ALA C 11 -9.17 -0.47 -15.34
C ALA C 11 -8.36 -1.08 -14.21
N SER C 12 -7.65 -0.26 -13.48
CA SER C 12 -6.86 -0.76 -12.36
C SER C 12 -7.77 -1.44 -11.33
N ALA C 13 -8.90 -0.84 -11.07
CA ALA C 13 -9.85 -1.37 -10.11
C ALA C 13 -10.30 -2.77 -10.52
N ALA C 14 -10.51 -2.95 -11.80
CA ALA C 14 -10.93 -4.25 -12.31
C ALA C 14 -9.85 -5.28 -11.98
N GLY C 15 -8.63 -4.88 -12.15
CA GLY C 15 -7.49 -5.77 -11.89
C GLY C 15 -7.48 -6.25 -10.43
N ASN C 16 -7.77 -5.36 -9.53
CA ASN C 16 -7.79 -5.72 -8.11
C ASN C 16 -8.84 -6.80 -7.83
N HIS C 17 -9.98 -6.66 -8.44
CA HIS C 17 -11.06 -7.62 -8.25
C HIS C 17 -10.59 -9.03 -8.60
N GLY C 18 -10.55 -9.89 -7.60
CA GLY C 18 -10.11 -11.26 -7.82
C GLY C 18 -10.55 -12.18 -6.69
N PHE C 19 -10.52 -13.45 -6.96
CA PHE C 19 -10.91 -14.46 -5.96
C PHE C 19 -9.78 -14.72 -4.97
N PHE C 20 -8.67 -15.21 -5.45
CA PHE C 20 -7.52 -15.53 -4.59
C PHE C 20 -7.05 -14.29 -3.83
N TRP C 21 -7.02 -13.17 -4.50
CA TRP C 21 -6.57 -11.93 -3.89
C TRP C 21 -7.40 -11.56 -2.67
N GLY C 22 -8.69 -11.74 -2.75
CA GLY C 22 -9.59 -11.41 -1.65
C GLY C 22 -9.28 -12.21 -0.38
N LEU C 23 -8.98 -13.47 -0.57
CA LEU C 23 -8.70 -14.35 0.56
C LEU C 23 -7.52 -13.88 1.39
N LEU C 24 -6.50 -13.40 0.73
CA LEU C 24 -5.30 -12.96 1.43
C LEU C 24 -5.56 -11.84 2.43
N VAL C 25 -6.36 -10.87 2.07
CA VAL C 25 -6.63 -9.76 2.97
C VAL C 25 -7.36 -10.19 4.24
N VAL C 26 -8.36 -11.02 4.11
CA VAL C 26 -9.10 -11.48 5.27
C VAL C 26 -8.24 -12.34 6.18
N THR C 27 -7.48 -13.21 5.56
CA THR C 27 -6.60 -14.13 6.29
C THR C 27 -5.55 -13.38 7.08
N LEU C 28 -4.97 -12.40 6.48
CA LEU C 28 -3.93 -11.64 7.12
C LEU C 28 -4.43 -10.92 8.36
N ALA C 29 -5.60 -10.35 8.27
CA ALA C 29 -6.13 -9.58 9.40
C ALA C 29 -6.38 -10.43 10.65
N TRP C 30 -7.04 -11.55 10.52
CA TRP C 30 -7.29 -12.40 11.69
C TRP C 30 -6.02 -13.01 12.25
N HIS C 31 -5.12 -13.39 11.38
CA HIS C 31 -3.87 -14.05 11.79
C HIS C 31 -3.04 -13.19 12.75
N VAL C 32 -2.96 -11.92 12.50
CA VAL C 32 -2.15 -11.06 13.37
C VAL C 32 -2.70 -11.08 14.80
N LYS C 33 -3.77 -11.78 15.03
CA LYS C 33 -4.36 -11.84 16.38
C LYS C 33 -3.26 -12.01 17.43
N GLY C 34 -2.46 -13.04 17.29
CA GLY C 34 -1.38 -13.31 18.24
C GLY C 34 -0.42 -12.12 18.33
N ARG C 35 -0.15 -11.50 17.21
CA ARG C 35 0.75 -10.35 17.18
C ARG C 35 0.23 -9.24 18.08
N LEU C 36 -1.06 -9.10 18.12
CA LEU C 36 -1.71 -8.04 18.91
C LEU C 36 -1.46 -8.10 20.43
N VAL C 37 -1.52 -9.26 21.05
CA VAL C 37 -1.36 -9.30 22.52
C VAL C 37 0.02 -8.82 23.00
N PRO C 38 1.10 -9.25 22.40
CA PRO C 38 2.47 -8.76 22.75
C PRO C 38 2.60 -7.25 22.54
N GLY C 39 1.93 -6.78 21.52
CA GLY C 39 1.94 -5.35 21.19
C GLY C 39 1.36 -4.51 22.32
N ALA C 40 0.34 -5.03 22.95
CA ALA C 40 -0.33 -4.30 24.03
C ALA C 40 0.64 -3.92 25.14
N THR C 41 1.54 -4.80 25.51
CA THR C 41 2.50 -4.50 26.58
C THR C 41 2.94 -3.04 26.52
N TYR C 42 2.56 -2.28 27.52
CA TYR C 42 2.92 -0.86 27.58
C TYR C 42 4.21 -0.66 28.36
N LEU C 43 4.12 -0.79 29.66
CA LEU C 43 5.28 -0.60 30.51
C LEU C 43 5.91 0.76 30.27
N SER C 44 5.77 1.64 31.21
CA SER C 44 6.34 2.98 31.08
C SER C 44 5.86 3.63 29.79
N LEU C 45 6.66 4.53 29.28
CA LEU C 45 6.34 5.26 28.05
C LEU C 45 5.20 6.23 28.31
N GLY C 46 5.29 6.96 29.38
CA GLY C 46 4.25 7.90 29.77
C GLY C 46 3.99 8.97 28.70
N VAL C 47 4.93 9.86 28.49
CA VAL C 47 4.76 10.95 27.53
C VAL C 47 5.99 11.14 26.65
N TRP C 48 7.05 10.43 26.94
CA TRP C 48 8.26 10.54 26.15
C TRP C 48 7.96 10.37 24.65
N PRO C 49 7.17 9.38 24.25
CA PRO C 49 6.85 9.18 22.81
C PRO C 49 5.78 10.15 22.31
N LEU C 50 4.75 10.31 23.09
CA LEU C 50 3.61 11.17 22.72
C LEU C 50 4.04 12.59 22.36
N LEU C 51 5.04 13.14 23.00
CA LEU C 51 5.42 14.51 22.68
C LEU C 51 5.76 14.61 21.19
N LEU C 52 6.48 13.65 20.69
CA LEU C 52 6.83 13.66 19.26
C LEU C 52 5.52 13.64 18.44
N VAL C 53 4.58 12.85 18.88
CA VAL C 53 3.29 12.74 18.22
C VAL C 53 2.57 14.08 18.18
N ARG C 54 2.80 14.89 19.18
CA ARG C 54 2.15 16.19 19.26
C ARG C 54 2.41 16.99 17.97
N LEU C 55 3.61 16.88 17.46
CA LEU C 55 3.96 17.61 16.24
C LEU C 55 2.98 17.21 15.12
N LEU C 56 2.69 15.94 15.05
CA LEU C 56 1.74 15.35 14.09
C LEU C 56 0.28 15.81 14.37
N ARG C 57 -0.01 15.99 15.63
CA ARG C 57 -1.37 16.29 16.12
C ARG C 57 -2.06 17.53 15.48
N PRO C 58 -1.42 18.66 15.29
CA PRO C 58 -2.08 19.84 14.66
C PRO C 58 -2.59 19.52 13.26
N HIS C 59 -1.82 18.76 12.53
CA HIS C 59 -2.21 18.37 11.18
C HIS C 59 -2.55 19.60 10.33
N ARG C 60 -2.69 19.40 9.05
CA ARG C 60 -3.01 20.50 8.15
C ARG C 60 -3.30 19.96 6.75
N ALA C 61 -3.47 20.85 5.81
CA ALA C 61 -3.76 20.45 4.42
C ALA C 61 -3.33 21.54 3.44
N LEU C 62 -2.67 22.55 3.95
CA LEU C 62 -2.20 23.64 3.10
C LEU C 62 -0.89 23.26 2.43
N ALA C 63 -0.63 21.98 2.36
CA ALA C 63 0.60 21.48 1.75
C ALA C 63 0.74 22.01 0.32
N GLY D 1 -19.69 7.83 -19.91
CA GLY D 1 -18.43 8.63 -19.85
C GLY D 1 -18.23 9.15 -18.43
N ALA D 2 -19.00 10.13 -18.07
CA ALA D 2 -18.89 10.71 -16.73
C ALA D 2 -18.92 9.62 -15.66
N LYS D 3 -19.91 8.78 -15.73
CA LYS D 3 -20.05 7.69 -14.77
C LYS D 3 -19.30 6.45 -15.25
N ASN D 4 -19.35 5.40 -14.47
CA ASN D 4 -18.67 4.15 -14.80
C ASN D 4 -17.17 4.32 -14.61
N VAL D 5 -16.82 5.14 -13.65
CA VAL D 5 -15.43 5.40 -13.30
C VAL D 5 -15.37 5.66 -11.81
N ILE D 6 -15.88 6.79 -11.41
CA ILE D 6 -15.91 7.17 -10.02
C ILE D 6 -16.68 6.10 -9.22
N VAL D 7 -17.71 5.57 -9.83
CA VAL D 7 -18.50 4.53 -9.16
C VAL D 7 -17.62 3.31 -8.85
N LEU D 8 -16.78 2.97 -9.77
CA LEU D 8 -15.90 1.81 -9.57
C LEU D 8 -15.00 2.03 -8.36
N ASN D 9 -14.50 3.23 -8.18
CA ASN D 9 -13.65 3.53 -7.04
C ASN D 9 -14.42 3.28 -5.74
N ALA D 10 -15.65 3.71 -5.72
CA ALA D 10 -16.48 3.55 -4.54
C ALA D 10 -16.58 2.08 -4.16
N ALA D 11 -16.70 1.23 -5.13
CA ALA D 11 -16.80 -0.20 -4.86
C ALA D 11 -15.58 -0.67 -4.08
N SER D 12 -14.43 -0.17 -4.43
CA SER D 12 -13.21 -0.56 -3.71
C SER D 12 -13.32 -0.17 -2.25
N ALA D 13 -13.83 1.01 -2.01
CA ALA D 13 -13.98 1.53 -0.65
C ALA D 13 -14.87 0.61 0.18
N ALA D 14 -15.90 0.09 -0.44
CA ALA D 14 -16.79 -0.83 0.25
C ALA D 14 -16.02 -2.05 0.71
N GLY D 15 -15.14 -2.51 -0.15
CA GLY D 15 -14.34 -3.69 0.15
C GLY D 15 -13.47 -3.47 1.40
N ASN D 16 -12.90 -2.30 1.51
CA ASN D 16 -12.06 -1.99 2.67
C ASN D 16 -12.87 -2.08 3.96
N HIS D 17 -14.07 -1.58 3.92
CA HIS D 17 -14.95 -1.60 5.09
C HIS D 17 -15.13 -3.02 5.61
N GLY D 18 -14.59 -3.28 6.76
CA GLY D 18 -14.70 -4.62 7.35
C GLY D 18 -14.34 -4.59 8.84
N PHE D 19 -14.75 -5.62 9.53
CA PHE D 19 -14.47 -5.73 10.97
C PHE D 19 -13.02 -6.22 11.22
N PHE D 20 -12.67 -7.35 10.67
CA PHE D 20 -11.33 -7.91 10.84
C PHE D 20 -10.27 -6.95 10.33
N TRP D 21 -10.55 -6.30 9.24
CA TRP D 21 -9.59 -5.36 8.65
C TRP D 21 -9.24 -4.25 9.63
N GLY D 22 -10.21 -3.78 10.35
CA GLY D 22 -9.98 -2.71 11.33
C GLY D 22 -8.98 -3.14 12.38
N LEU D 23 -9.07 -4.37 12.80
CA LEU D 23 -8.17 -4.90 13.82
C LEU D 23 -6.71 -4.86 13.34
N LEU D 24 -6.48 -5.13 12.09
CA LEU D 24 -5.12 -5.20 11.56
C LEU D 24 -4.36 -3.87 11.73
N VAL D 25 -4.98 -2.76 11.42
CA VAL D 25 -4.28 -1.49 11.56
C VAL D 25 -3.88 -1.23 13.01
N VAL D 26 -4.75 -1.53 13.93
CA VAL D 26 -4.45 -1.32 15.34
C VAL D 26 -3.27 -2.18 15.80
N THR D 27 -3.24 -3.40 15.35
CA THR D 27 -2.18 -4.32 15.75
C THR D 27 -0.80 -3.85 15.31
N LEU D 28 -0.68 -3.41 14.10
CA LEU D 28 0.61 -2.95 13.60
C LEU D 28 1.08 -1.74 14.42
N ALA D 29 0.19 -0.84 14.70
CA ALA D 29 0.54 0.36 15.45
C ALA D 29 1.02 0.03 16.87
N TRP D 30 0.35 -0.85 17.54
CA TRP D 30 0.71 -1.21 18.90
C TRP D 30 2.08 -1.91 18.97
N HIS D 31 2.33 -2.80 18.04
CA HIS D 31 3.57 -3.57 18.03
C HIS D 31 4.81 -2.71 17.89
N VAL D 32 4.74 -1.72 17.05
CA VAL D 32 5.90 -0.87 16.82
C VAL D 32 6.30 -0.09 18.07
N LYS D 33 5.50 -0.12 19.10
CA LYS D 33 5.84 0.60 20.32
C LYS D 33 7.30 0.34 20.70
N GLY D 34 7.59 -0.90 20.98
CA GLY D 34 8.94 -1.30 21.34
C GLY D 34 9.93 -0.98 20.24
N ARG D 35 9.52 -1.15 19.01
CA ARG D 35 10.39 -0.89 17.87
C ARG D 35 10.84 0.57 17.84
N LEU D 36 9.95 1.44 18.20
CA LEU D 36 10.21 2.89 18.15
C LEU D 36 11.38 3.36 19.05
N VAL D 37 11.50 2.83 20.24
CA VAL D 37 12.56 3.30 21.16
C VAL D 37 14.01 3.06 20.65
N PRO D 38 14.37 1.89 20.15
CA PRO D 38 15.76 1.63 19.61
C PRO D 38 16.09 2.51 18.41
N GLY D 39 15.09 2.76 17.60
CA GLY D 39 15.27 3.58 16.42
C GLY D 39 15.73 4.98 16.82
N ALA D 40 15.12 5.52 17.84
CA ALA D 40 15.47 6.85 18.31
C ALA D 40 16.93 6.91 18.73
N THR D 41 17.37 5.88 19.39
CA THR D 41 18.74 5.82 19.89
C THR D 41 19.69 5.28 18.81
N TYR D 42 20.58 6.12 18.35
CA TYR D 42 21.56 5.75 17.34
C TYR D 42 22.58 6.87 17.15
N LEU D 43 23.74 6.70 17.73
CA LEU D 43 24.79 7.70 17.64
C LEU D 43 25.52 7.63 16.31
N SER D 44 24.80 7.79 15.24
CA SER D 44 25.39 7.75 13.91
C SER D 44 24.44 8.35 12.87
N LEU D 45 24.97 8.68 11.73
CA LEU D 45 24.14 9.28 10.68
C LEU D 45 23.44 10.53 11.21
N GLY D 46 24.19 11.41 11.80
CA GLY D 46 23.65 12.64 12.38
C GLY D 46 23.08 13.60 11.34
N VAL D 47 23.91 14.07 10.44
CA VAL D 47 23.48 15.04 9.41
C VAL D 47 23.45 14.43 8.02
N TRP D 48 24.09 13.30 7.86
CA TRP D 48 24.14 12.65 6.55
C TRP D 48 22.72 12.34 6.01
N PRO D 49 21.78 11.91 6.83
CA PRO D 49 20.40 11.61 6.33
C PRO D 49 19.82 12.76 5.52
N LEU D 50 19.90 13.94 6.07
CA LEU D 50 19.32 15.13 5.44
C LEU D 50 19.81 15.35 4.00
N LEU D 51 21.04 15.05 3.70
CA LEU D 51 21.50 15.29 2.34
C LEU D 51 20.58 14.54 1.35
N LEU D 52 20.26 13.31 1.68
CA LEU D 52 19.37 12.55 0.80
C LEU D 52 18.03 13.27 0.68
N VAL D 53 17.57 13.81 1.78
CA VAL D 53 16.31 14.54 1.83
C VAL D 53 16.33 15.73 0.87
N ARG D 54 17.49 16.31 0.68
CA ARG D 54 17.60 17.47 -0.20
C ARG D 54 17.00 17.14 -1.57
N LEU D 55 17.24 15.97 -2.06
CA LEU D 55 16.70 15.61 -3.36
C LEU D 55 15.16 15.71 -3.32
N LEU D 56 14.61 15.22 -2.24
CA LEU D 56 13.16 15.23 -1.94
C LEU D 56 12.55 16.64 -1.71
N ARG D 57 13.36 17.53 -1.19
CA ARG D 57 12.88 18.87 -0.76
C ARG D 57 12.12 19.68 -1.84
N PRO D 58 12.51 19.69 -3.08
CA PRO D 58 11.78 20.48 -4.13
C PRO D 58 10.33 20.01 -4.26
N HIS D 59 10.14 18.73 -4.19
CA HIS D 59 8.79 18.15 -4.28
C HIS D 59 8.05 18.70 -5.49
N ARG D 60 8.69 18.69 -6.63
CA ARG D 60 8.07 19.20 -7.85
C ARG D 60 6.68 18.61 -8.02
N ALA D 61 5.99 19.00 -9.07
CA ALA D 61 4.65 18.50 -9.33
C ALA D 61 4.36 18.50 -10.83
N LEU D 62 5.29 19.00 -11.61
CA LEU D 62 5.14 19.05 -13.06
C LEU D 62 5.69 17.77 -13.68
N ALA D 63 5.60 16.69 -12.96
CA ALA D 63 6.10 15.40 -13.45
C ALA D 63 5.33 14.95 -14.68
N GLY E 1 -26.20 10.51 -6.75
CA GLY E 1 -25.44 9.34 -7.29
C GLY E 1 -23.97 9.71 -7.43
N ALA E 2 -23.72 10.95 -7.76
CA ALA E 2 -22.35 11.42 -7.93
C ALA E 2 -21.71 11.72 -6.58
N LYS E 3 -22.51 12.17 -5.66
CA LYS E 3 -22.02 12.51 -4.32
C LYS E 3 -21.76 11.24 -3.50
N ASN E 4 -22.70 10.33 -3.52
CA ASN E 4 -22.54 9.09 -2.77
C ASN E 4 -21.51 8.18 -3.44
N VAL E 5 -20.35 8.72 -3.68
CA VAL E 5 -19.25 7.99 -4.30
C VAL E 5 -17.94 8.52 -3.69
N ILE E 6 -17.61 9.73 -4.02
CA ILE E 6 -16.44 10.38 -3.47
C ILE E 6 -16.59 10.45 -1.96
N VAL E 7 -17.81 10.61 -1.54
CA VAL E 7 -18.15 10.68 -0.12
C VAL E 7 -17.67 9.42 0.59
N LEU E 8 -17.84 8.30 -0.04
CA LEU E 8 -17.40 7.04 0.55
C LEU E 8 -15.90 7.06 0.81
N ASN E 9 -15.16 7.61 -0.11
CA ASN E 9 -13.71 7.69 0.04
C ASN E 9 -13.36 8.52 1.28
N ALA E 10 -14.08 9.60 1.46
CA ALA E 10 -13.84 10.48 2.58
C ALA E 10 -13.97 9.70 3.88
N ALA E 11 -14.92 8.81 3.92
CA ALA E 11 -15.13 8.00 5.10
C ALA E 11 -13.87 7.21 5.45
N SER E 12 -13.19 6.71 4.45
CA SER E 12 -11.97 5.96 4.69
C SER E 12 -10.94 6.85 5.39
N ALA E 13 -10.84 8.07 4.95
CA ALA E 13 -9.89 9.02 5.54
C ALA E 13 -10.17 9.22 7.03
N ALA E 14 -11.43 9.25 7.37
CA ALA E 14 -11.81 9.41 8.77
C ALA E 14 -11.26 8.24 9.58
N GLY E 15 -11.32 7.08 9.01
CA GLY E 15 -10.83 5.87 9.68
C GLY E 15 -9.36 6.01 10.02
N ASN E 16 -8.61 6.56 9.10
CA ASN E 16 -7.17 6.75 9.31
C ASN E 16 -6.93 7.65 10.53
N HIS E 17 -7.72 8.67 10.65
CA HIS E 17 -7.60 9.62 11.76
C HIS E 17 -7.43 8.87 13.08
N GLY E 18 -6.20 8.57 13.42
CA GLY E 18 -5.91 7.86 14.66
C GLY E 18 -4.43 8.01 15.02
N PHE E 19 -4.16 8.72 16.09
CA PHE E 19 -2.80 8.96 16.52
C PHE E 19 -1.97 7.68 16.45
N PHE E 20 -2.56 6.57 16.78
CA PHE E 20 -1.83 5.31 16.74
C PHE E 20 -1.35 5.06 15.32
N TRP E 21 -2.21 5.29 14.36
CA TRP E 21 -1.86 5.06 12.96
C TRP E 21 -0.67 5.94 12.56
N GLY E 22 -0.69 7.17 13.00
CA GLY E 22 0.39 8.11 12.69
C GLY E 22 1.74 7.60 13.20
N LEU E 23 1.71 7.02 14.37
CA LEU E 23 2.93 6.50 14.99
C LEU E 23 3.60 5.44 14.12
N LEU E 24 2.81 4.61 13.49
CA LEU E 24 3.36 3.53 12.68
C LEU E 24 4.26 4.07 11.56
N VAL E 25 3.83 5.09 10.88
CA VAL E 25 4.63 5.64 9.79
C VAL E 25 5.99 6.16 10.26
N VAL E 26 5.99 6.87 11.36
CA VAL E 26 7.25 7.42 11.88
C VAL E 26 8.20 6.32 12.32
N THR E 27 7.68 5.33 12.99
CA THR E 27 8.51 4.23 13.48
C THR E 27 9.17 3.45 12.36
N LEU E 28 8.42 3.16 11.33
CA LEU E 28 8.96 2.39 10.22
C LEU E 28 10.13 3.12 9.60
N ALA E 29 9.99 4.41 9.43
CA ALA E 29 11.05 5.22 8.84
C ALA E 29 12.31 5.20 9.70
N TRP E 30 12.15 5.30 10.98
CA TRP E 30 13.28 5.33 11.90
C TRP E 30 14.07 4.00 11.91
N HIS E 31 13.35 2.90 11.90
CA HIS E 31 13.98 1.58 11.96
C HIS E 31 14.89 1.29 10.77
N VAL E 32 14.46 1.65 9.60
CA VAL E 32 15.24 1.37 8.39
C VAL E 32 16.59 2.08 8.38
N LYS E 33 16.81 2.99 9.29
CA LYS E 33 18.10 3.70 9.35
C LYS E 33 19.25 2.71 9.19
N GLY E 34 19.33 1.77 10.09
CA GLY E 34 20.39 0.76 10.05
C GLY E 34 20.35 -0.01 8.74
N ARG E 35 19.16 -0.26 8.25
CA ARG E 35 18.98 -1.01 7.00
C ARG E 35 19.69 -0.30 5.85
N LEU E 36 19.66 1.00 5.86
CA LEU E 36 20.24 1.81 4.80
C LEU E 36 21.77 1.66 4.60
N VAL E 37 22.56 1.63 5.65
CA VAL E 37 24.03 1.57 5.47
C VAL E 37 24.52 0.27 4.77
N PRO E 38 24.04 -0.88 5.17
CA PRO E 38 24.39 -2.18 4.52
C PRO E 38 24.00 -2.19 3.04
N GLY E 39 22.91 -1.55 2.77
CA GLY E 39 22.38 -1.45 1.40
C GLY E 39 23.38 -0.75 0.48
N ALA E 40 24.03 0.26 1.01
CA ALA E 40 24.97 1.05 0.23
C ALA E 40 26.08 0.20 -0.38
N THR E 41 26.58 -0.76 0.36
CA THR E 41 27.66 -1.62 -0.16
C THR E 41 27.36 -2.03 -1.60
N TYR E 42 28.16 -1.54 -2.51
CA TYR E 42 27.98 -1.84 -3.94
C TYR E 42 28.86 -3.01 -4.36
N LEU E 43 28.48 -4.19 -3.97
CA LEU E 43 29.24 -5.40 -4.33
C LEU E 43 28.77 -5.92 -5.68
N SER E 44 29.52 -5.61 -6.70
CA SER E 44 29.17 -6.05 -8.06
C SER E 44 27.81 -5.48 -8.47
N LEU E 45 27.68 -4.19 -8.40
CA LEU E 45 26.44 -3.50 -8.76
C LEU E 45 26.74 -2.20 -9.49
N GLY E 46 27.92 -2.09 -10.01
CA GLY E 46 28.33 -0.88 -10.71
C GLY E 46 27.31 -0.48 -11.77
N VAL E 47 27.21 -1.27 -12.81
CA VAL E 47 26.28 -0.95 -13.92
C VAL E 47 25.49 -2.17 -14.39
N TRP E 48 25.94 -3.34 -14.05
CA TRP E 48 25.24 -4.55 -14.50
C TRP E 48 23.75 -4.47 -14.14
N PRO E 49 23.39 -4.03 -12.95
CA PRO E 49 21.97 -3.91 -12.53
C PRO E 49 21.19 -2.92 -13.38
N LEU E 50 21.80 -1.81 -13.67
CA LEU E 50 21.15 -0.73 -14.42
C LEU E 50 20.59 -1.19 -15.77
N LEU E 51 21.20 -2.13 -16.42
CA LEU E 51 20.67 -2.56 -17.73
C LEU E 51 19.19 -2.93 -17.60
N LEU E 52 18.83 -3.53 -16.51
CA LEU E 52 17.43 -3.93 -16.29
C LEU E 52 16.51 -2.71 -16.48
N VAL E 53 16.99 -1.56 -16.11
CA VAL E 53 16.21 -0.32 -16.25
C VAL E 53 15.73 -0.12 -17.69
N ARG E 54 16.47 -0.64 -18.63
CA ARG E 54 16.12 -0.47 -20.04
C ARG E 54 14.68 -0.95 -20.28
N LEU E 55 14.30 -2.03 -19.66
CA LEU E 55 12.95 -2.55 -19.85
C LEU E 55 11.94 -1.47 -19.44
N LEU E 56 12.24 -0.84 -18.34
CA LEU E 56 11.45 0.26 -17.73
C LEU E 56 11.40 1.54 -18.60
N ARG E 57 12.44 1.72 -19.36
CA ARG E 57 12.65 2.95 -20.17
C ARG E 57 11.50 3.34 -21.12
N PRO E 58 10.81 2.43 -21.76
CA PRO E 58 9.73 2.79 -22.73
C PRO E 58 8.61 3.59 -22.07
N HIS E 59 8.27 3.19 -20.86
CA HIS E 59 7.20 3.85 -20.08
C HIS E 59 7.06 5.33 -20.43
N ARG E 60 5.83 5.76 -20.60
CA ARG E 60 5.55 7.15 -20.95
C ARG E 60 4.06 7.43 -20.84
N ALA E 61 3.35 6.53 -20.21
CA ALA E 61 1.90 6.67 -20.05
C ALA E 61 1.16 6.16 -21.29
N LEU E 62 1.56 5.01 -21.76
CA LEU E 62 0.93 4.42 -22.92
C LEU E 62 -0.52 4.04 -22.60
N ALA E 63 -0.68 3.23 -21.59
CA ALA E 63 -2.00 2.81 -21.17
C ALA E 63 -2.95 4.01 -21.10
N GLY F 1 -21.58 20.56 -1.83
CA GLY F 1 -20.83 19.37 -1.32
C GLY F 1 -20.24 18.59 -2.48
N ALA F 2 -18.96 18.77 -2.70
CA ALA F 2 -18.29 18.09 -3.80
C ALA F 2 -16.78 18.14 -3.61
N LYS F 3 -16.24 19.32 -3.57
CA LYS F 3 -14.81 19.51 -3.40
C LYS F 3 -14.40 19.22 -1.95
N ASN F 4 -15.19 19.70 -1.02
CA ASN F 4 -14.90 19.47 0.40
C ASN F 4 -14.47 18.03 0.62
N VAL F 5 -15.03 17.15 -0.16
CA VAL F 5 -14.69 15.73 -0.06
C VAL F 5 -13.25 15.51 -0.54
N ILE F 6 -12.97 16.02 -1.71
CA ILE F 6 -11.63 15.91 -2.28
C ILE F 6 -10.63 16.63 -1.37
N VAL F 7 -11.08 17.69 -0.78
CA VAL F 7 -10.23 18.48 0.12
C VAL F 7 -9.72 17.60 1.25
N LEU F 8 -10.57 16.75 1.76
CA LEU F 8 -10.17 15.86 2.84
C LEU F 8 -8.99 14.99 2.38
N ASN F 9 -9.05 14.53 1.16
CA ASN F 9 -7.97 13.71 0.61
C ASN F 9 -6.66 14.49 0.60
N ALA F 10 -6.76 15.74 0.23
CA ALA F 10 -5.59 16.61 0.14
C ALA F 10 -4.89 16.65 1.50
N ALA F 11 -5.65 16.71 2.55
CA ALA F 11 -5.08 16.76 3.88
C ALA F 11 -4.19 15.54 4.12
N SER F 12 -4.64 14.39 3.67
CA SER F 12 -3.86 13.18 3.83
C SER F 12 -2.51 13.33 3.14
N ALA F 13 -2.53 13.90 1.96
CA ALA F 13 -1.32 14.09 1.18
C ALA F 13 -0.31 14.94 1.94
N ALA F 14 -0.79 15.94 2.65
CA ALA F 14 0.09 16.79 3.43
C ALA F 14 0.83 15.95 4.47
N GLY F 15 0.11 15.05 5.07
CA GLY F 15 0.68 14.18 6.09
C GLY F 15 1.83 13.36 5.52
N ASN F 16 1.66 12.85 4.33
CA ASN F 16 2.70 12.06 3.68
C ASN F 16 3.96 12.91 3.47
N HIS F 17 3.76 14.13 3.06
CA HIS F 17 4.87 15.04 2.81
C HIS F 17 5.67 15.27 4.08
N GLY F 18 6.90 14.84 4.06
CA GLY F 18 7.77 14.99 5.22
C GLY F 18 9.19 14.54 4.91
N PHE F 19 10.09 14.81 5.82
CA PHE F 19 11.50 14.43 5.64
C PHE F 19 11.74 12.93 5.94
N PHE F 20 11.32 12.49 7.10
CA PHE F 20 11.51 11.10 7.50
C PHE F 20 10.85 10.14 6.50
N TRP F 21 9.68 10.48 6.04
CA TRP F 21 8.95 9.63 5.11
C TRP F 21 9.76 9.41 3.83
N GLY F 22 10.39 10.44 3.35
CA GLY F 22 11.20 10.35 2.14
C GLY F 22 12.33 9.33 2.30
N LEU F 23 12.92 9.32 3.45
CA LEU F 23 14.03 8.42 3.73
C LEU F 23 13.62 6.95 3.60
N LEU F 24 12.43 6.64 4.02
CA LEU F 24 11.95 5.25 3.99
C LEU F 24 11.95 4.64 2.58
N VAL F 25 11.48 5.36 1.60
CA VAL F 25 11.43 4.79 0.26
C VAL F 25 12.82 4.48 -0.32
N VAL F 26 13.75 5.38 -0.17
CA VAL F 26 15.09 5.17 -0.73
C VAL F 26 15.83 4.00 -0.09
N THR F 27 15.78 3.92 1.22
CA THR F 27 16.49 2.86 1.92
C THR F 27 15.95 1.47 1.58
N LEU F 28 14.65 1.35 1.51
CA LEU F 28 14.07 0.06 1.18
C LEU F 28 14.53 -0.40 -0.19
N ALA F 29 14.57 0.51 -1.12
CA ALA F 29 14.99 0.15 -2.47
C ALA F 29 16.43 -0.37 -2.48
N TRP F 30 17.30 0.27 -1.75
CA TRP F 30 18.70 -0.13 -1.70
C TRP F 30 18.89 -1.52 -1.08
N HIS F 31 18.15 -1.80 -0.04
CA HIS F 31 18.28 -3.07 0.67
C HIS F 31 17.97 -4.27 -0.24
N VAL F 32 16.97 -4.14 -1.04
CA VAL F 32 16.56 -5.23 -1.91
C VAL F 32 17.73 -5.80 -2.70
N LYS F 33 18.80 -5.04 -2.83
CA LYS F 33 19.98 -5.54 -3.56
C LYS F 33 20.19 -7.00 -3.21
N GLY F 34 20.44 -7.24 -1.96
CA GLY F 34 20.66 -8.59 -1.48
C GLY F 34 19.46 -9.49 -1.80
N ARG F 35 18.25 -8.96 -1.69
CA ARG F 35 17.07 -9.78 -1.98
C ARG F 35 17.06 -10.23 -3.43
N LEU F 36 17.51 -9.37 -4.29
CA LEU F 36 17.49 -9.63 -5.73
C LEU F 36 18.27 -10.90 -6.16
N VAL F 37 19.44 -11.14 -5.63
CA VAL F 37 20.23 -12.29 -6.09
C VAL F 37 19.55 -13.67 -5.85
N PRO F 38 18.99 -13.96 -4.69
CA PRO F 38 18.28 -15.27 -4.46
C PRO F 38 17.06 -15.39 -5.39
N GLY F 39 16.45 -14.28 -5.64
CA GLY F 39 15.28 -14.21 -6.50
C GLY F 39 15.61 -14.70 -7.91
N ALA F 40 16.80 -14.38 -8.37
CA ALA F 40 17.20 -14.77 -9.72
C ALA F 40 17.11 -16.29 -9.89
N THR F 41 17.52 -17.02 -8.89
CA THR F 41 17.48 -18.47 -8.95
C THR F 41 16.06 -18.97 -8.70
N TYR F 42 15.41 -19.39 -9.75
CA TYR F 42 14.02 -19.90 -9.65
C TYR F 42 13.75 -21.03 -10.65
N LEU F 43 14.21 -20.87 -11.87
CA LEU F 43 14.01 -21.88 -12.90
C LEU F 43 12.52 -22.10 -13.14
N SER F 44 12.18 -22.43 -14.36
CA SER F 44 10.78 -22.67 -14.73
C SER F 44 9.97 -21.38 -14.65
N LEU F 45 8.68 -21.51 -14.89
CA LEU F 45 7.77 -20.36 -14.88
C LEU F 45 8.15 -19.39 -15.99
N GLY F 46 8.52 -19.93 -17.12
CA GLY F 46 8.91 -19.14 -18.28
C GLY F 46 7.74 -18.98 -19.26
N VAL F 47 7.07 -20.07 -19.54
CA VAL F 47 5.93 -20.07 -20.44
C VAL F 47 4.86 -21.03 -19.92
N TRP F 48 4.14 -20.64 -18.89
CA TRP F 48 3.08 -21.47 -18.35
C TRP F 48 2.16 -20.60 -17.48
N PRO F 49 2.69 -19.79 -16.59
CA PRO F 49 1.86 -18.90 -15.72
C PRO F 49 1.12 -17.85 -16.56
N LEU F 50 1.74 -17.45 -17.64
CA LEU F 50 1.20 -16.43 -18.53
C LEU F 50 -0.20 -16.79 -19.05
N LEU F 51 -0.48 -18.04 -19.28
CA LEU F 51 -1.79 -18.38 -19.79
C LEU F 51 -2.87 -17.82 -18.85
N LEU F 52 -2.67 -17.96 -17.57
CA LEU F 52 -3.62 -17.42 -16.60
C LEU F 52 -3.71 -15.90 -16.79
N VAL F 53 -2.58 -15.29 -17.01
CA VAL F 53 -2.48 -13.85 -17.22
C VAL F 53 -3.33 -13.41 -18.41
N ARG F 54 -3.51 -14.27 -19.37
CA ARG F 54 -4.29 -13.93 -20.56
C ARG F 54 -5.65 -13.40 -20.14
N LEU F 55 -6.24 -13.98 -19.13
CA LEU F 55 -7.56 -13.51 -18.69
C LEU F 55 -7.46 -12.02 -18.31
N LEU F 56 -6.43 -11.69 -17.59
CA LEU F 56 -6.13 -10.32 -17.15
C LEU F 56 -5.75 -9.36 -18.30
N ARG F 57 -5.09 -9.93 -19.27
CA ARG F 57 -4.52 -9.15 -20.39
C ARG F 57 -5.54 -8.27 -21.16
N PRO F 58 -6.73 -8.71 -21.49
CA PRO F 58 -7.72 -7.83 -22.21
C PRO F 58 -8.06 -6.60 -21.37
N HIS F 59 -8.20 -6.79 -20.09
CA HIS F 59 -8.54 -5.69 -19.18
C HIS F 59 -9.82 -5.00 -19.64
N ARG F 60 -10.37 -4.18 -18.78
CA ARG F 60 -11.60 -3.47 -19.08
C ARG F 60 -11.93 -2.48 -17.96
N ALA F 61 -12.31 -1.29 -18.31
CA ALA F 61 -12.65 -0.28 -17.31
C ALA F 61 -14.03 -0.53 -16.73
N LEU F 62 -14.86 -1.21 -17.48
CA LEU F 62 -16.21 -1.52 -17.01
C LEU F 62 -16.15 -2.44 -15.80
N ALA F 63 -15.24 -3.38 -15.83
CA ALA F 63 -15.08 -4.31 -14.72
C ALA F 63 -16.39 -5.05 -14.47
N GLY A 1 -12.83 25.54 -3.95
CA GLY A 1 -11.41 25.11 -3.84
C GLY A 1 -11.15 23.95 -4.80
N ALA A 2 -11.23 24.23 -6.07
CA ALA A 2 -11.01 23.21 -7.08
C ALA A 2 -9.60 22.65 -6.99
N LYS A 3 -8.64 23.53 -6.90
CA LYS A 3 -7.24 23.13 -6.81
C LYS A 3 -6.82 22.97 -5.35
N ASN A 4 -5.55 22.74 -5.14
CA ASN A 4 -5.01 22.56 -3.80
C ASN A 4 -5.45 21.22 -3.22
N VAL A 5 -5.60 20.27 -4.10
CA VAL A 5 -6.00 18.92 -3.74
C VAL A 5 -5.33 17.96 -4.72
N ILE A 6 -5.83 17.96 -5.91
CA ILE A 6 -5.30 17.12 -6.95
C ILE A 6 -3.82 17.43 -7.15
N VAL A 7 -3.47 18.69 -7.03
CA VAL A 7 -2.07 19.10 -7.19
C VAL A 7 -1.19 18.40 -6.15
N LEU A 8 -1.68 18.32 -4.95
CA LEU A 8 -0.93 17.68 -3.88
C LEU A 8 -0.62 16.22 -4.25
N ASN A 9 -1.58 15.55 -4.81
CA ASN A 9 -1.39 14.16 -5.22
C ASN A 9 -0.27 14.07 -6.26
N ALA A 10 -0.28 15.02 -7.17
CA ALA A 10 0.71 15.02 -8.24
C ALA A 10 2.11 15.09 -7.63
N ALA A 11 2.25 15.90 -6.62
CA ALA A 11 3.54 16.04 -5.97
C ALA A 11 4.00 14.70 -5.42
N SER A 12 3.10 13.95 -4.85
CA SER A 12 3.45 12.64 -4.33
C SER A 12 3.97 11.77 -5.47
N ALA A 13 3.28 11.82 -6.57
CA ALA A 13 3.64 11.02 -7.75
C ALA A 13 5.06 11.35 -8.22
N ALA A 14 5.42 12.61 -8.18
CA ALA A 14 6.76 13.01 -8.58
C ALA A 14 7.79 12.31 -7.70
N GLY A 15 7.48 12.27 -6.42
CA GLY A 15 8.39 11.66 -5.46
C GLY A 15 8.63 10.18 -5.81
N ASN A 16 7.59 9.50 -6.18
CA ASN A 16 7.71 8.08 -6.55
C ASN A 16 8.63 7.93 -7.77
N HIS A 17 8.47 8.82 -8.72
CA HIS A 17 9.27 8.78 -9.94
C HIS A 17 10.75 8.71 -9.63
N GLY A 18 11.32 7.54 -9.77
CA GLY A 18 12.74 7.36 -9.51
C GLY A 18 13.18 5.94 -9.87
N PHE A 19 14.21 5.83 -10.66
CA PHE A 19 14.72 4.53 -11.09
C PHE A 19 14.78 3.57 -9.90
N PHE A 20 15.08 4.09 -8.74
CA PHE A 20 15.16 3.25 -7.56
C PHE A 20 13.81 2.59 -7.30
N TRP A 21 12.76 3.35 -7.41
CA TRP A 21 11.42 2.84 -7.17
C TRP A 21 11.08 1.71 -8.15
N GLY A 22 11.45 1.89 -9.38
CA GLY A 22 11.19 0.91 -10.41
C GLY A 22 11.83 -0.44 -10.07
N LEU A 23 13.00 -0.39 -9.52
CA LEU A 23 13.71 -1.61 -9.16
C LEU A 23 12.94 -2.43 -8.13
N LEU A 24 12.34 -1.77 -7.18
CA LEU A 24 11.61 -2.47 -6.11
C LEU A 24 10.43 -3.31 -6.61
N VAL A 25 9.62 -2.78 -7.49
CA VAL A 25 8.46 -3.55 -7.94
C VAL A 25 8.91 -4.83 -8.66
N VAL A 26 9.89 -4.70 -9.49
CA VAL A 26 10.41 -5.84 -10.21
C VAL A 26 11.00 -6.86 -9.25
N THR A 27 11.69 -6.37 -8.25
CA THR A 27 12.33 -7.23 -7.27
C THR A 27 11.31 -8.06 -6.50
N LEU A 28 10.24 -7.45 -6.08
CA LEU A 28 9.24 -8.16 -5.33
C LEU A 28 8.63 -9.28 -6.17
N ALA A 29 8.36 -8.99 -7.40
CA ALA A 29 7.77 -9.97 -8.30
C ALA A 29 8.67 -11.19 -8.50
N TRP A 30 9.94 -10.94 -8.70
CA TRP A 30 10.90 -12.02 -8.93
C TRP A 30 11.04 -12.93 -7.70
N HIS A 31 11.07 -12.34 -6.53
CA HIS A 31 11.26 -13.09 -5.29
C HIS A 31 10.15 -14.10 -5.04
N VAL A 32 8.94 -13.71 -5.30
CA VAL A 32 7.80 -14.58 -5.02
C VAL A 32 7.76 -15.82 -5.93
N LYS A 33 8.53 -15.84 -6.98
CA LYS A 33 8.52 -17.00 -7.88
C LYS A 33 8.59 -18.29 -7.06
N GLY A 34 9.61 -18.40 -6.25
CA GLY A 34 9.80 -19.58 -5.42
C GLY A 34 8.61 -19.80 -4.49
N ARG A 35 8.06 -18.72 -3.97
CA ARG A 35 6.91 -18.79 -3.06
C ARG A 35 5.71 -19.46 -3.73
N LEU A 36 5.55 -19.19 -5.00
CA LEU A 36 4.40 -19.71 -5.75
C LEU A 36 4.33 -21.25 -5.78
N VAL A 37 5.43 -21.94 -5.97
CA VAL A 37 5.40 -23.41 -6.08
C VAL A 37 4.89 -24.14 -4.82
N PRO A 38 5.33 -23.83 -3.62
CA PRO A 38 4.82 -24.49 -2.36
C PRO A 38 3.33 -24.24 -2.17
N GLY A 39 2.92 -23.07 -2.56
CA GLY A 39 1.52 -22.68 -2.46
C GLY A 39 0.64 -23.62 -3.27
N ALA A 40 1.13 -23.99 -4.42
CA ALA A 40 0.38 -24.89 -5.31
C ALA A 40 0.07 -26.22 -4.62
N THR A 41 1.03 -26.76 -3.91
CA THR A 41 0.84 -28.04 -3.22
C THR A 41 0.50 -27.83 -1.76
N TYR A 42 -0.74 -28.05 -1.41
CA TYR A 42 -1.20 -27.89 -0.03
C TYR A 42 -2.16 -29.03 0.32
N LEU A 43 -3.31 -28.70 0.83
CA LEU A 43 -4.31 -29.69 1.21
C LEU A 43 -5.48 -29.64 0.23
N SER A 44 -6.48 -30.45 0.48
CA SER A 44 -7.67 -30.51 -0.37
C SER A 44 -8.89 -29.95 0.37
N LEU A 45 -8.97 -28.64 0.43
CA LEU A 45 -10.09 -27.98 1.07
C LEU A 45 -11.36 -28.25 0.28
N GLY A 46 -11.55 -27.51 -0.79
CA GLY A 46 -12.72 -27.69 -1.65
C GLY A 46 -13.69 -26.52 -1.55
N VAL A 47 -14.16 -26.24 -0.36
CA VAL A 47 -15.12 -25.15 -0.18
C VAL A 47 -15.05 -24.51 1.21
N TRP A 48 -14.26 -25.07 2.09
CA TRP A 48 -14.17 -24.51 3.43
C TRP A 48 -13.92 -22.99 3.42
N PRO A 49 -13.01 -22.48 2.61
CA PRO A 49 -12.74 -21.02 2.58
C PRO A 49 -13.78 -20.25 1.75
N LEU A 50 -14.16 -20.84 0.64
CA LEU A 50 -15.09 -20.20 -0.28
C LEU A 50 -16.41 -19.80 0.39
N LEU A 51 -16.91 -20.58 1.32
CA LEU A 51 -18.19 -20.21 1.91
C LEU A 51 -18.11 -18.80 2.52
N LEU A 52 -17.04 -18.51 3.22
CA LEU A 52 -16.91 -17.17 3.80
C LEU A 52 -16.89 -16.15 2.66
N VAL A 53 -16.18 -16.49 1.62
CA VAL A 53 -16.06 -15.65 0.43
C VAL A 53 -17.42 -15.40 -0.20
N ARG A 54 -18.32 -16.35 -0.06
CA ARG A 54 -19.64 -16.22 -0.65
C ARG A 54 -20.29 -14.90 -0.20
N LEU A 55 -20.11 -14.57 1.06
CA LEU A 55 -20.70 -13.32 1.54
C LEU A 55 -20.12 -12.15 0.72
N LEU A 56 -18.83 -12.20 0.52
CA LEU A 56 -18.06 -11.23 -0.26
C LEU A 56 -18.39 -11.27 -1.78
N ARG A 57 -18.69 -12.44 -2.25
CA ARG A 57 -18.92 -12.68 -3.68
C ARG A 57 -19.99 -11.80 -4.35
N PRO A 58 -21.15 -11.55 -3.78
CA PRO A 58 -22.15 -10.65 -4.42
C PRO A 58 -21.59 -9.25 -4.63
N HIS A 59 -20.84 -8.78 -3.67
CA HIS A 59 -20.22 -7.45 -3.76
C HIS A 59 -21.27 -6.39 -4.09
N ARG A 60 -20.87 -5.15 -3.94
CA ARG A 60 -21.77 -4.03 -4.22
C ARG A 60 -20.99 -2.73 -4.21
N ALA A 61 -21.70 -1.62 -4.23
CA ALA A 61 -21.06 -0.31 -4.22
C ALA A 61 -21.97 0.72 -3.55
N LEU A 62 -23.05 0.25 -2.98
CA LEU A 62 -23.99 1.14 -2.30
C LEU A 62 -23.52 1.40 -0.87
N ALA A 63 -22.26 1.16 -0.64
CA ALA A 63 -21.69 1.37 0.69
C ALA A 63 -22.07 2.74 1.23
N GLY B 1 -5.21 24.64 -18.39
CA GLY B 1 -4.78 24.59 -16.95
C GLY B 1 -5.68 23.61 -16.19
N ALA B 2 -5.59 22.36 -16.55
CA ALA B 2 -6.40 21.34 -15.89
C ALA B 2 -5.89 19.94 -16.25
N LYS B 3 -5.99 19.61 -17.52
CA LYS B 3 -5.54 18.29 -17.98
C LYS B 3 -4.02 18.20 -17.91
N ASN B 4 -3.53 17.97 -16.72
CA ASN B 4 -2.09 17.83 -16.50
C ASN B 4 -1.86 17.10 -15.18
N VAL B 5 -2.50 17.58 -14.15
CA VAL B 5 -2.39 16.94 -12.84
C VAL B 5 -2.94 15.53 -12.93
N ILE B 6 -4.14 15.43 -13.43
CA ILE B 6 -4.81 14.15 -13.59
C ILE B 6 -3.97 13.25 -14.50
N VAL B 7 -3.35 13.84 -15.48
CA VAL B 7 -2.51 13.09 -16.41
C VAL B 7 -1.39 12.38 -15.66
N LEU B 8 -0.82 13.05 -14.70
CA LEU B 8 0.27 12.45 -13.92
C LEU B 8 -0.24 11.17 -13.25
N ASN B 9 -1.46 11.20 -12.79
CA ASN B 9 -2.05 10.02 -12.17
C ASN B 9 -2.09 8.89 -13.20
N ALA B 10 -2.39 9.25 -14.41
CA ALA B 10 -2.49 8.28 -15.49
C ALA B 10 -1.18 7.51 -15.60
N ALA B 11 -0.09 8.22 -15.49
CA ALA B 11 1.22 7.59 -15.58
C ALA B 11 1.37 6.50 -14.52
N SER B 12 0.87 6.75 -13.36
CA SER B 12 0.96 5.74 -12.30
C SER B 12 0.24 4.46 -12.73
N ALA B 13 -0.92 4.62 -13.33
CA ALA B 13 -1.71 3.47 -13.78
C ALA B 13 -0.93 2.62 -14.77
N ALA B 14 -0.23 3.26 -15.66
CA ALA B 14 0.57 2.54 -16.65
C ALA B 14 1.62 1.69 -15.93
N GLY B 15 2.20 2.28 -14.93
CA GLY B 15 3.25 1.63 -14.16
C GLY B 15 2.77 0.31 -13.54
N ASN B 16 1.56 0.30 -13.02
CA ASN B 16 1.04 -0.92 -12.40
C ASN B 16 0.98 -2.06 -13.41
N HIS B 17 0.56 -1.76 -14.60
CA HIS B 17 0.45 -2.77 -15.66
C HIS B 17 -0.11 -4.09 -15.11
N GLY B 18 0.26 -5.18 -15.75
CA GLY B 18 -0.22 -6.50 -15.32
C GLY B 18 0.81 -7.59 -15.58
N PHE B 19 1.93 -7.24 -16.14
CA PHE B 19 2.97 -8.21 -16.41
C PHE B 19 3.58 -8.73 -15.10
N PHE B 20 4.75 -8.27 -14.75
CA PHE B 20 5.39 -8.72 -13.52
C PHE B 20 4.53 -8.38 -12.30
N TRP B 21 3.97 -7.19 -12.30
CA TRP B 21 3.14 -6.75 -11.19
C TRP B 21 1.93 -7.65 -10.98
N GLY B 22 1.31 -8.05 -12.06
CA GLY B 22 0.13 -8.91 -11.97
C GLY B 22 0.49 -10.25 -11.31
N LEU B 23 1.62 -10.77 -11.65
CA LEU B 23 2.07 -12.05 -11.11
C LEU B 23 2.21 -11.98 -9.59
N LEU B 24 2.71 -10.89 -9.09
CA LEU B 24 2.93 -10.74 -7.67
C LEU B 24 1.63 -10.88 -6.87
N VAL B 25 0.57 -10.30 -7.34
CA VAL B 25 -0.69 -10.38 -6.61
C VAL B 25 -1.18 -11.82 -6.48
N VAL B 26 -1.10 -12.56 -7.56
CA VAL B 26 -1.54 -13.95 -7.53
C VAL B 26 -0.66 -14.80 -6.61
N THR B 27 0.62 -14.58 -6.70
CA THR B 27 1.57 -15.36 -5.90
C THR B 27 1.37 -15.14 -4.41
N LEU B 28 1.17 -13.91 -4.01
CA LEU B 28 1.00 -13.62 -2.60
C LEU B 28 -0.24 -14.33 -2.07
N ALA B 29 -1.29 -14.29 -2.83
CA ALA B 29 -2.53 -14.95 -2.42
C ALA B 29 -2.36 -16.47 -2.32
N TRP B 30 -1.69 -17.04 -3.28
CA TRP B 30 -1.47 -18.49 -3.29
C TRP B 30 -0.60 -18.95 -2.12
N HIS B 31 0.43 -18.21 -1.82
CA HIS B 31 1.36 -18.60 -0.76
C HIS B 31 0.67 -18.73 0.58
N VAL B 32 -0.20 -17.82 0.88
CA VAL B 32 -0.88 -17.88 2.18
C VAL B 32 -1.79 -19.09 2.29
N LYS B 33 -1.81 -19.93 1.29
CA LYS B 33 -2.64 -21.13 1.34
C LYS B 33 -2.38 -21.88 2.65
N GLY B 34 -1.18 -22.38 2.79
CA GLY B 34 -0.82 -23.12 3.99
C GLY B 34 -0.98 -22.25 5.23
N ARG B 35 -0.64 -20.99 5.09
CA ARG B 35 -0.77 -20.04 6.20
C ARG B 35 -2.22 -19.94 6.66
N LEU B 36 -3.10 -20.01 5.72
CA LEU B 36 -4.53 -19.87 5.98
C LEU B 36 -5.11 -20.91 6.95
N VAL B 37 -4.73 -22.15 6.83
CA VAL B 37 -5.32 -23.18 7.70
C VAL B 37 -5.04 -22.99 9.21
N PRO B 38 -3.82 -22.72 9.66
CA PRO B 38 -3.52 -22.46 11.10
C PRO B 38 -4.23 -21.21 11.62
N GLY B 39 -4.30 -20.23 10.76
CA GLY B 39 -4.96 -18.97 11.10
C GLY B 39 -6.42 -19.19 11.46
N ALA B 40 -7.05 -20.06 10.70
CA ALA B 40 -8.47 -20.34 10.90
C ALA B 40 -8.76 -20.89 12.31
N THR B 41 -7.91 -21.73 12.81
CA THR B 41 -8.11 -22.30 14.14
C THR B 41 -7.72 -21.32 15.24
N TYR B 42 -8.67 -20.98 16.09
CA TYR B 42 -8.44 -20.07 17.21
C TYR B 42 -9.73 -19.88 18.00
N LEU B 43 -9.70 -20.27 19.25
CA LEU B 43 -10.86 -20.13 20.12
C LEU B 43 -10.79 -18.78 20.83
N SER B 44 -11.81 -18.49 21.58
CA SER B 44 -11.88 -17.23 22.33
C SER B 44 -12.02 -16.03 21.39
N LEU B 45 -11.89 -14.87 21.95
CA LEU B 45 -12.02 -13.61 21.19
C LEU B 45 -13.46 -13.45 20.72
N GLY B 46 -14.38 -13.74 21.60
CA GLY B 46 -15.81 -13.63 21.31
C GLY B 46 -16.40 -12.35 21.88
N VAL B 47 -15.98 -11.99 23.07
CA VAL B 47 -16.45 -10.79 23.73
C VAL B 47 -15.34 -10.22 24.62
N TRP B 48 -14.38 -9.53 24.05
CA TRP B 48 -13.32 -8.91 24.82
C TRP B 48 -12.53 -7.96 23.90
N PRO B 49 -12.07 -8.41 22.74
CA PRO B 49 -11.31 -7.53 21.82
C PRO B 49 -12.26 -6.66 21.01
N LEU B 50 -13.38 -7.25 20.65
CA LEU B 50 -14.38 -6.57 19.85
C LEU B 50 -14.85 -5.26 20.50
N LEU B 51 -14.93 -5.21 21.80
CA LEU B 51 -15.40 -3.99 22.43
C LEU B 51 -14.52 -2.82 21.98
N LEU B 52 -13.23 -3.02 21.93
CA LEU B 52 -12.32 -1.97 21.47
C LEU B 52 -12.66 -1.62 20.01
N VAL B 53 -12.97 -2.64 19.25
CA VAL B 53 -13.35 -2.49 17.84
C VAL B 53 -14.57 -1.60 17.69
N ARG B 54 -15.42 -1.58 18.68
CA ARG B 54 -16.64 -0.79 18.59
C ARG B 54 -16.31 0.66 18.24
N LEU B 55 -15.26 1.20 18.80
CA LEU B 55 -14.92 2.58 18.48
C LEU B 55 -14.64 2.70 16.97
N LEU B 56 -13.88 1.77 16.47
CA LEU B 56 -13.50 1.66 15.05
C LEU B 56 -14.67 1.30 14.10
N ARG B 57 -15.58 0.52 14.63
CA ARG B 57 -16.71 -0.02 13.83
C ARG B 57 -17.59 1.06 13.13
N PRO B 58 -17.98 2.15 13.75
CA PRO B 58 -18.81 3.19 13.06
C PRO B 58 -18.11 3.73 11.82
N HIS B 59 -16.82 3.94 11.91
CA HIS B 59 -16.06 4.45 10.78
C HIS B 59 -16.76 5.65 10.14
N ARG B 60 -17.07 6.64 10.95
CA ARG B 60 -17.73 7.84 10.46
C ARG B 60 -17.00 8.40 9.25
N ALA B 61 -17.45 9.52 8.75
CA ALA B 61 -16.82 10.17 7.59
C ALA B 61 -16.85 11.68 7.73
N LEU B 62 -17.20 12.14 8.90
CA LEU B 62 -17.25 13.58 9.18
C LEU B 62 -15.87 14.09 9.59
N ALA B 63 -14.86 13.34 9.22
CA ALA B 63 -13.49 13.72 9.56
C ALA B 63 -13.22 15.17 9.20
N GLY C 1 -8.22 14.72 -23.88
CA GLY C 1 -8.72 13.36 -23.55
C GLY C 1 -9.31 13.35 -22.14
N ALA C 2 -10.53 13.80 -22.02
CA ALA C 2 -11.18 13.85 -20.73
C ALA C 2 -11.40 12.45 -20.17
N LYS C 3 -11.83 11.55 -21.03
CA LYS C 3 -12.07 10.16 -20.61
C LYS C 3 -10.88 9.28 -20.97
N ASN C 4 -9.69 9.82 -20.83
CA ASN C 4 -8.47 9.07 -21.12
C ASN C 4 -7.48 9.25 -19.97
N VAL C 5 -8.04 9.39 -18.80
CA VAL C 5 -7.24 9.58 -17.58
C VAL C 5 -7.91 8.81 -16.45
N ILE C 6 -9.07 9.27 -16.05
CA ILE C 6 -9.83 8.63 -15.01
C ILE C 6 -10.15 7.18 -15.42
N VAL C 7 -10.39 7.00 -16.69
CA VAL C 7 -10.69 5.66 -17.21
C VAL C 7 -9.53 4.71 -16.93
N LEU C 8 -8.33 5.19 -17.11
CA LEU C 8 -7.15 4.36 -16.88
C LEU C 8 -7.12 3.89 -15.41
N ASN C 9 -7.47 4.77 -14.52
CA ASN C 9 -7.50 4.41 -13.10
C ASN C 9 -8.51 3.28 -12.89
N ALA C 10 -9.61 3.40 -13.57
CA ALA C 10 -10.67 2.41 -13.45
C ALA C 10 -10.14 1.02 -13.81
N ALA C 11 -9.31 0.96 -14.81
CA ALA C 11 -8.74 -0.31 -15.23
C ALA C 11 -7.97 -0.97 -14.08
N SER C 12 -7.28 -0.19 -13.30
CA SER C 12 -6.53 -0.74 -12.18
C SER C 12 -7.48 -1.41 -11.21
N ALA C 13 -8.61 -0.79 -10.98
CA ALA C 13 -9.61 -1.35 -10.07
C ALA C 13 -10.05 -2.72 -10.53
N ALA C 14 -10.19 -2.88 -11.82
CA ALA C 14 -10.58 -4.17 -12.38
C ALA C 14 -9.53 -5.21 -12.01
N GLY C 15 -8.29 -4.82 -12.10
CA GLY C 15 -7.18 -5.71 -11.80
C GLY C 15 -7.26 -6.21 -10.36
N ASN C 16 -7.59 -5.34 -9.45
CA ASN C 16 -7.69 -5.72 -8.04
C ASN C 16 -8.77 -6.80 -7.86
N HIS C 17 -9.87 -6.63 -8.54
CA HIS C 17 -10.96 -7.59 -8.44
C HIS C 17 -10.45 -9.01 -8.67
N GLY C 18 -10.40 -9.78 -7.62
CA GLY C 18 -9.91 -11.15 -7.70
C GLY C 18 -10.46 -12.01 -6.57
N PHE C 19 -10.50 -13.29 -6.80
CA PHE C 19 -11.00 -14.23 -5.79
C PHE C 19 -9.92 -14.56 -4.74
N PHE C 20 -8.84 -15.15 -5.18
CA PHE C 20 -7.75 -15.53 -4.28
C PHE C 20 -7.21 -14.32 -3.53
N TRP C 21 -7.09 -13.22 -4.21
CA TRP C 21 -6.57 -11.99 -3.60
C TRP C 21 -7.42 -11.55 -2.41
N GLY C 22 -8.71 -11.66 -2.55
CA GLY C 22 -9.63 -11.25 -1.50
C GLY C 22 -9.44 -12.06 -0.21
N LEU C 23 -9.21 -13.34 -0.36
CA LEU C 23 -9.05 -14.22 0.79
C LEU C 23 -7.85 -13.81 1.65
N LEU C 24 -6.79 -13.42 1.02
CA LEU C 24 -5.57 -13.06 1.76
C LEU C 24 -5.78 -11.90 2.74
N VAL C 25 -6.48 -10.86 2.33
CA VAL C 25 -6.68 -9.73 3.23
C VAL C 25 -7.50 -10.09 4.47
N VAL C 26 -8.57 -10.83 4.29
CA VAL C 26 -9.40 -11.21 5.43
C VAL C 26 -8.65 -12.14 6.38
N THR C 27 -7.95 -13.07 5.80
CA THR C 27 -7.19 -14.04 6.57
C THR C 27 -6.09 -13.40 7.39
N LEU C 28 -5.40 -12.48 6.80
CA LEU C 28 -4.30 -11.81 7.46
C LEU C 28 -4.79 -11.02 8.68
N ALA C 29 -5.91 -10.37 8.53
CA ALA C 29 -6.41 -9.54 9.63
C ALA C 29 -6.73 -10.35 10.89
N TRP C 30 -7.43 -11.44 10.78
CA TRP C 30 -7.74 -12.24 11.97
C TRP C 30 -6.50 -12.86 12.58
N HIS C 31 -5.58 -13.28 11.75
CA HIS C 31 -4.36 -13.95 12.22
C HIS C 31 -3.55 -13.10 13.21
N VAL C 32 -3.41 -11.84 12.93
CA VAL C 32 -2.62 -10.99 13.83
C VAL C 32 -3.21 -10.94 15.24
N LYS C 33 -4.33 -11.59 15.43
CA LYS C 33 -4.97 -11.61 16.75
C LYS C 33 -3.95 -11.83 17.86
N GLY C 34 -3.22 -12.91 17.80
CA GLY C 34 -2.23 -13.22 18.82
C GLY C 34 -1.18 -12.12 18.95
N ARG C 35 -0.81 -11.56 17.83
CA ARG C 35 0.19 -10.49 17.80
C ARG C 35 -0.27 -9.31 18.66
N LEU C 36 -1.55 -9.06 18.63
CA LEU C 36 -2.15 -7.92 19.35
C LEU C 36 -1.97 -7.96 20.89
N VAL C 37 -2.16 -9.10 21.52
CA VAL C 37 -2.09 -9.14 23.01
C VAL C 37 -0.70 -8.72 23.57
N PRO C 38 0.37 -9.23 23.03
CA PRO C 38 1.76 -8.83 23.46
C PRO C 38 1.98 -7.32 23.27
N GLY C 39 1.39 -6.80 22.22
CA GLY C 39 1.48 -5.38 21.92
C GLY C 39 0.90 -4.53 23.03
N ALA C 40 -0.17 -5.01 23.61
CA ALA C 40 -0.86 -4.26 24.67
C ALA C 40 0.09 -3.96 25.83
N THR C 41 0.89 -4.90 26.23
CA THR C 41 1.81 -4.68 27.34
C THR C 41 2.54 -3.34 27.18
N TYR C 42 2.28 -2.44 28.08
CA TYR C 42 2.91 -1.12 28.05
C TYR C 42 4.20 -1.11 28.86
N LEU C 43 4.08 -0.71 30.10
CA LEU C 43 5.23 -0.65 31.00
C LEU C 43 6.28 0.35 30.48
N SER C 44 6.37 1.46 31.16
CA SER C 44 7.33 2.51 30.78
C SER C 44 6.92 3.13 29.45
N LEU C 45 5.66 3.42 29.32
CA LEU C 45 5.11 4.02 28.10
C LEU C 45 3.88 4.84 28.45
N GLY C 46 3.83 5.31 29.67
CA GLY C 46 2.71 6.09 30.14
C GLY C 46 2.38 7.25 29.20
N VAL C 47 3.25 8.24 29.18
CA VAL C 47 3.03 9.42 28.34
C VAL C 47 4.30 9.92 27.68
N TRP C 48 5.43 9.44 28.10
CA TRP C 48 6.69 9.88 27.50
C TRP C 48 6.60 9.80 25.97
N PRO C 49 6.12 8.71 25.42
CA PRO C 49 6.00 8.55 23.93
C PRO C 49 5.12 9.63 23.29
N LEU C 50 4.06 9.98 23.96
CA LEU C 50 3.11 10.96 23.43
C LEU C 50 3.76 12.29 23.06
N LEU C 51 4.73 12.74 23.80
CA LEU C 51 5.33 14.04 23.47
C LEU C 51 5.85 14.04 22.04
N LEU C 52 6.52 13.00 21.63
CA LEU C 52 7.01 12.94 20.25
C LEU C 52 5.81 12.99 19.31
N VAL C 53 4.79 12.27 19.66
CA VAL C 53 3.55 12.22 18.89
C VAL C 53 2.91 13.60 18.83
N ARG C 54 3.10 14.38 19.86
CA ARG C 54 2.52 15.71 19.93
C ARG C 54 2.92 16.52 18.69
N LEU C 55 4.15 16.37 18.26
CA LEU C 55 4.60 17.13 17.09
C LEU C 55 3.69 16.79 15.90
N LEU C 56 3.39 15.53 15.75
CA LEU C 56 2.49 15.01 14.69
C LEU C 56 1.02 15.45 14.90
N ARG C 57 0.66 15.56 16.15
CA ARG C 57 -0.74 15.83 16.56
C ARG C 57 -1.39 17.09 15.94
N PRO C 58 -0.75 18.24 15.85
CA PRO C 58 -1.38 19.44 15.23
C PRO C 58 -1.77 19.16 13.78
N HIS C 59 -0.92 18.46 13.09
CA HIS C 59 -1.18 18.12 11.68
C HIS C 59 -1.63 19.36 10.92
N ARG C 60 -1.98 19.18 9.67
CA ARG C 60 -2.42 20.28 8.83
C ARG C 60 -2.79 19.78 7.43
N ALA C 61 -2.98 20.69 6.52
CA ALA C 61 -3.34 20.34 5.15
C ALA C 61 -2.89 21.44 4.18
N LEU C 62 -3.35 21.35 2.97
CA LEU C 62 -2.97 22.34 1.95
C LEU C 62 -1.45 22.46 1.90
N ALA C 63 -0.77 21.37 2.07
CA ALA C 63 0.68 21.35 2.04
C ALA C 63 1.19 21.92 0.71
N GLY D 1 -22.56 7.24 -20.43
CA GLY D 1 -21.28 6.60 -20.04
C GLY D 1 -20.62 7.41 -18.92
N ALA D 2 -21.22 8.53 -18.60
CA ALA D 2 -20.70 9.40 -17.55
C ALA D 2 -21.05 8.84 -16.17
N LYS D 3 -20.36 9.31 -15.17
CA LYS D 3 -20.60 8.86 -13.81
C LYS D 3 -20.61 7.34 -13.74
N ASN D 4 -19.52 6.76 -14.13
CA ASN D 4 -19.37 5.30 -14.12
C ASN D 4 -17.94 4.96 -13.73
N VAL D 5 -17.03 5.82 -14.07
CA VAL D 5 -15.63 5.63 -13.75
C VAL D 5 -15.43 5.83 -12.24
N ILE D 6 -15.81 6.98 -11.76
CA ILE D 6 -15.71 7.29 -10.35
C ILE D 6 -16.52 6.28 -9.55
N VAL D 7 -17.61 5.87 -10.12
CA VAL D 7 -18.49 4.90 -9.49
C VAL D 7 -17.72 3.60 -9.20
N LEU D 8 -16.91 3.21 -10.13
CA LEU D 8 -16.12 1.99 -9.96
C LEU D 8 -15.21 2.11 -8.73
N ASN D 9 -14.64 3.26 -8.52
CA ASN D 9 -13.77 3.47 -7.37
C ASN D 9 -14.56 3.26 -6.07
N ALA D 10 -15.76 3.78 -6.07
CA ALA D 10 -16.61 3.68 -4.89
C ALA D 10 -16.82 2.22 -4.53
N ALA D 11 -16.99 1.40 -5.52
CA ALA D 11 -17.20 -0.03 -5.28
C ALA D 11 -16.03 -0.61 -4.50
N SER D 12 -14.84 -0.18 -4.83
CA SER D 12 -13.65 -0.67 -4.13
C SER D 12 -13.73 -0.33 -2.64
N ALA D 13 -14.17 0.87 -2.35
CA ALA D 13 -14.28 1.32 -0.96
C ALA D 13 -15.23 0.40 -0.17
N ALA D 14 -16.28 -0.01 -0.82
CA ALA D 14 -17.23 -0.90 -0.17
C ALA D 14 -16.53 -2.19 0.24
N GLY D 15 -15.69 -2.67 -0.64
CA GLY D 15 -14.96 -3.90 -0.38
C GLY D 15 -14.11 -3.79 0.88
N ASN D 16 -13.46 -2.66 1.04
CA ASN D 16 -12.64 -2.44 2.23
C ASN D 16 -13.48 -2.51 3.50
N HIS D 17 -14.65 -1.95 3.45
CA HIS D 17 -15.55 -1.95 4.60
C HIS D 17 -15.73 -3.35 5.16
N GLY D 18 -15.11 -3.61 6.27
CA GLY D 18 -15.19 -4.91 6.92
C GLY D 18 -14.50 -4.89 8.27
N PHE D 19 -15.28 -4.96 9.33
CA PHE D 19 -14.74 -4.92 10.69
C PHE D 19 -13.42 -5.67 10.79
N PHE D 20 -13.32 -6.78 10.11
CA PHE D 20 -12.09 -7.55 10.16
C PHE D 20 -10.93 -6.70 9.65
N TRP D 21 -11.17 -5.98 8.60
CA TRP D 21 -10.15 -5.13 8.00
C TRP D 21 -9.68 -4.07 9.00
N GLY D 22 -10.61 -3.52 9.74
CA GLY D 22 -10.29 -2.50 10.74
C GLY D 22 -9.33 -3.03 11.80
N LEU D 23 -9.55 -4.26 12.19
CA LEU D 23 -8.72 -4.89 13.22
C LEU D 23 -7.23 -4.93 12.81
N LEU D 24 -6.97 -5.19 11.56
CA LEU D 24 -5.59 -5.29 11.08
C LEU D 24 -4.82 -3.99 11.32
N VAL D 25 -5.43 -2.87 11.05
CA VAL D 25 -4.74 -1.60 11.22
C VAL D 25 -4.33 -1.39 12.67
N VAL D 26 -5.20 -1.70 13.59
CA VAL D 26 -4.90 -1.54 15.00
C VAL D 26 -3.73 -2.44 15.42
N THR D 27 -3.77 -3.66 14.93
CA THR D 27 -2.75 -4.65 15.26
C THR D 27 -1.36 -4.21 14.76
N LEU D 28 -1.30 -3.73 13.56
CA LEU D 28 -0.03 -3.31 12.99
C LEU D 28 0.59 -2.20 13.83
N ALA D 29 -0.22 -1.27 14.24
CA ALA D 29 0.27 -0.16 15.04
C ALA D 29 0.87 -0.64 16.36
N TRP D 30 0.24 -1.58 17.00
CA TRP D 30 0.73 -2.10 18.27
C TRP D 30 2.09 -2.81 18.14
N HIS D 31 2.26 -3.57 17.08
CA HIS D 31 3.48 -4.32 16.89
C HIS D 31 4.73 -3.45 16.82
N VAL D 32 4.64 -2.36 16.13
CA VAL D 32 5.81 -1.50 15.97
C VAL D 32 6.28 -0.88 17.28
N LYS D 33 5.49 -1.00 18.32
CA LYS D 33 5.89 -0.42 19.60
C LYS D 33 7.34 -0.80 19.93
N GLY D 34 7.59 -2.06 20.08
CA GLY D 34 8.92 -2.55 20.39
C GLY D 34 9.93 -2.14 19.32
N ARG D 35 9.50 -2.15 18.08
CA ARG D 35 10.38 -1.78 16.97
C ARG D 35 10.88 -0.34 17.11
N LEU D 36 10.02 0.52 17.58
CA LEU D 36 10.34 1.93 17.71
C LEU D 36 11.56 2.23 18.62
N VAL D 37 11.68 1.58 19.75
CA VAL D 37 12.78 1.87 20.68
C VAL D 37 14.20 1.60 20.12
N PRO D 38 14.47 0.47 19.49
CA PRO D 38 15.82 0.18 18.90
C PRO D 38 16.17 1.19 17.81
N GLY D 39 15.16 1.60 17.09
CA GLY D 39 15.32 2.58 16.03
C GLY D 39 15.90 3.88 16.58
N ALA D 40 15.43 4.26 17.74
CA ALA D 40 15.89 5.50 18.37
C ALA D 40 17.40 5.49 18.57
N THR D 41 17.94 4.37 18.98
CA THR D 41 19.38 4.26 19.19
C THR D 41 20.10 3.92 17.89
N TYR D 42 20.86 4.85 17.38
CA TYR D 42 21.61 4.63 16.13
C TYR D 42 22.93 5.40 16.11
N LEU D 43 22.91 6.65 16.48
CA LEU D 43 24.11 7.47 16.49
C LEU D 43 24.70 7.56 15.08
N SER D 44 25.49 8.57 14.88
CA SER D 44 26.13 8.79 13.58
C SER D 44 25.11 9.34 12.57
N LEU D 45 25.58 9.66 11.39
CA LEU D 45 24.70 10.19 10.36
C LEU D 45 24.06 11.50 10.83
N GLY D 46 24.88 12.37 11.37
CA GLY D 46 24.40 13.64 11.89
C GLY D 46 23.86 14.59 10.81
N VAL D 47 24.69 14.98 9.87
CA VAL D 47 24.27 15.91 8.81
C VAL D 47 24.27 15.25 7.43
N TRP D 48 24.89 14.11 7.32
CA TRP D 48 24.95 13.41 6.05
C TRP D 48 23.55 13.13 5.48
N PRO D 49 22.58 12.74 6.28
CA PRO D 49 21.19 12.49 5.77
C PRO D 49 20.65 13.67 4.97
N LEU D 50 20.79 14.84 5.54
CA LEU D 50 20.27 16.06 4.95
C LEU D 50 20.73 16.28 3.51
N LEU D 51 21.95 15.95 3.18
CA LEU D 51 22.40 16.17 1.81
C LEU D 51 21.50 15.41 0.83
N LEU D 52 21.19 14.18 1.15
CA LEU D 52 20.32 13.39 0.27
C LEU D 52 18.97 14.09 0.15
N VAL D 53 18.48 14.56 1.27
CA VAL D 53 17.23 15.28 1.35
C VAL D 53 17.25 16.53 0.48
N ARG D 54 18.41 17.12 0.34
CA ARG D 54 18.52 18.34 -0.44
C ARG D 54 17.94 18.12 -1.83
N LEU D 55 18.19 16.99 -2.41
CA LEU D 55 17.63 16.73 -3.75
C LEU D 55 16.10 16.79 -3.66
N LEU D 56 15.58 16.18 -2.63
CA LEU D 56 14.15 16.11 -2.30
C LEU D 56 13.49 17.46 -1.88
N ARG D 57 14.27 18.30 -1.26
CA ARG D 57 13.75 19.55 -0.65
C ARG D 57 12.95 20.46 -1.61
N PRO D 58 13.36 20.65 -2.83
CA PRO D 58 12.60 21.51 -3.79
C PRO D 58 11.19 20.97 -4.01
N HIS D 59 11.08 19.68 -4.12
CA HIS D 59 9.80 19.02 -4.35
C HIS D 59 9.36 19.19 -5.80
N ARG D 60 9.27 20.42 -6.25
CA ARG D 60 8.89 20.71 -7.63
C ARG D 60 7.43 20.32 -7.89
N ALA D 61 7.17 19.05 -7.83
CA ALA D 61 5.82 18.54 -8.08
C ALA D 61 5.41 18.79 -9.52
N LEU D 62 4.24 18.34 -9.87
CA LEU D 62 3.74 18.50 -11.23
C LEU D 62 4.68 17.81 -12.21
N ALA D 63 5.38 16.81 -11.74
CA ALA D 63 6.31 16.06 -12.57
C ALA D 63 5.68 15.74 -13.92
N GLY E 1 -24.81 9.70 -9.45
CA GLY E 1 -25.39 10.43 -8.29
C GLY E 1 -24.46 11.57 -7.90
N ALA E 2 -23.60 11.95 -8.81
CA ALA E 2 -22.66 13.04 -8.55
C ALA E 2 -21.87 12.77 -7.28
N LYS E 3 -22.43 13.13 -6.15
CA LYS E 3 -21.78 12.92 -4.87
C LYS E 3 -21.89 11.46 -4.43
N ASN E 4 -21.67 11.22 -3.17
CA ASN E 4 -21.75 9.86 -2.63
C ASN E 4 -20.47 9.09 -2.98
N VAL E 5 -20.08 9.18 -4.23
CA VAL E 5 -18.88 8.49 -4.70
C VAL E 5 -17.65 9.07 -4.00
N ILE E 6 -17.39 10.32 -4.25
CA ILE E 6 -16.26 11.01 -3.64
C ILE E 6 -16.41 10.98 -2.12
N VAL E 7 -17.64 11.09 -1.67
CA VAL E 7 -17.93 11.06 -0.25
C VAL E 7 -17.46 9.75 0.38
N LEU E 8 -17.65 8.67 -0.32
CA LEU E 8 -17.23 7.38 0.19
C LEU E 8 -15.72 7.36 0.43
N ASN E 9 -14.97 7.97 -0.46
CA ASN E 9 -13.52 8.03 -0.31
C ASN E 9 -13.17 8.76 0.98
N ALA E 10 -13.87 9.84 1.23
CA ALA E 10 -13.61 10.65 2.42
C ALA E 10 -13.76 9.79 3.67
N ALA E 11 -14.73 8.92 3.66
CA ALA E 11 -14.95 8.04 4.81
C ALA E 11 -13.70 7.22 5.09
N SER E 12 -13.05 6.78 4.05
CA SER E 12 -11.83 5.98 4.22
C SER E 12 -10.78 6.80 4.97
N ALA E 13 -10.67 8.06 4.62
CA ALA E 13 -9.70 8.95 5.27
C ALA E 13 -9.96 9.02 6.77
N ALA E 14 -11.21 9.03 7.13
CA ALA E 14 -11.59 9.08 8.53
C ALA E 14 -11.03 7.86 9.27
N GLY E 15 -11.11 6.73 8.62
CA GLY E 15 -10.61 5.49 9.21
C GLY E 15 -9.12 5.59 9.52
N ASN E 16 -8.38 6.19 8.62
CA ASN E 16 -6.94 6.36 8.82
C ASN E 16 -6.66 7.19 10.07
N HIS E 17 -7.44 8.23 10.24
CA HIS E 17 -7.27 9.12 11.39
C HIS E 17 -7.33 8.34 12.70
N GLY E 18 -6.20 8.23 13.36
CA GLY E 18 -6.12 7.51 14.62
C GLY E 18 -4.71 7.52 15.19
N PHE E 19 -4.54 8.20 16.30
CA PHE E 19 -3.25 8.33 16.98
C PHE E 19 -2.37 7.08 16.78
N PHE E 20 -2.96 5.93 16.94
CA PHE E 20 -2.21 4.69 16.77
C PHE E 20 -1.63 4.61 15.36
N TRP E 21 -2.43 4.97 14.39
CA TRP E 21 -2.00 4.94 12.99
C TRP E 21 -0.80 5.86 12.76
N GLY E 22 -0.82 7.01 13.39
CA GLY E 22 0.27 7.97 13.24
C GLY E 22 1.60 7.39 13.71
N LEU E 23 1.56 6.62 14.76
CA LEU E 23 2.76 6.01 15.31
C LEU E 23 3.46 5.11 14.27
N LEU E 24 2.70 4.41 13.49
CA LEU E 24 3.26 3.48 12.51
C LEU E 24 4.23 4.17 11.54
N VAL E 25 3.87 5.30 11.02
CA VAL E 25 4.74 5.97 10.05
C VAL E 25 6.10 6.35 10.65
N VAL E 26 6.10 6.86 11.86
CA VAL E 26 7.35 7.26 12.50
C VAL E 26 8.30 6.08 12.73
N THR E 27 7.77 4.97 13.16
CA THR E 27 8.61 3.80 13.45
C THR E 27 9.30 3.28 12.20
N LEU E 28 8.57 3.18 11.12
CA LEU E 28 9.16 2.67 9.89
C LEU E 28 10.28 3.57 9.40
N ALA E 29 10.06 4.86 9.47
CA ALA E 29 11.06 5.81 9.02
C ALA E 29 12.34 5.73 9.85
N TRP E 30 12.22 5.58 11.13
CA TRP E 30 13.38 5.50 12.01
C TRP E 30 14.21 4.23 11.77
N HIS E 31 13.54 3.12 11.62
CA HIS E 31 14.22 1.83 11.44
C HIS E 31 15.07 1.76 10.18
N VAL E 32 14.55 2.28 9.10
CA VAL E 32 15.26 2.20 7.83
C VAL E 32 16.64 2.85 7.87
N LYS E 33 16.88 3.72 8.82
CA LYS E 33 18.18 4.38 8.91
C LYS E 33 19.31 3.38 8.62
N GLY E 34 19.36 2.34 9.40
CA GLY E 34 20.39 1.32 9.23
C GLY E 34 20.35 0.70 7.83
N ARG E 35 19.17 0.50 7.32
CA ARG E 35 19.02 -0.10 5.98
C ARG E 35 19.71 0.77 4.92
N LEU E 36 19.65 2.05 5.09
CA LEU E 36 20.20 3.00 4.12
C LEU E 36 21.73 2.90 3.89
N VAL E 37 22.52 2.76 4.92
CA VAL E 37 24.00 2.75 4.71
C VAL E 37 24.49 1.54 3.88
N PRO E 38 24.04 0.34 4.19
CA PRO E 38 24.41 -0.89 3.41
C PRO E 38 23.98 -0.78 1.94
N GLY E 39 22.86 -0.15 1.73
CA GLY E 39 22.32 0.05 0.39
C GLY E 39 23.29 0.86 -0.47
N ALA E 40 23.91 1.83 0.15
CA ALA E 40 24.83 2.71 -0.57
C ALA E 40 25.95 1.94 -1.26
N THR E 41 26.49 0.93 -0.60
CA THR E 41 27.56 0.15 -1.22
C THR E 41 27.19 -0.23 -2.65
N TYR E 42 27.91 0.33 -3.59
CA TYR E 42 27.66 0.07 -5.02
C TYR E 42 28.87 -0.64 -5.64
N LEU E 43 28.89 -1.94 -5.50
CA LEU E 43 29.98 -2.73 -6.06
C LEU E 43 29.79 -2.90 -7.57
N SER E 44 30.23 -4.01 -8.09
CA SER E 44 30.11 -4.28 -9.52
C SER E 44 28.65 -4.21 -9.94
N LEU E 45 28.27 -3.09 -10.52
CA LEU E 45 26.88 -2.88 -10.99
C LEU E 45 26.91 -2.11 -12.30
N GLY E 46 27.85 -2.45 -13.14
CA GLY E 46 27.99 -1.77 -14.42
C GLY E 46 26.72 -1.81 -15.26
N VAL E 47 26.37 -2.98 -15.74
CA VAL E 47 25.18 -3.14 -16.59
C VAL E 47 24.36 -4.37 -16.20
N TRP E 48 24.88 -5.18 -15.34
CA TRP E 48 24.16 -6.37 -14.92
C TRP E 48 22.73 -6.03 -14.46
N PRO E 49 22.53 -5.01 -13.66
CA PRO E 49 21.15 -4.64 -13.19
C PRO E 49 20.37 -3.86 -14.26
N LEU E 50 21.01 -2.87 -14.82
CA LEU E 50 20.37 -2.00 -15.81
C LEU E 50 19.77 -2.77 -16.99
N LEU E 51 20.38 -3.84 -17.42
CA LEU E 51 19.82 -4.55 -18.57
C LEU E 51 18.37 -4.93 -18.24
N LEU E 52 18.15 -5.42 -17.06
CA LEU E 52 16.79 -5.80 -16.66
C LEU E 52 15.91 -4.55 -16.71
N VAL E 53 16.45 -3.45 -16.27
CA VAL E 53 15.74 -2.17 -16.26
C VAL E 53 15.30 -1.76 -17.67
N ARG E 54 16.09 -2.12 -18.66
CA ARG E 54 15.76 -1.75 -20.03
C ARG E 54 14.36 -2.23 -20.40
N LEU E 55 13.99 -3.41 -19.97
CA LEU E 55 12.66 -3.94 -20.30
C LEU E 55 11.58 -2.96 -19.82
N LEU E 56 11.79 -2.44 -18.64
CA LEU E 56 10.91 -1.44 -18.02
C LEU E 56 10.93 -0.08 -18.75
N ARG E 57 12.08 0.22 -19.29
CA ARG E 57 12.35 1.52 -19.93
C ARG E 57 11.39 1.93 -21.10
N PRO E 58 11.03 1.07 -22.02
CA PRO E 58 10.10 1.47 -23.13
C PRO E 58 8.75 1.97 -22.59
N HIS E 59 8.26 1.31 -21.57
CA HIS E 59 6.99 1.67 -20.94
C HIS E 59 6.79 3.19 -20.93
N ARG E 60 5.55 3.62 -20.97
CA ARG E 60 5.22 5.05 -20.95
C ARG E 60 3.95 5.26 -20.14
N ALA E 61 3.54 6.50 -19.99
CA ALA E 61 2.35 6.83 -19.22
C ALA E 61 1.09 6.64 -20.06
N LEU E 62 1.15 7.00 -21.31
CA LEU E 62 0.00 6.87 -22.19
C LEU E 62 -0.64 5.48 -22.05
N ALA E 63 0.06 4.58 -21.41
CA ALA E 63 -0.45 3.23 -21.21
C ALA E 63 -1.02 2.67 -22.51
N GLY F 1 -20.54 18.27 2.93
CA GLY F 1 -19.76 19.35 2.29
C GLY F 1 -19.46 18.98 0.83
N ALA F 2 -19.34 19.98 0.00
CA ALA F 2 -19.06 19.73 -1.42
C ALA F 2 -17.57 19.55 -1.65
N LYS F 3 -16.78 20.51 -1.21
CA LYS F 3 -15.33 20.44 -1.39
C LYS F 3 -14.65 19.85 -0.16
N ASN F 4 -15.32 19.89 0.96
CA ASN F 4 -14.76 19.35 2.19
C ASN F 4 -14.39 17.89 2.02
N VAL F 5 -14.76 17.33 0.89
CA VAL F 5 -14.48 15.92 0.61
C VAL F 5 -13.05 15.76 0.08
N ILE F 6 -12.81 16.29 -1.09
CA ILE F 6 -11.50 16.22 -1.70
C ILE F 6 -10.46 16.88 -0.79
N VAL F 7 -10.89 17.89 -0.10
CA VAL F 7 -10.02 18.61 0.82
C VAL F 7 -9.45 17.64 1.87
N LEU F 8 -10.25 16.73 2.33
CA LEU F 8 -9.79 15.77 3.33
C LEU F 8 -8.60 14.97 2.78
N ASN F 9 -8.67 14.61 1.53
CA ASN F 9 -7.57 13.87 0.91
C ASN F 9 -6.30 14.72 0.95
N ALA F 10 -6.48 16.00 0.72
CA ALA F 10 -5.36 16.92 0.69
C ALA F 10 -4.61 16.83 2.03
N ALA F 11 -5.35 16.76 3.10
CA ALA F 11 -4.74 16.69 4.41
C ALA F 11 -3.84 15.45 4.52
N SER F 12 -4.29 14.35 3.98
CA SER F 12 -3.48 13.12 4.04
C SER F 12 -2.16 13.32 3.31
N ALA F 13 -2.22 13.94 2.15
CA ALA F 13 -1.02 14.17 1.35
C ALA F 13 -0.02 15.03 2.12
N ALA F 14 -0.52 16.01 2.84
CA ALA F 14 0.36 16.86 3.62
C ALA F 14 1.10 16.03 4.66
N GLY F 15 0.36 15.14 5.27
CA GLY F 15 0.94 14.26 6.29
C GLY F 15 2.08 13.44 5.71
N ASN F 16 1.88 12.93 4.53
CA ASN F 16 2.93 12.13 3.88
C ASN F 16 4.18 12.97 3.64
N HIS F 17 3.97 14.20 3.23
CA HIS F 17 5.09 15.11 2.96
C HIS F 17 5.81 15.44 4.26
N GLY F 18 7.10 15.24 4.27
CA GLY F 18 7.89 15.52 5.45
C GLY F 18 9.34 15.05 5.30
N PHE F 19 10.07 15.13 6.37
CA PHE F 19 11.48 14.73 6.38
C PHE F 19 11.65 13.21 6.56
N PHE F 20 11.17 12.69 7.67
CA PHE F 20 11.30 11.27 7.95
C PHE F 20 10.65 10.39 6.88
N TRP F 21 9.48 10.77 6.43
CA TRP F 21 8.76 9.98 5.43
C TRP F 21 9.57 9.84 4.14
N GLY F 22 10.20 10.91 3.74
CA GLY F 22 10.99 10.91 2.51
C GLY F 22 12.12 9.88 2.57
N LEU F 23 12.75 9.77 3.71
CA LEU F 23 13.86 8.86 3.88
C LEU F 23 13.43 7.41 3.63
N LEU F 24 12.27 7.04 4.09
CA LEU F 24 11.79 5.67 3.94
C LEU F 24 11.67 5.22 2.50
N VAL F 25 11.14 6.05 1.64
CA VAL F 25 10.98 5.63 0.25
C VAL F 25 12.32 5.37 -0.44
N VAL F 26 13.26 6.26 -0.26
CA VAL F 26 14.57 6.08 -0.88
C VAL F 26 15.31 4.87 -0.32
N THR F 27 15.27 4.73 0.97
CA THR F 27 15.97 3.64 1.63
C THR F 27 15.42 2.28 1.24
N LEU F 28 14.12 2.16 1.20
CA LEU F 28 13.53 0.88 0.85
C LEU F 28 13.94 0.46 -0.55
N ALA F 29 13.92 1.40 -1.46
CA ALA F 29 14.31 1.12 -2.84
C ALA F 29 15.78 0.73 -2.92
N TRP F 30 16.61 1.43 -2.19
CA TRP F 30 18.04 1.15 -2.20
C TRP F 30 18.36 -0.23 -1.62
N HIS F 31 17.71 -0.58 -0.55
CA HIS F 31 17.96 -1.85 0.13
C HIS F 31 17.68 -3.08 -0.74
N VAL F 32 16.61 -3.04 -1.48
CA VAL F 32 16.24 -4.18 -2.31
C VAL F 32 17.28 -4.47 -3.39
N LYS F 33 18.21 -3.57 -3.60
CA LYS F 33 19.23 -3.80 -4.61
C LYS F 33 19.79 -5.22 -4.48
N GLY F 34 20.38 -5.48 -3.35
CA GLY F 34 20.96 -6.79 -3.08
C GLY F 34 19.89 -7.88 -3.18
N ARG F 35 18.70 -7.56 -2.75
CA ARG F 35 17.59 -8.51 -2.81
C ARG F 35 17.33 -8.96 -4.25
N LEU F 36 17.46 -8.05 -5.16
CA LEU F 36 17.18 -8.32 -6.57
C LEU F 36 18.06 -9.43 -7.19
N VAL F 37 19.32 -9.46 -6.89
CA VAL F 37 20.23 -10.46 -7.51
C VAL F 37 19.87 -11.94 -7.21
N PRO F 38 19.59 -12.33 -5.98
CA PRO F 38 19.19 -13.74 -5.66
C PRO F 38 17.89 -14.13 -6.37
N GLY F 39 17.04 -13.16 -6.50
CA GLY F 39 15.75 -13.34 -7.16
C GLY F 39 15.95 -13.78 -8.60
N ALA F 40 16.94 -13.21 -9.24
CA ALA F 40 17.21 -13.52 -10.64
C ALA F 40 17.47 -15.01 -10.83
N THR F 41 18.22 -15.60 -9.93
CA THR F 41 18.53 -17.02 -10.03
C THR F 41 17.31 -17.88 -9.65
N TYR F 42 16.71 -18.50 -10.64
CA TYR F 42 15.56 -19.34 -10.41
C TYR F 42 15.25 -20.16 -11.65
N LEU F 43 15.31 -21.46 -11.52
CA LEU F 43 15.04 -22.36 -12.62
C LEU F 43 13.54 -22.60 -12.71
N SER F 44 13.11 -22.92 -13.88
CA SER F 44 11.69 -23.21 -14.13
C SER F 44 10.87 -21.92 -14.08
N LEU F 45 9.62 -22.03 -14.46
CA LEU F 45 8.69 -20.89 -14.50
C LEU F 45 9.09 -19.95 -15.64
N GLY F 46 9.57 -20.53 -16.71
CA GLY F 46 9.98 -19.75 -17.87
C GLY F 46 8.84 -18.88 -18.41
N VAL F 47 7.82 -19.52 -18.92
CA VAL F 47 6.67 -18.80 -19.49
C VAL F 47 5.34 -19.33 -18.95
N TRP F 48 5.38 -20.44 -18.26
CA TRP F 48 4.15 -21.01 -17.71
C TRP F 48 3.38 -19.96 -16.90
N PRO F 49 4.05 -19.16 -16.07
CA PRO F 49 3.34 -18.12 -15.28
C PRO F 49 2.53 -17.19 -16.20
N LEU F 50 3.10 -16.92 -17.33
CA LEU F 50 2.52 -16.01 -18.31
C LEU F 50 1.11 -16.44 -18.74
N LEU F 51 0.85 -17.72 -18.87
CA LEU F 51 -0.48 -18.12 -19.30
C LEU F 51 -1.53 -17.55 -18.35
N LEU F 52 -1.28 -17.64 -17.08
CA LEU F 52 -2.24 -17.10 -16.11
C LEU F 52 -2.37 -15.59 -16.34
N VAL F 53 -1.26 -14.96 -16.59
CA VAL F 53 -1.22 -13.52 -16.85
C VAL F 53 -2.07 -13.14 -18.07
N ARG F 54 -2.16 -14.03 -19.03
CA ARG F 54 -2.91 -13.73 -20.24
C ARG F 54 -4.34 -13.32 -19.87
N LEU F 55 -4.91 -13.96 -18.89
CA LEU F 55 -6.28 -13.60 -18.52
C LEU F 55 -6.34 -12.10 -18.17
N LEU F 56 -5.34 -11.66 -17.44
CA LEU F 56 -5.18 -10.25 -17.04
C LEU F 56 -4.86 -9.30 -18.22
N ARG F 57 -4.13 -9.83 -19.18
CA ARG F 57 -3.61 -9.01 -20.30
C ARG F 57 -4.70 -8.23 -21.07
N PRO F 58 -5.83 -8.80 -21.42
CA PRO F 58 -6.89 -7.99 -22.10
C PRO F 58 -7.29 -6.79 -21.24
N HIS F 59 -7.39 -7.01 -19.96
CA HIS F 59 -7.76 -5.94 -19.03
C HIS F 59 -8.97 -5.16 -19.57
N ARG F 60 -9.35 -4.13 -18.87
CA ARG F 60 -10.48 -3.32 -19.30
C ARG F 60 -10.60 -2.07 -18.42
N ALA F 61 -11.76 -1.49 -18.40
CA ALA F 61 -12.00 -0.28 -17.61
C ALA F 61 -13.49 -0.09 -17.35
N LEU F 62 -14.13 -1.13 -16.90
CA LEU F 62 -15.56 -1.08 -16.60
C LEU F 62 -15.96 -2.26 -15.72
N ALA F 63 -15.06 -2.68 -14.88
CA ALA F 63 -15.31 -3.80 -13.99
C ALA F 63 -16.50 -3.50 -13.08
N GLY A 1 -11.30 26.49 -4.18
CA GLY A 1 -10.14 25.58 -4.01
C GLY A 1 -9.97 24.73 -5.27
N ALA A 2 -10.45 25.23 -6.37
CA ALA A 2 -10.34 24.52 -7.64
C ALA A 2 -8.89 24.40 -8.07
N LYS A 3 -8.54 23.26 -8.59
CA LYS A 3 -7.17 23.03 -9.05
C LYS A 3 -6.17 23.33 -7.93
N ASN A 4 -6.30 22.63 -6.85
CA ASN A 4 -5.39 22.81 -5.71
C ASN A 4 -5.35 21.53 -4.91
N VAL A 5 -6.51 20.96 -4.67
CA VAL A 5 -6.59 19.71 -3.94
C VAL A 5 -5.93 18.60 -4.76
N ILE A 6 -6.39 18.45 -5.97
CA ILE A 6 -5.87 17.46 -6.88
C ILE A 6 -4.38 17.72 -7.12
N VAL A 7 -4.01 18.97 -7.13
CA VAL A 7 -2.63 19.36 -7.34
C VAL A 7 -1.73 18.72 -6.27
N LEU A 8 -2.21 18.71 -5.06
CA LEU A 8 -1.44 18.12 -3.97
C LEU A 8 -1.14 16.65 -4.27
N ASN A 9 -2.11 15.95 -4.80
CA ASN A 9 -1.92 14.54 -5.14
C ASN A 9 -0.82 14.39 -6.19
N ALA A 10 -0.81 15.28 -7.14
CA ALA A 10 0.18 15.23 -8.21
C ALA A 10 1.58 15.28 -7.61
N ALA A 11 1.75 16.10 -6.60
CA ALA A 11 3.05 16.21 -5.96
C ALA A 11 3.51 14.85 -5.46
N SER A 12 2.60 14.07 -4.94
CA SER A 12 2.93 12.74 -4.45
C SER A 12 3.48 11.90 -5.60
N ALA A 13 2.85 12.02 -6.74
CA ALA A 13 3.26 11.26 -7.92
C ALA A 13 4.70 11.56 -8.29
N ALA A 14 5.10 12.79 -8.15
CA ALA A 14 6.48 13.17 -8.45
C ALA A 14 7.42 12.38 -7.54
N GLY A 15 7.04 12.26 -6.30
CA GLY A 15 7.85 11.55 -5.33
C GLY A 15 8.08 10.10 -5.79
N ASN A 16 7.06 9.48 -6.27
CA ASN A 16 7.17 8.11 -6.77
C ASN A 16 8.15 8.03 -7.93
N HIS A 17 8.09 9.00 -8.80
CA HIS A 17 8.95 9.04 -9.97
C HIS A 17 10.42 9.05 -9.56
N GLY A 18 11.06 7.92 -9.70
CA GLY A 18 12.47 7.78 -9.34
C GLY A 18 12.99 6.40 -9.70
N PHE A 19 13.92 6.34 -10.62
CA PHE A 19 14.49 5.08 -11.06
C PHE A 19 14.70 4.14 -9.88
N PHE A 20 15.12 4.66 -8.77
CA PHE A 20 15.35 3.83 -7.59
C PHE A 20 14.06 3.15 -7.18
N TRP A 21 12.97 3.88 -7.19
CA TRP A 21 11.68 3.33 -6.81
C TRP A 21 11.30 2.15 -7.70
N GLY A 22 11.58 2.29 -8.96
CA GLY A 22 11.27 1.24 -9.93
C GLY A 22 11.92 -0.09 -9.55
N LEU A 23 13.12 -0.02 -9.05
CA LEU A 23 13.84 -1.23 -8.66
C LEU A 23 13.08 -2.02 -7.60
N LEU A 24 12.47 -1.34 -6.66
CA LEU A 24 11.77 -2.02 -5.58
C LEU A 24 10.64 -2.92 -6.07
N VAL A 25 9.82 -2.46 -6.97
CA VAL A 25 8.71 -3.29 -7.45
C VAL A 25 9.22 -4.55 -8.12
N VAL A 26 10.23 -4.41 -8.93
CA VAL A 26 10.79 -5.56 -9.62
C VAL A 26 11.38 -6.56 -8.63
N THR A 27 12.06 -6.05 -7.65
CA THR A 27 12.71 -6.89 -6.64
C THR A 27 11.71 -7.72 -5.85
N LEU A 28 10.62 -7.12 -5.45
CA LEU A 28 9.62 -7.85 -4.69
C LEU A 28 9.06 -8.98 -5.52
N ALA A 29 8.81 -8.73 -6.76
CA ALA A 29 8.26 -9.75 -7.65
C ALA A 29 9.20 -10.94 -7.78
N TRP A 30 10.46 -10.68 -7.93
CA TRP A 30 11.45 -11.74 -8.07
C TRP A 30 11.56 -12.62 -6.81
N HIS A 31 11.50 -12.00 -5.66
CA HIS A 31 11.65 -12.72 -4.41
C HIS A 31 10.56 -13.76 -4.19
N VAL A 32 9.35 -13.43 -4.51
CA VAL A 32 8.24 -14.35 -4.28
C VAL A 32 8.34 -15.62 -5.15
N LYS A 33 9.26 -15.64 -6.07
CA LYS A 33 9.41 -16.82 -6.93
C LYS A 33 9.39 -18.10 -6.10
N GLY A 34 10.32 -18.21 -5.20
CA GLY A 34 10.42 -19.38 -4.34
C GLY A 34 9.15 -19.57 -3.53
N ARG A 35 8.56 -18.49 -3.08
CA ARG A 35 7.34 -18.56 -2.29
C ARG A 35 6.20 -19.23 -3.07
N LEU A 36 6.16 -18.97 -4.34
CA LEU A 36 5.09 -19.50 -5.20
C LEU A 36 5.00 -21.04 -5.23
N VAL A 37 6.11 -21.72 -5.31
CA VAL A 37 6.08 -23.19 -5.41
C VAL A 37 5.45 -23.94 -4.21
N PRO A 38 5.77 -23.61 -2.96
CA PRO A 38 5.14 -24.27 -1.78
C PRO A 38 3.63 -24.01 -1.72
N GLY A 39 3.27 -22.84 -2.16
CA GLY A 39 1.86 -22.44 -2.20
C GLY A 39 1.06 -23.39 -3.08
N ALA A 40 1.65 -23.78 -4.18
CA ALA A 40 0.97 -24.66 -5.12
C ALA A 40 0.58 -25.99 -4.46
N THR A 41 1.46 -26.54 -3.66
CA THR A 41 1.17 -27.82 -2.99
C THR A 41 0.66 -27.61 -1.57
N TYR A 42 -0.59 -27.93 -1.36
CA TYR A 42 -1.21 -27.80 -0.05
C TYR A 42 -2.17 -28.97 0.20
N LEU A 43 -3.38 -28.66 0.60
CA LEU A 43 -4.39 -29.70 0.85
C LEU A 43 -5.53 -29.55 -0.15
N SER A 44 -6.57 -30.31 0.07
CA SER A 44 -7.75 -30.29 -0.81
C SER A 44 -8.99 -29.88 -0.01
N LEU A 45 -9.35 -28.64 -0.12
CA LEU A 45 -10.54 -28.12 0.57
C LEU A 45 -11.80 -28.44 -0.23
N GLY A 46 -12.01 -27.70 -1.29
CA GLY A 46 -13.16 -27.92 -2.16
C GLY A 46 -14.23 -26.84 -2.03
N VAL A 47 -14.69 -26.62 -0.82
CA VAL A 47 -15.77 -25.63 -0.58
C VAL A 47 -15.48 -24.70 0.61
N TRP A 48 -14.49 -25.01 1.39
CA TRP A 48 -14.18 -24.17 2.55
C TRP A 48 -13.96 -22.70 2.16
N PRO A 49 -13.28 -22.39 1.09
CA PRO A 49 -13.03 -20.97 0.71
C PRO A 49 -14.24 -20.33 0.04
N LEU A 50 -14.78 -21.01 -0.92
CA LEU A 50 -15.89 -20.47 -1.70
C LEU A 50 -17.08 -20.02 -0.85
N LEU A 51 -17.42 -20.74 0.20
CA LEU A 51 -18.58 -20.30 0.98
C LEU A 51 -18.34 -18.90 1.55
N LEU A 52 -17.18 -18.66 2.10
CA LEU A 52 -16.89 -17.34 2.65
C LEU A 52 -16.96 -16.30 1.54
N VAL A 53 -16.43 -16.66 0.41
CA VAL A 53 -16.43 -15.81 -0.78
C VAL A 53 -17.86 -15.48 -1.20
N ARG A 54 -18.76 -16.39 -0.94
CA ARG A 54 -20.15 -16.19 -1.34
C ARG A 54 -20.67 -14.87 -0.80
N LEU A 55 -20.33 -14.53 0.41
CA LEU A 55 -20.80 -13.24 0.95
C LEU A 55 -20.26 -12.12 0.06
N LEU A 56 -19.00 -12.24 -0.26
CA LEU A 56 -18.27 -11.30 -1.14
C LEU A 56 -18.75 -11.33 -2.60
N ARG A 57 -19.16 -12.49 -3.03
CA ARG A 57 -19.53 -12.73 -4.44
C ARG A 57 -20.61 -11.78 -5.00
N PRO A 58 -21.69 -11.49 -4.31
CA PRO A 58 -22.72 -10.54 -4.86
C PRO A 58 -22.12 -9.16 -5.11
N HIS A 59 -21.28 -8.73 -4.20
CA HIS A 59 -20.62 -7.43 -4.33
C HIS A 59 -21.66 -6.30 -4.46
N ARG A 60 -21.27 -5.12 -4.09
CA ARG A 60 -22.17 -3.97 -4.17
C ARG A 60 -21.37 -2.66 -4.22
N ALA A 61 -22.04 -1.57 -4.04
CA ALA A 61 -21.38 -0.27 -4.06
C ALA A 61 -22.29 0.82 -3.52
N LEU A 62 -23.23 0.43 -2.68
CA LEU A 62 -24.17 1.38 -2.08
C LEU A 62 -23.59 1.99 -0.81
N ALA A 63 -22.34 1.69 -0.55
CA ALA A 63 -21.67 2.22 0.64
C ALA A 63 -21.85 3.73 0.73
N GLY B 1 -1.93 24.07 -15.52
CA GLY B 1 -2.45 23.63 -16.86
C GLY B 1 -3.51 22.55 -16.65
N ALA B 2 -4.48 22.52 -17.52
CA ALA B 2 -5.55 21.54 -17.43
C ALA B 2 -5.08 20.18 -17.95
N LYS B 3 -5.70 19.13 -17.48
CA LYS B 3 -5.35 17.78 -17.88
C LYS B 3 -3.83 17.57 -17.80
N ASN B 4 -3.33 17.61 -16.59
CA ASN B 4 -1.91 17.42 -16.34
C ASN B 4 -1.72 16.84 -14.95
N VAL B 5 -2.65 17.13 -14.09
CA VAL B 5 -2.62 16.63 -12.72
C VAL B 5 -2.99 15.14 -12.74
N ILE B 6 -4.18 14.87 -13.16
CA ILE B 6 -4.68 13.52 -13.25
C ILE B 6 -3.79 12.68 -14.17
N VAL B 7 -3.27 13.32 -15.18
CA VAL B 7 -2.40 12.64 -16.14
C VAL B 7 -1.19 12.06 -15.41
N LEU B 8 -0.65 12.80 -14.49
CA LEU B 8 0.51 12.33 -13.74
C LEU B 8 0.17 11.01 -13.04
N ASN B 9 -1.02 10.93 -12.50
CA ASN B 9 -1.47 9.71 -11.84
C ASN B 9 -1.47 8.56 -12.84
N ALA B 10 -1.88 8.87 -14.04
CA ALA B 10 -1.97 7.87 -15.10
C ALA B 10 -0.60 7.21 -15.30
N ALA B 11 0.43 8.01 -15.27
CA ALA B 11 1.78 7.49 -15.45
C ALA B 11 2.09 6.42 -14.41
N SER B 12 1.63 6.63 -13.20
CA SER B 12 1.86 5.66 -12.14
C SER B 12 1.24 4.32 -12.51
N ALA B 13 0.04 4.36 -13.05
CA ALA B 13 -0.67 3.13 -13.43
C ALA B 13 0.15 2.33 -14.44
N ALA B 14 0.77 3.00 -15.36
CA ALA B 14 1.59 2.32 -16.35
C ALA B 14 2.73 1.60 -15.65
N GLY B 15 3.28 2.25 -14.66
CA GLY B 15 4.40 1.71 -13.91
C GLY B 15 4.05 0.37 -13.27
N ASN B 16 2.88 0.24 -12.73
CA ASN B 16 2.47 -1.02 -12.09
C ASN B 16 2.51 -2.17 -13.11
N HIS B 17 2.06 -1.90 -14.30
CA HIS B 17 2.04 -2.92 -15.35
C HIS B 17 1.32 -4.18 -14.85
N GLY B 18 1.18 -5.15 -15.74
CA GLY B 18 0.49 -6.40 -15.40
C GLY B 18 1.37 -7.63 -15.61
N PHE B 19 2.53 -7.44 -16.18
CA PHE B 19 3.42 -8.58 -16.42
C PHE B 19 4.08 -9.04 -15.12
N PHE B 20 5.24 -8.52 -14.81
CA PHE B 20 5.93 -8.92 -13.59
C PHE B 20 5.11 -8.60 -12.35
N TRP B 21 4.51 -7.44 -12.34
CA TRP B 21 3.70 -7.01 -11.21
C TRP B 21 2.51 -7.93 -10.98
N GLY B 22 1.89 -8.36 -12.04
CA GLY B 22 0.73 -9.25 -11.94
C GLY B 22 1.11 -10.56 -11.24
N LEU B 23 2.26 -11.06 -11.58
CA LEU B 23 2.73 -12.32 -11.00
C LEU B 23 2.84 -12.21 -9.48
N LEU B 24 3.29 -11.08 -9.01
CA LEU B 24 3.45 -10.87 -7.58
C LEU B 24 2.13 -11.02 -6.82
N VAL B 25 1.08 -10.49 -7.37
CA VAL B 25 -0.21 -10.58 -6.70
C VAL B 25 -0.67 -12.02 -6.52
N VAL B 26 -0.53 -12.82 -7.55
CA VAL B 26 -0.94 -14.21 -7.47
C VAL B 26 -0.12 -14.96 -6.42
N THR B 27 1.16 -14.69 -6.40
CA THR B 27 2.05 -15.36 -5.46
C THR B 27 1.69 -15.04 -4.01
N LEU B 28 1.39 -13.81 -3.73
CA LEU B 28 1.04 -13.43 -2.37
C LEU B 28 -0.21 -14.17 -1.92
N ALA B 29 -1.19 -14.23 -2.78
CA ALA B 29 -2.43 -14.91 -2.43
C ALA B 29 -2.17 -16.40 -2.19
N TRP B 30 -1.38 -17.00 -3.03
CA TRP B 30 -1.06 -18.42 -2.90
C TRP B 30 -0.28 -18.72 -1.61
N HIS B 31 0.66 -17.86 -1.30
CA HIS B 31 1.52 -18.08 -0.12
C HIS B 31 0.72 -18.16 1.17
N VAL B 32 -0.25 -17.32 1.32
CA VAL B 32 -1.04 -17.32 2.55
C VAL B 32 -1.85 -18.60 2.70
N LYS B 33 -1.79 -19.48 1.74
CA LYS B 33 -2.53 -20.73 1.83
C LYS B 33 -2.23 -21.39 3.17
N GLY B 34 -1.00 -21.75 3.37
CA GLY B 34 -0.57 -22.36 4.62
C GLY B 34 -0.87 -21.44 5.80
N ARG B 35 -0.69 -20.17 5.59
CA ARG B 35 -0.94 -19.17 6.63
C ARG B 35 -2.41 -19.22 7.07
N LEU B 36 -3.26 -19.46 6.12
CA LEU B 36 -4.70 -19.49 6.36
C LEU B 36 -5.15 -20.55 7.40
N VAL B 37 -4.60 -21.74 7.36
CA VAL B 37 -5.04 -22.80 8.27
C VAL B 37 -4.81 -22.50 9.79
N PRO B 38 -3.66 -22.03 10.21
CA PRO B 38 -3.41 -21.68 11.65
C PRO B 38 -4.31 -20.53 12.11
N GLY B 39 -4.54 -19.64 11.20
CA GLY B 39 -5.37 -18.48 11.46
C GLY B 39 -6.80 -18.89 11.81
N ALA B 40 -7.29 -19.88 11.12
CA ALA B 40 -8.66 -20.35 11.32
C ALA B 40 -8.96 -20.82 12.75
N THR B 41 -8.04 -21.54 13.36
CA THR B 41 -8.26 -22.04 14.71
C THR B 41 -7.89 -21.00 15.77
N TYR B 42 -8.84 -20.67 16.61
CA TYR B 42 -8.62 -19.69 17.67
C TYR B 42 -9.88 -19.54 18.52
N LEU B 43 -9.81 -19.99 19.75
CA LEU B 43 -10.95 -19.89 20.65
C LEU B 43 -10.85 -18.60 21.46
N SER B 44 -11.77 -18.44 22.35
CA SER B 44 -11.80 -17.25 23.19
C SER B 44 -12.06 -16.00 22.36
N LEU B 45 -11.70 -14.88 22.92
CA LEU B 45 -11.90 -13.59 22.26
C LEU B 45 -13.39 -13.30 22.09
N GLY B 46 -14.13 -13.49 23.15
CA GLY B 46 -15.57 -13.27 23.13
C GLY B 46 -15.91 -11.86 22.65
N VAL B 47 -15.59 -10.87 23.44
CA VAL B 47 -15.88 -9.48 23.09
C VAL B 47 -14.79 -8.53 23.56
N TRP B 48 -13.85 -9.04 24.32
CA TRP B 48 -12.77 -8.20 24.83
C TRP B 48 -12.16 -7.36 23.69
N PRO B 49 -11.83 -7.95 22.57
CA PRO B 49 -11.23 -7.18 21.44
C PRO B 49 -12.29 -6.39 20.68
N LEU B 50 -13.41 -7.00 20.44
CA LEU B 50 -14.49 -6.37 19.68
C LEU B 50 -14.89 -5.02 20.27
N LEU B 51 -14.85 -4.86 21.55
CA LEU B 51 -15.27 -3.57 22.08
C LEU B 51 -14.45 -2.45 21.45
N LEU B 52 -13.15 -2.64 21.33
CA LEU B 52 -12.32 -1.61 20.71
C LEU B 52 -12.73 -1.39 19.24
N VAL B 53 -12.90 -2.46 18.50
CA VAL B 53 -13.33 -2.38 17.10
C VAL B 53 -14.73 -1.78 17.00
N ARG B 54 -15.52 -2.02 18.01
CA ARG B 54 -16.90 -1.54 18.01
C ARG B 54 -16.91 -0.04 17.77
N LEU B 55 -16.00 0.67 18.37
CA LEU B 55 -15.96 2.13 18.16
C LEU B 55 -15.76 2.40 16.65
N LEU B 56 -14.84 1.66 16.08
CA LEU B 56 -14.51 1.72 14.64
C LEU B 56 -15.64 1.18 13.75
N ARG B 57 -16.33 0.20 14.27
CA ARG B 57 -17.36 -0.53 13.50
C ARG B 57 -18.46 0.35 12.86
N PRO B 58 -19.04 1.33 13.52
CA PRO B 58 -20.08 2.20 12.88
C PRO B 58 -19.52 2.93 11.67
N HIS B 59 -18.30 3.37 11.78
CA HIS B 59 -17.66 4.10 10.69
C HIS B 59 -18.42 5.39 10.38
N ARG B 60 -17.79 6.26 9.64
CA ARG B 60 -18.41 7.53 9.30
C ARG B 60 -17.52 8.33 8.36
N ALA B 61 -17.84 9.58 8.16
CA ALA B 61 -17.05 10.45 7.29
C ALA B 61 -16.92 11.85 7.90
N LEU B 62 -16.62 12.81 7.08
CA LEU B 62 -16.46 14.18 7.54
C LEU B 62 -15.15 14.31 8.30
N ALA B 63 -14.81 13.31 9.07
CA ALA B 63 -13.58 13.30 9.85
C ALA B 63 -13.30 14.66 10.46
N GLY C 1 -7.82 15.24 -23.41
CA GLY C 1 -7.71 13.88 -22.79
C GLY C 1 -8.88 13.63 -21.85
N ALA C 2 -10.04 14.09 -22.25
CA ALA C 2 -11.24 13.93 -21.44
C ALA C 2 -11.67 12.47 -21.41
N LYS C 3 -12.14 12.04 -20.27
CA LYS C 3 -12.59 10.65 -20.11
C LYS C 3 -11.59 9.68 -20.71
N ASN C 4 -10.49 9.53 -20.04
CA ASN C 4 -9.44 8.62 -20.46
C ASN C 4 -8.51 8.35 -19.29
N VAL C 5 -8.23 9.39 -18.55
CA VAL C 5 -7.36 9.29 -17.38
C VAL C 5 -8.12 8.55 -16.27
N ILE C 6 -9.29 9.04 -15.98
CA ILE C 6 -10.13 8.44 -14.95
C ILE C 6 -10.44 6.99 -15.34
N VAL C 7 -10.61 6.77 -16.61
CA VAL C 7 -10.90 5.43 -17.13
C VAL C 7 -9.76 4.47 -16.79
N LEU C 8 -8.55 4.95 -16.93
CA LEU C 8 -7.38 4.13 -16.63
C LEU C 8 -7.42 3.65 -15.17
N ASN C 9 -7.85 4.52 -14.29
CA ASN C 9 -7.95 4.16 -12.88
C ASN C 9 -8.93 3.00 -12.73
N ALA C 10 -9.99 3.08 -13.48
CA ALA C 10 -11.03 2.05 -13.43
C ALA C 10 -10.43 0.69 -13.77
N ALA C 11 -9.56 0.66 -14.73
CA ALA C 11 -8.93 -0.60 -15.12
C ALA C 11 -8.19 -1.21 -13.94
N SER C 12 -7.55 -0.40 -13.16
CA SER C 12 -6.83 -0.89 -11.98
C SER C 12 -7.81 -1.57 -11.03
N ALA C 13 -8.96 -0.97 -10.85
CA ALA C 13 -9.97 -1.51 -9.95
C ALA C 13 -10.40 -2.90 -10.39
N ALA C 14 -10.52 -3.11 -11.67
CA ALA C 14 -10.90 -4.41 -12.19
C ALA C 14 -9.85 -5.44 -11.77
N GLY C 15 -8.60 -5.04 -11.86
CA GLY C 15 -7.49 -5.92 -11.50
C GLY C 15 -7.56 -6.38 -10.05
N ASN C 16 -7.88 -5.46 -9.16
CA ASN C 16 -7.97 -5.81 -7.74
C ASN C 16 -9.03 -6.88 -7.50
N HIS C 17 -10.15 -6.73 -8.16
CA HIS C 17 -11.24 -7.68 -8.01
C HIS C 17 -10.79 -9.08 -8.41
N GLY C 18 -10.83 -9.99 -7.47
CA GLY C 18 -10.41 -11.36 -7.75
C GLY C 18 -10.83 -12.31 -6.63
N PHE C 19 -10.74 -13.58 -6.91
CA PHE C 19 -11.10 -14.62 -5.95
C PHE C 19 -9.97 -14.85 -4.94
N PHE C 20 -8.85 -15.34 -5.41
CA PHE C 20 -7.71 -15.63 -4.54
C PHE C 20 -7.25 -14.36 -3.81
N TRP C 21 -7.24 -13.26 -4.50
CA TRP C 21 -6.79 -12.00 -3.91
C TRP C 21 -7.64 -11.63 -2.69
N GLY C 22 -8.92 -11.85 -2.78
CA GLY C 22 -9.83 -11.53 -1.69
C GLY C 22 -9.51 -12.29 -0.41
N LEU C 23 -9.15 -13.54 -0.55
CA LEU C 23 -8.86 -14.39 0.61
C LEU C 23 -7.71 -13.84 1.46
N LEU C 24 -6.69 -13.34 0.81
CA LEU C 24 -5.53 -12.85 1.55
C LEU C 24 -5.87 -11.69 2.48
N VAL C 25 -6.64 -10.74 2.03
CA VAL C 25 -6.98 -9.60 2.88
C VAL C 25 -7.85 -9.98 4.08
N VAL C 26 -8.88 -10.76 3.86
CA VAL C 26 -9.76 -11.16 4.95
C VAL C 26 -9.05 -12.08 5.96
N THR C 27 -8.34 -13.04 5.45
CA THR C 27 -7.64 -14.00 6.28
C THR C 27 -6.57 -13.33 7.13
N LEU C 28 -5.86 -12.43 6.51
CA LEU C 28 -4.78 -11.72 7.17
C LEU C 28 -5.28 -10.91 8.36
N ALA C 29 -6.39 -10.27 8.20
CA ALA C 29 -6.89 -9.40 9.27
C ALA C 29 -7.16 -10.16 10.58
N TRP C 30 -7.83 -11.27 10.53
CA TRP C 30 -8.08 -12.03 11.76
C TRP C 30 -6.82 -12.62 12.35
N HIS C 31 -5.93 -13.08 11.50
CA HIS C 31 -4.69 -13.72 11.95
C HIS C 31 -3.84 -12.82 12.85
N VAL C 32 -3.72 -11.57 12.52
CA VAL C 32 -2.90 -10.69 13.34
C VAL C 32 -3.40 -10.64 14.79
N LYS C 33 -4.50 -11.31 15.05
CA LYS C 33 -5.04 -11.33 16.42
C LYS C 33 -3.91 -11.53 17.44
N GLY C 34 -3.17 -12.59 17.29
CA GLY C 34 -2.08 -12.89 18.22
C GLY C 34 -1.05 -11.77 18.28
N ARG C 35 -0.77 -11.17 17.16
CA ARG C 35 0.21 -10.08 17.12
C ARG C 35 -0.23 -8.94 18.04
N LEU C 36 -1.50 -8.73 18.10
CA LEU C 36 -2.08 -7.64 18.89
C LEU C 36 -1.81 -7.71 20.42
N VAL C 37 -1.93 -8.87 21.03
CA VAL C 37 -1.77 -8.94 22.51
C VAL C 37 -0.35 -8.54 22.98
N PRO C 38 0.69 -9.04 22.37
CA PRO C 38 2.10 -8.64 22.72
C PRO C 38 2.32 -7.13 22.55
N GLY C 39 1.68 -6.60 21.55
CA GLY C 39 1.75 -5.17 21.23
C GLY C 39 1.24 -4.33 22.39
N ALA C 40 0.21 -4.82 23.03
CA ALA C 40 -0.43 -4.08 24.13
C ALA C 40 0.56 -3.72 25.24
N THR C 41 1.45 -4.64 25.58
CA THR C 41 2.42 -4.38 26.63
C THR C 41 2.95 -2.94 26.58
N TYR C 42 2.60 -2.16 27.57
CA TYR C 42 3.03 -0.76 27.64
C TYR C 42 4.29 -0.61 28.48
N LEU C 43 5.40 -0.95 27.90
CA LEU C 43 6.69 -0.86 28.59
C LEU C 43 7.26 0.54 28.49
N SER C 44 7.10 1.31 29.53
CA SER C 44 7.61 2.69 29.55
C SER C 44 7.23 3.43 28.28
N LEU C 45 6.01 3.90 28.22
CA LEU C 45 5.51 4.65 27.06
C LEU C 45 4.49 5.68 27.50
N GLY C 46 4.62 6.15 28.71
CA GLY C 46 3.68 7.14 29.23
C GLY C 46 3.48 8.30 28.27
N VAL C 47 4.47 9.13 28.16
CA VAL C 47 4.38 10.31 27.28
C VAL C 47 5.66 10.54 26.48
N TRP C 48 6.74 9.93 26.88
CA TRP C 48 8.00 10.12 26.17
C TRP C 48 7.78 10.05 24.64
N PRO C 49 7.09 9.04 24.15
CA PRO C 49 6.79 8.91 22.70
C PRO C 49 5.99 10.10 22.17
N LEU C 50 5.03 10.52 22.95
CA LEU C 50 4.12 11.59 22.56
C LEU C 50 4.83 12.89 22.15
N LEU C 51 5.89 13.26 22.82
CA LEU C 51 6.55 14.50 22.44
C LEU C 51 6.98 14.46 20.97
N LEU C 52 7.56 13.35 20.56
CA LEU C 52 7.98 13.24 19.17
C LEU C 52 6.75 13.33 18.25
N VAL C 53 5.71 12.66 18.65
CA VAL C 53 4.45 12.67 17.91
C VAL C 53 3.88 14.07 17.82
N ARG C 54 4.15 14.87 18.82
CA ARG C 54 3.63 16.23 18.85
C ARG C 54 4.01 16.95 17.57
N LEU C 55 5.20 16.71 17.09
CA LEU C 55 5.65 17.38 15.86
C LEU C 55 4.65 17.06 14.74
N LEU C 56 4.23 15.82 14.69
CA LEU C 56 3.24 15.31 13.72
C LEU C 56 1.82 15.91 13.95
N ARG C 57 1.54 16.15 15.19
CA ARG C 57 0.20 16.59 15.64
C ARG C 57 -0.35 17.88 14.97
N PRO C 58 0.39 18.94 14.78
CA PRO C 58 -0.14 20.17 14.12
C PRO C 58 -0.65 19.87 12.71
N HIS C 59 0.05 19.04 12.01
CA HIS C 59 -0.34 18.67 10.64
C HIS C 59 -0.65 19.91 9.81
N ARG C 60 -0.99 19.71 8.57
CA ARG C 60 -1.31 20.82 7.68
C ARG C 60 -1.78 20.29 6.32
N ALA C 61 -3.07 20.34 6.10
CA ALA C 61 -3.62 19.84 4.84
C ALA C 61 -3.28 20.77 3.69
N LEU C 62 -2.70 21.90 3.99
CA LEU C 62 -2.32 22.86 2.97
C LEU C 62 -0.97 22.48 2.35
N ALA C 63 -0.66 21.21 2.41
CA ALA C 63 0.60 20.73 1.85
C ALA C 63 0.63 20.94 0.34
N GLY D 1 -16.91 7.21 -20.47
CA GLY D 1 -18.18 7.33 -19.69
C GLY D 1 -18.16 8.60 -18.86
N ALA D 2 -18.40 8.46 -17.59
CA ALA D 2 -18.41 9.60 -16.69
C ALA D 2 -18.52 9.15 -15.23
N LYS D 3 -19.69 8.74 -14.84
CA LYS D 3 -19.92 8.27 -13.48
C LYS D 3 -19.48 6.82 -13.33
N ASN D 4 -19.91 5.98 -14.26
CA ASN D 4 -19.56 4.56 -14.22
C ASN D 4 -18.09 4.36 -13.81
N VAL D 5 -17.29 5.36 -14.06
CA VAL D 5 -15.87 5.30 -13.69
C VAL D 5 -15.72 5.54 -12.19
N ILE D 6 -16.11 6.69 -11.76
CA ILE D 6 -16.03 7.06 -10.35
C ILE D 6 -16.83 6.06 -9.51
N VAL D 7 -17.91 5.59 -10.08
CA VAL D 7 -18.77 4.61 -9.39
C VAL D 7 -17.96 3.36 -9.05
N LEU D 8 -17.13 2.94 -9.97
CA LEU D 8 -16.32 1.74 -9.75
C LEU D 8 -15.42 1.93 -8.53
N ASN D 9 -14.86 3.11 -8.37
CA ASN D 9 -14.01 3.37 -7.21
C ASN D 9 -14.82 3.21 -5.92
N ALA D 10 -16.02 3.70 -5.95
CA ALA D 10 -16.89 3.63 -4.77
C ALA D 10 -17.07 2.19 -4.33
N ALA D 11 -17.23 1.31 -5.29
CA ALA D 11 -17.42 -0.11 -4.97
C ALA D 11 -16.22 -0.62 -4.17
N SER D 12 -15.04 -0.18 -4.54
CA SER D 12 -13.85 -0.60 -3.82
C SER D 12 -13.94 -0.15 -2.37
N ALA D 13 -14.41 1.06 -2.18
CA ALA D 13 -14.54 1.63 -0.85
C ALA D 13 -15.43 0.77 0.03
N ALA D 14 -16.47 0.21 -0.55
CA ALA D 14 -17.36 -0.66 0.21
C ALA D 14 -16.57 -1.84 0.75
N GLY D 15 -15.70 -2.35 -0.08
CA GLY D 15 -14.89 -3.50 0.30
C GLY D 15 -14.07 -3.20 1.56
N ASN D 16 -13.52 -2.02 1.63
CA ASN D 16 -12.75 -1.64 2.81
C ASN D 16 -13.63 -1.66 4.07
N HIS D 17 -14.85 -1.20 3.92
CA HIS D 17 -15.78 -1.17 5.04
C HIS D 17 -16.02 -2.57 5.60
N GLY D 18 -15.35 -2.86 6.69
CA GLY D 18 -15.49 -4.17 7.32
C GLY D 18 -14.73 -4.19 8.64
N PHE D 19 -15.38 -4.61 9.69
CA PHE D 19 -14.75 -4.66 11.00
C PHE D 19 -13.41 -5.38 10.96
N PHE D 20 -13.31 -6.41 10.17
CA PHE D 20 -12.05 -7.14 10.08
C PHE D 20 -10.95 -6.22 9.58
N TRP D 21 -11.25 -5.42 8.59
CA TRP D 21 -10.27 -4.51 8.03
C TRP D 21 -9.77 -3.52 9.07
N GLY D 22 -10.66 -3.03 9.87
CA GLY D 22 -10.31 -2.07 10.91
C GLY D 22 -9.30 -2.67 11.89
N LEU D 23 -9.50 -3.92 12.22
CA LEU D 23 -8.63 -4.61 13.16
C LEU D 23 -7.19 -4.65 12.64
N LEU D 24 -7.01 -4.87 11.37
CA LEU D 24 -5.65 -4.97 10.81
C LEU D 24 -4.84 -3.70 11.03
N VAL D 25 -5.44 -2.56 10.81
CA VAL D 25 -4.72 -1.30 10.97
C VAL D 25 -4.23 -1.11 12.41
N VAL D 26 -5.08 -1.41 13.35
CA VAL D 26 -4.73 -1.28 14.75
C VAL D 26 -3.58 -2.21 15.13
N THR D 27 -3.63 -3.42 14.63
CA THR D 27 -2.61 -4.40 14.95
C THR D 27 -1.22 -3.99 14.47
N LEU D 28 -1.13 -3.48 13.27
CA LEU D 28 0.17 -3.08 12.75
C LEU D 28 0.75 -1.95 13.59
N ALA D 29 -0.08 -1.00 13.93
CA ALA D 29 0.41 0.13 14.72
C ALA D 29 0.89 -0.31 16.10
N TRP D 30 0.14 -1.17 16.74
CA TRP D 30 0.51 -1.67 18.05
C TRP D 30 1.78 -2.53 18.01
N HIS D 31 1.91 -3.35 17.00
CA HIS D 31 3.04 -4.26 16.90
C HIS D 31 4.38 -3.53 16.87
N VAL D 32 4.45 -2.45 16.15
CA VAL D 32 5.70 -1.71 16.04
C VAL D 32 6.11 -1.07 17.36
N LYS D 33 5.30 -1.22 18.38
CA LYS D 33 5.61 -0.65 19.69
C LYS D 33 7.04 -1.02 20.08
N GLY D 34 7.28 -2.30 20.22
CA GLY D 34 8.61 -2.77 20.59
C GLY D 34 9.65 -2.33 19.57
N ARG D 35 9.27 -2.32 18.32
CA ARG D 35 10.17 -1.93 17.25
C ARG D 35 10.67 -0.49 17.43
N LEU D 36 9.82 0.36 17.91
CA LEU D 36 10.14 1.77 18.08
C LEU D 36 11.32 2.05 19.04
N VAL D 37 11.39 1.35 20.14
CA VAL D 37 12.46 1.62 21.13
C VAL D 37 13.91 1.39 20.62
N PRO D 38 14.22 0.29 19.95
CA PRO D 38 15.60 0.04 19.40
C PRO D 38 16.00 1.08 18.35
N GLY D 39 15.02 1.51 17.60
CA GLY D 39 15.23 2.51 16.57
C GLY D 39 15.76 3.81 17.16
N ALA D 40 15.21 4.18 18.28
CA ALA D 40 15.61 5.43 18.94
C ALA D 40 17.09 5.43 19.27
N THR D 41 17.60 4.31 19.73
CA THR D 41 19.02 4.23 20.10
C THR D 41 19.88 3.86 18.88
N TYR D 42 20.74 4.77 18.50
CA TYR D 42 21.64 4.54 17.36
C TYR D 42 22.65 5.69 17.26
N LEU D 43 23.87 5.41 17.66
CA LEU D 43 24.92 6.42 17.62
C LEU D 43 25.60 6.45 16.25
N SER D 44 24.84 6.73 15.24
CA SER D 44 25.38 6.80 13.88
C SER D 44 24.36 7.44 12.94
N LEU D 45 24.82 7.75 11.75
CA LEU D 45 23.95 8.40 10.76
C LEU D 45 23.44 9.73 11.30
N GLY D 46 24.33 10.50 11.85
CA GLY D 46 23.97 11.79 12.43
C GLY D 46 23.39 12.76 11.40
N VAL D 47 24.19 13.13 10.42
CA VAL D 47 23.75 14.09 9.40
C VAL D 47 23.98 13.58 7.98
N TRP D 48 24.75 12.54 7.84
CA TRP D 48 25.03 12.00 6.51
C TRP D 48 23.72 11.72 5.73
N PRO D 49 22.71 11.13 6.34
CA PRO D 49 21.42 10.85 5.64
C PRO D 49 20.86 12.08 4.93
N LEU D 50 20.94 13.20 5.60
CA LEU D 50 20.38 14.45 5.10
C LEU D 50 20.89 14.83 3.71
N LEU D 51 22.12 14.57 3.39
CA LEU D 51 22.60 14.98 2.06
C LEU D 51 21.72 14.34 0.98
N LEU D 52 21.42 13.08 1.12
CA LEU D 52 20.57 12.41 0.15
C LEU D 52 19.20 13.09 0.13
N VAL D 53 18.72 13.42 1.29
CA VAL D 53 17.44 14.09 1.46
C VAL D 53 17.41 15.42 0.71
N ARG D 54 18.55 16.05 0.60
CA ARG D 54 18.61 17.34 -0.05
C ARG D 54 18.01 17.26 -1.45
N LEU D 55 18.28 16.19 -2.16
CA LEU D 55 17.70 16.06 -3.50
C LEU D 55 16.17 16.05 -3.35
N LEU D 56 15.71 15.28 -2.40
CA LEU D 56 14.29 15.11 -2.04
C LEU D 56 13.60 16.36 -1.46
N ARG D 57 14.37 17.17 -0.79
CA ARG D 57 13.85 18.34 -0.04
C ARG D 57 12.95 19.30 -0.84
N PRO D 58 13.23 19.59 -2.09
CA PRO D 58 12.38 20.53 -2.88
C PRO D 58 10.95 19.99 -3.01
N HIS D 59 10.85 18.70 -3.18
CA HIS D 59 9.54 18.05 -3.30
C HIS D 59 8.66 18.79 -4.30
N ARG D 60 9.23 19.13 -5.42
CA ARG D 60 8.48 19.83 -6.47
C ARG D 60 7.19 19.08 -6.77
N ALA D 61 6.38 19.62 -7.65
CA ALA D 61 5.12 18.98 -8.03
C ALA D 61 4.83 19.23 -9.50
N LEU D 62 5.67 19.98 -10.15
CA LEU D 62 5.48 20.28 -11.56
C LEU D 62 5.95 19.10 -12.41
N ALA D 63 5.93 17.93 -11.82
CA ALA D 63 6.35 16.72 -12.51
C ALA D 63 5.68 16.63 -13.88
N GLY E 1 -27.37 9.22 -7.18
CA GLY E 1 -27.44 10.10 -8.39
C GLY E 1 -26.18 10.95 -8.46
N ALA E 2 -25.80 11.52 -7.34
CA ALA E 2 -24.62 12.37 -7.29
C ALA E 2 -24.16 12.57 -5.85
N LYS E 3 -22.92 12.96 -5.69
CA LYS E 3 -22.37 13.20 -4.37
C LYS E 3 -22.63 12.00 -3.46
N ASN E 4 -22.26 10.84 -3.95
CA ASN E 4 -22.43 9.59 -3.20
C ASN E 4 -21.33 8.62 -3.61
N VAL E 5 -20.35 9.16 -4.29
CA VAL E 5 -19.20 8.37 -4.75
C VAL E 5 -17.95 8.85 -4.02
N ILE E 6 -17.60 10.10 -4.24
CA ILE E 6 -16.46 10.71 -3.58
C ILE E 6 -16.67 10.65 -2.07
N VAL E 7 -17.91 10.79 -1.69
CA VAL E 7 -18.27 10.76 -0.27
C VAL E 7 -17.81 9.45 0.37
N LEU E 8 -17.97 8.37 -0.33
CA LEU E 8 -17.56 7.07 0.18
C LEU E 8 -16.05 7.07 0.47
N ASN E 9 -15.29 7.68 -0.41
CA ASN E 9 -13.84 7.75 -0.21
C ASN E 9 -13.52 8.50 1.08
N ALA E 10 -14.23 9.56 1.30
CA ALA E 10 -14.01 10.37 2.50
C ALA E 10 -14.18 9.52 3.75
N ALA E 11 -15.13 8.63 3.73
CA ALA E 11 -15.36 7.77 4.88
C ALA E 11 -14.10 6.96 5.18
N SER E 12 -13.43 6.50 4.15
CA SER E 12 -12.21 5.73 4.36
C SER E 12 -11.18 6.59 5.09
N ALA E 13 -11.09 7.83 4.69
CA ALA E 13 -10.13 8.76 5.29
C ALA E 13 -10.38 8.89 6.79
N ALA E 14 -11.65 8.91 7.15
CA ALA E 14 -12.00 9.01 8.56
C ALA E 14 -11.43 7.83 9.33
N GLY E 15 -11.50 6.67 8.73
CA GLY E 15 -10.98 5.47 9.36
C GLY E 15 -9.49 5.61 9.65
N ASN E 16 -8.76 6.17 8.73
CA ASN E 16 -7.33 6.37 8.90
C ASN E 16 -7.06 7.29 10.10
N HIS E 17 -7.86 8.33 10.22
CA HIS E 17 -7.70 9.29 11.31
C HIS E 17 -7.57 8.57 12.65
N GLY E 18 -6.36 8.39 13.09
CA GLY E 18 -6.11 7.72 14.35
C GLY E 18 -4.66 7.89 14.78
N PHE E 19 -4.45 8.67 15.81
CA PHE E 19 -3.10 8.94 16.32
C PHE E 19 -2.22 7.70 16.21
N PHE E 20 -2.79 6.56 16.46
CA PHE E 20 -2.04 5.32 16.38
C PHE E 20 -1.44 5.16 14.98
N TRP E 21 -2.23 5.48 13.99
CA TRP E 21 -1.78 5.35 12.62
C TRP E 21 -0.54 6.21 12.36
N GLY E 22 -0.54 7.40 12.91
CA GLY E 22 0.59 8.30 12.74
C GLY E 22 1.88 7.71 13.31
N LEU E 23 1.76 7.05 14.44
CA LEU E 23 2.92 6.45 15.10
C LEU E 23 3.58 5.41 14.20
N LEU E 24 2.78 4.65 13.50
CA LEU E 24 3.32 3.59 12.65
C LEU E 24 4.28 4.13 11.59
N VAL E 25 3.92 5.21 10.97
CA VAL E 25 4.77 5.77 9.91
C VAL E 25 6.14 6.20 10.45
N VAL E 26 6.16 6.85 11.57
CA VAL E 26 7.43 7.30 12.15
C VAL E 26 8.33 6.13 12.52
N THR E 27 7.75 5.13 13.12
CA THR E 27 8.53 3.97 13.56
C THR E 27 9.18 3.22 12.41
N LEU E 28 8.44 3.01 11.36
CA LEU E 28 8.99 2.28 10.21
C LEU E 28 10.19 3.03 9.65
N ALA E 29 10.05 4.32 9.53
CA ALA E 29 11.12 5.13 8.98
C ALA E 29 12.38 5.06 9.85
N TRP E 30 12.20 5.09 11.14
CA TRP E 30 13.33 5.03 12.08
C TRP E 30 14.11 3.71 12.00
N HIS E 31 13.40 2.62 11.92
CA HIS E 31 14.03 1.30 11.90
C HIS E 31 14.95 1.08 10.70
N VAL E 32 14.51 1.51 9.56
CA VAL E 32 15.28 1.28 8.34
C VAL E 32 16.65 1.97 8.36
N LYS E 33 16.90 2.85 9.30
CA LYS E 33 18.21 3.53 9.36
C LYS E 33 19.33 2.52 9.13
N GLY E 34 19.40 1.51 9.97
CA GLY E 34 20.43 0.50 9.85
C GLY E 34 20.39 -0.18 8.49
N ARG E 35 19.20 -0.38 7.98
CA ARG E 35 19.02 -1.03 6.69
C ARG E 35 19.74 -0.25 5.59
N LEU E 36 19.72 1.04 5.71
CA LEU E 36 20.33 1.93 4.71
C LEU E 36 21.85 1.76 4.51
N VAL E 37 22.62 1.63 5.56
CA VAL E 37 24.09 1.56 5.38
C VAL E 37 24.55 0.33 4.56
N PRO E 38 24.05 -0.85 4.84
CA PRO E 38 24.37 -2.08 4.04
C PRO E 38 23.97 -1.89 2.56
N GLY E 39 22.88 -1.21 2.39
CA GLY E 39 22.34 -0.93 1.05
C GLY E 39 23.34 -0.14 0.21
N ALA E 40 24.04 0.76 0.85
CA ALA E 40 24.99 1.63 0.16
C ALA E 40 26.03 0.82 -0.64
N THR E 41 26.51 -0.26 -0.09
CA THR E 41 27.50 -1.08 -0.78
C THR E 41 27.15 -1.21 -2.27
N TYR E 42 27.92 -0.55 -3.10
CA TYR E 42 27.68 -0.57 -4.55
C TYR E 42 28.45 -1.69 -5.22
N LEU E 43 27.95 -2.88 -5.10
CA LEU E 43 28.58 -4.05 -5.72
C LEU E 43 28.66 -3.87 -7.23
N SER E 44 27.88 -4.64 -7.93
CA SER E 44 27.84 -4.59 -9.40
C SER E 44 26.46 -4.09 -9.86
N LEU E 45 26.32 -2.79 -9.96
CA LEU E 45 25.06 -2.18 -10.39
C LEU E 45 25.32 -1.04 -11.37
N GLY E 46 26.45 -1.09 -12.01
CA GLY E 46 26.81 -0.05 -12.96
C GLY E 46 25.71 0.20 -13.98
N VAL E 47 25.50 -0.75 -14.86
CA VAL E 47 24.48 -0.61 -15.91
C VAL E 47 23.58 -1.83 -16.03
N TRP E 48 23.98 -2.93 -15.46
CA TRP E 48 23.16 -4.14 -15.57
C TRP E 48 21.69 -3.85 -15.22
N PRO E 49 21.42 -3.14 -14.13
CA PRO E 49 20.01 -2.82 -13.75
C PRO E 49 19.25 -2.10 -14.87
N LEU E 50 19.91 -1.17 -15.51
CA LEU E 50 19.31 -0.35 -16.55
C LEU E 50 18.68 -1.16 -17.67
N LEU E 51 19.24 -2.27 -18.06
CA LEU E 51 18.63 -3.02 -19.15
C LEU E 51 17.18 -3.36 -18.78
N LEU E 52 16.98 -3.78 -17.56
CA LEU E 52 15.63 -4.09 -17.10
C LEU E 52 14.77 -2.84 -17.21
N VAL E 53 15.33 -1.72 -16.83
CA VAL E 53 14.65 -0.43 -16.89
C VAL E 53 14.24 -0.10 -18.32
N ARG E 54 15.02 -0.55 -19.27
CA ARG E 54 14.72 -0.26 -20.67
C ARG E 54 13.30 -0.70 -21.02
N LEU E 55 12.89 -1.83 -20.54
CA LEU E 55 11.53 -2.31 -20.85
C LEU E 55 10.51 -1.27 -20.35
N LEU E 56 10.75 -0.78 -19.16
CA LEU E 56 9.94 0.24 -18.49
C LEU E 56 10.02 1.63 -19.18
N ARG E 57 11.18 1.89 -19.72
CA ARG E 57 11.48 3.22 -20.32
C ARG E 57 10.53 3.70 -21.45
N PRO E 58 10.13 2.88 -22.40
CA PRO E 58 9.20 3.34 -23.48
C PRO E 58 7.85 3.84 -22.93
N HIS E 59 7.32 3.16 -21.95
CA HIS E 59 6.03 3.53 -21.37
C HIS E 59 5.89 5.05 -21.25
N ARG E 60 4.67 5.50 -21.08
CA ARG E 60 4.40 6.93 -20.95
C ARG E 60 3.07 7.15 -20.24
N ALA E 61 2.73 8.38 -20.00
CA ALA E 61 1.48 8.70 -19.31
C ALA E 61 0.27 8.47 -20.21
N LEU E 62 0.52 8.28 -21.48
CA LEU E 62 -0.57 8.05 -22.42
C LEU E 62 -1.07 6.61 -22.31
N ALA E 63 -0.96 6.06 -21.14
CA ALA E 63 -1.39 4.68 -20.89
C ALA E 63 -2.77 4.45 -21.50
N GLY F 1 -21.55 19.63 0.33
CA GLY F 1 -20.85 20.86 -0.13
C GLY F 1 -19.65 20.48 -1.00
N ALA F 2 -19.47 21.20 -2.07
CA ALA F 2 -18.36 20.93 -2.97
C ALA F 2 -17.05 21.39 -2.36
N LYS F 3 -15.96 20.85 -2.85
CA LYS F 3 -14.64 21.21 -2.33
C LYS F 3 -14.60 20.99 -0.82
N ASN F 4 -14.81 19.76 -0.43
CA ASN F 4 -14.79 19.39 0.98
C ASN F 4 -14.43 17.92 1.11
N VAL F 5 -15.01 17.12 0.26
CA VAL F 5 -14.73 15.70 0.27
C VAL F 5 -13.30 15.47 -0.21
N ILE F 6 -13.00 16.04 -1.34
CA ILE F 6 -11.67 15.97 -1.93
C ILE F 6 -10.65 16.58 -0.97
N VAL F 7 -11.09 17.60 -0.29
CA VAL F 7 -10.24 18.30 0.68
C VAL F 7 -9.75 17.31 1.74
N LEU F 8 -10.62 16.45 2.19
CA LEU F 8 -10.24 15.47 3.19
C LEU F 8 -9.09 14.61 2.66
N ASN F 9 -9.14 14.26 1.40
CA ASN F 9 -8.09 13.45 0.80
C ASN F 9 -6.76 14.20 0.86
N ALA F 10 -6.81 15.48 0.58
CA ALA F 10 -5.61 16.30 0.57
C ALA F 10 -4.91 16.22 1.93
N ALA F 11 -5.67 16.23 2.99
CA ALA F 11 -5.10 16.14 4.32
C ALA F 11 -4.25 14.88 4.45
N SER F 12 -4.72 13.80 3.89
CA SER F 12 -3.97 12.55 3.95
C SER F 12 -2.62 12.75 3.26
N ALA F 13 -2.66 13.42 2.13
CA ALA F 13 -1.44 13.67 1.35
C ALA F 13 -0.42 14.45 2.17
N ALA F 14 -0.88 15.39 2.94
CA ALA F 14 0.02 16.19 3.77
C ALA F 14 0.75 15.25 4.74
N GLY F 15 0.01 14.35 5.31
CA GLY F 15 0.58 13.40 6.26
C GLY F 15 1.71 12.58 5.62
N ASN F 16 1.49 12.15 4.40
CA ASN F 16 2.51 11.39 3.70
C ASN F 16 3.79 12.23 3.52
N HIS F 17 3.59 13.47 3.17
CA HIS F 17 4.72 14.37 2.97
C HIS F 17 5.40 14.69 4.30
N GLY F 18 6.70 14.51 4.34
CA GLY F 18 7.45 14.77 5.56
C GLY F 18 8.93 14.46 5.37
N PHE F 19 9.67 14.64 6.43
CA PHE F 19 11.12 14.38 6.40
C PHE F 19 11.44 12.88 6.57
N PHE F 20 11.07 12.32 7.70
CA PHE F 20 11.34 10.91 7.98
C PHE F 20 10.73 10.00 6.93
N TRP F 21 9.53 10.30 6.51
CA TRP F 21 8.85 9.48 5.52
C TRP F 21 9.65 9.40 4.22
N GLY F 22 10.22 10.50 3.81
CA GLY F 22 11.00 10.55 2.58
C GLY F 22 12.20 9.61 2.64
N LEU F 23 12.85 9.56 3.77
CA LEU F 23 14.03 8.71 3.95
C LEU F 23 13.68 7.24 3.74
N LEU F 24 12.54 6.84 4.20
CA LEU F 24 12.13 5.43 4.10
C LEU F 24 12.09 4.90 2.67
N VAL F 25 11.56 5.67 1.76
CA VAL F 25 11.45 5.19 0.37
C VAL F 25 12.81 4.91 -0.25
N VAL F 26 13.74 5.80 -0.04
CA VAL F 26 15.07 5.61 -0.62
C VAL F 26 15.78 4.38 -0.05
N THR F 27 15.66 4.20 1.24
CA THR F 27 16.32 3.07 1.90
C THR F 27 15.81 1.73 1.41
N LEU F 28 14.52 1.60 1.27
CA LEU F 28 13.96 0.33 0.83
C LEU F 28 14.49 -0.01 -0.55
N ALA F 29 14.54 0.97 -1.40
CA ALA F 29 15.03 0.77 -2.75
C ALA F 29 16.50 0.34 -2.74
N TRP F 30 17.28 0.99 -1.92
CA TRP F 30 18.71 0.68 -1.83
C TRP F 30 18.97 -0.74 -1.29
N HIS F 31 18.22 -1.14 -0.30
CA HIS F 31 18.40 -2.45 0.32
C HIS F 31 18.20 -3.60 -0.66
N VAL F 32 17.22 -3.50 -1.49
CA VAL F 32 16.92 -4.58 -2.43
C VAL F 32 17.99 -4.72 -3.50
N LYS F 33 18.96 -3.84 -3.50
CA LYS F 33 20.02 -3.94 -4.50
C LYS F 33 20.58 -5.36 -4.54
N GLY F 34 21.16 -5.77 -3.45
CA GLY F 34 21.73 -7.11 -3.35
C GLY F 34 20.70 -8.18 -3.62
N ARG F 35 19.49 -7.95 -3.16
CA ARG F 35 18.41 -8.91 -3.35
C ARG F 35 18.13 -9.15 -4.83
N LEU F 36 18.23 -8.11 -5.61
CA LEU F 36 17.94 -8.19 -7.04
C LEU F 36 18.84 -9.17 -7.82
N VAL F 37 20.11 -9.21 -7.55
CA VAL F 37 21.03 -10.09 -8.31
C VAL F 37 20.72 -11.61 -8.20
N PRO F 38 20.49 -12.17 -7.03
CA PRO F 38 20.16 -13.62 -6.87
C PRO F 38 18.84 -13.98 -7.58
N GLY F 39 17.94 -13.03 -7.55
CA GLY F 39 16.64 -13.20 -8.18
C GLY F 39 16.82 -13.43 -9.68
N ALA F 40 17.71 -12.69 -10.27
CA ALA F 40 17.95 -12.79 -11.70
C ALA F 40 18.37 -14.20 -12.09
N THR F 41 19.21 -14.83 -11.30
CA THR F 41 19.67 -16.18 -11.60
C THR F 41 18.77 -17.24 -10.97
N TYR F 42 17.94 -17.85 -11.77
CA TYR F 42 17.04 -18.90 -11.30
C TYR F 42 16.70 -19.83 -12.45
N LEU F 43 15.44 -20.09 -12.62
CA LEU F 43 14.96 -20.96 -13.70
C LEU F 43 13.65 -20.40 -14.26
N SER F 44 13.69 -19.98 -15.49
CA SER F 44 12.50 -19.40 -16.14
C SER F 44 11.22 -20.11 -15.72
N LEU F 45 10.29 -19.35 -15.18
CA LEU F 45 9.00 -19.87 -14.72
C LEU F 45 7.90 -18.90 -15.12
N GLY F 46 8.12 -18.24 -16.23
CA GLY F 46 7.14 -17.28 -16.75
C GLY F 46 6.19 -17.98 -17.72
N VAL F 47 6.70 -18.97 -18.41
CA VAL F 47 5.91 -19.70 -19.39
C VAL F 47 5.14 -20.84 -18.73
N TRP F 48 4.57 -20.59 -17.58
CA TRP F 48 3.74 -21.58 -16.90
C TRP F 48 2.69 -20.84 -16.04
N PRO F 49 3.08 -19.87 -15.23
CA PRO F 49 2.13 -19.13 -14.36
C PRO F 49 1.56 -17.89 -15.06
N LEU F 50 2.36 -17.28 -15.90
CA LEU F 50 1.95 -16.08 -16.61
C LEU F 50 0.70 -16.31 -17.43
N LEU F 51 0.55 -17.47 -18.00
CA LEU F 51 -0.63 -17.72 -18.82
C LEU F 51 -1.88 -17.47 -17.98
N LEU F 52 -1.89 -17.94 -16.77
CA LEU F 52 -3.04 -17.70 -15.89
C LEU F 52 -3.18 -16.18 -15.71
N VAL F 53 -2.07 -15.52 -15.53
CA VAL F 53 -2.02 -14.07 -15.38
C VAL F 53 -2.57 -13.39 -16.64
N ARG F 54 -2.40 -14.05 -17.75
CA ARG F 54 -2.84 -13.49 -19.02
C ARG F 54 -4.32 -13.08 -18.93
N LEU F 55 -5.10 -13.86 -18.26
CA LEU F 55 -6.52 -13.54 -18.16
C LEU F 55 -6.68 -12.10 -17.62
N LEU F 56 -5.86 -11.76 -16.66
CA LEU F 56 -5.82 -10.43 -16.05
C LEU F 56 -5.32 -9.32 -17.02
N ARG F 57 -4.39 -9.70 -17.87
CA ARG F 57 -3.67 -8.74 -18.75
C ARG F 57 -4.60 -7.87 -19.64
N PRO F 58 -5.61 -8.41 -20.27
CA PRO F 58 -6.54 -7.57 -21.08
C PRO F 58 -7.13 -6.43 -20.23
N HIS F 59 -7.44 -6.72 -19.00
CA HIS F 59 -8.01 -5.72 -18.10
C HIS F 59 -9.31 -5.17 -18.68
N ARG F 60 -10.01 -4.40 -17.89
CA ARG F 60 -11.28 -3.83 -18.33
C ARG F 60 -11.68 -2.66 -17.42
N ALA F 61 -11.77 -1.50 -17.99
CA ALA F 61 -12.16 -0.31 -17.22
C ALA F 61 -13.61 -0.44 -16.77
N LEU F 62 -14.43 -1.03 -17.60
CA LEU F 62 -15.83 -1.21 -17.26
C LEU F 62 -15.97 -2.21 -16.12
N ALA F 63 -15.10 -3.19 -16.09
CA ALA F 63 -15.13 -4.20 -15.05
C ALA F 63 -16.53 -4.80 -14.94
N GLY A 1 -8.32 26.28 -3.05
CA GLY A 1 -9.02 26.70 -4.31
C GLY A 1 -9.35 25.46 -5.14
N ALA A 2 -10.00 25.68 -6.25
CA ALA A 2 -10.37 24.58 -7.12
C ALA A 2 -9.15 23.73 -7.46
N LYS A 3 -8.28 24.26 -8.29
CA LYS A 3 -7.08 23.53 -8.68
C LYS A 3 -6.00 23.67 -7.61
N ASN A 4 -6.16 22.93 -6.54
CA ASN A 4 -5.19 22.95 -5.45
C ASN A 4 -5.20 21.58 -4.77
N VAL A 5 -6.36 21.15 -4.37
CA VAL A 5 -6.50 19.86 -3.73
C VAL A 5 -5.91 18.78 -4.65
N ILE A 6 -6.45 18.71 -5.83
CA ILE A 6 -5.99 17.75 -6.82
C ILE A 6 -4.50 17.96 -7.12
N VAL A 7 -4.10 19.21 -7.13
CA VAL A 7 -2.70 19.55 -7.40
C VAL A 7 -1.79 18.91 -6.35
N LEU A 8 -2.23 18.92 -5.12
CA LEU A 8 -1.43 18.34 -4.04
C LEU A 8 -1.14 16.86 -4.35
N ASN A 9 -2.12 16.17 -4.86
CA ASN A 9 -1.93 14.76 -5.20
C ASN A 9 -0.83 14.61 -6.24
N ALA A 10 -0.84 15.49 -7.21
CA ALA A 10 0.14 15.44 -8.29
C ALA A 10 1.55 15.53 -7.71
N ALA A 11 1.73 16.38 -6.74
CA ALA A 11 3.04 16.54 -6.13
C ALA A 11 3.52 15.22 -5.55
N SER A 12 2.63 14.48 -4.97
CA SER A 12 2.99 13.19 -4.39
C SER A 12 3.55 12.27 -5.49
N ALA A 13 2.90 12.30 -6.63
CA ALA A 13 3.32 11.47 -7.75
C ALA A 13 4.75 11.80 -8.17
N ALA A 14 5.09 13.06 -8.13
CA ALA A 14 6.44 13.48 -8.49
C ALA A 14 7.43 12.84 -7.52
N GLY A 15 7.07 12.83 -6.27
CA GLY A 15 7.92 12.26 -5.24
C GLY A 15 8.21 10.79 -5.54
N ASN A 16 7.21 10.07 -5.96
CA ASN A 16 7.38 8.66 -6.31
C ASN A 16 8.37 8.51 -7.45
N HIS A 17 8.28 9.38 -8.42
CA HIS A 17 9.16 9.33 -9.58
C HIS A 17 10.62 9.21 -9.15
N GLY A 18 11.12 8.01 -9.18
CA GLY A 18 12.50 7.75 -8.79
C GLY A 18 12.91 6.34 -9.16
N PHE A 19 13.92 6.22 -9.99
CA PHE A 19 14.41 4.91 -10.42
C PHE A 19 14.46 3.94 -9.25
N PHE A 20 14.79 4.45 -8.09
CA PHE A 20 14.86 3.59 -6.92
C PHE A 20 13.49 2.97 -6.66
N TRP A 21 12.47 3.76 -6.75
CA TRP A 21 11.11 3.27 -6.51
C TRP A 21 10.73 2.18 -7.51
N GLY A 22 11.09 2.39 -8.74
CA GLY A 22 10.79 1.42 -9.79
C GLY A 22 11.48 0.08 -9.53
N LEU A 23 12.69 0.17 -9.05
CA LEU A 23 13.48 -1.03 -8.77
C LEU A 23 12.81 -1.94 -7.73
N LEU A 24 12.21 -1.35 -6.73
CA LEU A 24 11.59 -2.13 -5.66
C LEU A 24 10.46 -3.05 -6.14
N VAL A 25 9.60 -2.57 -6.99
CA VAL A 25 8.50 -3.43 -7.43
C VAL A 25 9.00 -4.67 -8.15
N VAL A 26 10.00 -4.52 -8.99
CA VAL A 26 10.54 -5.65 -9.71
C VAL A 26 11.15 -6.68 -8.75
N THR A 27 11.86 -6.20 -7.77
CA THR A 27 12.52 -7.07 -6.80
C THR A 27 11.51 -7.94 -6.05
N LEU A 28 10.44 -7.34 -5.62
CA LEU A 28 9.42 -8.09 -4.88
C LEU A 28 8.84 -9.19 -5.77
N ALA A 29 8.60 -8.86 -7.00
CA ALA A 29 8.03 -9.82 -7.93
C ALA A 29 8.96 -11.02 -8.15
N TRP A 30 10.23 -10.75 -8.27
CA TRP A 30 11.22 -11.81 -8.47
C TRP A 30 11.31 -12.77 -7.27
N HIS A 31 11.27 -12.21 -6.09
CA HIS A 31 11.41 -13.00 -4.86
C HIS A 31 10.31 -14.06 -4.70
N VAL A 32 9.11 -13.69 -5.02
CA VAL A 32 7.99 -14.63 -4.84
C VAL A 32 8.08 -15.84 -5.76
N LYS A 33 9.02 -15.87 -6.67
CA LYS A 33 9.15 -17.02 -7.56
C LYS A 33 9.09 -18.32 -6.75
N GLY A 34 10.01 -18.47 -5.84
CA GLY A 34 10.07 -19.65 -5.01
C GLY A 34 8.78 -19.81 -4.20
N ARG A 35 8.23 -18.72 -3.76
CA ARG A 35 7.00 -18.73 -2.97
C ARG A 35 5.84 -19.36 -3.75
N LEU A 36 5.82 -19.09 -5.02
CA LEU A 36 4.73 -19.57 -5.88
C LEU A 36 4.58 -21.11 -5.92
N VAL A 37 5.67 -21.84 -6.01
CA VAL A 37 5.58 -23.30 -6.13
C VAL A 37 4.93 -24.02 -4.91
N PRO A 38 5.28 -23.71 -3.67
CA PRO A 38 4.65 -24.35 -2.47
C PRO A 38 3.15 -24.02 -2.38
N GLY A 39 2.83 -22.84 -2.81
CA GLY A 39 1.44 -22.39 -2.81
C GLY A 39 0.57 -23.29 -3.68
N ALA A 40 1.12 -23.69 -4.81
CA ALA A 40 0.39 -24.53 -5.74
C ALA A 40 -0.04 -25.84 -5.08
N THR A 41 0.84 -26.42 -4.28
CA THR A 41 0.53 -27.67 -3.60
C THR A 41 0.08 -27.43 -2.17
N TYR A 42 -1.19 -27.68 -1.91
CA TYR A 42 -1.76 -27.49 -0.58
C TYR A 42 -2.67 -28.68 -0.23
N LEU A 43 -3.91 -28.40 0.07
CA LEU A 43 -4.88 -29.43 0.40
C LEU A 43 -6.10 -29.30 -0.49
N SER A 44 -7.12 -30.06 -0.17
CA SER A 44 -8.37 -30.03 -0.95
C SER A 44 -9.51 -29.49 -0.08
N LEU A 45 -9.61 -28.20 -0.03
CA LEU A 45 -10.66 -27.56 0.75
C LEU A 45 -12.03 -27.82 0.10
N GLY A 46 -12.35 -27.07 -0.93
CA GLY A 46 -13.60 -27.25 -1.64
C GLY A 46 -14.55 -26.06 -1.43
N VAL A 47 -14.85 -25.76 -0.19
CA VAL A 47 -15.78 -24.67 0.12
C VAL A 47 -15.43 -23.92 1.40
N TRP A 48 -14.50 -24.42 2.16
CA TRP A 48 -14.14 -23.76 3.42
C TRP A 48 -13.83 -22.27 3.22
N PRO A 49 -13.09 -21.88 2.21
CA PRO A 49 -12.76 -20.44 1.99
C PRO A 49 -13.90 -19.70 1.30
N LEU A 50 -14.47 -20.31 0.30
CA LEU A 50 -15.52 -19.69 -0.50
C LEU A 50 -16.69 -19.17 0.34
N LEU A 51 -17.08 -19.86 1.39
CA LEU A 51 -18.22 -19.38 2.15
C LEU A 51 -17.95 -17.97 2.70
N LEU A 52 -16.78 -17.76 3.23
CA LEU A 52 -16.44 -16.43 3.74
C LEU A 52 -16.50 -15.43 2.60
N VAL A 53 -15.98 -15.83 1.48
CA VAL A 53 -15.95 -15.01 0.27
C VAL A 53 -17.36 -14.61 -0.15
N ARG A 54 -18.31 -15.45 0.13
CA ARG A 54 -19.69 -15.18 -0.27
C ARG A 54 -20.10 -13.80 0.25
N LEU A 55 -19.71 -13.48 1.45
CA LEU A 55 -20.05 -12.15 1.98
C LEU A 55 -19.40 -11.09 1.08
N LEU A 56 -18.16 -11.35 0.75
CA LEU A 56 -17.34 -10.51 -0.14
C LEU A 56 -17.83 -10.48 -1.60
N ARG A 57 -18.37 -11.59 -2.03
CA ARG A 57 -18.79 -11.76 -3.44
C ARG A 57 -19.78 -10.70 -3.97
N PRO A 58 -20.81 -10.30 -3.26
CA PRO A 58 -21.73 -9.25 -3.77
C PRO A 58 -20.97 -7.95 -4.07
N HIS A 59 -20.05 -7.62 -3.20
CA HIS A 59 -19.24 -6.40 -3.38
C HIS A 59 -20.07 -5.16 -3.12
N ARG A 60 -21.11 -4.97 -3.89
CA ARG A 60 -21.97 -3.81 -3.73
C ARG A 60 -21.18 -2.52 -3.88
N ALA A 61 -21.81 -1.51 -4.46
CA ALA A 61 -21.16 -0.21 -4.67
C ALA A 61 -21.97 0.89 -3.99
N LEU A 62 -21.81 1.00 -2.69
CA LEU A 62 -22.52 2.01 -1.92
C LEU A 62 -21.80 2.27 -0.61
N ALA A 63 -21.38 1.22 0.03
CA ALA A 63 -20.66 1.33 1.31
C ALA A 63 -21.32 2.38 2.20
N GLY B 1 -5.07 25.33 -18.53
CA GLY B 1 -4.34 24.16 -19.10
C GLY B 1 -5.08 22.88 -18.75
N ALA B 2 -5.39 22.71 -17.49
CA ALA B 2 -6.13 21.53 -17.05
C ALA B 2 -5.40 20.26 -17.49
N LYS B 3 -5.91 19.13 -17.06
CA LYS B 3 -5.31 17.85 -17.41
C LYS B 3 -3.81 17.88 -17.17
N ASN B 4 -3.45 18.11 -15.94
CA ASN B 4 -2.05 18.14 -15.53
C ASN B 4 -1.95 17.62 -14.11
N VAL B 5 -2.94 16.85 -13.76
CA VAL B 5 -3.03 16.24 -12.44
C VAL B 5 -3.47 14.78 -12.60
N ILE B 6 -4.66 14.59 -13.07
CA ILE B 6 -5.19 13.26 -13.30
C ILE B 6 -4.30 12.49 -14.27
N VAL B 7 -3.77 13.19 -15.24
CA VAL B 7 -2.88 12.54 -16.21
C VAL B 7 -1.66 11.98 -15.49
N LEU B 8 -1.13 12.73 -14.56
CA LEU B 8 0.05 12.28 -13.82
C LEU B 8 -0.26 10.96 -13.09
N ASN B 9 -1.43 10.85 -12.54
CA ASN B 9 -1.81 9.62 -11.85
C ASN B 9 -1.80 8.45 -12.83
N ALA B 10 -2.29 8.72 -14.01
CA ALA B 10 -2.37 7.70 -15.05
C ALA B 10 -0.98 7.11 -15.31
N ALA B 11 0.00 7.96 -15.33
CA ALA B 11 1.37 7.51 -15.57
C ALA B 11 1.78 6.49 -14.51
N SER B 12 1.39 6.72 -13.29
CA SER B 12 1.73 5.79 -12.21
C SER B 12 1.14 4.42 -12.51
N ALA B 13 -0.08 4.40 -12.98
CA ALA B 13 -0.75 3.14 -13.30
C ALA B 13 0.03 2.35 -14.34
N ALA B 14 0.59 3.04 -15.28
CA ALA B 14 1.40 2.39 -16.31
C ALA B 14 2.57 1.69 -15.65
N GLY B 15 3.15 2.36 -14.68
CA GLY B 15 4.31 1.83 -13.97
C GLY B 15 4.00 0.49 -13.29
N ASN B 16 2.84 0.37 -12.70
CA ASN B 16 2.47 -0.88 -12.04
C ASN B 16 2.47 -2.04 -13.05
N HIS B 17 1.94 -1.79 -14.21
CA HIS B 17 1.88 -2.81 -15.26
C HIS B 17 1.11 -4.03 -14.76
N GLY B 18 0.69 -4.86 -15.69
CA GLY B 18 -0.08 -6.07 -15.36
C GLY B 18 0.71 -7.34 -15.69
N PHE B 19 1.84 -7.18 -16.30
CA PHE B 19 2.67 -8.32 -16.67
C PHE B 19 3.37 -8.92 -15.45
N PHE B 20 4.61 -8.56 -15.26
CA PHE B 20 5.38 -9.08 -14.14
C PHE B 20 4.72 -8.69 -12.80
N TRP B 21 4.28 -7.48 -12.71
CA TRP B 21 3.64 -6.99 -11.48
C TRP B 21 2.38 -7.78 -11.16
N GLY B 22 1.60 -8.09 -12.16
CA GLY B 22 0.37 -8.84 -11.96
C GLY B 22 0.64 -10.20 -11.33
N LEU B 23 1.70 -10.82 -11.76
CA LEU B 23 2.08 -12.14 -11.24
C LEU B 23 2.30 -12.09 -9.73
N LEU B 24 2.90 -11.02 -9.26
CA LEU B 24 3.19 -10.89 -7.83
C LEU B 24 1.92 -10.98 -6.99
N VAL B 25 0.87 -10.35 -7.43
CA VAL B 25 -0.37 -10.40 -6.66
C VAL B 25 -0.87 -11.83 -6.52
N VAL B 26 -0.84 -12.56 -7.59
CA VAL B 26 -1.29 -13.94 -7.56
C VAL B 26 -0.40 -14.81 -6.66
N THR B 27 0.88 -14.62 -6.77
CA THR B 27 1.83 -15.40 -5.99
C THR B 27 1.66 -15.19 -4.49
N LEU B 28 1.52 -13.96 -4.09
CA LEU B 28 1.36 -13.65 -2.67
C LEU B 28 0.10 -14.28 -2.13
N ALA B 29 -0.96 -14.18 -2.88
CA ALA B 29 -2.25 -14.73 -2.46
C ALA B 29 -2.20 -16.25 -2.30
N TRP B 30 -1.55 -16.92 -3.21
CA TRP B 30 -1.45 -18.37 -3.18
C TRP B 30 -0.68 -18.89 -1.95
N HIS B 31 0.38 -18.22 -1.62
CA HIS B 31 1.23 -18.63 -0.50
C HIS B 31 0.48 -18.67 0.82
N VAL B 32 -0.37 -17.71 1.02
CA VAL B 32 -1.12 -17.62 2.28
C VAL B 32 -1.91 -18.88 2.58
N LYS B 33 -2.16 -19.71 1.59
CA LYS B 33 -2.90 -20.94 1.83
C LYS B 33 -2.37 -21.59 3.11
N GLY B 34 -1.11 -21.87 3.12
CA GLY B 34 -0.48 -22.46 4.28
C GLY B 34 -0.63 -21.55 5.50
N ARG B 35 -0.51 -20.25 5.32
CA ARG B 35 -0.65 -19.34 6.45
C ARG B 35 -2.05 -19.39 7.04
N LEU B 36 -3.01 -19.51 6.18
CA LEU B 36 -4.42 -19.50 6.54
C LEU B 36 -4.85 -20.63 7.50
N VAL B 37 -4.38 -21.82 7.30
CA VAL B 37 -4.83 -22.93 8.17
C VAL B 37 -4.45 -22.76 9.66
N PRO B 38 -3.23 -22.43 10.02
CA PRO B 38 -2.84 -22.20 11.44
C PRO B 38 -3.54 -20.98 12.05
N GLY B 39 -3.66 -19.96 11.26
CA GLY B 39 -4.31 -18.74 11.69
C GLY B 39 -5.78 -19.00 12.00
N ALA B 40 -6.43 -19.69 11.11
CA ALA B 40 -7.84 -19.99 11.27
C ALA B 40 -8.08 -20.83 12.52
N THR B 41 -7.21 -21.79 12.74
CA THR B 41 -7.30 -22.70 13.89
C THR B 41 -8.25 -22.22 14.99
N TYR B 42 -7.72 -21.50 15.95
CA TYR B 42 -8.54 -20.99 17.03
C TYR B 42 -9.49 -19.90 16.54
N LEU B 43 -10.40 -20.28 15.68
CA LEU B 43 -11.37 -19.33 15.14
C LEU B 43 -12.43 -19.01 16.19
N SER B 44 -12.17 -18.00 16.98
CA SER B 44 -13.11 -17.60 18.02
C SER B 44 -12.58 -16.39 18.78
N LEU B 45 -12.32 -15.33 18.07
CA LEU B 45 -11.80 -14.10 18.67
C LEU B 45 -12.62 -12.92 18.17
N GLY B 46 -13.86 -13.17 17.90
CA GLY B 46 -14.77 -12.14 17.41
C GLY B 46 -15.45 -11.42 18.57
N VAL B 47 -15.67 -12.10 19.66
CA VAL B 47 -16.32 -11.51 20.82
C VAL B 47 -15.30 -11.09 21.88
N TRP B 48 -14.24 -10.47 21.46
CA TRP B 48 -13.23 -9.97 22.38
C TRP B 48 -12.67 -8.64 21.82
N PRO B 49 -12.27 -8.62 20.56
CA PRO B 49 -11.72 -7.39 19.93
C PRO B 49 -12.83 -6.51 19.34
N LEU B 50 -13.97 -7.09 19.13
CA LEU B 50 -15.08 -6.37 18.51
C LEU B 50 -15.46 -5.12 19.29
N LEU B 51 -15.38 -5.15 20.59
CA LEU B 51 -15.77 -3.96 21.34
C LEU B 51 -14.92 -2.76 20.87
N LEU B 52 -13.64 -2.97 20.73
CA LEU B 52 -12.78 -1.88 20.25
C LEU B 52 -13.26 -1.44 18.86
N VAL B 53 -13.59 -2.42 18.07
CA VAL B 53 -14.11 -2.20 16.72
C VAL B 53 -15.42 -1.41 16.77
N ARG B 54 -16.14 -1.59 17.84
CA ARG B 54 -17.44 -0.94 17.99
C ARG B 54 -17.28 0.57 17.77
N LEU B 55 -16.22 1.13 18.25
CA LEU B 55 -16.02 2.57 18.07
C LEU B 55 -16.06 2.90 16.55
N LEU B 56 -15.42 2.05 15.79
CA LEU B 56 -15.36 2.14 14.31
C LEU B 56 -16.72 1.89 13.63
N ARG B 57 -17.49 1.02 14.23
CA ARG B 57 -18.77 0.55 13.65
C ARG B 57 -19.80 1.67 13.32
N PRO B 58 -20.04 2.65 14.15
CA PRO B 58 -21.03 3.73 13.81
C PRO B 58 -20.63 4.49 12.54
N HIS B 59 -19.35 4.77 12.41
CA HIS B 59 -18.86 5.48 11.22
C HIS B 59 -19.67 6.77 11.02
N ARG B 60 -19.24 7.60 10.12
CA ARG B 60 -19.92 8.85 9.85
C ARG B 60 -19.43 9.47 8.54
N ALA B 61 -18.14 9.56 8.40
CA ALA B 61 -17.52 10.13 7.20
C ALA B 61 -17.47 11.66 7.28
N LEU B 62 -18.05 12.21 8.30
CA LEU B 62 -18.05 13.66 8.48
C LEU B 62 -16.69 14.11 9.00
N ALA B 63 -15.67 13.41 8.61
CA ALA B 63 -14.31 13.74 9.04
C ALA B 63 -14.00 15.20 8.72
N GLY C 1 -8.16 13.50 -23.36
CA GLY C 1 -9.24 14.46 -23.72
C GLY C 1 -10.21 14.60 -22.56
N ALA C 2 -10.71 13.50 -22.08
CA ALA C 2 -11.65 13.51 -20.96
C ALA C 2 -11.85 12.10 -20.41
N LYS C 3 -12.78 11.39 -20.97
CA LYS C 3 -13.06 10.03 -20.52
C LYS C 3 -11.99 9.07 -21.05
N ASN C 4 -10.85 9.10 -20.41
CA ASN C 4 -9.73 8.24 -20.79
C ASN C 4 -8.80 8.07 -19.61
N VAL C 5 -8.47 9.17 -18.98
CA VAL C 5 -7.59 9.13 -17.82
C VAL C 5 -8.30 8.39 -16.69
N ILE C 6 -9.50 8.82 -16.39
CA ILE C 6 -10.30 8.21 -15.35
C ILE C 6 -10.54 6.74 -15.70
N VAL C 7 -10.68 6.48 -16.98
CA VAL C 7 -10.90 5.12 -17.47
C VAL C 7 -9.75 4.22 -17.04
N LEU C 8 -8.55 4.73 -17.13
CA LEU C 8 -7.38 3.95 -16.74
C LEU C 8 -7.50 3.55 -15.27
N ASN C 9 -7.95 4.44 -14.44
CA ASN C 9 -8.12 4.14 -13.02
C ASN C 9 -9.10 2.99 -12.85
N ALA C 10 -10.16 3.04 -13.60
CA ALA C 10 -11.21 2.01 -13.51
C ALA C 10 -10.60 0.64 -13.80
N ALA C 11 -9.73 0.58 -14.76
CA ALA C 11 -9.08 -0.67 -15.12
C ALA C 11 -8.34 -1.25 -13.91
N SER C 12 -7.69 -0.39 -13.16
CA SER C 12 -6.97 -0.85 -11.98
C SER C 12 -7.93 -1.52 -11.00
N ALA C 13 -9.09 -0.93 -10.83
CA ALA C 13 -10.08 -1.48 -9.92
C ALA C 13 -10.49 -2.89 -10.33
N ALA C 14 -10.62 -3.10 -11.61
CA ALA C 14 -10.98 -4.41 -12.12
C ALA C 14 -9.91 -5.43 -11.72
N GLY C 15 -8.69 -5.00 -11.82
CA GLY C 15 -7.55 -5.86 -11.48
C GLY C 15 -7.62 -6.33 -10.03
N ASN C 16 -7.97 -5.43 -9.15
CA ASN C 16 -8.06 -5.79 -7.73
C ASN C 16 -9.09 -6.90 -7.51
N HIS C 17 -10.21 -6.80 -8.18
CA HIS C 17 -11.26 -7.81 -8.05
C HIS C 17 -10.69 -9.20 -8.30
N GLY C 18 -10.56 -9.96 -7.25
CA GLY C 18 -10.02 -11.33 -7.38
C GLY C 18 -10.44 -12.21 -6.21
N PHE C 19 -10.42 -13.49 -6.45
CA PHE C 19 -10.80 -14.48 -5.42
C PHE C 19 -9.65 -14.72 -4.44
N PHE C 20 -8.54 -15.22 -4.94
CA PHE C 20 -7.39 -15.52 -4.09
C PHE C 20 -6.91 -14.27 -3.36
N TRP C 21 -6.91 -13.16 -4.03
CA TRP C 21 -6.46 -11.90 -3.45
C TRP C 21 -7.29 -11.52 -2.22
N GLY C 22 -8.57 -11.75 -2.29
CA GLY C 22 -9.47 -11.43 -1.18
C GLY C 22 -9.12 -12.20 0.09
N LEU C 23 -8.76 -13.45 -0.08
CA LEU C 23 -8.44 -14.31 1.06
C LEU C 23 -7.27 -13.76 1.88
N LEU C 24 -6.28 -13.23 1.21
CA LEU C 24 -5.09 -12.73 1.89
C LEU C 24 -5.40 -11.61 2.91
N VAL C 25 -6.24 -10.68 2.56
CA VAL C 25 -6.51 -9.59 3.49
C VAL C 25 -7.19 -10.08 4.78
N VAL C 26 -8.14 -10.96 4.67
CA VAL C 26 -8.82 -11.47 5.85
C VAL C 26 -7.89 -12.27 6.75
N THR C 27 -7.10 -13.11 6.14
CA THR C 27 -6.18 -13.96 6.89
C THR C 27 -5.16 -13.15 7.67
N LEU C 28 -4.62 -12.16 7.03
CA LEU C 28 -3.61 -11.32 7.66
C LEU C 28 -4.18 -10.58 8.87
N ALA C 29 -5.37 -10.07 8.74
CA ALA C 29 -5.95 -9.29 9.83
C ALA C 29 -6.17 -10.10 11.11
N TRP C 30 -6.73 -11.27 11.03
CA TRP C 30 -6.94 -12.06 12.24
C TRP C 30 -5.63 -12.55 12.83
N HIS C 31 -4.71 -12.94 11.98
CA HIS C 31 -3.42 -13.49 12.43
C HIS C 31 -2.62 -12.51 13.31
N VAL C 32 -2.60 -11.27 12.94
CA VAL C 32 -1.82 -10.29 13.71
C VAL C 32 -2.24 -10.25 15.18
N LYS C 33 -3.33 -10.92 15.50
CA LYS C 33 -3.81 -10.93 16.89
C LYS C 33 -2.65 -11.06 17.87
N GLY C 34 -1.82 -12.04 17.69
CA GLY C 34 -0.68 -12.28 18.56
C GLY C 34 0.25 -11.07 18.62
N ARG C 35 0.44 -10.42 17.50
CA ARG C 35 1.31 -9.25 17.44
C ARG C 35 0.81 -8.16 18.39
N LEU C 36 -0.48 -8.05 18.51
CA LEU C 36 -1.09 -7.02 19.34
C LEU C 36 -0.72 -7.08 20.85
N VAL C 37 -0.72 -8.25 21.44
CA VAL C 37 -0.46 -8.32 22.90
C VAL C 37 0.95 -7.82 23.30
N PRO C 38 1.99 -8.22 22.62
CA PRO C 38 3.38 -7.72 22.90
C PRO C 38 3.47 -6.20 22.73
N GLY C 39 2.74 -5.71 21.77
CA GLY C 39 2.69 -4.28 21.48
C GLY C 39 2.17 -3.48 22.68
N ALA C 40 1.21 -4.05 23.36
CA ALA C 40 0.60 -3.37 24.50
C ALA C 40 1.62 -3.00 25.57
N THR C 41 2.56 -3.88 25.85
CA THR C 41 3.57 -3.60 26.88
C THR C 41 4.06 -2.15 26.80
N TYR C 42 3.69 -1.38 27.79
CA TYR C 42 4.08 0.04 27.86
C TYR C 42 5.28 0.22 28.77
N LEU C 43 6.43 -0.21 28.32
CA LEU C 43 7.66 -0.09 29.10
C LEU C 43 8.40 1.19 28.73
N SER C 44 8.30 2.18 29.58
CA SER C 44 8.97 3.45 29.34
C SER C 44 8.47 4.08 28.03
N LEU C 45 7.18 4.31 27.98
CA LEU C 45 6.56 4.92 26.79
C LEU C 45 5.44 5.86 27.21
N GLY C 46 5.54 6.37 28.40
CA GLY C 46 4.52 7.29 28.90
C GLY C 46 4.25 8.41 27.91
N VAL C 47 5.20 9.29 27.75
CA VAL C 47 5.04 10.43 26.84
C VAL C 47 6.33 10.74 26.08
N TRP C 48 7.43 10.18 26.50
CA TRP C 48 8.69 10.46 25.83
C TRP C 48 8.55 10.31 24.30
N PRO C 49 7.94 9.24 23.82
CA PRO C 49 7.75 9.03 22.35
C PRO C 49 6.98 10.17 21.68
N LEU C 50 5.99 10.67 22.37
CA LEU C 50 5.13 11.73 21.82
C LEU C 50 5.91 12.96 21.33
N LEU C 51 6.98 13.32 21.96
CA LEU C 51 7.68 14.52 21.50
C LEU C 51 8.05 14.37 20.01
N LEU C 52 8.56 13.23 19.62
CA LEU C 52 8.93 13.03 18.21
C LEU C 52 7.69 13.15 17.30
N VAL C 53 6.62 12.51 17.68
CA VAL C 53 5.37 12.57 16.92
C VAL C 53 4.84 13.99 16.87
N ARG C 54 5.11 14.74 17.90
CA ARG C 54 4.62 16.11 17.99
C ARG C 54 5.04 16.87 16.72
N LEU C 55 6.23 16.63 16.26
CA LEU C 55 6.70 17.33 15.06
C LEU C 55 5.72 17.09 13.91
N LEU C 56 5.26 15.87 13.79
CA LEU C 56 4.27 15.45 12.78
C LEU C 56 2.88 16.08 13.05
N ARG C 57 2.59 16.23 14.31
CA ARG C 57 1.26 16.69 14.79
C ARG C 57 0.73 18.03 14.21
N PRO C 58 1.51 19.08 14.07
CA PRO C 58 0.99 20.36 13.50
C PRO C 58 0.42 20.17 12.09
N HIS C 59 1.04 19.33 11.31
CA HIS C 59 0.58 19.07 9.95
C HIS C 59 -0.95 18.93 9.91
N ARG C 60 -1.51 18.93 8.74
CA ARG C 60 -2.95 18.80 8.60
C ARG C 60 -3.32 18.61 7.12
N ALA C 61 -3.35 19.68 6.38
CA ALA C 61 -3.69 19.62 4.96
C ALA C 61 -3.18 20.86 4.24
N LEU C 62 -3.72 21.12 3.08
CA LEU C 62 -3.29 22.28 2.31
C LEU C 62 -1.79 22.20 2.04
N ALA C 63 -1.22 21.07 2.36
CA ALA C 63 0.21 20.85 2.16
C ALA C 63 0.58 21.05 0.69
N GLY D 1 -21.41 6.92 -18.80
CA GLY D 1 -21.38 8.12 -19.70
C GLY D 1 -20.45 9.17 -19.12
N ALA D 2 -20.52 9.34 -17.82
CA ALA D 2 -19.67 10.32 -17.15
C ALA D 2 -19.65 10.07 -15.64
N LYS D 3 -19.72 8.83 -15.27
CA LYS D 3 -19.71 8.47 -13.85
C LYS D 3 -19.43 6.98 -13.68
N ASN D 4 -19.95 6.18 -14.57
CA ASN D 4 -19.76 4.74 -14.52
C ASN D 4 -18.32 4.40 -14.15
N VAL D 5 -17.40 5.21 -14.59
CA VAL D 5 -16.00 5.00 -14.28
C VAL D 5 -15.77 5.19 -12.78
N ILE D 6 -16.21 6.31 -12.30
CA ILE D 6 -16.10 6.66 -10.88
C ILE D 6 -16.83 5.61 -10.04
N VAL D 7 -17.92 5.14 -10.56
CA VAL D 7 -18.73 4.14 -9.86
C VAL D 7 -17.88 2.90 -9.57
N LEU D 8 -17.08 2.51 -10.51
CA LEU D 8 -16.23 1.34 -10.32
C LEU D 8 -15.32 1.54 -9.09
N ASN D 9 -14.81 2.74 -8.92
CA ASN D 9 -13.96 3.01 -7.78
C ASN D 9 -14.74 2.81 -6.48
N ALA D 10 -15.96 3.25 -6.48
CA ALA D 10 -16.81 3.14 -5.30
C ALA D 10 -16.92 1.67 -4.89
N ALA D 11 -17.07 0.80 -5.86
CA ALA D 11 -17.18 -0.62 -5.57
C ALA D 11 -15.94 -1.11 -4.82
N SER D 12 -14.79 -0.61 -5.21
CA SER D 12 -13.55 -1.01 -4.54
C SER D 12 -13.61 -0.62 -3.06
N ALA D 13 -14.09 0.57 -2.80
CA ALA D 13 -14.20 1.05 -1.43
C ALA D 13 -15.08 0.13 -0.59
N ALA D 14 -16.12 -0.36 -1.21
CA ALA D 14 -17.03 -1.27 -0.51
C ALA D 14 -16.26 -2.51 -0.09
N GLY D 15 -15.42 -2.98 -0.98
CA GLY D 15 -14.63 -4.17 -0.70
C GLY D 15 -13.75 -3.97 0.53
N ASN D 16 -13.17 -2.82 0.65
CA ASN D 16 -12.32 -2.50 1.80
C ASN D 16 -13.15 -2.58 3.09
N HIS D 17 -14.35 -2.08 3.04
CA HIS D 17 -15.23 -2.08 4.19
C HIS D 17 -15.37 -3.49 4.76
N GLY D 18 -14.80 -3.70 5.91
CA GLY D 18 -14.85 -5.00 6.55
C GLY D 18 -14.19 -4.95 7.92
N PHE D 19 -14.96 -5.16 8.96
CA PHE D 19 -14.45 -5.11 10.34
C PHE D 19 -13.05 -5.69 10.44
N PHE D 20 -12.80 -6.75 9.73
CA PHE D 20 -11.48 -7.37 9.77
C PHE D 20 -10.43 -6.37 9.29
N TRP D 21 -10.75 -5.65 8.24
CA TRP D 21 -9.81 -4.67 7.70
C TRP D 21 -9.46 -3.60 8.73
N GLY D 22 -10.45 -3.15 9.45
CA GLY D 22 -10.23 -2.12 10.47
C GLY D 22 -9.28 -2.61 11.56
N LEU D 23 -9.44 -3.85 11.94
CA LEU D 23 -8.62 -4.45 12.98
C LEU D 23 -7.13 -4.48 12.61
N LEU D 24 -6.84 -4.78 11.36
CA LEU D 24 -5.46 -4.90 10.94
C LEU D 24 -4.66 -3.61 11.12
N VAL D 25 -5.21 -2.48 10.77
CA VAL D 25 -4.46 -1.23 10.90
C VAL D 25 -4.12 -0.96 12.37
N VAL D 26 -5.07 -1.18 13.24
CA VAL D 26 -4.85 -0.95 14.67
C VAL D 26 -3.77 -1.89 15.20
N THR D 27 -3.82 -3.13 14.78
CA THR D 27 -2.87 -4.13 15.24
C THR D 27 -1.43 -3.79 14.85
N LEU D 28 -1.25 -3.37 13.62
CA LEU D 28 0.08 -3.05 13.14
C LEU D 28 0.67 -1.91 13.97
N ALA D 29 -0.14 -0.93 14.26
CA ALA D 29 0.34 0.22 15.03
C ALA D 29 0.82 -0.20 16.42
N TRP D 30 0.07 -1.04 17.08
CA TRP D 30 0.45 -1.49 18.42
C TRP D 30 1.73 -2.31 18.41
N HIS D 31 1.87 -3.18 17.44
CA HIS D 31 3.04 -4.06 17.37
C HIS D 31 4.35 -3.31 17.24
N VAL D 32 4.36 -2.31 16.41
CA VAL D 32 5.59 -1.56 16.17
C VAL D 32 6.10 -0.86 17.44
N LYS D 33 5.31 -0.83 18.47
CA LYS D 33 5.74 -0.19 19.72
C LYS D 33 7.16 -0.66 20.06
N GLY D 34 7.31 -1.95 20.24
CA GLY D 34 8.60 -2.52 20.58
C GLY D 34 9.66 -2.16 19.54
N ARG D 35 9.27 -2.13 18.30
CA ARG D 35 10.21 -1.81 17.23
C ARG D 35 10.79 -0.39 17.41
N LEU D 36 9.97 0.51 17.85
CA LEU D 36 10.38 1.92 18.00
C LEU D 36 11.56 2.17 18.96
N VAL D 37 11.57 1.55 20.11
CA VAL D 37 12.65 1.81 21.08
C VAL D 37 14.09 1.41 20.60
N PRO D 38 14.31 0.25 20.00
CA PRO D 38 15.66 -0.14 19.50
C PRO D 38 16.17 0.83 18.42
N GLY D 39 15.24 1.31 17.66
CA GLY D 39 15.52 2.26 16.59
C GLY D 39 16.13 3.56 17.14
N ALA D 40 15.63 3.97 18.28
CA ALA D 40 16.07 5.23 18.89
C ALA D 40 17.58 5.27 19.09
N THR D 41 18.18 4.20 19.54
CA THR D 41 19.64 4.17 19.76
C THR D 41 20.35 3.53 18.56
N TYR D 42 20.89 4.36 17.70
CA TYR D 42 21.59 3.90 16.51
C TYR D 42 23.07 4.26 16.60
N LEU D 43 23.61 4.82 15.55
CA LEU D 43 25.03 5.21 15.50
C LEU D 43 25.16 6.73 15.41
N SER D 44 25.10 7.21 14.21
CA SER D 44 25.19 8.65 13.93
C SER D 44 24.27 9.03 12.79
N LEU D 45 23.46 10.04 13.02
CA LEU D 45 22.51 10.52 12.01
C LEU D 45 22.25 12.00 12.20
N GLY D 46 23.25 12.70 12.66
CA GLY D 46 23.11 14.14 12.91
C GLY D 46 22.75 14.93 11.65
N VAL D 47 23.65 14.94 10.69
CA VAL D 47 23.44 15.70 9.45
C VAL D 47 23.32 14.80 8.22
N TRP D 48 23.79 13.59 8.33
CA TRP D 48 23.73 12.67 7.20
C TRP D 48 22.31 12.56 6.63
N PRO D 49 21.28 12.48 7.44
CA PRO D 49 19.87 12.40 6.91
C PRO D 49 19.54 13.54 5.96
N LEU D 50 19.85 14.73 6.38
CA LEU D 50 19.50 15.93 5.63
C LEU D 50 20.01 15.89 4.18
N LEU D 51 21.17 15.37 3.92
CA LEU D 51 21.65 15.35 2.54
C LEU D 51 20.65 14.59 1.67
N LEU D 52 20.20 13.45 2.15
CA LEU D 52 19.23 12.66 1.39
C LEU D 52 17.95 13.49 1.20
N VAL D 53 17.57 14.17 2.24
CA VAL D 53 16.37 15.01 2.22
C VAL D 53 16.45 16.08 1.14
N ARG D 54 17.64 16.53 0.86
CA ARG D 54 17.82 17.58 -0.13
C ARG D 54 17.20 17.16 -1.45
N LEU D 55 17.37 15.93 -1.84
CA LEU D 55 16.77 15.49 -3.10
C LEU D 55 15.25 15.64 -3.01
N LEU D 56 14.72 15.22 -1.89
CA LEU D 56 13.29 15.28 -1.54
C LEU D 56 12.72 16.70 -1.35
N ARG D 57 13.56 17.60 -0.91
CA ARG D 57 13.13 18.96 -0.53
C ARG D 57 12.35 19.74 -1.60
N PRO D 58 12.67 19.67 -2.86
CA PRO D 58 11.93 20.42 -3.91
C PRO D 58 10.46 20.00 -3.95
N HIS D 59 10.24 18.72 -3.81
CA HIS D 59 8.89 18.16 -3.83
C HIS D 59 8.02 18.86 -4.89
N ARG D 60 8.63 19.24 -5.97
CA ARG D 60 7.92 19.91 -7.04
C ARG D 60 6.69 19.11 -7.44
N ALA D 61 5.99 19.56 -8.44
CA ALA D 61 4.79 18.87 -8.91
C ALA D 61 4.66 19.00 -10.43
N LEU D 62 3.49 18.77 -10.94
CA LEU D 62 3.27 18.85 -12.38
C LEU D 62 4.32 18.00 -13.10
N ALA D 63 4.78 16.98 -12.42
CA ALA D 63 5.79 16.08 -13.00
C ALA D 63 5.22 15.34 -14.20
N GLY E 1 -24.59 12.07 -10.90
CA GLY E 1 -24.67 12.71 -9.56
C GLY E 1 -23.29 13.19 -9.14
N ALA E 2 -22.27 12.57 -9.68
CA ALA E 2 -20.90 12.94 -9.37
C ALA E 2 -20.53 12.55 -7.92
N LYS E 3 -21.47 12.73 -7.02
CA LYS E 3 -21.25 12.40 -5.62
C LYS E 3 -21.68 10.96 -5.33
N ASN E 4 -21.69 10.60 -4.07
CA ASN E 4 -22.07 9.25 -3.66
C ASN E 4 -20.99 8.25 -4.07
N VAL E 5 -19.95 8.76 -4.66
CA VAL E 5 -18.80 7.94 -5.10
C VAL E 5 -17.57 8.40 -4.32
N ILE E 6 -17.17 9.62 -4.57
CA ILE E 6 -16.04 10.22 -3.89
C ILE E 6 -16.33 10.23 -2.39
N VAL E 7 -17.59 10.40 -2.08
CA VAL E 7 -18.03 10.44 -0.69
C VAL E 7 -17.63 9.15 0.03
N LEU E 8 -17.77 8.04 -0.64
CA LEU E 8 -17.41 6.76 -0.05
C LEU E 8 -15.93 6.76 0.33
N ASN E 9 -15.11 7.31 -0.52
CA ASN E 9 -13.67 7.37 -0.24
C ASN E 9 -13.41 8.18 1.03
N ALA E 10 -14.13 9.25 1.17
CA ALA E 10 -13.96 10.11 2.33
C ALA E 10 -14.21 9.31 3.61
N ALA E 11 -15.20 8.46 3.57
CA ALA E 11 -15.51 7.65 4.74
C ALA E 11 -14.29 6.81 5.13
N SER E 12 -13.61 6.28 4.15
CA SER E 12 -12.42 5.48 4.44
C SER E 12 -11.38 6.35 5.15
N ALA E 13 -11.23 7.55 4.69
CA ALA E 13 -10.26 8.49 5.27
C ALA E 13 -10.56 8.74 6.75
N ALA E 14 -11.82 8.85 7.06
CA ALA E 14 -12.22 9.09 8.45
C ALA E 14 -11.72 7.94 9.33
N GLY E 15 -11.85 6.74 8.81
CA GLY E 15 -11.42 5.56 9.56
C GLY E 15 -9.93 5.65 9.88
N ASN E 16 -9.16 6.08 8.92
CA ASN E 16 -7.72 6.22 9.12
C ASN E 16 -7.42 7.23 10.23
N HIS E 17 -8.16 8.31 10.24
CA HIS E 17 -7.97 9.35 11.24
C HIS E 17 -7.86 8.77 12.64
N GLY E 18 -6.66 8.54 13.08
CA GLY E 18 -6.42 7.98 14.40
C GLY E 18 -4.95 8.09 14.78
N PHE E 19 -4.67 8.78 15.85
CA PHE E 19 -3.30 8.98 16.30
C PHE E 19 -2.49 7.69 16.16
N PHE E 20 -3.15 6.58 16.31
CA PHE E 20 -2.46 5.30 16.21
C PHE E 20 -1.86 5.16 14.81
N TRP E 21 -2.60 5.55 13.82
CA TRP E 21 -2.14 5.47 12.44
C TRP E 21 -0.86 6.29 12.23
N GLY E 22 -0.84 7.46 12.79
CA GLY E 22 0.31 8.35 12.65
C GLY E 22 1.56 7.71 13.27
N LEU E 23 1.37 7.07 14.38
CA LEU E 23 2.48 6.42 15.08
C LEU E 23 3.14 5.33 14.22
N LEU E 24 2.33 4.59 13.50
CA LEU E 24 2.87 3.48 12.69
C LEU E 24 3.89 3.93 11.65
N VAL E 25 3.61 4.99 10.94
CA VAL E 25 4.54 5.44 9.90
C VAL E 25 5.89 5.86 10.49
N VAL E 26 5.87 6.57 11.59
CA VAL E 26 7.11 7.02 12.20
C VAL E 26 7.96 5.84 12.68
N THR E 27 7.33 4.87 13.28
CA THR E 27 8.05 3.71 13.80
C THR E 27 8.76 2.94 12.70
N LEU E 28 8.09 2.73 11.61
CA LEU E 28 8.68 1.99 10.51
C LEU E 28 9.92 2.69 10.00
N ALA E 29 9.83 3.99 9.89
CA ALA E 29 10.95 4.78 9.39
C ALA E 29 12.20 4.64 10.28
N TRP E 30 12.01 4.67 11.57
CA TRP E 30 13.14 4.54 12.49
C TRP E 30 13.83 3.18 12.38
N HIS E 31 13.06 2.14 12.28
CA HIS E 31 13.61 0.77 12.24
C HIS E 31 14.51 0.53 11.04
N VAL E 32 14.11 1.01 9.90
CA VAL E 32 14.88 0.78 8.68
C VAL E 32 16.29 1.39 8.74
N LYS E 33 16.57 2.19 9.73
CA LYS E 33 17.90 2.79 9.83
C LYS E 33 18.99 1.73 9.56
N GLY E 34 18.97 0.68 10.33
CA GLY E 34 19.95 -0.39 10.18
C GLY E 34 19.89 -0.99 8.77
N ARG E 35 18.71 -1.12 8.24
CA ARG E 35 18.52 -1.69 6.90
C ARG E 35 19.29 -0.88 5.85
N LEU E 36 19.32 0.40 6.03
CA LEU E 36 19.96 1.31 5.07
C LEU E 36 21.49 1.09 4.86
N VAL E 37 22.25 0.89 5.92
CA VAL E 37 23.71 0.77 5.73
C VAL E 37 24.12 -0.46 4.88
N PRO E 38 23.57 -1.63 5.14
CA PRO E 38 23.85 -2.85 4.32
C PRO E 38 23.44 -2.64 2.85
N GLY E 39 22.39 -1.91 2.68
CA GLY E 39 21.87 -1.60 1.35
C GLY E 39 22.90 -0.83 0.53
N ALA E 40 23.63 0.03 1.18
CA ALA E 40 24.61 0.87 0.50
C ALA E 40 25.64 0.04 -0.27
N THR E 41 26.08 -1.07 0.31
CA THR E 41 27.06 -1.92 -0.36
C THR E 41 26.77 -2.04 -1.86
N TYR E 42 27.62 -1.42 -2.66
CA TYR E 42 27.44 -1.44 -4.11
C TYR E 42 28.17 -2.63 -4.75
N LEU E 43 27.65 -3.79 -4.50
CA LEU E 43 28.24 -5.01 -5.05
C LEU E 43 28.33 -4.91 -6.58
N SER E 44 27.53 -5.69 -7.24
CA SER E 44 27.49 -5.70 -8.71
C SER E 44 26.19 -5.10 -9.21
N LEU E 45 26.16 -3.78 -9.28
CA LEU E 45 24.95 -3.06 -9.74
C LEU E 45 25.32 -1.97 -10.72
N GLY E 46 26.46 -2.09 -11.33
CA GLY E 46 26.93 -1.10 -12.29
C GLY E 46 25.89 -0.82 -13.38
N VAL E 47 25.66 -1.80 -14.23
CA VAL E 47 24.73 -1.64 -15.35
C VAL E 47 23.72 -2.79 -15.43
N TRP E 48 23.98 -3.85 -14.73
CA TRP E 48 23.09 -5.00 -14.75
C TRP E 48 21.63 -4.62 -14.47
N PRO E 49 21.34 -3.80 -13.48
CA PRO E 49 19.93 -3.44 -13.16
C PRO E 49 19.32 -2.46 -14.16
N LEU E 50 20.09 -1.51 -14.59
CA LEU E 50 19.60 -0.47 -15.51
C LEU E 50 18.97 -1.05 -16.77
N LEU E 51 19.47 -2.12 -17.31
CA LEU E 51 18.88 -2.66 -18.53
C LEU E 51 17.39 -2.94 -18.28
N LEU E 52 17.08 -3.50 -17.14
CA LEU E 52 15.68 -3.79 -16.81
C LEU E 52 14.88 -2.49 -16.82
N VAL E 53 15.48 -1.46 -16.29
CA VAL E 53 14.87 -0.14 -16.22
C VAL E 53 14.49 0.38 -17.60
N ARG E 54 15.23 -0.01 -18.60
CA ARG E 54 14.96 0.47 -19.96
C ARG E 54 13.50 0.19 -20.34
N LEU E 55 12.99 -0.95 -19.95
CA LEU E 55 11.59 -1.26 -20.28
C LEU E 55 10.68 -0.19 -19.67
N LEU E 56 10.97 0.14 -18.43
CA LEU E 56 10.26 1.16 -17.65
C LEU E 56 10.45 2.59 -18.18
N ARG E 57 11.62 2.84 -18.71
CA ARG E 57 12.01 4.19 -19.17
C ARG E 57 11.06 4.84 -20.21
N PRO E 58 10.61 4.17 -21.24
CA PRO E 58 9.67 4.80 -22.22
C PRO E 58 8.38 5.29 -21.56
N HIS E 59 7.86 4.48 -20.67
CA HIS E 59 6.62 4.84 -19.97
C HIS E 59 5.51 5.14 -20.98
N ARG E 60 4.28 5.10 -20.52
CA ARG E 60 3.15 5.38 -21.39
C ARG E 60 1.87 5.58 -20.57
N ALA E 61 1.55 6.82 -20.31
CA ALA E 61 0.35 7.13 -19.52
C ALA E 61 -0.89 6.62 -20.24
N LEU E 62 -0.78 6.39 -21.52
CA LEU E 62 -1.90 5.90 -22.30
C LEU E 62 -2.11 4.41 -22.02
N ALA E 63 -1.56 3.94 -20.95
CA ALA E 63 -1.68 2.54 -20.57
C ALA E 63 -3.13 2.08 -20.69
N GLY F 1 -20.69 21.73 -0.13
CA GLY F 1 -21.17 20.40 -0.61
C GLY F 1 -20.40 19.98 -1.85
N ALA F 2 -19.10 20.13 -1.79
CA ALA F 2 -18.26 19.76 -2.93
C ALA F 2 -16.79 19.75 -2.52
N LYS F 3 -16.28 20.90 -2.16
CA LYS F 3 -14.89 21.02 -1.74
C LYS F 3 -14.73 20.63 -0.28
N ASN F 4 -14.91 19.36 -0.01
CA ASN F 4 -14.78 18.83 1.34
C ASN F 4 -14.35 17.38 1.28
N VAL F 5 -14.87 16.68 0.31
CA VAL F 5 -14.53 15.28 0.12
C VAL F 5 -13.09 15.15 -0.36
N ILE F 6 -12.82 15.79 -1.46
CA ILE F 6 -11.49 15.78 -2.04
C ILE F 6 -10.50 16.39 -1.04
N VAL F 7 -10.98 17.36 -0.31
CA VAL F 7 -10.18 18.05 0.69
C VAL F 7 -9.68 17.05 1.74
N LEU F 8 -10.53 16.15 2.12
CA LEU F 8 -10.16 15.15 3.12
C LEU F 8 -8.97 14.33 2.61
N ASN F 9 -8.98 13.99 1.35
CA ASN F 9 -7.89 13.22 0.78
C ASN F 9 -6.58 14.00 0.88
N ALA F 10 -6.68 15.28 0.61
CA ALA F 10 -5.49 16.14 0.65
C ALA F 10 -4.85 16.08 2.03
N ALA F 11 -5.65 16.07 3.06
CA ALA F 11 -5.13 16.01 4.40
C ALA F 11 -4.27 14.77 4.58
N SER F 12 -4.71 13.67 4.01
CA SER F 12 -3.94 12.44 4.10
C SER F 12 -2.57 12.68 3.46
N ALA F 13 -2.58 13.37 2.36
CA ALA F 13 -1.34 13.67 1.62
C ALA F 13 -0.36 14.44 2.50
N ALA F 14 -0.86 15.32 3.32
CA ALA F 14 0.00 16.08 4.21
C ALA F 14 0.73 15.12 5.15
N GLY F 15 0.00 14.14 5.62
CA GLY F 15 0.56 13.16 6.53
C GLY F 15 1.73 12.41 5.89
N ASN F 16 1.59 12.04 4.65
CA ASN F 16 2.65 11.33 3.95
C ASN F 16 3.91 12.19 3.84
N HIS F 17 3.71 13.46 3.55
CA HIS F 17 4.83 14.37 3.42
C HIS F 17 5.52 14.60 4.75
N GLY F 18 6.79 14.32 4.81
CA GLY F 18 7.53 14.49 6.05
C GLY F 18 9.02 14.14 5.87
N PHE F 19 9.76 14.30 6.93
CA PHE F 19 11.20 14.01 6.93
C PHE F 19 11.47 12.50 7.10
N PHE F 20 11.04 11.95 8.20
CA PHE F 20 11.25 10.54 8.49
C PHE F 20 10.63 9.64 7.42
N TRP F 21 9.45 9.99 6.98
CA TRP F 21 8.76 9.19 5.97
C TRP F 21 9.57 9.08 4.68
N GLY F 22 10.19 10.17 4.28
CA GLY F 22 10.99 10.18 3.06
C GLY F 22 12.13 9.16 3.14
N LEU F 23 12.72 9.07 4.29
CA LEU F 23 13.83 8.14 4.51
C LEU F 23 13.40 6.70 4.27
N LEU F 24 12.21 6.37 4.66
CA LEU F 24 11.73 5.00 4.53
C LEU F 24 11.73 4.52 3.07
N VAL F 25 11.28 5.34 2.16
CA VAL F 25 11.21 4.92 0.76
C VAL F 25 12.59 4.62 0.16
N VAL F 26 13.56 5.47 0.42
CA VAL F 26 14.90 5.25 -0.12
C VAL F 26 15.54 3.98 0.43
N THR F 27 15.40 3.76 1.71
CA THR F 27 16.01 2.59 2.34
C THR F 27 15.47 1.29 1.76
N LEU F 28 14.18 1.21 1.59
CA LEU F 28 13.58 0.00 1.07
C LEU F 28 14.13 -0.29 -0.32
N ALA F 29 14.23 0.74 -1.12
CA ALA F 29 14.73 0.57 -2.48
C ALA F 29 16.19 0.11 -2.48
N TRP F 30 16.99 0.66 -1.63
CA TRP F 30 18.40 0.29 -1.54
C TRP F 30 18.58 -1.17 -1.08
N HIS F 31 17.81 -1.56 -0.09
CA HIS F 31 17.94 -2.90 0.48
C HIS F 31 17.65 -4.02 -0.52
N VAL F 32 16.66 -3.84 -1.32
CA VAL F 32 16.29 -4.88 -2.29
C VAL F 32 17.42 -5.16 -3.28
N LYS F 33 18.41 -4.31 -3.34
CA LYS F 33 19.51 -4.53 -4.26
C LYS F 33 19.96 -5.99 -4.20
N GLY F 34 20.46 -6.38 -3.07
CA GLY F 34 20.92 -7.75 -2.86
C GLY F 34 19.81 -8.74 -3.14
N ARG F 35 18.60 -8.38 -2.77
CA ARG F 35 17.45 -9.26 -2.98
C ARG F 35 17.25 -9.58 -4.46
N LEU F 36 17.49 -8.60 -5.29
CA LEU F 36 17.28 -8.74 -6.73
C LEU F 36 18.13 -9.85 -7.40
N VAL F 37 19.38 -9.96 -7.05
CA VAL F 37 20.26 -10.96 -7.71
C VAL F 37 19.82 -12.44 -7.53
N PRO F 38 19.48 -12.89 -6.35
CA PRO F 38 19.01 -14.31 -6.14
C PRO F 38 17.72 -14.59 -6.91
N GLY F 39 16.90 -13.58 -6.97
CA GLY F 39 15.64 -13.65 -7.68
C GLY F 39 15.86 -13.98 -9.16
N ALA F 40 16.87 -13.39 -9.73
CA ALA F 40 17.16 -13.60 -11.14
C ALA F 40 17.40 -15.07 -11.43
N THR F 41 18.10 -15.74 -10.56
CA THR F 41 18.38 -17.16 -10.76
C THR F 41 17.14 -17.99 -10.45
N TYR F 42 16.57 -18.56 -11.48
CA TYR F 42 15.38 -19.39 -11.33
C TYR F 42 15.09 -20.11 -12.64
N LEU F 43 15.20 -21.41 -12.62
CA LEU F 43 14.96 -22.23 -13.79
C LEU F 43 13.47 -22.57 -13.88
N SER F 44 13.07 -22.96 -15.05
CA SER F 44 11.68 -23.33 -15.29
C SER F 44 10.77 -22.11 -15.19
N LEU F 45 9.49 -22.35 -15.39
CA LEU F 45 8.49 -21.28 -15.34
C LEU F 45 8.66 -20.36 -16.55
N GLY F 46 8.98 -20.95 -17.67
CA GLY F 46 9.19 -20.19 -18.90
C GLY F 46 7.89 -19.59 -19.48
N VAL F 47 6.92 -20.44 -19.75
CA VAL F 47 5.64 -19.99 -20.34
C VAL F 47 4.47 -20.18 -19.37
N TRP F 48 4.63 -21.03 -18.40
CA TRP F 48 3.57 -21.28 -17.44
C TRP F 48 3.07 -19.96 -16.83
N PRO F 49 3.94 -19.02 -16.49
CA PRO F 49 3.50 -17.72 -15.92
C PRO F 49 2.59 -16.98 -16.90
N LEU F 50 3.03 -16.87 -18.12
CA LEU F 50 2.33 -16.13 -19.16
C LEU F 50 0.87 -16.58 -19.33
N LEU F 51 0.59 -17.84 -19.20
CA LEU F 51 -0.79 -18.25 -19.39
C LEU F 51 -1.68 -17.49 -18.39
N LEU F 52 -1.25 -17.40 -17.16
CA LEU F 52 -2.03 -16.69 -16.15
C LEU F 52 -2.16 -15.19 -16.49
N VAL F 53 -1.07 -14.56 -16.86
CA VAL F 53 -1.09 -13.14 -17.22
C VAL F 53 -1.96 -12.90 -18.45
N ARG F 54 -1.97 -13.84 -19.35
CA ARG F 54 -2.75 -13.69 -20.58
C ARG F 54 -4.19 -13.36 -20.22
N LEU F 55 -4.72 -13.99 -19.22
CA LEU F 55 -6.11 -13.73 -18.83
C LEU F 55 -6.28 -12.24 -18.49
N LEU F 56 -5.32 -11.72 -17.76
CA LEU F 56 -5.26 -10.31 -17.36
C LEU F 56 -5.01 -9.34 -18.56
N ARG F 57 -4.22 -9.83 -19.48
CA ARG F 57 -3.75 -9.02 -20.61
C ARG F 57 -4.86 -8.36 -21.48
N PRO F 58 -5.94 -9.01 -21.83
CA PRO F 58 -7.01 -8.35 -22.64
C PRO F 58 -7.60 -7.16 -21.89
N HIS F 59 -7.78 -7.33 -20.61
CA HIS F 59 -8.34 -6.27 -19.76
C HIS F 59 -9.81 -6.03 -20.12
N ARG F 60 -10.52 -5.40 -19.21
CA ARG F 60 -11.94 -5.12 -19.41
C ARG F 60 -12.28 -3.72 -18.92
N ALA F 61 -12.01 -3.49 -17.67
CA ALA F 61 -12.30 -2.19 -17.05
C ALA F 61 -13.81 -1.97 -16.96
N LEU F 62 -14.56 -3.02 -17.13
CA LEU F 62 -16.02 -2.96 -17.06
C LEU F 62 -16.51 -3.46 -15.71
N ALA F 63 -15.62 -3.48 -14.75
CA ALA F 63 -15.97 -3.95 -13.41
C ALA F 63 -17.14 -3.14 -12.84
N GLY A 1 -9.53 26.13 -3.18
CA GLY A 1 -10.52 26.78 -4.08
C GLY A 1 -11.02 25.76 -5.10
N ALA A 2 -10.15 25.28 -5.93
CA ALA A 2 -10.52 24.30 -6.94
C ALA A 2 -9.27 23.73 -7.62
N LYS A 3 -8.13 24.00 -7.04
CA LYS A 3 -6.88 23.50 -7.59
C LYS A 3 -5.77 23.58 -6.56
N ASN A 4 -5.96 22.90 -5.46
CA ASN A 4 -4.99 22.87 -4.38
C ASN A 4 -5.05 21.53 -3.66
N VAL A 5 -6.21 20.95 -3.68
CA VAL A 5 -6.42 19.65 -3.05
C VAL A 5 -5.80 18.56 -3.93
N ILE A 6 -6.27 18.48 -5.14
CA ILE A 6 -5.77 17.52 -6.09
C ILE A 6 -4.27 17.74 -6.32
N VAL A 7 -3.88 18.99 -6.28
CA VAL A 7 -2.47 19.35 -6.46
C VAL A 7 -1.61 18.66 -5.41
N LEU A 8 -2.10 18.63 -4.20
CA LEU A 8 -1.34 18.00 -3.11
C LEU A 8 -1.06 16.53 -3.44
N ASN A 9 -2.03 15.85 -4.00
CA ASN A 9 -1.85 14.45 -4.37
C ASN A 9 -0.72 14.32 -5.40
N ALA A 10 -0.71 15.22 -6.33
CA ALA A 10 0.31 15.19 -7.39
C ALA A 10 1.70 15.25 -6.77
N ALA A 11 1.85 16.06 -5.76
CA ALA A 11 3.14 16.18 -5.09
C ALA A 11 3.59 14.82 -4.58
N SER A 12 2.67 14.06 -4.07
CA SER A 12 3.00 12.73 -3.57
C SER A 12 3.56 11.89 -4.71
N ALA A 13 2.94 12.02 -5.86
CA ALA A 13 3.36 11.28 -7.04
C ALA A 13 4.82 11.58 -7.38
N ALA A 14 5.22 12.80 -7.21
CA ALA A 14 6.60 13.18 -7.49
C ALA A 14 7.53 12.37 -6.59
N GLY A 15 7.15 12.23 -5.35
CA GLY A 15 7.96 11.48 -4.40
C GLY A 15 8.13 10.04 -4.87
N ASN A 16 7.07 9.45 -5.33
CA ASN A 16 7.12 8.08 -5.84
C ASN A 16 8.05 7.98 -7.04
N HIS A 17 7.98 8.96 -7.91
CA HIS A 17 8.81 8.98 -9.11
C HIS A 17 10.28 8.88 -8.75
N GLY A 18 10.83 7.71 -8.94
CA GLY A 18 12.24 7.46 -8.65
C GLY A 18 12.63 6.09 -9.19
N PHE A 19 13.44 6.07 -10.21
CA PHE A 19 13.86 4.81 -10.83
C PHE A 19 14.20 3.77 -9.77
N PHE A 20 14.79 4.20 -8.69
CA PHE A 20 15.15 3.26 -7.64
C PHE A 20 13.89 2.59 -7.10
N TRP A 21 12.86 3.37 -6.89
CA TRP A 21 11.59 2.84 -6.38
C TRP A 21 11.00 1.82 -7.33
N GLY A 22 11.07 2.12 -8.60
CA GLY A 22 10.53 1.24 -9.63
C GLY A 22 11.21 -0.13 -9.62
N LEU A 23 12.49 -0.14 -9.38
CA LEU A 23 13.25 -1.38 -9.38
C LEU A 23 12.73 -2.36 -8.31
N LEU A 24 12.38 -1.84 -7.17
CA LEU A 24 11.91 -2.70 -6.08
C LEU A 24 10.64 -3.47 -6.46
N VAL A 25 9.72 -2.84 -7.12
CA VAL A 25 8.48 -3.52 -7.48
C VAL A 25 8.73 -4.68 -8.43
N VAL A 26 9.56 -4.47 -9.42
CA VAL A 26 9.87 -5.53 -10.36
C VAL A 26 10.60 -6.67 -9.66
N THR A 27 11.53 -6.29 -8.81
CA THR A 27 12.32 -7.26 -8.07
C THR A 27 11.47 -8.10 -7.14
N LEU A 28 10.54 -7.47 -6.47
CA LEU A 28 9.68 -8.19 -5.54
C LEU A 28 8.95 -9.28 -6.28
N ALA A 29 8.49 -8.97 -7.45
CA ALA A 29 7.79 -9.94 -8.27
C ALA A 29 8.68 -11.14 -8.56
N TRP A 30 9.92 -10.89 -8.84
CA TRP A 30 10.87 -11.95 -9.14
C TRP A 30 11.09 -12.89 -7.94
N HIS A 31 11.18 -12.32 -6.77
CA HIS A 31 11.45 -13.12 -5.56
C HIS A 31 10.37 -14.16 -5.26
N VAL A 32 9.13 -13.78 -5.41
CA VAL A 32 8.04 -14.69 -5.09
C VAL A 32 8.02 -15.93 -5.98
N LYS A 33 8.78 -15.94 -7.03
CA LYS A 33 8.81 -17.11 -7.91
C LYS A 33 8.90 -18.40 -7.09
N GLY A 34 9.93 -18.51 -6.30
CA GLY A 34 10.13 -19.69 -5.47
C GLY A 34 8.95 -19.92 -4.53
N ARG A 35 8.41 -18.85 -4.01
CA ARG A 35 7.27 -18.94 -3.10
C ARG A 35 6.08 -19.62 -3.78
N LEU A 36 5.92 -19.35 -5.04
CA LEU A 36 4.80 -19.87 -5.82
C LEU A 36 4.73 -21.41 -5.87
N VAL A 37 5.84 -22.08 -6.02
CA VAL A 37 5.81 -23.55 -6.15
C VAL A 37 5.25 -24.32 -4.93
N PRO A 38 5.65 -24.02 -3.70
CA PRO A 38 5.08 -24.70 -2.49
C PRO A 38 3.58 -24.45 -2.36
N GLY A 39 3.18 -23.27 -2.75
CA GLY A 39 1.78 -22.88 -2.70
C GLY A 39 0.94 -23.80 -3.59
N ALA A 40 1.48 -24.15 -4.72
CA ALA A 40 0.75 -25.00 -5.66
C ALA A 40 0.38 -26.34 -5.02
N THR A 41 1.29 -26.92 -4.28
CA THR A 41 1.03 -28.22 -3.65
C THR A 41 0.54 -28.05 -2.21
N TYR A 42 -0.73 -28.30 -2.00
CA TYR A 42 -1.33 -28.19 -0.66
C TYR A 42 -2.28 -29.37 -0.43
N LEU A 43 -3.52 -29.09 -0.13
CA LEU A 43 -4.52 -30.12 0.11
C LEU A 43 -5.72 -29.89 -0.80
N SER A 44 -6.77 -30.63 -0.56
CA SER A 44 -8.00 -30.53 -1.35
C SER A 44 -9.17 -30.06 -0.49
N LEU A 45 -9.34 -28.78 -0.42
CA LEU A 45 -10.41 -28.19 0.38
C LEU A 45 -11.75 -28.38 -0.34
N GLY A 46 -12.00 -27.56 -1.32
CA GLY A 46 -13.25 -27.65 -2.11
C GLY A 46 -14.24 -26.53 -1.79
N VAL A 47 -14.57 -26.36 -0.53
CA VAL A 47 -15.55 -25.34 -0.13
C VAL A 47 -15.04 -24.38 0.94
N TRP A 48 -13.95 -24.71 1.58
CA TRP A 48 -13.43 -23.83 2.63
C TRP A 48 -13.12 -22.41 2.11
N PRO A 49 -12.55 -22.24 0.92
CA PRO A 49 -12.25 -20.89 0.40
C PRO A 49 -13.45 -20.21 -0.24
N LEU A 50 -14.03 -20.86 -1.21
CA LEU A 50 -15.14 -20.28 -1.96
C LEU A 50 -16.30 -19.84 -1.07
N LEU A 51 -16.63 -20.58 -0.04
CA LEU A 51 -17.75 -20.17 0.80
C LEU A 51 -17.47 -18.78 1.41
N LEU A 52 -16.28 -18.59 1.92
CA LEU A 52 -15.92 -17.30 2.51
C LEU A 52 -16.00 -16.21 1.44
N VAL A 53 -15.53 -16.54 0.27
CA VAL A 53 -15.56 -15.63 -0.87
C VAL A 53 -16.98 -15.19 -1.20
N ARG A 54 -17.93 -16.04 -0.93
CA ARG A 54 -19.31 -15.73 -1.24
C ARG A 54 -19.69 -14.38 -0.63
N LEU A 55 -19.26 -14.13 0.58
CA LEU A 55 -19.57 -12.84 1.19
C LEU A 55 -18.97 -11.73 0.32
N LEU A 56 -17.74 -11.96 -0.06
CA LEU A 56 -16.94 -11.06 -0.93
C LEU A 56 -17.48 -10.97 -2.37
N ARG A 57 -18.03 -12.06 -2.84
CA ARG A 57 -18.48 -12.17 -4.24
C ARG A 57 -19.48 -11.09 -4.70
N PRO A 58 -20.50 -10.72 -3.95
CA PRO A 58 -21.44 -9.65 -4.38
C PRO A 58 -20.70 -8.34 -4.65
N HIS A 59 -19.75 -8.05 -3.79
CA HIS A 59 -18.94 -6.83 -3.94
C HIS A 59 -19.82 -5.62 -4.26
N ARG A 60 -20.92 -5.51 -3.56
CA ARG A 60 -21.84 -4.39 -3.77
C ARG A 60 -21.07 -3.07 -3.77
N ALA A 61 -21.71 -2.03 -4.26
CA ALA A 61 -21.09 -0.70 -4.31
C ALA A 61 -22.02 0.35 -3.70
N LEU A 62 -23.13 -0.11 -3.18
CA LEU A 62 -24.08 0.80 -2.55
C LEU A 62 -23.60 1.19 -1.15
N ALA A 63 -22.38 0.85 -0.85
CA ALA A 63 -21.80 1.17 0.45
C ALA A 63 -22.13 2.60 0.85
N GLY B 1 -4.04 26.02 -16.19
CA GLY B 1 -3.54 24.80 -15.49
C GLY B 1 -4.47 23.63 -15.78
N ALA B 2 -4.87 22.95 -14.75
CA ALA B 2 -5.76 21.80 -14.90
C ALA B 2 -5.16 20.77 -15.85
N LYS B 3 -5.65 19.57 -15.77
CA LYS B 3 -5.15 18.50 -16.62
C LYS B 3 -3.64 18.35 -16.45
N ASN B 4 -3.15 18.80 -15.32
CA ASN B 4 -1.73 18.71 -14.99
C ASN B 4 -1.59 18.18 -13.58
N VAL B 5 -2.55 17.37 -13.21
CA VAL B 5 -2.59 16.74 -11.89
C VAL B 5 -3.09 15.31 -12.05
N ILE B 6 -4.30 15.17 -12.51
CA ILE B 6 -4.90 13.87 -12.72
C ILE B 6 -4.04 13.07 -13.70
N VAL B 7 -3.50 13.76 -14.69
CA VAL B 7 -2.63 13.09 -15.67
C VAL B 7 -1.41 12.49 -14.99
N LEU B 8 -0.85 13.19 -14.04
CA LEU B 8 0.32 12.68 -13.33
C LEU B 8 -0.02 11.34 -12.67
N ASN B 9 -1.21 11.25 -12.11
CA ASN B 9 -1.65 10.01 -11.47
C ASN B 9 -1.66 8.88 -12.50
N ALA B 10 -2.11 9.23 -13.68
CA ALA B 10 -2.21 8.25 -14.76
C ALA B 10 -0.86 7.61 -15.02
N ALA B 11 0.18 8.40 -15.00
CA ALA B 11 1.52 7.88 -15.25
C ALA B 11 1.86 6.78 -14.24
N SER B 12 1.48 6.97 -13.01
CA SER B 12 1.77 5.97 -11.98
C SER B 12 1.09 4.64 -12.34
N ALA B 13 -0.12 4.72 -12.81
CA ALA B 13 -0.89 3.52 -13.16
C ALA B 13 -0.17 2.70 -14.23
N ALA B 14 0.44 3.36 -15.16
CA ALA B 14 1.18 2.66 -16.21
C ALA B 14 2.30 1.83 -15.59
N GLY B 15 2.94 2.41 -14.60
CA GLY B 15 4.04 1.74 -13.93
C GLY B 15 3.62 0.40 -13.30
N ASN B 16 2.45 0.36 -12.71
CA ASN B 16 1.98 -0.87 -12.07
C ASN B 16 1.86 -2.00 -13.09
N HIS B 17 1.36 -1.70 -14.25
CA HIS B 17 1.19 -2.70 -15.29
C HIS B 17 0.41 -3.90 -14.76
N GLY B 18 0.27 -4.93 -15.56
CA GLY B 18 -0.48 -6.13 -15.17
C GLY B 18 0.27 -7.42 -15.50
N PHE B 19 1.36 -7.32 -16.21
CA PHE B 19 2.14 -8.50 -16.57
C PHE B 19 2.88 -9.04 -15.34
N PHE B 20 4.09 -8.60 -15.17
CA PHE B 20 4.90 -9.05 -14.04
C PHE B 20 4.20 -8.71 -12.72
N TRP B 21 3.63 -7.55 -12.65
CA TRP B 21 2.93 -7.12 -11.45
C TRP B 21 1.77 -8.05 -11.12
N GLY B 22 1.07 -8.50 -12.13
CA GLY B 22 -0.05 -9.40 -11.92
C GLY B 22 0.40 -10.70 -11.24
N LEU B 23 1.54 -11.18 -11.64
CA LEU B 23 2.06 -12.42 -11.07
C LEU B 23 2.28 -12.29 -9.57
N LEU B 24 2.75 -11.15 -9.12
CA LEU B 24 3.03 -10.95 -7.70
C LEU B 24 1.80 -11.13 -6.81
N VAL B 25 0.68 -10.59 -7.20
CA VAL B 25 -0.52 -10.74 -6.36
C VAL B 25 -0.95 -12.20 -6.25
N VAL B 26 -0.91 -12.92 -7.35
CA VAL B 26 -1.31 -14.32 -7.33
C VAL B 26 -0.38 -15.16 -6.44
N THR B 27 0.90 -14.91 -6.54
CA THR B 27 1.87 -15.67 -5.76
C THR B 27 1.67 -15.46 -4.27
N LEU B 28 1.46 -14.24 -3.88
CA LEU B 28 1.27 -13.94 -2.46
C LEU B 28 0.04 -14.67 -1.92
N ALA B 29 -1.01 -14.67 -2.68
CA ALA B 29 -2.23 -15.34 -2.26
C ALA B 29 -2.04 -16.85 -2.10
N TRP B 30 -1.34 -17.45 -3.01
CA TRP B 30 -1.09 -18.88 -2.97
C TRP B 30 -0.24 -19.29 -1.76
N HIS B 31 0.78 -18.52 -1.49
CA HIS B 31 1.70 -18.82 -0.39
C HIS B 31 1.01 -18.88 0.96
N VAL B 32 0.12 -17.96 1.20
CA VAL B 32 -0.55 -17.91 2.49
C VAL B 32 -1.42 -19.13 2.76
N LYS B 33 -1.53 -20.03 1.81
CA LYS B 33 -2.33 -21.24 2.04
C LYS B 33 -1.94 -21.85 3.39
N GLY B 34 -0.71 -22.28 3.49
CA GLY B 34 -0.22 -22.87 4.73
C GLY B 34 -0.36 -21.90 5.89
N ARG B 35 -0.11 -20.64 5.62
CA ARG B 35 -0.21 -19.59 6.63
C ARG B 35 -1.63 -19.52 7.20
N LEU B 36 -2.59 -19.75 6.34
CA LEU B 36 -4.00 -19.66 6.70
C LEU B 36 -4.43 -20.61 7.83
N VAL B 37 -3.99 -21.84 7.81
CA VAL B 37 -4.42 -22.81 8.83
C VAL B 37 -4.01 -22.46 10.30
N PRO B 38 -2.76 -22.09 10.56
CA PRO B 38 -2.32 -21.69 11.94
C PRO B 38 -3.07 -20.45 12.44
N GLY B 39 -3.36 -19.59 11.52
CA GLY B 39 -4.08 -18.36 11.82
C GLY B 39 -5.45 -18.67 12.41
N ALA B 40 -6.08 -19.68 11.87
CA ALA B 40 -7.41 -20.07 12.31
C ALA B 40 -7.43 -20.46 13.79
N THR B 41 -6.42 -21.17 14.23
CA THR B 41 -6.36 -21.59 15.62
C THR B 41 -5.93 -20.45 16.53
N TYR B 42 -6.77 -20.13 17.49
CA TYR B 42 -6.48 -19.06 18.43
C TYR B 42 -7.59 -18.99 19.48
N LEU B 43 -7.19 -19.03 20.71
CA LEU B 43 -8.13 -18.96 21.82
C LEU B 43 -8.32 -17.50 22.24
N SER B 44 -9.43 -17.24 22.84
CA SER B 44 -9.75 -15.90 23.31
C SER B 44 -9.91 -14.93 22.12
N LEU B 45 -10.16 -13.68 22.43
CA LEU B 45 -10.34 -12.64 21.42
C LEU B 45 -11.67 -12.86 20.70
N GLY B 46 -12.65 -13.31 21.45
CA GLY B 46 -13.99 -13.56 20.92
C GLY B 46 -14.95 -12.43 21.29
N VAL B 47 -14.89 -12.01 22.53
CA VAL B 47 -15.75 -10.94 23.03
C VAL B 47 -14.95 -10.05 23.98
N TRP B 48 -14.09 -9.22 23.45
CA TRP B 48 -13.30 -8.32 24.27
C TRP B 48 -12.65 -7.24 23.35
N PRO B 49 -11.96 -7.63 22.30
CA PRO B 49 -11.31 -6.62 21.41
C PRO B 49 -12.34 -5.95 20.51
N LEU B 50 -13.38 -6.68 20.20
CA LEU B 50 -14.43 -6.19 19.32
C LEU B 50 -14.99 -4.84 19.80
N LEU B 51 -15.06 -4.62 21.08
CA LEU B 51 -15.62 -3.37 21.59
C LEU B 51 -14.87 -2.15 21.01
N LEU B 52 -13.57 -2.24 20.91
CA LEU B 52 -12.77 -1.13 20.39
C LEU B 52 -13.27 -0.72 18.99
N VAL B 53 -13.60 -1.69 18.18
CA VAL B 53 -14.12 -1.44 16.84
C VAL B 53 -15.40 -0.61 16.92
N ARG B 54 -16.11 -0.77 18.00
CA ARG B 54 -17.39 -0.07 18.16
C ARG B 54 -17.18 1.43 17.94
N LEU B 55 -16.09 1.96 18.43
CA LEU B 55 -15.86 3.39 18.26
C LEU B 55 -15.87 3.74 16.76
N LEU B 56 -15.24 2.91 15.98
CA LEU B 56 -15.19 3.03 14.51
C LEU B 56 -16.57 2.80 13.84
N ARG B 57 -17.31 1.92 14.45
CA ARG B 57 -18.61 1.43 13.91
C ARG B 57 -19.66 2.54 13.59
N PRO B 58 -19.89 3.55 14.40
CA PRO B 58 -20.89 4.61 14.06
C PRO B 58 -20.51 5.32 12.76
N HIS B 59 -19.25 5.56 12.58
CA HIS B 59 -18.77 6.25 11.37
C HIS B 59 -19.50 7.57 11.20
N ARG B 60 -19.05 8.37 10.28
CA ARG B 60 -19.67 9.67 10.02
C ARG B 60 -19.14 10.26 8.72
N ALA B 61 -17.93 9.91 8.38
CA ALA B 61 -17.31 10.39 7.16
C ALA B 61 -17.17 11.91 7.21
N LEU B 62 -16.20 12.38 7.94
CA LEU B 62 -15.96 13.81 8.07
C LEU B 62 -14.53 14.06 8.51
N ALA B 63 -13.99 13.13 9.26
CA ALA B 63 -12.61 13.25 9.74
C ALA B 63 -12.33 14.65 10.26
N GLY C 1 -6.66 16.25 -21.79
CA GLY C 1 -8.06 15.87 -22.14
C GLY C 1 -8.78 15.38 -20.88
N ALA C 2 -10.04 15.70 -20.79
CA ALA C 2 -10.83 15.29 -19.64
C ALA C 2 -10.74 13.78 -19.45
N LYS C 3 -10.80 13.06 -20.53
CA LYS C 3 -10.73 11.60 -20.48
C LYS C 3 -9.28 11.14 -20.63
N ASN C 4 -9.08 9.85 -20.65
CA ASN C 4 -7.73 9.29 -20.76
C ASN C 4 -6.98 9.52 -19.47
N VAL C 5 -7.71 9.44 -18.39
CA VAL C 5 -7.16 9.63 -17.05
C VAL C 5 -8.04 8.85 -16.07
N ILE C 6 -9.24 9.33 -15.90
CA ILE C 6 -10.19 8.69 -15.03
C ILE C 6 -10.43 7.25 -15.51
N VAL C 7 -10.46 7.07 -16.81
CA VAL C 7 -10.66 5.74 -17.37
C VAL C 7 -9.53 4.80 -16.94
N LEU C 8 -8.34 5.32 -16.93
CA LEU C 8 -7.19 4.51 -16.53
C LEU C 8 -7.36 4.01 -15.10
N ASN C 9 -7.87 4.85 -14.23
CA ASN C 9 -8.08 4.46 -12.84
C ASN C 9 -9.06 3.28 -12.78
N ALA C 10 -10.08 3.37 -13.59
CA ALA C 10 -11.09 2.31 -13.62
C ALA C 10 -10.44 0.98 -13.99
N ALA C 11 -9.51 1.04 -14.91
CA ALA C 11 -8.82 -0.18 -15.33
C ALA C 11 -8.15 -0.84 -14.15
N SER C 12 -7.58 -0.07 -13.27
CA SER C 12 -6.92 -0.61 -12.11
C SER C 12 -7.92 -1.40 -11.26
N ALA C 13 -9.11 -0.87 -11.13
CA ALA C 13 -10.15 -1.53 -10.34
C ALA C 13 -10.46 -2.92 -10.90
N ALA C 14 -10.48 -3.03 -12.20
CA ALA C 14 -10.74 -4.32 -12.82
C ALA C 14 -9.67 -5.31 -12.42
N GLY C 15 -8.45 -4.85 -12.39
CA GLY C 15 -7.32 -5.69 -12.03
C GLY C 15 -7.45 -6.23 -10.61
N ASN C 16 -7.89 -5.40 -9.71
CA ASN C 16 -8.06 -5.82 -8.31
C ASN C 16 -9.07 -6.96 -8.20
N HIS C 17 -10.14 -6.84 -8.95
CA HIS C 17 -11.18 -7.87 -8.92
C HIS C 17 -10.57 -9.23 -9.18
N GLY C 18 -10.44 -10.03 -8.14
CA GLY C 18 -9.86 -11.36 -8.29
C GLY C 18 -10.29 -12.28 -7.15
N PHE C 19 -10.21 -13.56 -7.41
CA PHE C 19 -10.58 -14.58 -6.42
C PHE C 19 -9.46 -14.80 -5.39
N PHE C 20 -8.31 -15.24 -5.86
CA PHE C 20 -7.18 -15.50 -4.97
C PHE C 20 -6.77 -14.24 -4.21
N TRP C 21 -6.77 -13.13 -4.89
CA TRP C 21 -6.37 -11.87 -4.27
C TRP C 21 -7.25 -11.52 -3.06
N GLY C 22 -8.53 -11.77 -3.17
CA GLY C 22 -9.44 -11.45 -2.08
C GLY C 22 -9.12 -12.23 -0.80
N LEU C 23 -8.77 -13.47 -0.96
CA LEU C 23 -8.46 -14.32 0.19
C LEU C 23 -7.29 -13.77 1.00
N LEU C 24 -6.29 -13.25 0.34
CA LEU C 24 -5.11 -12.75 1.02
C LEU C 24 -5.44 -11.63 2.01
N VAL C 25 -6.27 -10.71 1.61
CA VAL C 25 -6.61 -9.59 2.50
C VAL C 25 -7.31 -10.03 3.77
N VAL C 26 -8.28 -10.91 3.65
CA VAL C 26 -9.02 -11.37 4.81
C VAL C 26 -8.14 -12.17 5.77
N THR C 27 -7.33 -13.03 5.23
CA THR C 27 -6.46 -13.88 6.04
C THR C 27 -5.45 -13.07 6.82
N LEU C 28 -4.86 -12.11 6.17
CA LEU C 28 -3.85 -11.28 6.81
C LEU C 28 -4.43 -10.49 7.98
N ALA C 29 -5.60 -9.94 7.80
CA ALA C 29 -6.18 -9.12 8.86
C ALA C 29 -6.47 -9.91 10.14
N TRP C 30 -7.07 -11.05 10.02
CA TRP C 30 -7.36 -11.86 11.21
C TRP C 30 -6.08 -12.42 11.85
N HIS C 31 -5.14 -12.82 11.05
CA HIS C 31 -3.90 -13.41 11.57
C HIS C 31 -3.12 -12.48 12.50
N VAL C 32 -3.03 -11.23 12.16
CA VAL C 32 -2.25 -10.31 13.01
C VAL C 32 -2.73 -10.37 14.46
N LYS C 33 -3.80 -11.08 14.70
CA LYS C 33 -4.32 -11.22 16.06
C LYS C 33 -3.17 -11.41 17.07
N GLY C 34 -2.38 -12.42 16.87
CA GLY C 34 -1.26 -12.69 17.77
C GLY C 34 -0.31 -11.50 17.87
N ARG C 35 -0.10 -10.82 16.78
CA ARG C 35 0.78 -9.65 16.76
C ARG C 35 0.29 -8.59 17.76
N LEU C 36 -1.00 -8.48 17.87
CA LEU C 36 -1.61 -7.48 18.74
C LEU C 36 -1.25 -7.58 20.24
N VAL C 37 -1.26 -8.76 20.81
CA VAL C 37 -1.01 -8.87 22.26
C VAL C 37 0.40 -8.40 22.67
N PRO C 38 1.45 -8.81 21.99
CA PRO C 38 2.85 -8.34 22.28
C PRO C 38 2.97 -6.83 22.14
N GLY C 39 2.25 -6.31 21.18
CA GLY C 39 2.24 -4.87 20.91
C GLY C 39 1.73 -4.08 22.12
N ALA C 40 0.76 -4.63 22.79
CA ALA C 40 0.15 -3.95 23.93
C ALA C 40 1.18 -3.59 25.01
N THR C 41 2.11 -4.48 25.28
CA THR C 41 3.13 -4.22 26.30
C THR C 41 3.60 -2.76 26.25
N TYR C 42 3.20 -1.99 27.22
CA TYR C 42 3.57 -0.58 27.30
C TYR C 42 4.83 -0.40 28.15
N LEU C 43 5.95 -0.83 27.64
CA LEU C 43 7.21 -0.72 28.35
C LEU C 43 7.81 0.68 28.13
N SER C 44 7.59 1.55 29.08
CA SER C 44 8.12 2.91 28.99
C SER C 44 7.67 3.58 27.69
N LEU C 45 6.39 3.85 27.59
CA LEU C 45 5.82 4.50 26.41
C LEU C 45 4.68 5.42 26.81
N GLY C 46 4.70 5.87 28.03
CA GLY C 46 3.65 6.74 28.53
C GLY C 46 3.39 7.91 27.58
N VAL C 47 4.33 8.82 27.52
CA VAL C 47 4.18 10.01 26.67
C VAL C 47 5.46 10.37 25.93
N TRP C 48 6.56 9.79 26.32
CA TRP C 48 7.83 10.11 25.67
C TRP C 48 7.67 10.07 24.13
N PRO C 49 7.07 9.03 23.59
CA PRO C 49 6.85 8.91 22.10
C PRO C 49 6.11 10.12 21.53
N LEU C 50 5.14 10.59 22.25
CA LEU C 50 4.29 11.69 21.80
C LEU C 50 5.07 12.94 21.40
N LEU C 51 6.15 13.25 22.07
CA LEU C 51 6.88 14.46 21.69
C LEU C 51 7.26 14.37 20.22
N LEU C 52 7.71 13.22 19.79
CA LEU C 52 8.06 13.06 18.38
C LEU C 52 6.83 13.32 17.53
N VAL C 53 5.71 12.81 17.99
CA VAL C 53 4.43 12.98 17.30
C VAL C 53 4.08 14.46 17.18
N ARG C 54 4.50 15.23 18.15
CA ARG C 54 4.20 16.66 18.16
C ARG C 54 4.66 17.30 16.85
N LEU C 55 5.77 16.84 16.35
CA LEU C 55 6.30 17.41 15.09
C LEU C 55 5.22 17.35 14.01
N LEU C 56 4.50 16.26 13.99
CA LEU C 56 3.38 16.03 13.05
C LEU C 56 2.19 17.00 13.30
N ARG C 57 1.99 17.30 14.55
CA ARG C 57 0.83 18.10 15.01
C ARG C 57 0.67 19.51 14.39
N PRO C 58 1.69 20.32 14.24
CA PRO C 58 1.53 21.69 13.64
C PRO C 58 0.97 21.66 12.21
N HIS C 59 1.42 20.72 11.42
CA HIS C 59 0.94 20.61 10.04
C HIS C 59 -0.33 19.77 9.97
N ARG C 60 -1.31 20.25 9.25
CA ARG C 60 -2.58 19.55 9.11
C ARG C 60 -3.31 20.01 7.87
N ALA C 61 -3.16 19.27 6.79
CA ALA C 61 -3.81 19.61 5.53
C ALA C 61 -3.45 21.03 5.10
N LEU C 62 -2.23 21.19 4.68
CA LEU C 62 -1.74 22.48 4.23
C LEU C 62 -0.35 22.30 3.61
N ALA C 63 0.05 21.06 3.47
CA ALA C 63 1.35 20.74 2.91
C ALA C 63 1.49 21.36 1.51
N GLY D 1 -16.17 5.94 -20.30
CA GLY D 1 -17.34 6.84 -20.50
C GLY D 1 -17.21 8.07 -19.60
N ALA D 2 -18.04 8.14 -18.60
CA ALA D 2 -18.03 9.26 -17.66
C ALA D 2 -18.38 8.77 -16.26
N LYS D 3 -19.58 8.29 -16.10
CA LYS D 3 -20.04 7.78 -14.80
C LYS D 3 -19.55 6.35 -14.59
N ASN D 4 -19.45 5.61 -15.65
CA ASN D 4 -18.99 4.23 -15.56
C ASN D 4 -17.49 4.20 -15.32
N VAL D 5 -17.06 5.00 -14.40
CA VAL D 5 -15.63 5.10 -14.04
C VAL D 5 -15.51 5.36 -12.54
N ILE D 6 -15.94 6.52 -12.14
CA ILE D 6 -15.90 6.91 -10.73
C ILE D 6 -16.70 5.90 -9.91
N VAL D 7 -17.79 5.43 -10.46
CA VAL D 7 -18.62 4.45 -9.76
C VAL D 7 -17.80 3.18 -9.47
N LEU D 8 -16.99 2.78 -10.41
CA LEU D 8 -16.19 1.57 -10.21
C LEU D 8 -15.29 1.73 -8.98
N ASN D 9 -14.73 2.89 -8.79
CA ASN D 9 -13.89 3.15 -7.65
C ASN D 9 -14.68 2.98 -6.35
N ALA D 10 -15.90 3.46 -6.38
CA ALA D 10 -16.76 3.39 -5.20
C ALA D 10 -16.91 1.95 -4.76
N ALA D 11 -17.05 1.05 -5.69
CA ALA D 11 -17.20 -0.36 -5.37
C ALA D 11 -16.01 -0.84 -4.55
N SER D 12 -14.84 -0.37 -4.90
CA SER D 12 -13.63 -0.76 -4.16
C SER D 12 -13.76 -0.34 -2.70
N ALA D 13 -14.28 0.84 -2.49
CA ALA D 13 -14.45 1.39 -1.15
C ALA D 13 -15.31 0.46 -0.30
N ALA D 14 -16.32 -0.12 -0.89
CA ALA D 14 -17.19 -1.03 -0.17
C ALA D 14 -16.35 -2.19 0.37
N GLY D 15 -15.43 -2.65 -0.45
CA GLY D 15 -14.58 -3.76 -0.07
C GLY D 15 -13.82 -3.44 1.22
N ASN D 16 -13.33 -2.24 1.33
CA ASN D 16 -12.60 -1.83 2.52
C ASN D 16 -13.50 -1.93 3.76
N HIS D 17 -14.74 -1.53 3.60
CA HIS D 17 -15.70 -1.56 4.71
C HIS D 17 -15.80 -2.97 5.30
N GLY D 18 -15.01 -3.22 6.31
CA GLY D 18 -15.01 -4.52 6.97
C GLY D 18 -14.26 -4.43 8.30
N PHE D 19 -14.91 -4.83 9.35
CA PHE D 19 -14.30 -4.78 10.67
C PHE D 19 -12.91 -5.44 10.66
N PHE D 20 -12.76 -6.49 9.91
CA PHE D 20 -11.47 -7.16 9.85
C PHE D 20 -10.41 -6.21 9.32
N TRP D 21 -10.74 -5.46 8.32
CA TRP D 21 -9.80 -4.50 7.74
C TRP D 21 -9.36 -3.47 8.78
N GLY D 22 -10.31 -3.01 9.55
CA GLY D 22 -10.02 -2.03 10.59
C GLY D 22 -9.02 -2.60 11.60
N LEU D 23 -9.19 -3.85 11.91
CA LEU D 23 -8.31 -4.52 12.86
C LEU D 23 -6.85 -4.53 12.36
N LEU D 24 -6.66 -4.73 11.08
CA LEU D 24 -5.31 -4.82 10.54
C LEU D 24 -4.49 -3.55 10.80
N VAL D 25 -5.05 -2.40 10.56
CA VAL D 25 -4.32 -1.16 10.79
C VAL D 25 -3.98 -0.96 12.27
N VAL D 26 -4.92 -1.23 13.12
CA VAL D 26 -4.70 -1.07 14.56
C VAL D 26 -3.61 -2.01 15.07
N THR D 27 -3.65 -3.23 14.61
CA THR D 27 -2.69 -4.24 15.05
C THR D 27 -1.25 -3.88 14.69
N LEU D 28 -1.06 -3.41 13.48
CA LEU D 28 0.28 -3.04 13.05
C LEU D 28 0.86 -1.92 13.91
N ALA D 29 0.03 -0.95 14.22
CA ALA D 29 0.49 0.17 15.01
C ALA D 29 0.97 -0.25 16.40
N TRP D 30 0.23 -1.11 17.05
CA TRP D 30 0.60 -1.57 18.39
C TRP D 30 1.93 -2.37 18.38
N HIS D 31 2.09 -3.20 17.40
CA HIS D 31 3.29 -4.06 17.33
C HIS D 31 4.58 -3.26 17.24
N VAL D 32 4.58 -2.23 16.46
CA VAL D 32 5.80 -1.43 16.28
C VAL D 32 6.18 -0.65 17.53
N LYS D 33 5.32 -0.61 18.50
CA LYS D 33 5.64 0.11 19.74
C LYS D 33 7.04 -0.24 20.20
N GLY D 34 7.26 -1.49 20.46
CA GLY D 34 8.57 -1.96 20.91
C GLY D 34 9.63 -1.64 19.87
N ARG D 35 9.27 -1.77 18.62
CA ARG D 35 10.20 -1.51 17.52
C ARG D 35 10.71 -0.06 17.56
N LEU D 36 9.85 0.83 17.91
CA LEU D 36 10.17 2.27 17.94
C LEU D 36 11.32 2.63 18.90
N VAL D 37 11.34 2.05 20.08
CA VAL D 37 12.37 2.43 21.08
C VAL D 37 13.84 2.16 20.64
N PRO D 38 14.17 1.00 20.10
CA PRO D 38 15.58 0.71 19.63
C PRO D 38 16.00 1.66 18.50
N GLY D 39 15.04 2.00 17.68
CA GLY D 39 15.28 2.90 16.57
C GLY D 39 15.76 4.26 17.08
N ALA D 40 15.15 4.72 18.13
CA ALA D 40 15.49 6.02 18.72
C ALA D 40 16.95 6.06 19.12
N THR D 41 17.45 5.00 19.70
CA THR D 41 18.84 4.95 20.15
C THR D 41 19.77 4.46 19.05
N TYR D 42 20.62 5.33 18.57
CA TYR D 42 21.57 4.97 17.52
C TYR D 42 22.56 6.11 17.31
N LEU D 43 23.70 6.00 17.94
CA LEU D 43 24.72 7.03 17.83
C LEU D 43 25.40 6.96 16.46
N SER D 44 24.62 7.12 15.42
CA SER D 44 25.15 7.07 14.06
C SER D 44 24.14 7.63 13.07
N LEU D 45 24.59 7.90 11.87
CA LEU D 45 23.72 8.45 10.85
C LEU D 45 23.12 9.77 11.33
N GLY D 46 23.96 10.62 11.87
CA GLY D 46 23.51 11.90 12.40
C GLY D 46 23.15 12.91 11.30
N VAL D 47 24.06 13.19 10.40
CA VAL D 47 23.83 14.18 9.33
C VAL D 47 23.74 13.53 7.95
N TRP D 48 24.28 12.35 7.81
CA TRP D 48 24.25 11.67 6.53
C TRP D 48 22.82 11.52 5.98
N PRO D 49 21.83 11.19 6.79
CA PRO D 49 20.43 11.05 6.29
C PRO D 49 19.97 12.28 5.51
N LEU D 50 20.18 13.43 6.08
CA LEU D 50 19.72 14.68 5.48
C LEU D 50 20.20 14.88 4.04
N LEU D 51 21.40 14.48 3.72
CA LEU D 51 21.85 14.70 2.34
C LEU D 51 20.89 14.00 1.36
N LEU D 52 20.53 12.78 1.66
CA LEU D 52 19.62 12.05 0.80
C LEU D 52 18.29 12.81 0.72
N VAL D 53 17.86 13.29 1.85
CA VAL D 53 16.62 14.05 1.96
C VAL D 53 16.64 15.28 1.07
N ARG D 54 17.81 15.85 0.88
CA ARG D 54 17.91 17.06 0.08
C ARG D 54 17.30 16.83 -1.31
N LEU D 55 17.53 15.69 -1.89
CA LEU D 55 16.93 15.42 -3.20
C LEU D 55 15.40 15.50 -3.07
N LEU D 56 14.91 14.88 -2.03
CA LEU D 56 13.48 14.81 -1.66
C LEU D 56 12.86 16.17 -1.24
N ARG D 57 13.67 17.02 -0.68
CA ARG D 57 13.18 18.29 -0.09
C ARG D 57 12.33 19.19 -1.02
N PRO D 58 12.65 19.32 -2.28
CA PRO D 58 11.85 20.17 -3.20
C PRO D 58 10.40 19.67 -3.29
N HIS D 59 10.26 18.38 -3.33
CA HIS D 59 8.94 17.75 -3.40
C HIS D 59 8.05 18.47 -4.41
N ARG D 60 8.62 18.87 -5.51
CA ARG D 60 7.87 19.57 -6.54
C ARG D 60 6.54 18.87 -6.81
N ALA D 61 5.69 19.51 -7.56
CA ALA D 61 4.38 18.94 -7.89
C ALA D 61 4.09 19.11 -9.38
N LEU D 62 4.88 18.47 -10.19
CA LEU D 62 4.70 18.56 -11.63
C LEU D 62 5.45 17.41 -12.31
N ALA D 63 5.60 16.32 -11.60
CA ALA D 63 6.29 15.16 -12.13
C ALA D 63 5.48 14.50 -13.24
N GLY E 1 -23.34 7.76 -8.55
CA GLY E 1 -23.99 9.02 -9.02
C GLY E 1 -23.15 10.22 -8.60
N ALA E 2 -23.78 11.35 -8.47
CA ALA E 2 -23.08 12.57 -8.06
C ALA E 2 -22.38 12.35 -6.73
N LYS E 3 -23.00 12.81 -5.67
CA LYS E 3 -22.42 12.66 -4.33
C LYS E 3 -22.64 11.25 -3.81
N ASN E 4 -22.04 10.30 -4.47
CA ASN E 4 -22.15 8.89 -4.07
C ASN E 4 -20.93 8.15 -4.56
N VAL E 5 -19.83 8.84 -4.53
CA VAL E 5 -18.55 8.30 -4.96
C VAL E 5 -17.44 9.00 -4.18
N ILE E 6 -17.30 10.27 -4.42
CA ILE E 6 -16.32 11.07 -3.73
C ILE E 6 -16.59 11.00 -2.23
N VAL E 7 -17.86 10.99 -1.88
CA VAL E 7 -18.25 10.91 -0.48
C VAL E 7 -17.73 9.61 0.15
N LEU E 8 -17.82 8.55 -0.59
CA LEU E 8 -17.36 7.26 -0.10
C LEU E 8 -15.86 7.31 0.22
N ASN E 9 -15.11 7.98 -0.62
CA ASN E 9 -13.68 8.10 -0.40
C ASN E 9 -13.42 8.80 0.94
N ALA E 10 -14.19 9.83 1.19
CA ALA E 10 -14.03 10.59 2.43
C ALA E 10 -14.22 9.67 3.64
N ALA E 11 -15.17 8.79 3.54
CA ALA E 11 -15.44 7.86 4.64
C ALA E 11 -14.20 7.03 4.95
N SER E 12 -13.51 6.59 3.93
CA SER E 12 -12.31 5.79 4.14
C SER E 12 -11.27 6.59 4.92
N ALA E 13 -11.13 7.84 4.57
CA ALA E 13 -10.17 8.72 5.23
C ALA E 13 -10.50 8.84 6.72
N ALA E 14 -11.77 8.89 7.03
CA ALA E 14 -12.21 8.99 8.42
C ALA E 14 -11.71 7.78 9.20
N GLY E 15 -11.78 6.62 8.58
CA GLY E 15 -11.34 5.40 9.23
C GLY E 15 -9.86 5.50 9.59
N ASN E 16 -9.09 6.04 8.69
CA ASN E 16 -7.66 6.21 8.91
C ASN E 16 -7.41 7.12 10.11
N HIS E 17 -8.19 8.16 10.22
CA HIS E 17 -8.05 9.11 11.31
C HIS E 17 -7.88 8.39 12.64
N GLY E 18 -6.65 8.14 13.00
CA GLY E 18 -6.35 7.46 14.26
C GLY E 18 -4.88 7.65 14.63
N PHE E 19 -4.64 8.45 15.64
CA PHE E 19 -3.28 8.74 16.10
C PHE E 19 -2.39 7.50 15.99
N PHE E 20 -2.96 6.35 16.25
CA PHE E 20 -2.19 5.12 16.18
C PHE E 20 -1.65 4.94 14.77
N TRP E 21 -2.47 5.22 13.79
CA TRP E 21 -2.07 5.08 12.40
C TRP E 21 -0.88 5.98 12.07
N GLY E 22 -0.92 7.19 12.57
CA GLY E 22 0.17 8.15 12.35
C GLY E 22 1.47 7.64 12.94
N LEU E 23 1.38 7.06 14.10
CA LEU E 23 2.56 6.53 14.80
C LEU E 23 3.25 5.44 13.99
N LEU E 24 2.49 4.62 13.33
CA LEU E 24 3.05 3.50 12.58
C LEU E 24 4.08 3.93 11.53
N VAL E 25 3.80 4.96 10.80
CA VAL E 25 4.73 5.39 9.74
C VAL E 25 6.10 5.75 10.31
N VAL E 26 6.12 6.42 11.43
CA VAL E 26 7.39 6.83 12.03
C VAL E 26 8.28 5.64 12.42
N THR E 27 7.70 4.61 12.98
CA THR E 27 8.49 3.46 13.41
C THR E 27 9.20 2.78 12.24
N LEU E 28 8.50 2.58 11.16
CA LEU E 28 9.09 1.92 10.01
C LEU E 28 10.25 2.75 9.48
N ALA E 29 10.06 4.03 9.43
CA ALA E 29 11.11 4.92 8.92
C ALA E 29 12.37 4.87 9.78
N TRP E 30 12.19 4.85 11.08
CA TRP E 30 13.33 4.82 11.99
C TRP E 30 14.12 3.51 11.89
N HIS E 31 13.42 2.40 11.80
CA HIS E 31 14.06 1.09 11.75
C HIS E 31 14.97 0.91 10.53
N VAL E 32 14.51 1.35 9.40
CA VAL E 32 15.27 1.17 8.17
C VAL E 32 16.63 1.87 8.20
N LYS E 33 16.86 2.73 9.16
CA LYS E 33 18.16 3.41 9.22
C LYS E 33 19.29 2.41 9.01
N GLY E 34 19.36 1.43 9.87
CA GLY E 34 20.40 0.40 9.77
C GLY E 34 20.32 -0.31 8.42
N ARG E 35 19.13 -0.54 7.94
CA ARG E 35 18.94 -1.22 6.66
C ARG E 35 19.62 -0.45 5.52
N LEU E 36 19.58 0.85 5.62
CA LEU E 36 20.14 1.72 4.58
C LEU E 36 21.65 1.57 4.33
N VAL E 37 22.47 1.48 5.36
CA VAL E 37 23.93 1.41 5.14
C VAL E 37 24.37 0.15 4.35
N PRO E 38 23.89 -1.02 4.70
CA PRO E 38 24.20 -2.27 3.95
C PRO E 38 23.74 -2.17 2.49
N GLY E 39 22.64 -1.50 2.31
CA GLY E 39 22.06 -1.28 0.99
C GLY E 39 23.03 -0.53 0.07
N ALA E 40 23.74 0.41 0.65
CA ALA E 40 24.66 1.24 -0.11
C ALA E 40 25.70 0.42 -0.87
N THR E 41 26.21 -0.62 -0.25
CA THR E 41 27.21 -1.46 -0.92
C THR E 41 26.81 -1.74 -2.37
N TYR E 42 27.52 -1.14 -3.29
CA TYR E 42 27.25 -1.32 -4.73
C TYR E 42 28.36 -2.11 -5.40
N LEU E 43 29.48 -1.47 -5.57
CA LEU E 43 30.63 -2.10 -6.22
C LEU E 43 30.29 -2.45 -7.65
N SER E 44 29.46 -3.45 -7.79
CA SER E 44 29.02 -3.92 -9.11
C SER E 44 27.58 -3.47 -9.36
N LEU E 45 26.97 -4.08 -10.35
CA LEU E 45 25.59 -3.77 -10.71
C LEU E 45 25.50 -2.34 -11.27
N GLY E 46 26.38 -2.00 -12.18
CA GLY E 46 26.40 -0.66 -12.75
C GLY E 46 25.42 -0.48 -13.92
N VAL E 47 25.41 -1.40 -14.86
CA VAL E 47 24.51 -1.28 -16.03
C VAL E 47 23.28 -2.19 -15.93
N TRP E 48 23.36 -3.21 -15.15
CA TRP E 48 22.24 -4.13 -15.01
C TRP E 48 20.98 -3.40 -14.48
N PRO E 49 21.13 -2.44 -13.59
CA PRO E 49 19.95 -1.68 -13.06
C PRO E 49 19.24 -0.86 -14.15
N LEU E 50 19.96 0.08 -14.71
CA LEU E 50 19.40 0.99 -15.70
C LEU E 50 18.76 0.26 -16.88
N LEU E 51 19.30 -0.84 -17.33
CA LEU E 51 18.68 -1.51 -18.46
C LEU E 51 17.24 -1.87 -18.09
N LEU E 52 17.04 -2.36 -16.89
CA LEU E 52 15.69 -2.70 -16.46
C LEU E 52 14.83 -1.43 -16.48
N VAL E 53 15.39 -0.34 -16.04
CA VAL E 53 14.71 0.95 -16.00
C VAL E 53 14.25 1.37 -17.40
N ARG E 54 15.02 0.99 -18.39
CA ARG E 54 14.69 1.37 -19.76
C ARG E 54 13.26 0.92 -20.11
N LEU E 55 12.89 -0.25 -19.68
CA LEU E 55 11.54 -0.73 -19.98
C LEU E 55 10.50 0.26 -19.41
N LEU E 56 10.76 0.71 -18.21
CA LEU E 56 9.93 1.69 -17.50
C LEU E 56 9.96 3.09 -18.15
N ARG E 57 11.09 3.41 -18.70
CA ARG E 57 11.34 4.76 -19.27
C ARG E 57 10.33 5.25 -20.35
N PRO E 58 9.93 4.44 -21.32
CA PRO E 58 8.95 4.91 -22.35
C PRO E 58 7.61 5.35 -21.75
N HIS E 59 7.12 4.62 -20.77
CA HIS E 59 5.84 4.95 -20.15
C HIS E 59 5.67 6.45 -19.95
N ARG E 60 4.46 6.88 -19.70
CA ARG E 60 4.18 8.29 -19.50
C ARG E 60 2.73 8.47 -19.04
N ALA E 61 2.35 9.69 -18.74
CA ALA E 61 0.99 9.96 -18.29
C ALA E 61 -0.03 9.62 -19.37
N LEU E 62 0.32 9.90 -20.60
CA LEU E 62 -0.58 9.61 -21.71
C LEU E 62 -0.83 8.11 -21.82
N ALA E 63 -0.26 7.36 -20.93
CA ALA E 63 -0.43 5.91 -20.93
C ALA E 63 -1.89 5.53 -21.15
N GLY F 1 -21.23 20.38 -0.37
CA GLY F 1 -21.08 18.94 -0.72
C GLY F 1 -19.86 18.76 -1.62
N ALA F 2 -19.64 19.71 -2.48
CA ALA F 2 -18.49 19.66 -3.39
C ALA F 2 -17.19 19.51 -2.61
N LYS F 3 -17.01 20.36 -1.63
CA LYS F 3 -15.81 20.32 -0.79
C LYS F 3 -16.06 19.52 0.48
N ASN F 4 -15.11 19.53 1.37
CA ASN F 4 -15.20 18.80 2.62
C ASN F 4 -15.07 17.30 2.38
N VAL F 5 -14.82 16.94 1.15
CA VAL F 5 -14.63 15.54 0.76
C VAL F 5 -13.18 15.35 0.32
N ILE F 6 -12.86 15.92 -0.80
CA ILE F 6 -11.52 15.88 -1.35
C ILE F 6 -10.54 16.48 -0.33
N VAL F 7 -11.02 17.45 0.39
CA VAL F 7 -10.20 18.13 1.40
C VAL F 7 -9.66 17.11 2.41
N LEU F 8 -10.50 16.19 2.78
CA LEU F 8 -10.08 15.17 3.74
C LEU F 8 -8.89 14.38 3.19
N ASN F 9 -8.93 14.09 1.91
CA ASN F 9 -7.84 13.37 1.28
C ASN F 9 -6.54 14.18 1.37
N ALA F 10 -6.67 15.46 1.17
CA ALA F 10 -5.51 16.35 1.20
C ALA F 10 -4.81 16.23 2.55
N ALA F 11 -5.58 16.16 3.61
CA ALA F 11 -5.00 16.03 4.93
C ALA F 11 -4.11 14.79 4.99
N SER F 12 -4.56 13.72 4.39
CA SER F 12 -3.77 12.50 4.37
C SER F 12 -2.44 12.75 3.66
N ALA F 13 -2.52 13.47 2.57
CA ALA F 13 -1.33 13.77 1.77
C ALA F 13 -0.29 14.53 2.59
N ALA F 14 -0.73 15.44 3.41
CA ALA F 14 0.20 16.19 4.24
C ALA F 14 0.94 15.23 5.15
N GLY F 15 0.22 14.30 5.70
CA GLY F 15 0.81 13.32 6.61
C GLY F 15 1.92 12.54 5.91
N ASN F 16 1.67 12.14 4.69
CA ASN F 16 2.68 11.41 3.93
C ASN F 16 3.93 12.27 3.71
N HIS F 17 3.71 13.52 3.40
CA HIS F 17 4.80 14.45 3.17
C HIS F 17 5.52 14.78 4.47
N GLY F 18 6.81 14.57 4.49
CA GLY F 18 7.58 14.85 5.68
C GLY F 18 9.03 14.41 5.53
N PHE F 19 9.77 14.54 6.60
CA PHE F 19 11.19 14.17 6.62
C PHE F 19 11.39 12.64 6.77
N PHE F 20 10.89 12.09 7.85
CA PHE F 20 11.04 10.66 8.11
C PHE F 20 10.42 9.81 7.00
N TRP F 21 9.27 10.21 6.53
CA TRP F 21 8.58 9.45 5.48
C TRP F 21 9.43 9.34 4.21
N GLY F 22 10.07 10.41 3.84
CA GLY F 22 10.89 10.41 2.62
C GLY F 22 12.02 9.39 2.72
N LEU F 23 12.62 9.33 3.87
CA LEU F 23 13.73 8.42 4.11
C LEU F 23 13.32 6.95 3.91
N LEU F 24 12.12 6.63 4.34
CA LEU F 24 11.66 5.24 4.26
C LEU F 24 11.64 4.71 2.82
N VAL F 25 11.17 5.50 1.89
CA VAL F 25 11.10 5.04 0.50
C VAL F 25 12.47 4.72 -0.09
N VAL F 26 13.43 5.56 0.15
CA VAL F 26 14.77 5.34 -0.39
C VAL F 26 15.42 4.08 0.19
N THR F 27 15.27 3.89 1.47
CA THR F 27 15.88 2.75 2.13
C THR F 27 15.34 1.43 1.62
N LEU F 28 14.05 1.35 1.44
CA LEU F 28 13.46 0.11 0.97
C LEU F 28 13.98 -0.22 -0.42
N ALA F 29 14.05 0.76 -1.27
CA ALA F 29 14.54 0.54 -2.63
C ALA F 29 15.99 0.07 -2.64
N TRP F 30 16.81 0.69 -1.83
CA TRP F 30 18.23 0.33 -1.77
C TRP F 30 18.45 -1.10 -1.22
N HIS F 31 17.72 -1.44 -0.20
CA HIS F 31 17.87 -2.75 0.44
C HIS F 31 17.59 -3.91 -0.49
N VAL F 32 16.57 -3.77 -1.29
CA VAL F 32 16.18 -4.83 -2.20
C VAL F 32 17.34 -5.33 -3.04
N LYS F 33 18.36 -4.53 -3.19
CA LYS F 33 19.53 -4.96 -3.98
C LYS F 33 19.82 -6.42 -3.65
N GLY F 34 20.11 -6.66 -2.40
CA GLY F 34 20.41 -8.01 -1.94
C GLY F 34 19.24 -8.95 -2.25
N ARG F 35 18.01 -8.49 -2.12
CA ARG F 35 16.88 -9.36 -2.40
C ARG F 35 16.88 -9.82 -3.87
N LEU F 36 17.30 -8.93 -4.73
CA LEU F 36 17.28 -9.20 -6.17
C LEU F 36 18.13 -10.42 -6.61
N VAL F 37 19.31 -10.59 -6.09
CA VAL F 37 20.16 -11.71 -6.55
C VAL F 37 19.57 -13.13 -6.28
N PRO F 38 19.05 -13.43 -5.10
CA PRO F 38 18.44 -14.77 -4.82
C PRO F 38 17.22 -15.03 -5.70
N GLY F 39 16.49 -13.99 -5.97
CA GLY F 39 15.30 -14.08 -6.80
C GLY F 39 15.63 -14.57 -8.20
N ALA F 40 16.74 -14.11 -8.71
CA ALA F 40 17.16 -14.50 -10.06
C ALA F 40 17.28 -16.02 -10.19
N THR F 41 17.85 -16.65 -9.19
CA THR F 41 18.02 -18.09 -9.23
C THR F 41 16.67 -18.80 -9.01
N TYR F 42 16.11 -19.31 -10.08
CA TYR F 42 14.84 -20.02 -10.00
C TYR F 42 14.69 -20.96 -11.20
N LEU F 43 14.68 -22.23 -10.91
CA LEU F 43 14.54 -23.23 -11.95
C LEU F 43 13.08 -23.40 -12.31
N SER F 44 12.85 -23.70 -13.55
CA SER F 44 11.50 -23.90 -14.06
C SER F 44 10.68 -22.61 -13.93
N LEU F 45 9.41 -22.71 -14.26
CA LEU F 45 8.50 -21.56 -14.22
C LEU F 45 8.90 -20.56 -15.30
N GLY F 46 9.30 -21.07 -16.42
CA GLY F 46 9.72 -20.24 -17.56
C GLY F 46 8.58 -20.07 -18.56
N VAL F 47 7.93 -21.16 -18.89
CA VAL F 47 6.82 -21.14 -19.84
C VAL F 47 5.73 -22.12 -19.40
N TRP F 48 4.97 -21.78 -18.38
CA TRP F 48 3.90 -22.64 -17.92
C TRP F 48 2.98 -21.83 -16.99
N PRO F 49 3.51 -21.00 -16.10
CA PRO F 49 2.67 -20.18 -15.18
C PRO F 49 1.96 -19.06 -15.96
N LEU F 50 2.59 -18.62 -17.01
CA LEU F 50 2.08 -17.55 -17.86
C LEU F 50 0.68 -17.85 -18.40
N LEU F 51 0.40 -19.09 -18.71
CA LEU F 51 -0.92 -19.39 -19.25
C LEU F 51 -2.00 -18.92 -18.29
N LEU F 52 -1.83 -19.16 -17.03
CA LEU F 52 -2.83 -18.71 -16.05
C LEU F 52 -2.90 -17.17 -16.12
N VAL F 53 -1.76 -16.56 -16.22
CA VAL F 53 -1.64 -15.11 -16.34
C VAL F 53 -2.36 -14.62 -17.59
N ARG F 54 -2.38 -15.45 -18.60
CA ARG F 54 -2.99 -15.08 -19.87
C ARG F 54 -4.44 -14.62 -19.64
N LEU F 55 -5.12 -15.27 -18.75
CA LEU F 55 -6.52 -14.88 -18.49
C LEU F 55 -6.55 -13.39 -18.11
N LEU F 56 -5.62 -13.00 -17.30
CA LEU F 56 -5.44 -11.61 -16.85
C LEU F 56 -5.01 -10.64 -17.98
N ARG F 57 -4.22 -11.17 -18.87
CA ARG F 57 -3.59 -10.36 -19.94
C ARG F 57 -4.58 -9.54 -20.81
N PRO F 58 -5.70 -10.06 -21.28
CA PRO F 58 -6.66 -9.23 -22.06
C PRO F 58 -7.09 -8.00 -21.27
N HIS F 59 -7.30 -8.18 -19.99
CA HIS F 59 -7.72 -7.07 -19.13
C HIS F 59 -8.96 -6.39 -19.70
N ARG F 60 -9.58 -5.57 -18.90
CA ARG F 60 -10.79 -4.87 -19.31
C ARG F 60 -11.17 -3.80 -18.30
N ALA F 61 -11.37 -2.59 -18.77
CA ALA F 61 -11.75 -1.48 -17.89
C ALA F 61 -13.26 -1.35 -17.81
N LEU F 62 -13.95 -2.15 -18.58
CA LEU F 62 -15.41 -2.13 -18.59
C LEU F 62 -15.93 -2.86 -17.36
N ALA F 63 -15.03 -3.30 -16.52
CA ALA F 63 -15.41 -4.01 -15.30
C ALA F 63 -16.55 -3.32 -14.59
N GLY A 1 -11.02 24.46 -0.92
CA GLY A 1 -10.08 24.77 -2.04
C GLY A 1 -10.71 24.31 -3.35
N ALA A 2 -9.89 23.77 -4.22
CA ALA A 2 -10.37 23.29 -5.51
C ALA A 2 -9.24 22.61 -6.28
N LYS A 3 -8.50 23.38 -7.03
CA LYS A 3 -7.39 22.84 -7.80
C LYS A 3 -6.20 22.55 -6.90
N ASN A 4 -5.91 23.46 -6.02
CA ASN A 4 -4.79 23.30 -5.09
C ASN A 4 -4.83 21.90 -4.48
N VAL A 5 -6.00 21.39 -4.27
CA VAL A 5 -6.16 20.06 -3.69
C VAL A 5 -5.53 19.02 -4.62
N ILE A 6 -6.00 18.97 -5.83
CA ILE A 6 -5.50 18.03 -6.82
C ILE A 6 -4.00 18.25 -7.04
N VAL A 7 -3.59 19.49 -6.97
CA VAL A 7 -2.18 19.82 -7.16
C VAL A 7 -1.31 19.08 -6.14
N LEU A 8 -1.79 19.00 -4.93
CA LEU A 8 -1.03 18.30 -3.89
C LEU A 8 -0.78 16.85 -4.31
N ASN A 9 -1.77 16.23 -4.91
CA ASN A 9 -1.62 14.85 -5.35
C ASN A 9 -0.51 14.74 -6.39
N ALA A 10 -0.47 15.70 -7.28
CA ALA A 10 0.53 15.71 -8.34
C ALA A 10 1.93 15.69 -7.71
N ALA A 11 2.11 16.44 -6.67
CA ALA A 11 3.40 16.51 -6.00
C ALA A 11 3.83 15.12 -5.54
N SER A 12 2.89 14.35 -5.06
CA SER A 12 3.20 13.00 -4.61
C SER A 12 3.77 12.20 -5.78
N ALA A 13 3.18 12.38 -6.93
CA ALA A 13 3.61 11.66 -8.13
C ALA A 13 5.08 11.97 -8.43
N ALA A 14 5.47 13.19 -8.23
CA ALA A 14 6.86 13.57 -8.47
C ALA A 14 7.77 12.74 -7.57
N GLY A 15 7.33 12.58 -6.34
CA GLY A 15 8.11 11.81 -5.37
C GLY A 15 8.37 10.39 -5.87
N ASN A 16 7.36 9.80 -6.44
CA ASN A 16 7.50 8.44 -6.98
C ASN A 16 8.57 8.41 -8.08
N HIS A 17 8.58 9.44 -8.89
CA HIS A 17 9.53 9.54 -9.99
C HIS A 17 10.96 9.31 -9.48
N GLY A 18 11.36 8.07 -9.40
CA GLY A 18 12.69 7.73 -8.94
C GLY A 18 13.07 6.33 -9.40
N PHE A 19 14.12 6.23 -10.17
CA PHE A 19 14.55 4.93 -10.68
C PHE A 19 14.63 3.89 -9.57
N PHE A 20 15.04 4.31 -8.40
CA PHE A 20 15.14 3.38 -7.28
C PHE A 20 13.77 2.80 -6.97
N TRP A 21 12.77 3.64 -6.96
CA TRP A 21 11.41 3.18 -6.66
C TRP A 21 10.96 2.17 -7.71
N GLY A 22 11.25 2.46 -8.94
CA GLY A 22 10.89 1.57 -10.04
C GLY A 22 11.56 0.21 -9.88
N LEU A 23 12.78 0.25 -9.43
CA LEU A 23 13.55 -0.98 -9.24
C LEU A 23 12.90 -1.92 -8.23
N LEU A 24 12.36 -1.35 -7.18
CA LEU A 24 11.75 -2.16 -6.12
C LEU A 24 10.58 -3.02 -6.60
N VAL A 25 9.70 -2.48 -7.39
CA VAL A 25 8.55 -3.26 -7.84
C VAL A 25 8.98 -4.48 -8.66
N VAL A 26 9.93 -4.29 -9.54
CA VAL A 26 10.41 -5.40 -10.36
C VAL A 26 11.07 -6.48 -9.51
N THR A 27 11.87 -6.06 -8.56
CA THR A 27 12.58 -7.00 -7.70
C THR A 27 11.63 -7.84 -6.86
N LEU A 28 10.63 -7.22 -6.31
CA LEU A 28 9.68 -7.95 -5.47
C LEU A 28 8.97 -9.02 -6.29
N ALA A 29 8.60 -8.68 -7.48
CA ALA A 29 7.90 -9.63 -8.34
C ALA A 29 8.76 -10.85 -8.64
N TRP A 30 10.02 -10.63 -8.92
CA TRP A 30 10.93 -11.73 -9.24
C TRP A 30 11.12 -12.68 -8.05
N HIS A 31 11.25 -12.12 -6.87
CA HIS A 31 11.49 -12.93 -5.67
C HIS A 31 10.37 -13.90 -5.36
N VAL A 32 9.16 -13.48 -5.50
CA VAL A 32 8.01 -14.33 -5.18
C VAL A 32 7.91 -15.54 -6.10
N LYS A 33 8.62 -15.53 -7.20
CA LYS A 33 8.55 -16.65 -8.12
C LYS A 33 8.68 -17.98 -7.36
N GLY A 34 9.73 -18.12 -6.62
CA GLY A 34 9.95 -19.35 -5.86
C GLY A 34 8.80 -19.61 -4.89
N ARG A 35 8.30 -18.57 -4.29
CA ARG A 35 7.18 -18.69 -3.34
C ARG A 35 5.96 -19.30 -4.01
N LEU A 36 5.77 -18.96 -5.25
CA LEU A 36 4.60 -19.43 -6.02
C LEU A 36 4.50 -20.96 -6.15
N VAL A 37 5.59 -21.64 -6.39
CA VAL A 37 5.52 -23.10 -6.59
C VAL A 37 4.99 -23.90 -5.37
N PRO A 38 5.46 -23.67 -4.16
CA PRO A 38 4.93 -24.39 -2.96
C PRO A 38 3.45 -24.08 -2.72
N GLY A 39 3.09 -22.87 -3.02
CA GLY A 39 1.71 -22.43 -2.86
C GLY A 39 0.78 -23.25 -3.74
N ALA A 40 1.23 -23.52 -4.93
CA ALA A 40 0.43 -24.29 -5.89
C ALA A 40 0.08 -25.67 -5.34
N THR A 41 1.03 -26.32 -4.71
CA THR A 41 0.80 -27.67 -4.17
C THR A 41 0.43 -27.61 -2.68
N TYR A 42 -0.80 -27.97 -2.40
CA TYR A 42 -1.30 -27.99 -1.03
C TYR A 42 -2.20 -29.20 -0.84
N LEU A 43 -3.39 -28.98 -0.32
CA LEU A 43 -4.36 -30.06 -0.09
C LEU A 43 -5.57 -29.83 -0.99
N SER A 44 -6.62 -30.56 -0.73
CA SER A 44 -7.87 -30.44 -1.50
C SER A 44 -8.99 -29.94 -0.61
N LEU A 45 -9.09 -28.65 -0.50
CA LEU A 45 -10.12 -28.04 0.33
C LEU A 45 -11.50 -28.32 -0.27
N GLY A 46 -11.87 -27.58 -1.27
CA GLY A 46 -13.16 -27.77 -1.95
C GLY A 46 -14.13 -26.64 -1.66
N VAL A 47 -14.40 -26.38 -0.41
CA VAL A 47 -15.38 -25.33 -0.03
C VAL A 47 -14.93 -24.47 1.15
N TRP A 48 -13.89 -24.86 1.84
CA TRP A 48 -13.46 -24.07 2.99
C TRP A 48 -13.14 -22.61 2.61
N PRO A 49 -12.46 -22.35 1.50
CA PRO A 49 -12.14 -20.94 1.12
C PRO A 49 -13.33 -20.25 0.49
N LEU A 50 -13.98 -20.93 -0.41
CA LEU A 50 -15.10 -20.34 -1.15
C LEU A 50 -16.14 -19.71 -0.22
N LEU A 51 -16.43 -20.31 0.89
CA LEU A 51 -17.44 -19.74 1.78
C LEU A 51 -17.04 -18.34 2.30
N LEU A 52 -15.81 -18.17 2.72
CA LEU A 52 -15.37 -16.87 3.26
C LEU A 52 -15.48 -15.76 2.21
N VAL A 53 -15.01 -16.04 1.04
CA VAL A 53 -15.06 -15.08 -0.07
C VAL A 53 -16.50 -14.74 -0.41
N ARG A 54 -17.38 -15.67 -0.19
CA ARG A 54 -18.77 -15.47 -0.51
C ARG A 54 -19.27 -14.19 0.14
N LEU A 55 -18.88 -13.93 1.36
CA LEU A 55 -19.33 -12.69 2.02
C LEU A 55 -18.83 -11.50 1.19
N LEU A 56 -17.59 -11.59 0.80
CA LEU A 56 -16.90 -10.59 -0.04
C LEU A 56 -17.45 -10.53 -1.49
N ARG A 57 -17.87 -11.67 -1.96
CA ARG A 57 -18.31 -11.84 -3.36
C ARG A 57 -19.43 -10.86 -3.82
N PRO A 58 -20.46 -10.59 -3.07
CA PRO A 58 -21.50 -9.62 -3.51
C PRO A 58 -20.88 -8.24 -3.76
N HIS A 59 -19.98 -7.86 -2.89
CA HIS A 59 -19.29 -6.58 -3.01
C HIS A 59 -20.22 -5.43 -2.64
N ARG A 60 -21.31 -5.30 -3.35
CA ARG A 60 -22.27 -4.23 -3.06
C ARG A 60 -21.58 -2.87 -3.09
N ALA A 61 -21.87 -2.10 -4.11
CA ALA A 61 -21.28 -0.77 -4.25
C ALA A 61 -22.24 0.30 -3.72
N LEU A 62 -23.31 -0.14 -3.11
CA LEU A 62 -24.30 0.78 -2.55
C LEU A 62 -23.81 1.35 -1.23
N ALA A 63 -22.57 1.07 -0.90
CA ALA A 63 -21.98 1.56 0.33
C ALA A 63 -22.26 3.05 0.52
N GLY B 1 -4.45 25.45 -14.64
CA GLY B 1 -5.87 25.60 -14.20
C GLY B 1 -6.63 24.34 -14.54
N ALA B 2 -6.02 23.48 -15.32
CA ALA B 2 -6.66 22.23 -15.72
C ALA B 2 -5.63 21.24 -16.24
N LYS B 3 -5.91 19.98 -16.08
CA LYS B 3 -5.00 18.93 -16.54
C LYS B 3 -3.59 19.17 -16.00
N ASN B 4 -2.68 18.32 -16.38
CA ASN B 4 -1.30 18.42 -15.93
C ASN B 4 -1.19 18.05 -14.46
N VAL B 5 -2.31 17.64 -13.91
CA VAL B 5 -2.38 17.20 -12.51
C VAL B 5 -2.85 15.75 -12.50
N ILE B 6 -4.07 15.56 -12.87
CA ILE B 6 -4.67 14.24 -12.95
C ILE B 6 -3.85 13.37 -13.91
N VAL B 7 -3.34 13.99 -14.95
CA VAL B 7 -2.52 13.29 -15.94
C VAL B 7 -1.31 12.65 -15.28
N LEU B 8 -0.70 13.38 -14.37
CA LEU B 8 0.48 12.87 -13.68
C LEU B 8 0.13 11.56 -12.98
N ASN B 9 -1.05 11.50 -12.42
CA ASN B 9 -1.50 10.29 -11.76
C ASN B 9 -1.54 9.13 -12.76
N ALA B 10 -1.96 9.45 -13.95
CA ALA B 10 -2.06 8.44 -15.00
C ALA B 10 -0.72 7.77 -15.20
N ALA B 11 0.32 8.55 -15.20
CA ALA B 11 1.67 8.01 -15.39
C ALA B 11 1.97 6.96 -14.32
N SER B 12 1.55 7.20 -13.11
CA SER B 12 1.80 6.26 -12.03
C SER B 12 1.13 4.91 -12.35
N ALA B 13 -0.08 4.97 -12.84
CA ALA B 13 -0.82 3.75 -13.17
C ALA B 13 -0.07 2.91 -14.19
N ALA B 14 0.53 3.55 -15.14
CA ALA B 14 1.30 2.83 -16.16
C ALA B 14 2.44 2.07 -15.47
N GLY B 15 3.04 2.72 -14.51
CA GLY B 15 4.16 2.14 -13.79
C GLY B 15 3.76 0.81 -13.13
N ASN B 16 2.59 0.76 -12.55
CA ASN B 16 2.13 -0.46 -11.91
C ASN B 16 2.06 -1.61 -12.92
N HIS B 17 1.58 -1.31 -14.10
CA HIS B 17 1.46 -2.31 -15.16
C HIS B 17 0.72 -3.55 -14.64
N GLY B 18 0.45 -4.48 -15.53
CA GLY B 18 -0.28 -5.70 -15.17
C GLY B 18 0.51 -6.97 -15.52
N PHE B 19 1.59 -6.83 -16.23
CA PHE B 19 2.38 -8.00 -16.60
C PHE B 19 3.11 -8.56 -15.37
N PHE B 20 4.33 -8.14 -15.17
CA PHE B 20 5.11 -8.63 -14.04
C PHE B 20 4.39 -8.29 -12.73
N TRP B 21 3.87 -7.10 -12.64
CA TRP B 21 3.18 -6.67 -11.44
C TRP B 21 1.96 -7.55 -11.13
N GLY B 22 1.24 -7.92 -12.15
CA GLY B 22 0.06 -8.77 -11.96
C GLY B 22 0.43 -10.09 -11.32
N LEU B 23 1.53 -10.64 -11.74
CA LEU B 23 2.01 -11.92 -11.22
C LEU B 23 2.25 -11.83 -9.71
N LEU B 24 2.78 -10.73 -9.27
CA LEU B 24 3.08 -10.55 -7.86
C LEU B 24 1.82 -10.69 -7.00
N VAL B 25 0.74 -10.13 -7.44
CA VAL B 25 -0.49 -10.20 -6.66
C VAL B 25 -0.96 -11.64 -6.48
N VAL B 26 -0.91 -12.42 -7.53
CA VAL B 26 -1.33 -13.82 -7.45
C VAL B 26 -0.42 -14.61 -6.52
N THR B 27 0.86 -14.39 -6.65
CA THR B 27 1.84 -15.11 -5.85
C THR B 27 1.67 -14.84 -4.36
N LEU B 28 1.47 -13.61 -4.00
CA LEU B 28 1.33 -13.27 -2.60
C LEU B 28 0.11 -13.97 -2.01
N ALA B 29 -0.97 -13.96 -2.74
CA ALA B 29 -2.19 -14.60 -2.27
C ALA B 29 -2.01 -16.10 -2.09
N TRP B 30 -1.37 -16.72 -3.03
CA TRP B 30 -1.14 -18.17 -2.99
C TRP B 30 -0.25 -18.57 -1.80
N HIS B 31 0.77 -17.80 -1.56
CA HIS B 31 1.73 -18.10 -0.50
C HIS B 31 1.08 -18.19 0.87
N VAL B 32 0.17 -17.30 1.15
CA VAL B 32 -0.47 -17.30 2.45
C VAL B 32 -1.41 -18.49 2.62
N LYS B 33 -1.51 -19.33 1.62
CA LYS B 33 -2.38 -20.49 1.71
C LYS B 33 -2.04 -21.27 2.98
N GLY B 34 -0.85 -21.78 3.04
CA GLY B 34 -0.41 -22.55 4.20
C GLY B 34 -0.50 -21.71 5.47
N ARG B 35 -0.18 -20.45 5.35
CA ARG B 35 -0.23 -19.53 6.47
C ARG B 35 -1.65 -19.45 7.03
N LEU B 36 -2.59 -19.51 6.14
CA LEU B 36 -4.01 -19.40 6.48
C LEU B 36 -4.53 -20.48 7.46
N VAL B 37 -4.14 -21.71 7.28
CA VAL B 37 -4.65 -22.79 8.15
C VAL B 37 -4.25 -22.68 9.65
N PRO B 38 -3.01 -22.42 9.99
CA PRO B 38 -2.58 -22.26 11.42
C PRO B 38 -3.25 -21.08 12.10
N GLY B 39 -3.46 -20.05 11.32
CA GLY B 39 -4.11 -18.85 11.81
C GLY B 39 -5.51 -19.17 12.31
N ALA B 40 -6.18 -20.01 11.58
CA ALA B 40 -7.56 -20.39 11.90
C ALA B 40 -7.67 -21.04 13.28
N THR B 41 -6.74 -21.89 13.62
CA THR B 41 -6.78 -22.58 14.91
C THR B 41 -6.20 -21.71 16.02
N TYR B 42 -7.00 -21.41 17.02
CA TYR B 42 -6.56 -20.60 18.15
C TYR B 42 -7.66 -20.51 19.21
N LEU B 43 -8.80 -20.06 18.78
CA LEU B 43 -9.94 -19.91 19.69
C LEU B 43 -9.59 -18.94 20.81
N SER B 44 -10.04 -17.71 20.66
CA SER B 44 -9.79 -16.69 21.67
C SER B 44 -10.54 -15.41 21.35
N LEU B 45 -10.33 -14.42 22.18
CA LEU B 45 -10.97 -13.13 22.04
C LEU B 45 -12.48 -13.36 21.94
N GLY B 46 -12.88 -13.64 20.75
CA GLY B 46 -14.29 -13.95 20.41
C GLY B 46 -15.21 -12.79 20.71
N VAL B 47 -15.06 -12.24 21.87
CA VAL B 47 -15.88 -11.12 22.30
C VAL B 47 -15.15 -10.37 23.42
N TRP B 48 -14.11 -9.65 23.10
CA TRP B 48 -13.40 -8.86 24.09
C TRP B 48 -12.81 -7.59 23.44
N PRO B 49 -12.14 -7.69 22.30
CA PRO B 49 -11.56 -6.50 21.65
C PRO B 49 -12.57 -5.77 20.76
N LEU B 50 -13.62 -6.45 20.42
CA LEU B 50 -14.65 -5.89 19.55
C LEU B 50 -15.19 -4.57 20.10
N LEU B 51 -15.29 -4.42 21.37
CA LEU B 51 -15.82 -3.18 21.88
C LEU B 51 -15.00 -1.99 21.36
N LEU B 52 -13.69 -2.10 21.37
CA LEU B 52 -12.86 -1.01 20.86
C LEU B 52 -13.12 -0.78 19.36
N VAL B 53 -13.15 -1.84 18.59
CA VAL B 53 -13.42 -1.76 17.15
C VAL B 53 -14.83 -1.22 16.91
N ARG B 54 -15.72 -1.50 17.84
CA ARG B 54 -17.11 -1.08 17.71
C ARG B 54 -17.17 0.42 17.46
N LEU B 55 -16.33 1.17 18.12
CA LEU B 55 -16.36 2.62 17.90
C LEU B 55 -16.10 2.91 16.41
N LEU B 56 -15.15 2.20 15.87
CA LEU B 56 -14.78 2.29 14.43
C LEU B 56 -15.88 1.73 13.50
N ARG B 57 -16.55 0.73 14.01
CA ARG B 57 -17.56 -0.03 13.22
C ARG B 57 -18.68 0.81 12.57
N PRO B 58 -19.29 1.77 13.21
CA PRO B 58 -20.36 2.60 12.55
C PRO B 58 -19.82 3.32 11.32
N HIS B 59 -18.61 3.81 11.44
CA HIS B 59 -17.98 4.52 10.32
C HIS B 59 -18.81 5.74 9.94
N ARG B 60 -18.19 6.66 9.24
CA ARG B 60 -18.88 7.89 8.82
C ARG B 60 -18.33 8.35 7.47
N ALA B 61 -18.83 9.47 6.99
CA ALA B 61 -18.38 10.02 5.71
C ALA B 61 -18.32 11.54 5.78
N LEU B 62 -18.53 12.07 6.95
CA LEU B 62 -18.48 13.52 7.15
C LEU B 62 -17.04 13.96 7.35
N ALA B 63 -16.34 13.30 8.23
CA ALA B 63 -14.94 13.61 8.52
C ALA B 63 -14.71 15.12 8.52
N GLY C 1 -10.35 14.65 -24.19
CA GLY C 1 -10.11 13.49 -23.28
C GLY C 1 -10.90 13.68 -21.99
N ALA C 2 -10.28 14.28 -21.02
CA ALA C 2 -10.94 14.51 -19.74
C ALA C 2 -11.38 13.20 -19.10
N LYS C 3 -11.00 12.10 -19.71
CA LYS C 3 -11.36 10.78 -19.20
C LYS C 3 -10.19 9.82 -19.34
N ASN C 4 -9.18 10.22 -20.06
CA ASN C 4 -8.00 9.39 -20.24
C ASN C 4 -7.14 9.43 -18.98
N VAL C 5 -7.82 9.37 -17.86
CA VAL C 5 -7.17 9.40 -16.55
C VAL C 5 -7.97 8.54 -15.58
N ILE C 6 -9.16 8.99 -15.30
CA ILE C 6 -10.05 8.28 -14.40
C ILE C 6 -10.30 6.88 -14.95
N VAL C 7 -10.42 6.79 -16.24
CA VAL C 7 -10.63 5.49 -16.89
C VAL C 7 -9.46 4.56 -16.59
N LEU C 8 -8.28 5.10 -16.63
CA LEU C 8 -7.08 4.31 -16.36
C LEU C 8 -7.15 3.72 -14.95
N ASN C 9 -7.63 4.51 -14.02
CA ASN C 9 -7.77 4.04 -12.64
C ASN C 9 -8.73 2.85 -12.60
N ALA C 10 -9.77 2.96 -13.38
CA ALA C 10 -10.78 1.90 -13.44
C ALA C 10 -10.13 0.59 -13.85
N ALA C 11 -9.24 0.65 -14.79
CA ALA C 11 -8.56 -0.57 -15.24
C ALA C 11 -7.84 -1.23 -14.08
N SER C 12 -7.22 -0.45 -13.24
CA SER C 12 -6.52 -1.00 -12.09
C SER C 12 -7.52 -1.73 -11.18
N ALA C 13 -8.67 -1.14 -11.00
CA ALA C 13 -9.71 -1.72 -10.15
C ALA C 13 -10.11 -3.10 -10.63
N ALA C 14 -10.17 -3.28 -11.92
CA ALA C 14 -10.53 -4.57 -12.48
C ALA C 14 -9.52 -5.62 -12.04
N GLY C 15 -8.27 -5.24 -12.03
CA GLY C 15 -7.19 -6.14 -11.64
C GLY C 15 -7.37 -6.65 -10.21
N ASN C 16 -7.75 -5.76 -9.31
CA ASN C 16 -7.95 -6.15 -7.91
C ASN C 16 -9.05 -7.20 -7.79
N HIS C 17 -10.11 -7.00 -8.54
CA HIS C 17 -11.24 -7.93 -8.51
C HIS C 17 -10.78 -9.35 -8.73
N GLY C 18 -10.66 -10.11 -7.67
CA GLY C 18 -10.22 -11.50 -7.78
C GLY C 18 -10.56 -12.29 -6.52
N PHE C 19 -10.58 -13.59 -6.68
CA PHE C 19 -10.88 -14.51 -5.57
C PHE C 19 -9.67 -14.64 -4.61
N PHE C 20 -8.51 -14.90 -5.16
CA PHE C 20 -7.30 -15.07 -4.35
C PHE C 20 -7.02 -13.82 -3.53
N TRP C 21 -7.21 -12.67 -4.12
CA TRP C 21 -6.96 -11.41 -3.44
C TRP C 21 -7.79 -11.26 -2.17
N GLY C 22 -9.02 -11.67 -2.23
CA GLY C 22 -9.92 -11.57 -1.07
C GLY C 22 -9.40 -12.39 0.12
N LEU C 23 -8.88 -13.55 -0.16
CA LEU C 23 -8.38 -14.42 0.90
C LEU C 23 -7.25 -13.75 1.69
N LEU C 24 -6.38 -13.07 1.02
CA LEU C 24 -5.24 -12.44 1.69
C LEU C 24 -5.67 -11.40 2.73
N VAL C 25 -6.60 -10.56 2.40
CA VAL C 25 -7.02 -9.51 3.35
C VAL C 25 -7.68 -10.08 4.62
N VAL C 26 -8.56 -11.03 4.47
CA VAL C 26 -9.24 -11.62 5.63
C VAL C 26 -8.26 -12.36 6.55
N THR C 27 -7.39 -13.12 5.95
CA THR C 27 -6.41 -13.89 6.71
C THR C 27 -5.47 -13.01 7.51
N LEU C 28 -5.01 -11.97 6.90
CA LEU C 28 -4.09 -11.07 7.55
C LEU C 28 -4.72 -10.38 8.77
N ALA C 29 -5.94 -9.94 8.62
CA ALA C 29 -6.58 -9.23 9.73
C ALA C 29 -6.78 -10.11 10.97
N TRP C 30 -7.31 -11.29 10.79
CA TRP C 30 -7.51 -12.17 11.94
C TRP C 30 -6.18 -12.67 12.51
N HIS C 31 -5.24 -12.94 11.64
CA HIS C 31 -3.94 -13.47 12.07
C HIS C 31 -3.20 -12.55 13.06
N VAL C 32 -3.22 -11.28 12.81
CA VAL C 32 -2.49 -10.36 13.70
C VAL C 32 -2.98 -10.44 15.15
N LYS C 33 -4.02 -11.21 15.40
CA LYS C 33 -4.53 -11.33 16.76
C LYS C 33 -3.40 -11.50 17.77
N GLY C 34 -2.57 -12.47 17.56
CA GLY C 34 -1.45 -12.73 18.47
C GLY C 34 -0.53 -11.52 18.59
N ARG C 35 -0.30 -10.83 17.50
CA ARG C 35 0.56 -9.66 17.50
C ARG C 35 0.04 -8.60 18.47
N LEU C 36 -1.25 -8.50 18.56
CA LEU C 36 -1.89 -7.49 19.41
C LEU C 36 -1.57 -7.60 20.92
N VAL C 37 -1.58 -8.79 21.49
CA VAL C 37 -1.36 -8.90 22.95
C VAL C 37 0.03 -8.41 23.40
N PRO C 38 1.09 -8.79 22.73
CA PRO C 38 2.46 -8.30 23.06
C PRO C 38 2.54 -6.77 22.93
N GLY C 39 1.83 -6.26 21.98
CA GLY C 39 1.77 -4.83 21.73
C GLY C 39 1.23 -4.06 22.94
N ALA C 40 0.28 -4.66 23.61
CA ALA C 40 -0.35 -4.01 24.75
C ALA C 40 0.67 -3.64 25.83
N THR C 41 1.61 -4.52 26.09
CA THR C 41 2.62 -4.24 27.11
C THR C 41 3.12 -2.80 27.01
N TYR C 42 2.75 -1.99 27.98
CA TYR C 42 3.15 -0.58 28.02
C TYR C 42 4.50 -0.43 28.73
N LEU C 43 5.54 -0.92 28.11
CA LEU C 43 6.88 -0.83 28.67
C LEU C 43 7.46 0.57 28.45
N SER C 44 7.30 1.43 29.42
CA SER C 44 7.81 2.79 29.32
C SER C 44 7.32 3.47 28.05
N LEU C 45 6.06 3.80 28.02
CA LEU C 45 5.45 4.46 26.86
C LEU C 45 4.40 5.46 27.32
N GLY C 46 4.53 5.93 28.52
CA GLY C 46 3.58 6.89 29.07
C GLY C 46 3.34 8.04 28.11
N VAL C 47 4.33 8.89 27.97
CA VAL C 47 4.20 10.05 27.09
C VAL C 47 5.49 10.33 26.32
N TRP C 48 6.57 9.69 26.68
CA TRP C 48 7.82 9.93 25.97
C TRP C 48 7.60 9.87 24.45
N PRO C 49 6.93 8.87 23.94
CA PRO C 49 6.65 8.75 22.47
C PRO C 49 5.92 9.97 21.91
N LEU C 50 4.99 10.48 22.66
CA LEU C 50 4.16 11.59 22.22
C LEU C 50 4.97 12.82 21.78
N LEU C 51 6.07 13.10 22.40
CA LEU C 51 6.82 14.29 22.00
C LEU C 51 7.16 14.23 20.50
N LEU C 52 7.62 13.09 20.04
CA LEU C 52 7.95 12.96 18.62
C LEU C 52 6.69 13.22 17.79
N VAL C 53 5.60 12.68 18.24
CA VAL C 53 4.30 12.82 17.58
C VAL C 53 3.91 14.30 17.51
N ARG C 54 4.36 15.06 18.47
CA ARG C 54 4.02 16.47 18.52
C ARG C 54 4.38 17.15 17.20
N LEU C 55 5.50 16.77 16.63
CA LEU C 55 5.90 17.36 15.35
C LEU C 55 4.80 17.10 14.31
N LEU C 56 4.32 15.89 14.30
CA LEU C 56 3.21 15.44 13.43
C LEU C 56 1.86 16.09 13.76
N ARG C 57 1.68 16.36 15.03
CA ARG C 57 0.40 16.87 15.56
C ARG C 57 -0.15 18.16 14.89
N PRO C 58 0.64 19.18 14.62
CA PRO C 58 0.11 20.40 13.95
C PRO C 58 -0.49 20.06 12.58
N HIS C 59 0.16 19.18 11.87
CA HIS C 59 -0.32 18.77 10.54
C HIS C 59 -0.59 19.98 9.66
N ARG C 60 -0.80 19.73 8.39
CA ARG C 60 -1.07 20.80 7.44
C ARG C 60 -1.52 20.22 6.10
N ALA C 61 -2.80 20.25 5.85
CA ALA C 61 -3.32 19.70 4.60
C ALA C 61 -2.88 20.54 3.42
N LEU C 62 -2.42 21.73 3.68
CA LEU C 62 -1.94 22.62 2.62
C LEU C 62 -0.55 22.19 2.14
N ALA C 63 -0.29 20.91 2.24
CA ALA C 63 1.01 20.39 1.83
C ALA C 63 1.22 20.58 0.33
N GLY D 1 -24.05 7.68 -18.06
CA GLY D 1 -22.95 8.48 -18.67
C GLY D 1 -22.16 9.20 -17.57
N ALA D 2 -20.87 9.21 -17.71
CA ALA D 2 -20.00 9.86 -16.73
C ALA D 2 -20.30 9.32 -15.34
N LYS D 3 -20.95 8.20 -15.26
CA LYS D 3 -21.30 7.57 -13.98
C LYS D 3 -21.10 6.07 -14.05
N ASN D 4 -19.87 5.66 -14.26
CA ASN D 4 -19.51 4.26 -14.34
C ASN D 4 -18.07 4.07 -13.89
N VAL D 5 -17.26 5.03 -14.20
CA VAL D 5 -15.86 4.98 -13.82
C VAL D 5 -15.75 5.24 -12.31
N ILE D 6 -16.23 6.37 -11.89
CA ILE D 6 -16.21 6.75 -10.49
C ILE D 6 -16.97 5.71 -9.66
N VAL D 7 -18.01 5.19 -10.24
CA VAL D 7 -18.83 4.18 -9.57
C VAL D 7 -17.98 2.96 -9.22
N LEU D 8 -17.13 2.57 -10.12
CA LEU D 8 -16.27 1.41 -9.90
C LEU D 8 -15.39 1.62 -8.65
N ASN D 9 -14.88 2.81 -8.49
CA ASN D 9 -14.05 3.10 -7.32
C ASN D 9 -14.86 2.90 -6.03
N ALA D 10 -16.08 3.34 -6.07
CA ALA D 10 -16.96 3.23 -4.89
C ALA D 10 -17.10 1.78 -4.49
N ALA D 11 -17.22 0.91 -5.46
CA ALA D 11 -17.36 -0.51 -5.18
C ALA D 11 -16.17 -1.02 -4.38
N SER D 12 -15.00 -0.55 -4.72
CA SER D 12 -13.80 -0.97 -4.00
C SER D 12 -13.91 -0.58 -2.53
N ALA D 13 -14.40 0.62 -2.31
CA ALA D 13 -14.56 1.13 -0.95
C ALA D 13 -15.47 0.23 -0.12
N ALA D 14 -16.51 -0.27 -0.73
CA ALA D 14 -17.42 -1.16 -0.03
C ALA D 14 -16.66 -2.40 0.43
N GLY D 15 -15.82 -2.89 -0.43
CA GLY D 15 -15.04 -4.09 -0.13
C GLY D 15 -14.17 -3.87 1.11
N ASN D 16 -13.56 -2.72 1.20
CA ASN D 16 -12.70 -2.41 2.35
C ASN D 16 -13.51 -2.42 3.65
N HIS D 17 -14.69 -1.87 3.59
CA HIS D 17 -15.55 -1.81 4.77
C HIS D 17 -15.73 -3.19 5.39
N GLY D 18 -15.07 -3.40 6.49
CA GLY D 18 -15.15 -4.69 7.19
C GLY D 18 -14.42 -4.61 8.53
N PHE D 19 -15.13 -4.85 9.60
CA PHE D 19 -14.55 -4.79 10.93
C PHE D 19 -13.19 -5.47 10.95
N PHE D 20 -13.03 -6.50 10.17
CA PHE D 20 -11.76 -7.20 10.13
C PHE D 20 -10.67 -6.24 9.68
N TRP D 21 -10.97 -5.46 8.67
CA TRP D 21 -9.99 -4.50 8.15
C TRP D 21 -9.58 -3.49 9.22
N GLY D 22 -10.55 -3.04 9.97
CA GLY D 22 -10.28 -2.07 11.04
C GLY D 22 -9.32 -2.66 12.07
N LEU D 23 -9.50 -3.90 12.37
CA LEU D 23 -8.66 -4.58 13.34
C LEU D 23 -7.19 -4.60 12.91
N LEU D 24 -6.94 -4.81 11.64
CA LEU D 24 -5.57 -4.90 11.15
C LEU D 24 -4.76 -3.63 11.41
N VAL D 25 -5.32 -2.48 11.13
CA VAL D 25 -4.58 -1.24 11.33
C VAL D 25 -4.23 -1.03 12.80
N VAL D 26 -5.17 -1.28 13.67
CA VAL D 26 -4.94 -1.10 15.10
C VAL D 26 -3.84 -2.04 15.62
N THR D 27 -3.89 -3.27 15.18
CA THR D 27 -2.92 -4.26 15.62
C THR D 27 -1.50 -3.91 15.21
N LEU D 28 -1.33 -3.49 13.99
CA LEU D 28 0.00 -3.15 13.51
C LEU D 28 0.60 -2.01 14.31
N ALA D 29 -0.21 -1.02 14.59
CA ALA D 29 0.28 0.14 15.34
C ALA D 29 0.73 -0.23 16.75
N TRP D 30 -0.03 -1.05 17.43
CA TRP D 30 0.33 -1.46 18.79
C TRP D 30 1.63 -2.27 18.84
N HIS D 31 1.79 -3.15 17.90
CA HIS D 31 2.97 -4.03 17.89
C HIS D 31 4.29 -3.25 17.76
N VAL D 32 4.31 -2.27 16.93
CA VAL D 32 5.53 -1.50 16.72
C VAL D 32 5.94 -0.70 17.96
N LYS D 33 5.09 -0.64 18.94
CA LYS D 33 5.42 0.10 20.17
C LYS D 33 6.85 -0.22 20.60
N GLY D 34 7.09 -1.48 20.87
CA GLY D 34 8.42 -1.91 21.30
C GLY D 34 9.46 -1.57 20.24
N ARG D 35 9.09 -1.70 19.00
CA ARG D 35 10.00 -1.41 17.89
C ARG D 35 10.49 0.04 17.92
N LEU D 36 9.61 0.92 18.28
CA LEU D 36 9.91 2.36 18.30
C LEU D 36 11.08 2.74 19.25
N VAL D 37 11.15 2.17 20.42
CA VAL D 37 12.20 2.57 21.39
C VAL D 37 13.66 2.31 20.91
N PRO D 38 13.99 1.15 20.37
CA PRO D 38 15.37 0.89 19.85
C PRO D 38 15.77 1.82 18.71
N GLY D 39 14.79 2.16 17.92
CA GLY D 39 15.00 3.05 16.78
C GLY D 39 15.48 4.42 17.27
N ALA D 40 14.91 4.88 18.34
CA ALA D 40 15.27 6.19 18.89
C ALA D 40 16.76 6.26 19.23
N THR D 41 17.28 5.20 19.81
CA THR D 41 18.69 5.19 20.19
C THR D 41 19.57 4.84 19.00
N TYR D 42 20.34 5.81 18.55
CA TYR D 42 21.25 5.59 17.43
C TYR D 42 22.13 6.84 17.23
N LEU D 43 23.39 6.73 17.61
CA LEU D 43 24.33 7.84 17.49
C LEU D 43 25.06 7.78 16.15
N SER D 44 24.34 8.01 15.09
CA SER D 44 24.93 7.97 13.76
C SER D 44 23.96 8.55 12.72
N LEU D 45 24.46 8.77 11.53
CA LEU D 45 23.65 9.32 10.46
C LEU D 45 23.07 10.68 10.89
N GLY D 46 23.91 11.53 11.39
CA GLY D 46 23.49 12.84 11.86
C GLY D 46 23.01 13.75 10.72
N VAL D 47 23.87 14.01 9.76
CA VAL D 47 23.53 14.91 8.64
C VAL D 47 23.59 14.20 7.29
N TRP D 48 24.26 13.10 7.22
CA TRP D 48 24.39 12.38 5.95
C TRP D 48 23.02 12.14 5.30
N PRO D 49 22.00 11.74 6.03
CA PRO D 49 20.64 11.52 5.43
C PRO D 49 20.16 12.73 4.63
N LEU D 50 20.37 13.89 5.19
CA LEU D 50 19.88 15.13 4.59
C LEU D 50 20.34 15.30 3.13
N LEU D 51 21.54 14.91 2.80
CA LEU D 51 21.98 15.10 1.42
C LEU D 51 21.05 14.36 0.46
N LEU D 52 20.71 13.14 0.78
CA LEU D 52 19.80 12.38 -0.08
C LEU D 52 18.47 13.10 -0.18
N VAL D 53 18.01 13.60 0.95
CA VAL D 53 16.75 14.33 1.03
C VAL D 53 16.77 15.55 0.13
N ARG D 54 17.93 16.15 -0.03
CA ARG D 54 18.04 17.35 -0.84
C ARG D 54 17.46 17.09 -2.23
N LEU D 55 17.73 15.95 -2.80
CA LEU D 55 17.17 15.66 -4.12
C LEU D 55 15.64 15.69 -4.02
N LEU D 56 15.14 15.07 -2.99
CA LEU D 56 13.71 14.95 -2.64
C LEU D 56 13.04 16.28 -2.23
N ARG D 57 13.80 17.16 -1.65
CA ARG D 57 13.26 18.41 -1.06
C ARG D 57 12.42 19.28 -2.01
N PRO D 58 12.76 19.44 -3.27
CA PRO D 58 11.96 20.27 -4.20
C PRO D 58 10.53 19.72 -4.34
N HIS D 59 10.43 18.42 -4.40
CA HIS D 59 9.13 17.76 -4.54
C HIS D 59 8.30 18.39 -5.64
N ARG D 60 8.91 18.57 -6.79
CA ARG D 60 8.24 19.18 -7.93
C ARG D 60 6.82 18.61 -8.08
N ALA D 61 6.02 19.24 -8.90
CA ALA D 61 4.64 18.78 -9.13
C ALA D 61 4.31 18.79 -10.61
N LEU D 62 5.20 19.32 -11.41
CA LEU D 62 4.99 19.38 -12.86
C LEU D 62 5.52 18.11 -13.52
N ALA D 63 5.57 17.04 -12.76
CA ALA D 63 6.06 15.77 -13.29
C ALA D 63 5.27 15.37 -14.53
N GLY E 1 -26.22 9.60 -6.50
CA GLY E 1 -25.69 9.80 -7.88
C GLY E 1 -24.40 10.61 -7.82
N ALA E 2 -24.54 11.90 -7.72
CA ALA E 2 -23.38 12.78 -7.65
C ALA E 2 -22.59 12.54 -6.36
N LYS E 3 -23.06 13.10 -5.29
CA LYS E 3 -22.40 12.95 -3.99
C LYS E 3 -22.84 11.65 -3.32
N ASN E 4 -22.32 10.56 -3.78
CA ASN E 4 -22.64 9.25 -3.24
C ASN E 4 -21.58 8.24 -3.68
N VAL E 5 -20.61 8.73 -4.39
CA VAL E 5 -19.50 7.92 -4.90
C VAL E 5 -18.20 8.40 -4.26
N ILE E 6 -17.86 9.63 -4.55
CA ILE E 6 -16.68 10.25 -3.98
C ILE E 6 -16.82 10.28 -2.46
N VAL E 7 -18.03 10.47 -2.02
CA VAL E 7 -18.35 10.52 -0.60
C VAL E 7 -17.90 9.24 0.10
N LEU E 8 -18.09 8.12 -0.55
CA LEU E 8 -17.67 6.85 0.02
C LEU E 8 -16.16 6.87 0.30
N ASN E 9 -15.43 7.47 -0.61
CA ASN E 9 -13.98 7.56 -0.44
C ASN E 9 -13.65 8.33 0.84
N ALA E 10 -14.37 9.40 1.06
CA ALA E 10 -14.14 10.23 2.23
C ALA E 10 -14.28 9.38 3.49
N ALA E 11 -15.21 8.48 3.48
CA ALA E 11 -15.42 7.60 4.62
C ALA E 11 -14.15 6.81 4.92
N SER E 12 -13.47 6.38 3.90
CA SER E 12 -12.24 5.61 4.10
C SER E 12 -11.23 6.46 4.87
N ALA E 13 -11.14 7.71 4.52
CA ALA E 13 -10.22 8.63 5.19
C ALA E 13 -10.56 8.72 6.67
N ALA E 14 -11.83 8.74 6.96
CA ALA E 14 -12.28 8.81 8.35
C ALA E 14 -11.78 7.60 9.12
N GLY E 15 -11.83 6.46 8.48
CA GLY E 15 -11.36 5.22 9.09
C GLY E 15 -9.89 5.32 9.48
N ASN E 16 -9.11 5.91 8.61
CA ASN E 16 -7.68 6.07 8.87
C ASN E 16 -7.44 6.90 10.13
N HIS E 17 -8.22 7.94 10.29
CA HIS E 17 -8.08 8.81 11.45
C HIS E 17 -7.96 8.00 12.74
N GLY E 18 -6.75 7.81 13.18
CA GLY E 18 -6.50 7.05 14.40
C GLY E 18 -5.07 7.28 14.89
N PHE E 19 -4.93 8.13 15.86
CA PHE E 19 -3.62 8.48 16.42
C PHE E 19 -2.66 7.29 16.40
N PHE E 20 -3.14 6.14 16.77
CA PHE E 20 -2.29 4.96 16.78
C PHE E 20 -1.76 4.69 15.37
N TRP E 21 -2.62 4.82 14.40
CA TRP E 21 -2.24 4.57 13.01
C TRP E 21 -1.15 5.54 12.57
N GLY E 22 -1.28 6.78 12.95
CA GLY E 22 -0.29 7.79 12.58
C GLY E 22 1.09 7.45 13.15
N LEU E 23 1.10 6.95 14.35
CA LEU E 23 2.33 6.57 15.03
C LEU E 23 3.10 5.49 14.26
N LEU E 24 2.39 4.58 13.65
CA LEU E 24 3.02 3.46 12.96
C LEU E 24 3.98 3.91 11.86
N VAL E 25 3.61 4.89 11.08
CA VAL E 25 4.48 5.33 10.00
C VAL E 25 5.85 5.81 10.52
N VAL E 26 5.84 6.54 11.60
CA VAL E 26 7.08 7.05 12.16
C VAL E 26 8.02 5.92 12.60
N THR E 27 7.47 4.91 13.23
CA THR E 27 8.30 3.81 13.73
C THR E 27 9.02 3.07 12.61
N LEU E 28 8.31 2.78 11.54
CA LEU E 28 8.91 2.06 10.43
C LEU E 28 10.06 2.88 9.85
N ALA E 29 9.83 4.15 9.71
CA ALA E 29 10.83 5.04 9.16
C ALA E 29 12.09 5.08 10.02
N TRP E 30 11.92 5.11 11.31
CA TRP E 30 13.05 5.16 12.22
C TRP E 30 13.92 3.90 12.15
N HIS E 31 13.28 2.76 12.08
CA HIS E 31 14.01 1.48 12.06
C HIS E 31 14.93 1.33 10.87
N VAL E 32 14.47 1.72 9.71
CA VAL E 32 15.28 1.54 8.50
C VAL E 32 16.62 2.26 8.56
N LYS E 33 16.80 3.16 9.50
CA LYS E 33 18.09 3.87 9.58
C LYS E 33 19.25 2.89 9.44
N GLY E 34 19.35 1.98 10.35
CA GLY E 34 20.42 0.99 10.33
C GLY E 34 20.41 0.18 9.03
N ARG E 35 19.25 -0.12 8.53
CA ARG E 35 19.13 -0.90 7.30
C ARG E 35 19.82 -0.18 6.14
N LEU E 36 19.70 1.12 6.14
CA LEU E 36 20.25 1.93 5.05
C LEU E 36 21.79 1.85 4.86
N VAL E 37 22.57 1.88 5.93
CA VAL E 37 24.04 1.88 5.75
C VAL E 37 24.59 0.60 5.09
N PRO E 38 24.17 -0.56 5.50
CA PRO E 38 24.59 -1.85 4.85
C PRO E 38 24.22 -1.88 3.37
N GLY E 39 23.09 -1.28 3.09
CA GLY E 39 22.57 -1.19 1.73
C GLY E 39 23.54 -0.45 0.81
N ALA E 40 24.19 0.54 1.34
CA ALA E 40 25.10 1.35 0.54
C ALA E 40 26.13 0.48 -0.19
N THR E 41 26.64 -0.53 0.46
CA THR E 41 27.61 -1.40 -0.20
C THR E 41 27.07 -1.83 -1.57
N TYR E 42 27.55 -1.20 -2.62
CA TYR E 42 27.08 -1.51 -3.97
C TYR E 42 27.82 -2.71 -4.56
N LEU E 43 29.11 -2.73 -4.38
CA LEU E 43 29.92 -3.83 -4.91
C LEU E 43 29.72 -3.94 -6.42
N SER E 44 28.97 -4.92 -6.81
CA SER E 44 28.68 -5.17 -8.23
C SER E 44 27.24 -4.77 -8.55
N LEU E 45 26.99 -3.49 -8.57
CA LEU E 45 25.64 -2.97 -8.86
C LEU E 45 25.74 -1.61 -9.54
N GLY E 46 26.81 -1.37 -10.24
CA GLY E 46 27.01 -0.10 -10.92
C GLY E 46 26.03 0.12 -12.07
N VAL E 47 26.06 -0.76 -13.04
CA VAL E 47 25.18 -0.62 -14.23
C VAL E 47 24.07 -1.67 -14.28
N TRP E 48 24.25 -2.76 -13.59
CA TRP E 48 23.24 -3.81 -13.60
C TRP E 48 21.85 -3.25 -13.26
N PRO E 49 21.71 -2.38 -12.29
CA PRO E 49 20.38 -1.79 -11.93
C PRO E 49 19.77 -1.02 -13.10
N LEU E 50 20.56 -0.14 -13.66
CA LEU E 50 20.11 0.74 -14.74
C LEU E 50 19.48 -0.01 -15.91
N LEU E 51 19.99 -1.15 -16.29
CA LEU E 51 19.39 -1.85 -17.42
C LEU E 51 17.91 -2.16 -17.14
N LEU E 52 17.63 -2.57 -15.93
CA LEU E 52 16.26 -2.92 -15.53
C LEU E 52 15.29 -1.74 -15.72
N VAL E 53 15.74 -0.56 -15.39
CA VAL E 53 14.91 0.65 -15.53
C VAL E 53 14.45 0.83 -16.98
N ARG E 54 15.27 0.39 -17.90
CA ARG E 54 14.95 0.56 -19.32
C ARG E 54 13.58 -0.02 -19.63
N LEU E 55 13.25 -1.15 -19.05
CA LEU E 55 11.94 -1.75 -19.32
C LEU E 55 10.84 -0.75 -18.90
N LEU E 56 11.04 -0.15 -17.76
CA LEU E 56 10.14 0.87 -17.18
C LEU E 56 10.12 2.18 -18.00
N ARG E 57 11.25 2.50 -18.57
CA ARG E 57 11.46 3.77 -19.28
C ARG E 57 10.46 4.07 -20.44
N PRO E 58 10.12 3.15 -21.31
CA PRO E 58 9.15 3.44 -22.42
C PRO E 58 7.78 3.88 -21.89
N HIS E 59 7.31 3.23 -20.85
CA HIS E 59 5.99 3.56 -20.28
C HIS E 59 5.74 5.06 -20.29
N ARG E 60 4.48 5.43 -20.26
CA ARG E 60 4.11 6.85 -20.27
C ARG E 60 2.63 6.99 -19.86
N ALA E 61 2.20 8.21 -19.67
CA ALA E 61 0.81 8.47 -19.28
C ALA E 61 -0.15 7.97 -20.35
N LEU E 62 -1.42 8.21 -20.13
CA LEU E 62 -2.44 7.77 -21.07
C LEU E 62 -2.28 6.29 -21.38
N ALA E 63 -1.59 5.59 -20.51
CA ALA E 63 -1.37 4.16 -20.70
C ALA E 63 -2.70 3.41 -20.74
N GLY F 1 -21.02 17.89 0.63
CA GLY F 1 -20.23 19.03 0.10
C GLY F 1 -19.24 18.53 -0.94
N ALA F 2 -19.24 19.16 -2.09
CA ALA F 2 -18.33 18.77 -3.16
C ALA F 2 -16.88 18.97 -2.74
N LYS F 3 -16.65 20.00 -1.96
CA LYS F 3 -15.29 20.30 -1.50
C LYS F 3 -15.05 19.65 -0.13
N ASN F 4 -15.83 18.64 0.17
CA ASN F 4 -15.70 17.91 1.44
C ASN F 4 -15.40 16.44 1.16
N VAL F 5 -14.48 16.24 0.25
CA VAL F 5 -14.07 14.89 -0.15
C VAL F 5 -12.63 14.96 -0.63
N ILE F 6 -12.42 15.63 -1.73
CA ILE F 6 -11.10 15.78 -2.29
C ILE F 6 -10.19 16.45 -1.26
N VAL F 7 -10.74 17.39 -0.53
CA VAL F 7 -9.96 18.08 0.50
C VAL F 7 -9.47 17.09 1.54
N LEU F 8 -10.33 16.17 1.92
CA LEU F 8 -9.96 15.17 2.91
C LEU F 8 -8.78 14.35 2.43
N ASN F 9 -8.78 13.99 1.17
CA ASN F 9 -7.69 13.21 0.61
C ASN F 9 -6.37 13.99 0.72
N ALA F 10 -6.46 15.26 0.44
CA ALA F 10 -5.27 16.11 0.48
C ALA F 10 -4.63 16.06 1.86
N ALA F 11 -5.45 16.07 2.88
CA ALA F 11 -4.92 16.03 4.24
C ALA F 11 -4.10 14.76 4.43
N SER F 12 -4.58 13.66 3.91
CA SER F 12 -3.84 12.41 4.02
C SER F 12 -2.49 12.55 3.32
N ALA F 13 -2.54 13.16 2.16
CA ALA F 13 -1.34 13.37 1.35
C ALA F 13 -0.29 14.17 2.11
N ALA F 14 -0.73 15.15 2.85
CA ALA F 14 0.20 15.96 3.63
C ALA F 14 0.93 15.06 4.63
N GLY F 15 0.18 14.18 5.23
CA GLY F 15 0.75 13.27 6.23
C GLY F 15 1.86 12.42 5.61
N ASN F 16 1.64 11.92 4.43
CA ASN F 16 2.66 11.12 3.76
C ASN F 16 3.93 11.93 3.53
N HIS F 17 3.76 13.15 3.12
CA HIS F 17 4.89 14.03 2.85
C HIS F 17 5.65 14.32 4.14
N GLY F 18 6.92 14.02 4.15
CA GLY F 18 7.72 14.25 5.33
C GLY F 18 9.18 13.87 5.10
N PHE F 19 9.99 14.10 6.11
CA PHE F 19 11.42 13.78 6.06
C PHE F 19 11.70 12.29 6.31
N PHE F 20 11.27 11.79 7.45
CA PHE F 20 11.49 10.40 7.82
C PHE F 20 10.88 9.44 6.80
N TRP F 21 9.72 9.76 6.31
CA TRP F 21 9.03 8.89 5.36
C TRP F 21 9.88 8.66 4.10
N GLY F 22 10.55 9.69 3.66
CA GLY F 22 11.39 9.57 2.46
C GLY F 22 12.46 8.49 2.62
N LEU F 23 13.02 8.43 3.80
CA LEU F 23 14.08 7.45 4.09
C LEU F 23 13.57 6.01 3.89
N LEU F 24 12.35 5.76 4.26
CA LEU F 24 11.81 4.39 4.13
C LEU F 24 11.83 3.88 2.69
N VAL F 25 11.46 4.72 1.74
CA VAL F 25 11.41 4.27 0.36
C VAL F 25 12.78 3.84 -0.19
N VAL F 26 13.80 4.61 0.09
CA VAL F 26 15.13 4.25 -0.40
C VAL F 26 15.61 2.91 0.19
N THR F 27 15.37 2.72 1.46
CA THR F 27 15.82 1.50 2.13
C THR F 27 15.20 0.24 1.54
N LEU F 28 13.92 0.26 1.29
CA LEU F 28 13.28 -0.92 0.74
C LEU F 28 13.88 -1.26 -0.62
N ALA F 29 14.06 -0.23 -1.41
CA ALA F 29 14.64 -0.43 -2.74
C ALA F 29 16.07 -0.94 -2.65
N TRP F 30 16.82 -0.42 -1.73
CA TRP F 30 18.21 -0.82 -1.56
C TRP F 30 18.36 -2.28 -1.12
N HIS F 31 17.54 -2.68 -0.19
CA HIS F 31 17.62 -4.04 0.35
C HIS F 31 17.37 -5.13 -0.69
N VAL F 32 16.44 -4.88 -1.55
CA VAL F 32 16.08 -5.89 -2.55
C VAL F 32 17.18 -6.10 -3.61
N LYS F 33 18.17 -5.27 -3.65
CA LYS F 33 19.23 -5.46 -4.65
C LYS F 33 19.69 -6.91 -4.65
N GLY F 34 20.12 -7.39 -3.52
CA GLY F 34 20.59 -8.77 -3.40
C GLY F 34 19.49 -9.75 -3.77
N ARG F 35 18.28 -9.43 -3.40
CA ARG F 35 17.12 -10.30 -3.69
C ARG F 35 16.95 -10.50 -5.19
N LEU F 36 17.21 -9.48 -5.95
CA LEU F 36 17.03 -9.53 -7.39
C LEU F 36 17.87 -10.62 -8.10
N VAL F 37 19.11 -10.78 -7.72
CA VAL F 37 19.99 -11.75 -8.41
C VAL F 37 19.52 -13.23 -8.33
N PRO F 38 19.14 -13.76 -7.18
CA PRO F 38 18.63 -15.16 -7.06
C PRO F 38 17.37 -15.37 -7.89
N GLY F 39 16.59 -14.33 -7.95
CA GLY F 39 15.35 -14.33 -8.70
C GLY F 39 15.60 -14.57 -10.19
N ALA F 40 16.67 -13.99 -10.68
CA ALA F 40 17.01 -14.09 -12.11
C ALA F 40 17.12 -15.54 -12.58
N THR F 41 17.72 -16.40 -11.80
CA THR F 41 17.86 -17.81 -12.19
C THR F 41 16.75 -18.64 -11.54
N TYR F 42 15.92 -19.22 -12.37
CA TYR F 42 14.81 -20.04 -11.90
C TYR F 42 14.46 -21.12 -12.91
N LEU F 43 14.92 -22.32 -12.64
CA LEU F 43 14.67 -23.43 -13.52
C LEU F 43 13.16 -23.65 -13.64
N SER F 44 12.75 -23.98 -14.82
CA SER F 44 11.34 -24.22 -15.10
C SER F 44 10.53 -22.92 -15.02
N LEU F 45 9.26 -23.03 -15.36
CA LEU F 45 8.35 -21.88 -15.36
C LEU F 45 8.69 -20.96 -16.52
N GLY F 46 9.06 -21.55 -17.62
CA GLY F 46 9.42 -20.78 -18.82
C GLY F 46 8.30 -19.84 -19.24
N VAL F 47 7.19 -20.40 -19.68
CA VAL F 47 6.06 -19.57 -20.15
C VAL F 47 4.73 -20.07 -19.57
N TRP F 48 4.76 -21.15 -18.85
CA TRP F 48 3.53 -21.68 -18.27
C TRP F 48 2.87 -20.64 -17.35
N PRO F 49 3.63 -19.93 -16.56
CA PRO F 49 3.05 -18.88 -15.65
C PRO F 49 2.20 -17.88 -16.42
N LEU F 50 2.69 -17.47 -17.55
CA LEU F 50 2.03 -16.47 -18.39
C LEU F 50 0.60 -16.86 -18.76
N LEU F 51 0.32 -18.11 -18.96
CA LEU F 51 -1.03 -18.47 -19.37
C LEU F 51 -2.03 -17.94 -18.34
N LEU F 52 -1.74 -18.08 -17.08
CA LEU F 52 -2.65 -17.55 -16.06
C LEU F 52 -2.75 -16.03 -16.25
N VAL F 53 -1.63 -15.43 -16.51
CA VAL F 53 -1.53 -13.99 -16.77
C VAL F 53 -2.38 -13.61 -17.98
N ARG F 54 -2.50 -14.53 -18.90
CA ARG F 54 -3.25 -14.27 -20.13
C ARG F 54 -4.66 -13.77 -19.77
N LEU F 55 -5.24 -14.33 -18.75
CA LEU F 55 -6.58 -13.91 -18.35
C LEU F 55 -6.54 -12.40 -18.04
N LEU F 56 -5.51 -12.00 -17.34
CA LEU F 56 -5.25 -10.60 -16.96
C LEU F 56 -4.91 -9.68 -18.16
N ARG F 57 -4.26 -10.27 -19.12
CA ARG F 57 -3.74 -9.52 -20.30
C ARG F 57 -4.81 -8.70 -21.06
N PRO F 58 -5.99 -9.21 -21.34
CA PRO F 58 -7.02 -8.39 -22.06
C PRO F 58 -7.39 -7.14 -21.26
N HIS F 59 -7.51 -7.29 -19.97
CA HIS F 59 -7.85 -6.17 -19.10
C HIS F 59 -9.15 -5.50 -19.56
N ARG F 60 -9.75 -4.74 -18.69
CA ARG F 60 -11.00 -4.06 -19.01
C ARG F 60 -11.41 -3.16 -17.85
N ALA F 61 -11.76 -1.94 -18.17
CA ALA F 61 -12.17 -0.98 -17.14
C ALA F 61 -13.61 -1.28 -16.70
N LEU F 62 -14.27 -2.14 -17.42
CA LEU F 62 -15.64 -2.51 -17.08
C LEU F 62 -15.64 -3.42 -15.85
N ALA F 63 -14.63 -4.23 -15.73
CA ALA F 63 -14.53 -5.15 -14.61
C ALA F 63 -15.83 -5.91 -14.40
N GLY A 1 -10.43 28.32 -5.01
CA GLY A 1 -9.11 27.62 -4.95
C GLY A 1 -9.27 26.19 -5.44
N ALA A 2 -9.65 26.04 -6.67
CA ALA A 2 -9.84 24.71 -7.25
C ALA A 2 -8.54 23.91 -7.19
N LYS A 3 -7.46 24.52 -7.61
CA LYS A 3 -6.15 23.86 -7.60
C LYS A 3 -5.47 24.05 -6.25
N ASN A 4 -5.95 23.36 -5.26
CA ASN A 4 -5.39 23.43 -3.92
C ASN A 4 -5.74 22.17 -3.14
N VAL A 5 -6.05 21.15 -3.89
CA VAL A 5 -6.41 19.85 -3.33
C VAL A 5 -5.82 18.76 -4.22
N ILE A 6 -6.32 18.68 -5.42
CA ILE A 6 -5.84 17.71 -6.38
C ILE A 6 -4.35 17.94 -6.62
N VAL A 7 -3.95 19.19 -6.63
CA VAL A 7 -2.53 19.52 -6.82
C VAL A 7 -1.69 18.91 -5.72
N LEU A 8 -2.18 18.96 -4.50
CA LEU A 8 -1.44 18.41 -3.38
C LEU A 8 -1.18 16.91 -3.61
N ASN A 9 -2.16 16.22 -4.12
CA ASN A 9 -2.01 14.79 -4.41
C ASN A 9 -0.90 14.57 -5.43
N ALA A 10 -0.88 15.41 -6.42
CA ALA A 10 0.11 15.30 -7.49
C ALA A 10 1.53 15.34 -6.90
N ALA A 11 1.72 16.19 -5.93
CA ALA A 11 3.03 16.30 -5.31
C ALA A 11 3.46 14.96 -4.74
N SER A 12 2.53 14.25 -4.15
CA SER A 12 2.84 12.95 -3.59
C SER A 12 3.34 12.01 -4.69
N ALA A 13 2.67 12.06 -5.81
CA ALA A 13 3.03 11.22 -6.95
C ALA A 13 4.46 11.49 -7.42
N ALA A 14 4.85 12.73 -7.39
CA ALA A 14 6.21 13.08 -7.80
C ALA A 14 7.21 12.38 -6.89
N GLY A 15 6.91 12.38 -5.61
CA GLY A 15 7.79 11.74 -4.64
C GLY A 15 7.96 10.26 -4.96
N ASN A 16 6.88 9.62 -5.30
CA ASN A 16 6.92 8.20 -5.65
C ASN A 16 7.80 7.98 -6.88
N HIS A 17 7.67 8.86 -7.84
CA HIS A 17 8.44 8.78 -9.08
C HIS A 17 9.94 8.84 -8.80
N GLY A 18 10.62 7.76 -9.07
CA GLY A 18 12.05 7.70 -8.86
C GLY A 18 12.62 6.44 -9.52
N PHE A 19 13.89 6.46 -9.82
CA PHE A 19 14.54 5.31 -10.45
C PHE A 19 14.68 4.13 -9.46
N PHE A 20 15.19 4.41 -8.28
CA PHE A 20 15.37 3.37 -7.27
C PHE A 20 14.03 2.73 -6.93
N TRP A 21 13.00 3.53 -6.84
CA TRP A 21 11.67 3.03 -6.51
C TRP A 21 11.22 1.99 -7.53
N GLY A 22 11.50 2.24 -8.78
CA GLY A 22 11.12 1.32 -9.85
C GLY A 22 11.75 -0.05 -9.65
N LEU A 23 12.97 -0.06 -9.20
CA LEU A 23 13.68 -1.32 -8.98
C LEU A 23 12.96 -2.21 -7.96
N LEU A 24 12.39 -1.59 -6.94
CA LEU A 24 11.72 -2.36 -5.89
C LEU A 24 10.57 -3.23 -6.41
N VAL A 25 9.72 -2.68 -7.25
CA VAL A 25 8.60 -3.48 -7.75
C VAL A 25 9.08 -4.68 -8.55
N VAL A 26 10.04 -4.48 -9.40
CA VAL A 26 10.57 -5.58 -10.20
C VAL A 26 11.21 -6.64 -9.31
N THR A 27 11.95 -6.17 -8.34
CA THR A 27 12.65 -7.07 -7.42
C THR A 27 11.68 -7.95 -6.64
N LEU A 28 10.61 -7.37 -6.17
CA LEU A 28 9.63 -8.14 -5.40
C LEU A 28 9.05 -9.27 -6.25
N ALA A 29 8.78 -8.96 -7.48
CA ALA A 29 8.19 -9.95 -8.38
C ALA A 29 9.12 -11.16 -8.58
N TRP A 30 10.39 -10.92 -8.72
CA TRP A 30 11.35 -12.01 -8.94
C TRP A 30 11.41 -12.98 -7.75
N HIS A 31 11.39 -12.45 -6.56
CA HIS A 31 11.50 -13.27 -5.36
C HIS A 31 10.38 -14.31 -5.23
N VAL A 32 9.19 -13.91 -5.57
CA VAL A 32 8.03 -14.79 -5.43
C VAL A 32 8.17 -16.09 -6.21
N LYS A 33 9.05 -16.13 -7.19
CA LYS A 33 9.23 -17.37 -7.97
C LYS A 33 9.21 -18.57 -7.02
N GLY A 34 10.09 -18.54 -6.07
CA GLY A 34 10.16 -19.61 -5.09
C GLY A 34 8.84 -19.77 -4.35
N ARG A 35 8.18 -18.67 -4.04
CA ARG A 35 6.90 -18.76 -3.32
C ARG A 35 5.87 -19.53 -4.15
N LEU A 36 5.92 -19.37 -5.44
CA LEU A 36 4.94 -19.98 -6.34
C LEU A 36 4.87 -21.51 -6.27
N VAL A 37 5.97 -22.19 -6.21
CA VAL A 37 5.94 -23.67 -6.21
C VAL A 37 5.24 -24.30 -4.97
N PRO A 38 5.53 -23.88 -3.76
CA PRO A 38 4.87 -24.42 -2.53
C PRO A 38 3.36 -24.15 -2.51
N GLY A 39 3.01 -22.99 -3.02
CA GLY A 39 1.61 -22.58 -3.07
C GLY A 39 0.80 -23.54 -3.92
N ALA A 40 1.37 -23.95 -5.02
CA ALA A 40 0.68 -24.85 -5.94
C ALA A 40 0.30 -26.16 -5.25
N THR A 41 1.19 -26.68 -4.45
CA THR A 41 0.93 -27.96 -3.77
C THR A 41 0.39 -27.73 -2.36
N TYR A 42 -0.87 -28.04 -2.16
CA TYR A 42 -1.52 -27.89 -0.86
C TYR A 42 -2.41 -29.11 -0.59
N LEU A 43 -3.66 -28.88 -0.37
CA LEU A 43 -4.62 -29.95 -0.10
C LEU A 43 -5.85 -29.77 -0.98
N SER A 44 -6.89 -30.48 -0.66
CA SER A 44 -8.15 -30.42 -1.41
C SER A 44 -9.27 -29.91 -0.51
N LEU A 45 -9.41 -28.62 -0.46
CA LEU A 45 -10.46 -28.02 0.36
C LEU A 45 -11.83 -28.29 -0.24
N GLY A 46 -12.19 -27.54 -1.27
CA GLY A 46 -13.47 -27.73 -1.95
C GLY A 46 -14.45 -26.60 -1.68
N VAL A 47 -14.72 -26.33 -0.42
CA VAL A 47 -15.69 -25.28 -0.06
C VAL A 47 -15.26 -24.44 1.12
N TRP A 48 -14.24 -24.84 1.83
CA TRP A 48 -13.80 -24.07 3.01
C TRP A 48 -13.44 -22.62 2.65
N PRO A 49 -12.74 -22.35 1.57
CA PRO A 49 -12.36 -20.94 1.23
C PRO A 49 -13.54 -20.13 0.71
N LEU A 50 -14.29 -20.69 -0.19
CA LEU A 50 -15.40 -19.99 -0.83
C LEU A 50 -16.35 -19.36 0.18
N LEU A 51 -16.60 -19.97 1.30
CA LEU A 51 -17.51 -19.34 2.24
C LEU A 51 -16.99 -17.95 2.63
N LEU A 52 -15.72 -17.82 2.92
CA LEU A 52 -15.19 -16.51 3.31
C LEU A 52 -15.33 -15.50 2.16
N VAL A 53 -14.94 -15.91 0.97
CA VAL A 53 -15.03 -15.04 -0.20
C VAL A 53 -16.49 -14.70 -0.50
N ARG A 54 -17.37 -15.60 -0.18
CA ARG A 54 -18.78 -15.39 -0.47
C ARG A 54 -19.24 -14.06 0.13
N LEU A 55 -18.80 -13.75 1.32
CA LEU A 55 -19.21 -12.47 1.91
C LEU A 55 -18.71 -11.34 1.00
N LEU A 56 -17.48 -11.47 0.58
CA LEU A 56 -16.81 -10.53 -0.32
C LEU A 56 -17.39 -10.53 -1.76
N ARG A 57 -17.85 -11.67 -2.17
CA ARG A 57 -18.33 -11.89 -3.55
C ARG A 57 -19.44 -10.92 -4.02
N PRO A 58 -20.46 -10.61 -3.25
CA PRO A 58 -21.50 -9.65 -3.71
C PRO A 58 -20.88 -8.28 -4.02
N HIS A 59 -19.96 -7.88 -3.19
CA HIS A 59 -19.28 -6.59 -3.38
C HIS A 59 -20.18 -5.44 -2.91
N ARG A 60 -21.32 -5.31 -3.53
CA ARG A 60 -22.25 -4.24 -3.15
C ARG A 60 -21.52 -2.91 -3.06
N ALA A 61 -21.63 -2.12 -4.10
CA ALA A 61 -20.98 -0.81 -4.11
C ALA A 61 -21.83 0.22 -3.37
N LEU A 62 -21.39 1.44 -3.37
CA LEU A 62 -22.11 2.50 -2.70
C LEU A 62 -22.00 2.31 -1.18
N ALA A 63 -21.32 1.27 -0.78
CA ALA A 63 -21.13 0.98 0.64
C ALA A 63 -22.44 1.18 1.41
N GLY B 1 -4.69 23.73 -16.04
CA GLY B 1 -4.42 22.27 -16.20
C GLY B 1 -5.30 21.49 -15.25
N ALA B 2 -6.58 21.45 -15.53
CA ALA B 2 -7.53 20.73 -14.69
C ALA B 2 -7.47 19.23 -14.97
N LYS B 3 -6.35 18.79 -15.47
CA LYS B 3 -6.17 17.37 -15.79
C LYS B 3 -4.72 16.95 -15.59
N ASN B 4 -3.80 17.80 -15.98
CA ASN B 4 -2.37 17.51 -15.83
C ASN B 4 -2.11 16.88 -14.47
N VAL B 5 -2.91 17.26 -13.50
CA VAL B 5 -2.79 16.71 -12.16
C VAL B 5 -3.16 15.24 -12.17
N ILE B 6 -4.36 14.97 -12.62
CA ILE B 6 -4.87 13.61 -12.72
C ILE B 6 -3.97 12.77 -13.64
N VAL B 7 -3.43 13.42 -14.64
CA VAL B 7 -2.55 12.74 -15.59
C VAL B 7 -1.37 12.13 -14.85
N LEU B 8 -0.85 12.83 -13.89
CA LEU B 8 0.30 12.31 -13.12
C LEU B 8 -0.10 10.98 -12.48
N ASN B 9 -1.31 10.91 -11.98
CA ASN B 9 -1.79 9.68 -11.36
C ASN B 9 -1.77 8.55 -12.40
N ALA B 10 -2.13 8.90 -13.60
CA ALA B 10 -2.19 7.92 -14.67
C ALA B 10 -0.81 7.28 -14.85
N ALA B 11 0.21 8.08 -14.76
CA ALA B 11 1.57 7.57 -14.90
C ALA B 11 1.86 6.48 -13.87
N SER B 12 1.37 6.66 -12.67
CA SER B 12 1.59 5.66 -11.63
C SER B 12 1.01 4.32 -12.05
N ALA B 13 -0.16 4.35 -12.64
CA ALA B 13 -0.82 3.12 -13.08
C ALA B 13 0.05 2.37 -14.08
N ALA B 14 0.70 3.08 -14.94
CA ALA B 14 1.59 2.45 -15.92
C ALA B 14 2.69 1.70 -15.19
N GLY B 15 3.18 2.31 -14.14
CA GLY B 15 4.26 1.72 -13.35
C GLY B 15 3.86 0.34 -12.81
N ASN B 16 2.65 0.22 -12.35
CA ASN B 16 2.18 -1.06 -11.81
C ASN B 16 2.26 -2.15 -12.87
N HIS B 17 1.88 -1.82 -14.07
CA HIS B 17 1.89 -2.78 -15.18
C HIS B 17 1.01 -3.98 -14.84
N GLY B 18 0.88 -4.90 -15.78
CA GLY B 18 0.04 -6.09 -15.59
C GLY B 18 0.78 -7.38 -15.91
N PHE B 19 1.92 -7.26 -16.56
CA PHE B 19 2.69 -8.45 -16.92
C PHE B 19 3.34 -9.08 -15.68
N PHE B 20 4.57 -8.73 -15.44
CA PHE B 20 5.29 -9.28 -14.29
C PHE B 20 4.57 -8.93 -12.99
N TRP B 21 4.11 -7.70 -12.90
CA TRP B 21 3.42 -7.24 -11.71
C TRP B 21 2.16 -8.06 -11.45
N GLY B 22 1.44 -8.38 -12.49
CA GLY B 22 0.23 -9.16 -12.35
C GLY B 22 0.52 -10.54 -11.75
N LEU B 23 1.59 -11.13 -12.18
CA LEU B 23 1.97 -12.44 -11.68
C LEU B 23 2.23 -12.41 -10.17
N LEU B 24 2.87 -11.38 -9.70
CA LEU B 24 3.20 -11.28 -8.28
C LEU B 24 1.95 -11.27 -7.40
N VAL B 25 0.96 -10.51 -7.76
CA VAL B 25 -0.25 -10.44 -6.94
C VAL B 25 -0.99 -11.78 -6.90
N VAL B 26 -1.13 -12.42 -8.03
CA VAL B 26 -1.82 -13.71 -8.08
C VAL B 26 -1.04 -14.76 -7.31
N THR B 27 0.25 -14.77 -7.52
CA THR B 27 1.12 -15.73 -6.87
C THR B 27 1.13 -15.56 -5.35
N LEU B 28 1.17 -14.33 -4.91
CA LEU B 28 1.20 -14.09 -3.48
C LEU B 28 -0.03 -14.69 -2.82
N ALA B 29 -1.15 -14.52 -3.46
CA ALA B 29 -2.39 -15.06 -2.93
C ALA B 29 -2.31 -16.59 -2.85
N TRP B 30 -1.77 -17.19 -3.86
CA TRP B 30 -1.64 -18.65 -3.91
C TRP B 30 -0.73 -19.19 -2.79
N HIS B 31 0.35 -18.51 -2.56
CA HIS B 31 1.33 -18.96 -1.56
C HIS B 31 0.73 -19.08 -0.17
N VAL B 32 -0.07 -18.14 0.21
CA VAL B 32 -0.66 -18.17 1.54
C VAL B 32 -1.64 -19.33 1.72
N LYS B 33 -1.83 -20.12 0.69
CA LYS B 33 -2.73 -21.26 0.80
C LYS B 33 -2.40 -22.06 2.06
N GLY B 34 -1.24 -22.64 2.07
CA GLY B 34 -0.80 -23.44 3.21
C GLY B 34 -0.79 -22.61 4.48
N ARG B 35 -0.41 -21.37 4.36
CA ARG B 35 -0.37 -20.46 5.50
C ARG B 35 -1.77 -20.29 6.09
N LEU B 36 -2.73 -20.27 5.23
CA LEU B 36 -4.12 -20.06 5.61
C LEU B 36 -4.69 -21.11 6.59
N VAL B 37 -4.38 -22.37 6.40
CA VAL B 37 -4.96 -23.41 7.27
C VAL B 37 -4.55 -23.29 8.76
N PRO B 38 -3.28 -23.11 9.10
CA PRO B 38 -2.84 -22.94 10.53
C PRO B 38 -3.42 -21.68 11.15
N GLY B 39 -3.51 -20.65 10.36
CA GLY B 39 -4.04 -19.37 10.81
C GLY B 39 -5.49 -19.54 11.28
N ALA B 40 -6.22 -20.32 10.54
CA ALA B 40 -7.64 -20.54 10.84
C ALA B 40 -7.84 -21.14 12.23
N THR B 41 -7.00 -22.07 12.61
CA THR B 41 -7.13 -22.72 13.91
C THR B 41 -6.59 -21.83 15.05
N TYR B 42 -7.44 -21.52 15.99
CA TYR B 42 -7.05 -20.69 17.14
C TYR B 42 -8.21 -20.54 18.12
N LEU B 43 -9.37 -20.20 17.61
CA LEU B 43 -10.55 -20.01 18.44
C LEU B 43 -10.26 -18.97 19.51
N SER B 44 -10.42 -17.72 19.14
CA SER B 44 -10.18 -16.61 20.05
C SER B 44 -10.69 -15.30 19.47
N LEU B 45 -10.60 -14.26 20.26
CA LEU B 45 -11.06 -12.94 19.84
C LEU B 45 -12.53 -12.98 19.44
N GLY B 46 -13.33 -13.61 20.27
CA GLY B 46 -14.77 -13.74 20.02
C GLY B 46 -15.54 -12.61 20.71
N VAL B 47 -15.21 -12.37 21.95
CA VAL B 47 -15.86 -11.33 22.74
C VAL B 47 -14.84 -10.72 23.71
N TRP B 48 -13.97 -9.88 23.22
CA TRP B 48 -12.97 -9.25 24.06
C TRP B 48 -12.43 -7.98 23.37
N PRO B 49 -11.99 -8.06 22.12
CA PRO B 49 -11.44 -6.88 21.41
C PRO B 49 -12.56 -6.06 20.76
N LEU B 50 -13.69 -6.67 20.58
CA LEU B 50 -14.82 -6.02 19.94
C LEU B 50 -15.18 -4.71 20.64
N LEU B 51 -15.09 -4.65 21.94
CA LEU B 51 -15.45 -3.41 22.61
C LEU B 51 -14.59 -2.27 22.08
N LEU B 52 -13.31 -2.50 21.94
CA LEU B 52 -12.43 -1.47 21.39
C LEU B 52 -12.89 -1.12 19.98
N VAL B 53 -13.24 -2.13 19.23
CA VAL B 53 -13.74 -1.96 17.87
C VAL B 53 -15.01 -1.11 17.86
N ARG B 54 -15.77 -1.20 18.91
CA ARG B 54 -17.02 -0.46 19.00
C ARG B 54 -16.77 1.02 18.76
N LEU B 55 -15.70 1.55 19.28
CA LEU B 55 -15.41 2.96 19.07
C LEU B 55 -15.30 3.24 17.56
N LEU B 56 -14.60 2.35 16.89
CA LEU B 56 -14.40 2.39 15.43
C LEU B 56 -15.69 2.11 14.63
N ARG B 57 -16.52 1.28 15.19
CA ARG B 57 -17.74 0.79 14.52
C ARG B 57 -18.72 1.90 14.02
N PRO B 58 -19.02 2.94 14.77
CA PRO B 58 -19.93 4.01 14.26
C PRO B 58 -19.38 4.67 13.00
N HIS B 59 -18.10 4.89 12.99
CA HIS B 59 -17.45 5.52 11.84
C HIS B 59 -18.16 6.82 11.47
N ARG B 60 -17.59 7.55 10.55
CA ARG B 60 -18.18 8.82 10.13
C ARG B 60 -17.41 9.39 8.94
N ALA B 61 -17.85 10.53 8.46
CA ALA B 61 -17.19 11.17 7.32
C ALA B 61 -17.14 12.69 7.52
N LEU B 62 -17.55 13.13 8.68
CA LEU B 62 -17.52 14.56 9.00
C LEU B 62 -16.14 14.94 9.52
N ALA B 63 -15.18 14.10 9.29
CA ALA B 63 -13.82 14.34 9.74
C ALA B 63 -13.26 15.61 9.08
N GLY C 1 -8.75 16.34 -23.10
CA GLY C 1 -9.73 15.20 -23.18
C GLY C 1 -10.65 15.24 -21.97
N ALA C 2 -10.92 14.09 -21.41
CA ALA C 2 -11.79 14.00 -20.24
C ALA C 2 -11.85 12.57 -19.72
N LYS C 3 -12.79 11.82 -20.21
CA LYS C 3 -12.95 10.44 -19.78
C LYS C 3 -11.85 9.56 -20.39
N ASN C 4 -10.72 9.54 -19.73
CA ASN C 4 -9.59 8.76 -20.17
C ASN C 4 -8.65 8.51 -19.00
N VAL C 5 -8.25 9.58 -18.36
CA VAL C 5 -7.37 9.49 -17.22
C VAL C 5 -8.06 8.65 -16.12
N ILE C 6 -9.23 9.07 -15.75
CA ILE C 6 -10.01 8.38 -14.74
C ILE C 6 -10.30 6.94 -15.19
N VAL C 7 -10.50 6.79 -16.47
CA VAL C 7 -10.78 5.48 -17.05
C VAL C 7 -9.62 4.52 -16.75
N LEU C 8 -8.41 5.01 -16.85
CA LEU C 8 -7.25 4.17 -16.59
C LEU C 8 -7.33 3.61 -15.17
N ASN C 9 -7.78 4.43 -14.25
CA ASN C 9 -7.94 4.00 -12.87
C ASN C 9 -8.94 2.84 -12.82
N ALA C 10 -9.96 2.96 -13.61
CA ALA C 10 -11.00 1.94 -13.64
C ALA C 10 -10.40 0.58 -13.99
N ALA C 11 -9.49 0.58 -14.94
CA ALA C 11 -8.85 -0.66 -15.35
C ALA C 11 -8.17 -1.33 -14.15
N SER C 12 -7.55 -0.53 -13.32
CA SER C 12 -6.88 -1.08 -12.15
C SER C 12 -7.89 -1.79 -11.25
N ALA C 13 -9.04 -1.19 -11.09
CA ALA C 13 -10.07 -1.76 -10.24
C ALA C 13 -10.50 -3.13 -10.74
N ALA C 14 -10.60 -3.27 -12.03
CA ALA C 14 -10.98 -4.56 -12.61
C ALA C 14 -9.93 -5.61 -12.25
N GLY C 15 -8.69 -5.21 -12.31
CA GLY C 15 -7.58 -6.11 -12.01
C GLY C 15 -7.66 -6.61 -10.57
N ASN C 16 -7.98 -5.73 -9.65
CA ASN C 16 -8.09 -6.12 -8.25
C ASN C 16 -9.17 -7.18 -8.05
N HIS C 17 -10.28 -7.00 -8.72
CA HIS C 17 -11.39 -7.93 -8.62
C HIS C 17 -10.91 -9.36 -8.89
N GLY C 18 -10.82 -10.15 -7.86
CA GLY C 18 -10.38 -11.53 -8.01
C GLY C 18 -10.76 -12.38 -6.80
N PHE C 19 -10.77 -13.67 -7.01
CA PHE C 19 -11.11 -14.63 -5.95
C PHE C 19 -9.92 -14.87 -4.99
N PHE C 20 -8.81 -15.31 -5.53
CA PHE C 20 -7.63 -15.60 -4.73
C PHE C 20 -7.16 -14.37 -3.96
N TRP C 21 -7.19 -13.23 -4.62
CA TRP C 21 -6.75 -11.98 -3.99
C TRP C 21 -7.58 -11.65 -2.74
N GLY C 22 -8.86 -11.87 -2.82
CA GLY C 22 -9.75 -11.58 -1.69
C GLY C 22 -9.39 -12.39 -0.45
N LEU C 23 -9.04 -13.63 -0.65
CA LEU C 23 -8.71 -14.53 0.46
C LEU C 23 -7.53 -14.01 1.28
N LEU C 24 -6.56 -13.45 0.62
CA LEU C 24 -5.37 -12.97 1.32
C LEU C 24 -5.70 -11.91 2.37
N VAL C 25 -6.56 -10.99 2.05
CA VAL C 25 -6.89 -9.93 3.01
C VAL C 25 -7.56 -10.46 4.27
N VAL C 26 -8.53 -11.33 4.12
CA VAL C 26 -9.22 -11.88 5.28
C VAL C 26 -8.31 -12.74 6.15
N THR C 27 -7.52 -13.56 5.50
CA THR C 27 -6.62 -14.46 6.20
C THR C 27 -5.58 -13.71 7.01
N LEU C 28 -5.02 -12.71 6.39
CA LEU C 28 -3.99 -11.93 7.05
C LEU C 28 -4.51 -11.21 8.29
N ALA C 29 -5.69 -10.66 8.19
CA ALA C 29 -6.24 -9.89 9.31
C ALA C 29 -6.45 -10.70 10.59
N TRP C 30 -7.03 -11.87 10.51
CA TRP C 30 -7.25 -12.66 11.73
C TRP C 30 -5.94 -13.15 12.34
N HIS C 31 -4.98 -13.48 11.51
CA HIS C 31 -3.69 -14.00 12.00
C HIS C 31 -3.01 -13.02 12.94
N VAL C 32 -3.09 -11.75 12.65
CA VAL C 32 -2.43 -10.76 13.49
C VAL C 32 -2.84 -10.91 14.97
N LYS C 33 -3.85 -11.71 15.22
CA LYS C 33 -4.33 -11.90 16.59
C LYS C 33 -3.14 -12.04 17.55
N GLY C 34 -2.30 -13.00 17.31
CA GLY C 34 -1.14 -13.24 18.15
C GLY C 34 -0.23 -12.02 18.22
N ARG C 35 -0.07 -11.34 17.11
CA ARG C 35 0.78 -10.15 17.08
C ARG C 35 0.28 -9.08 18.04
N LEU C 36 -1.02 -8.99 18.14
CA LEU C 36 -1.65 -7.97 18.98
C LEU C 36 -1.33 -8.07 20.50
N VAL C 37 -1.33 -9.25 21.08
CA VAL C 37 -1.11 -9.34 22.55
C VAL C 37 0.28 -8.83 23.00
N PRO C 38 1.34 -9.20 22.33
CA PRO C 38 2.72 -8.69 22.64
C PRO C 38 2.79 -7.17 22.52
N GLY C 39 2.06 -6.67 21.56
CA GLY C 39 1.99 -5.24 21.29
C GLY C 39 1.43 -4.47 22.49
N ALA C 40 0.48 -5.08 23.16
CA ALA C 40 -0.18 -4.45 24.29
C ALA C 40 0.81 -3.99 25.36
N THR C 41 1.82 -4.78 25.62
CA THR C 41 2.83 -4.42 26.64
C THR C 41 3.04 -2.91 26.70
N TYR C 42 2.52 -2.29 27.73
CA TYR C 42 2.63 -0.84 27.91
C TYR C 42 3.77 -0.49 28.86
N LEU C 43 4.97 -0.59 28.36
CA LEU C 43 6.14 -0.27 29.15
C LEU C 43 6.37 1.24 29.16
N SER C 44 7.55 1.64 29.53
CA SER C 44 7.90 3.05 29.60
C SER C 44 7.49 3.78 28.33
N LEU C 45 6.26 4.27 28.31
CA LEU C 45 5.74 4.99 27.14
C LEU C 45 4.95 6.21 27.61
N GLY C 46 5.28 6.71 28.76
CA GLY C 46 4.59 7.86 29.33
C GLY C 46 4.56 9.04 28.34
N VAL C 47 5.71 9.62 28.10
CA VAL C 47 5.79 10.78 27.20
C VAL C 47 6.95 10.64 26.21
N TRP C 48 7.81 9.69 26.44
CA TRP C 48 8.96 9.49 25.56
C TRP C 48 8.53 9.38 24.08
N PRO C 49 7.52 8.62 23.74
CA PRO C 49 7.09 8.48 22.33
C PRO C 49 6.25 9.67 21.84
N LEU C 50 5.33 10.10 22.66
CA LEU C 50 4.43 11.18 22.29
C LEU C 50 5.15 12.46 21.87
N LEU C 51 6.26 12.80 22.46
CA LEU C 51 6.93 14.03 22.07
C LEU C 51 7.23 14.00 20.55
N LEU C 52 7.71 12.88 20.07
CA LEU C 52 7.98 12.78 18.63
C LEU C 52 6.69 12.98 17.85
N VAL C 53 5.63 12.39 18.36
CA VAL C 53 4.30 12.49 17.75
C VAL C 53 3.86 13.95 17.64
N ARG C 54 4.30 14.77 18.57
CA ARG C 54 3.91 16.17 18.58
C ARG C 54 4.23 16.80 17.23
N LEU C 55 5.34 16.44 16.65
CA LEU C 55 5.70 17.00 15.34
C LEU C 55 4.60 16.65 14.34
N LEU C 56 4.16 15.42 14.41
CA LEU C 56 3.09 14.87 13.57
C LEU C 56 1.70 15.50 13.89
N ARG C 57 1.52 15.83 15.13
CA ARG C 57 0.22 16.34 15.64
C ARG C 57 -0.36 17.57 14.91
N PRO C 58 0.39 18.60 14.57
CA PRO C 58 -0.18 19.76 13.84
C PRO C 58 -0.83 19.33 12.52
N HIS C 59 -0.21 18.39 11.85
CA HIS C 59 -0.76 17.88 10.59
C HIS C 59 -0.69 18.93 9.48
N ARG C 60 -1.45 19.99 9.64
CA ARG C 60 -1.47 21.04 8.63
C ARG C 60 -1.92 20.49 7.29
N ALA C 61 -3.11 20.87 6.85
CA ALA C 61 -3.63 20.39 5.58
C ALA C 61 -3.18 21.29 4.43
N LEU C 62 -2.51 22.35 4.75
CA LEU C 62 -2.04 23.29 3.73
C LEU C 62 -1.00 22.60 2.84
N ALA C 63 -0.12 21.85 3.44
CA ALA C 63 0.92 21.16 2.69
C ALA C 63 1.68 22.13 1.80
N GLY D 1 -21.91 7.51 -19.02
CA GLY D 1 -22.00 8.90 -19.57
C GLY D 1 -21.01 9.80 -18.84
N ALA D 2 -21.14 9.87 -17.54
CA ALA D 2 -20.24 10.70 -16.74
C ALA D 2 -20.34 10.33 -15.27
N LYS D 3 -20.86 9.16 -15.00
CA LYS D 3 -21.00 8.68 -13.63
C LYS D 3 -20.96 7.16 -13.59
N ASN D 4 -19.84 6.61 -13.96
CA ASN D 4 -19.64 5.16 -13.97
C ASN D 4 -18.21 4.84 -13.57
N VAL D 5 -17.32 5.73 -13.88
CA VAL D 5 -15.90 5.55 -13.53
C VAL D 5 -15.71 5.87 -12.05
N ILE D 6 -16.11 7.04 -11.66
CA ILE D 6 -16.01 7.47 -10.27
C ILE D 6 -16.79 6.50 -9.38
N VAL D 7 -17.89 6.02 -9.89
CA VAL D 7 -18.73 5.07 -9.17
C VAL D 7 -17.93 3.81 -8.84
N LEU D 8 -17.16 3.36 -9.79
CA LEU D 8 -16.36 2.16 -9.60
C LEU D 8 -15.40 2.34 -8.41
N ASN D 9 -14.83 3.50 -8.29
CA ASN D 9 -13.91 3.76 -7.17
C ASN D 9 -14.66 3.60 -5.86
N ALA D 10 -15.85 4.12 -5.82
CA ALA D 10 -16.67 4.06 -4.61
C ALA D 10 -16.86 2.60 -4.20
N ALA D 11 -17.07 1.74 -5.16
CA ALA D 11 -17.27 0.33 -4.87
C ALA D 11 -16.05 -0.23 -4.13
N SER D 12 -14.88 0.18 -4.55
CA SER D 12 -13.67 -0.28 -3.88
C SER D 12 -13.69 0.12 -2.42
N ALA D 13 -14.14 1.32 -2.16
CA ALA D 13 -14.22 1.84 -0.80
C ALA D 13 -15.09 0.96 0.08
N ALA D 14 -16.17 0.46 -0.48
CA ALA D 14 -17.07 -0.41 0.27
C ALA D 14 -16.30 -1.65 0.71
N GLY D 15 -15.49 -2.16 -0.18
CA GLY D 15 -14.70 -3.36 0.11
C GLY D 15 -13.79 -3.14 1.31
N ASN D 16 -13.17 -1.99 1.39
CA ASN D 16 -12.27 -1.70 2.51
C ASN D 16 -13.03 -1.73 3.83
N HIS D 17 -14.22 -1.17 3.83
CA HIS D 17 -15.04 -1.13 5.03
C HIS D 17 -15.31 -2.55 5.53
N GLY D 18 -14.81 -2.86 6.69
CA GLY D 18 -15.02 -4.18 7.26
C GLY D 18 -14.52 -4.26 8.70
N PHE D 19 -14.87 -5.33 9.36
CA PHE D 19 -14.47 -5.55 10.74
C PHE D 19 -13.01 -6.03 10.85
N PHE D 20 -12.68 -7.11 10.16
CA PHE D 20 -11.34 -7.65 10.19
C PHE D 20 -10.32 -6.63 9.71
N TRP D 21 -10.66 -5.89 8.69
CA TRP D 21 -9.77 -4.89 8.14
C TRP D 21 -9.37 -3.85 9.17
N GLY D 22 -10.33 -3.44 9.97
CA GLY D 22 -10.08 -2.44 11.00
C GLY D 22 -9.01 -2.92 11.99
N LEU D 23 -9.04 -4.18 12.31
CA LEU D 23 -8.10 -4.76 13.26
C LEU D 23 -6.66 -4.58 12.80
N LEU D 24 -6.41 -4.70 11.53
CA LEU D 24 -5.05 -4.58 11.01
C LEU D 24 -4.43 -3.23 11.34
N VAL D 25 -5.18 -2.18 11.20
CA VAL D 25 -4.62 -0.87 11.47
C VAL D 25 -4.22 -0.71 12.94
N VAL D 26 -5.07 -1.13 13.84
CA VAL D 26 -4.78 -1.01 15.26
C VAL D 26 -3.61 -1.90 15.70
N THR D 27 -3.62 -3.12 15.26
CA THR D 27 -2.58 -4.07 15.64
C THR D 27 -1.21 -3.67 15.12
N LEU D 28 -1.15 -3.25 13.88
CA LEU D 28 0.14 -2.87 13.31
C LEU D 28 0.76 -1.73 14.08
N ALA D 29 -0.04 -0.76 14.43
CA ALA D 29 0.46 0.39 15.17
C ALA D 29 1.02 -0.02 16.53
N TRP D 30 0.33 -0.88 17.21
CA TRP D 30 0.76 -1.35 18.53
C TRP D 30 2.08 -2.14 18.46
N HIS D 31 2.20 -2.99 17.48
CA HIS D 31 3.38 -3.85 17.35
C HIS D 31 4.68 -3.06 17.17
N VAL D 32 4.64 -2.04 16.37
CA VAL D 32 5.84 -1.26 16.11
C VAL D 32 6.38 -0.58 17.38
N LYS D 33 5.65 -0.65 18.47
CA LYS D 33 6.12 -0.03 19.70
C LYS D 33 7.60 -0.37 19.94
N GLY D 34 7.89 -1.63 20.06
CA GLY D 34 9.26 -2.07 20.30
C GLY D 34 10.20 -1.60 19.18
N ARG D 35 9.71 -1.63 17.98
CA ARG D 35 10.51 -1.22 16.82
C ARG D 35 10.95 0.25 16.95
N LEU D 36 10.09 1.06 17.50
CA LEU D 36 10.36 2.49 17.62
C LEU D 36 11.62 2.83 18.46
N VAL D 37 11.84 2.16 19.56
CA VAL D 37 12.99 2.49 20.42
C VAL D 37 14.38 2.30 19.77
N PRO D 38 14.67 1.19 19.09
CA PRO D 38 15.99 0.98 18.40
C PRO D 38 16.22 2.03 17.31
N GLY D 39 15.16 2.41 16.67
CA GLY D 39 15.21 3.41 15.61
C GLY D 39 15.76 4.73 16.14
N ALA D 40 15.38 5.07 17.34
CA ALA D 40 15.80 6.33 17.94
C ALA D 40 17.32 6.43 18.04
N THR D 41 17.96 5.34 18.39
CA THR D 41 19.43 5.34 18.52
C THR D 41 20.10 5.11 17.16
N TYR D 42 20.80 6.12 16.68
CA TYR D 42 21.50 6.04 15.42
C TYR D 42 22.31 7.32 15.18
N LEU D 43 23.61 7.19 15.19
CA LEU D 43 24.50 8.34 14.99
C LEU D 43 25.03 8.34 13.55
N SER D 44 25.84 9.31 13.25
CA SER D 44 26.43 9.43 11.93
C SER D 44 25.35 9.37 10.84
N LEU D 45 24.61 10.44 10.70
CA LEU D 45 23.56 10.50 9.70
C LEU D 45 23.10 11.95 9.50
N GLY D 46 24.04 12.85 9.40
CA GLY D 46 23.73 14.29 9.26
C GLY D 46 23.67 14.75 7.80
N VAL D 47 24.46 14.18 6.92
CA VAL D 47 24.48 14.60 5.50
C VAL D 47 23.94 13.52 4.56
N TRP D 48 24.04 12.29 4.97
CA TRP D 48 23.59 11.17 4.15
C TRP D 48 22.08 11.21 3.86
N PRO D 49 21.24 11.64 4.77
CA PRO D 49 19.77 11.69 4.52
C PRO D 49 19.33 12.99 3.86
N LEU D 50 19.61 14.09 4.51
CA LEU D 50 19.17 15.39 4.03
C LEU D 50 19.63 15.67 2.59
N LEU D 51 20.81 15.27 2.21
CA LEU D 51 21.23 15.56 0.83
C LEU D 51 20.26 14.92 -0.15
N LEU D 52 19.90 13.68 0.11
CA LEU D 52 18.96 12.99 -0.77
C LEU D 52 17.63 13.75 -0.79
N VAL D 53 17.23 14.21 0.37
CA VAL D 53 15.99 14.97 0.52
C VAL D 53 16.02 16.23 -0.33
N ARG D 54 17.18 16.81 -0.49
CA ARG D 54 17.30 18.04 -1.26
C ARG D 54 16.70 17.85 -2.65
N LEU D 55 16.92 16.72 -3.24
CA LEU D 55 16.35 16.48 -4.57
C LEU D 55 14.82 16.57 -4.48
N LEU D 56 14.30 15.97 -3.45
CA LEU D 56 12.85 15.92 -3.11
C LEU D 56 12.24 17.28 -2.70
N ARG D 57 13.04 18.11 -2.10
CA ARG D 57 12.57 19.38 -1.51
C ARG D 57 11.81 20.33 -2.45
N PRO D 58 12.19 20.48 -3.69
CA PRO D 58 11.47 21.40 -4.63
C PRO D 58 10.00 20.99 -4.82
N HIS D 59 9.78 19.71 -4.89
CA HIS D 59 8.42 19.19 -5.06
C HIS D 59 7.75 19.88 -6.25
N ARG D 60 8.41 19.85 -7.38
CA ARG D 60 7.86 20.46 -8.59
C ARG D 60 6.44 19.96 -8.82
N ALA D 61 6.15 18.81 -8.28
CA ALA D 61 4.82 18.21 -8.43
C ALA D 61 4.49 18.01 -9.91
N LEU D 62 5.41 18.36 -10.77
CA LEU D 62 5.19 18.20 -12.20
C LEU D 62 5.41 16.74 -12.61
N ALA D 63 6.40 16.12 -12.01
CA ALA D 63 6.72 14.73 -12.29
C ALA D 63 6.62 14.44 -13.78
N GLY E 1 -23.77 15.93 -10.85
CA GLY E 1 -23.25 16.55 -9.60
C GLY E 1 -21.95 15.87 -9.18
N ALA E 2 -21.94 14.56 -9.26
CA ALA E 2 -20.76 13.80 -8.88
C ALA E 2 -20.21 14.28 -7.54
N LYS E 3 -20.68 13.69 -6.48
CA LYS E 3 -20.22 14.06 -5.15
C LYS E 3 -20.41 12.89 -4.18
N ASN E 4 -21.63 12.42 -4.07
CA ASN E 4 -21.91 11.29 -3.18
C ASN E 4 -20.83 10.23 -3.30
N VAL E 5 -20.25 10.15 -4.47
CA VAL E 5 -19.18 9.18 -4.74
C VAL E 5 -17.93 9.62 -3.97
N ILE E 6 -17.54 10.85 -4.18
CA ILE E 6 -16.39 11.43 -3.51
C ILE E 6 -16.61 11.39 -1.99
N VAL E 7 -17.85 11.60 -1.61
CA VAL E 7 -18.21 11.60 -0.19
C VAL E 7 -17.82 10.28 0.44
N LEU E 8 -18.03 9.20 -0.25
CA LEU E 8 -17.66 7.89 0.28
C LEU E 8 -16.14 7.85 0.56
N ASN E 9 -15.37 8.44 -0.31
CA ASN E 9 -13.92 8.47 -0.13
C ASN E 9 -13.58 9.20 1.17
N ALA E 10 -14.26 10.29 1.39
CA ALA E 10 -14.02 11.11 2.58
C ALA E 10 -14.21 10.26 3.83
N ALA E 11 -15.17 9.39 3.80
CA ALA E 11 -15.44 8.53 4.95
C ALA E 11 -14.19 7.72 5.28
N SER E 12 -13.48 7.27 4.27
CA SER E 12 -12.26 6.50 4.50
C SER E 12 -11.27 7.36 5.29
N ALA E 13 -11.19 8.62 4.95
CA ALA E 13 -10.28 9.54 5.61
C ALA E 13 -10.58 9.58 7.12
N ALA E 14 -11.84 9.52 7.44
CA ALA E 14 -12.25 9.53 8.84
C ALA E 14 -11.62 8.33 9.56
N GLY E 15 -11.58 7.22 8.88
CA GLY E 15 -11.02 6.00 9.45
C GLY E 15 -9.56 6.22 9.82
N ASN E 16 -8.83 6.91 8.98
CA ASN E 16 -7.43 7.20 9.24
C ASN E 16 -7.28 8.01 10.53
N HIS E 17 -8.18 8.95 10.73
CA HIS E 17 -8.15 9.80 11.91
C HIS E 17 -8.01 8.95 13.17
N GLY E 18 -6.79 8.66 13.54
CA GLY E 18 -6.52 7.86 14.72
C GLY E 18 -5.06 8.02 15.15
N PHE E 19 -4.85 8.72 16.22
CA PHE E 19 -3.50 8.97 16.73
C PHE E 19 -2.62 7.73 16.58
N PHE E 20 -3.19 6.57 16.80
CA PHE E 20 -2.41 5.34 16.67
C PHE E 20 -1.87 5.20 15.25
N TRP E 21 -2.70 5.51 14.28
CA TRP E 21 -2.30 5.40 12.88
C TRP E 21 -1.10 6.29 12.60
N GLY E 22 -1.12 7.47 13.15
CA GLY E 22 -0.03 8.41 12.97
C GLY E 22 1.29 7.84 13.51
N LEU E 23 1.20 7.17 14.62
CA LEU E 23 2.38 6.58 15.26
C LEU E 23 3.04 5.55 14.34
N LEU E 24 2.26 4.77 13.65
CA LEU E 24 2.80 3.72 12.81
C LEU E 24 3.74 4.27 11.73
N VAL E 25 3.36 5.33 11.09
CA VAL E 25 4.21 5.89 10.04
C VAL E 25 5.55 6.34 10.58
N VAL E 26 5.56 6.97 11.71
CA VAL E 26 6.79 7.45 12.31
C VAL E 26 7.74 6.31 12.68
N THR E 27 7.20 5.27 13.25
CA THR E 27 8.02 4.14 13.68
C THR E 27 8.72 3.46 12.52
N LEU E 28 8.00 3.23 11.45
CA LEU E 28 8.60 2.56 10.30
C LEU E 28 9.74 3.37 9.74
N ALA E 29 9.55 4.66 9.64
CA ALA E 29 10.59 5.52 9.08
C ALA E 29 11.85 5.51 9.94
N TRP E 30 11.69 5.59 11.23
CA TRP E 30 12.84 5.60 12.13
C TRP E 30 13.64 4.29 12.09
N HIS E 31 12.96 3.18 12.04
CA HIS E 31 13.61 1.87 12.06
C HIS E 31 14.56 1.66 10.88
N VAL E 32 14.14 2.05 9.72
CA VAL E 32 14.95 1.85 8.52
C VAL E 32 16.26 2.64 8.55
N LYS E 33 16.39 3.58 9.45
CA LYS E 33 17.61 4.36 9.52
C LYS E 33 18.83 3.45 9.42
N GLY E 34 18.96 2.56 10.36
CA GLY E 34 20.08 1.62 10.38
C GLY E 34 20.11 0.78 9.10
N ARG E 35 18.95 0.43 8.62
CA ARG E 35 18.86 -0.37 7.40
C ARG E 35 19.53 0.32 6.22
N LEU E 36 19.39 1.62 6.18
CA LEU E 36 19.92 2.42 5.08
C LEU E 36 21.46 2.39 4.91
N VAL E 37 22.21 2.48 5.97
CA VAL E 37 23.69 2.55 5.83
C VAL E 37 24.31 1.28 5.20
N PRO E 38 23.93 0.11 5.63
CA PRO E 38 24.43 -1.19 5.03
C PRO E 38 24.08 -1.28 3.55
N GLY E 39 22.93 -0.76 3.22
CA GLY E 39 22.46 -0.77 1.84
C GLY E 39 23.41 0.03 0.93
N ALA E 40 23.91 1.12 1.45
CA ALA E 40 24.78 1.99 0.67
C ALA E 40 26.01 1.24 0.14
N THR E 41 26.59 0.40 0.94
CA THR E 41 27.76 -0.35 0.49
C THR E 41 27.53 -0.93 -0.90
N TYR E 42 28.35 -0.52 -1.85
CA TYR E 42 28.24 -0.99 -3.23
C TYR E 42 29.55 -1.65 -3.68
N LEU E 43 29.90 -2.73 -3.04
CA LEU E 43 31.13 -3.43 -3.39
C LEU E 43 30.97 -4.18 -4.70
N SER E 44 29.95 -3.83 -5.44
CA SER E 44 29.67 -4.48 -6.71
C SER E 44 28.28 -4.05 -7.21
N LEU E 45 27.78 -4.77 -8.19
CA LEU E 45 26.46 -4.49 -8.77
C LEU E 45 26.52 -3.20 -9.62
N GLY E 46 27.55 -3.09 -10.42
CA GLY E 46 27.74 -1.92 -11.25
C GLY E 46 26.71 -1.80 -12.38
N VAL E 47 26.62 -2.82 -13.22
CA VAL E 47 25.68 -2.78 -14.37
C VAL E 47 24.72 -3.97 -14.36
N TRP E 48 25.02 -4.98 -13.59
CA TRP E 48 24.17 -6.15 -13.54
C TRP E 48 22.70 -5.76 -13.27
N PRO E 49 22.41 -4.88 -12.35
CA PRO E 49 21.00 -4.50 -12.06
C PRO E 49 20.45 -3.50 -13.08
N LEU E 50 21.21 -2.48 -13.34
CA LEU E 50 20.78 -1.42 -14.26
C LEU E 50 20.41 -1.95 -15.66
N LEU E 51 21.11 -2.92 -16.18
CA LEU E 51 20.77 -3.38 -17.52
C LEU E 51 19.31 -3.87 -17.52
N LEU E 52 18.96 -4.63 -16.53
CA LEU E 52 17.59 -5.14 -16.42
C LEU E 52 16.61 -3.97 -16.34
N VAL E 53 16.99 -2.96 -15.63
CA VAL E 53 16.18 -1.75 -15.46
C VAL E 53 15.86 -1.11 -16.81
N ARG E 54 16.77 -1.25 -17.74
CA ARG E 54 16.58 -0.63 -19.05
C ARG E 54 15.23 -1.05 -19.65
N LEU E 55 14.86 -2.29 -19.45
CA LEU E 55 13.60 -2.78 -20.02
C LEU E 55 12.43 -1.89 -19.56
N LEU E 56 12.48 -1.49 -18.32
CA LEU E 56 11.50 -0.61 -17.68
C LEU E 56 11.50 0.84 -18.27
N ARG E 57 12.65 1.24 -18.73
CA ARG E 57 12.89 2.63 -19.18
C ARG E 57 11.94 3.17 -20.29
N PRO E 58 11.57 2.43 -21.30
CA PRO E 58 10.65 2.96 -22.36
C PRO E 58 9.28 3.34 -21.80
N HIS E 59 8.77 2.50 -20.94
CA HIS E 59 7.46 2.72 -20.33
C HIS E 59 7.40 4.08 -19.65
N ARG E 60 6.25 4.71 -19.73
CA ARG E 60 6.04 6.01 -19.12
C ARG E 60 4.60 6.47 -19.37
N ALA E 61 3.73 6.25 -18.42
CA ALA E 61 2.33 6.64 -18.55
C ALA E 61 1.81 6.33 -19.95
N LEU E 62 2.09 5.14 -20.42
CA LEU E 62 1.64 4.70 -21.74
C LEU E 62 0.28 4.03 -21.64
N ALA E 63 -0.10 3.67 -20.45
CA ALA E 63 -1.38 3.01 -20.22
C ALA E 63 -2.49 3.69 -21.02
N GLY F 1 -19.71 21.76 1.11
CA GLY F 1 -19.66 22.36 -0.26
C GLY F 1 -19.11 21.33 -1.25
N ALA F 2 -19.00 21.73 -2.49
CA ALA F 2 -18.49 20.84 -3.52
C ALA F 2 -16.97 20.76 -3.47
N LYS F 3 -16.41 20.90 -2.29
CA LYS F 3 -14.96 20.84 -2.12
C LYS F 3 -14.60 20.32 -0.73
N ASN F 4 -15.35 20.74 0.27
CA ASN F 4 -15.08 20.30 1.64
C ASN F 4 -14.71 18.82 1.68
N VAL F 5 -15.29 18.06 0.78
CA VAL F 5 -15.00 16.64 0.70
C VAL F 5 -13.57 16.43 0.23
N ILE F 6 -13.27 16.99 -0.90
CA ILE F 6 -11.94 16.92 -1.48
C ILE F 6 -10.91 17.51 -0.52
N VAL F 7 -11.33 18.52 0.19
CA VAL F 7 -10.46 19.19 1.15
C VAL F 7 -9.98 18.18 2.21
N LEU F 8 -10.88 17.33 2.63
CA LEU F 8 -10.52 16.32 3.63
C LEU F 8 -9.39 15.44 3.09
N ASN F 9 -9.45 15.11 1.84
CA ASN F 9 -8.41 14.31 1.21
C ASN F 9 -7.08 15.04 1.29
N ALA F 10 -7.14 16.33 1.05
CA ALA F 10 -5.93 17.15 1.06
C ALA F 10 -5.21 17.01 2.39
N ALA F 11 -5.95 16.98 3.46
CA ALA F 11 -5.34 16.84 4.78
C ALA F 11 -4.52 15.56 4.84
N SER F 12 -5.05 14.51 4.27
CA SER F 12 -4.32 13.25 4.25
C SER F 12 -3.01 13.42 3.48
N ALA F 13 -3.09 14.09 2.36
CA ALA F 13 -1.93 14.31 1.50
C ALA F 13 -0.84 15.08 2.24
N ALA F 14 -1.22 16.05 3.02
CA ALA F 14 -0.23 16.82 3.77
C ALA F 14 0.51 15.87 4.73
N GLY F 15 -0.24 15.02 5.36
CA GLY F 15 0.33 14.08 6.31
C GLY F 15 1.36 13.18 5.64
N ASN F 16 1.06 12.71 4.46
CA ASN F 16 2.00 11.87 3.74
C ASN F 16 3.29 12.63 3.44
N HIS F 17 3.14 13.87 3.05
CA HIS F 17 4.30 14.71 2.73
C HIS F 17 5.08 15.02 3.99
N GLY F 18 6.35 14.70 3.99
CA GLY F 18 7.19 14.95 5.15
C GLY F 18 8.62 14.52 4.92
N PHE F 19 9.45 14.77 5.89
CA PHE F 19 10.86 14.42 5.82
C PHE F 19 11.11 12.92 6.11
N PHE F 20 10.66 12.46 7.26
CA PHE F 20 10.85 11.07 7.65
C PHE F 20 10.20 10.10 6.66
N TRP F 21 9.03 10.43 6.18
CA TRP F 21 8.32 9.56 5.26
C TRP F 21 9.13 9.32 3.98
N GLY F 22 9.77 10.35 3.49
CA GLY F 22 10.56 10.23 2.27
C GLY F 22 11.67 9.19 2.42
N LEU F 23 12.28 9.18 3.57
CA LEU F 23 13.36 8.25 3.86
C LEU F 23 12.91 6.79 3.75
N LEU F 24 11.71 6.53 4.17
CA LEU F 24 11.20 5.15 4.18
C LEU F 24 11.18 4.50 2.78
N VAL F 25 10.74 5.21 1.78
CA VAL F 25 10.69 4.61 0.44
C VAL F 25 12.08 4.25 -0.09
N VAL F 26 13.03 5.12 0.10
CA VAL F 26 14.38 4.85 -0.39
C VAL F 26 15.02 3.63 0.28
N THR F 27 14.85 3.51 1.57
CA THR F 27 15.46 2.40 2.30
C THR F 27 14.93 1.04 1.85
N LEU F 28 13.64 0.94 1.65
CA LEU F 28 13.08 -0.34 1.24
C LEU F 28 13.65 -0.74 -0.11
N ALA F 29 13.75 0.20 -1.00
CA ALA F 29 14.30 -0.10 -2.33
C ALA F 29 15.74 -0.57 -2.24
N TRP F 30 16.52 0.09 -1.42
CA TRP F 30 17.93 -0.27 -1.26
C TRP F 30 18.10 -1.66 -0.63
N HIS F 31 17.31 -1.95 0.36
CA HIS F 31 17.41 -3.23 1.07
C HIS F 31 17.21 -4.44 0.17
N VAL F 32 16.26 -4.36 -0.70
CA VAL F 32 15.95 -5.49 -1.57
C VAL F 32 17.11 -5.82 -2.52
N LYS F 33 18.14 -5.00 -2.54
CA LYS F 33 19.28 -5.28 -3.43
C LYS F 33 19.71 -6.74 -3.26
N GLY F 34 20.10 -7.09 -2.06
CA GLY F 34 20.53 -8.46 -1.78
C GLY F 34 19.43 -9.45 -2.12
N ARG F 35 18.21 -9.07 -1.85
CA ARG F 35 17.06 -9.92 -2.13
C ARG F 35 17.00 -10.26 -3.62
N LEU F 36 17.37 -9.30 -4.42
CA LEU F 36 17.33 -9.45 -5.88
C LEU F 36 18.19 -10.58 -6.45
N VAL F 37 19.38 -10.76 -5.94
CA VAL F 37 20.28 -11.78 -6.50
C VAL F 37 19.74 -13.24 -6.42
N PRO F 38 19.21 -13.70 -5.30
CA PRO F 38 18.62 -15.07 -5.20
C PRO F 38 17.42 -15.21 -6.14
N GLY F 39 16.71 -14.12 -6.27
CA GLY F 39 15.54 -14.07 -7.15
C GLY F 39 15.93 -14.41 -8.59
N ALA F 40 17.07 -13.90 -8.99
CA ALA F 40 17.55 -14.11 -10.35
C ALA F 40 17.70 -15.59 -10.67
N THR F 41 18.18 -16.36 -9.74
CA THR F 41 18.38 -17.80 -9.96
C THR F 41 17.06 -18.56 -9.89
N TYR F 42 16.71 -19.19 -10.99
CA TYR F 42 15.48 -19.99 -11.05
C TYR F 42 15.45 -20.82 -12.33
N LEU F 43 15.66 -20.17 -13.44
CA LEU F 43 15.66 -20.85 -14.73
C LEU F 43 14.34 -21.59 -14.96
N SER F 44 13.32 -20.85 -15.29
CA SER F 44 12.00 -21.43 -15.54
C SER F 44 10.97 -20.32 -15.72
N LEU F 45 9.72 -20.69 -15.81
CA LEU F 45 8.65 -19.72 -15.99
C LEU F 45 8.83 -18.99 -17.33
N GLY F 46 9.14 -19.75 -18.34
CA GLY F 46 9.36 -19.21 -19.69
C GLY F 46 8.14 -19.41 -20.57
N VAL F 47 7.56 -20.58 -20.52
CA VAL F 47 6.37 -20.90 -21.30
C VAL F 47 5.45 -21.81 -20.50
N TRP F 48 4.73 -21.27 -19.54
CA TRP F 48 3.80 -22.07 -18.75
C TRP F 48 2.94 -21.13 -17.88
N PRO F 49 3.50 -20.09 -17.29
CA PRO F 49 2.72 -19.15 -16.44
C PRO F 49 1.96 -18.15 -17.30
N LEU F 50 2.52 -17.83 -18.43
CA LEU F 50 1.95 -16.85 -19.33
C LEU F 50 0.51 -17.19 -19.72
N LEU F 51 0.20 -18.45 -19.87
CA LEU F 51 -1.16 -18.80 -20.25
C LEU F 51 -2.14 -18.20 -19.25
N LEU F 52 -1.84 -18.33 -17.97
CA LEU F 52 -2.72 -17.75 -16.95
C LEU F 52 -2.79 -16.23 -17.17
N VAL F 53 -1.65 -15.67 -17.45
CA VAL F 53 -1.52 -14.23 -17.72
C VAL F 53 -2.34 -13.84 -18.93
N ARG F 54 -2.51 -14.77 -19.84
CA ARG F 54 -3.24 -14.50 -21.06
C ARG F 54 -4.61 -13.92 -20.73
N LEU F 55 -5.26 -14.44 -19.73
CA LEU F 55 -6.58 -13.90 -19.38
C LEU F 55 -6.41 -12.41 -19.01
N LEU F 56 -5.42 -12.17 -18.19
CA LEU F 56 -5.05 -10.82 -17.71
C LEU F 56 -4.48 -9.90 -18.81
N ARG F 57 -3.78 -10.48 -19.73
CA ARG F 57 -3.06 -9.73 -20.78
C ARG F 57 -3.95 -8.76 -21.61
N PRO F 58 -5.12 -9.14 -22.08
CA PRO F 58 -5.97 -8.19 -22.86
C PRO F 58 -6.35 -6.97 -22.02
N HIS F 59 -6.65 -7.20 -20.77
CA HIS F 59 -7.03 -6.11 -19.87
C HIS F 59 -8.37 -5.50 -20.29
N ARG F 60 -9.42 -6.15 -19.88
CA ARG F 60 -10.77 -5.69 -20.22
C ARG F 60 -10.96 -4.22 -19.82
N ALA F 61 -10.98 -3.97 -18.55
CA ALA F 61 -11.15 -2.62 -18.04
C ALA F 61 -12.52 -2.08 -18.43
N LEU F 62 -13.39 -2.96 -18.83
CA LEU F 62 -14.74 -2.55 -19.21
C LEU F 62 -15.35 -1.68 -18.11
N ALA F 63 -14.71 -1.67 -16.98
CA ALA F 63 -15.18 -0.88 -15.84
C ALA F 63 -15.11 0.60 -16.16
N GLY A 1 -11.27 26.16 -3.33
CA GLY A 1 -10.42 26.99 -4.22
C GLY A 1 -10.45 26.41 -5.64
N ALA A 2 -10.88 25.19 -5.75
CA ALA A 2 -10.96 24.53 -7.05
C ALA A 2 -9.58 24.46 -7.70
N LYS A 3 -9.32 23.36 -8.36
CA LYS A 3 -8.03 23.17 -9.02
C LYS A 3 -6.89 23.47 -8.06
N ASN A 4 -6.94 22.83 -6.92
CA ASN A 4 -5.90 22.98 -5.90
C ASN A 4 -5.75 21.67 -5.15
N VAL A 5 -6.85 21.05 -4.88
CA VAL A 5 -6.84 19.77 -4.19
C VAL A 5 -6.22 18.71 -5.11
N ILE A 6 -6.78 18.60 -6.29
CA ILE A 6 -6.29 17.65 -7.28
C ILE A 6 -4.82 17.94 -7.59
N VAL A 7 -4.49 19.21 -7.56
CA VAL A 7 -3.11 19.63 -7.82
C VAL A 7 -2.17 19.00 -6.80
N LEU A 8 -2.60 18.96 -5.56
CA LEU A 8 -1.77 18.38 -4.51
C LEU A 8 -1.45 16.91 -4.83
N ASN A 9 -2.42 16.19 -5.33
CA ASN A 9 -2.20 14.79 -5.68
C ASN A 9 -1.12 14.68 -6.76
N ALA A 10 -1.20 15.57 -7.71
CA ALA A 10 -0.25 15.57 -8.81
C ALA A 10 1.17 15.71 -8.25
N ALA A 11 1.31 16.56 -7.28
CA ALA A 11 2.61 16.78 -6.67
C ALA A 11 3.17 15.48 -6.09
N SER A 12 2.33 14.69 -5.50
CA SER A 12 2.78 13.42 -4.92
C SER A 12 3.37 12.54 -6.02
N ALA A 13 2.71 12.50 -7.15
CA ALA A 13 3.16 11.69 -8.27
C ALA A 13 4.57 12.10 -8.71
N ALA A 14 4.83 13.37 -8.69
CA ALA A 14 6.15 13.86 -9.07
C ALA A 14 7.19 13.29 -8.11
N GLY A 15 6.85 13.26 -6.85
CA GLY A 15 7.75 12.75 -5.83
C GLY A 15 8.12 11.29 -6.13
N ASN A 16 7.14 10.52 -6.51
CA ASN A 16 7.39 9.11 -6.84
C ASN A 16 8.35 9.00 -8.02
N HIS A 17 8.16 9.86 -8.99
CA HIS A 17 9.01 9.85 -10.18
C HIS A 17 10.49 9.88 -9.80
N GLY A 18 11.12 8.74 -9.88
CA GLY A 18 12.53 8.64 -9.55
C GLY A 18 13.05 7.24 -9.87
N PHE A 19 14.04 7.17 -10.72
CA PHE A 19 14.63 5.90 -11.13
C PHE A 19 14.72 4.93 -9.95
N PHE A 20 14.96 5.47 -8.80
CA PHE A 20 15.07 4.64 -7.61
C PHE A 20 13.76 3.90 -7.36
N TRP A 21 12.66 4.60 -7.51
CA TRP A 21 11.36 3.99 -7.27
C TRP A 21 11.10 2.83 -8.24
N GLY A 22 11.49 3.01 -9.47
CA GLY A 22 11.29 1.98 -10.49
C GLY A 22 11.97 0.68 -10.08
N LEU A 23 13.12 0.81 -9.49
CA LEU A 23 13.87 -0.35 -9.04
C LEU A 23 13.05 -1.13 -8.01
N LEU A 24 12.35 -0.42 -7.16
CA LEU A 24 11.57 -1.06 -6.10
C LEU A 24 10.48 -2.02 -6.63
N VAL A 25 9.70 -1.57 -7.59
CA VAL A 25 8.62 -2.44 -8.09
C VAL A 25 9.15 -3.70 -8.79
N VAL A 26 10.14 -3.56 -9.62
CA VAL A 26 10.68 -4.71 -10.32
C VAL A 26 11.31 -5.71 -9.35
N THR A 27 12.03 -5.19 -8.40
CA THR A 27 12.71 -6.04 -7.42
C THR A 27 11.73 -6.87 -6.60
N LEU A 28 10.67 -6.25 -6.17
CA LEU A 28 9.69 -6.95 -5.36
C LEU A 28 9.07 -8.10 -6.14
N ALA A 29 8.74 -7.84 -7.38
CA ALA A 29 8.11 -8.87 -8.21
C ALA A 29 9.04 -10.07 -8.42
N TRP A 30 10.28 -9.82 -8.69
CA TRP A 30 11.23 -10.90 -8.91
C TRP A 30 11.46 -11.74 -7.64
N HIS A 31 11.54 -11.09 -6.52
CA HIS A 31 11.83 -11.77 -5.26
C HIS A 31 10.76 -12.81 -4.90
N VAL A 32 9.53 -12.48 -5.10
CA VAL A 32 8.45 -13.40 -4.74
C VAL A 32 8.50 -14.70 -5.55
N LYS A 33 9.35 -14.77 -6.55
CA LYS A 33 9.46 -15.98 -7.35
C LYS A 33 9.53 -17.21 -6.44
N GLY A 34 10.51 -17.24 -5.59
CA GLY A 34 10.70 -18.36 -4.68
C GLY A 34 9.46 -18.57 -3.80
N ARG A 35 8.85 -17.50 -3.38
CA ARG A 35 7.66 -17.56 -2.53
C ARG A 35 6.53 -18.34 -3.22
N LEU A 36 6.42 -18.17 -4.50
CA LEU A 36 5.35 -18.80 -5.27
C LEU A 36 5.33 -20.35 -5.21
N VAL A 37 6.47 -20.98 -5.29
CA VAL A 37 6.50 -22.45 -5.30
C VAL A 37 5.95 -23.13 -4.01
N PRO A 38 6.33 -22.71 -2.82
CA PRO A 38 5.79 -23.29 -1.55
C PRO A 38 4.28 -23.07 -1.42
N GLY A 39 3.85 -21.94 -1.91
CA GLY A 39 2.44 -21.59 -1.87
C GLY A 39 1.60 -22.61 -2.64
N ALA A 40 2.13 -23.05 -3.74
CA ALA A 40 1.42 -24.01 -4.59
C ALA A 40 1.10 -25.29 -3.81
N THR A 41 2.03 -25.76 -3.02
CA THR A 41 1.82 -26.99 -2.25
C THR A 41 1.33 -26.68 -0.84
N TYR A 42 0.08 -26.99 -0.57
CA TYR A 42 -0.51 -26.77 0.75
C TYR A 42 -1.39 -27.95 1.12
N LEU A 43 -2.64 -27.69 1.38
CA LEU A 43 -3.60 -28.73 1.74
C LEU A 43 -4.74 -28.77 0.73
N SER A 44 -5.66 -29.66 0.93
CA SER A 44 -6.81 -29.82 0.03
C SER A 44 -8.08 -29.26 0.66
N LEU A 45 -8.24 -27.97 0.57
CA LEU A 45 -9.43 -27.32 1.12
C LEU A 45 -10.64 -27.64 0.25
N GLY A 46 -10.76 -26.93 -0.84
CA GLY A 46 -11.86 -27.15 -1.78
C GLY A 46 -12.88 -26.02 -1.75
N VAL A 47 -13.46 -25.77 -0.60
CA VAL A 47 -14.48 -24.73 -0.49
C VAL A 47 -14.52 -24.03 0.86
N TRP A 48 -13.76 -24.50 1.82
CA TRP A 48 -13.80 -23.87 3.14
C TRP A 48 -13.50 -22.35 3.06
N PRO A 49 -12.51 -21.90 2.33
CA PRO A 49 -12.18 -20.45 2.27
C PRO A 49 -13.19 -19.67 1.42
N LEU A 50 -13.57 -20.25 0.31
CA LEU A 50 -14.49 -19.60 -0.61
C LEU A 50 -15.78 -19.15 0.07
N LEU A 51 -16.27 -19.87 1.03
CA LEU A 51 -17.52 -19.47 1.67
C LEU A 51 -17.44 -18.02 2.17
N LEU A 52 -16.33 -17.65 2.74
CA LEU A 52 -16.17 -16.28 3.26
C LEU A 52 -16.43 -15.26 2.16
N VAL A 53 -15.97 -15.55 0.97
CA VAL A 53 -16.15 -14.68 -0.18
C VAL A 53 -17.64 -14.44 -0.46
N ARG A 54 -18.45 -15.41 -0.10
CA ARG A 54 -19.88 -15.33 -0.36
C ARG A 54 -20.45 -14.03 0.24
N LEU A 55 -20.02 -13.65 1.40
CA LEU A 55 -20.55 -12.41 2.00
C LEU A 55 -20.25 -11.23 1.06
N LEU A 56 -19.03 -11.21 0.56
CA LEU A 56 -18.55 -10.21 -0.40
C LEU A 56 -19.23 -10.33 -1.78
N ARG A 57 -19.55 -11.54 -2.14
CA ARG A 57 -20.08 -11.85 -3.48
C ARG A 57 -21.32 -11.04 -3.90
N PRO A 58 -22.32 -10.83 -3.08
CA PRO A 58 -23.49 -10.00 -3.50
C PRO A 58 -23.05 -8.57 -3.84
N HIS A 59 -22.17 -8.05 -3.02
CA HIS A 59 -21.66 -6.69 -3.21
C HIS A 59 -22.81 -5.71 -3.45
N ARG A 60 -22.49 -4.45 -3.54
CA ARG A 60 -23.52 -3.43 -3.76
C ARG A 60 -22.89 -2.11 -4.19
N ALA A 61 -21.71 -1.84 -3.69
CA ALA A 61 -21.01 -0.61 -4.01
C ALA A 61 -21.88 0.59 -3.70
N LEU A 62 -22.15 0.79 -2.44
CA LEU A 62 -22.97 1.91 -2.00
C LEU A 62 -22.68 2.23 -0.53
N ALA A 63 -21.45 2.03 -0.13
CA ALA A 63 -21.06 2.28 1.25
C ALA A 63 -21.44 3.71 1.66
N GLY B 1 -6.86 25.49 -17.72
CA GLY B 1 -6.37 24.88 -16.45
C GLY B 1 -7.27 23.72 -16.04
N ALA B 2 -6.80 22.52 -16.24
CA ALA B 2 -7.57 21.34 -15.89
C ALA B 2 -6.73 20.07 -16.04
N LYS B 3 -6.09 19.94 -17.18
CA LYS B 3 -5.25 18.79 -17.44
C LYS B 3 -3.85 18.98 -16.84
N ASN B 4 -2.97 18.07 -17.15
CA ASN B 4 -1.60 18.14 -16.65
C ASN B 4 -1.56 17.76 -15.17
N VAL B 5 -2.70 17.45 -14.61
CA VAL B 5 -2.81 17.04 -13.21
C VAL B 5 -3.19 15.56 -13.18
N ILE B 6 -4.40 15.29 -13.56
CA ILE B 6 -4.91 13.94 -13.63
C ILE B 6 -4.04 13.10 -14.56
N VAL B 7 -3.51 13.73 -15.57
CA VAL B 7 -2.66 13.04 -16.54
C VAL B 7 -1.47 12.40 -15.83
N LEU B 8 -0.91 13.10 -14.88
CA LEU B 8 0.23 12.58 -14.14
C LEU B 8 -0.15 11.26 -13.46
N ASN B 9 -1.34 11.20 -12.92
CA ASN B 9 -1.83 9.98 -12.28
C ASN B 9 -1.87 8.85 -13.30
N ALA B 10 -2.27 9.19 -14.49
CA ALA B 10 -2.39 8.19 -15.56
C ALA B 10 -1.05 7.49 -15.76
N ALA B 11 0.00 8.25 -15.74
CA ALA B 11 1.33 7.68 -15.92
C ALA B 11 1.61 6.63 -14.86
N SER B 12 1.18 6.87 -13.66
CA SER B 12 1.40 5.90 -12.59
C SER B 12 0.70 4.59 -12.92
N ALA B 13 -0.50 4.69 -13.43
CA ALA B 13 -1.29 3.49 -13.77
C ALA B 13 -0.57 2.63 -14.79
N ALA B 14 0.04 3.25 -15.76
CA ALA B 14 0.77 2.50 -16.77
C ALA B 14 1.91 1.73 -16.10
N GLY B 15 2.54 2.38 -15.16
CA GLY B 15 3.67 1.80 -14.45
C GLY B 15 3.29 0.49 -13.76
N ASN B 16 2.13 0.44 -13.17
CA ASN B 16 1.71 -0.79 -12.49
C ASN B 16 1.64 -1.96 -13.48
N HIS B 17 1.14 -1.69 -14.65
CA HIS B 17 1.02 -2.72 -15.68
C HIS B 17 0.32 -3.96 -15.13
N GLY B 18 0.17 -4.96 -15.97
CA GLY B 18 -0.51 -6.20 -15.59
C GLY B 18 0.37 -7.43 -15.84
N PHE B 19 1.48 -7.24 -16.49
CA PHE B 19 2.39 -8.34 -16.79
C PHE B 19 3.10 -8.83 -15.52
N PHE B 20 4.30 -8.35 -15.32
CA PHE B 20 5.09 -8.75 -14.17
C PHE B 20 4.35 -8.39 -12.88
N TRP B 21 3.77 -7.22 -12.84
CA TRP B 21 3.05 -6.77 -11.66
C TRP B 21 1.88 -7.70 -11.34
N GLY B 22 1.19 -8.15 -12.36
CA GLY B 22 0.05 -9.03 -12.17
C GLY B 22 0.48 -10.32 -11.48
N LEU B 23 1.62 -10.82 -11.86
CA LEU B 23 2.15 -12.05 -11.27
C LEU B 23 2.36 -11.89 -9.76
N LEU B 24 2.81 -10.74 -9.35
CA LEU B 24 3.09 -10.51 -7.93
C LEU B 24 1.84 -10.67 -7.04
N VAL B 25 0.73 -10.12 -7.45
CA VAL B 25 -0.48 -10.23 -6.63
C VAL B 25 -0.94 -11.67 -6.47
N VAL B 26 -0.93 -12.42 -7.55
CA VAL B 26 -1.36 -13.81 -7.48
C VAL B 26 -0.45 -14.62 -6.58
N THR B 27 0.83 -14.39 -6.70
CA THR B 27 1.81 -15.10 -5.91
C THR B 27 1.61 -14.85 -4.41
N LEU B 28 1.35 -13.62 -4.08
CA LEU B 28 1.16 -13.28 -2.67
C LEU B 28 -0.03 -14.05 -2.11
N ALA B 29 -1.08 -14.13 -2.87
CA ALA B 29 -2.27 -14.85 -2.41
C ALA B 29 -1.97 -16.34 -2.21
N TRP B 30 -1.26 -16.92 -3.11
CA TRP B 30 -0.91 -18.34 -3.00
C TRP B 30 0.02 -18.61 -1.81
N HIS B 31 0.97 -17.75 -1.60
CA HIS B 31 1.95 -17.95 -0.53
C HIS B 31 1.30 -18.00 0.85
N VAL B 32 0.36 -17.14 1.09
CA VAL B 32 -0.29 -17.11 2.40
C VAL B 32 -1.04 -18.39 2.70
N LYS B 33 -1.10 -19.31 1.76
CA LYS B 33 -1.79 -20.58 2.01
C LYS B 33 -1.31 -21.15 3.34
N GLY B 34 -0.06 -21.51 3.39
CA GLY B 34 0.54 -22.07 4.60
C GLY B 34 0.39 -21.10 5.77
N ARG B 35 0.53 -19.82 5.49
CA ARG B 35 0.40 -18.81 6.52
C ARG B 35 -0.98 -18.85 7.17
N LEU B 36 -1.96 -19.13 6.36
CA LEU B 36 -3.35 -19.14 6.80
C LEU B 36 -3.66 -20.15 7.91
N VAL B 37 -3.13 -21.35 7.84
CA VAL B 37 -3.45 -22.37 8.85
C VAL B 37 -2.99 -22.04 10.29
N PRO B 38 -1.78 -21.58 10.53
CA PRO B 38 -1.30 -21.21 11.91
C PRO B 38 -2.12 -20.05 12.49
N GLY B 39 -2.48 -19.16 11.62
CA GLY B 39 -3.27 -17.99 12.01
C GLY B 39 -4.61 -18.42 12.60
N ALA B 40 -5.19 -19.42 12.01
CA ALA B 40 -6.50 -19.90 12.47
C ALA B 40 -6.44 -20.35 13.93
N THR B 41 -5.39 -21.03 14.31
CA THR B 41 -5.26 -21.49 15.68
C THR B 41 -4.84 -20.36 16.62
N TYR B 42 -5.46 -19.22 16.45
CA TYR B 42 -5.14 -18.06 17.29
C TYR B 42 -5.62 -18.27 18.72
N LEU B 43 -6.81 -18.81 18.85
CA LEU B 43 -7.39 -19.06 20.17
C LEU B 43 -7.59 -17.75 20.93
N SER B 44 -8.57 -17.74 21.79
CA SER B 44 -8.86 -16.56 22.60
C SER B 44 -9.36 -15.41 21.73
N LEU B 45 -9.52 -14.26 22.35
CA LEU B 45 -9.99 -13.07 21.63
C LEU B 45 -11.40 -13.30 21.08
N GLY B 46 -12.26 -13.84 21.92
CA GLY B 46 -13.64 -14.11 21.54
C GLY B 46 -14.57 -12.99 22.00
N VAL B 47 -14.37 -12.54 23.22
CA VAL B 47 -15.19 -11.48 23.78
C VAL B 47 -14.35 -10.64 24.75
N TRP B 48 -13.51 -9.78 24.23
CA TRP B 48 -12.68 -8.92 25.08
C TRP B 48 -12.07 -7.79 24.25
N PRO B 49 -11.42 -8.05 23.12
CA PRO B 49 -10.81 -6.96 22.32
C PRO B 49 -11.88 -6.17 21.56
N LEU B 50 -13.00 -6.80 21.33
CA LEU B 50 -14.08 -6.19 20.59
C LEU B 50 -14.52 -4.86 21.24
N LEU B 51 -14.49 -4.78 22.53
CA LEU B 51 -14.92 -3.55 23.18
C LEU B 51 -14.09 -2.38 22.62
N LEU B 52 -12.80 -2.57 22.48
CA LEU B 52 -11.96 -1.52 21.91
C LEU B 52 -12.46 -1.22 20.49
N VAL B 53 -12.76 -2.27 19.78
CA VAL B 53 -13.29 -2.19 18.41
C VAL B 53 -14.60 -1.41 18.39
N ARG B 54 -15.34 -1.49 19.47
CA ARG B 54 -16.62 -0.82 19.55
C ARG B 54 -16.47 0.66 19.22
N LEU B 55 -15.42 1.27 19.69
CA LEU B 55 -15.22 2.69 19.40
C LEU B 55 -15.16 2.89 17.87
N LEU B 56 -14.43 2.02 17.24
CA LEU B 56 -14.27 1.97 15.77
C LEU B 56 -15.56 1.59 15.03
N ARG B 57 -16.33 0.75 15.67
CA ARG B 57 -17.54 0.16 15.07
C ARG B 57 -18.58 1.17 14.53
N PRO B 58 -18.92 2.24 15.20
CA PRO B 58 -19.91 3.23 14.66
C PRO B 58 -19.42 3.82 13.34
N HIS B 59 -18.14 4.10 13.26
CA HIS B 59 -17.56 4.66 12.04
C HIS B 59 -18.33 5.91 11.62
N ARG B 60 -17.78 6.63 10.67
CA ARG B 60 -18.42 7.85 10.18
C ARG B 60 -17.64 8.42 9.01
N ALA B 61 -17.98 9.63 8.63
CA ALA B 61 -17.30 10.30 7.52
C ALA B 61 -17.36 11.82 7.67
N LEU B 62 -17.65 12.26 8.87
CA LEU B 62 -17.73 13.69 9.15
C LEU B 62 -16.35 14.26 9.43
N ALA B 63 -15.35 13.42 9.32
CA ALA B 63 -13.97 13.85 9.57
C ALA B 63 -13.68 15.16 8.84
N GLY C 1 -6.27 12.49 -24.89
CA GLY C 1 -5.92 12.97 -23.53
C GLY C 1 -7.19 13.35 -22.77
N ALA C 2 -8.32 13.05 -23.37
CA ALA C 2 -9.61 13.37 -22.75
C ALA C 2 -9.90 12.39 -21.62
N LYS C 3 -10.71 11.41 -21.90
CA LYS C 3 -11.08 10.42 -20.89
C LYS C 3 -9.95 9.40 -20.70
N ASN C 4 -8.89 9.55 -21.42
CA ASN C 4 -7.76 8.64 -21.29
C ASN C 4 -7.01 8.92 -20.00
N VAL C 5 -7.76 9.12 -18.96
CA VAL C 5 -7.20 9.40 -17.63
C VAL C 5 -8.05 8.67 -16.59
N ILE C 6 -9.22 9.17 -16.35
CA ILE C 6 -10.12 8.57 -15.39
C ILE C 6 -10.43 7.12 -15.79
N VAL C 7 -10.55 6.90 -17.07
CA VAL C 7 -10.84 5.55 -17.58
C VAL C 7 -9.72 4.58 -17.19
N LEU C 8 -8.50 5.04 -17.26
CA LEU C 8 -7.36 4.21 -16.92
C LEU C 8 -7.47 3.73 -15.47
N ASN C 9 -7.89 4.61 -14.60
CA ASN C 9 -8.05 4.24 -13.20
C ASN C 9 -9.08 3.12 -13.08
N ALA C 10 -10.11 3.22 -13.86
CA ALA C 10 -11.18 2.23 -13.85
C ALA C 10 -10.58 0.86 -14.16
N ALA C 11 -9.68 0.81 -15.09
CA ALA C 11 -9.06 -0.46 -15.45
C ALA C 11 -8.36 -1.08 -14.24
N SER C 12 -7.70 -0.26 -13.46
CA SER C 12 -7.02 -0.78 -12.27
C SER C 12 -8.03 -1.40 -11.31
N ALA C 13 -9.15 -0.75 -11.13
CA ALA C 13 -10.18 -1.26 -10.22
C ALA C 13 -10.66 -2.62 -10.68
N ALA C 14 -10.80 -2.78 -11.96
CA ALA C 14 -11.22 -4.07 -12.51
C ALA C 14 -10.20 -5.13 -12.15
N GLY C 15 -8.95 -4.77 -12.27
CA GLY C 15 -7.86 -5.69 -11.97
C GLY C 15 -7.90 -6.14 -10.51
N ASN C 16 -8.16 -5.22 -9.63
CA ASN C 16 -8.21 -5.55 -8.20
C ASN C 16 -9.30 -6.58 -7.92
N HIS C 17 -10.43 -6.40 -8.56
CA HIS C 17 -11.57 -7.30 -8.37
C HIS C 17 -11.19 -8.73 -8.77
N GLY C 18 -10.35 -9.35 -7.97
CA GLY C 18 -9.91 -10.72 -8.23
C GLY C 18 -10.45 -11.68 -7.19
N PHE C 19 -10.40 -12.95 -7.51
CA PHE C 19 -10.90 -13.99 -6.59
C PHE C 19 -9.85 -14.32 -5.52
N PHE C 20 -8.76 -14.91 -5.93
CA PHE C 20 -7.70 -15.29 -5.00
C PHE C 20 -7.15 -14.07 -4.26
N TRP C 21 -6.98 -12.98 -4.95
CA TRP C 21 -6.45 -11.76 -4.34
C TRP C 21 -7.35 -11.27 -3.20
N GLY C 22 -8.64 -11.35 -3.40
CA GLY C 22 -9.59 -10.90 -2.39
C GLY C 22 -9.46 -11.69 -1.09
N LEU C 23 -9.25 -12.97 -1.22
CA LEU C 23 -9.13 -13.85 -0.06
C LEU C 23 -7.97 -13.45 0.84
N LEU C 24 -6.88 -13.06 0.25
CA LEU C 24 -5.67 -12.70 1.02
C LEU C 24 -5.89 -11.56 2.01
N VAL C 25 -6.56 -10.51 1.59
CA VAL C 25 -6.74 -9.36 2.49
C VAL C 25 -7.55 -9.71 3.73
N VAL C 26 -8.63 -10.43 3.59
CA VAL C 26 -9.45 -10.79 4.75
C VAL C 26 -8.70 -11.72 5.70
N THR C 27 -8.04 -12.69 5.15
CA THR C 27 -7.33 -13.69 5.96
C THR C 27 -6.20 -13.06 6.76
N LEU C 28 -5.44 -12.22 6.13
CA LEU C 28 -4.32 -11.59 6.80
C LEU C 28 -4.79 -10.71 7.97
N ALA C 29 -5.84 -9.97 7.76
CA ALA C 29 -6.32 -9.07 8.79
C ALA C 29 -6.77 -9.78 10.06
N TRP C 30 -7.54 -10.83 9.93
CA TRP C 30 -8.02 -11.55 11.12
C TRP C 30 -6.88 -12.23 11.87
N HIS C 31 -5.93 -12.75 11.16
CA HIS C 31 -4.82 -13.44 11.78
C HIS C 31 -4.09 -12.57 12.79
N VAL C 32 -3.90 -11.32 12.46
CA VAL C 32 -3.20 -10.42 13.36
C VAL C 32 -3.73 -10.53 14.79
N LYS C 33 -4.84 -11.20 14.96
CA LYS C 33 -5.42 -11.36 16.30
C LYS C 33 -4.32 -11.63 17.33
N GLY C 34 -3.63 -12.71 17.17
CA GLY C 34 -2.58 -13.09 18.09
C GLY C 34 -1.50 -12.01 18.20
N ARG C 35 -1.19 -11.37 17.11
CA ARG C 35 -0.18 -10.32 17.11
C ARG C 35 -0.58 -9.19 18.07
N LEU C 36 -1.86 -8.92 18.11
CA LEU C 36 -2.38 -7.83 18.92
C LEU C 36 -2.14 -7.96 20.45
N VAL C 37 -2.33 -9.12 21.04
CA VAL C 37 -2.18 -9.22 22.51
C VAL C 37 -0.76 -8.91 23.01
N PRO C 38 0.27 -9.44 22.40
CA PRO C 38 1.69 -9.13 22.79
C PRO C 38 1.99 -7.63 22.65
N GLY C 39 1.41 -7.05 21.65
CA GLY C 39 1.57 -5.62 21.38
C GLY C 39 1.06 -4.76 22.55
N ALA C 40 -0.02 -5.20 23.15
CA ALA C 40 -0.63 -4.45 24.23
C ALA C 40 0.36 -4.18 25.37
N THR C 41 1.16 -5.16 25.73
CA THR C 41 2.13 -4.99 26.81
C THR C 41 2.75 -3.59 26.79
N TYR C 42 2.45 -2.81 27.80
CA TYR C 42 2.95 -1.44 27.91
C TYR C 42 3.94 -1.33 29.06
N LEU C 43 5.18 -1.64 28.78
CA LEU C 43 6.23 -1.58 29.79
C LEU C 43 6.15 -0.27 30.57
N SER C 44 6.98 0.66 30.19
CA SER C 44 7.02 1.99 30.84
C SER C 44 6.65 3.07 29.84
N LEU C 45 6.15 2.64 28.73
CA LEU C 45 5.74 3.55 27.66
C LEU C 45 4.35 4.13 27.96
N GLY C 46 4.14 4.48 29.19
CA GLY C 46 2.86 5.01 29.61
C GLY C 46 2.42 6.19 28.75
N VAL C 47 3.12 7.30 28.88
CA VAL C 47 2.78 8.52 28.12
C VAL C 47 3.97 9.06 27.34
N TRP C 48 5.15 8.57 27.63
CA TRP C 48 6.33 9.06 26.93
C TRP C 48 6.11 9.06 25.40
N PRO C 49 5.56 8.00 24.84
CA PRO C 49 5.32 7.95 23.36
C PRO C 49 4.50 9.16 22.86
N LEU C 50 3.53 9.54 23.65
CA LEU C 50 2.62 10.63 23.27
C LEU C 50 3.33 11.93 22.92
N LEU C 51 4.39 12.29 23.59
CA LEU C 51 5.04 13.55 23.25
C LEU C 51 5.43 13.53 21.77
N LEU C 52 5.95 12.43 21.32
CA LEU C 52 6.34 12.31 19.91
C LEU C 52 5.11 12.50 19.02
N VAL C 53 4.02 11.90 19.43
CA VAL C 53 2.75 12.00 18.70
C VAL C 53 2.29 13.45 18.58
N ARG C 54 2.59 14.24 19.57
CA ARG C 54 2.17 15.64 19.58
C ARG C 54 2.65 16.33 18.30
N LEU C 55 3.85 16.02 17.88
CA LEU C 55 4.37 16.65 16.66
C LEU C 55 3.43 16.34 15.48
N LEU C 56 3.01 15.11 15.41
CA LEU C 56 2.06 14.61 14.40
C LEU C 56 0.65 15.19 14.56
N ARG C 57 0.29 15.42 15.79
CA ARG C 57 -1.08 15.84 16.17
C ARG C 57 -1.60 17.12 15.45
N PRO C 58 -0.85 18.18 15.31
CA PRO C 58 -1.36 19.40 14.59
C PRO C 58 -1.75 19.07 13.15
N HIS C 59 -0.96 18.26 12.50
CA HIS C 59 -1.22 17.87 11.12
C HIS C 59 -1.60 19.09 10.28
N ARG C 60 -1.95 18.84 9.04
CA ARG C 60 -2.34 19.91 8.13
C ARG C 60 -2.79 19.33 6.79
N ALA C 61 -2.89 20.18 5.79
CA ALA C 61 -3.31 19.75 4.46
C ALA C 61 -2.75 20.69 3.40
N LEU C 62 -1.84 21.53 3.80
CA LEU C 62 -1.22 22.47 2.86
C LEU C 62 -0.25 21.75 1.94
N ALA C 63 0.48 20.81 2.49
CA ALA C 63 1.45 20.06 1.71
C ALA C 63 2.28 20.98 0.82
N GLY D 1 -17.23 7.13 -20.73
CA GLY D 1 -17.09 6.61 -19.34
C GLY D 1 -17.26 7.76 -18.35
N ALA D 2 -18.47 8.22 -18.22
CA ALA D 2 -18.76 9.32 -17.30
C ALA D 2 -18.68 8.85 -15.86
N LYS D 3 -19.70 8.13 -15.42
CA LYS D 3 -19.74 7.64 -14.04
C LYS D 3 -19.17 6.22 -13.97
N ASN D 4 -18.88 5.64 -15.11
CA ASN D 4 -18.32 4.30 -15.14
C ASN D 4 -16.84 4.35 -14.78
N VAL D 5 -16.54 5.19 -13.83
CA VAL D 5 -15.17 5.37 -13.35
C VAL D 5 -15.23 5.66 -11.85
N ILE D 6 -15.75 6.80 -11.51
CA ILE D 6 -15.87 7.19 -10.13
C ILE D 6 -16.67 6.13 -9.37
N VAL D 7 -17.67 5.58 -10.02
CA VAL D 7 -18.50 4.55 -9.41
C VAL D 7 -17.64 3.34 -9.03
N LEU D 8 -16.73 2.99 -9.89
CA LEU D 8 -15.86 1.84 -9.64
C LEU D 8 -15.07 2.04 -8.35
N ASN D 9 -14.59 3.24 -8.13
CA ASN D 9 -13.84 3.52 -6.92
C ASN D 9 -14.71 3.27 -5.68
N ALA D 10 -15.94 3.69 -5.77
CA ALA D 10 -16.86 3.53 -4.65
C ALA D 10 -16.98 2.05 -4.29
N ALA D 11 -17.06 1.21 -5.29
CA ALA D 11 -17.19 -0.22 -5.05
C ALA D 11 -16.00 -0.75 -4.26
N SER D 12 -14.82 -0.27 -4.56
CA SER D 12 -13.63 -0.72 -3.84
C SER D 12 -13.76 -0.38 -2.35
N ALA D 13 -14.23 0.80 -2.08
CA ALA D 13 -14.39 1.26 -0.70
C ALA D 13 -15.34 0.33 0.06
N ALA D 14 -16.37 -0.11 -0.60
CA ALA D 14 -17.32 -1.02 0.03
C ALA D 14 -16.60 -2.30 0.42
N GLY D 15 -15.74 -2.77 -0.44
CA GLY D 15 -15.00 -3.99 -0.19
C GLY D 15 -14.16 -3.87 1.08
N ASN D 16 -13.53 -2.74 1.25
CA ASN D 16 -12.71 -2.52 2.45
C ASN D 16 -13.57 -2.59 3.70
N HIS D 17 -14.74 -2.02 3.64
CA HIS D 17 -15.65 -2.02 4.78
C HIS D 17 -15.83 -3.43 5.34
N GLY D 18 -15.21 -3.66 6.48
CA GLY D 18 -15.30 -4.97 7.11
C GLY D 18 -14.56 -4.98 8.45
N PHE D 19 -15.27 -5.27 9.50
CA PHE D 19 -14.69 -5.30 10.84
C PHE D 19 -13.26 -5.87 10.82
N PHE D 20 -13.04 -6.84 9.97
CA PHE D 20 -11.71 -7.43 9.87
C PHE D 20 -10.69 -6.37 9.51
N TRP D 21 -11.05 -5.52 8.58
CA TRP D 21 -10.15 -4.48 8.13
C TRP D 21 -9.78 -3.54 9.28
N GLY D 22 -10.74 -3.22 10.11
CA GLY D 22 -10.50 -2.33 11.24
C GLY D 22 -9.46 -2.91 12.18
N LEU D 23 -9.53 -4.18 12.42
CA LEU D 23 -8.59 -4.85 13.30
C LEU D 23 -7.15 -4.74 12.79
N LEU D 24 -6.98 -4.89 11.50
CA LEU D 24 -5.63 -4.86 10.92
C LEU D 24 -4.89 -3.55 11.14
N VAL D 25 -5.53 -2.43 10.89
CA VAL D 25 -4.83 -1.15 11.06
C VAL D 25 -4.43 -0.89 12.51
N VAL D 26 -5.34 -1.13 13.42
CA VAL D 26 -5.05 -0.91 14.84
C VAL D 26 -3.96 -1.84 15.36
N THR D 27 -4.06 -3.10 15.00
CA THR D 27 -3.10 -4.09 15.46
C THR D 27 -1.69 -3.82 14.95
N LEU D 28 -1.58 -3.49 13.69
CA LEU D 28 -0.26 -3.25 13.12
C LEU D 28 0.41 -2.08 13.83
N ALA D 29 -0.35 -1.05 14.07
CA ALA D 29 0.21 0.13 14.74
C ALA D 29 0.71 -0.22 16.14
N TRP D 30 -0.04 -1.02 16.85
CA TRP D 30 0.35 -1.41 18.20
C TRP D 30 1.64 -2.26 18.21
N HIS D 31 1.75 -3.16 17.26
CA HIS D 31 2.90 -4.06 17.21
C HIS D 31 4.23 -3.34 17.06
N VAL D 32 4.27 -2.35 16.21
CA VAL D 32 5.53 -1.64 15.98
C VAL D 32 6.05 -0.96 17.24
N LYS D 33 5.24 -0.90 18.27
CA LYS D 33 5.69 -0.27 19.52
C LYS D 33 7.09 -0.75 19.87
N GLY D 34 7.23 -2.02 20.08
CA GLY D 34 8.52 -2.60 20.43
C GLY D 34 9.55 -2.31 19.34
N ARG D 35 9.13 -2.33 18.10
CA ARG D 35 10.04 -2.08 16.98
C ARG D 35 10.65 -0.67 17.09
N LEU D 36 9.86 0.26 17.52
CA LEU D 36 10.29 1.65 17.61
C LEU D 36 11.52 1.89 18.52
N VAL D 37 11.58 1.25 19.66
CA VAL D 37 12.70 1.49 20.60
C VAL D 37 14.10 1.13 20.07
N PRO D 38 14.32 -0.02 19.45
CA PRO D 38 15.66 -0.38 18.87
C PRO D 38 16.08 0.60 17.77
N GLY D 39 15.11 1.06 17.05
CA GLY D 39 15.34 2.02 15.97
C GLY D 39 15.96 3.30 16.52
N ALA D 40 15.51 3.70 17.67
CA ALA D 40 16.01 4.93 18.29
C ALA D 40 17.53 4.89 18.47
N THR D 41 18.04 3.76 18.89
CA THR D 41 19.49 3.63 19.09
C THR D 41 20.18 3.23 17.79
N TYR D 42 20.87 4.17 17.18
CA TYR D 42 21.58 3.90 15.92
C TYR D 42 22.80 4.79 15.76
N LEU D 43 22.60 6.07 15.82
CA LEU D 43 23.68 7.02 15.67
C LEU D 43 24.41 6.78 14.36
N SER D 44 25.30 7.67 14.05
CA SER D 44 26.08 7.56 12.82
C SER D 44 25.16 7.53 11.59
N LEU D 45 24.52 8.63 11.33
CA LEU D 45 23.60 8.75 10.21
C LEU D 45 22.98 10.17 10.21
N GLY D 46 23.83 11.16 10.35
CA GLY D 46 23.37 12.56 10.40
C GLY D 46 23.50 13.30 9.06
N VAL D 47 24.52 13.00 8.27
CA VAL D 47 24.72 13.69 6.98
C VAL D 47 24.24 12.86 5.79
N TRP D 48 24.35 11.57 5.91
CA TRP D 48 23.95 10.67 4.83
C TRP D 48 22.49 10.89 4.37
N PRO D 49 21.53 11.12 5.25
CA PRO D 49 20.13 11.33 4.83
C PRO D 49 19.83 12.76 4.37
N LEU D 50 20.20 13.70 5.19
CA LEU D 50 19.89 15.11 4.91
C LEU D 50 20.40 15.56 3.53
N LEU D 51 21.57 15.16 3.13
CA LEU D 51 22.05 15.59 1.81
C LEU D 51 21.11 15.06 0.73
N LEU D 52 20.73 13.82 0.84
CA LEU D 52 19.82 13.22 -0.14
C LEU D 52 18.51 14.00 -0.14
N VAL D 53 18.05 14.34 1.03
CA VAL D 53 16.81 15.08 1.20
C VAL D 53 16.88 16.42 0.47
N ARG D 54 18.04 17.01 0.43
CA ARG D 54 18.19 18.30 -0.23
C ARG D 54 17.69 18.22 -1.67
N LEU D 55 18.00 17.14 -2.33
CA LEU D 55 17.55 16.99 -3.71
C LEU D 55 16.00 17.03 -3.73
N LEU D 56 15.43 16.35 -2.79
CA LEU D 56 13.97 16.25 -2.57
C LEU D 56 13.29 17.56 -2.12
N ARG D 57 14.03 18.36 -1.38
CA ARG D 57 13.49 19.57 -0.73
C ARG D 57 12.78 20.57 -1.66
N PRO D 58 13.23 20.83 -2.86
CA PRO D 58 12.55 21.80 -3.77
C PRO D 58 11.12 21.36 -4.09
N HIS D 59 10.97 20.07 -4.29
CA HIS D 59 9.67 19.48 -4.59
C HIS D 59 9.03 20.19 -5.79
N ARG D 60 8.08 19.54 -6.40
CA ARG D 60 7.40 20.11 -7.56
C ARG D 60 6.23 19.23 -7.98
N ALA D 61 5.61 19.57 -9.08
CA ALA D 61 4.47 18.79 -9.57
C ALA D 61 4.47 18.76 -11.10
N LEU D 62 5.56 19.18 -11.68
CA LEU D 62 5.69 19.18 -13.13
C LEU D 62 5.76 17.75 -13.66
N ALA D 63 6.47 16.92 -12.95
CA ALA D 63 6.62 15.51 -13.33
C ALA D 63 6.84 15.39 -14.84
N GLY E 1 -25.01 9.92 -10.57
CA GLY E 1 -24.94 10.56 -9.23
C GLY E 1 -23.53 11.10 -9.00
N ALA E 2 -23.39 12.39 -9.10
CA ALA E 2 -22.09 13.03 -8.91
C ALA E 2 -21.51 12.64 -7.55
N LYS E 3 -22.28 12.85 -6.51
CA LYS E 3 -21.84 12.53 -5.15
C LYS E 3 -22.25 11.11 -4.78
N ASN E 4 -22.09 10.77 -3.53
CA ASN E 4 -22.42 9.44 -3.05
C ASN E 4 -21.36 8.46 -3.53
N VAL E 5 -20.38 8.98 -4.20
CA VAL E 5 -19.24 8.19 -4.71
C VAL E 5 -17.98 8.66 -4.00
N ILE E 6 -17.60 9.88 -4.27
CA ILE E 6 -16.44 10.50 -3.65
C ILE E 6 -16.64 10.51 -2.14
N VAL E 7 -17.87 10.66 -1.75
CA VAL E 7 -18.24 10.71 -0.34
C VAL E 7 -17.78 9.42 0.36
N LEU E 8 -17.93 8.32 -0.29
CA LEU E 8 -17.52 7.05 0.28
C LEU E 8 -16.02 7.06 0.57
N ASN E 9 -15.26 7.62 -0.33
CA ASN E 9 -13.81 7.72 -0.14
C ASN E 9 -13.48 8.53 1.11
N ALA E 10 -14.21 9.60 1.29
CA ALA E 10 -13.99 10.48 2.43
C ALA E 10 -14.12 9.67 3.72
N ALA E 11 -15.08 8.79 3.76
CA ALA E 11 -15.29 7.98 4.95
C ALA E 11 -14.02 7.21 5.28
N SER E 12 -13.35 6.70 4.28
CA SER E 12 -12.12 5.97 4.49
C SER E 12 -11.09 6.88 5.16
N ALA E 13 -11.02 8.11 4.71
CA ALA E 13 -10.08 9.08 5.24
C ALA E 13 -10.30 9.26 6.74
N ALA E 14 -11.53 9.24 7.16
CA ALA E 14 -11.84 9.39 8.58
C ALA E 14 -11.18 8.27 9.36
N GLY E 15 -11.20 7.10 8.79
CA GLY E 15 -10.61 5.93 9.44
C GLY E 15 -9.12 6.17 9.72
N ASN E 16 -8.43 6.76 8.78
CA ASN E 16 -7.00 7.06 8.95
C ASN E 16 -6.78 7.98 10.15
N HIS E 17 -7.64 8.95 10.31
CA HIS E 17 -7.51 9.90 11.41
C HIS E 17 -7.42 9.17 12.74
N GLY E 18 -6.21 8.81 13.11
CA GLY E 18 -5.99 8.11 14.37
C GLY E 18 -4.53 8.19 14.78
N PHE E 19 -4.27 8.88 15.86
CA PHE E 19 -2.89 9.04 16.34
C PHE E 19 -2.11 7.74 16.27
N PHE E 20 -2.77 6.64 16.53
CA PHE E 20 -2.09 5.36 16.48
C PHE E 20 -1.54 5.11 15.09
N TRP E 21 -2.32 5.43 14.09
CA TRP E 21 -1.92 5.24 12.71
C TRP E 21 -0.67 6.07 12.36
N GLY E 22 -0.65 7.28 12.86
CA GLY E 22 0.48 8.18 12.61
C GLY E 22 1.79 7.59 13.14
N LEU E 23 1.71 6.97 14.27
CA LEU E 23 2.88 6.38 14.92
C LEU E 23 3.55 5.33 14.02
N LEU E 24 2.76 4.58 13.30
CA LEU E 24 3.31 3.53 12.44
C LEU E 24 4.31 4.08 11.43
N VAL E 25 4.02 5.19 10.83
CA VAL E 25 4.93 5.75 9.84
C VAL E 25 6.30 6.05 10.43
N VAL E 26 6.32 6.59 11.62
CA VAL E 26 7.58 6.90 12.27
C VAL E 26 8.43 5.67 12.55
N THR E 27 7.80 4.61 13.01
CA THR E 27 8.52 3.39 13.35
C THR E 27 9.20 2.77 12.14
N LEU E 28 8.51 2.69 11.03
CA LEU E 28 9.10 2.11 9.84
C LEU E 28 10.30 2.90 9.38
N ALA E 29 10.18 4.20 9.41
CA ALA E 29 11.27 5.06 8.99
C ALA E 29 12.51 4.91 9.87
N TRP E 30 12.31 4.83 11.14
CA TRP E 30 13.43 4.69 12.07
C TRP E 30 14.17 3.35 11.91
N HIS E 31 13.42 2.29 11.75
CA HIS E 31 13.99 0.95 11.63
C HIS E 31 14.91 0.78 10.42
N VAL E 32 14.50 1.31 9.32
CA VAL E 32 15.28 1.15 8.09
C VAL E 32 16.68 1.73 8.20
N LYS E 33 16.92 2.59 9.17
CA LYS E 33 18.26 3.17 9.31
C LYS E 33 19.32 2.08 9.17
N GLY E 34 19.30 1.13 10.05
CA GLY E 34 20.25 0.04 10.02
C GLY E 34 20.18 -0.71 8.69
N ARG E 35 18.98 -0.85 8.18
CA ARG E 35 18.78 -1.56 6.92
C ARG E 35 19.55 -0.90 5.78
N LEU E 36 19.61 0.40 5.82
CA LEU E 36 20.25 1.18 4.77
C LEU E 36 21.77 0.92 4.58
N VAL E 37 22.54 0.83 5.64
CA VAL E 37 24.00 0.66 5.48
C VAL E 37 24.39 -0.66 4.76
N PRO E 38 23.84 -1.79 5.14
CA PRO E 38 24.11 -3.10 4.45
C PRO E 38 23.72 -3.06 2.97
N GLY E 39 22.66 -2.36 2.70
CA GLY E 39 22.16 -2.20 1.33
C GLY E 39 23.20 -1.53 0.44
N ALA E 40 23.90 -0.59 1.01
CA ALA E 40 24.90 0.18 0.25
C ALA E 40 25.95 -0.72 -0.39
N THR E 41 26.39 -1.74 0.30
CA THR E 41 27.40 -2.65 -0.25
C THR E 41 27.13 -2.94 -1.72
N TYR E 42 27.99 -2.46 -2.58
CA TYR E 42 27.83 -2.66 -4.03
C TYR E 42 28.50 -3.96 -4.47
N LEU E 43 27.92 -5.07 -4.11
CA LEU E 43 28.45 -6.37 -4.48
C LEU E 43 28.02 -6.73 -5.91
N SER E 44 28.85 -6.41 -6.85
CA SER E 44 28.55 -6.69 -8.26
C SER E 44 27.19 -6.14 -8.65
N LEU E 45 27.10 -4.84 -8.76
CA LEU E 45 25.86 -4.16 -9.15
C LEU E 45 26.16 -2.97 -10.03
N GLY E 46 27.28 -3.02 -10.70
CA GLY E 46 27.68 -1.93 -11.58
C GLY E 46 26.56 -1.55 -12.54
N VAL E 47 26.28 -2.42 -13.47
CA VAL E 47 25.25 -2.14 -14.49
C VAL E 47 24.39 -3.35 -14.80
N TRP E 48 24.81 -4.52 -14.38
CA TRP E 48 24.04 -5.72 -14.67
C TRP E 48 22.57 -5.53 -14.28
N PRO E 49 22.29 -5.00 -13.11
CA PRO E 49 20.87 -4.76 -12.65
C PRO E 49 20.11 -3.84 -13.61
N LEU E 50 20.77 -2.81 -14.06
CA LEU E 50 20.14 -1.81 -14.92
C LEU E 50 19.48 -2.41 -16.16
N LEU E 51 20.02 -3.43 -16.74
CA LEU E 51 19.40 -3.97 -17.94
C LEU E 51 17.94 -4.35 -17.67
N LEU E 52 17.68 -5.00 -16.56
CA LEU E 52 16.31 -5.41 -16.25
C LEU E 52 15.39 -4.20 -16.09
N VAL E 53 15.84 -3.21 -15.37
CA VAL E 53 15.08 -1.98 -15.17
C VAL E 53 14.83 -1.26 -16.49
N ARG E 54 15.76 -1.42 -17.39
CA ARG E 54 15.67 -0.76 -18.69
C ARG E 54 14.32 -1.08 -19.33
N LEU E 55 13.88 -2.29 -19.20
CA LEU E 55 12.59 -2.67 -19.80
C LEU E 55 11.50 -1.73 -19.26
N LEU E 56 11.56 -1.47 -17.98
CA LEU E 56 10.66 -0.56 -17.26
C LEU E 56 10.85 0.92 -17.68
N ARG E 57 12.07 1.23 -17.98
CA ARG E 57 12.50 2.62 -18.28
C ARG E 57 11.73 3.34 -19.41
N PRO E 58 11.43 2.75 -20.54
CA PRO E 58 10.66 3.46 -21.62
C PRO E 58 9.29 3.92 -21.12
N HIS E 59 8.66 3.10 -20.34
CA HIS E 59 7.35 3.44 -19.79
C HIS E 59 6.40 3.87 -20.91
N ARG E 60 5.16 4.10 -20.56
CA ARG E 60 4.17 4.51 -21.55
C ARG E 60 2.90 4.97 -20.84
N ALA E 61 2.84 6.23 -20.50
CA ALA E 61 1.67 6.76 -19.80
C ALA E 61 0.41 6.59 -20.64
N LEU E 62 0.56 6.33 -21.90
CA LEU E 62 -0.60 6.14 -22.76
C LEU E 62 -1.40 4.94 -22.28
N ALA E 63 -0.69 3.92 -21.87
CA ALA E 63 -1.34 2.70 -21.37
C ALA E 63 -2.56 2.33 -22.21
N GLY F 1 -20.04 21.72 -0.21
CA GLY F 1 -19.93 20.26 -0.01
C GLY F 1 -18.93 19.67 -1.02
N ALA F 2 -18.94 20.20 -2.21
CA ALA F 2 -18.03 19.73 -3.25
C ALA F 2 -16.59 19.80 -2.77
N LYS F 3 -16.16 20.98 -2.39
CA LYS F 3 -14.79 21.18 -1.93
C LYS F 3 -14.69 20.86 -0.44
N ASN F 4 -14.82 19.60 -0.13
CA ASN F 4 -14.74 19.14 1.26
C ASN F 4 -14.39 17.66 1.26
N VAL F 5 -14.92 16.94 0.31
CA VAL F 5 -14.66 15.52 0.19
C VAL F 5 -13.23 15.30 -0.29
N ILE F 6 -12.94 15.84 -1.44
CA ILE F 6 -11.61 15.74 -2.02
C ILE F 6 -10.59 16.37 -1.08
N VAL F 7 -11.03 17.42 -0.43
CA VAL F 7 -10.18 18.14 0.51
C VAL F 7 -9.68 17.19 1.61
N LEU F 8 -10.54 16.34 2.08
CA LEU F 8 -10.17 15.39 3.12
C LEU F 8 -9.02 14.51 2.63
N ASN F 9 -9.09 14.09 1.40
CA ASN F 9 -8.04 13.26 0.82
C ASN F 9 -6.70 14.01 0.81
N ALA F 10 -6.79 15.27 0.47
CA ALA F 10 -5.59 16.10 0.39
C ALA F 10 -4.85 16.10 1.73
N ALA F 11 -5.60 16.15 2.80
CA ALA F 11 -4.99 16.16 4.12
C ALA F 11 -4.13 14.91 4.28
N SER F 12 -4.60 13.80 3.79
CA SER F 12 -3.82 12.56 3.88
C SER F 12 -2.50 12.76 3.13
N ALA F 13 -2.59 13.39 1.99
CA ALA F 13 -1.42 13.63 1.15
C ALA F 13 -0.34 14.42 1.90
N ALA F 14 -0.76 15.38 2.69
CA ALA F 14 0.19 16.16 3.46
C ALA F 14 0.97 15.25 4.39
N GLY F 15 0.26 14.32 4.98
CA GLY F 15 0.86 13.38 5.92
C GLY F 15 2.01 12.61 5.26
N ASN F 16 1.80 12.18 4.04
CA ASN F 16 2.85 11.44 3.33
C ASN F 16 4.10 12.30 3.18
N HIS F 17 3.91 13.54 2.86
CA HIS F 17 5.03 14.46 2.67
C HIS F 17 5.77 14.68 4.00
N GLY F 18 7.02 14.32 4.03
CA GLY F 18 7.80 14.48 5.26
C GLY F 18 9.26 14.07 5.06
N PHE F 19 10.03 14.27 6.08
CA PHE F 19 11.47 13.93 6.05
C PHE F 19 11.71 12.43 6.29
N PHE F 20 11.23 11.92 7.40
CA PHE F 20 11.42 10.51 7.73
C PHE F 20 10.83 9.59 6.66
N TRP F 21 9.69 9.94 6.15
CA TRP F 21 9.03 9.13 5.13
C TRP F 21 9.91 8.97 3.89
N GLY F 22 10.58 10.01 3.50
CA GLY F 22 11.45 9.97 2.32
C GLY F 22 12.56 8.94 2.48
N LEU F 23 13.09 8.85 3.65
CA LEU F 23 14.18 7.92 3.93
C LEU F 23 13.75 6.46 3.69
N LEU F 24 12.55 6.14 4.03
CA LEU F 24 12.06 4.77 3.90
C LEU F 24 12.09 4.24 2.45
N VAL F 25 11.67 5.02 1.50
CA VAL F 25 11.65 4.54 0.12
C VAL F 25 13.04 4.20 -0.42
N VAL F 26 13.99 5.05 -0.18
CA VAL F 26 15.34 4.80 -0.68
C VAL F 26 15.97 3.55 -0.06
N THR F 27 15.81 3.39 1.22
CA THR F 27 16.41 2.24 1.89
C THR F 27 15.84 0.92 1.39
N LEU F 28 14.55 0.88 1.21
CA LEU F 28 13.94 -0.35 0.74
C LEU F 28 14.48 -0.73 -0.62
N ALA F 29 14.62 0.24 -1.49
CA ALA F 29 15.14 -0.04 -2.83
C ALA F 29 16.57 -0.57 -2.75
N TRP F 30 17.38 0.05 -1.92
CA TRP F 30 18.76 -0.37 -1.77
C TRP F 30 18.88 -1.78 -1.16
N HIS F 31 18.05 -2.06 -0.19
CA HIS F 31 18.10 -3.36 0.50
C HIS F 31 17.84 -4.52 -0.43
N VAL F 32 16.87 -4.38 -1.28
CA VAL F 32 16.52 -5.47 -2.18
C VAL F 32 17.64 -5.80 -3.17
N LYS F 33 18.69 -5.01 -3.17
CA LYS F 33 19.80 -5.27 -4.08
C LYS F 33 20.18 -6.76 -4.04
N GLY F 34 20.61 -7.21 -2.91
CA GLY F 34 21.01 -8.60 -2.75
C GLY F 34 19.88 -9.55 -3.10
N ARG F 35 18.68 -9.16 -2.74
CA ARG F 35 17.50 -9.99 -3.01
C ARG F 35 17.32 -10.20 -4.52
N LEU F 36 17.61 -9.19 -5.27
CA LEU F 36 17.41 -9.23 -6.73
C LEU F 36 18.23 -10.35 -7.44
N VAL F 37 19.47 -10.54 -7.07
CA VAL F 37 20.30 -11.55 -7.76
C VAL F 37 19.79 -13.00 -7.68
N PRO F 38 19.39 -13.52 -6.53
CA PRO F 38 18.83 -14.91 -6.42
C PRO F 38 17.55 -15.06 -7.24
N GLY F 39 16.81 -14.00 -7.28
CA GLY F 39 15.56 -13.95 -8.02
C GLY F 39 15.82 -14.22 -9.50
N ALA F 40 16.90 -13.66 -10.00
CA ALA F 40 17.25 -13.83 -11.41
C ALA F 40 17.42 -15.30 -11.76
N THR F 41 18.06 -16.05 -10.89
CA THR F 41 18.28 -17.48 -11.14
C THR F 41 17.11 -18.31 -10.63
N TYR F 42 16.43 -18.94 -11.55
CA TYR F 42 15.29 -19.79 -11.20
C TYR F 42 14.95 -20.73 -12.35
N LEU F 43 15.24 -21.98 -12.16
CA LEU F 43 14.97 -22.97 -13.18
C LEU F 43 13.47 -23.24 -13.24
N SER F 44 13.03 -23.62 -14.39
CA SER F 44 11.62 -23.91 -14.61
C SER F 44 10.80 -22.63 -14.63
N LEU F 45 9.55 -22.75 -15.01
CA LEU F 45 8.63 -21.61 -15.10
C LEU F 45 9.04 -20.70 -16.24
N GLY F 46 9.50 -21.31 -17.30
CA GLY F 46 9.94 -20.57 -18.48
C GLY F 46 8.85 -19.63 -18.99
N VAL F 47 7.78 -20.18 -19.49
CA VAL F 47 6.66 -19.39 -20.03
C VAL F 47 5.32 -19.89 -19.51
N TRP F 48 5.32 -20.99 -18.82
CA TRP F 48 4.08 -21.55 -18.30
C TRP F 48 3.34 -20.52 -17.44
N PRO F 49 4.01 -19.78 -16.58
CA PRO F 49 3.33 -18.75 -15.74
C PRO F 49 2.48 -17.82 -16.61
N LEU F 50 2.96 -17.57 -17.80
CA LEU F 50 2.32 -16.67 -18.73
C LEU F 50 0.86 -17.04 -19.01
N LEU F 51 0.54 -18.31 -19.05
CA LEU F 51 -0.84 -18.68 -19.35
C LEU F 51 -1.77 -18.04 -18.32
N LEU F 52 -1.42 -18.10 -17.06
CA LEU F 52 -2.27 -17.47 -16.04
C LEU F 52 -2.38 -15.99 -16.33
N VAL F 53 -1.27 -15.41 -16.68
CA VAL F 53 -1.20 -14.00 -17.05
C VAL F 53 -2.09 -13.70 -18.25
N ARG F 54 -2.22 -14.68 -19.10
CA ARG F 54 -3.02 -14.51 -20.32
C ARG F 54 -4.40 -13.99 -19.95
N LEU F 55 -4.96 -14.49 -18.89
CA LEU F 55 -6.29 -14.04 -18.50
C LEU F 55 -6.24 -12.51 -18.28
N LEU F 56 -5.21 -12.08 -17.60
CA LEU F 56 -4.94 -10.65 -17.29
C LEU F 56 -4.57 -9.77 -18.51
N ARG F 57 -3.86 -10.35 -19.45
CA ARG F 57 -3.31 -9.58 -20.59
C ARG F 57 -4.38 -8.79 -21.38
N PRO F 58 -5.49 -9.37 -21.71
CA PRO F 58 -6.56 -8.62 -22.42
C PRO F 58 -6.99 -7.40 -21.61
N HIS F 59 -7.12 -7.57 -20.32
CA HIS F 59 -7.52 -6.47 -19.44
C HIS F 59 -8.74 -5.73 -20.01
N ARG F 60 -9.21 -4.76 -19.27
CA ARG F 60 -10.37 -3.99 -19.71
C ARG F 60 -10.68 -2.89 -18.70
N ALA F 61 -11.82 -2.26 -18.85
CA ALA F 61 -12.23 -1.18 -17.95
C ALA F 61 -13.74 -1.13 -17.86
N LEU F 62 -14.25 -0.04 -17.33
CA LEU F 62 -15.70 0.11 -17.18
C LEU F 62 -16.28 -1.13 -16.50
N ALA F 63 -15.47 -1.78 -15.71
CA ALA F 63 -15.91 -2.97 -14.99
C ALA F 63 -17.14 -2.68 -14.15
N GLY A 1 -11.64 26.01 -3.91
CA GLY A 1 -11.16 25.67 -5.29
C GLY A 1 -11.10 24.16 -5.44
N ALA A 2 -12.06 23.60 -6.13
CA ALA A 2 -12.10 22.17 -6.35
C ALA A 2 -10.99 21.73 -7.30
N LYS A 3 -9.77 21.93 -6.89
CA LYS A 3 -8.63 21.56 -7.72
C LYS A 3 -7.35 21.53 -6.89
N ASN A 4 -7.13 22.57 -6.13
CA ASN A 4 -5.93 22.63 -5.29
C ASN A 4 -5.76 21.31 -4.54
N VAL A 5 -6.84 20.64 -4.32
CA VAL A 5 -6.81 19.36 -3.62
C VAL A 5 -6.14 18.32 -4.52
N ILE A 6 -6.66 18.18 -5.72
CA ILE A 6 -6.11 17.24 -6.68
C ILE A 6 -4.64 17.58 -6.96
N VAL A 7 -4.35 18.85 -6.94
CA VAL A 7 -2.98 19.32 -7.17
C VAL A 7 -2.03 18.71 -6.15
N LEU A 8 -2.48 18.63 -4.92
CA LEU A 8 -1.64 18.06 -3.87
C LEU A 8 -1.28 16.61 -4.23
N ASN A 9 -2.23 15.89 -4.76
CA ASN A 9 -1.97 14.50 -5.16
C ASN A 9 -0.88 14.44 -6.23
N ALA A 10 -0.94 15.37 -7.14
CA ALA A 10 0.03 15.41 -8.23
C ALA A 10 1.44 15.52 -7.64
N ALA A 11 1.58 16.31 -6.61
CA ALA A 11 2.88 16.48 -5.99
C ALA A 11 3.41 15.13 -5.52
N SER A 12 2.54 14.31 -4.98
CA SER A 12 2.97 12.98 -4.54
C SER A 12 3.52 12.20 -5.74
N ALA A 13 2.84 12.30 -6.84
CA ALA A 13 3.23 11.59 -8.06
C ALA A 13 4.64 11.98 -8.49
N ALA A 14 4.95 13.24 -8.39
CA ALA A 14 6.28 13.71 -8.75
C ALA A 14 7.33 13.03 -7.88
N GLY A 15 7.00 12.91 -6.62
CA GLY A 15 7.91 12.27 -5.67
C GLY A 15 8.21 10.84 -6.10
N ASN A 16 7.20 10.13 -6.53
CA ASN A 16 7.39 8.76 -6.99
C ASN A 16 8.33 8.72 -8.19
N HIS A 17 8.17 9.67 -9.07
CA HIS A 17 9.00 9.74 -10.28
C HIS A 17 10.47 9.62 -9.93
N GLY A 18 10.95 8.41 -9.85
CA GLY A 18 12.35 8.16 -9.52
C GLY A 18 12.75 6.74 -9.93
N PHE A 19 13.75 6.64 -10.76
CA PHE A 19 14.20 5.34 -11.23
C PHE A 19 14.37 4.35 -10.07
N PHE A 20 14.80 4.84 -8.93
CA PHE A 20 14.99 3.97 -7.79
C PHE A 20 13.68 3.30 -7.42
N TRP A 21 12.61 4.06 -7.46
CA TRP A 21 11.29 3.53 -7.13
C TRP A 21 10.92 2.38 -8.06
N GLY A 22 11.24 2.54 -9.31
CA GLY A 22 10.93 1.52 -10.31
C GLY A 22 11.62 0.19 -9.99
N LEU A 23 12.83 0.27 -9.53
CA LEU A 23 13.58 -0.94 -9.19
C LEU A 23 12.86 -1.75 -8.12
N LEU A 24 12.29 -1.07 -7.16
CA LEU A 24 11.62 -1.76 -6.06
C LEU A 24 10.45 -2.63 -6.53
N VAL A 25 9.63 -2.13 -7.40
CA VAL A 25 8.49 -2.91 -7.87
C VAL A 25 8.94 -4.16 -8.63
N VAL A 26 9.89 -4.00 -9.50
CA VAL A 26 10.39 -5.13 -10.26
C VAL A 26 11.06 -6.16 -9.35
N THR A 27 11.81 -5.67 -8.41
CA THR A 27 12.54 -6.54 -7.48
C THR A 27 11.60 -7.39 -6.64
N LEU A 28 10.54 -6.79 -6.14
CA LEU A 28 9.61 -7.54 -5.31
C LEU A 28 8.98 -8.67 -6.12
N ALA A 29 8.62 -8.38 -7.33
CA ALA A 29 7.99 -9.39 -8.17
C ALA A 29 8.93 -10.58 -8.43
N TRP A 30 10.17 -10.27 -8.71
CA TRP A 30 11.15 -11.32 -8.98
C TRP A 30 11.43 -12.20 -7.76
N HIS A 31 11.53 -11.58 -6.61
CA HIS A 31 11.84 -12.31 -5.37
C HIS A 31 10.79 -13.35 -5.01
N VAL A 32 9.55 -13.01 -5.17
CA VAL A 32 8.48 -13.93 -4.79
C VAL A 32 8.48 -15.20 -5.64
N LYS A 33 9.25 -15.23 -6.69
CA LYS A 33 9.30 -16.42 -7.54
C LYS A 33 9.42 -17.68 -6.68
N GLY A 34 10.44 -17.75 -5.89
CA GLY A 34 10.66 -18.89 -5.01
C GLY A 34 9.49 -19.10 -4.07
N ARG A 35 8.93 -18.01 -3.61
CA ARG A 35 7.79 -18.07 -2.68
C ARG A 35 6.61 -18.81 -3.30
N LEU A 36 6.42 -18.63 -4.58
CA LEU A 36 5.29 -19.23 -5.29
C LEU A 36 5.27 -20.77 -5.24
N VAL A 37 6.40 -21.41 -5.40
CA VAL A 37 6.41 -22.90 -5.45
C VAL A 37 5.91 -23.59 -4.15
N PRO A 38 6.34 -23.19 -2.96
CA PRO A 38 5.85 -23.81 -1.68
C PRO A 38 4.34 -23.60 -1.50
N GLY A 39 3.90 -22.48 -1.96
CA GLY A 39 2.48 -22.11 -1.89
C GLY A 39 1.62 -23.09 -2.67
N ALA A 40 2.12 -23.54 -3.78
CA ALA A 40 1.37 -24.44 -4.66
C ALA A 40 0.93 -25.73 -3.94
N THR A 41 1.79 -26.31 -3.14
CA THR A 41 1.44 -27.54 -2.42
C THR A 41 1.14 -27.25 -0.95
N TYR A 42 -0.09 -27.48 -0.56
CA TYR A 42 -0.52 -27.25 0.82
C TYR A 42 -1.35 -28.44 1.31
N LEU A 43 -2.54 -28.18 1.76
CA LEU A 43 -3.44 -29.23 2.26
C LEU A 43 -4.62 -29.38 1.30
N SER A 44 -5.42 -30.36 1.55
CA SER A 44 -6.60 -30.64 0.72
C SER A 44 -7.87 -30.14 1.40
N LEU A 45 -8.16 -28.88 1.24
CA LEU A 45 -9.36 -28.29 1.83
C LEU A 45 -10.55 -28.54 0.93
N GLY A 46 -10.65 -27.79 -0.14
CA GLY A 46 -11.73 -27.95 -1.11
C GLY A 46 -12.73 -26.80 -1.08
N VAL A 47 -13.33 -26.59 0.06
CA VAL A 47 -14.35 -25.53 0.18
C VAL A 47 -14.35 -24.83 1.54
N TRP A 48 -13.57 -25.29 2.47
CA TRP A 48 -13.56 -24.67 3.78
C TRP A 48 -13.26 -23.15 3.71
N PRO A 49 -12.30 -22.70 2.91
CA PRO A 49 -11.98 -21.25 2.84
C PRO A 49 -12.98 -20.48 1.96
N LEU A 50 -13.27 -21.04 0.82
CA LEU A 50 -14.17 -20.39 -0.15
C LEU A 50 -15.53 -20.05 0.47
N LEU A 51 -16.04 -20.86 1.35
CA LEU A 51 -17.35 -20.56 1.92
C LEU A 51 -17.34 -19.17 2.56
N LEU A 52 -16.28 -18.85 3.27
CA LEU A 52 -16.18 -17.54 3.90
C LEU A 52 -16.25 -16.47 2.81
N VAL A 53 -15.59 -16.73 1.71
CA VAL A 53 -15.57 -15.83 0.56
C VAL A 53 -16.97 -15.60 0.03
N ARG A 54 -17.82 -16.57 0.19
CA ARG A 54 -19.19 -16.47 -0.31
C ARG A 54 -19.83 -15.19 0.22
N LEU A 55 -19.58 -14.86 1.46
CA LEU A 55 -20.17 -13.64 2.01
C LEU A 55 -19.72 -12.44 1.16
N LEU A 56 -18.46 -12.43 0.84
CA LEU A 56 -17.82 -11.41 -0.02
C LEU A 56 -18.31 -11.44 -1.48
N ARG A 57 -18.62 -12.63 -1.93
CA ARG A 57 -18.98 -12.87 -3.34
C ARG A 57 -20.16 -12.02 -3.89
N PRO A 58 -21.25 -11.84 -3.18
CA PRO A 58 -22.37 -10.99 -3.71
C PRO A 58 -21.90 -9.56 -3.97
N HIS A 59 -21.10 -9.05 -3.08
CA HIS A 59 -20.56 -7.69 -3.21
C HIS A 59 -21.71 -6.69 -3.41
N ARG A 60 -21.39 -5.43 -3.34
CA ARG A 60 -22.39 -4.38 -3.50
C ARG A 60 -21.71 -3.01 -3.48
N ALA A 61 -21.73 -2.33 -4.59
CA ALA A 61 -21.12 -1.00 -4.67
C ALA A 61 -22.08 0.06 -4.11
N LEU A 62 -23.18 -0.40 -3.58
CA LEU A 62 -24.17 0.52 -3.01
C LEU A 62 -23.77 0.90 -1.58
N ALA A 63 -22.54 0.60 -1.24
CA ALA A 63 -22.03 0.92 0.10
C ALA A 63 -22.43 2.34 0.50
N GLY B 1 -7.71 23.21 -19.71
CA GLY B 1 -6.78 22.59 -18.73
C GLY B 1 -7.51 21.51 -17.94
N ALA B 2 -7.35 21.54 -16.65
CA ALA B 2 -7.99 20.55 -15.79
C ALA B 2 -7.60 19.14 -16.21
N LYS B 3 -6.67 19.03 -17.12
CA LYS B 3 -6.19 17.73 -17.61
C LYS B 3 -4.67 17.68 -17.58
N ASN B 4 -4.13 17.73 -16.40
CA ASN B 4 -2.69 17.68 -16.20
C ASN B 4 -2.39 17.02 -14.86
N VAL B 5 -3.25 17.27 -13.91
CA VAL B 5 -3.11 16.71 -12.58
C VAL B 5 -3.43 15.22 -12.63
N ILE B 6 -4.61 14.92 -13.08
CA ILE B 6 -5.07 13.54 -13.21
C ILE B 6 -4.15 12.77 -14.16
N VAL B 7 -3.66 13.46 -15.16
CA VAL B 7 -2.77 12.85 -16.14
C VAL B 7 -1.54 12.30 -15.44
N LEU B 8 -1.02 13.05 -14.51
CA LEU B 8 0.17 12.61 -13.77
C LEU B 8 -0.12 11.30 -13.06
N ASN B 9 -1.29 11.18 -12.51
CA ASN B 9 -1.70 9.95 -11.83
C ASN B 9 -1.70 8.79 -12.83
N ALA B 10 -2.17 9.10 -14.02
CA ALA B 10 -2.26 8.10 -15.07
C ALA B 10 -0.90 7.46 -15.32
N ALA B 11 0.12 8.25 -15.31
CA ALA B 11 1.47 7.75 -15.54
C ALA B 11 1.81 6.68 -14.50
N SER B 12 1.39 6.89 -13.29
CA SER B 12 1.66 5.90 -12.24
C SER B 12 1.04 4.56 -12.59
N ALA B 13 -0.18 4.60 -13.09
CA ALA B 13 -0.90 3.36 -13.45
C ALA B 13 -0.11 2.56 -14.48
N ALA B 14 0.49 3.23 -15.42
CA ALA B 14 1.27 2.54 -16.43
C ALA B 14 2.42 1.79 -15.77
N GLY B 15 3.00 2.42 -14.79
CA GLY B 15 4.14 1.85 -14.07
C GLY B 15 3.78 0.51 -13.43
N ASN B 16 2.61 0.41 -12.87
CA ASN B 16 2.20 -0.84 -12.24
C ASN B 16 2.20 -2.00 -13.24
N HIS B 17 1.71 -1.73 -14.43
CA HIS B 17 1.66 -2.75 -15.47
C HIS B 17 0.93 -3.99 -14.98
N GLY B 18 0.87 -5.00 -15.82
CA GLY B 18 0.18 -6.25 -15.48
C GLY B 18 1.05 -7.49 -15.73
N PHE B 19 2.20 -7.29 -16.31
CA PHE B 19 3.10 -8.42 -16.58
C PHE B 19 3.73 -8.92 -15.27
N PHE B 20 4.88 -8.39 -14.93
CA PHE B 20 5.57 -8.82 -13.71
C PHE B 20 4.73 -8.53 -12.47
N TRP B 21 4.12 -7.37 -12.45
CA TRP B 21 3.30 -6.96 -11.32
C TRP B 21 2.11 -7.90 -11.09
N GLY B 22 1.50 -8.34 -12.16
CA GLY B 22 0.35 -9.24 -12.04
C GLY B 22 0.74 -10.54 -11.34
N LEU B 23 1.90 -11.05 -11.69
CA LEU B 23 2.38 -12.30 -11.11
C LEU B 23 2.54 -12.18 -9.60
N LEU B 24 3.01 -11.04 -9.15
CA LEU B 24 3.22 -10.83 -7.72
C LEU B 24 1.93 -10.99 -6.92
N VAL B 25 0.86 -10.44 -7.43
CA VAL B 25 -0.42 -10.52 -6.72
C VAL B 25 -0.88 -11.97 -6.55
N VAL B 26 -0.77 -12.75 -7.59
CA VAL B 26 -1.20 -14.14 -7.52
C VAL B 26 -0.35 -14.92 -6.52
N THR B 27 0.93 -14.69 -6.56
CA THR B 27 1.85 -15.39 -5.67
C THR B 27 1.57 -15.08 -4.20
N LEU B 28 1.31 -13.84 -3.89
CA LEU B 28 1.06 -13.46 -2.52
C LEU B 28 -0.17 -14.20 -2.01
N ALA B 29 -1.18 -14.27 -2.83
CA ALA B 29 -2.40 -14.97 -2.43
C ALA B 29 -2.13 -16.45 -2.17
N TRP B 30 -1.35 -17.06 -3.02
CA TRP B 30 -1.04 -18.48 -2.86
C TRP B 30 -0.23 -18.76 -1.57
N HIS B 31 0.71 -17.91 -1.28
CA HIS B 31 1.57 -18.12 -0.10
C HIS B 31 0.79 -18.13 1.21
N VAL B 32 -0.14 -17.24 1.34
CA VAL B 32 -0.90 -17.16 2.59
C VAL B 32 -1.73 -18.42 2.85
N LYS B 33 -1.82 -19.31 1.90
CA LYS B 33 -2.59 -20.53 2.11
C LYS B 33 -2.23 -21.15 3.45
N GLY B 34 -0.99 -21.52 3.59
CA GLY B 34 -0.52 -22.14 4.82
C GLY B 34 -0.74 -21.22 6.01
N ARG B 35 -0.56 -19.95 5.81
CA ARG B 35 -0.74 -18.96 6.88
C ARG B 35 -2.18 -18.99 7.39
N LEU B 36 -3.10 -19.21 6.50
CA LEU B 36 -4.51 -19.21 6.82
C LEU B 36 -4.94 -20.24 7.88
N VAL B 37 -4.44 -21.45 7.81
CA VAL B 37 -4.85 -22.49 8.77
C VAL B 37 -4.48 -22.20 10.26
N PRO B 38 -3.27 -21.78 10.58
CA PRO B 38 -2.88 -21.45 11.98
C PRO B 38 -3.68 -20.27 12.53
N GLY B 39 -3.99 -19.36 11.66
CA GLY B 39 -4.76 -18.18 12.03
C GLY B 39 -6.14 -18.59 12.56
N ALA B 40 -6.70 -19.58 11.93
CA ALA B 40 -8.03 -20.06 12.31
C ALA B 40 -8.06 -20.54 13.76
N THR B 41 -7.03 -21.22 14.19
CA THR B 41 -6.99 -21.74 15.57
C THR B 41 -6.64 -20.64 16.58
N TYR B 42 -7.53 -20.44 17.52
CA TYR B 42 -7.32 -19.43 18.56
C TYR B 42 -8.44 -19.47 19.61
N LEU B 43 -9.66 -19.57 19.13
CA LEU B 43 -10.84 -19.62 20.00
C LEU B 43 -11.03 -18.35 20.82
N SER B 44 -10.09 -18.10 21.68
CA SER B 44 -10.14 -16.93 22.55
C SER B 44 -10.50 -15.67 21.76
N LEU B 45 -10.51 -14.55 22.43
CA LEU B 45 -10.83 -13.28 21.77
C LEU B 45 -12.25 -13.35 21.20
N GLY B 46 -13.16 -13.82 22.00
CA GLY B 46 -14.56 -13.96 21.58
C GLY B 46 -15.41 -12.77 22.02
N VAL B 47 -15.20 -12.33 23.25
CA VAL B 47 -15.95 -11.19 23.78
C VAL B 47 -15.08 -10.46 24.80
N TRP B 48 -14.12 -9.68 24.36
CA TRP B 48 -13.28 -8.91 25.26
C TRP B 48 -12.50 -7.84 24.46
N PRO B 49 -11.78 -8.22 23.41
CA PRO B 49 -10.99 -7.25 22.62
C PRO B 49 -11.86 -6.48 21.63
N LEU B 50 -12.91 -7.10 21.18
CA LEU B 50 -13.81 -6.51 20.19
C LEU B 50 -14.36 -5.15 20.66
N LEU B 51 -14.60 -4.98 21.92
CA LEU B 51 -15.17 -3.72 22.39
C LEU B 51 -14.33 -2.51 21.93
N LEU B 52 -13.04 -2.65 21.96
CA LEU B 52 -12.15 -1.56 21.52
C LEU B 52 -12.48 -1.18 20.07
N VAL B 53 -12.78 -2.16 19.26
CA VAL B 53 -13.14 -1.94 17.85
C VAL B 53 -14.35 -1.02 17.75
N ARG B 54 -15.16 -1.04 18.77
CA ARG B 54 -16.38 -0.25 18.77
C ARG B 54 -16.06 1.21 18.43
N LEU B 55 -14.98 1.73 18.94
CA LEU B 55 -14.63 3.11 18.61
C LEU B 55 -14.47 3.24 17.09
N LEU B 56 -13.77 2.28 16.53
CA LEU B 56 -13.51 2.16 15.08
C LEU B 56 -14.79 1.85 14.27
N ARG B 57 -15.67 1.11 14.89
CA ARG B 57 -16.90 0.61 14.23
C ARG B 57 -17.79 1.70 13.56
N PRO B 58 -18.05 2.84 14.16
CA PRO B 58 -18.88 3.88 13.49
C PRO B 58 -18.25 4.32 12.16
N HIS B 59 -16.95 4.42 12.15
CA HIS B 59 -16.22 4.81 10.93
C HIS B 59 -16.87 6.04 10.29
N ARG B 60 -17.08 7.07 11.07
CA ARG B 60 -17.68 8.30 10.57
C ARG B 60 -16.86 8.82 9.40
N ALA B 61 -17.51 9.56 8.52
CA ALA B 61 -16.82 10.13 7.35
C ALA B 61 -16.53 11.61 7.56
N LEU B 62 -16.89 12.12 8.71
CA LEU B 62 -16.64 13.52 9.03
C LEU B 62 -15.13 13.77 9.10
N ALA B 63 -14.42 12.85 9.68
CA ALA B 63 -12.97 12.97 9.82
C ALA B 63 -12.58 14.39 10.24
N GLY C 1 -6.46 14.08 -21.57
CA GLY C 1 -7.12 14.97 -22.56
C GLY C 1 -8.61 15.08 -22.23
N ALA C 2 -9.17 14.00 -21.78
CA ALA C 2 -10.59 13.99 -21.44
C ALA C 2 -10.97 12.66 -20.78
N LYS C 3 -11.96 12.01 -21.32
CA LYS C 3 -12.42 10.73 -20.78
C LYS C 3 -11.48 9.61 -21.21
N ASN C 4 -10.28 9.65 -20.70
CA ASN C 4 -9.27 8.63 -20.99
C ASN C 4 -8.39 8.44 -19.76
N VAL C 5 -8.28 9.47 -18.97
CA VAL C 5 -7.48 9.42 -17.76
C VAL C 5 -8.27 8.69 -16.67
N ILE C 6 -9.44 9.17 -16.41
CA ILE C 6 -10.31 8.58 -15.42
C ILE C 6 -10.61 7.12 -15.81
N VAL C 7 -10.72 6.92 -17.09
CA VAL C 7 -10.97 5.59 -17.64
C VAL C 7 -9.86 4.62 -17.24
N LEU C 8 -8.64 5.09 -17.30
CA LEU C 8 -7.49 4.26 -16.95
C LEU C 8 -7.62 3.77 -15.50
N ASN C 9 -8.09 4.63 -14.63
CA ASN C 9 -8.26 4.24 -13.24
C ASN C 9 -9.24 3.06 -13.17
N ALA C 10 -10.27 3.15 -13.96
CA ALA C 10 -11.29 2.10 -13.99
C ALA C 10 -10.64 0.77 -14.34
N ALA C 11 -9.72 0.80 -15.26
CA ALA C 11 -9.03 -0.42 -15.66
C ALA C 11 -8.34 -1.08 -14.48
N SER C 12 -7.76 -0.27 -13.62
CA SER C 12 -7.10 -0.81 -12.44
C SER C 12 -8.09 -1.57 -11.57
N ALA C 13 -9.28 -1.03 -11.42
CA ALA C 13 -10.31 -1.65 -10.60
C ALA C 13 -10.67 -3.04 -11.14
N ALA C 14 -10.73 -3.15 -12.44
CA ALA C 14 -11.04 -4.43 -13.06
C ALA C 14 -9.95 -5.44 -12.69
N GLY C 15 -8.73 -4.99 -12.71
CA GLY C 15 -7.59 -5.84 -12.39
C GLY C 15 -7.70 -6.37 -10.96
N ASN C 16 -8.11 -5.53 -10.05
CA ASN C 16 -8.23 -5.94 -8.65
C ASN C 16 -9.23 -7.09 -8.51
N HIS C 17 -10.32 -7.01 -9.23
CA HIS C 17 -11.33 -8.05 -9.18
C HIS C 17 -10.68 -9.43 -9.31
N GLY C 18 -10.57 -10.11 -8.20
CA GLY C 18 -9.95 -11.43 -8.19
C GLY C 18 -10.48 -12.28 -7.05
N PHE C 19 -10.44 -13.58 -7.23
CA PHE C 19 -10.92 -14.53 -6.22
C PHE C 19 -9.85 -14.78 -5.13
N PHE C 20 -8.72 -15.31 -5.54
CA PHE C 20 -7.65 -15.62 -4.59
C PHE C 20 -7.17 -14.37 -3.87
N TRP C 21 -7.06 -13.28 -4.59
CA TRP C 21 -6.60 -12.03 -4.00
C TRP C 21 -7.49 -11.59 -2.84
N GLY C 22 -8.77 -11.75 -2.99
CA GLY C 22 -9.72 -11.38 -1.96
C GLY C 22 -9.46 -12.15 -0.66
N LEU C 23 -9.14 -13.40 -0.79
CA LEU C 23 -8.89 -14.26 0.36
C LEU C 23 -7.72 -13.73 1.21
N LEU C 24 -6.69 -13.26 0.57
CA LEU C 24 -5.52 -12.79 1.31
C LEU C 24 -5.83 -11.65 2.28
N VAL C 25 -6.60 -10.69 1.85
CA VAL C 25 -6.90 -9.56 2.72
C VAL C 25 -7.68 -9.98 3.97
N VAL C 26 -8.68 -10.80 3.80
CA VAL C 26 -9.47 -11.26 4.94
C VAL C 26 -8.65 -12.12 5.90
N THR C 27 -7.90 -13.01 5.34
CA THR C 27 -7.08 -13.93 6.14
C THR C 27 -6.03 -13.21 6.96
N LEU C 28 -5.36 -12.28 6.34
CA LEU C 28 -4.31 -11.55 7.01
C LEU C 28 -4.84 -10.74 8.18
N ALA C 29 -5.94 -10.09 8.00
CA ALA C 29 -6.49 -9.23 9.05
C ALA C 29 -6.86 -9.99 10.32
N TRP C 30 -7.55 -11.10 10.19
CA TRP C 30 -7.93 -11.85 11.38
C TRP C 30 -6.72 -12.47 12.07
N HIS C 31 -5.77 -12.93 11.31
CA HIS C 31 -4.60 -13.60 11.88
C HIS C 31 -3.82 -12.70 12.84
N VAL C 32 -3.63 -11.46 12.50
CA VAL C 32 -2.85 -10.57 13.37
C VAL C 32 -3.46 -10.49 14.77
N LYS C 33 -4.62 -11.08 14.94
CA LYS C 33 -5.30 -11.06 16.24
C LYS C 33 -4.27 -11.24 17.38
N GLY C 34 -3.50 -12.29 17.31
CA GLY C 34 -2.51 -12.58 18.34
C GLY C 34 -1.52 -11.43 18.51
N ARG C 35 -1.16 -10.80 17.43
CA ARG C 35 -0.22 -9.67 17.48
C ARG C 35 -0.76 -8.57 18.38
N LEU C 36 -2.04 -8.39 18.34
CA LEU C 36 -2.70 -7.32 19.10
C LEU C 36 -2.54 -7.41 20.64
N VAL C 37 -2.70 -8.57 21.23
CA VAL C 37 -2.63 -8.65 22.71
C VAL C 37 -1.27 -8.23 23.29
N PRO C 38 -0.17 -8.68 22.75
CA PRO C 38 1.20 -8.26 23.20
C PRO C 38 1.40 -6.76 23.06
N GLY C 39 0.80 -6.21 22.04
CA GLY C 39 0.87 -4.78 21.78
C GLY C 39 0.27 -3.97 22.92
N ALA C 40 -0.79 -4.49 23.48
CA ALA C 40 -1.50 -3.78 24.55
C ALA C 40 -0.59 -3.50 25.75
N THR C 41 0.25 -4.45 26.11
CA THR C 41 1.16 -4.29 27.26
C THR C 41 1.61 -2.83 27.42
N TYR C 42 1.19 -2.22 28.50
CA TYR C 42 1.52 -0.82 28.78
C TYR C 42 2.75 -0.70 29.67
N LEU C 43 3.89 -0.94 29.11
CA LEU C 43 5.15 -0.85 29.86
C LEU C 43 5.69 0.58 29.81
N SER C 44 5.40 1.35 30.84
CA SER C 44 5.87 2.73 30.91
C SER C 44 5.73 3.44 29.57
N LEU C 45 4.61 4.08 29.37
CA LEU C 45 4.33 4.80 28.11
C LEU C 45 3.56 6.09 28.40
N GLY C 46 3.81 6.67 29.54
CA GLY C 46 3.13 7.90 29.93
C GLY C 46 3.24 8.99 28.86
N VAL C 47 4.43 9.52 28.68
CA VAL C 47 4.65 10.61 27.72
C VAL C 47 5.90 10.37 26.87
N TRP C 48 6.68 9.39 27.25
CA TRP C 48 7.89 9.10 26.51
C TRP C 48 7.62 8.93 25.00
N PRO C 49 6.61 8.19 24.60
CA PRO C 49 6.33 7.98 23.15
C PRO C 49 5.69 9.21 22.49
N LEU C 50 4.72 9.77 23.15
CA LEU C 50 3.99 10.91 22.60
C LEU C 50 4.91 12.07 22.22
N LEU C 51 5.96 12.32 22.96
CA LEU C 51 6.82 13.44 22.62
C LEU C 51 7.32 13.28 21.18
N LEU C 52 7.73 12.08 20.84
CA LEU C 52 8.22 11.85 19.48
C LEU C 52 7.09 12.18 18.50
N VAL C 53 5.90 11.76 18.87
CA VAL C 53 4.69 12.02 18.07
C VAL C 53 4.46 13.52 17.92
N ARG C 54 4.86 14.28 18.91
CA ARG C 54 4.65 15.71 18.88
C ARG C 54 5.21 16.29 17.59
N LEU C 55 6.33 15.79 17.16
CA LEU C 55 6.94 16.31 15.93
C LEU C 55 5.93 16.20 14.77
N LEU C 56 5.24 15.09 14.72
CA LEU C 56 4.19 14.81 13.72
C LEU C 56 2.94 15.71 13.87
N ARG C 57 2.64 16.02 15.10
CA ARG C 57 1.41 16.76 15.47
C ARG C 57 1.23 18.16 14.80
N PRO C 58 2.22 19.00 14.66
CA PRO C 58 2.04 20.33 14.01
C PRO C 58 1.51 20.20 12.57
N HIS C 59 1.99 19.22 11.86
CA HIS C 59 1.55 19.01 10.47
C HIS C 59 0.05 19.26 10.33
N ARG C 60 -0.37 19.58 9.13
CA ARG C 60 -1.79 19.84 8.87
C ARG C 60 -2.07 19.70 7.38
N ALA C 61 -3.34 19.57 7.04
CA ALA C 61 -3.71 19.43 5.64
C ALA C 61 -3.28 20.65 4.83
N LEU C 62 -3.70 20.71 3.60
CA LEU C 62 -3.33 21.82 2.73
C LEU C 62 -1.89 21.65 2.26
N ALA C 63 -1.13 20.90 3.01
CA ALA C 63 0.27 20.65 2.67
C ALA C 63 0.94 21.88 2.08
N GLY D 1 -19.54 7.41 -20.38
CA GLY D 1 -18.13 7.59 -19.92
C GLY D 1 -18.01 8.94 -19.19
N ALA D 2 -18.22 8.92 -17.91
CA ALA D 2 -18.13 10.14 -17.11
C ALA D 2 -18.21 9.81 -15.62
N LYS D 3 -19.40 9.59 -15.14
CA LYS D 3 -19.61 9.27 -13.72
C LYS D 3 -19.42 7.78 -13.49
N ASN D 4 -19.97 6.97 -14.36
CA ASN D 4 -19.84 5.52 -14.22
C ASN D 4 -18.41 5.14 -13.88
N VAL D 5 -17.47 5.89 -14.38
CA VAL D 5 -16.06 5.64 -14.11
C VAL D 5 -15.79 5.80 -12.61
N ILE D 6 -16.13 6.94 -12.09
CA ILE D 6 -15.93 7.24 -10.68
C ILE D 6 -16.71 6.25 -9.82
N VAL D 7 -17.86 5.87 -10.31
CA VAL D 7 -18.72 4.91 -9.62
C VAL D 7 -17.97 3.60 -9.40
N LEU D 8 -17.24 3.17 -10.39
CA LEU D 8 -16.48 1.92 -10.29
C LEU D 8 -15.52 1.98 -9.10
N ASN D 9 -14.91 3.11 -8.89
CA ASN D 9 -13.99 3.26 -7.77
C ASN D 9 -14.73 3.01 -6.46
N ALA D 10 -15.92 3.55 -6.38
CA ALA D 10 -16.73 3.40 -5.16
C ALA D 10 -16.94 1.93 -4.85
N ALA D 11 -17.14 1.14 -5.87
CA ALA D 11 -17.36 -0.29 -5.67
C ALA D 11 -16.17 -0.88 -4.92
N SER D 12 -14.98 -0.44 -5.25
CA SER D 12 -13.79 -0.94 -4.56
C SER D 12 -13.89 -0.61 -3.06
N ALA D 13 -14.34 0.59 -2.77
CA ALA D 13 -14.47 1.05 -1.39
C ALA D 13 -15.40 0.13 -0.60
N ALA D 14 -16.46 -0.31 -1.22
CA ALA D 14 -17.40 -1.20 -0.54
C ALA D 14 -16.67 -2.47 -0.12
N GLY D 15 -15.85 -2.97 -1.01
CA GLY D 15 -15.11 -4.20 -0.73
C GLY D 15 -14.21 -4.03 0.48
N ASN D 16 -13.55 -2.90 0.58
CA ASN D 16 -12.68 -2.63 1.72
C ASN D 16 -13.48 -2.61 3.02
N HIS D 17 -14.65 -2.01 2.97
CA HIS D 17 -15.50 -1.91 4.15
C HIS D 17 -15.74 -3.29 4.75
N GLY D 18 -15.22 -3.50 5.93
CA GLY D 18 -15.38 -4.77 6.62
C GLY D 18 -14.97 -4.65 8.09
N PHE D 19 -15.44 -5.56 8.89
CA PHE D 19 -15.12 -5.56 10.32
C PHE D 19 -13.66 -6.00 10.56
N PHE D 20 -13.28 -7.12 9.99
CA PHE D 20 -11.92 -7.65 10.15
C PHE D 20 -10.87 -6.66 9.66
N TRP D 21 -11.15 -6.00 8.57
CA TRP D 21 -10.22 -5.06 7.99
C TRP D 21 -9.88 -3.93 8.98
N GLY D 22 -10.86 -3.46 9.67
CA GLY D 22 -10.65 -2.38 10.64
C GLY D 22 -9.67 -2.81 11.73
N LEU D 23 -9.80 -4.03 12.17
CA LEU D 23 -8.93 -4.57 13.22
C LEU D 23 -7.47 -4.57 12.78
N LEU D 24 -7.23 -4.86 11.54
CA LEU D 24 -5.87 -4.95 11.02
C LEU D 24 -5.11 -3.63 11.19
N VAL D 25 -5.73 -2.53 10.88
CA VAL D 25 -5.04 -1.26 10.99
C VAL D 25 -4.64 -0.96 12.43
N VAL D 26 -5.52 -1.20 13.35
CA VAL D 26 -5.22 -0.97 14.76
C VAL D 26 -4.13 -1.92 15.25
N THR D 27 -4.26 -3.16 14.87
CA THR D 27 -3.31 -4.18 15.31
C THR D 27 -1.90 -3.94 14.79
N LEU D 28 -1.78 -3.59 13.55
CA LEU D 28 -0.46 -3.36 12.99
C LEU D 28 0.24 -2.23 13.72
N ALA D 29 -0.50 -1.18 13.98
CA ALA D 29 0.08 -0.03 14.67
C ALA D 29 0.56 -0.41 16.08
N TRP D 30 -0.23 -1.18 16.78
CA TRP D 30 0.11 -1.58 18.14
C TRP D 30 1.37 -2.45 18.19
N HIS D 31 1.51 -3.35 17.25
CA HIS D 31 2.66 -4.26 17.24
C HIS D 31 3.99 -3.53 17.15
N VAL D 32 4.05 -2.53 16.32
CA VAL D 32 5.29 -1.79 16.13
C VAL D 32 5.65 -0.93 17.34
N LYS D 33 4.77 -0.84 18.28
CA LYS D 33 5.04 -0.02 19.47
C LYS D 33 6.42 -0.35 20.04
N GLY D 34 6.61 -1.59 20.41
CA GLY D 34 7.89 -2.02 20.95
C GLY D 34 9.02 -1.78 19.95
N ARG D 35 8.74 -1.99 18.70
CA ARG D 35 9.74 -1.81 17.65
C ARG D 35 10.26 -0.38 17.62
N LEU D 36 9.40 0.55 17.89
CA LEU D 36 9.76 1.98 17.85
C LEU D 36 10.86 2.38 18.84
N VAL D 37 10.84 1.86 20.04
CA VAL D 37 11.82 2.28 21.07
C VAL D 37 13.30 1.95 20.71
N PRO D 38 13.65 0.76 20.24
CA PRO D 38 15.06 0.43 19.84
C PRO D 38 15.53 1.31 18.68
N GLY D 39 14.61 1.64 17.82
CA GLY D 39 14.90 2.49 16.67
C GLY D 39 15.41 3.86 17.13
N ALA D 40 14.80 4.37 18.17
CA ALA D 40 15.16 5.67 18.70
C ALA D 40 16.63 5.73 19.09
N THR D 41 17.13 4.69 19.70
CA THR D 41 18.53 4.66 20.12
C THR D 41 19.46 4.28 18.97
N TYR D 42 20.29 5.22 18.58
CA TYR D 42 21.24 4.99 17.49
C TYR D 42 22.20 6.20 17.37
N LEU D 43 23.42 5.99 17.75
CA LEU D 43 24.43 7.06 17.71
C LEU D 43 25.18 7.04 16.38
N SER D 44 24.46 7.25 15.30
CA SER D 44 25.08 7.26 13.98
C SER D 44 24.11 7.81 12.95
N LEU D 45 24.61 8.06 11.76
CA LEU D 45 23.78 8.61 10.68
C LEU D 45 23.27 10.00 11.08
N GLY D 46 24.14 10.81 11.61
CA GLY D 46 23.79 12.15 12.05
C GLY D 46 23.47 13.11 10.91
N VAL D 47 24.42 13.32 10.03
CA VAL D 47 24.23 14.27 8.91
C VAL D 47 24.10 13.56 7.56
N TRP D 48 24.59 12.35 7.49
CA TRP D 48 24.53 11.59 6.24
C TRP D 48 23.10 11.50 5.69
N PRO D 49 22.08 11.30 6.51
CA PRO D 49 20.68 11.22 6.00
C PRO D 49 20.29 12.45 5.18
N LEU D 50 20.55 13.60 5.74
CA LEU D 50 20.16 14.87 5.13
C LEU D 50 20.68 15.02 3.69
N LEU D 51 21.87 14.56 3.39
CA LEU D 51 22.35 14.72 2.02
C LEU D 51 21.40 14.03 1.04
N LEU D 52 21.01 12.82 1.37
CA LEU D 52 20.09 12.08 0.50
C LEU D 52 18.79 12.87 0.37
N VAL D 53 18.34 13.40 1.46
CA VAL D 53 17.12 14.20 1.51
C VAL D 53 17.20 15.40 0.58
N ARG D 54 18.38 15.91 0.39
CA ARG D 54 18.54 17.09 -0.45
C ARG D 54 17.93 16.82 -1.83
N LEU D 55 18.12 15.63 -2.35
CA LEU D 55 17.54 15.33 -3.66
C LEU D 55 16.02 15.47 -3.57
N LEU D 56 15.48 14.94 -2.51
CA LEU D 56 14.04 14.96 -2.17
C LEU D 56 13.47 16.37 -1.85
N ARG D 57 14.30 17.21 -1.31
CA ARG D 57 13.86 18.53 -0.81
C ARG D 57 13.08 19.42 -1.81
N PRO D 58 13.43 19.46 -3.07
CA PRO D 58 12.69 20.30 -4.05
C PRO D 58 11.23 19.87 -4.15
N HIS D 59 11.01 18.58 -4.12
CA HIS D 59 9.66 18.03 -4.19
C HIS D 59 8.86 18.70 -5.31
N ARG D 60 9.50 18.93 -6.41
CA ARG D 60 8.84 19.55 -7.56
C ARG D 60 7.51 18.86 -7.84
N ALA D 61 6.44 19.61 -7.80
CA ALA D 61 5.11 19.05 -8.05
C ALA D 61 4.68 19.28 -9.49
N LEU D 62 5.41 20.10 -10.19
CA LEU D 62 5.10 20.38 -11.58
C LEU D 62 5.18 19.10 -12.39
N ALA D 63 6.15 18.28 -12.07
CA ALA D 63 6.34 17.00 -12.75
C ALA D 63 6.11 17.14 -14.26
N GLY E 1 -25.10 8.65 -11.72
CA GLY E 1 -24.41 8.43 -10.41
C GLY E 1 -24.35 9.74 -9.63
N ALA E 2 -23.20 10.35 -9.64
CA ALA E 2 -23.01 11.62 -8.94
C ALA E 2 -23.16 11.42 -7.43
N LYS E 3 -22.30 12.06 -6.67
CA LYS E 3 -22.34 11.94 -5.22
C LYS E 3 -22.39 10.47 -4.82
N ASN E 4 -22.59 10.21 -3.55
CA ASN E 4 -22.66 8.83 -3.06
C ASN E 4 -21.57 7.96 -3.69
N VAL E 5 -20.55 8.60 -4.19
CA VAL E 5 -19.42 7.89 -4.80
C VAL E 5 -18.14 8.40 -4.17
N ILE E 6 -17.79 9.62 -4.47
CA ILE E 6 -16.62 10.26 -3.90
C ILE E 6 -16.76 10.26 -2.38
N VAL E 7 -17.98 10.39 -1.94
CA VAL E 7 -18.29 10.41 -0.51
C VAL E 7 -17.79 9.12 0.15
N LEU E 8 -17.97 8.02 -0.51
CA LEU E 8 -17.53 6.73 0.04
C LEU E 8 -16.02 6.75 0.28
N ASN E 9 -15.27 7.33 -0.63
CA ASN E 9 -13.83 7.41 -0.47
C ASN E 9 -13.48 8.19 0.80
N ALA E 10 -14.19 9.26 1.02
CA ALA E 10 -13.95 10.11 2.18
C ALA E 10 -14.07 9.28 3.45
N ALA E 11 -15.04 8.41 3.49
CA ALA E 11 -15.23 7.56 4.65
C ALA E 11 -13.98 6.75 4.93
N SER E 12 -13.34 6.26 3.90
CA SER E 12 -12.12 5.48 4.08
C SER E 12 -11.05 6.33 4.75
N ALA E 13 -10.95 7.57 4.33
CA ALA E 13 -9.97 8.50 4.88
C ALA E 13 -10.15 8.67 6.38
N ALA E 14 -11.38 8.69 6.81
CA ALA E 14 -11.67 8.84 8.23
C ALA E 14 -11.04 7.67 8.99
N GLY E 15 -11.15 6.50 8.42
CA GLY E 15 -10.62 5.30 9.05
C GLY E 15 -9.10 5.44 9.28
N ASN E 16 -8.42 5.96 8.30
CA ASN E 16 -6.97 6.14 8.41
C ASN E 16 -6.64 7.09 9.57
N HIS E 17 -7.42 8.13 9.71
CA HIS E 17 -7.21 9.11 10.76
C HIS E 17 -7.26 8.45 12.13
N GLY E 18 -6.12 8.39 12.78
CA GLY E 18 -6.04 7.79 14.09
C GLY E 18 -4.60 7.82 14.61
N PHE E 19 -4.39 8.52 15.70
CA PHE E 19 -3.07 8.66 16.31
C PHE E 19 -2.25 7.37 16.16
N PHE E 20 -2.88 6.26 16.37
CA PHE E 20 -2.18 4.98 16.26
C PHE E 20 -1.62 4.81 14.85
N TRP E 21 -2.41 5.17 13.87
CA TRP E 21 -2.00 5.03 12.47
C TRP E 21 -0.76 5.88 12.18
N GLY E 22 -0.74 7.07 12.72
CA GLY E 22 0.39 7.98 12.51
C GLY E 22 1.69 7.38 13.04
N LEU E 23 1.60 6.72 14.15
CA LEU E 23 2.77 6.11 14.79
C LEU E 23 3.43 5.07 13.86
N LEU E 24 2.64 4.33 13.14
CA LEU E 24 3.17 3.28 12.28
C LEU E 24 4.14 3.83 11.24
N VAL E 25 3.80 4.93 10.62
CA VAL E 25 4.67 5.49 9.60
C VAL E 25 6.03 5.88 10.16
N VAL E 26 6.04 6.51 11.30
CA VAL E 26 7.29 6.93 11.91
C VAL E 26 8.17 5.74 12.30
N THR E 27 7.56 4.74 12.86
CA THR E 27 8.31 3.56 13.30
C THR E 27 8.99 2.83 12.16
N LEU E 28 8.30 2.66 11.07
CA LEU E 28 8.87 1.97 9.94
C LEU E 28 10.10 2.71 9.43
N ALA E 29 9.98 4.01 9.33
CA ALA E 29 11.10 4.82 8.85
C ALA E 29 12.32 4.75 9.77
N TRP E 30 12.09 4.76 11.05
CA TRP E 30 13.20 4.71 12.01
C TRP E 30 13.98 3.39 11.92
N HIS E 31 13.27 2.29 11.81
CA HIS E 31 13.91 0.97 11.76
C HIS E 31 14.84 0.80 10.56
N VAL E 32 14.42 1.26 9.43
CA VAL E 32 15.21 1.10 8.21
C VAL E 32 16.56 1.82 8.26
N LYS E 33 16.76 2.66 9.24
CA LYS E 33 18.06 3.37 9.32
C LYS E 33 19.20 2.39 9.13
N GLY E 34 19.28 1.39 9.96
CA GLY E 34 20.34 0.40 9.88
C GLY E 34 20.33 -0.30 8.52
N ARG E 35 19.16 -0.56 7.99
CA ARG E 35 19.04 -1.22 6.69
C ARG E 35 19.73 -0.39 5.60
N LEU E 36 19.64 0.90 5.73
CA LEU E 36 20.20 1.82 4.74
C LEU E 36 21.73 1.74 4.54
N VAL E 37 22.51 1.65 5.60
CA VAL E 37 23.98 1.66 5.43
C VAL E 37 24.51 0.45 4.63
N PRO E 38 24.07 -0.75 4.92
CA PRO E 38 24.47 -1.98 4.15
C PRO E 38 24.08 -1.85 2.67
N GLY E 39 22.97 -1.21 2.45
CA GLY E 39 22.45 -0.98 1.12
C GLY E 39 23.45 -0.16 0.28
N ALA E 40 24.08 0.77 0.92
CA ALA E 40 25.02 1.66 0.23
C ALA E 40 26.12 0.87 -0.48
N THR E 41 26.62 -0.18 0.13
CA THR E 41 27.67 -0.97 -0.52
C THR E 41 27.30 -1.24 -1.98
N TYR E 42 28.06 -0.66 -2.89
CA TYR E 42 27.80 -0.79 -4.32
C TYR E 42 28.86 -1.68 -4.99
N LEU E 43 28.65 -2.95 -4.91
CA LEU E 43 29.58 -3.91 -5.51
C LEU E 43 29.31 -4.02 -7.01
N SER E 44 29.56 -5.19 -7.54
CA SER E 44 29.35 -5.42 -8.98
C SER E 44 27.93 -5.05 -9.38
N LEU E 45 27.72 -3.81 -9.71
CA LEU E 45 26.40 -3.32 -10.13
C LEU E 45 26.56 -2.32 -11.26
N GLY E 46 27.58 -2.51 -12.05
CA GLY E 46 27.87 -1.61 -13.17
C GLY E 46 26.68 -1.46 -14.12
N VAL E 47 26.35 -2.52 -14.83
CA VAL E 47 25.24 -2.47 -15.79
C VAL E 47 24.29 -3.66 -15.64
N TRP E 48 24.69 -4.64 -14.87
CA TRP E 48 23.85 -5.82 -14.69
C TRP E 48 22.43 -5.42 -14.27
N PRO E 49 22.26 -4.50 -13.33
CA PRO E 49 20.90 -4.09 -12.88
C PRO E 49 20.29 -3.02 -13.79
N LEU E 50 21.03 -1.98 -14.04
CA LEU E 50 20.56 -0.85 -14.84
C LEU E 50 20.06 -1.28 -16.22
N LEU E 51 20.68 -2.23 -16.86
CA LEU E 51 20.22 -2.59 -18.19
C LEU E 51 18.74 -2.99 -18.11
N LEU E 52 18.40 -3.75 -17.11
CA LEU E 52 17.00 -4.16 -16.94
C LEU E 52 16.13 -2.91 -16.75
N VAL E 53 16.65 -1.98 -16.00
CA VAL E 53 15.96 -0.72 -15.73
C VAL E 53 15.68 0.03 -17.03
N ARG E 54 16.55 -0.12 -17.99
CA ARG E 54 16.38 0.58 -19.26
C ARG E 54 15.01 0.29 -19.86
N LEU E 55 14.57 -0.93 -19.77
CA LEU E 55 13.26 -1.27 -20.33
C LEU E 55 12.18 -0.40 -19.67
N LEU E 56 12.30 -0.27 -18.37
CA LEU E 56 11.41 0.56 -17.53
C LEU E 56 11.55 2.08 -17.81
N ARG E 57 12.75 2.46 -18.14
CA ARG E 57 13.12 3.88 -18.31
C ARG E 57 12.28 4.67 -19.34
N PRO E 58 11.96 4.17 -20.51
CA PRO E 58 11.12 4.94 -21.49
C PRO E 58 9.75 5.27 -20.91
N HIS E 59 9.18 4.33 -20.21
CA HIS E 59 7.86 4.53 -19.60
C HIS E 59 6.85 5.03 -20.63
N ARG E 60 5.61 5.04 -20.25
CA ARG E 60 4.54 5.48 -21.16
C ARG E 60 3.22 5.60 -20.40
N ALA E 61 2.76 6.80 -20.21
CA ALA E 61 1.51 7.01 -19.50
C ALA E 61 0.32 6.60 -20.36
N LEU E 62 0.59 6.14 -21.55
CA LEU E 62 -0.47 5.70 -22.45
C LEU E 62 -1.17 4.47 -21.88
N ALA E 63 -0.40 3.57 -21.35
CA ALA E 63 -0.95 2.34 -20.76
C ALA E 63 -2.06 1.78 -21.63
N GLY F 1 -22.33 16.18 -0.15
CA GLY F 1 -22.26 17.61 -0.59
C GLY F 1 -20.90 17.89 -1.21
N ALA F 2 -20.79 19.01 -1.86
CA ALA F 2 -19.53 19.39 -2.50
C ALA F 2 -18.47 19.69 -1.44
N LYS F 3 -17.23 19.56 -1.83
CA LYS F 3 -16.12 19.82 -0.92
C LYS F 3 -16.27 18.99 0.35
N ASN F 4 -15.27 19.05 1.18
CA ASN F 4 -15.28 18.29 2.44
C ASN F 4 -15.20 16.80 2.17
N VAL F 5 -14.82 16.44 0.97
CA VAL F 5 -14.66 15.04 0.58
C VAL F 5 -13.22 14.82 0.15
N ILE F 6 -12.89 15.34 -1.00
CA ILE F 6 -11.54 15.26 -1.52
C ILE F 6 -10.57 15.92 -0.55
N VAL F 7 -11.07 16.94 0.11
CA VAL F 7 -10.25 17.68 1.07
C VAL F 7 -9.72 16.73 2.14
N LEU F 8 -10.55 15.83 2.57
CA LEU F 8 -10.13 14.88 3.60
C LEU F 8 -8.94 14.06 3.09
N ASN F 9 -8.98 13.68 1.85
CA ASN F 9 -7.89 12.92 1.25
C ASN F 9 -6.60 13.74 1.28
N ALA F 10 -6.75 15.01 0.99
CA ALA F 10 -5.60 15.90 0.94
C ALA F 10 -4.88 15.87 2.29
N ALA F 11 -5.62 15.84 3.36
CA ALA F 11 -5.02 15.81 4.68
C ALA F 11 -4.10 14.59 4.80
N SER F 12 -4.53 13.48 4.26
CA SER F 12 -3.71 12.28 4.30
C SER F 12 -2.41 12.53 3.53
N ALA F 13 -2.54 13.16 2.39
CA ALA F 13 -1.38 13.45 1.54
C ALA F 13 -0.36 14.32 2.25
N ALA F 14 -0.82 15.28 3.00
CA ALA F 14 0.11 16.13 3.73
C ALA F 14 0.92 15.30 4.72
N GLY F 15 0.23 14.41 5.37
CA GLY F 15 0.88 13.54 6.36
C GLY F 15 1.97 12.71 5.71
N ASN F 16 1.70 12.18 4.55
CA ASN F 16 2.70 11.38 3.84
C ASN F 16 3.93 12.23 3.50
N HIS F 17 3.68 13.43 3.07
CA HIS F 17 4.76 14.35 2.70
C HIS F 17 5.49 14.84 3.94
N GLY F 18 6.79 14.74 3.93
CA GLY F 18 7.59 15.18 5.06
C GLY F 18 9.06 14.78 4.91
N PHE F 19 9.81 14.99 5.95
CA PHE F 19 11.24 14.66 5.96
C PHE F 19 11.46 13.15 6.19
N PHE F 20 10.96 12.62 7.28
CA PHE F 20 11.14 11.22 7.61
C PHE F 20 10.58 10.29 6.52
N TRP F 21 9.44 10.62 5.99
CA TRP F 21 8.82 9.79 4.97
C TRP F 21 9.73 9.62 3.75
N GLY F 22 10.41 10.69 3.37
CA GLY F 22 11.29 10.64 2.22
C GLY F 22 12.35 9.56 2.37
N LEU F 23 12.84 9.41 3.57
CA LEU F 23 13.85 8.40 3.85
C LEU F 23 13.33 7.01 3.52
N LEU F 24 12.06 6.79 3.76
CA LEU F 24 11.47 5.47 3.54
C LEU F 24 11.64 4.96 2.10
N VAL F 25 11.36 5.79 1.13
CA VAL F 25 11.45 5.34 -0.26
C VAL F 25 12.88 5.02 -0.72
N VAL F 26 13.82 5.88 -0.43
CA VAL F 26 15.20 5.64 -0.89
C VAL F 26 15.83 4.42 -0.23
N THR F 27 15.69 4.31 1.06
CA THR F 27 16.29 3.20 1.78
C THR F 27 15.71 1.86 1.39
N LEU F 28 14.42 1.77 1.27
CA LEU F 28 13.80 0.50 0.92
C LEU F 28 14.25 0.06 -0.47
N ALA F 29 14.27 1.00 -1.39
CA ALA F 29 14.67 0.69 -2.76
C ALA F 29 16.12 0.22 -2.83
N TRP F 30 16.97 0.86 -2.10
CA TRP F 30 18.39 0.53 -2.09
C TRP F 30 18.66 -0.88 -1.54
N HIS F 31 18.00 -1.22 -0.47
CA HIS F 31 18.21 -2.51 0.19
C HIS F 31 17.83 -3.70 -0.70
N VAL F 32 16.74 -3.58 -1.40
CA VAL F 32 16.25 -4.67 -2.23
C VAL F 32 17.19 -5.00 -3.38
N LYS F 33 18.07 -4.10 -3.73
CA LYS F 33 19.00 -4.36 -4.84
C LYS F 33 19.53 -5.79 -4.76
N GLY F 34 20.01 -6.18 -3.61
CA GLY F 34 20.52 -7.53 -3.41
C GLY F 34 19.46 -8.59 -3.69
N ARG F 35 18.25 -8.31 -3.30
CA ARG F 35 17.13 -9.24 -3.50
C ARG F 35 16.94 -9.53 -4.99
N LEU F 36 17.15 -8.55 -5.80
CA LEU F 36 16.96 -8.66 -7.24
C LEU F 36 17.84 -9.72 -7.92
N VAL F 37 19.08 -9.83 -7.55
CA VAL F 37 19.99 -10.78 -8.21
C VAL F 37 19.60 -12.27 -8.07
N PRO F 38 19.24 -12.76 -6.88
CA PRO F 38 18.80 -14.20 -6.72
C PRO F 38 17.52 -14.47 -7.51
N GLY F 39 16.70 -13.46 -7.57
CA GLY F 39 15.44 -13.55 -8.31
C GLY F 39 15.71 -13.86 -9.78
N ALA F 40 16.73 -13.25 -10.31
CA ALA F 40 17.08 -13.45 -11.71
C ALA F 40 17.33 -14.93 -12.02
N THR F 41 17.99 -15.61 -11.12
CA THR F 41 18.27 -17.03 -11.31
C THR F 41 17.12 -17.89 -10.80
N TYR F 42 16.39 -18.47 -11.70
CA TYR F 42 15.27 -19.34 -11.34
C TYR F 42 14.82 -20.17 -12.53
N LEU F 43 15.77 -20.74 -13.23
CA LEU F 43 15.48 -21.56 -14.40
C LEU F 43 14.31 -22.51 -14.13
N SER F 44 13.11 -22.03 -14.35
CA SER F 44 11.92 -22.84 -14.12
C SER F 44 10.73 -22.23 -14.83
N LEU F 45 9.71 -23.03 -15.02
CA LEU F 45 8.48 -22.61 -15.67
C LEU F 45 8.80 -21.91 -16.99
N GLY F 46 9.24 -20.71 -16.85
CA GLY F 46 9.61 -19.85 -17.99
C GLY F 46 8.53 -18.79 -18.21
N VAL F 47 7.36 -19.24 -18.53
CA VAL F 47 6.25 -18.33 -18.80
C VAL F 47 4.89 -18.98 -18.55
N TRP F 48 4.88 -20.17 -18.00
CA TRP F 48 3.63 -20.85 -17.75
C TRP F 48 2.65 -19.94 -16.97
N PRO F 49 3.10 -19.21 -15.96
CA PRO F 49 2.21 -18.31 -15.18
C PRO F 49 1.49 -17.31 -16.09
N LEU F 50 2.14 -16.96 -17.17
CA LEU F 50 1.61 -15.98 -18.11
C LEU F 50 0.22 -16.35 -18.63
N LEU F 51 -0.06 -17.61 -18.84
CA LEU F 51 -1.37 -17.97 -19.34
C LEU F 51 -2.45 -17.42 -18.41
N LEU F 52 -2.24 -17.57 -17.12
CA LEU F 52 -3.21 -17.03 -16.15
C LEU F 52 -3.31 -15.51 -16.34
N VAL F 53 -2.18 -14.90 -16.52
CA VAL F 53 -2.10 -13.45 -16.75
C VAL F 53 -2.88 -13.05 -17.99
N ARG F 54 -2.96 -13.94 -18.93
CA ARG F 54 -3.66 -13.65 -20.17
C ARG F 54 -5.07 -13.16 -19.86
N LEU F 55 -5.68 -13.74 -18.87
CA LEU F 55 -7.03 -13.30 -18.50
C LEU F 55 -6.99 -11.80 -18.16
N LEU F 56 -5.98 -11.42 -17.42
CA LEU F 56 -5.72 -10.04 -17.00
C LEU F 56 -5.34 -9.11 -18.18
N ARG F 57 -4.66 -9.68 -19.13
CA ARG F 57 -4.10 -8.93 -20.28
C ARG F 57 -5.12 -8.09 -21.08
N PRO F 58 -6.29 -8.56 -21.41
CA PRO F 58 -7.30 -7.73 -22.15
C PRO F 58 -7.68 -6.47 -21.38
N HIS F 59 -7.80 -6.61 -20.08
CA HIS F 59 -8.18 -5.47 -19.23
C HIS F 59 -9.53 -4.91 -19.66
N ARG F 60 -10.57 -5.67 -19.43
CA ARG F 60 -11.91 -5.26 -19.79
C ARG F 60 -12.19 -3.84 -19.31
N ALA F 61 -11.81 -3.58 -18.08
CA ALA F 61 -12.02 -2.27 -17.49
C ALA F 61 -13.51 -1.96 -17.34
N LEU F 62 -14.33 -2.91 -17.69
CA LEU F 62 -15.78 -2.74 -17.58
C LEU F 62 -16.21 -2.95 -16.12
N ALA F 63 -15.68 -3.97 -15.51
CA ALA F 63 -15.99 -4.30 -14.12
C ALA F 63 -17.48 -4.07 -13.83
N GLY A 1 -11.18 26.78 -4.21
CA GLY A 1 -9.88 26.17 -4.57
C GLY A 1 -10.11 24.89 -5.38
N ALA A 2 -10.76 25.04 -6.51
CA ALA A 2 -11.04 23.89 -7.37
C ALA A 2 -9.75 23.18 -7.77
N LYS A 3 -8.84 23.93 -8.35
CA LYS A 3 -7.56 23.36 -8.78
C LYS A 3 -6.49 23.62 -7.73
N ASN A 4 -6.60 22.95 -6.61
CA ASN A 4 -5.65 23.10 -5.52
C ASN A 4 -5.65 21.83 -4.68
N VAL A 5 -6.81 21.30 -4.44
CA VAL A 5 -6.94 20.08 -3.66
C VAL A 5 -6.31 18.92 -4.44
N ILE A 6 -6.77 18.75 -5.65
CA ILE A 6 -6.26 17.71 -6.53
C ILE A 6 -4.78 17.94 -6.78
N VAL A 7 -4.41 19.19 -6.85
CA VAL A 7 -3.02 19.57 -7.09
C VAL A 7 -2.12 18.96 -6.00
N LEU A 8 -2.59 18.99 -4.78
CA LEU A 8 -1.80 18.43 -3.68
C LEU A 8 -1.53 16.94 -3.93
N ASN A 9 -2.52 16.24 -4.43
CA ASN A 9 -2.35 14.82 -4.71
C ASN A 9 -1.25 14.61 -5.75
N ALA A 10 -1.26 15.45 -6.75
CA ALA A 10 -0.27 15.36 -7.81
C ALA A 10 1.13 15.45 -7.23
N ALA A 11 1.30 16.29 -6.25
CA ALA A 11 2.61 16.45 -5.63
C ALA A 11 3.10 15.11 -5.08
N SER A 12 2.20 14.35 -4.51
CA SER A 12 2.58 13.04 -3.98
C SER A 12 3.12 12.17 -5.11
N ALA A 13 2.47 12.23 -6.24
CA ALA A 13 2.88 11.44 -7.39
C ALA A 13 4.31 11.80 -7.79
N ALA A 14 4.63 13.06 -7.72
CA ALA A 14 5.98 13.50 -8.05
C ALA A 14 6.98 12.84 -7.12
N GLY A 15 6.61 12.76 -5.87
CA GLY A 15 7.48 12.14 -4.86
C GLY A 15 7.77 10.69 -5.22
N ASN A 16 6.75 9.98 -5.66
CA ASN A 16 6.92 8.59 -6.04
C ASN A 16 7.89 8.45 -7.20
N HIS A 17 7.79 9.33 -8.16
CA HIS A 17 8.66 9.31 -9.33
C HIS A 17 10.12 9.22 -8.90
N GLY A 18 10.70 8.06 -9.07
CA GLY A 18 12.10 7.85 -8.70
C GLY A 18 12.66 6.64 -9.43
N PHE A 19 13.95 6.63 -9.62
CA PHE A 19 14.62 5.52 -10.30
C PHE A 19 14.79 4.30 -9.37
N PHE A 20 15.41 4.52 -8.24
CA PHE A 20 15.64 3.43 -7.29
C PHE A 20 14.31 2.82 -6.86
N TRP A 21 13.32 3.65 -6.66
CA TRP A 21 12.00 3.18 -6.25
C TRP A 21 11.42 2.21 -7.28
N GLY A 22 11.61 2.52 -8.54
CA GLY A 22 11.11 1.67 -9.61
C GLY A 22 11.73 0.27 -9.55
N LEU A 23 12.99 0.23 -9.24
CA LEU A 23 13.73 -1.03 -9.17
C LEU A 23 13.08 -1.97 -8.15
N LEU A 24 12.62 -1.43 -7.05
CA LEU A 24 12.02 -2.24 -6.00
C LEU A 24 10.85 -3.08 -6.52
N VAL A 25 10.01 -2.51 -7.33
CA VAL A 25 8.86 -3.28 -7.82
C VAL A 25 9.31 -4.50 -8.61
N VAL A 26 10.28 -4.34 -9.46
CA VAL A 26 10.79 -5.47 -10.24
C VAL A 26 11.42 -6.51 -9.34
N THR A 27 12.16 -6.06 -8.36
CA THR A 27 12.87 -6.95 -7.44
C THR A 27 11.91 -7.84 -6.66
N LEU A 28 10.86 -7.26 -6.15
CA LEU A 28 9.89 -8.01 -5.36
C LEU A 28 9.27 -9.11 -6.23
N ALA A 29 8.96 -8.77 -7.44
CA ALA A 29 8.34 -9.74 -8.34
C ALA A 29 9.24 -10.97 -8.56
N TRP A 30 10.51 -10.75 -8.76
CA TRP A 30 11.44 -11.84 -9.00
C TRP A 30 11.59 -12.78 -7.79
N HIS A 31 11.67 -12.20 -6.62
CA HIS A 31 11.87 -12.99 -5.39
C HIS A 31 10.71 -13.94 -5.12
N VAL A 32 9.52 -13.48 -5.30
CA VAL A 32 8.34 -14.30 -5.00
C VAL A 32 8.26 -15.57 -5.87
N LYS A 33 9.05 -15.65 -6.91
CA LYS A 33 9.00 -16.84 -7.76
C LYS A 33 8.99 -18.11 -6.91
N GLY A 34 9.97 -18.26 -6.08
CA GLY A 34 10.06 -19.44 -5.22
C GLY A 34 8.83 -19.58 -4.33
N ARG A 35 8.32 -18.48 -3.86
CA ARG A 35 7.14 -18.49 -2.99
C ARG A 35 5.93 -19.12 -3.69
N LEU A 36 5.82 -18.87 -4.97
CA LEU A 36 4.67 -19.36 -5.75
C LEU A 36 4.51 -20.90 -5.74
N VAL A 37 5.58 -21.63 -5.89
CA VAL A 37 5.46 -23.10 -5.97
C VAL A 37 4.88 -23.77 -4.68
N PRO A 38 5.34 -23.45 -3.49
CA PRO A 38 4.79 -24.04 -2.22
C PRO A 38 3.30 -23.68 -2.03
N GLY A 39 2.97 -22.49 -2.44
CA GLY A 39 1.60 -22.00 -2.33
C GLY A 39 0.63 -22.89 -3.10
N ALA A 40 1.06 -23.33 -4.25
CA ALA A 40 0.22 -24.17 -5.11
C ALA A 40 -0.20 -25.44 -4.37
N THR A 41 0.71 -26.04 -3.64
CA THR A 41 0.41 -27.28 -2.91
C THR A 41 0.02 -26.99 -1.46
N TYR A 42 -1.24 -27.16 -1.17
CA TYR A 42 -1.76 -26.95 0.18
C TYR A 42 -2.77 -28.04 0.51
N LEU A 43 -3.93 -27.66 0.96
CA LEU A 43 -5.00 -28.59 1.29
C LEU A 43 -6.18 -28.38 0.36
N SER A 44 -7.22 -29.14 0.58
CA SER A 44 -8.43 -29.05 -0.24
C SER A 44 -9.57 -28.46 0.59
N LEU A 45 -9.60 -27.15 0.66
CA LEU A 45 -10.65 -26.47 1.41
C LEU A 45 -11.98 -26.55 0.65
N GLY A 46 -12.11 -25.72 -0.35
CA GLY A 46 -13.31 -25.72 -1.19
C GLY A 46 -14.49 -25.03 -0.53
N VAL A 47 -14.66 -25.21 0.76
CA VAL A 47 -15.80 -24.61 1.48
C VAL A 47 -15.40 -23.38 2.31
N TRP A 48 -14.25 -23.42 2.91
CA TRP A 48 -13.82 -22.32 3.77
C TRP A 48 -13.61 -21.00 3.00
N PRO A 49 -13.14 -21.02 1.78
CA PRO A 49 -12.90 -19.78 1.00
C PRO A 49 -14.12 -19.35 0.18
N LEU A 50 -14.57 -20.21 -0.68
CA LEU A 50 -15.67 -19.88 -1.58
C LEU A 50 -16.90 -19.36 -0.82
N LEU A 51 -17.23 -19.91 0.30
CA LEU A 51 -18.38 -19.39 1.04
C LEU A 51 -18.15 -17.93 1.45
N LEU A 52 -16.96 -17.62 1.87
CA LEU A 52 -16.64 -16.25 2.32
C LEU A 52 -16.92 -15.23 1.21
N VAL A 53 -16.58 -15.56 -0.01
CA VAL A 53 -16.80 -14.66 -1.14
C VAL A 53 -18.28 -14.33 -1.29
N ARG A 54 -19.13 -15.26 -0.92
CA ARG A 54 -20.56 -15.06 -1.06
C ARG A 54 -20.97 -13.76 -0.37
N LEU A 55 -20.42 -13.50 0.78
CA LEU A 55 -20.78 -12.26 1.48
C LEU A 55 -20.42 -11.07 0.57
N LEU A 56 -19.25 -11.16 0.00
CA LEU A 56 -18.71 -10.16 -0.95
C LEU A 56 -19.47 -10.12 -2.29
N ARG A 57 -19.93 -11.27 -2.69
CA ARG A 57 -20.57 -11.43 -4.02
C ARG A 57 -21.77 -10.49 -4.31
N PRO A 58 -22.70 -10.26 -3.42
CA PRO A 58 -23.83 -9.33 -3.70
C PRO A 58 -23.32 -7.91 -3.99
N HIS A 59 -22.36 -7.50 -3.21
CA HIS A 59 -21.76 -6.18 -3.37
C HIS A 59 -22.85 -5.11 -3.41
N ARG A 60 -22.44 -3.86 -3.36
CA ARG A 60 -23.38 -2.75 -3.39
C ARG A 60 -22.69 -1.46 -3.80
N ALA A 61 -21.46 -1.32 -3.37
CA ALA A 61 -20.67 -0.14 -3.68
C ALA A 61 -21.19 1.08 -2.92
N LEU A 62 -22.35 0.95 -2.33
CA LEU A 62 -22.94 2.04 -1.56
C LEU A 62 -22.43 2.01 -0.12
N ALA A 63 -21.20 1.60 0.04
CA ALA A 63 -20.60 1.52 1.37
C ALA A 63 -20.46 2.92 1.98
N GLY B 1 -5.52 24.69 -16.04
CA GLY B 1 -4.65 23.65 -15.42
C GLY B 1 -5.45 22.35 -15.27
N ALA B 2 -6.65 22.35 -15.77
CA ALA B 2 -7.50 21.17 -15.69
C ALA B 2 -7.02 20.09 -16.64
N LYS B 3 -7.36 18.87 -16.34
CA LYS B 3 -6.95 17.74 -17.18
C LYS B 3 -5.43 17.69 -17.31
N ASN B 4 -4.78 17.78 -16.18
CA ASN B 4 -3.32 17.73 -16.12
C ASN B 4 -2.92 17.09 -14.80
N VAL B 5 -3.66 17.43 -13.77
CA VAL B 5 -3.41 16.88 -12.45
C VAL B 5 -3.76 15.40 -12.47
N ILE B 6 -4.96 15.11 -12.92
CA ILE B 6 -5.44 13.75 -13.03
C ILE B 6 -4.52 12.95 -13.95
N VAL B 7 -4.03 13.62 -14.95
CA VAL B 7 -3.14 12.98 -15.93
C VAL B 7 -1.90 12.43 -15.22
N LEU B 8 -1.39 13.18 -14.29
CA LEU B 8 -0.21 12.74 -13.54
C LEU B 8 -0.53 11.41 -12.83
N ASN B 9 -1.72 11.32 -12.31
CA ASN B 9 -2.15 10.10 -11.64
C ASN B 9 -2.13 8.93 -12.62
N ALA B 10 -2.56 9.24 -13.82
CA ALA B 10 -2.63 8.23 -14.88
C ALA B 10 -1.26 7.57 -15.07
N ALA B 11 -0.24 8.37 -15.03
CA ALA B 11 1.11 7.85 -15.21
C ALA B 11 1.41 6.76 -14.18
N SER B 12 0.96 6.96 -12.97
CA SER B 12 1.18 5.97 -11.92
C SER B 12 0.54 4.65 -12.32
N ALA B 13 -0.65 4.72 -12.87
CA ALA B 13 -1.39 3.52 -13.28
C ALA B 13 -0.59 2.70 -14.28
N ALA B 14 0.08 3.36 -15.18
CA ALA B 14 0.89 2.66 -16.18
C ALA B 14 1.97 1.85 -15.46
N GLY B 15 2.52 2.45 -14.44
CA GLY B 15 3.58 1.83 -13.67
C GLY B 15 3.14 0.47 -13.09
N ASN B 16 1.94 0.40 -12.62
CA ASN B 16 1.44 -0.86 -12.05
C ASN B 16 1.48 -1.98 -13.10
N HIS B 17 1.10 -1.66 -14.30
CA HIS B 17 1.09 -2.64 -15.37
C HIS B 17 0.33 -3.90 -14.95
N GLY B 18 0.28 -4.87 -15.83
CA GLY B 18 -0.44 -6.13 -15.55
C GLY B 18 0.41 -7.36 -15.88
N PHE B 19 1.52 -7.16 -16.53
CA PHE B 19 2.39 -8.28 -16.89
C PHE B 19 3.11 -8.83 -15.65
N PHE B 20 4.32 -8.40 -15.45
CA PHE B 20 5.10 -8.87 -14.31
C PHE B 20 4.38 -8.52 -13.00
N TRP B 21 3.84 -7.34 -12.94
CA TRP B 21 3.15 -6.88 -11.74
C TRP B 21 1.97 -7.80 -11.41
N GLY B 22 1.28 -8.24 -12.43
CA GLY B 22 0.13 -9.12 -12.22
C GLY B 22 0.56 -10.42 -11.55
N LEU B 23 1.70 -10.93 -11.95
CA LEU B 23 2.20 -12.17 -11.39
C LEU B 23 2.44 -12.06 -9.89
N LEU B 24 2.98 -10.94 -9.46
CA LEU B 24 3.30 -10.75 -8.05
C LEU B 24 2.05 -10.83 -7.16
N VAL B 25 0.99 -10.18 -7.55
CA VAL B 25 -0.23 -10.21 -6.74
C VAL B 25 -0.82 -11.61 -6.65
N VAL B 26 -0.88 -12.32 -7.75
CA VAL B 26 -1.43 -13.66 -7.74
C VAL B 26 -0.58 -14.59 -6.87
N THR B 27 0.71 -14.46 -7.02
CA THR B 27 1.64 -15.29 -6.27
C THR B 27 1.52 -15.05 -4.77
N LEU B 28 1.40 -13.81 -4.39
CA LEU B 28 1.30 -13.48 -2.98
C LEU B 28 0.08 -14.17 -2.37
N ALA B 29 -1.00 -14.15 -3.09
CA ALA B 29 -2.22 -14.79 -2.60
C ALA B 29 -2.01 -16.28 -2.35
N TRP B 30 -1.33 -16.93 -3.24
CA TRP B 30 -1.08 -18.37 -3.09
C TRP B 30 -0.20 -18.67 -1.86
N HIS B 31 0.80 -17.85 -1.65
CA HIS B 31 1.74 -18.08 -0.54
C HIS B 31 1.07 -18.07 0.83
N VAL B 32 0.18 -17.14 1.04
CA VAL B 32 -0.47 -17.05 2.34
C VAL B 32 -1.20 -18.35 2.69
N LYS B 33 -1.28 -19.27 1.76
CA LYS B 33 -1.95 -20.54 2.05
C LYS B 33 -1.46 -21.09 3.38
N GLY B 34 -0.19 -21.38 3.45
CA GLY B 34 0.39 -21.92 4.68
C GLY B 34 0.17 -20.96 5.84
N ARG B 35 0.26 -19.68 5.56
CA ARG B 35 0.06 -18.66 6.60
C ARG B 35 -1.33 -18.78 7.19
N LEU B 36 -2.26 -19.10 6.35
CA LEU B 36 -3.67 -19.19 6.74
C LEU B 36 -3.96 -20.22 7.86
N VAL B 37 -3.37 -21.38 7.81
CA VAL B 37 -3.67 -22.42 8.81
C VAL B 37 -3.29 -22.03 10.27
N PRO B 38 -2.12 -21.50 10.55
CA PRO B 38 -1.73 -21.08 11.94
C PRO B 38 -2.66 -19.97 12.47
N GLY B 39 -3.07 -19.13 11.57
CA GLY B 39 -3.96 -18.02 11.91
C GLY B 39 -5.27 -18.55 12.48
N ALA B 40 -5.75 -19.63 11.92
CA ALA B 40 -7.01 -20.21 12.37
C ALA B 40 -6.96 -20.58 13.85
N THR B 41 -5.87 -21.12 14.29
CA THR B 41 -5.73 -21.53 15.70
C THR B 41 -5.19 -20.38 16.55
N TYR B 42 -6.04 -19.84 17.38
CA TYR B 42 -5.63 -18.73 18.27
C TYR B 42 -6.57 -18.61 19.46
N LEU B 43 -7.86 -18.53 19.18
CA LEU B 43 -8.86 -18.40 20.22
C LEU B 43 -8.63 -17.12 21.02
N SER B 44 -9.55 -16.83 21.88
CA SER B 44 -9.48 -15.64 22.73
C SER B 44 -9.90 -14.39 21.96
N LEU B 45 -9.87 -13.28 22.62
CA LEU B 45 -10.27 -12.01 22.01
C LEU B 45 -11.70 -12.10 21.45
N GLY B 46 -12.60 -12.56 22.27
CA GLY B 46 -14.01 -12.72 21.87
C GLY B 46 -14.69 -11.39 21.52
N VAL B 47 -14.79 -10.50 22.49
CA VAL B 47 -15.44 -9.19 22.28
C VAL B 47 -14.43 -8.06 22.40
N TRP B 48 -13.26 -8.42 22.86
CA TRP B 48 -12.17 -7.47 23.02
C TRP B 48 -11.95 -6.67 21.74
N PRO B 49 -11.98 -7.27 20.56
CA PRO B 49 -11.78 -6.47 19.31
C PRO B 49 -13.02 -5.63 19.01
N LEU B 50 -14.16 -6.20 19.23
CA LEU B 50 -15.43 -5.54 18.92
C LEU B 50 -15.52 -4.14 19.57
N LEU B 51 -15.05 -3.98 20.78
CA LEU B 51 -15.13 -2.66 21.40
C LEU B 51 -14.37 -1.65 20.55
N LEU B 52 -13.20 -2.03 20.10
CA LEU B 52 -12.40 -1.14 19.26
C LEU B 52 -13.19 -0.81 18.00
N VAL B 53 -13.82 -1.81 17.45
CA VAL B 53 -14.64 -1.66 16.25
C VAL B 53 -15.77 -0.67 16.49
N ARG B 54 -16.27 -0.63 17.70
CA ARG B 54 -17.38 0.25 18.01
C ARG B 54 -17.03 1.69 17.61
N LEU B 55 -15.82 2.10 17.89
CA LEU B 55 -15.43 3.45 17.51
C LEU B 55 -15.57 3.62 16.00
N LEU B 56 -15.11 2.63 15.29
CA LEU B 56 -15.18 2.55 13.82
C LEU B 56 -16.62 2.41 13.27
N ARG B 57 -17.44 1.72 14.03
CA ARG B 57 -18.80 1.39 13.61
C ARG B 57 -19.70 2.59 13.21
N PRO B 58 -19.73 3.68 13.93
CA PRO B 58 -20.58 4.85 13.53
C PRO B 58 -20.16 5.39 12.15
N HIS B 59 -18.88 5.45 11.92
CA HIS B 59 -18.37 5.95 10.65
C HIS B 59 -18.82 7.41 10.46
N ARG B 60 -18.18 8.30 11.16
CA ARG B 60 -18.50 9.71 11.10
C ARG B 60 -18.24 10.25 9.69
N ALA B 61 -17.16 9.81 9.11
CA ALA B 61 -16.78 10.26 7.77
C ALA B 61 -16.67 11.78 7.73
N LEU B 62 -15.71 12.29 8.44
CA LEU B 62 -15.48 13.73 8.50
C LEU B 62 -14.06 14.00 9.00
N ALA B 63 -13.47 13.00 9.61
CA ALA B 63 -12.12 13.13 10.14
C ALA B 63 -11.92 14.47 10.82
N GLY C 1 -8.44 15.16 -23.56
CA GLY C 1 -8.35 14.93 -22.09
C GLY C 1 -9.76 15.00 -21.47
N ALA C 2 -10.36 13.86 -21.31
CA ALA C 2 -11.71 13.79 -20.73
C ALA C 2 -11.96 12.40 -20.15
N LYS C 3 -12.90 11.69 -20.72
CA LYS C 3 -13.23 10.36 -20.26
C LYS C 3 -12.19 9.35 -20.73
N ASN C 4 -11.03 9.43 -20.14
CA ASN C 4 -9.93 8.54 -20.46
C ASN C 4 -9.05 8.37 -19.23
N VAL C 5 -8.63 9.48 -18.69
CA VAL C 5 -7.80 9.47 -17.50
C VAL C 5 -8.49 8.68 -16.40
N ILE C 6 -9.68 9.09 -16.07
CA ILE C 6 -10.47 8.42 -15.05
C ILE C 6 -10.71 6.97 -15.45
N VAL C 7 -10.90 6.77 -16.73
CA VAL C 7 -11.14 5.43 -17.26
C VAL C 7 -9.96 4.51 -16.95
N LEU C 8 -8.77 5.04 -17.07
CA LEU C 8 -7.57 4.24 -16.80
C LEU C 8 -7.62 3.73 -15.34
N ASN C 9 -8.05 4.58 -14.45
CA ASN C 9 -8.16 4.19 -13.04
C ASN C 9 -9.12 3.01 -12.92
N ALA C 10 -10.18 3.08 -13.67
CA ALA C 10 -11.20 2.04 -13.64
C ALA C 10 -10.57 0.68 -13.96
N ALA C 11 -9.68 0.66 -14.91
CA ALA C 11 -9.03 -0.58 -15.29
C ALA C 11 -8.32 -1.20 -14.08
N SER C 12 -7.72 -0.39 -13.27
CA SER C 12 -7.04 -0.89 -12.09
C SER C 12 -8.04 -1.61 -11.18
N ALA C 13 -9.19 -1.04 -11.04
CA ALA C 13 -10.23 -1.61 -10.18
C ALA C 13 -10.61 -3.01 -10.63
N ALA C 14 -10.67 -3.21 -11.91
CA ALA C 14 -11.01 -4.54 -12.43
C ALA C 14 -9.95 -5.55 -11.98
N GLY C 15 -8.71 -5.11 -12.02
CA GLY C 15 -7.60 -5.98 -11.63
C GLY C 15 -7.72 -6.43 -10.18
N ASN C 16 -8.09 -5.52 -9.31
CA ASN C 16 -8.23 -5.87 -7.89
C ASN C 16 -9.31 -6.93 -7.70
N HIS C 17 -10.39 -6.80 -8.42
CA HIS C 17 -11.49 -7.76 -8.33
C HIS C 17 -11.00 -9.16 -8.69
N GLY C 18 -10.95 -10.03 -7.71
CA GLY C 18 -10.49 -11.39 -7.94
C GLY C 18 -10.84 -12.30 -6.78
N PHE C 19 -10.73 -13.59 -7.02
CA PHE C 19 -11.03 -14.59 -5.99
C PHE C 19 -9.85 -14.77 -5.01
N PHE C 20 -8.71 -15.15 -5.54
CA PHE C 20 -7.53 -15.37 -4.69
C PHE C 20 -7.14 -14.09 -3.95
N TRP C 21 -7.23 -12.97 -4.61
CA TRP C 21 -6.87 -11.70 -4.00
C TRP C 21 -7.71 -11.41 -2.76
N GLY C 22 -8.98 -11.71 -2.83
CA GLY C 22 -9.88 -11.48 -1.71
C GLY C 22 -9.49 -12.28 -0.47
N LEU C 23 -9.08 -13.50 -0.67
CA LEU C 23 -8.71 -14.36 0.45
C LEU C 23 -7.54 -13.81 1.25
N LEU C 24 -6.56 -13.27 0.56
CA LEU C 24 -5.36 -12.79 1.23
C LEU C 24 -5.62 -11.65 2.24
N VAL C 25 -6.41 -10.68 1.87
CA VAL C 25 -6.65 -9.57 2.80
C VAL C 25 -7.40 -9.99 4.06
N VAL C 26 -8.43 -10.78 3.90
CA VAL C 26 -9.22 -11.24 5.04
C VAL C 26 -8.41 -12.15 5.96
N THR C 27 -7.71 -13.08 5.37
CA THR C 27 -6.93 -14.04 6.14
C THR C 27 -5.80 -13.37 6.92
N LEU C 28 -5.11 -12.49 6.27
CA LEU C 28 -3.98 -11.81 6.88
C LEU C 28 -4.41 -10.96 8.07
N ALA C 29 -5.50 -10.27 7.93
CA ALA C 29 -5.94 -9.37 8.99
C ALA C 29 -6.27 -10.10 10.31
N TRP C 30 -6.99 -11.17 10.25
CA TRP C 30 -7.32 -11.90 11.47
C TRP C 30 -6.09 -12.53 12.12
N HIS C 31 -5.19 -13.02 11.33
CA HIS C 31 -4.01 -13.70 11.85
C HIS C 31 -3.16 -12.83 12.77
N VAL C 32 -2.98 -11.59 12.43
CA VAL C 32 -2.16 -10.72 13.28
C VAL C 32 -2.68 -10.70 14.72
N LYS C 33 -3.82 -11.31 14.96
CA LYS C 33 -4.39 -11.33 16.32
C LYS C 33 -3.29 -11.57 17.36
N GLY C 34 -2.55 -12.63 17.20
CA GLY C 34 -1.48 -12.96 18.16
C GLY C 34 -0.46 -11.83 18.27
N ARG C 35 -0.16 -11.19 17.17
CA ARG C 35 0.79 -10.08 17.16
C ARG C 35 0.34 -8.97 18.10
N LEU C 36 -0.94 -8.78 18.17
CA LEU C 36 -1.52 -7.72 19.00
C LEU C 36 -1.22 -7.84 20.52
N VAL C 37 -1.31 -9.01 21.10
CA VAL C 37 -1.13 -9.12 22.56
C VAL C 37 0.29 -8.70 23.03
N PRO C 38 1.33 -9.15 22.39
CA PRO C 38 2.73 -8.72 22.71
C PRO C 38 2.89 -7.20 22.57
N GLY C 39 2.20 -6.66 21.60
CA GLY C 39 2.21 -5.24 21.33
C GLY C 39 1.69 -4.44 22.52
N ALA C 40 0.71 -4.98 23.18
CA ALA C 40 0.10 -4.30 24.32
C ALA C 40 1.13 -3.94 25.40
N THR C 41 2.05 -4.84 25.66
CA THR C 41 3.07 -4.57 26.68
C THR C 41 3.60 -3.14 26.59
N TYR C 42 3.25 -2.33 27.56
CA TYR C 42 3.67 -0.93 27.59
C TYR C 42 4.94 -0.78 28.41
N LEU C 43 6.04 -1.24 27.88
CA LEU C 43 7.32 -1.16 28.58
C LEU C 43 7.97 0.20 28.31
N SER C 44 7.83 1.10 29.24
CA SER C 44 8.42 2.42 29.10
C SER C 44 7.89 3.12 27.85
N LEU C 45 6.60 3.35 27.83
CA LEU C 45 5.96 4.01 26.68
C LEU C 45 4.82 4.89 27.16
N GLY C 46 4.88 5.29 28.40
CA GLY C 46 3.85 6.14 28.97
C GLY C 46 3.54 7.32 28.06
N VAL C 47 4.46 8.25 27.99
CA VAL C 47 4.25 9.45 27.17
C VAL C 47 5.51 9.85 26.39
N TRP C 48 6.63 9.31 26.75
CA TRP C 48 7.87 9.67 26.06
C TRP C 48 7.68 9.56 24.53
N PRO C 49 7.11 8.49 24.02
CA PRO C 49 6.90 8.32 22.56
C PRO C 49 6.08 9.46 21.94
N LEU C 50 5.08 9.90 22.67
CA LEU C 50 4.16 10.94 22.19
C LEU C 50 4.89 12.22 21.76
N LEU C 51 5.94 12.60 22.43
CA LEU C 51 6.60 13.84 22.04
C LEU C 51 7.01 13.79 20.56
N LEU C 52 7.55 12.70 20.13
CA LEU C 52 7.95 12.59 18.72
C LEU C 52 6.73 12.76 17.83
N VAL C 53 5.64 12.16 18.24
CA VAL C 53 4.37 12.26 17.52
C VAL C 53 3.90 13.70 17.46
N ARG C 54 4.24 14.46 18.47
CA ARG C 54 3.80 15.85 18.54
C ARG C 54 4.19 16.58 17.26
N LEU C 55 5.35 16.29 16.74
CA LEU C 55 5.78 16.96 15.51
C LEU C 55 4.74 16.72 14.40
N LEU C 56 4.27 15.51 14.33
CA LEU C 56 3.22 15.09 13.37
C LEU C 56 1.85 15.73 13.68
N ARG C 57 1.61 15.92 14.95
CA ARG C 57 0.31 16.40 15.46
C ARG C 57 -0.21 17.74 14.87
N PRO C 58 0.57 18.77 14.70
CA PRO C 58 0.04 20.05 14.11
C PRO C 58 -0.55 19.84 12.72
N HIS C 59 0.09 19.00 11.95
CA HIS C 59 -0.39 18.69 10.59
C HIS C 59 -0.70 19.97 9.81
N ARG C 60 -1.01 19.82 8.55
CA ARG C 60 -1.31 20.96 7.70
C ARG C 60 -1.83 20.50 6.34
N ALA C 61 -3.12 20.45 6.19
CA ALA C 61 -3.70 20.01 4.92
C ALA C 61 -3.27 20.92 3.77
N LEU C 62 -2.66 22.01 4.10
CA LEU C 62 -2.19 22.94 3.07
C LEU C 62 -1.04 22.31 2.29
N ALA C 63 -0.27 21.50 2.96
CA ALA C 63 0.87 20.84 2.32
C ALA C 63 1.66 21.81 1.46
N GLY D 1 -17.84 6.78 -19.33
CA GLY D 1 -18.78 6.20 -18.34
C GLY D 1 -19.23 7.30 -17.37
N ALA D 2 -18.66 8.47 -17.52
CA ALA D 2 -19.01 9.58 -16.66
C ALA D 2 -18.91 9.19 -15.19
N LYS D 3 -20.03 8.97 -14.58
CA LYS D 3 -20.06 8.58 -13.17
C LYS D 3 -19.71 7.10 -13.02
N ASN D 4 -20.17 6.31 -13.95
CA ASN D 4 -19.89 4.86 -13.91
C ASN D 4 -18.43 4.61 -13.57
N VAL D 5 -17.56 5.44 -14.06
CA VAL D 5 -16.13 5.29 -13.80
C VAL D 5 -15.88 5.48 -12.30
N ILE D 6 -16.30 6.60 -11.79
CA ILE D 6 -16.13 6.92 -10.39
C ILE D 6 -16.82 5.86 -9.52
N VAL D 7 -17.93 5.37 -10.01
CA VAL D 7 -18.69 4.34 -9.29
C VAL D 7 -17.81 3.12 -9.05
N LEU D 8 -17.03 2.76 -10.04
CA LEU D 8 -16.16 1.60 -9.91
C LEU D 8 -15.20 1.79 -8.73
N ASN D 9 -14.69 2.98 -8.56
CA ASN D 9 -13.78 3.25 -7.46
C ASN D 9 -14.48 3.00 -6.12
N ALA D 10 -15.71 3.43 -6.04
CA ALA D 10 -16.49 3.27 -4.82
C ALA D 10 -16.56 1.80 -4.45
N ALA D 11 -16.75 0.95 -5.42
CA ALA D 11 -16.83 -0.47 -5.15
C ALA D 11 -15.56 -0.96 -4.47
N SER D 12 -14.44 -0.47 -4.90
CA SER D 12 -13.18 -0.87 -4.27
C SER D 12 -13.18 -0.46 -2.80
N ALA D 13 -13.63 0.73 -2.54
CA ALA D 13 -13.67 1.26 -1.19
C ALA D 13 -14.55 0.38 -0.29
N ALA D 14 -15.65 -0.07 -0.82
CA ALA D 14 -16.53 -0.94 -0.04
C ALA D 14 -15.79 -2.20 0.36
N GLY D 15 -15.05 -2.74 -0.58
CA GLY D 15 -14.29 -3.96 -0.34
C GLY D 15 -13.28 -3.77 0.79
N ASN D 16 -12.62 -2.65 0.79
CA ASN D 16 -11.64 -2.36 1.83
C ASN D 16 -12.31 -2.30 3.20
N HIS D 17 -13.45 -1.67 3.25
CA HIS D 17 -14.20 -1.53 4.50
C HIS D 17 -14.66 -2.89 5.00
N GLY D 18 -14.43 -3.16 6.26
CA GLY D 18 -14.83 -4.43 6.84
C GLY D 18 -14.47 -4.50 8.32
N PHE D 19 -14.80 -5.60 8.93
CA PHE D 19 -14.53 -5.81 10.35
C PHE D 19 -13.07 -6.25 10.59
N PHE D 20 -12.70 -7.38 10.03
CA PHE D 20 -11.35 -7.90 10.20
C PHE D 20 -10.30 -6.90 9.70
N TRP D 21 -10.58 -6.27 8.59
CA TRP D 21 -9.64 -5.32 8.01
C TRP D 21 -9.32 -4.18 8.97
N GLY D 22 -10.32 -3.68 9.66
CA GLY D 22 -10.10 -2.59 10.59
C GLY D 22 -9.11 -2.97 11.69
N LEU D 23 -9.23 -4.19 12.15
CA LEU D 23 -8.35 -4.70 13.20
C LEU D 23 -6.88 -4.71 12.76
N LEU D 24 -6.64 -5.02 11.51
CA LEU D 24 -5.27 -5.11 11.01
C LEU D 24 -4.49 -3.81 11.20
N VAL D 25 -5.10 -2.70 10.91
CA VAL D 25 -4.41 -1.42 11.05
C VAL D 25 -3.96 -1.19 12.49
N VAL D 26 -4.82 -1.46 13.43
CA VAL D 26 -4.49 -1.29 14.83
C VAL D 26 -3.36 -2.23 15.26
N THR D 27 -3.43 -3.45 14.81
CA THR D 27 -2.43 -4.45 15.18
C THR D 27 -1.04 -4.07 14.69
N LEU D 28 -0.94 -3.63 13.47
CA LEU D 28 0.37 -3.28 12.94
C LEU D 28 0.98 -2.15 13.75
N ALA D 29 0.19 -1.18 14.09
CA ALA D 29 0.71 -0.04 14.86
C ALA D 29 1.23 -0.47 16.22
N TRP D 30 0.49 -1.29 16.91
CA TRP D 30 0.91 -1.75 18.24
C TRP D 30 2.19 -2.60 18.20
N HIS D 31 2.29 -3.45 17.22
CA HIS D 31 3.45 -4.36 17.13
C HIS D 31 4.77 -3.61 17.00
N VAL D 32 4.79 -2.59 16.19
CA VAL D 32 6.02 -1.85 15.97
C VAL D 32 6.51 -1.14 17.23
N LYS D 33 5.72 -1.14 18.27
CA LYS D 33 6.14 -0.49 19.52
C LYS D 33 7.56 -0.93 19.86
N GLY D 34 7.74 -2.19 20.10
CA GLY D 34 9.04 -2.73 20.45
C GLY D 34 10.07 -2.43 19.35
N ARG D 35 9.63 -2.48 18.13
CA ARG D 35 10.52 -2.20 17.00
C ARG D 35 11.09 -0.78 17.09
N LEU D 36 10.27 0.13 17.52
CA LEU D 36 10.64 1.53 17.61
C LEU D 36 11.86 1.83 18.52
N VAL D 37 11.94 1.20 19.68
CA VAL D 37 13.05 1.49 20.61
C VAL D 37 14.47 1.17 20.08
N PRO D 38 14.72 0.03 19.47
CA PRO D 38 16.08 -0.30 18.91
C PRO D 38 16.48 0.68 17.80
N GLY D 39 15.50 1.11 17.07
CA GLY D 39 15.72 2.06 15.98
C GLY D 39 16.31 3.35 16.52
N ALA D 40 15.81 3.77 17.66
CA ALA D 40 16.27 5.03 18.26
C ALA D 40 17.78 4.99 18.51
N THR D 41 18.26 3.89 19.02
CA THR D 41 19.70 3.78 19.31
C THR D 41 20.51 3.74 18.02
N TYR D 42 21.21 4.82 17.77
CA TYR D 42 22.05 4.94 16.58
C TYR D 42 22.83 6.26 16.63
N LEU D 43 24.13 6.16 16.71
CA LEU D 43 24.98 7.34 16.76
C LEU D 43 25.35 7.76 15.35
N SER D 44 25.94 8.90 15.25
CA SER D 44 26.36 9.44 13.96
C SER D 44 25.17 9.55 13.01
N LEU D 45 25.46 9.76 11.76
CA LEU D 45 24.42 9.90 10.74
C LEU D 45 23.51 11.07 11.12
N GLY D 46 24.10 12.19 11.45
CA GLY D 46 23.34 13.38 11.85
C GLY D 46 23.07 14.36 10.69
N VAL D 47 24.03 14.55 9.81
CA VAL D 47 23.87 15.50 8.69
C VAL D 47 23.58 14.79 7.36
N TRP D 48 24.05 13.58 7.23
CA TRP D 48 23.84 12.82 6.00
C TRP D 48 22.36 12.67 5.65
N PRO D 49 21.47 12.47 6.61
CA PRO D 49 20.01 12.33 6.31
C PRO D 49 19.48 13.55 5.57
N LEU D 50 19.75 14.69 6.13
CA LEU D 50 19.23 15.95 5.60
C LEU D 50 19.52 16.14 4.09
N LEU D 51 20.66 15.73 3.61
CA LEU D 51 20.95 15.92 2.19
C LEU D 51 19.95 15.15 1.29
N LEU D 52 19.68 13.91 1.62
CA LEU D 52 18.79 13.10 0.76
C LEU D 52 17.38 13.69 0.71
N VAL D 53 16.85 14.07 1.83
CA VAL D 53 15.53 14.68 1.90
C VAL D 53 15.48 15.98 1.10
N ARG D 54 16.59 16.66 1.04
CA ARG D 54 16.65 17.93 0.34
C ARG D 54 16.14 17.75 -1.09
N LEU D 55 16.50 16.68 -1.74
CA LEU D 55 16.01 16.48 -3.10
C LEU D 55 14.48 16.39 -3.05
N LEU D 56 14.00 15.65 -2.09
CA LEU D 56 12.56 15.43 -1.80
C LEU D 56 11.80 16.68 -1.29
N ARG D 57 12.50 17.53 -0.60
CA ARG D 57 11.89 18.68 0.10
C ARG D 57 11.02 19.60 -0.80
N PRO D 58 11.38 19.90 -2.01
CA PRO D 58 10.56 20.79 -2.88
C PRO D 58 9.17 20.18 -3.11
N HIS D 59 9.15 18.89 -3.30
CA HIS D 59 7.91 18.15 -3.53
C HIS D 59 7.03 18.89 -4.53
N ARG D 60 7.61 19.29 -5.62
CA ARG D 60 6.87 20.01 -6.65
C ARG D 60 5.65 19.19 -7.07
N ALA D 61 4.99 19.62 -8.13
CA ALA D 61 3.81 18.92 -8.62
C ALA D 61 3.72 18.99 -10.14
N LEU D 62 4.68 19.67 -10.74
CA LEU D 62 4.70 19.79 -12.18
C LEU D 62 5.27 18.52 -12.81
N ALA D 63 5.10 17.42 -12.13
CA ALA D 63 5.59 16.13 -12.61
C ALA D 63 4.78 15.68 -13.81
N GLY E 1 -28.58 11.24 -5.04
CA GLY E 1 -27.54 12.31 -4.97
C GLY E 1 -26.24 11.80 -5.57
N ALA E 2 -25.54 12.66 -6.25
CA ALA E 2 -24.27 12.28 -6.87
C ALA E 2 -23.21 12.03 -5.80
N LYS E 3 -23.47 12.51 -4.61
CA LYS E 3 -22.53 12.34 -3.51
C LYS E 3 -22.66 10.93 -2.91
N ASN E 4 -22.34 9.94 -3.70
CA ASN E 4 -22.39 8.54 -3.26
C ASN E 4 -21.17 7.80 -3.77
N VAL E 5 -20.15 8.55 -4.05
CA VAL E 5 -18.89 8.01 -4.55
C VAL E 5 -17.74 8.71 -3.82
N ILE E 6 -17.60 9.97 -4.10
CA ILE E 6 -16.57 10.77 -3.46
C ILE E 6 -16.75 10.73 -1.94
N VAL E 7 -18.00 10.73 -1.51
CA VAL E 7 -18.30 10.69 -0.09
C VAL E 7 -17.75 9.41 0.52
N LEU E 8 -17.86 8.33 -0.20
CA LEU E 8 -17.38 7.04 0.30
C LEU E 8 -15.87 7.15 0.60
N ASN E 9 -15.16 7.84 -0.26
CA ASN E 9 -13.72 8.01 -0.05
C ASN E 9 -13.46 8.75 1.26
N ALA E 10 -14.25 9.75 1.52
CA ALA E 10 -14.09 10.55 2.73
C ALA E 10 -14.18 9.64 3.95
N ALA E 11 -15.09 8.71 3.92
CA ALA E 11 -15.25 7.79 5.04
C ALA E 11 -13.95 7.05 5.31
N SER E 12 -13.24 6.67 4.28
CA SER E 12 -11.98 5.98 4.45
C SER E 12 -11.01 6.87 5.22
N ALA E 13 -10.99 8.14 4.90
CA ALA E 13 -10.10 9.09 5.54
C ALA E 13 -10.34 9.12 7.05
N ALA E 14 -11.58 9.05 7.45
CA ALA E 14 -11.92 9.05 8.87
C ALA E 14 -11.26 7.86 9.55
N GLY E 15 -11.28 6.73 8.87
CA GLY E 15 -10.69 5.52 9.43
C GLY E 15 -9.20 5.71 9.71
N ASN E 16 -8.52 6.37 8.80
CA ASN E 16 -7.10 6.63 8.97
C ASN E 16 -6.86 7.48 10.22
N HIS E 17 -7.71 8.45 10.43
CA HIS E 17 -7.59 9.34 11.58
C HIS E 17 -7.47 8.53 12.87
N GLY E 18 -6.25 8.24 13.24
CA GLY E 18 -6.00 7.48 14.47
C GLY E 18 -4.55 7.63 14.89
N PHE E 19 -4.31 8.42 15.91
CA PHE E 19 -2.97 8.66 16.42
C PHE E 19 -2.09 7.41 16.31
N PHE E 20 -2.66 6.28 16.59
CA PHE E 20 -1.89 5.04 16.52
C PHE E 20 -1.38 4.84 15.10
N TRP E 21 -2.21 5.10 14.13
CA TRP E 21 -1.83 4.91 12.73
C TRP E 21 -0.65 5.82 12.37
N GLY E 22 -0.68 7.03 12.83
CA GLY E 22 0.38 7.98 12.56
C GLY E 22 1.72 7.48 13.12
N LEU E 23 1.65 6.90 14.28
CA LEU E 23 2.83 6.38 14.96
C LEU E 23 3.54 5.29 14.11
N LEU E 24 2.78 4.48 13.44
CA LEU E 24 3.35 3.39 12.66
C LEU E 24 4.36 3.87 11.61
N VAL E 25 4.06 4.94 10.93
CA VAL E 25 4.98 5.42 9.90
C VAL E 25 6.36 5.75 10.47
N VAL E 26 6.40 6.37 11.61
CA VAL E 26 7.68 6.74 12.22
C VAL E 26 8.55 5.52 12.54
N THR E 27 7.96 4.48 13.07
CA THR E 27 8.73 3.30 13.43
C THR E 27 9.38 2.64 12.22
N LEU E 28 8.65 2.52 11.16
CA LEU E 28 9.18 1.90 9.96
C LEU E 28 10.38 2.68 9.44
N ALA E 29 10.27 3.98 9.43
CA ALA E 29 11.34 4.83 8.94
C ALA E 29 12.62 4.68 9.78
N TRP E 30 12.49 4.61 11.06
CA TRP E 30 13.64 4.48 11.94
C TRP E 30 14.38 3.15 11.74
N HIS E 31 13.64 2.09 11.60
CA HIS E 31 14.23 0.75 11.46
C HIS E 31 15.09 0.60 10.23
N VAL E 32 14.65 1.12 9.12
CA VAL E 32 15.38 0.96 7.88
C VAL E 32 16.79 1.55 7.94
N LYS E 33 17.08 2.37 8.90
CA LYS E 33 18.43 2.96 8.99
C LYS E 33 19.48 1.86 8.78
N GLY E 34 19.44 0.85 9.60
CA GLY E 34 20.39 -0.25 9.48
C GLY E 34 20.32 -0.91 8.11
N ARG E 35 19.14 -1.01 7.57
CA ARG E 35 18.96 -1.64 6.25
C ARG E 35 19.77 -0.89 5.19
N LEU E 36 19.84 0.40 5.33
CA LEU E 36 20.53 1.25 4.36
C LEU E 36 22.05 0.97 4.18
N VAL E 37 22.78 0.79 5.25
CA VAL E 37 24.25 0.61 5.10
C VAL E 37 24.64 -0.65 4.30
N PRO E 38 24.04 -1.79 4.57
CA PRO E 38 24.31 -3.04 3.79
C PRO E 38 23.97 -2.85 2.31
N GLY E 39 22.95 -2.09 2.08
CA GLY E 39 22.49 -1.78 0.72
C GLY E 39 23.59 -1.09 -0.08
N ALA E 40 24.33 -0.23 0.57
CA ALA E 40 25.37 0.53 -0.12
C ALA E 40 26.38 -0.38 -0.81
N THR E 41 26.77 -1.45 -0.17
CA THR E 41 27.74 -2.37 -0.77
C THR E 41 27.43 -2.61 -2.24
N TYR E 42 28.26 -2.06 -3.11
CA TYR E 42 28.07 -2.20 -4.55
C TYR E 42 28.99 -3.27 -5.15
N LEU E 43 28.66 -4.50 -4.90
CA LEU E 43 29.45 -5.61 -5.43
C LEU E 43 29.29 -5.68 -6.94
N SER E 44 28.50 -6.61 -7.39
CA SER E 44 28.22 -6.79 -8.80
C SER E 44 26.87 -6.17 -9.16
N LEU E 45 26.78 -4.88 -9.01
CA LEU E 45 25.54 -4.15 -9.29
C LEU E 45 25.85 -2.84 -10.02
N GLY E 46 27.00 -2.78 -10.61
CA GLY E 46 27.41 -1.59 -11.33
C GLY E 46 26.34 -1.12 -12.32
N VAL E 47 26.16 -1.89 -13.36
CA VAL E 47 25.19 -1.52 -14.41
C VAL E 47 24.31 -2.69 -14.84
N TRP E 48 24.70 -3.90 -14.50
CA TRP E 48 23.92 -5.05 -14.90
C TRP E 48 22.41 -4.83 -14.59
N PRO E 49 22.07 -4.37 -13.41
CA PRO E 49 20.64 -4.11 -13.04
C PRO E 49 19.95 -3.13 -14.01
N LEU E 50 20.66 -2.11 -14.39
CA LEU E 50 20.13 -1.06 -15.25
C LEU E 50 19.53 -1.58 -16.56
N LEU E 51 20.10 -2.58 -17.15
CA LEU E 51 19.55 -3.05 -18.42
C LEU E 51 18.08 -3.44 -18.21
N LEU E 52 17.81 -4.11 -17.12
CA LEU E 52 16.43 -4.50 -16.82
C LEU E 52 15.58 -3.25 -16.68
N VAL E 53 16.13 -2.26 -16.04
CA VAL E 53 15.46 -0.98 -15.83
C VAL E 53 15.11 -0.32 -17.17
N ARG E 54 15.91 -0.56 -18.17
CA ARG E 54 15.68 0.05 -19.47
C ARG E 54 14.27 -0.27 -19.95
N LEU E 55 13.82 -1.47 -19.73
CA LEU E 55 12.47 -1.85 -20.17
C LEU E 55 11.45 -0.90 -19.52
N LEU E 56 11.66 -0.66 -18.25
CA LEU E 56 10.83 0.25 -17.43
C LEU E 56 10.96 1.73 -17.85
N ARG E 57 12.14 2.08 -18.30
CA ARG E 57 12.50 3.48 -18.62
C ARG E 57 11.60 4.18 -19.67
N PRO E 58 11.21 3.58 -20.77
CA PRO E 58 10.32 4.27 -21.76
C PRO E 58 8.98 4.67 -21.13
N HIS E 59 8.43 3.81 -20.33
CA HIS E 59 7.15 4.08 -19.67
C HIS E 59 6.12 4.59 -20.66
N ARG E 60 4.92 4.81 -20.20
CA ARG E 60 3.85 5.30 -21.06
C ARG E 60 2.59 5.57 -20.23
N ALA E 61 2.32 6.82 -19.98
CA ALA E 61 1.14 7.18 -19.19
C ALA E 61 -0.13 6.94 -19.98
N LEU E 62 0.02 6.68 -21.25
CA LEU E 62 -1.14 6.43 -22.11
C LEU E 62 -1.60 4.99 -21.96
N ALA E 63 -1.50 4.47 -20.78
CA ALA E 63 -1.91 3.10 -20.51
C ALA E 63 -3.40 2.92 -20.81
N GLY F 1 -20.63 22.59 -0.17
CA GLY F 1 -20.24 21.15 -0.25
C GLY F 1 -19.59 20.88 -1.61
N ALA F 2 -19.66 19.65 -2.04
CA ALA F 2 -19.08 19.27 -3.32
C ALA F 2 -17.59 19.60 -3.35
N LYS F 3 -16.97 19.59 -2.21
CA LYS F 3 -15.54 19.89 -2.13
C LYS F 3 -14.96 19.42 -0.80
N ASN F 4 -15.63 19.71 0.28
CA ASN F 4 -15.15 19.30 1.60
C ASN F 4 -14.69 17.84 1.55
N VAL F 5 -15.27 17.10 0.65
CA VAL F 5 -14.92 15.69 0.49
C VAL F 5 -13.49 15.58 -0.04
N ILE F 6 -13.25 16.18 -1.16
CA ILE F 6 -11.93 16.17 -1.77
C ILE F 6 -10.91 16.79 -0.81
N VAL F 7 -11.35 17.79 -0.07
CA VAL F 7 -10.50 18.47 0.89
C VAL F 7 -9.97 17.47 1.92
N LEU F 8 -10.81 16.59 2.34
CA LEU F 8 -10.42 15.59 3.34
C LEU F 8 -9.26 14.75 2.80
N ASN F 9 -9.32 14.40 1.54
CA ASN F 9 -8.25 13.61 0.93
C ASN F 9 -6.94 14.38 0.97
N ALA F 10 -7.03 15.65 0.70
CA ALA F 10 -5.84 16.50 0.68
C ALA F 10 -5.14 16.44 2.03
N ALA F 11 -5.91 16.44 3.09
CA ALA F 11 -5.32 16.38 4.42
C ALA F 11 -4.45 15.13 4.57
N SER F 12 -4.90 14.04 4.01
CA SER F 12 -4.12 12.81 4.08
C SER F 12 -2.77 13.02 3.40
N ALA F 13 -2.79 13.70 2.27
CA ALA F 13 -1.58 13.96 1.51
C ALA F 13 -0.56 14.74 2.34
N ALA F 14 -1.04 15.69 3.09
CA ALA F 14 -0.15 16.47 3.95
C ALA F 14 0.56 15.54 4.93
N GLY F 15 -0.20 14.63 5.47
CA GLY F 15 0.33 13.68 6.45
C GLY F 15 1.47 12.88 5.85
N ASN F 16 1.32 12.45 4.63
CA ASN F 16 2.37 11.68 3.97
C ASN F 16 3.65 12.50 3.85
N HIS F 17 3.49 13.76 3.52
CA HIS F 17 4.64 14.65 3.37
C HIS F 17 5.34 14.83 4.70
N GLY F 18 6.61 14.52 4.75
CA GLY F 18 7.38 14.65 5.97
C GLY F 18 8.85 14.29 5.77
N PHE F 19 9.62 14.47 6.81
CA PHE F 19 11.05 14.18 6.79
C PHE F 19 11.33 12.67 6.93
N PHE F 20 10.91 12.11 8.04
CA PHE F 20 11.15 10.69 8.30
C PHE F 20 10.52 9.80 7.23
N TRP F 21 9.31 10.14 6.83
CA TRP F 21 8.60 9.36 5.82
C TRP F 21 9.36 9.31 4.50
N GLY F 22 9.91 10.43 4.10
CA GLY F 22 10.65 10.50 2.83
C GLY F 22 11.86 9.58 2.84
N LEU F 23 12.54 9.55 3.96
CA LEU F 23 13.73 8.72 4.10
C LEU F 23 13.44 7.24 3.89
N LEU F 24 12.31 6.80 4.37
CA LEU F 24 11.94 5.38 4.29
C LEU F 24 11.92 4.82 2.86
N VAL F 25 11.40 5.55 1.93
CA VAL F 25 11.32 5.03 0.56
C VAL F 25 12.69 4.74 -0.04
N VAL F 26 13.63 5.64 0.15
CA VAL F 26 14.96 5.45 -0.41
C VAL F 26 15.69 4.23 0.19
N THR F 27 15.60 4.08 1.48
CA THR F 27 16.29 2.97 2.15
C THR F 27 15.75 1.62 1.70
N LEU F 28 14.47 1.51 1.59
CA LEU F 28 13.88 0.24 1.19
C LEU F 28 14.38 -0.15 -0.19
N ALA F 29 14.41 0.81 -1.07
CA ALA F 29 14.87 0.54 -2.43
C ALA F 29 16.33 0.10 -2.46
N TRP F 30 17.15 0.74 -1.69
CA TRP F 30 18.59 0.41 -1.65
C TRP F 30 18.85 -1.00 -1.09
N HIS F 31 18.14 -1.33 -0.04
CA HIS F 31 18.34 -2.63 0.62
C HIS F 31 18.04 -3.82 -0.29
N VAL F 32 17.01 -3.71 -1.06
CA VAL F 32 16.61 -4.82 -1.92
C VAL F 32 17.71 -5.21 -2.90
N LYS F 33 18.69 -4.36 -3.10
CA LYS F 33 19.79 -4.72 -4.01
C LYS F 33 20.23 -6.13 -3.66
N GLY F 34 20.67 -6.29 -2.44
CA GLY F 34 21.10 -7.58 -1.96
C GLY F 34 19.99 -8.62 -2.08
N ARG F 35 18.76 -8.23 -1.82
CA ARG F 35 17.66 -9.18 -1.92
C ARG F 35 17.53 -9.72 -3.35
N LEU F 36 17.76 -8.87 -4.29
CA LEU F 36 17.61 -9.22 -5.71
C LEU F 36 18.49 -10.39 -6.18
N VAL F 37 19.73 -10.45 -5.76
CA VAL F 37 20.62 -11.52 -6.25
C VAL F 37 20.15 -12.96 -5.93
N PRO F 38 19.73 -13.29 -4.72
CA PRO F 38 19.21 -14.65 -4.41
C PRO F 38 17.96 -14.96 -5.23
N GLY F 39 17.19 -13.94 -5.45
CA GLY F 39 15.96 -14.04 -6.23
C GLY F 39 16.25 -14.51 -7.65
N ALA F 40 17.33 -14.05 -8.20
CA ALA F 40 17.70 -14.42 -9.57
C ALA F 40 17.80 -15.93 -9.73
N THR F 41 18.38 -16.60 -8.77
CA THR F 41 18.55 -18.05 -8.84
C THR F 41 17.36 -18.78 -8.22
N TYR F 42 16.43 -19.20 -9.03
CA TYR F 42 15.25 -19.94 -8.56
C TYR F 42 15.20 -21.32 -9.21
N LEU F 43 14.11 -21.63 -9.85
CA LEU F 43 13.95 -22.93 -10.50
C LEU F 43 12.63 -22.96 -11.26
N SER F 44 12.71 -23.13 -12.56
CA SER F 44 11.51 -23.17 -13.39
C SER F 44 10.76 -21.86 -13.32
N LEU F 45 9.52 -21.88 -13.77
CA LEU F 45 8.66 -20.68 -13.80
C LEU F 45 9.07 -19.76 -14.93
N GLY F 46 9.57 -20.35 -15.99
CA GLY F 46 10.00 -19.58 -17.16
C GLY F 46 8.89 -19.49 -18.22
N VAL F 47 8.32 -20.63 -18.55
CA VAL F 47 7.26 -20.68 -19.55
C VAL F 47 6.17 -21.68 -19.11
N TRP F 48 5.40 -21.34 -18.12
CA TRP F 48 4.32 -22.20 -17.66
C TRP F 48 3.32 -21.35 -16.86
N PRO F 49 3.76 -20.45 -15.99
CA PRO F 49 2.84 -19.57 -15.22
C PRO F 49 2.17 -18.54 -16.13
N LEU F 50 2.89 -18.19 -17.17
CA LEU F 50 2.43 -17.18 -18.12
C LEU F 50 1.06 -17.55 -18.71
N LEU F 51 0.81 -18.80 -18.94
CA LEU F 51 -0.49 -19.17 -19.51
C LEU F 51 -1.60 -18.65 -18.59
N LEU F 52 -1.42 -18.83 -17.31
CA LEU F 52 -2.42 -18.34 -16.35
C LEU F 52 -2.54 -16.82 -16.49
N VAL F 53 -1.41 -16.18 -16.65
CA VAL F 53 -1.33 -14.73 -16.83
C VAL F 53 -2.09 -14.31 -18.09
N ARG F 54 -2.10 -15.19 -19.06
CA ARG F 54 -2.76 -14.89 -20.33
C ARG F 54 -4.20 -14.45 -20.08
N LEU F 55 -4.85 -15.08 -19.16
CA LEU F 55 -6.24 -14.72 -18.88
C LEU F 55 -6.33 -13.21 -18.56
N LEU F 56 -5.38 -12.75 -17.78
CA LEU F 56 -5.25 -11.35 -17.38
C LEU F 56 -4.88 -10.38 -18.54
N ARG F 57 -4.06 -10.88 -19.43
CA ARG F 57 -3.48 -10.03 -20.51
C ARG F 57 -4.55 -9.30 -21.38
N PRO F 58 -5.59 -9.93 -21.83
CA PRO F 58 -6.65 -9.23 -22.60
C PRO F 58 -7.22 -8.04 -21.81
N HIS F 59 -7.42 -8.24 -20.54
CA HIS F 59 -7.97 -7.18 -19.68
C HIS F 59 -9.40 -6.87 -20.10
N ARG F 60 -10.08 -6.09 -19.29
CA ARG F 60 -11.46 -5.71 -19.58
C ARG F 60 -11.74 -4.29 -19.10
N ALA F 61 -11.40 -4.02 -17.88
CA ALA F 61 -11.62 -2.70 -17.29
C ALA F 61 -13.11 -2.34 -17.35
N LEU F 62 -13.43 -1.17 -16.92
CA LEU F 62 -14.83 -0.74 -16.91
C LEU F 62 -15.67 -1.78 -16.19
N ALA F 63 -15.01 -2.61 -15.42
CA ALA F 63 -15.68 -3.66 -14.67
C ALA F 63 -16.91 -3.11 -13.95
N GLY A 1 -11.32 23.74 -2.72
CA GLY A 1 -10.05 23.83 -3.51
C GLY A 1 -10.31 23.38 -4.94
N ALA A 2 -10.39 24.32 -5.84
CA ALA A 2 -10.63 24.01 -7.25
C ALA A 2 -9.37 23.46 -7.89
N LYS A 3 -8.30 23.42 -7.14
CA LYS A 3 -7.04 22.91 -7.66
C LYS A 3 -6.11 22.51 -6.52
N ASN A 4 -6.30 23.11 -5.37
CA ASN A 4 -5.49 22.80 -4.21
C ASN A 4 -5.88 21.45 -3.63
N VAL A 5 -5.91 20.46 -4.48
CA VAL A 5 -6.27 19.10 -4.09
C VAL A 5 -5.61 18.14 -5.07
N ILE A 6 -6.09 18.13 -6.26
CA ILE A 6 -5.57 17.26 -7.29
C ILE A 6 -4.07 17.55 -7.48
N VAL A 7 -3.72 18.80 -7.38
CA VAL A 7 -2.31 19.19 -7.52
C VAL A 7 -1.46 18.48 -6.47
N LEU A 8 -1.97 18.44 -5.26
CA LEU A 8 -1.25 17.80 -4.17
C LEU A 8 -0.98 16.32 -4.50
N ASN A 9 -1.95 15.66 -5.07
CA ASN A 9 -1.78 14.25 -5.43
C ASN A 9 -0.64 14.12 -6.44
N ALA A 10 -0.62 15.02 -7.38
CA ALA A 10 0.41 15.00 -8.41
C ALA A 10 1.78 15.08 -7.76
N ALA A 11 1.91 15.92 -6.77
CA ALA A 11 3.18 16.09 -6.08
C ALA A 11 3.65 14.75 -5.50
N SER A 12 2.72 14.00 -4.95
CA SER A 12 3.07 12.70 -4.39
C SER A 12 3.65 11.82 -5.49
N ALA A 13 3.02 11.88 -6.64
CA ALA A 13 3.44 11.08 -7.79
C ALA A 13 4.90 11.40 -8.15
N ALA A 14 5.26 12.64 -8.06
CA ALA A 14 6.63 13.04 -8.37
C ALA A 14 7.58 12.32 -7.42
N GLY A 15 7.19 12.25 -6.18
CA GLY A 15 8.02 11.59 -5.18
C GLY A 15 8.27 10.14 -5.56
N ASN A 16 7.25 9.47 -6.02
CA ASN A 16 7.38 8.09 -6.45
C ASN A 16 8.37 7.97 -7.61
N HIS A 17 8.30 8.92 -8.51
CA HIS A 17 9.19 8.92 -9.67
C HIS A 17 10.64 8.96 -9.23
N GLY A 18 11.33 7.87 -9.41
CA GLY A 18 12.74 7.78 -9.02
C GLY A 18 13.30 6.39 -9.30
N PHE A 19 14.27 6.34 -10.17
CA PHE A 19 14.91 5.07 -10.55
C PHE A 19 14.98 4.10 -9.37
N PHE A 20 15.29 4.60 -8.22
CA PHE A 20 15.37 3.74 -7.04
C PHE A 20 14.02 3.08 -6.78
N TRP A 21 12.96 3.85 -6.89
CA TRP A 21 11.62 3.34 -6.64
C TRP A 21 11.26 2.21 -7.60
N GLY A 22 11.65 2.37 -8.84
CA GLY A 22 11.35 1.36 -9.87
C GLY A 22 11.93 0.01 -9.50
N LEU A 23 13.12 0.02 -8.96
CA LEU A 23 13.79 -1.21 -8.58
C LEU A 23 12.99 -2.00 -7.56
N LEU A 24 12.38 -1.32 -6.62
CA LEU A 24 11.62 -2.01 -5.58
C LEU A 24 10.48 -2.84 -6.16
N VAL A 25 9.75 -2.28 -7.08
CA VAL A 25 8.62 -3.01 -7.67
C VAL A 25 9.08 -4.27 -8.38
N VAL A 26 10.13 -4.16 -9.15
CA VAL A 26 10.65 -5.31 -9.87
C VAL A 26 11.17 -6.39 -8.92
N THR A 27 11.87 -5.96 -7.91
CA THR A 27 12.46 -6.88 -6.94
C THR A 27 11.40 -7.69 -6.19
N LEU A 28 10.36 -7.03 -5.76
CA LEU A 28 9.31 -7.73 -5.02
C LEU A 28 8.67 -8.79 -5.90
N ALA A 29 8.40 -8.43 -7.12
CA ALA A 29 7.76 -9.36 -8.05
C ALA A 29 8.65 -10.58 -8.33
N TRP A 30 9.92 -10.35 -8.50
CA TRP A 30 10.86 -11.44 -8.78
C TRP A 30 10.99 -12.41 -7.60
N HIS A 31 11.04 -11.87 -6.42
CA HIS A 31 11.22 -12.68 -5.21
C HIS A 31 10.10 -13.68 -4.97
N VAL A 32 8.88 -13.28 -5.21
CA VAL A 32 7.75 -14.16 -4.96
C VAL A 32 7.76 -15.43 -5.82
N LYS A 33 8.58 -15.47 -6.85
CA LYS A 33 8.61 -16.68 -7.69
C LYS A 33 8.68 -17.93 -6.80
N GLY A 34 9.69 -18.01 -5.99
CA GLY A 34 9.86 -19.15 -5.11
C GLY A 34 8.65 -19.33 -4.19
N ARG A 35 8.10 -18.25 -3.73
CA ARG A 35 6.93 -18.30 -2.84
C ARG A 35 5.75 -19.00 -3.52
N LEU A 36 5.61 -18.78 -4.79
CA LEU A 36 4.49 -19.34 -5.56
C LEU A 36 4.42 -20.88 -5.54
N VAL A 37 5.53 -21.56 -5.68
CA VAL A 37 5.50 -23.04 -5.74
C VAL A 37 4.96 -23.75 -4.47
N PRO A 38 5.39 -23.38 -3.27
CA PRO A 38 4.87 -24.00 -2.01
C PRO A 38 3.36 -23.76 -1.86
N GLY A 39 2.95 -22.62 -2.31
CA GLY A 39 1.55 -22.23 -2.27
C GLY A 39 0.69 -23.23 -3.04
N ALA A 40 1.19 -23.67 -4.15
CA ALA A 40 0.46 -24.61 -4.99
C ALA A 40 0.09 -25.87 -4.21
N THR A 41 1.01 -26.37 -3.43
CA THR A 41 0.76 -27.58 -2.65
C THR A 41 -0.28 -27.30 -1.56
N TYR A 42 -1.43 -27.89 -1.70
CA TYR A 42 -2.50 -27.72 -0.73
C TYR A 42 -3.64 -28.68 -1.08
N LEU A 43 -4.16 -29.33 -0.08
CA LEU A 43 -5.25 -30.28 -0.25
C LEU A 43 -6.44 -29.63 -0.94
N SER A 44 -7.63 -29.97 -0.48
CA SER A 44 -8.86 -29.44 -1.06
C SER A 44 -9.87 -29.06 0.00
N LEU A 45 -10.27 -27.82 0.01
CA LEU A 45 -11.26 -27.32 0.96
C LEU A 45 -12.65 -27.57 0.40
N GLY A 46 -13.03 -26.79 -0.59
CA GLY A 46 -14.34 -26.96 -1.24
C GLY A 46 -15.34 -25.86 -0.87
N VAL A 47 -15.51 -25.61 0.41
CA VAL A 47 -16.49 -24.60 0.85
C VAL A 47 -15.93 -23.63 1.90
N TRP A 48 -14.81 -23.94 2.48
CA TRP A 48 -14.26 -23.06 3.50
C TRP A 48 -14.02 -21.62 2.98
N PRO A 49 -13.53 -21.43 1.77
CA PRO A 49 -13.28 -20.06 1.25
C PRO A 49 -14.54 -19.44 0.64
N LEU A 50 -15.16 -20.16 -0.24
CA LEU A 50 -16.32 -19.65 -0.95
C LEU A 50 -17.42 -19.16 -0.01
N LEU A 51 -17.67 -19.83 1.08
CA LEU A 51 -18.73 -19.36 1.96
C LEU A 51 -18.42 -17.96 2.49
N LEU A 52 -17.22 -17.74 2.94
CA LEU A 52 -16.84 -16.42 3.44
C LEU A 52 -16.97 -15.38 2.32
N VAL A 53 -16.51 -15.77 1.16
CA VAL A 53 -16.58 -14.92 -0.02
C VAL A 53 -18.02 -14.57 -0.36
N ARG A 54 -18.92 -15.47 -0.05
CA ARG A 54 -20.33 -15.25 -0.37
C ARG A 54 -20.79 -13.93 0.21
N LEU A 55 -20.39 -13.62 1.41
CA LEU A 55 -20.81 -12.34 1.99
C LEU A 55 -20.30 -11.20 1.11
N LEU A 56 -19.05 -11.33 0.73
CA LEU A 56 -18.35 -10.38 -0.16
C LEU A 56 -18.90 -10.38 -1.60
N ARG A 57 -19.35 -11.52 -2.03
CA ARG A 57 -19.78 -11.72 -3.42
C ARG A 57 -20.90 -10.75 -3.92
N PRO A 58 -21.94 -10.46 -3.18
CA PRO A 58 -22.98 -9.50 -3.66
C PRO A 58 -22.38 -8.13 -3.93
N HIS A 59 -21.51 -7.69 -3.06
CA HIS A 59 -20.85 -6.39 -3.21
C HIS A 59 -21.89 -5.28 -3.40
N ARG A 60 -21.47 -4.05 -3.27
CA ARG A 60 -22.36 -2.92 -3.44
C ARG A 60 -21.60 -1.60 -3.35
N ALA A 61 -21.88 -0.70 -4.26
CA ALA A 61 -21.21 0.61 -4.28
C ALA A 61 -22.03 1.63 -3.50
N LEU A 62 -23.12 1.20 -2.94
CA LEU A 62 -23.97 2.09 -2.17
C LEU A 62 -23.44 2.24 -0.75
N ALA A 63 -22.27 1.72 -0.51
CA ALA A 63 -21.66 1.79 0.81
C ALA A 63 -21.74 3.22 1.35
N GLY B 1 -3.88 24.90 -16.71
CA GLY B 1 -4.60 24.80 -15.41
C GLY B 1 -5.17 23.40 -15.24
N ALA B 2 -6.28 23.14 -15.87
CA ALA B 2 -6.92 21.83 -15.79
C ALA B 2 -6.03 20.77 -16.43
N LYS B 3 -6.45 19.54 -16.33
CA LYS B 3 -5.70 18.43 -16.90
C LYS B 3 -4.22 18.53 -16.53
N ASN B 4 -3.41 17.71 -17.15
CA ASN B 4 -1.99 17.69 -16.85
C ASN B 4 -1.76 17.03 -15.50
N VAL B 5 -2.39 17.55 -14.49
CA VAL B 5 -2.29 16.99 -13.15
C VAL B 5 -2.78 15.54 -13.19
N ILE B 6 -3.99 15.37 -13.61
CA ILE B 6 -4.60 14.06 -13.71
C ILE B 6 -3.78 13.15 -14.63
N VAL B 7 -3.22 13.73 -15.66
CA VAL B 7 -2.41 12.97 -16.61
C VAL B 7 -1.24 12.29 -15.88
N LEU B 8 -0.65 13.01 -14.97
CA LEU B 8 0.48 12.45 -14.21
C LEU B 8 0.04 11.17 -13.51
N ASN B 9 -1.16 11.17 -13.00
CA ASN B 9 -1.70 9.99 -12.34
C ASN B 9 -1.76 8.83 -13.34
N ALA B 10 -2.14 9.15 -14.54
CA ALA B 10 -2.27 8.14 -15.59
C ALA B 10 -0.94 7.42 -15.75
N ALA B 11 0.13 8.16 -15.72
CA ALA B 11 1.46 7.58 -15.87
C ALA B 11 1.70 6.52 -14.79
N SER B 12 1.24 6.77 -13.60
CA SER B 12 1.41 5.81 -12.52
C SER B 12 0.72 4.48 -12.88
N ALA B 13 -0.45 4.59 -13.44
CA ALA B 13 -1.22 3.39 -13.81
C ALA B 13 -0.44 2.52 -14.80
N ALA B 14 0.24 3.14 -15.72
CA ALA B 14 1.04 2.39 -16.68
C ALA B 14 2.11 1.61 -15.93
N GLY B 15 2.68 2.26 -14.95
CA GLY B 15 3.74 1.66 -14.15
C GLY B 15 3.29 0.35 -13.51
N ASN B 16 2.09 0.33 -12.98
CA ASN B 16 1.57 -0.88 -12.35
C ASN B 16 1.52 -2.02 -13.36
N HIS B 17 1.10 -1.73 -14.56
CA HIS B 17 1.00 -2.73 -15.61
C HIS B 17 0.32 -4.00 -15.09
N GLY B 18 0.27 -5.01 -15.93
CA GLY B 18 -0.38 -6.28 -15.58
C GLY B 18 0.54 -7.48 -15.82
N PHE B 19 1.67 -7.25 -16.43
CA PHE B 19 2.60 -8.34 -16.71
C PHE B 19 3.23 -8.86 -15.41
N PHE B 20 4.41 -8.41 -15.12
CA PHE B 20 5.11 -8.86 -13.92
C PHE B 20 4.30 -8.51 -12.67
N TRP B 21 3.74 -7.32 -12.66
CA TRP B 21 2.95 -6.86 -11.52
C TRP B 21 1.75 -7.77 -11.28
N GLY B 22 1.11 -8.20 -12.33
CA GLY B 22 -0.05 -9.07 -12.21
C GLY B 22 0.31 -10.38 -11.53
N LEU B 23 1.45 -10.90 -11.86
CA LEU B 23 1.92 -12.15 -11.29
C LEU B 23 2.05 -12.06 -9.77
N LEU B 24 2.51 -10.93 -9.29
CA LEU B 24 2.69 -10.74 -7.86
C LEU B 24 1.38 -10.92 -7.08
N VAL B 25 0.31 -10.39 -7.59
CA VAL B 25 -0.96 -10.51 -6.88
C VAL B 25 -1.45 -11.96 -6.77
N VAL B 26 -1.37 -12.71 -7.84
CA VAL B 26 -1.83 -14.10 -7.81
C VAL B 26 -0.99 -14.98 -6.88
N THR B 27 0.30 -14.86 -6.97
CA THR B 27 1.20 -15.68 -6.15
C THR B 27 1.03 -15.37 -4.67
N LEU B 28 0.91 -14.12 -4.34
CA LEU B 28 0.79 -13.76 -2.93
C LEU B 28 -0.45 -14.42 -2.34
N ALA B 29 -1.53 -14.38 -3.06
CA ALA B 29 -2.75 -15.01 -2.56
C ALA B 29 -2.55 -16.51 -2.41
N TRP B 30 -1.95 -17.12 -3.40
CA TRP B 30 -1.68 -18.56 -3.37
C TRP B 30 -0.68 -18.93 -2.28
N HIS B 31 0.34 -18.13 -2.12
CA HIS B 31 1.38 -18.44 -1.14
C HIS B 31 0.82 -18.54 0.27
N VAL B 32 -0.04 -17.65 0.62
CA VAL B 32 -0.60 -17.65 1.96
C VAL B 32 -1.43 -18.92 2.21
N LYS B 33 -1.49 -19.80 1.24
CA LYS B 33 -2.23 -21.04 1.42
C LYS B 33 -1.83 -21.71 2.73
N GLY B 34 -0.60 -22.14 2.81
CA GLY B 34 -0.10 -22.80 4.00
C GLY B 34 -0.26 -21.90 5.22
N ARG B 35 -0.05 -20.63 5.04
CA ARG B 35 -0.21 -19.68 6.14
C ARG B 35 -1.65 -19.69 6.65
N LEU B 36 -2.56 -19.84 5.75
CA LEU B 36 -4.00 -19.80 6.05
C LEU B 36 -4.49 -20.85 7.06
N VAL B 37 -4.08 -22.09 6.92
CA VAL B 37 -4.59 -23.13 7.83
C VAL B 37 -4.21 -22.93 9.33
N PRO B 38 -2.98 -22.60 9.69
CA PRO B 38 -2.60 -22.36 11.12
C PRO B 38 -3.35 -21.16 11.69
N GLY B 39 -3.55 -20.19 10.85
CA GLY B 39 -4.26 -18.98 11.22
C GLY B 39 -5.68 -19.31 11.67
N ALA B 40 -6.28 -20.24 11.00
CA ALA B 40 -7.68 -20.61 11.28
C ALA B 40 -7.86 -21.07 12.74
N THR B 41 -6.94 -21.81 13.26
CA THR B 41 -7.05 -22.30 14.64
C THR B 41 -6.87 -21.17 15.66
N TYR B 42 -7.89 -20.96 16.47
CA TYR B 42 -7.85 -19.94 17.53
C TYR B 42 -9.18 -19.91 18.27
N LEU B 43 -9.17 -20.34 19.50
CA LEU B 43 -10.38 -20.37 20.33
C LEU B 43 -10.33 -19.25 21.36
N SER B 44 -10.75 -18.07 20.98
CA SER B 44 -10.74 -16.92 21.89
C SER B 44 -11.13 -15.65 21.14
N LEU B 45 -10.97 -14.52 21.80
CA LEU B 45 -11.30 -13.22 21.20
C LEU B 45 -12.79 -13.14 20.96
N GLY B 46 -13.56 -13.59 21.93
CA GLY B 46 -15.02 -13.58 21.83
C GLY B 46 -15.61 -12.37 22.57
N VAL B 47 -15.06 -12.07 23.73
CA VAL B 47 -15.53 -10.95 24.53
C VAL B 47 -14.37 -10.40 25.37
N TRP B 48 -13.50 -9.61 24.75
CA TRP B 48 -12.39 -9.00 25.45
C TRP B 48 -11.75 -7.94 24.54
N PRO B 49 -11.37 -8.29 23.32
CA PRO B 49 -10.75 -7.31 22.38
C PRO B 49 -11.82 -6.53 21.63
N LEU B 50 -12.92 -7.18 21.39
CA LEU B 50 -14.02 -6.59 20.64
C LEU B 50 -14.50 -5.28 21.28
N LEU B 51 -14.52 -5.20 22.58
CA LEU B 51 -15.00 -3.96 23.20
C LEU B 51 -14.15 -2.78 22.74
N LEU B 52 -12.84 -2.94 22.73
CA LEU B 52 -11.97 -1.85 22.29
C LEU B 52 -12.30 -1.53 20.83
N VAL B 53 -12.51 -2.56 20.06
CA VAL B 53 -12.89 -2.44 18.65
C VAL B 53 -14.20 -1.69 18.51
N ARG B 54 -15.04 -1.81 19.50
CA ARG B 54 -16.35 -1.18 19.47
C ARG B 54 -16.20 0.32 19.19
N LEU B 55 -15.22 0.94 19.78
CA LEU B 55 -15.03 2.38 19.54
C LEU B 55 -14.84 2.62 18.04
N LEU B 56 -14.03 1.79 17.44
CA LEU B 56 -13.73 1.80 16.00
C LEU B 56 -14.95 1.41 15.13
N ARG B 57 -15.75 0.53 15.67
CA ARG B 57 -16.89 -0.07 14.94
C ARG B 57 -17.90 0.93 14.35
N PRO B 58 -18.33 1.98 15.02
CA PRO B 58 -19.28 2.96 14.42
C PRO B 58 -18.70 3.61 13.17
N HIS B 59 -17.43 3.91 13.20
CA HIS B 59 -16.78 4.53 12.05
C HIS B 59 -17.37 5.91 11.78
N ARG B 60 -16.64 6.74 11.07
CA ARG B 60 -17.09 8.08 10.74
C ARG B 60 -16.64 8.47 9.33
N ALA B 61 -16.88 9.71 8.98
CA ALA B 61 -16.48 10.20 7.66
C ALA B 61 -16.41 11.72 7.67
N LEU B 62 -15.37 12.24 8.26
CA LEU B 62 -15.17 13.68 8.33
C LEU B 62 -13.70 13.99 8.60
N ALA B 63 -13.00 13.02 9.14
CA ALA B 63 -11.59 13.17 9.45
C ALA B 63 -11.30 14.56 10.02
N GLY C 1 -8.44 12.16 -24.06
CA GLY C 1 -7.80 13.25 -23.27
C GLY C 1 -8.49 13.36 -21.91
N ALA C 2 -9.63 14.01 -21.90
CA ALA C 2 -10.39 14.18 -20.66
C ALA C 2 -11.02 12.87 -20.23
N LYS C 3 -10.58 11.79 -20.83
CA LYS C 3 -11.11 10.46 -20.52
C LYS C 3 -9.97 9.47 -20.33
N ASN C 4 -8.92 9.65 -21.10
CA ASN C 4 -7.77 8.76 -21.00
C ASN C 4 -6.98 9.07 -19.74
N VAL C 5 -7.66 9.01 -18.63
CA VAL C 5 -7.05 9.28 -17.34
C VAL C 5 -7.84 8.53 -16.26
N ILE C 6 -9.00 9.04 -15.98
CA ILE C 6 -9.88 8.44 -14.99
C ILE C 6 -10.21 7.00 -15.40
N VAL C 7 -10.37 6.79 -16.68
CA VAL C 7 -10.69 5.46 -17.19
C VAL C 7 -9.59 4.48 -16.80
N LEU C 8 -8.36 4.92 -16.89
CA LEU C 8 -7.23 4.06 -16.56
C LEU C 8 -7.31 3.59 -15.10
N ASN C 9 -7.72 4.48 -14.23
CA ASN C 9 -7.85 4.13 -12.83
C ASN C 9 -8.88 3.01 -12.66
N ALA C 10 -9.95 3.14 -13.40
CA ALA C 10 -11.02 2.14 -13.33
C ALA C 10 -10.48 0.76 -13.69
N ALA C 11 -9.64 0.72 -14.70
CA ALA C 11 -9.07 -0.56 -15.11
C ALA C 11 -8.30 -1.19 -13.96
N SER C 12 -7.58 -0.39 -13.22
CA SER C 12 -6.81 -0.92 -12.10
C SER C 12 -7.76 -1.55 -11.09
N ALA C 13 -8.86 -0.89 -10.86
CA ALA C 13 -9.86 -1.36 -9.91
C ALA C 13 -10.37 -2.74 -10.30
N ALA C 14 -10.54 -2.95 -11.58
CA ALA C 14 -11.01 -4.25 -12.06
C ALA C 14 -10.01 -5.33 -11.66
N GLY C 15 -8.75 -5.01 -11.79
CA GLY C 15 -7.69 -5.95 -11.45
C GLY C 15 -7.76 -6.38 -9.98
N ASN C 16 -8.02 -5.44 -9.10
CA ASN C 16 -8.12 -5.75 -7.68
C ASN C 16 -9.26 -6.74 -7.41
N HIS C 17 -10.37 -6.52 -8.07
CA HIS C 17 -11.52 -7.39 -7.91
C HIS C 17 -11.20 -8.81 -8.33
N GLY C 18 -11.28 -9.72 -7.39
CA GLY C 18 -10.97 -11.12 -7.69
C GLY C 18 -11.36 -12.04 -6.54
N PHE C 19 -11.33 -13.32 -6.80
CA PHE C 19 -11.66 -14.32 -5.79
C PHE C 19 -10.48 -14.59 -4.85
N PHE C 20 -9.37 -15.04 -5.41
CA PHE C 20 -8.19 -15.34 -4.61
C PHE C 20 -7.74 -14.12 -3.82
N TRP C 21 -7.80 -12.97 -4.42
CA TRP C 21 -7.39 -11.73 -3.76
C TRP C 21 -8.20 -11.49 -2.49
N GLY C 22 -9.47 -11.78 -2.55
CA GLY C 22 -10.37 -11.59 -1.41
C GLY C 22 -9.94 -12.44 -0.21
N LEU C 23 -9.50 -13.64 -0.47
CA LEU C 23 -9.12 -14.55 0.60
C LEU C 23 -7.99 -13.97 1.45
N LEU C 24 -7.06 -13.30 0.83
CA LEU C 24 -5.93 -12.75 1.54
C LEU C 24 -6.35 -11.73 2.62
N VAL C 25 -7.27 -10.86 2.31
CA VAL C 25 -7.67 -9.84 3.27
C VAL C 25 -8.33 -10.40 4.54
N VAL C 26 -9.25 -11.31 4.39
CA VAL C 26 -9.92 -11.88 5.58
C VAL C 26 -8.96 -12.67 6.45
N THR C 27 -8.15 -13.47 5.82
CA THR C 27 -7.20 -14.32 6.54
C THR C 27 -6.19 -13.49 7.33
N LEU C 28 -5.71 -12.45 6.71
CA LEU C 28 -4.74 -11.60 7.36
C LEU C 28 -5.32 -10.96 8.60
N ALA C 29 -6.55 -10.52 8.52
CA ALA C 29 -7.15 -9.83 9.66
C ALA C 29 -7.23 -10.71 10.91
N TRP C 30 -7.71 -11.92 10.79
CA TRP C 30 -7.78 -12.79 11.95
C TRP C 30 -6.39 -13.23 12.42
N HIS C 31 -5.50 -13.47 11.49
CA HIS C 31 -4.16 -13.95 11.84
C HIS C 31 -3.39 -12.98 12.74
N VAL C 32 -3.47 -11.71 12.46
CA VAL C 32 -2.72 -10.74 13.27
C VAL C 32 -3.08 -10.88 14.76
N LYS C 33 -4.09 -11.64 15.06
CA LYS C 33 -4.50 -11.82 16.47
C LYS C 33 -3.27 -12.03 17.35
N GLY C 34 -2.50 -13.03 17.05
CA GLY C 34 -1.31 -13.35 17.83
C GLY C 34 -0.34 -12.16 17.92
N ARG C 35 -0.23 -11.44 16.84
CA ARG C 35 0.67 -10.29 16.80
C ARG C 35 0.28 -9.28 17.88
N LEU C 36 -1.00 -9.16 18.10
CA LEU C 36 -1.54 -8.18 19.05
C LEU C 36 -1.10 -8.39 20.53
N VAL C 37 -1.09 -9.61 21.03
CA VAL C 37 -0.77 -9.80 22.47
C VAL C 37 0.66 -9.37 22.83
N PRO C 38 1.67 -9.73 22.07
CA PRO C 38 3.07 -9.29 22.31
C PRO C 38 3.19 -7.76 22.27
N GLY C 39 2.42 -7.19 21.40
CA GLY C 39 2.37 -5.74 21.22
C GLY C 39 1.92 -5.04 22.49
N ALA C 40 1.01 -5.64 23.19
CA ALA C 40 0.45 -5.04 24.40
C ALA C 40 1.53 -4.69 25.41
N THR C 41 2.50 -5.56 25.60
CA THR C 41 3.58 -5.30 26.56
C THR C 41 4.15 -3.89 26.35
N TYR C 42 5.32 -3.82 25.77
CA TYR C 42 5.98 -2.54 25.51
C TYR C 42 6.07 -1.69 26.78
N LEU C 43 7.28 -1.46 27.22
CA LEU C 43 7.51 -0.67 28.42
C LEU C 43 6.96 0.74 28.28
N SER C 44 7.67 1.69 28.79
CA SER C 44 7.25 3.09 28.74
C SER C 44 7.14 3.60 27.31
N LEU C 45 6.19 4.47 27.08
CA LEU C 45 5.94 5.06 25.76
C LEU C 45 4.63 5.86 25.82
N GLY C 46 4.52 6.69 26.82
CA GLY C 46 3.31 7.51 27.02
C GLY C 46 3.41 8.94 26.48
N VAL C 47 4.57 9.57 26.61
CA VAL C 47 4.73 10.97 26.15
C VAL C 47 5.54 11.07 24.86
N TRP C 48 6.48 10.19 24.67
CA TRP C 48 7.32 10.26 23.47
C TRP C 48 6.49 10.21 22.19
N PRO C 49 5.42 9.45 22.13
CA PRO C 49 4.58 9.37 20.89
C PRO C 49 3.92 10.71 20.57
N LEU C 50 3.23 11.25 21.54
CA LEU C 50 2.47 12.49 21.36
C LEU C 50 3.31 13.63 20.79
N LEU C 51 4.55 13.76 21.16
CA LEU C 51 5.32 14.86 20.58
C LEU C 51 5.36 14.70 19.05
N LEU C 52 5.58 13.50 18.60
CA LEU C 52 5.65 13.25 17.15
C LEU C 52 4.30 13.55 16.45
N VAL C 53 3.22 13.08 17.02
CA VAL C 53 1.89 13.31 16.43
C VAL C 53 1.57 14.80 16.39
N ARG C 54 2.07 15.53 17.36
CA ARG C 54 1.78 16.95 17.44
C ARG C 54 2.17 17.63 16.13
N LEU C 55 3.29 17.25 15.57
CA LEU C 55 3.71 17.87 14.31
C LEU C 55 2.63 17.62 13.24
N LEU C 56 2.15 16.40 13.22
CA LEU C 56 1.06 15.96 12.33
C LEU C 56 -0.30 16.60 12.65
N ARG C 57 -0.50 16.85 13.92
CA ARG C 57 -1.78 17.34 14.45
C ARG C 57 -2.32 18.64 13.81
N PRO C 58 -1.54 19.67 13.56
CA PRO C 58 -2.07 20.92 12.93
C PRO C 58 -2.67 20.64 11.55
N HIS C 59 -2.02 19.78 10.80
CA HIS C 59 -2.50 19.44 9.45
C HIS C 59 -2.68 20.70 8.62
N ARG C 60 -2.81 20.53 7.33
CA ARG C 60 -3.00 21.66 6.44
C ARG C 60 -3.25 21.17 5.00
N ALA C 61 -4.48 20.93 4.68
CA ALA C 61 -4.84 20.46 3.35
C ALA C 61 -4.14 21.30 2.28
N LEU C 62 -3.95 22.55 2.57
CA LEU C 62 -3.29 23.45 1.62
C LEU C 62 -1.78 23.21 1.65
N ALA C 63 -1.39 21.99 1.90
CA ALA C 63 0.02 21.63 1.95
C ALA C 63 0.71 22.01 0.64
N GLY D 1 -20.94 12.72 -19.44
CA GLY D 1 -21.05 11.28 -19.10
C GLY D 1 -19.88 10.86 -18.23
N ALA D 2 -19.48 11.73 -17.34
CA ALA D 2 -18.36 11.45 -16.45
C ALA D 2 -18.76 10.43 -15.39
N LYS D 3 -19.09 9.25 -15.81
CA LYS D 3 -19.50 8.18 -14.90
C LYS D 3 -18.90 6.84 -15.34
N ASN D 4 -19.22 5.81 -14.62
CA ASN D 4 -18.71 4.47 -14.93
C ASN D 4 -17.20 4.43 -14.68
N VAL D 5 -16.76 5.20 -13.73
CA VAL D 5 -15.36 5.28 -13.35
C VAL D 5 -15.28 5.52 -11.85
N ILE D 6 -15.70 6.70 -11.45
CA ILE D 6 -15.72 7.06 -10.05
C ILE D 6 -16.59 6.07 -9.28
N VAL D 7 -17.66 5.65 -9.90
CA VAL D 7 -18.57 4.69 -9.28
C VAL D 7 -17.82 3.39 -9.00
N LEU D 8 -16.99 2.99 -9.92
CA LEU D 8 -16.22 1.76 -9.77
C LEU D 8 -15.34 1.85 -8.51
N ASN D 9 -14.75 3.01 -8.29
CA ASN D 9 -13.90 3.20 -7.11
C ASN D 9 -14.71 2.99 -5.84
N ALA D 10 -15.91 3.51 -5.84
CA ALA D 10 -16.78 3.40 -4.66
C ALA D 10 -16.98 1.93 -4.31
N ALA D 11 -17.14 1.12 -5.31
CA ALA D 11 -17.34 -0.31 -5.07
C ALA D 11 -16.17 -0.90 -4.29
N SER D 12 -14.97 -0.49 -4.63
CA SER D 12 -13.79 -0.99 -3.91
C SER D 12 -13.88 -0.61 -2.44
N ALA D 13 -14.29 0.61 -2.19
CA ALA D 13 -14.41 1.11 -0.82
C ALA D 13 -15.37 0.24 -0.02
N ALA D 14 -16.43 -0.18 -0.66
CA ALA D 14 -17.41 -1.03 0.01
C ALA D 14 -16.72 -2.32 0.47
N GLY D 15 -15.88 -2.84 -0.37
CA GLY D 15 -15.17 -4.07 -0.05
C GLY D 15 -14.33 -3.90 1.22
N ASN D 16 -13.67 -2.79 1.34
CA ASN D 16 -12.85 -2.53 2.52
C ASN D 16 -13.71 -2.49 3.78
N HIS D 17 -14.86 -1.89 3.69
CA HIS D 17 -15.77 -1.79 4.82
C HIS D 17 -15.96 -3.14 5.49
N GLY D 18 -15.28 -3.35 6.59
CA GLY D 18 -15.37 -4.59 7.32
C GLY D 18 -14.63 -4.49 8.65
N PHE D 19 -15.35 -4.66 9.73
CA PHE D 19 -14.74 -4.56 11.05
C PHE D 19 -13.41 -5.28 11.12
N PHE D 20 -13.30 -6.37 10.41
CA PHE D 20 -12.04 -7.12 10.42
C PHE D 20 -10.91 -6.24 9.91
N TRP D 21 -11.18 -5.47 8.88
CA TRP D 21 -10.17 -4.61 8.30
C TRP D 21 -9.65 -3.63 9.35
N GLY D 22 -10.54 -3.15 10.16
CA GLY D 22 -10.20 -2.20 11.21
C GLY D 22 -9.17 -2.78 12.18
N LEU D 23 -9.31 -4.05 12.48
CA LEU D 23 -8.43 -4.72 13.43
C LEU D 23 -6.95 -4.64 13.03
N LEU D 24 -6.65 -4.79 11.76
CA LEU D 24 -5.25 -4.75 11.33
C LEU D 24 -4.58 -3.43 11.71
N VAL D 25 -5.28 -2.35 11.51
CA VAL D 25 -4.70 -1.04 11.80
C VAL D 25 -4.35 -0.88 13.28
N VAL D 26 -5.25 -1.25 14.15
CA VAL D 26 -4.97 -1.12 15.57
C VAL D 26 -3.85 -2.05 16.03
N THR D 27 -3.90 -3.27 15.56
CA THR D 27 -2.90 -4.26 15.94
C THR D 27 -1.50 -3.89 15.49
N LEU D 28 -1.38 -3.46 14.26
CA LEU D 28 -0.06 -3.11 13.75
C LEU D 28 0.53 -1.95 14.54
N ALA D 29 -0.28 -0.98 14.83
CA ALA D 29 0.17 0.19 15.57
C ALA D 29 0.69 -0.19 16.96
N TRP D 30 -0.01 -1.06 17.63
CA TRP D 30 0.37 -1.48 18.96
C TRP D 30 1.72 -2.23 18.96
N HIS D 31 1.89 -3.09 17.99
CA HIS D 31 3.10 -3.91 17.90
C HIS D 31 4.37 -3.08 17.71
N VAL D 32 4.31 -2.08 16.88
CA VAL D 32 5.49 -1.27 16.61
C VAL D 32 5.99 -0.52 17.85
N LYS D 33 5.19 -0.43 18.88
CA LYS D 33 5.63 0.26 20.10
C LYS D 33 7.05 -0.20 20.45
N GLY D 34 7.19 -1.47 20.69
CA GLY D 34 8.48 -2.03 21.04
C GLY D 34 9.51 -1.75 19.94
N ARG D 35 9.07 -1.80 18.71
CA ARG D 35 9.97 -1.54 17.58
C ARG D 35 10.57 -0.13 17.64
N LEU D 36 9.77 0.81 18.04
CA LEU D 36 10.18 2.22 18.06
C LEU D 36 11.37 2.54 18.99
N VAL D 37 11.41 2.02 20.19
CA VAL D 37 12.51 2.36 21.11
C VAL D 37 13.92 1.92 20.62
N PRO D 38 14.13 0.72 20.11
CA PRO D 38 15.48 0.29 19.59
C PRO D 38 15.91 1.16 18.43
N GLY D 39 14.94 1.56 17.66
CA GLY D 39 15.17 2.42 16.51
C GLY D 39 15.80 3.74 16.94
N ALA D 40 15.34 4.25 18.05
CA ALA D 40 15.84 5.53 18.55
C ALA D 40 17.35 5.49 18.80
N THR D 41 17.82 4.41 19.36
CA THR D 41 19.26 4.30 19.66
C THR D 41 20.11 4.27 18.38
N TYR D 42 21.04 5.18 18.30
CA TYR D 42 21.95 5.26 17.16
C TYR D 42 23.09 6.22 17.45
N LEU D 43 24.25 5.67 17.71
CA LEU D 43 25.43 6.48 17.99
C LEU D 43 26.17 6.81 16.69
N SER D 44 25.42 7.20 15.69
CA SER D 44 26.00 7.54 14.40
C SER D 44 24.92 8.00 13.42
N LEU D 45 25.34 8.34 12.22
CA LEU D 45 24.41 8.80 11.20
C LEU D 45 23.75 10.11 11.64
N GLY D 46 24.54 11.03 12.12
CA GLY D 46 24.02 12.31 12.60
C GLY D 46 23.75 13.30 11.46
N VAL D 47 24.72 13.51 10.59
CA VAL D 47 24.57 14.49 9.49
C VAL D 47 24.48 13.81 8.12
N TRP D 48 25.03 12.64 8.00
CA TRP D 48 25.02 11.93 6.72
C TRP D 48 23.59 11.77 6.17
N PRO D 49 22.60 11.46 6.99
CA PRO D 49 21.20 11.30 6.50
C PRO D 49 20.71 12.55 5.76
N LEU D 50 20.89 13.68 6.39
CA LEU D 50 20.41 14.96 5.86
C LEU D 50 20.93 15.23 4.44
N LEU D 51 22.14 14.89 4.14
CA LEU D 51 22.65 15.17 2.79
C LEU D 51 21.76 14.47 1.76
N LEU D 52 21.42 13.23 2.02
CA LEU D 52 20.57 12.48 1.10
C LEU D 52 19.23 13.20 0.96
N VAL D 53 18.73 13.66 2.07
CA VAL D 53 17.48 14.40 2.13
C VAL D 53 17.55 15.66 1.28
N ARG D 54 18.72 16.23 1.19
CA ARG D 54 18.89 17.46 0.43
C ARG D 54 18.36 17.28 -0.98
N LEU D 55 18.62 16.15 -1.58
CA LEU D 55 18.11 15.94 -2.94
C LEU D 55 16.58 16.05 -2.93
N LEU D 56 15.99 15.41 -1.93
CA LEU D 56 14.53 15.38 -1.69
C LEU D 56 13.90 16.74 -1.25
N ARG D 57 14.67 17.52 -0.54
CA ARG D 57 14.14 18.75 0.09
C ARG D 57 13.47 19.76 -0.89
N PRO D 58 14.01 20.01 -2.05
CA PRO D 58 13.37 20.96 -3.01
C PRO D 58 11.96 20.49 -3.40
N HIS D 59 11.84 19.21 -3.63
CA HIS D 59 10.55 18.61 -4.01
C HIS D 59 9.94 19.38 -5.18
N ARG D 60 8.87 18.84 -5.73
CA ARG D 60 8.20 19.48 -6.85
C ARG D 60 6.92 18.74 -7.20
N ALA D 61 6.40 18.97 -8.37
CA ALA D 61 5.18 18.31 -8.80
C ALA D 61 5.04 18.36 -10.33
N LEU D 62 6.04 18.88 -10.97
CA LEU D 62 6.04 18.98 -12.43
C LEU D 62 6.56 17.69 -13.05
N ALA D 63 6.34 16.60 -12.37
CA ALA D 63 6.80 15.29 -12.86
C ALA D 63 6.28 15.04 -14.27
N GLY E 1 -26.42 12.24 -10.10
CA GLY E 1 -25.34 11.23 -9.89
C GLY E 1 -23.99 11.94 -9.81
N ALA E 2 -23.43 11.99 -8.64
CA ALA E 2 -22.15 12.65 -8.43
C ALA E 2 -21.63 12.37 -7.02
N LYS E 3 -22.49 12.52 -6.05
CA LYS E 3 -22.12 12.29 -4.65
C LYS E 3 -22.35 10.82 -4.29
N ASN E 4 -22.10 10.50 -3.05
CA ASN E 4 -22.27 9.14 -2.55
C ASN E 4 -21.20 8.24 -3.15
N VAL E 5 -20.22 8.85 -3.77
CA VAL E 5 -19.09 8.12 -4.37
C VAL E 5 -17.81 8.57 -3.68
N ILE E 6 -17.43 9.79 -3.95
CA ILE E 6 -16.25 10.38 -3.34
C ILE E 6 -16.41 10.36 -1.82
N VAL E 7 -17.63 10.52 -1.39
CA VAL E 7 -17.93 10.53 0.04
C VAL E 7 -17.48 9.20 0.67
N LEU E 8 -17.73 8.12 -0.02
CA LEU E 8 -17.35 6.81 0.49
C LEU E 8 -15.84 6.75 0.72
N ASN E 9 -15.09 7.32 -0.19
CA ASN E 9 -13.64 7.35 -0.04
C ASN E 9 -13.27 8.12 1.22
N ALA E 10 -14.00 9.18 1.45
CA ALA E 10 -13.75 10.03 2.60
C ALA E 10 -13.84 9.21 3.89
N ALA E 11 -14.80 8.33 3.94
CA ALA E 11 -14.96 7.49 5.13
C ALA E 11 -13.68 6.70 5.37
N SER E 12 -13.09 6.21 4.33
CA SER E 12 -11.84 5.47 4.46
C SER E 12 -10.78 6.37 5.08
N ALA E 13 -10.75 7.60 4.63
CA ALA E 13 -9.78 8.59 5.10
C ALA E 13 -9.89 8.78 6.62
N ALA E 14 -11.09 8.78 7.13
CA ALA E 14 -11.28 8.94 8.57
C ALA E 14 -10.56 7.80 9.30
N GLY E 15 -10.69 6.62 8.75
CA GLY E 15 -10.07 5.45 9.36
C GLY E 15 -8.56 5.65 9.47
N ASN E 16 -7.97 6.17 8.42
CA ASN E 16 -6.53 6.43 8.42
C ASN E 16 -6.17 7.43 9.52
N HIS E 17 -7.00 8.43 9.67
CA HIS E 17 -6.77 9.47 10.67
C HIS E 17 -6.98 8.92 12.07
N GLY E 18 -5.94 8.90 12.86
CA GLY E 18 -6.01 8.40 14.22
C GLY E 18 -4.63 8.28 14.83
N PHE E 19 -4.43 8.91 15.96
CA PHE E 19 -3.15 8.91 16.66
C PHE E 19 -2.41 7.57 16.48
N PHE E 20 -3.13 6.48 16.55
CA PHE E 20 -2.49 5.18 16.39
C PHE E 20 -1.83 5.10 15.02
N TRP E 21 -2.51 5.57 14.02
CA TRP E 21 -1.99 5.53 12.66
C TRP E 21 -0.70 6.35 12.53
N GLY E 22 -0.64 7.46 13.20
CA GLY E 22 0.54 8.33 13.13
C GLY E 22 1.80 7.57 13.54
N LEU E 23 1.66 6.73 14.52
CA LEU E 23 2.80 5.96 15.02
C LEU E 23 3.42 5.10 13.89
N LEU E 24 2.60 4.58 13.00
CA LEU E 24 3.13 3.71 11.95
C LEU E 24 4.20 4.38 11.10
N VAL E 25 3.98 5.60 10.69
CA VAL E 25 4.95 6.27 9.83
C VAL E 25 6.31 6.47 10.51
N VAL E 26 6.30 6.92 11.73
CA VAL E 26 7.55 7.16 12.45
C VAL E 26 8.32 5.88 12.71
N THR E 27 7.62 4.85 13.11
CA THR E 27 8.27 3.58 13.42
C THR E 27 8.95 2.95 12.21
N LEU E 28 8.28 2.94 11.10
CA LEU E 28 8.85 2.36 9.90
C LEU E 28 10.09 3.12 9.46
N ALA E 29 10.00 4.42 9.50
CA ALA E 29 11.12 5.25 9.07
C ALA E 29 12.37 5.08 9.95
N TRP E 30 12.17 5.03 11.24
CA TRP E 30 13.30 4.90 12.15
C TRP E 30 14.02 3.54 12.02
N HIS E 31 13.25 2.49 11.89
CA HIS E 31 13.80 1.14 11.80
C HIS E 31 14.70 0.95 10.59
N VAL E 32 14.30 1.46 9.48
CA VAL E 32 15.06 1.28 8.25
C VAL E 32 16.44 1.93 8.30
N LYS E 33 16.67 2.79 9.26
CA LYS E 33 17.98 3.46 9.34
C LYS E 33 19.10 2.43 9.15
N GLY E 34 19.12 1.42 9.97
CA GLY E 34 20.13 0.38 9.88
C GLY E 34 20.10 -0.30 8.51
N ARG E 35 18.93 -0.49 7.97
CA ARG E 35 18.79 -1.14 6.68
C ARG E 35 19.53 -0.37 5.59
N LEU E 36 19.51 0.94 5.70
CA LEU E 36 20.13 1.81 4.71
C LEU E 36 21.66 1.66 4.54
N VAL E 37 22.40 1.56 5.61
CA VAL E 37 23.89 1.50 5.48
C VAL E 37 24.38 0.27 4.70
N PRO E 38 23.90 -0.91 4.99
CA PRO E 38 24.27 -2.15 4.24
C PRO E 38 23.93 -2.03 2.75
N GLY E 39 22.85 -1.37 2.49
CA GLY E 39 22.38 -1.14 1.13
C GLY E 39 23.42 -0.35 0.33
N ALA E 40 24.04 0.60 0.97
CA ALA E 40 25.01 1.46 0.33
C ALA E 40 26.15 0.66 -0.31
N THR E 41 26.63 -0.35 0.37
CA THR E 41 27.71 -1.17 -0.19
C THR E 41 27.43 -1.51 -1.65
N TYR E 42 28.31 -1.08 -2.52
CA TYR E 42 28.16 -1.33 -3.97
C TYR E 42 29.43 -1.98 -4.52
N LEU E 43 29.53 -3.27 -4.37
CA LEU E 43 30.69 -3.99 -4.88
C LEU E 43 30.69 -3.94 -6.40
N SER E 44 29.93 -4.81 -6.97
CA SER E 44 29.78 -4.89 -8.43
C SER E 44 28.47 -4.26 -8.84
N LEU E 45 27.89 -4.80 -9.88
CA LEU E 45 26.61 -4.30 -10.39
C LEU E 45 26.79 -2.94 -11.05
N GLY E 46 27.81 -2.82 -11.87
CA GLY E 46 28.09 -1.57 -12.54
C GLY E 46 26.90 -1.04 -13.32
N VAL E 47 26.56 -1.70 -14.41
CA VAL E 47 25.44 -1.25 -15.25
C VAL E 47 24.61 -2.42 -15.77
N TRP E 48 25.04 -3.62 -15.53
CA TRP E 48 24.28 -4.76 -16.02
C TRP E 48 22.80 -4.64 -15.60
N PRO E 49 22.52 -4.33 -14.36
CA PRO E 49 21.11 -4.17 -13.87
C PRO E 49 20.31 -3.15 -14.69
N LEU E 50 20.96 -2.07 -15.02
CA LEU E 50 20.30 -0.97 -15.74
C LEU E 50 19.66 -1.43 -17.06
N LEU E 51 20.24 -2.36 -17.75
CA LEU E 51 19.64 -2.76 -19.02
C LEU E 51 18.20 -3.21 -18.80
N LEU E 52 17.96 -3.99 -17.77
CA LEU E 52 16.60 -4.41 -17.49
C LEU E 52 15.74 -3.18 -17.22
N VAL E 53 16.29 -2.27 -16.47
CA VAL E 53 15.63 -1.02 -16.13
C VAL E 53 15.32 -0.22 -17.39
N ARG E 54 16.14 -0.36 -18.39
CA ARG E 54 15.96 0.38 -19.63
C ARG E 54 14.56 0.15 -20.19
N LEU E 55 14.07 -1.05 -20.13
CA LEU E 55 12.72 -1.30 -20.65
C LEU E 55 11.72 -0.42 -19.90
N LEU E 56 11.88 -0.37 -18.60
CA LEU E 56 11.06 0.44 -17.69
C LEU E 56 11.28 1.96 -17.86
N ARG E 57 12.49 2.30 -18.21
CA ARG E 57 12.92 3.72 -18.30
C ARG E 57 12.07 4.61 -19.24
N PRO E 58 11.69 4.21 -20.44
CA PRO E 58 10.85 5.08 -21.32
C PRO E 58 9.51 5.44 -20.66
N HIS E 59 8.92 4.48 -20.00
CA HIS E 59 7.64 4.71 -19.33
C HIS E 59 6.60 5.26 -20.32
N ARG E 60 5.34 5.17 -19.94
CA ARG E 60 4.27 5.67 -20.80
C ARG E 60 3.11 6.20 -19.95
N ALA E 61 2.06 6.63 -20.60
CA ALA E 61 0.89 7.15 -19.89
C ALA E 61 -0.39 6.82 -20.66
N LEU E 62 -0.24 6.09 -21.73
CA LEU E 62 -1.39 5.70 -22.55
C LEU E 62 -2.10 4.52 -21.87
N ALA E 63 -1.37 3.48 -21.61
CA ALA E 63 -1.92 2.29 -20.97
C ALA E 63 -3.31 1.97 -21.50
N GLY F 1 -18.17 21.24 -8.03
CA GLY F 1 -19.44 20.54 -7.75
C GLY F 1 -19.22 19.44 -6.71
N ALA F 2 -18.46 19.76 -5.70
CA ALA F 2 -18.16 18.80 -4.65
C ALA F 2 -17.32 19.44 -3.55
N LYS F 3 -16.03 19.43 -3.74
CA LYS F 3 -15.12 20.02 -2.76
C LYS F 3 -15.40 19.43 -1.38
N ASN F 4 -14.61 19.85 -0.41
CA ASN F 4 -14.77 19.34 0.95
C ASN F 4 -14.34 17.88 1.03
N VAL F 5 -15.01 17.04 0.30
CA VAL F 5 -14.66 15.63 0.28
C VAL F 5 -13.23 15.49 -0.23
N ILE F 6 -12.97 16.08 -1.36
CA ILE F 6 -11.66 16.05 -1.97
C ILE F 6 -10.63 16.70 -1.03
N VAL F 7 -11.06 17.72 -0.34
CA VAL F 7 -10.19 18.43 0.59
C VAL F 7 -9.66 17.46 1.65
N LEU F 8 -10.50 16.58 2.11
CA LEU F 8 -10.09 15.62 3.13
C LEU F 8 -8.92 14.80 2.60
N ASN F 9 -8.97 14.44 1.34
CA ASN F 9 -7.89 13.67 0.74
C ASN F 9 -6.58 14.46 0.79
N ALA F 10 -6.69 15.73 0.51
CA ALA F 10 -5.50 16.59 0.49
C ALA F 10 -4.80 16.56 1.83
N ALA F 11 -5.55 16.56 2.90
CA ALA F 11 -4.97 16.53 4.23
C ALA F 11 -4.10 15.28 4.39
N SER F 12 -4.56 14.18 3.85
CA SER F 12 -3.80 12.94 3.94
C SER F 12 -2.45 13.12 3.25
N ALA F 13 -2.47 13.77 2.11
CA ALA F 13 -1.25 14.00 1.33
C ALA F 13 -0.22 14.79 2.14
N ALA F 14 -0.68 15.74 2.90
CA ALA F 14 0.22 16.53 3.73
C ALA F 14 0.95 15.61 4.70
N GLY F 15 0.21 14.69 5.26
CA GLY F 15 0.78 13.76 6.23
C GLY F 15 1.91 12.95 5.62
N ASN F 16 1.73 12.50 4.40
CA ASN F 16 2.77 11.72 3.72
C ASN F 16 4.05 12.54 3.57
N HIS F 17 3.91 13.79 3.22
CA HIS F 17 5.06 14.66 3.03
C HIS F 17 5.75 14.93 4.36
N GLY F 18 7.03 14.64 4.42
CA GLY F 18 7.79 14.87 5.65
C GLY F 18 9.25 14.44 5.50
N PHE F 19 9.98 14.60 6.57
CA PHE F 19 11.41 14.24 6.59
C PHE F 19 11.61 12.71 6.75
N PHE F 20 11.09 12.16 7.80
CA PHE F 20 11.23 10.73 8.07
C PHE F 20 10.65 9.88 6.94
N TRP F 21 9.52 10.28 6.43
CA TRP F 21 8.86 9.53 5.37
C TRP F 21 9.76 9.42 4.12
N GLY F 22 10.44 10.48 3.79
CA GLY F 22 11.32 10.47 2.62
C GLY F 22 12.41 9.41 2.74
N LEU F 23 12.94 9.28 3.92
CA LEU F 23 14.00 8.32 4.17
C LEU F 23 13.53 6.89 3.89
N LEU F 24 12.31 6.60 4.24
CA LEU F 24 11.77 5.25 4.09
C LEU F 24 11.79 4.75 2.64
N VAL F 25 11.37 5.56 1.71
CA VAL F 25 11.34 5.12 0.32
C VAL F 25 12.73 4.80 -0.24
N VAL F 26 13.69 5.63 0.04
CA VAL F 26 15.05 5.40 -0.47
C VAL F 26 15.67 4.12 0.08
N THR F 27 15.51 3.89 1.36
CA THR F 27 16.10 2.72 1.99
C THR F 27 15.54 1.42 1.45
N LEU F 28 14.24 1.37 1.27
CA LEU F 28 13.62 0.13 0.79
C LEU F 28 14.18 -0.20 -0.59
N ALA F 29 14.29 0.79 -1.42
CA ALA F 29 14.82 0.58 -2.76
C ALA F 29 16.26 0.09 -2.71
N TRP F 30 17.04 0.67 -1.86
CA TRP F 30 18.44 0.30 -1.72
C TRP F 30 18.62 -1.13 -1.20
N HIS F 31 17.82 -1.49 -0.23
CA HIS F 31 17.93 -2.82 0.39
C HIS F 31 17.69 -3.95 -0.59
N VAL F 32 16.73 -3.81 -1.45
CA VAL F 32 16.42 -4.87 -2.39
C VAL F 32 17.56 -5.13 -3.37
N LYS F 33 18.60 -4.33 -3.31
CA LYS F 33 19.74 -4.55 -4.20
C LYS F 33 20.16 -6.02 -4.15
N GLY F 34 20.56 -6.46 -3.00
CA GLY F 34 20.98 -7.84 -2.83
C GLY F 34 19.85 -8.80 -3.21
N ARG F 35 18.65 -8.42 -2.90
CA ARG F 35 17.48 -9.25 -3.22
C ARG F 35 17.35 -9.48 -4.73
N LEU F 36 17.66 -8.47 -5.50
CA LEU F 36 17.50 -8.54 -6.96
C LEU F 36 18.33 -9.64 -7.66
N VAL F 37 19.58 -9.80 -7.32
CA VAL F 37 20.42 -10.79 -8.01
C VAL F 37 19.97 -12.27 -7.83
N PRO F 38 19.62 -12.74 -6.63
CA PRO F 38 19.13 -14.15 -6.43
C PRO F 38 17.84 -14.41 -7.21
N GLY F 39 17.04 -13.39 -7.29
CA GLY F 39 15.78 -13.46 -8.01
C GLY F 39 16.03 -13.80 -9.48
N ALA F 40 17.06 -13.21 -10.03
CA ALA F 40 17.39 -13.42 -11.44
C ALA F 40 17.63 -14.89 -11.74
N THR F 41 18.30 -15.58 -10.86
CA THR F 41 18.59 -17.00 -11.07
C THR F 41 17.44 -17.87 -10.57
N TYR F 42 16.74 -18.49 -11.48
CA TYR F 42 15.63 -19.37 -11.12
C TYR F 42 15.26 -20.27 -12.30
N LEU F 43 15.57 -21.52 -12.17
CA LEU F 43 15.27 -22.48 -13.22
C LEU F 43 13.76 -22.67 -13.32
N SER F 44 13.33 -22.95 -14.50
CA SER F 44 11.91 -23.15 -14.77
C SER F 44 11.13 -21.85 -14.61
N LEU F 45 9.87 -21.89 -14.95
CA LEU F 45 8.99 -20.72 -14.89
C LEU F 45 9.40 -19.72 -15.96
N GLY F 46 9.82 -20.23 -17.09
CA GLY F 46 10.24 -19.39 -18.22
C GLY F 46 9.11 -19.21 -19.23
N VAL F 47 8.46 -20.29 -19.58
CA VAL F 47 7.36 -20.26 -20.54
C VAL F 47 6.28 -21.27 -20.12
N TRP F 48 5.53 -20.96 -19.09
CA TRP F 48 4.47 -21.84 -18.65
C TRP F 48 3.52 -21.04 -17.73
N PRO F 49 4.03 -20.21 -16.84
CA PRO F 49 3.17 -19.39 -15.94
C PRO F 49 2.47 -18.28 -16.74
N LEU F 50 3.12 -17.85 -17.79
CA LEU F 50 2.63 -16.78 -18.64
C LEU F 50 1.24 -17.08 -19.18
N LEU F 51 0.93 -18.31 -19.47
CA LEU F 51 -0.39 -18.60 -20.02
C LEU F 51 -1.45 -18.08 -19.04
N LEU F 52 -1.24 -18.30 -17.77
CA LEU F 52 -2.19 -17.79 -16.78
C LEU F 52 -2.23 -16.26 -16.88
N VAL F 53 -1.07 -15.68 -17.04
CA VAL F 53 -0.92 -14.23 -17.18
C VAL F 53 -1.70 -13.71 -18.39
N ARG F 54 -1.84 -14.54 -19.39
CA ARG F 54 -2.54 -14.11 -20.59
C ARG F 54 -3.92 -13.59 -20.21
N LEU F 55 -4.56 -14.23 -19.28
CA LEU F 55 -5.89 -13.77 -18.86
C LEU F 55 -5.75 -12.33 -18.33
N LEU F 56 -4.73 -12.13 -17.53
CA LEU F 56 -4.38 -10.83 -16.94
C LEU F 56 -3.88 -9.80 -17.97
N ARG F 57 -3.22 -10.31 -18.98
CA ARG F 57 -2.57 -9.45 -20.00
C ARG F 57 -3.49 -8.43 -20.68
N PRO F 58 -4.70 -8.75 -21.10
CA PRO F 58 -5.60 -7.74 -21.72
C PRO F 58 -5.88 -6.60 -20.75
N HIS F 59 -6.08 -6.96 -19.51
CA HIS F 59 -6.35 -5.97 -18.46
C HIS F 59 -7.58 -5.13 -18.81
N ARG F 60 -8.71 -5.78 -18.86
CA ARG F 60 -9.96 -5.09 -19.18
C ARG F 60 -10.26 -4.02 -18.14
N ALA F 61 -11.45 -3.49 -18.17
CA ALA F 61 -11.85 -2.47 -17.21
C ALA F 61 -13.38 -2.39 -17.12
N LEU F 62 -13.88 -1.24 -16.79
CA LEU F 62 -15.32 -1.05 -16.66
C LEU F 62 -15.92 -2.16 -15.81
N ALA F 63 -15.18 -2.60 -14.82
CA ALA F 63 -15.64 -3.66 -13.93
C ALA F 63 -17.09 -3.42 -13.51
N GLY A 1 -8.67 24.71 -2.71
CA GLY A 1 -9.68 25.26 -3.64
C GLY A 1 -10.33 24.12 -4.43
N ALA A 2 -10.87 24.44 -5.57
CA ALA A 2 -11.53 23.44 -6.41
C ALA A 2 -10.50 22.75 -7.30
N LYS A 3 -9.25 22.80 -6.91
CA LYS A 3 -8.19 22.17 -7.68
C LYS A 3 -6.93 22.03 -6.85
N ASN A 4 -6.68 22.99 -6.00
CA ASN A 4 -5.49 22.93 -5.15
C ASN A 4 -5.38 21.56 -4.50
N VAL A 5 -6.51 20.95 -4.29
CA VAL A 5 -6.55 19.62 -3.69
C VAL A 5 -5.94 18.60 -4.66
N ILE A 6 -6.46 18.58 -5.85
CA ILE A 6 -5.97 17.68 -6.88
C ILE A 6 -4.48 17.93 -7.14
N VAL A 7 -4.10 19.18 -7.04
CA VAL A 7 -2.70 19.55 -7.25
C VAL A 7 -1.80 18.83 -6.24
N LEU A 8 -2.26 18.73 -5.02
CA LEU A 8 -1.48 18.05 -4.00
C LEU A 8 -1.20 16.59 -4.43
N ASN A 9 -2.18 15.96 -5.02
CA ASN A 9 -2.01 14.58 -5.47
C ASN A 9 -0.90 14.51 -6.53
N ALA A 10 -0.89 15.48 -7.40
CA ALA A 10 0.10 15.51 -8.47
C ALA A 10 1.50 15.49 -7.86
N ALA A 11 1.67 16.22 -6.79
CA ALA A 11 2.95 16.28 -6.13
C ALA A 11 3.41 14.90 -5.70
N SER A 12 2.49 14.09 -5.24
CA SER A 12 2.86 12.74 -4.82
C SER A 12 3.46 11.97 -5.99
N ALA A 13 2.86 12.11 -7.14
CA ALA A 13 3.35 11.42 -8.34
C ALA A 13 4.79 11.80 -8.65
N ALA A 14 5.10 13.06 -8.48
CA ALA A 14 6.47 13.53 -8.71
C ALA A 14 7.41 12.82 -7.76
N GLY A 15 6.96 12.66 -6.55
CA GLY A 15 7.76 12.01 -5.52
C GLY A 15 8.16 10.60 -5.94
N ASN A 16 7.23 9.89 -6.52
CA ASN A 16 7.50 8.52 -6.97
C ASN A 16 8.63 8.50 -7.99
N HIS A 17 8.62 9.46 -8.89
CA HIS A 17 9.65 9.53 -9.93
C HIS A 17 11.04 9.39 -9.32
N GLY A 18 11.57 8.20 -9.38
CA GLY A 18 12.90 7.93 -8.84
C GLY A 18 13.36 6.53 -9.23
N PHE A 19 14.43 6.45 -9.97
CA PHE A 19 14.95 5.17 -10.43
C PHE A 19 14.96 4.14 -9.30
N PHE A 20 15.27 4.58 -8.12
CA PHE A 20 15.31 3.67 -6.99
C PHE A 20 13.92 3.06 -6.77
N TRP A 21 12.91 3.90 -6.83
CA TRP A 21 11.55 3.44 -6.63
C TRP A 21 11.15 2.41 -7.69
N GLY A 22 11.53 2.68 -8.91
CA GLY A 22 11.22 1.78 -10.01
C GLY A 22 11.85 0.42 -9.80
N LEU A 23 13.05 0.42 -9.31
CA LEU A 23 13.77 -0.83 -9.08
C LEU A 23 13.06 -1.71 -8.06
N LEU A 24 12.53 -1.10 -7.02
CA LEU A 24 11.88 -1.88 -5.96
C LEU A 24 10.68 -2.70 -6.45
N VAL A 25 9.82 -2.13 -7.24
CA VAL A 25 8.65 -2.89 -7.69
C VAL A 25 9.05 -4.11 -8.53
N VAL A 26 9.99 -3.92 -9.43
CA VAL A 26 10.45 -5.03 -10.25
C VAL A 26 11.13 -6.09 -9.40
N THR A 27 11.92 -5.65 -8.46
CA THR A 27 12.66 -6.57 -7.60
C THR A 27 11.72 -7.43 -6.77
N LEU A 28 10.70 -6.84 -6.22
CA LEU A 28 9.76 -7.58 -5.40
C LEU A 28 9.08 -8.67 -6.24
N ALA A 29 8.73 -8.31 -7.44
CA ALA A 29 8.06 -9.26 -8.33
C ALA A 29 8.94 -10.48 -8.61
N TRP A 30 10.20 -10.25 -8.84
CA TRP A 30 11.13 -11.34 -9.13
C TRP A 30 11.26 -12.32 -7.94
N HIS A 31 11.32 -11.79 -6.75
CA HIS A 31 11.51 -12.63 -5.56
C HIS A 31 10.37 -13.62 -5.34
N VAL A 32 9.17 -13.18 -5.53
CA VAL A 32 8.01 -14.04 -5.28
C VAL A 32 7.97 -15.26 -6.20
N LYS A 33 8.76 -15.26 -7.25
CA LYS A 33 8.78 -16.41 -8.17
C LYS A 33 8.82 -17.71 -7.37
N GLY A 34 9.86 -17.86 -6.60
CA GLY A 34 10.03 -19.07 -5.79
C GLY A 34 8.85 -19.28 -4.84
N ARG A 35 8.34 -18.19 -4.30
CA ARG A 35 7.21 -18.27 -3.36
C ARG A 35 5.99 -18.92 -4.03
N LEU A 36 5.80 -18.61 -5.27
CA LEU A 36 4.63 -19.10 -6.01
C LEU A 36 4.52 -20.64 -6.07
N VAL A 37 5.61 -21.33 -6.31
CA VAL A 37 5.55 -22.80 -6.44
C VAL A 37 5.04 -23.56 -5.19
N PRO A 38 5.52 -23.29 -3.99
CA PRO A 38 5.03 -23.97 -2.74
C PRO A 38 3.54 -23.71 -2.51
N GLY A 39 3.14 -22.52 -2.86
CA GLY A 39 1.75 -22.12 -2.71
C GLY A 39 0.82 -23.04 -3.51
N ALA A 40 1.28 -23.41 -4.68
CA ALA A 40 0.48 -24.27 -5.54
C ALA A 40 0.14 -25.58 -4.85
N THR A 41 1.10 -26.16 -4.15
CA THR A 41 0.86 -27.41 -3.44
C THR A 41 0.60 -27.17 -1.96
N TYR A 42 -0.66 -27.10 -1.60
CA TYR A 42 -1.06 -26.85 -0.21
C TYR A 42 -1.69 -28.11 0.39
N LEU A 43 -2.85 -27.95 0.98
CA LEU A 43 -3.55 -29.07 1.62
C LEU A 43 -4.60 -29.65 0.68
N SER A 44 -5.79 -29.17 0.84
CA SER A 44 -6.93 -29.62 0.03
C SER A 44 -8.26 -29.22 0.70
N LEU A 45 -8.60 -27.97 0.57
CA LEU A 45 -9.85 -27.46 1.15
C LEU A 45 -10.96 -27.49 0.10
N GLY A 46 -10.83 -26.68 -0.90
CA GLY A 46 -11.80 -26.63 -1.99
C GLY A 46 -13.06 -25.84 -1.62
N VAL A 47 -13.52 -25.99 -0.40
CA VAL A 47 -14.75 -25.31 0.04
C VAL A 47 -14.44 -24.03 0.81
N TRP A 48 -13.31 -23.99 1.45
CA TRP A 48 -12.93 -22.82 2.25
C TRP A 48 -12.71 -21.54 1.42
N PRO A 49 -12.13 -21.61 0.24
CA PRO A 49 -11.89 -20.37 -0.57
C PRO A 49 -13.16 -19.87 -1.26
N LEU A 50 -13.66 -20.64 -2.18
CA LEU A 50 -14.83 -20.22 -2.95
C LEU A 50 -16.02 -19.84 -2.06
N LEU A 51 -16.25 -20.54 -0.99
CA LEU A 51 -17.39 -20.18 -0.16
C LEU A 51 -17.23 -18.74 0.37
N LEU A 52 -16.05 -18.42 0.84
CA LEU A 52 -15.81 -17.07 1.35
C LEU A 52 -16.02 -16.07 0.22
N VAL A 53 -15.57 -16.42 -0.95
CA VAL A 53 -15.70 -15.58 -2.14
C VAL A 53 -17.17 -15.28 -2.43
N ARG A 54 -18.03 -16.21 -2.13
CA ARG A 54 -19.44 -16.02 -2.42
C ARG A 54 -19.94 -14.73 -1.76
N LEU A 55 -19.52 -14.48 -0.56
CA LEU A 55 -19.95 -13.25 0.11
C LEU A 55 -19.46 -12.05 -0.72
N LEU A 56 -18.23 -12.13 -1.13
CA LEU A 56 -17.54 -11.14 -1.96
C LEU A 56 -18.12 -11.04 -3.39
N ARG A 57 -18.55 -12.17 -3.90
CA ARG A 57 -19.00 -12.28 -5.29
C ARG A 57 -20.12 -11.30 -5.70
N PRO A 58 -21.17 -11.08 -4.93
CA PRO A 58 -22.22 -10.09 -5.32
C PRO A 58 -21.64 -8.69 -5.47
N HIS A 59 -20.78 -8.34 -4.56
CA HIS A 59 -20.13 -7.03 -4.58
C HIS A 59 -21.17 -5.91 -4.71
N ARG A 60 -20.73 -4.69 -4.52
CA ARG A 60 -21.62 -3.54 -4.62
C ARG A 60 -20.82 -2.25 -4.51
N ALA A 61 -21.51 -1.13 -4.57
CA ALA A 61 -20.85 0.18 -4.48
C ALA A 61 -21.57 1.07 -3.47
N LEU A 62 -22.63 0.56 -2.90
CA LEU A 62 -23.39 1.32 -1.91
C LEU A 62 -22.58 1.47 -0.63
N ALA A 63 -21.88 0.43 -0.25
CA ALA A 63 -21.07 0.46 0.95
C ALA A 63 -21.82 1.13 2.10
N GLY B 1 -7.81 23.82 -17.98
CA GLY B 1 -7.85 24.23 -16.56
C GLY B 1 -8.49 23.13 -15.72
N ALA B 2 -7.90 21.96 -15.77
CA ALA B 2 -8.42 20.83 -15.01
C ALA B 2 -7.46 19.64 -15.09
N LYS B 3 -6.90 19.44 -16.26
CA LYS B 3 -5.96 18.33 -16.45
C LYS B 3 -4.55 18.72 -16.00
N ASN B 4 -3.58 17.95 -16.43
CA ASN B 4 -2.18 18.18 -16.08
C ASN B 4 -1.94 17.75 -14.63
N VAL B 5 -2.98 17.32 -13.99
CA VAL B 5 -2.92 16.83 -12.60
C VAL B 5 -3.27 15.34 -12.60
N ILE B 6 -4.49 15.06 -12.97
CA ILE B 6 -4.98 13.70 -13.06
C ILE B 6 -4.13 12.91 -14.05
N VAL B 7 -3.67 13.61 -15.07
CA VAL B 7 -2.84 12.98 -16.10
C VAL B 7 -1.60 12.36 -15.48
N LEU B 8 -1.00 13.07 -14.55
CA LEU B 8 0.21 12.58 -13.89
C LEU B 8 -0.07 11.25 -13.19
N ASN B 9 -1.22 11.16 -12.57
CA ASN B 9 -1.63 9.95 -11.90
C ASN B 9 -1.74 8.83 -12.92
N ALA B 10 -2.24 9.17 -14.07
CA ALA B 10 -2.44 8.19 -15.14
C ALA B 10 -1.12 7.50 -15.47
N ALA B 11 -0.06 8.26 -15.52
CA ALA B 11 1.24 7.70 -15.82
C ALA B 11 1.57 6.60 -14.80
N SER B 12 1.24 6.84 -13.56
CA SER B 12 1.50 5.84 -12.53
C SER B 12 0.74 4.56 -12.87
N ALA B 13 -0.49 4.71 -13.30
CA ALA B 13 -1.32 3.56 -13.64
C ALA B 13 -0.69 2.73 -14.76
N ALA B 14 -0.13 3.41 -15.74
CA ALA B 14 0.52 2.70 -16.83
C ALA B 14 1.66 1.84 -16.28
N GLY B 15 2.38 2.43 -15.36
CA GLY B 15 3.53 1.76 -14.74
C GLY B 15 3.12 0.45 -14.05
N ASN B 16 2.01 0.48 -13.36
CA ASN B 16 1.54 -0.73 -12.66
C ASN B 16 1.27 -1.87 -13.66
N HIS B 17 0.68 -1.54 -14.77
CA HIS B 17 0.35 -2.53 -15.79
C HIS B 17 -0.22 -3.80 -15.16
N GLY B 18 -0.34 -4.84 -15.95
CA GLY B 18 -0.89 -6.11 -15.49
C GLY B 18 -0.01 -7.31 -15.82
N PHE B 19 1.08 -7.07 -16.51
CA PHE B 19 1.98 -8.16 -16.87
C PHE B 19 2.77 -8.63 -15.64
N PHE B 20 3.95 -8.09 -15.43
CA PHE B 20 4.75 -8.47 -14.28
C PHE B 20 4.03 -8.18 -12.98
N TRP B 21 3.40 -7.04 -12.92
CA TRP B 21 2.68 -6.62 -11.72
C TRP B 21 1.56 -7.60 -11.37
N GLY B 22 0.87 -8.08 -12.38
CA GLY B 22 -0.23 -9.02 -12.15
C GLY B 22 0.28 -10.29 -11.47
N LEU B 23 1.43 -10.73 -11.88
CA LEU B 23 2.01 -11.94 -11.31
C LEU B 23 2.26 -11.76 -9.80
N LEU B 24 2.72 -10.60 -9.41
CA LEU B 24 3.03 -10.35 -8.01
C LEU B 24 1.81 -10.52 -7.09
N VAL B 25 0.69 -9.97 -7.47
CA VAL B 25 -0.51 -10.08 -6.64
C VAL B 25 -0.97 -11.53 -6.47
N VAL B 26 -0.93 -12.29 -7.54
CA VAL B 26 -1.36 -13.69 -7.47
C VAL B 26 -0.47 -14.49 -6.52
N THR B 27 0.81 -14.25 -6.60
CA THR B 27 1.77 -14.98 -5.77
C THR B 27 1.52 -14.73 -4.28
N LEU B 28 1.26 -13.51 -3.93
CA LEU B 28 1.01 -13.19 -2.52
C LEU B 28 -0.23 -13.93 -2.02
N ALA B 29 -1.25 -13.98 -2.83
CA ALA B 29 -2.48 -14.66 -2.44
C ALA B 29 -2.23 -16.15 -2.21
N TRP B 30 -1.47 -16.76 -3.06
CA TRP B 30 -1.15 -18.18 -2.92
C TRP B 30 -0.33 -18.48 -1.66
N HIS B 31 0.63 -17.62 -1.40
CA HIS B 31 1.52 -17.82 -0.25
C HIS B 31 0.79 -17.84 1.08
N VAL B 32 -0.16 -16.98 1.27
CA VAL B 32 -0.86 -16.94 2.55
C VAL B 32 -1.52 -18.27 2.88
N LYS B 33 -1.53 -19.20 1.95
CA LYS B 33 -2.13 -20.51 2.24
C LYS B 33 -1.64 -21.01 3.59
N GLY B 34 -0.36 -21.22 3.70
CA GLY B 34 0.23 -21.70 4.94
C GLY B 34 -0.07 -20.72 6.08
N ARG B 35 -0.05 -19.45 5.76
CA ARG B 35 -0.33 -18.41 6.75
C ARG B 35 -1.73 -18.59 7.34
N LEU B 36 -2.64 -19.01 6.52
CA LEU B 36 -4.03 -19.18 6.92
C LEU B 36 -4.25 -20.15 8.08
N VAL B 37 -3.58 -21.28 8.08
CA VAL B 37 -3.80 -22.29 9.13
C VAL B 37 -3.45 -21.82 10.57
N PRO B 38 -2.31 -21.20 10.82
CA PRO B 38 -1.94 -20.68 12.17
C PRO B 38 -2.93 -19.61 12.65
N GLY B 39 -3.40 -18.85 11.72
CA GLY B 39 -4.36 -17.79 12.00
C GLY B 39 -5.63 -18.37 12.62
N ALA B 40 -6.02 -19.52 12.14
CA ALA B 40 -7.23 -20.17 12.63
C ALA B 40 -7.15 -20.42 14.13
N THR B 41 -6.00 -20.82 14.62
CA THR B 41 -5.84 -21.08 16.05
C THR B 41 -5.42 -19.82 16.79
N TYR B 42 -6.30 -19.33 17.64
CA TYR B 42 -6.02 -18.11 18.41
C TYR B 42 -6.79 -18.11 19.72
N LEU B 43 -8.07 -18.26 19.64
CA LEU B 43 -8.94 -18.28 20.81
C LEU B 43 -8.79 -16.98 21.59
N SER B 44 -9.66 -16.79 22.53
CA SER B 44 -9.65 -15.59 23.35
C SER B 44 -10.01 -14.35 22.52
N LEU B 45 -9.85 -13.20 23.12
CA LEU B 45 -10.16 -11.95 22.44
C LEU B 45 -11.66 -11.86 22.14
N GLY B 46 -12.46 -12.17 23.13
CA GLY B 46 -13.92 -12.15 22.99
C GLY B 46 -14.46 -10.78 22.58
N VAL B 47 -14.33 -9.80 23.45
CA VAL B 47 -14.84 -8.44 23.18
C VAL B 47 -13.74 -7.40 23.31
N TRP B 48 -12.59 -7.82 23.76
CA TRP B 48 -11.46 -6.93 23.92
C TRP B 48 -11.16 -6.19 22.59
N PRO B 49 -11.16 -6.87 21.46
CA PRO B 49 -10.86 -6.18 20.18
C PRO B 49 -12.03 -5.31 19.72
N LEU B 50 -13.20 -5.87 19.76
CA LEU B 50 -14.41 -5.19 19.31
C LEU B 50 -14.63 -3.84 20.00
N LEU B 51 -14.32 -3.74 21.27
CA LEU B 51 -14.56 -2.47 21.94
C LEU B 51 -13.79 -1.34 21.24
N LEU B 52 -12.55 -1.59 20.92
CA LEU B 52 -11.75 -0.58 20.23
C LEU B 52 -12.40 -0.27 18.89
N VAL B 53 -12.86 -1.31 18.23
CA VAL B 53 -13.54 -1.19 16.94
C VAL B 53 -14.77 -0.31 17.06
N ARG B 54 -15.37 -0.31 18.22
CA ARG B 54 -16.58 0.47 18.43
C ARG B 54 -16.32 1.92 18.00
N LEU B 55 -15.17 2.44 18.31
CA LEU B 55 -14.87 3.82 17.91
C LEU B 55 -14.95 3.91 16.38
N LEU B 56 -14.36 2.93 15.74
CA LEU B 56 -14.35 2.78 14.27
C LEU B 56 -15.72 2.48 13.66
N ARG B 57 -16.51 1.75 14.41
CA ARG B 57 -17.83 1.27 13.93
C ARG B 57 -18.80 2.35 13.41
N PRO B 58 -18.96 3.49 14.05
CA PRO B 58 -19.88 4.56 13.53
C PRO B 58 -19.47 5.02 12.13
N HIS B 59 -18.18 5.14 11.91
CA HIS B 59 -17.69 5.59 10.60
C HIS B 59 -18.37 6.90 10.20
N ARG B 60 -18.20 7.90 11.02
CA ARG B 60 -18.80 9.21 10.76
C ARG B 60 -18.53 9.64 9.33
N ALA B 61 -17.28 9.62 8.95
CA ALA B 61 -16.86 10.01 7.60
C ALA B 61 -16.68 11.53 7.51
N LEU B 62 -17.10 12.24 8.52
CA LEU B 62 -16.96 13.69 8.55
C LEU B 62 -15.57 14.07 9.06
N ALA B 63 -14.59 13.30 8.69
CA ALA B 63 -13.22 13.55 9.12
C ALA B 63 -12.63 14.72 8.35
N GLY C 1 -8.47 14.34 -22.69
CA GLY C 1 -9.82 14.74 -23.18
C GLY C 1 -10.73 15.06 -21.99
N ALA C 2 -11.38 14.05 -21.48
CA ALA C 2 -12.26 14.22 -20.34
C ALA C 2 -12.82 12.87 -19.87
N LYS C 3 -12.38 11.82 -20.52
CA LYS C 3 -12.82 10.47 -20.16
C LYS C 3 -11.82 9.45 -20.65
N ASN C 4 -10.66 9.48 -20.07
CA ASN C 4 -9.59 8.55 -20.42
C ASN C 4 -8.67 8.37 -19.21
N VAL C 5 -8.43 9.44 -18.52
CA VAL C 5 -7.58 9.42 -17.34
C VAL C 5 -8.28 8.61 -16.24
N ILE C 6 -9.45 9.06 -15.88
CA ILE C 6 -10.26 8.40 -14.87
C ILE C 6 -10.56 6.96 -15.29
N VAL C 7 -10.73 6.78 -16.58
CA VAL C 7 -11.03 5.46 -17.12
C VAL C 7 -9.92 4.47 -16.76
N LEU C 8 -8.69 4.92 -16.85
CA LEU C 8 -7.56 4.05 -16.53
C LEU C 8 -7.66 3.56 -15.09
N ASN C 9 -8.07 4.42 -14.19
CA ASN C 9 -8.22 4.02 -12.79
C ASN C 9 -9.22 2.87 -12.71
N ALA C 10 -10.26 3.00 -13.46
CA ALA C 10 -11.31 1.97 -13.47
C ALA C 10 -10.71 0.63 -13.87
N ALA C 11 -9.83 0.65 -14.84
CA ALA C 11 -9.19 -0.57 -15.30
C ALA C 11 -8.43 -1.24 -14.15
N SER C 12 -7.78 -0.46 -13.34
CA SER C 12 -7.05 -1.01 -12.20
C SER C 12 -8.01 -1.76 -11.29
N ALA C 13 -9.15 -1.17 -11.07
CA ALA C 13 -10.17 -1.78 -10.20
C ALA C 13 -10.58 -3.14 -10.72
N ALA C 14 -10.68 -3.25 -12.02
CA ALA C 14 -11.05 -4.51 -12.64
C ALA C 14 -10.01 -5.58 -12.28
N GLY C 15 -8.77 -5.18 -12.31
CA GLY C 15 -7.68 -6.09 -12.00
C GLY C 15 -7.81 -6.66 -10.59
N ASN C 16 -8.17 -5.82 -9.65
CA ASN C 16 -8.32 -6.26 -8.26
C ASN C 16 -9.40 -7.34 -8.15
N HIS C 17 -10.48 -7.17 -8.85
CA HIS C 17 -11.57 -8.13 -8.81
C HIS C 17 -11.05 -9.54 -9.07
N GLY C 18 -10.95 -10.31 -8.02
CA GLY C 18 -10.46 -11.68 -8.15
C GLY C 18 -10.85 -12.51 -6.92
N PHE C 19 -10.87 -13.80 -7.08
CA PHE C 19 -11.23 -14.71 -5.98
C PHE C 19 -10.07 -14.90 -5.00
N PHE C 20 -8.92 -15.30 -5.50
CA PHE C 20 -7.76 -15.54 -4.65
C PHE C 20 -7.36 -14.27 -3.88
N TRP C 21 -7.41 -13.15 -4.54
CA TRP C 21 -7.03 -11.88 -3.91
C TRP C 21 -7.91 -11.56 -2.70
N GLY C 22 -9.17 -11.84 -2.82
CA GLY C 22 -10.10 -11.57 -1.72
C GLY C 22 -9.76 -12.36 -0.47
N LEU C 23 -9.35 -13.58 -0.64
CA LEU C 23 -9.02 -14.45 0.50
C LEU C 23 -7.88 -13.88 1.35
N LEU C 24 -6.89 -13.33 0.71
CA LEU C 24 -5.72 -12.82 1.43
C LEU C 24 -6.05 -11.70 2.42
N VAL C 25 -6.86 -10.76 2.04
CA VAL C 25 -7.16 -9.66 2.96
C VAL C 25 -7.88 -10.14 4.23
N VAL C 26 -8.86 -10.99 4.06
CA VAL C 26 -9.61 -11.50 5.20
C VAL C 26 -8.73 -12.35 6.13
N THR C 27 -7.95 -13.20 5.53
CA THR C 27 -7.09 -14.10 6.29
C THR C 27 -6.05 -13.36 7.11
N LEU C 28 -5.45 -12.38 6.50
CA LEU C 28 -4.41 -11.60 7.17
C LEU C 28 -4.98 -10.86 8.38
N ALA C 29 -6.13 -10.25 8.21
CA ALA C 29 -6.71 -9.47 9.30
C ALA C 29 -7.05 -10.29 10.54
N TRP C 30 -7.68 -11.41 10.37
CA TRP C 30 -8.03 -12.23 11.53
C TRP C 30 -6.80 -12.83 12.21
N HIS C 31 -5.86 -13.27 11.41
CA HIS C 31 -4.66 -13.92 11.95
C HIS C 31 -3.87 -13.03 12.91
N VAL C 32 -3.72 -11.78 12.57
CA VAL C 32 -2.95 -10.89 13.43
C VAL C 32 -3.51 -10.85 14.85
N LYS C 33 -4.65 -11.45 15.05
CA LYS C 33 -5.26 -11.46 16.39
C LYS C 33 -4.20 -11.78 17.46
N GLY C 34 -3.58 -12.91 17.33
CA GLY C 34 -2.57 -13.32 18.29
C GLY C 34 -1.43 -12.31 18.39
N ARG C 35 -1.05 -11.74 17.28
CA ARG C 35 0.03 -10.75 17.26
C ARG C 35 -0.32 -9.57 18.16
N LEU C 36 -1.58 -9.21 18.16
CA LEU C 36 -2.05 -8.05 18.92
C LEU C 36 -1.86 -8.14 20.46
N VAL C 37 -2.14 -9.27 21.07
CA VAL C 37 -2.04 -9.32 22.55
C VAL C 37 -0.61 -9.07 23.09
N PRO C 38 0.40 -9.68 22.52
CA PRO C 38 1.83 -9.43 22.94
C PRO C 38 2.20 -7.96 22.73
N GLY C 39 1.67 -7.39 21.70
CA GLY C 39 1.91 -5.99 21.36
C GLY C 39 1.42 -5.07 22.48
N ALA C 40 0.30 -5.41 23.06
CA ALA C 40 -0.29 -4.57 24.10
C ALA C 40 0.65 -4.32 25.27
N THR C 41 1.36 -5.36 25.71
CA THR C 41 2.31 -5.22 26.85
C THR C 41 1.92 -4.05 27.76
N TYR C 42 2.50 -2.92 27.48
CA TYR C 42 2.22 -1.70 28.25
C TYR C 42 2.99 -1.68 29.57
N LEU C 43 3.89 -0.75 29.68
CA LEU C 43 4.70 -0.60 30.90
C LEU C 43 5.26 0.81 30.99
N SER C 44 6.31 1.04 30.27
CA SER C 44 6.96 2.36 30.24
C SER C 44 6.56 3.13 28.99
N LEU C 45 5.31 3.54 28.94
CA LEU C 45 4.79 4.30 27.80
C LEU C 45 3.81 5.36 28.27
N GLY C 46 3.92 5.75 29.51
CA GLY C 46 3.02 6.74 30.07
C GLY C 46 2.90 7.94 29.13
N VAL C 47 3.94 8.72 29.04
CA VAL C 47 3.92 9.91 28.18
C VAL C 47 5.23 10.13 27.44
N TRP C 48 6.28 9.47 27.86
CA TRP C 48 7.57 9.65 27.19
C TRP C 48 7.42 9.54 25.67
N PRO C 49 6.74 8.52 25.17
CA PRO C 49 6.55 8.32 23.71
C PRO C 49 5.82 9.48 23.02
N LEU C 50 4.81 9.99 23.67
CA LEU C 50 3.98 11.05 23.11
C LEU C 50 4.78 12.28 22.67
N LEU C 51 5.81 12.65 23.38
CA LEU C 51 6.54 13.86 22.99
C LEU C 51 7.01 13.75 21.53
N LEU C 52 7.54 12.61 21.16
CA LEU C 52 7.99 12.45 19.78
C LEU C 52 6.79 12.61 18.84
N VAL C 53 5.70 12.02 19.22
CA VAL C 53 4.46 12.11 18.45
C VAL C 53 3.99 13.56 18.35
N ARG C 54 4.30 14.33 19.35
CA ARG C 54 3.86 15.72 19.37
C ARG C 54 4.29 16.41 18.08
N LEU C 55 5.47 16.10 17.63
CA LEU C 55 5.94 16.73 16.38
C LEU C 55 4.96 16.39 15.25
N LEU C 56 4.56 15.14 15.21
CA LEU C 56 3.58 14.60 14.25
C LEU C 56 2.16 15.15 14.47
N ARG C 57 1.85 15.40 15.72
CA ARG C 57 0.50 15.81 16.15
C ARG C 57 -0.09 17.06 15.44
N PRO C 58 0.63 18.13 15.22
CA PRO C 58 0.05 19.32 14.51
C PRO C 58 -0.45 18.94 13.11
N HIS C 59 0.29 18.09 12.46
CA HIS C 59 -0.09 17.64 11.12
C HIS C 59 -0.45 18.83 10.22
N ARG C 60 -0.78 18.54 9.00
CA ARG C 60 -1.14 19.60 8.05
C ARG C 60 -1.90 18.99 6.87
N ALA C 61 -2.55 19.82 6.09
CA ALA C 61 -3.31 19.34 4.92
C ALA C 61 -3.13 20.25 3.72
N LEU C 62 -2.79 21.49 3.95
CA LEU C 62 -2.58 22.43 2.86
C LEU C 62 -1.21 22.19 2.24
N ALA C 63 -0.83 20.94 2.15
CA ALA C 63 0.46 20.57 1.58
C ALA C 63 0.53 20.96 0.10
N GLY D 1 -19.47 6.69 -18.62
CA GLY D 1 -19.60 7.90 -19.47
C GLY D 1 -19.43 9.14 -18.61
N ALA D 2 -19.44 8.95 -17.32
CA ALA D 2 -19.28 10.07 -16.38
C ALA D 2 -19.00 9.55 -14.98
N LYS D 3 -20.05 9.20 -14.27
CA LYS D 3 -19.90 8.69 -12.90
C LYS D 3 -19.56 7.20 -12.92
N ASN D 4 -20.10 6.50 -13.88
CA ASN D 4 -19.86 5.05 -14.00
C ASN D 4 -18.40 4.72 -13.69
N VAL D 5 -17.51 5.56 -14.11
CA VAL D 5 -16.09 5.33 -13.86
C VAL D 5 -15.83 5.43 -12.36
N ILE D 6 -16.22 6.53 -11.79
CA ILE D 6 -16.06 6.78 -10.37
C ILE D 6 -16.80 5.71 -9.57
N VAL D 7 -17.90 5.27 -10.10
CA VAL D 7 -18.71 4.24 -9.44
C VAL D 7 -17.86 2.98 -9.22
N LEU D 8 -17.08 2.63 -10.20
CA LEU D 8 -16.23 1.45 -10.09
C LEU D 8 -15.28 1.59 -8.89
N ASN D 9 -14.74 2.77 -8.71
CA ASN D 9 -13.83 3.00 -7.59
C ASN D 9 -14.56 2.76 -6.27
N ALA D 10 -15.78 3.22 -6.20
CA ALA D 10 -16.57 3.07 -4.98
C ALA D 10 -16.67 1.60 -4.61
N ALA D 11 -16.82 0.75 -5.59
CA ALA D 11 -16.91 -0.68 -5.33
C ALA D 11 -15.67 -1.15 -4.57
N SER D 12 -14.52 -0.65 -4.93
CA SER D 12 -13.30 -1.03 -4.24
C SER D 12 -13.41 -0.63 -2.77
N ALA D 13 -13.93 0.54 -2.53
CA ALA D 13 -14.08 1.07 -1.17
C ALA D 13 -14.92 0.13 -0.32
N ALA D 14 -15.94 -0.44 -0.92
CA ALA D 14 -16.78 -1.38 -0.18
C ALA D 14 -15.94 -2.55 0.31
N GLY D 15 -15.07 -3.00 -0.54
CA GLY D 15 -14.20 -4.13 -0.20
C GLY D 15 -13.38 -3.82 1.04
N ASN D 16 -12.85 -2.62 1.10
CA ASN D 16 -12.05 -2.21 2.26
C ASN D 16 -12.90 -2.24 3.53
N HIS D 17 -14.12 -1.79 3.43
CA HIS D 17 -15.02 -1.76 4.58
C HIS D 17 -15.19 -3.15 5.16
N GLY D 18 -14.61 -3.36 6.31
CA GLY D 18 -14.69 -4.65 6.99
C GLY D 18 -14.00 -4.57 8.34
N PHE D 19 -14.79 -4.58 9.39
CA PHE D 19 -14.26 -4.49 10.75
C PHE D 19 -12.93 -5.22 10.90
N PHE D 20 -12.81 -6.36 10.30
CA PHE D 20 -11.58 -7.12 10.39
C PHE D 20 -10.42 -6.29 9.83
N TRP D 21 -10.67 -5.64 8.72
CA TRP D 21 -9.64 -4.82 8.08
C TRP D 21 -9.19 -3.70 9.02
N GLY D 22 -10.12 -3.10 9.69
CA GLY D 22 -9.81 -2.00 10.62
C GLY D 22 -8.87 -2.48 11.72
N LEU D 23 -9.10 -3.68 12.19
CA LEU D 23 -8.29 -4.25 13.26
C LEU D 23 -6.81 -4.37 12.85
N LEU D 24 -6.57 -4.73 11.61
CA LEU D 24 -5.20 -4.94 11.15
C LEU D 24 -4.32 -3.69 11.32
N VAL D 25 -4.81 -2.54 10.98
CA VAL D 25 -3.99 -1.34 11.11
C VAL D 25 -3.65 -1.03 12.57
N VAL D 26 -4.60 -1.16 13.46
CA VAL D 26 -4.36 -0.87 14.88
C VAL D 26 -3.33 -1.80 15.52
N THR D 27 -3.46 -3.07 15.27
CA THR D 27 -2.54 -4.04 15.86
C THR D 27 -1.11 -3.83 15.39
N LEU D 28 -0.95 -3.57 14.13
CA LEU D 28 0.38 -3.37 13.57
C LEU D 28 1.07 -2.20 14.25
N ALA D 29 0.32 -1.15 14.48
CA ALA D 29 0.88 0.04 15.11
C ALA D 29 1.43 -0.28 16.50
N TRP D 30 0.71 -1.06 17.26
CA TRP D 30 1.15 -1.42 18.61
C TRP D 30 2.45 -2.23 18.60
N HIS D 31 2.57 -3.14 17.66
CA HIS D 31 3.74 -4.01 17.60
C HIS D 31 5.05 -3.25 17.41
N VAL D 32 5.05 -2.25 16.57
CA VAL D 32 6.27 -1.50 16.30
C VAL D 32 6.75 -0.74 17.54
N LYS D 33 5.95 -0.71 18.57
CA LYS D 33 6.35 -0.01 19.79
C LYS D 33 7.79 -0.35 20.17
N GLY D 34 8.03 -1.61 20.40
CA GLY D 34 9.37 -2.07 20.77
C GLY D 34 10.39 -1.71 19.69
N ARG D 35 9.99 -1.80 18.45
CA ARG D 35 10.88 -1.48 17.34
C ARG D 35 11.34 -0.03 17.41
N LEU D 36 10.47 0.83 17.81
CA LEU D 36 10.75 2.26 17.88
C LEU D 36 11.95 2.64 18.80
N VAL D 37 12.06 2.03 19.94
CA VAL D 37 13.13 2.40 20.89
C VAL D 37 14.58 2.16 20.37
N PRO D 38 14.91 1.03 19.78
CA PRO D 38 16.28 0.78 19.21
C PRO D 38 16.61 1.77 18.10
N GLY D 39 15.61 2.11 17.35
CA GLY D 39 15.76 3.05 16.25
C GLY D 39 16.26 4.40 16.76
N ALA D 40 15.74 4.81 17.88
CA ALA D 40 16.12 6.09 18.47
C ALA D 40 17.63 6.18 18.71
N THR D 41 18.20 5.11 19.20
CA THR D 41 19.65 5.11 19.47
C THR D 41 20.44 4.94 18.18
N TYR D 42 21.13 5.98 17.79
CA TYR D 42 21.95 5.95 16.58
C TYR D 42 22.76 7.24 16.47
N LEU D 43 24.05 7.12 16.60
CA LEU D 43 24.94 8.27 16.52
C LEU D 43 25.43 8.45 15.09
N SER D 44 26.13 9.52 14.89
CA SER D 44 26.68 9.83 13.57
C SER D 44 25.56 9.98 12.54
N LEU D 45 25.94 10.04 11.29
CA LEU D 45 24.99 10.19 10.19
C LEU D 45 24.18 11.48 10.36
N GLY D 46 24.87 12.60 10.51
CA GLY D 46 24.20 13.89 10.71
C GLY D 46 23.92 14.65 9.40
N VAL D 47 24.80 14.54 8.43
CA VAL D 47 24.63 15.27 7.16
C VAL D 47 24.12 14.36 6.05
N TRP D 48 24.29 13.09 6.25
CA TRP D 48 23.86 12.10 5.27
C TRP D 48 22.35 12.09 5.04
N PRO D 49 21.51 12.24 6.06
CA PRO D 49 20.04 12.21 5.85
C PRO D 49 19.52 13.49 5.19
N LEU D 50 19.73 14.59 5.85
CA LEU D 50 19.23 15.88 5.37
C LEU D 50 19.66 16.19 3.94
N LEU D 51 20.85 15.82 3.54
CA LEU D 51 21.25 16.13 2.17
C LEU D 51 20.25 15.50 1.19
N LEU D 52 19.89 14.27 1.44
CA LEU D 52 18.92 13.60 0.57
C LEU D 52 17.61 14.38 0.59
N VAL D 53 17.24 14.82 1.76
CA VAL D 53 16.00 15.59 1.94
C VAL D 53 16.01 16.86 1.10
N ARG D 54 17.17 17.42 0.89
CA ARG D 54 17.26 18.65 0.13
C ARG D 54 16.60 18.48 -1.23
N LEU D 55 16.79 17.35 -1.84
CA LEU D 55 16.17 17.11 -3.14
C LEU D 55 14.64 17.21 -2.98
N LEU D 56 14.15 16.60 -1.94
CA LEU D 56 12.73 16.58 -1.57
C LEU D 56 12.18 17.97 -1.16
N ARG D 57 13.02 18.74 -0.52
CA ARG D 57 12.60 20.03 0.06
C ARG D 57 11.98 21.03 -0.94
N PRO D 58 12.50 21.23 -2.14
CA PRO D 58 11.87 22.18 -3.11
C PRO D 58 10.44 21.75 -3.45
N HIS D 59 10.27 20.47 -3.64
CA HIS D 59 8.95 19.93 -3.99
C HIS D 59 8.44 20.54 -5.29
N ARG D 60 9.03 20.11 -6.37
CA ARG D 60 8.65 20.61 -7.70
C ARG D 60 7.18 20.33 -7.99
N ALA D 61 6.79 19.09 -7.85
CA ALA D 61 5.42 18.68 -8.11
C ALA D 61 5.01 19.08 -9.52
N LEU D 62 3.75 18.90 -9.83
CA LEU D 62 3.25 19.23 -11.16
C LEU D 62 4.03 18.46 -12.22
N ALA D 63 4.85 17.55 -11.78
CA ALA D 63 5.66 16.74 -12.68
C ALA D 63 4.78 16.03 -13.72
N GLY E 1 -25.85 9.00 -8.45
CA GLY E 1 -25.56 9.60 -7.11
C GLY E 1 -24.21 10.29 -7.15
N ALA E 2 -24.23 11.60 -7.21
CA ALA E 2 -23.00 12.38 -7.25
C ALA E 2 -22.25 12.28 -5.94
N LYS E 3 -22.95 12.45 -4.85
CA LYS E 3 -22.35 12.38 -3.51
C LYS E 3 -22.66 11.05 -2.84
N ASN E 4 -22.21 9.99 -3.44
CA ASN E 4 -22.42 8.65 -2.91
C ASN E 4 -21.32 7.73 -3.44
N VAL E 5 -20.30 8.35 -3.97
CA VAL E 5 -19.15 7.65 -4.52
C VAL E 5 -17.89 8.17 -3.84
N ILE E 6 -17.56 9.40 -4.10
CA ILE E 6 -16.42 10.04 -3.49
C ILE E 6 -16.60 10.04 -1.98
N VAL E 7 -17.84 10.17 -1.57
CA VAL E 7 -18.19 10.18 -0.16
C VAL E 7 -17.73 8.89 0.52
N LEU E 8 -17.91 7.79 -0.17
CA LEU E 8 -17.50 6.50 0.38
C LEU E 8 -16.00 6.50 0.68
N ASN E 9 -15.23 7.09 -0.20
CA ASN E 9 -13.78 7.16 0.00
C ASN E 9 -13.47 7.92 1.28
N ALA E 10 -14.18 8.99 1.48
CA ALA E 10 -13.97 9.83 2.66
C ALA E 10 -14.14 9.00 3.93
N ALA E 11 -15.10 8.12 3.91
CA ALA E 11 -15.34 7.27 5.08
C ALA E 11 -14.10 6.45 5.40
N SER E 12 -13.44 5.95 4.37
CA SER E 12 -12.23 5.16 4.60
C SER E 12 -11.17 6.02 5.30
N ALA E 13 -11.03 7.23 4.86
CA ALA E 13 -10.05 8.15 5.45
C ALA E 13 -10.35 8.37 6.95
N ALA E 14 -11.60 8.45 7.28
CA ALA E 14 -11.99 8.63 8.67
C ALA E 14 -11.49 7.45 9.50
N GLY E 15 -11.61 6.28 8.93
CA GLY E 15 -11.17 5.07 9.62
C GLY E 15 -9.67 5.15 9.93
N ASN E 16 -8.91 5.64 9.00
CA ASN E 16 -7.47 5.78 9.19
C ASN E 16 -7.17 6.73 10.34
N HIS E 17 -7.92 7.80 10.41
CA HIS E 17 -7.73 8.79 11.47
C HIS E 17 -7.65 8.12 12.83
N GLY E 18 -6.46 7.97 13.34
CA GLY E 18 -6.25 7.33 14.62
C GLY E 18 -4.81 7.52 15.09
N PHE E 19 -4.63 8.30 16.13
CA PHE E 19 -3.30 8.59 16.68
C PHE E 19 -2.36 7.38 16.56
N PHE E 20 -2.89 6.22 16.78
CA PHE E 20 -2.06 5.02 16.70
C PHE E 20 -1.49 4.87 15.29
N TRP E 21 -2.30 5.16 14.30
CA TRP E 21 -1.88 5.03 12.91
C TRP E 21 -0.69 5.94 12.61
N GLY E 22 -0.73 7.14 13.12
CA GLY E 22 0.36 8.09 12.89
C GLY E 22 1.67 7.57 13.45
N LEU E 23 1.60 6.93 14.58
CA LEU E 23 2.78 6.38 15.25
C LEU E 23 3.47 5.33 14.37
N LEU E 24 2.71 4.53 13.67
CA LEU E 24 3.30 3.47 12.85
C LEU E 24 4.25 4.04 11.80
N VAL E 25 3.88 5.11 11.16
CA VAL E 25 4.74 5.68 10.12
C VAL E 25 6.10 6.10 10.68
N VAL E 26 6.10 6.72 11.82
CA VAL E 26 7.36 7.16 12.42
C VAL E 26 8.29 5.99 12.75
N THR E 27 7.74 4.93 13.29
CA THR E 27 8.54 3.78 13.66
C THR E 27 9.22 3.12 12.46
N LEU E 28 8.49 2.97 11.39
CA LEU E 28 9.06 2.34 10.21
C LEU E 28 10.23 3.14 9.70
N ALA E 29 10.09 4.44 9.68
CA ALA E 29 11.15 5.29 9.18
C ALA E 29 12.42 5.17 10.02
N TRP E 30 12.27 5.13 11.31
CA TRP E 30 13.43 5.02 12.19
C TRP E 30 14.15 3.67 12.04
N HIS E 31 13.39 2.62 11.90
CA HIS E 31 13.97 1.28 11.81
C HIS E 31 14.87 1.09 10.60
N VAL E 32 14.46 1.58 9.46
CA VAL E 32 15.24 1.38 8.25
C VAL E 32 16.68 1.86 8.41
N LYS E 33 16.95 2.68 9.39
CA LYS E 33 18.33 3.16 9.60
C LYS E 33 19.31 1.99 9.48
N GLY E 34 19.17 1.02 10.32
CA GLY E 34 20.06 -0.13 10.28
C GLY E 34 20.01 -0.81 8.92
N ARG E 35 18.83 -0.91 8.35
CA ARG E 35 18.67 -1.55 7.04
C ARG E 35 19.43 -0.78 5.96
N LEU E 36 19.38 0.52 6.10
CA LEU E 36 20.00 1.44 5.15
C LEU E 36 21.54 1.34 5.01
N VAL E 37 22.29 1.22 6.08
CA VAL E 37 23.77 1.20 5.93
C VAL E 37 24.27 -0.03 5.11
N PRO E 38 23.76 -1.21 5.38
CA PRO E 38 24.11 -2.44 4.60
C PRO E 38 23.78 -2.28 3.11
N GLY E 39 22.72 -1.58 2.86
CA GLY E 39 22.27 -1.31 1.50
C GLY E 39 23.35 -0.59 0.69
N ALA E 40 24.04 0.31 1.34
CA ALA E 40 25.06 1.10 0.67
C ALA E 40 26.11 0.21 -0.01
N THR E 41 26.52 -0.84 0.65
CA THR E 41 27.52 -1.74 0.06
C THR E 41 27.19 -2.04 -1.40
N TYR E 42 27.94 -1.47 -2.29
CA TYR E 42 27.73 -1.65 -3.73
C TYR E 42 28.85 -2.52 -4.33
N LEU E 43 28.70 -3.81 -4.20
CA LEU E 43 29.68 -4.74 -4.73
C LEU E 43 29.48 -4.91 -6.24
N SER E 44 29.86 -6.04 -6.75
CA SER E 44 29.72 -6.32 -8.18
C SER E 44 28.29 -6.05 -8.64
N LEU E 45 28.03 -4.83 -9.03
CA LEU E 45 26.69 -4.43 -9.50
C LEU E 45 26.83 -3.29 -10.50
N GLY E 46 27.88 -3.32 -11.27
CA GLY E 46 28.14 -2.27 -12.25
C GLY E 46 27.03 -2.10 -13.27
N VAL E 47 26.84 -3.07 -14.12
CA VAL E 47 25.81 -2.99 -15.18
C VAL E 47 24.91 -4.21 -15.21
N TRP E 48 25.28 -5.25 -14.51
CA TRP E 48 24.49 -6.46 -14.49
C TRP E 48 23.02 -6.19 -14.10
N PRO E 49 22.75 -5.36 -13.10
CA PRO E 49 21.34 -5.08 -12.70
C PRO E 49 20.66 -4.09 -13.64
N LEU E 50 21.37 -3.04 -13.96
CA LEU E 50 20.83 -1.98 -14.80
C LEU E 50 20.31 -2.51 -16.15
N LEU E 51 20.96 -3.49 -16.72
CA LEU E 51 20.48 -4.01 -18.01
C LEU E 51 19.04 -4.50 -17.88
N LEU E 52 18.75 -5.18 -16.82
CA LEU E 52 17.40 -5.70 -16.61
C LEU E 52 16.40 -4.54 -16.62
N VAL E 53 16.81 -3.45 -16.03
CA VAL E 53 16.00 -2.24 -15.98
C VAL E 53 15.67 -1.75 -17.38
N ARG E 54 16.54 -2.02 -18.31
CA ARG E 54 16.34 -1.57 -19.68
C ARG E 54 14.97 -2.03 -20.18
N LEU E 55 14.58 -3.22 -19.84
CA LEU E 55 13.28 -3.72 -20.29
C LEU E 55 12.17 -2.77 -19.82
N LEU E 56 12.29 -2.32 -18.60
CA LEU E 56 11.38 -1.36 -17.97
C LEU E 56 11.46 0.05 -18.62
N ARG E 57 12.64 0.39 -19.05
CA ARG E 57 12.95 1.73 -19.60
C ARG E 57 12.06 2.20 -20.77
N PRO E 58 11.75 1.41 -21.77
CA PRO E 58 10.87 1.88 -22.89
C PRO E 58 9.49 2.32 -22.39
N HIS E 59 8.94 1.57 -21.46
CA HIS E 59 7.63 1.89 -20.92
C HIS E 59 7.50 3.38 -20.60
N ARG E 60 6.30 3.83 -20.39
CA ARG E 60 6.04 5.23 -20.09
C ARG E 60 4.57 5.42 -19.73
N ALA E 61 4.14 6.66 -19.69
CA ALA E 61 2.75 6.95 -19.35
C ALA E 61 1.84 6.59 -20.52
N LEU E 62 1.77 5.32 -20.84
CA LEU E 62 0.92 4.85 -21.94
C LEU E 62 -0.45 5.51 -21.86
N ALA E 63 -0.74 6.05 -20.72
CA ALA E 63 -2.02 6.73 -20.50
C ALA E 63 -2.22 7.84 -21.53
N GLY F 1 -22.55 21.10 -1.82
CA GLY F 1 -22.12 19.67 -1.79
C GLY F 1 -21.06 19.44 -2.87
N ALA F 2 -19.82 19.47 -2.46
CA ALA F 2 -18.72 19.26 -3.40
C ALA F 2 -17.44 18.91 -2.64
N LYS F 3 -17.10 19.74 -1.68
CA LYS F 3 -15.90 19.52 -0.90
C LYS F 3 -16.18 18.56 0.26
N ASN F 4 -15.30 18.55 1.23
CA ASN F 4 -15.45 17.67 2.38
C ASN F 4 -15.29 16.22 1.98
N VAL F 5 -14.50 16.01 0.98
CA VAL F 5 -14.21 14.67 0.46
C VAL F 5 -12.80 14.67 -0.09
N ILE F 6 -12.63 15.35 -1.18
CA ILE F 6 -11.33 15.47 -1.81
C ILE F 6 -10.36 16.12 -0.84
N VAL F 7 -10.85 17.06 -0.06
CA VAL F 7 -10.02 17.73 0.94
C VAL F 7 -9.50 16.72 1.96
N LEU F 8 -10.35 15.80 2.34
CA LEU F 8 -9.97 14.79 3.31
C LEU F 8 -8.78 13.99 2.75
N ASN F 9 -8.82 13.69 1.49
CA ASN F 9 -7.74 12.95 0.85
C ASN F 9 -6.43 13.75 0.94
N ALA F 10 -6.54 15.03 0.72
CA ALA F 10 -5.36 15.90 0.74
C ALA F 10 -4.67 15.79 2.09
N ALA F 11 -5.43 15.76 3.15
CA ALA F 11 -4.84 15.65 4.47
C ALA F 11 -4.00 14.39 4.58
N SER F 12 -4.49 13.32 4.02
CA SER F 12 -3.72 12.08 4.05
C SER F 12 -2.41 12.27 3.28
N ALA F 13 -2.50 12.91 2.14
CA ALA F 13 -1.34 13.16 1.30
C ALA F 13 -0.30 14.02 2.03
N ALA F 14 -0.76 15.00 2.75
CA ALA F 14 0.16 15.87 3.49
C ALA F 14 0.90 15.03 4.52
N GLY F 15 0.16 14.17 5.17
CA GLY F 15 0.74 13.31 6.20
C GLY F 15 1.83 12.42 5.61
N ASN F 16 1.58 11.90 4.44
CA ASN F 16 2.58 11.06 3.78
C ASN F 16 3.86 11.85 3.51
N HIS F 17 3.70 13.06 3.06
CA HIS F 17 4.84 13.92 2.74
C HIS F 17 5.46 14.47 4.03
N GLY F 18 6.76 14.48 4.07
CA GLY F 18 7.46 14.98 5.25
C GLY F 18 8.94 14.61 5.23
N PHE F 19 9.57 14.74 6.37
CA PHE F 19 10.99 14.44 6.53
C PHE F 19 11.26 12.93 6.72
N PHE F 20 10.83 12.41 7.84
CA PHE F 20 11.07 11.00 8.16
C PHE F 20 10.45 10.06 7.11
N TRP F 21 9.27 10.38 6.67
CA TRP F 21 8.58 9.54 5.69
C TRP F 21 9.38 9.41 4.39
N GLY F 22 9.96 10.49 3.96
CA GLY F 22 10.73 10.49 2.72
C GLY F 22 11.91 9.51 2.79
N LEU F 23 12.55 9.50 3.92
CA LEU F 23 13.70 8.62 4.12
C LEU F 23 13.34 7.15 3.95
N LEU F 24 12.19 6.76 4.42
CA LEU F 24 11.78 5.37 4.36
C LEU F 24 11.72 4.83 2.93
N VAL F 25 11.18 5.59 2.01
CA VAL F 25 11.06 5.11 0.64
C VAL F 25 12.42 4.83 0.00
N VAL F 26 13.35 5.72 0.18
CA VAL F 26 14.68 5.53 -0.42
C VAL F 26 15.40 4.31 0.15
N THR F 27 15.32 4.16 1.44
CA THR F 27 15.99 3.04 2.12
C THR F 27 15.44 1.69 1.68
N LEU F 28 14.15 1.57 1.56
CA LEU F 28 13.57 0.30 1.16
C LEU F 28 14.09 -0.09 -0.23
N ALA F 29 14.13 0.87 -1.11
CA ALA F 29 14.62 0.60 -2.45
C ALA F 29 16.08 0.15 -2.43
N TRP F 30 16.88 0.81 -1.63
CA TRP F 30 18.29 0.47 -1.53
C TRP F 30 18.52 -0.93 -0.96
N HIS F 31 17.77 -1.27 0.05
CA HIS F 31 17.93 -2.57 0.72
C HIS F 31 17.70 -3.74 -0.21
N VAL F 32 16.70 -3.66 -1.03
CA VAL F 32 16.38 -4.77 -1.92
C VAL F 32 17.49 -5.03 -2.93
N LYS F 33 18.50 -4.20 -2.96
CA LYS F 33 19.61 -4.40 -3.88
C LYS F 33 20.07 -5.84 -3.85
N GLY F 34 20.55 -6.27 -2.72
CA GLY F 34 21.02 -7.63 -2.56
C GLY F 34 19.93 -8.64 -2.86
N ARG F 35 18.72 -8.32 -2.48
CA ARG F 35 17.58 -9.20 -2.71
C ARG F 35 17.39 -9.46 -4.21
N LEU F 36 17.63 -8.46 -4.99
CA LEU F 36 17.43 -8.55 -6.44
C LEU F 36 18.28 -9.64 -7.14
N VAL F 37 19.52 -9.79 -6.75
CA VAL F 37 20.39 -10.76 -7.43
C VAL F 37 19.92 -12.25 -7.33
N PRO F 38 19.53 -12.75 -6.18
CA PRO F 38 19.01 -14.16 -6.05
C PRO F 38 17.72 -14.34 -6.86
N GLY F 39 16.95 -13.29 -6.89
CA GLY F 39 15.69 -13.28 -7.63
C GLY F 39 15.94 -13.56 -9.11
N ALA F 40 17.01 -13.01 -9.62
CA ALA F 40 17.35 -13.17 -11.04
C ALA F 40 17.48 -14.64 -11.41
N THR F 41 18.05 -15.43 -10.54
CA THR F 41 18.24 -16.85 -10.83
C THR F 41 16.95 -17.64 -10.55
N TYR F 42 16.38 -18.18 -11.58
CA TYR F 42 15.15 -18.97 -11.45
C TYR F 42 14.88 -19.77 -12.72
N LEU F 43 14.82 -19.08 -13.82
CA LEU F 43 14.58 -19.73 -15.11
C LEU F 43 13.28 -20.52 -15.09
N SER F 44 12.17 -19.82 -15.14
CA SER F 44 10.86 -20.46 -15.12
C SER F 44 9.75 -19.42 -15.22
N LEU F 45 8.53 -19.89 -15.16
CA LEU F 45 7.37 -19.00 -15.26
C LEU F 45 7.43 -18.23 -16.58
N GLY F 46 7.76 -18.95 -17.63
CA GLY F 46 7.85 -18.35 -18.96
C GLY F 46 6.58 -18.57 -19.78
N VAL F 47 6.07 -19.78 -19.74
CA VAL F 47 4.86 -20.11 -20.48
C VAL F 47 4.05 -21.19 -19.72
N TRP F 48 3.42 -20.81 -18.63
CA TRP F 48 2.60 -21.75 -17.86
C TRP F 48 1.69 -20.96 -16.90
N PRO F 49 2.23 -20.02 -16.16
CA PRO F 49 1.43 -19.21 -15.19
C PRO F 49 0.70 -18.06 -15.89
N LEU F 50 1.32 -17.53 -16.91
CA LEU F 50 0.77 -16.40 -17.65
C LEU F 50 -0.64 -16.70 -18.17
N LEU F 51 -0.91 -17.91 -18.54
CA LEU F 51 -2.24 -18.19 -19.06
C LEU F 51 -3.30 -17.77 -18.04
N LEU F 52 -3.09 -18.08 -16.78
CA LEU F 52 -4.07 -17.68 -15.76
C LEU F 52 -4.16 -16.15 -15.67
N VAL F 53 -3.02 -15.49 -15.62
CA VAL F 53 -2.97 -14.03 -15.59
C VAL F 53 -3.51 -13.45 -16.89
N ARG F 54 -3.31 -14.18 -17.97
CA ARG F 54 -3.74 -13.71 -19.28
C ARG F 54 -5.22 -13.37 -19.25
N LEU F 55 -5.99 -14.16 -18.58
CA LEU F 55 -7.43 -13.90 -18.55
C LEU F 55 -7.68 -12.45 -18.07
N LEU F 56 -6.92 -12.02 -17.11
CA LEU F 56 -6.99 -10.65 -16.57
C LEU F 56 -6.53 -9.56 -17.59
N ARG F 57 -5.51 -9.90 -18.33
CA ARG F 57 -4.81 -8.93 -19.22
C ARG F 57 -5.74 -8.20 -20.23
N PRO F 58 -6.67 -8.85 -20.89
CA PRO F 58 -7.59 -8.14 -21.81
C PRO F 58 -8.33 -7.00 -21.09
N HIS F 59 -8.72 -7.25 -19.87
CA HIS F 59 -9.42 -6.25 -19.08
C HIS F 59 -10.63 -5.70 -19.85
N ARG F 60 -11.21 -4.66 -19.33
CA ARG F 60 -12.37 -4.05 -19.96
C ARG F 60 -12.72 -2.74 -19.27
N ALA F 61 -12.40 -2.66 -18.00
CA ALA F 61 -12.69 -1.45 -17.22
C ALA F 61 -14.17 -1.35 -16.89
N LEU F 62 -14.97 -2.15 -17.56
CA LEU F 62 -16.42 -2.15 -17.33
C LEU F 62 -16.76 -3.04 -16.14
N ALA F 63 -15.88 -3.08 -15.19
CA ALA F 63 -16.08 -3.90 -14.00
C ALA F 63 -17.42 -3.56 -13.34
N GLY A 1 -9.73 28.09 -6.10
CA GLY A 1 -9.33 26.79 -5.50
C GLY A 1 -9.46 25.69 -6.54
N ALA A 2 -10.38 24.78 -6.31
CA ALA A 2 -10.60 23.68 -7.24
C ALA A 2 -9.30 22.92 -7.49
N LYS A 3 -8.50 23.42 -8.39
CA LYS A 3 -7.23 22.78 -8.72
C LYS A 3 -6.17 23.14 -7.67
N ASN A 4 -6.23 22.47 -6.55
CA ASN A 4 -5.29 22.70 -5.47
C ASN A 4 -5.21 21.45 -4.62
N VAL A 5 -6.35 20.91 -4.30
CA VAL A 5 -6.42 19.70 -3.50
C VAL A 5 -5.76 18.55 -4.28
N ILE A 6 -6.25 18.33 -5.47
CA ILE A 6 -5.73 17.30 -6.35
C ILE A 6 -4.25 17.57 -6.65
N VAL A 7 -3.92 18.82 -6.76
CA VAL A 7 -2.53 19.21 -7.05
C VAL A 7 -1.60 18.65 -5.98
N LEU A 8 -2.02 18.70 -4.75
CA LEU A 8 -1.19 18.19 -3.66
C LEU A 8 -0.90 16.70 -3.89
N ASN A 9 -1.88 15.96 -4.34
CA ASN A 9 -1.68 14.53 -4.59
C ASN A 9 -0.61 14.34 -5.66
N ALA A 10 -0.66 15.16 -6.68
CA ALA A 10 0.29 15.06 -7.78
C ALA A 10 1.71 15.18 -7.24
N ALA A 11 1.91 16.06 -6.30
CA ALA A 11 3.23 16.25 -5.72
C ALA A 11 3.73 14.94 -5.11
N SER A 12 2.84 14.20 -4.49
CA SER A 12 3.24 12.92 -3.90
C SER A 12 3.77 11.99 -4.98
N ALA A 13 3.11 11.97 -6.10
CA ALA A 13 3.50 11.12 -7.21
C ALA A 13 4.93 11.44 -7.67
N ALA A 14 5.26 12.71 -7.65
CA ALA A 14 6.61 13.12 -8.05
C ALA A 14 7.62 12.46 -7.12
N GLY A 15 7.31 12.45 -5.85
CA GLY A 15 8.20 11.85 -4.87
C GLY A 15 8.46 10.38 -5.21
N ASN A 16 7.43 9.69 -5.59
CA ASN A 16 7.57 8.29 -5.98
C ASN A 16 8.48 8.15 -7.20
N HIS A 17 8.31 9.05 -8.14
CA HIS A 17 9.11 9.02 -9.37
C HIS A 17 10.60 8.94 -9.07
N GLY A 18 11.14 7.77 -9.23
CA GLY A 18 12.57 7.56 -8.98
C GLY A 18 12.98 6.15 -9.40
N PHE A 19 13.91 6.07 -10.32
CA PHE A 19 14.39 4.78 -10.82
C PHE A 19 14.55 3.79 -9.66
N PHE A 20 14.91 4.29 -8.52
CA PHE A 20 15.08 3.42 -7.36
C PHE A 20 13.76 2.73 -7.04
N TRP A 21 12.69 3.48 -7.09
CA TRP A 21 11.37 2.95 -6.78
C TRP A 21 10.97 1.83 -7.75
N GLY A 22 11.28 2.04 -9.00
CA GLY A 22 10.94 1.05 -10.03
C GLY A 22 11.60 -0.29 -9.74
N LEU A 23 12.82 -0.24 -9.29
CA LEU A 23 13.57 -1.45 -9.00
C LEU A 23 12.86 -2.29 -7.93
N LEU A 24 12.31 -1.64 -6.94
CA LEU A 24 11.64 -2.36 -5.85
C LEU A 24 10.48 -3.22 -6.35
N VAL A 25 9.67 -2.68 -7.23
CA VAL A 25 8.54 -3.46 -7.73
C VAL A 25 8.99 -4.71 -8.48
N VAL A 26 9.97 -4.55 -9.31
CA VAL A 26 10.48 -5.69 -10.07
C VAL A 26 11.10 -6.73 -9.14
N THR A 27 11.84 -6.27 -8.18
CA THR A 27 12.51 -7.16 -7.23
C THR A 27 11.51 -7.99 -6.44
N LEU A 28 10.47 -7.37 -5.99
CA LEU A 28 9.46 -8.08 -5.21
C LEU A 28 8.84 -9.20 -6.03
N ALA A 29 8.55 -8.90 -7.27
CA ALA A 29 7.93 -9.88 -8.14
C ALA A 29 8.85 -11.10 -8.36
N TRP A 30 10.11 -10.85 -8.57
CA TRP A 30 11.07 -11.94 -8.78
C TRP A 30 11.22 -12.84 -7.55
N HIS A 31 11.27 -12.23 -6.39
CA HIS A 31 11.48 -12.99 -5.15
C HIS A 31 10.36 -13.99 -4.87
N VAL A 32 9.15 -13.61 -5.11
CA VAL A 32 8.02 -14.49 -4.81
C VAL A 32 8.00 -15.75 -5.68
N LYS A 33 8.80 -15.80 -6.71
CA LYS A 33 8.82 -17.00 -7.57
C LYS A 33 8.88 -18.26 -6.70
N GLY A 34 9.86 -18.34 -5.85
CA GLY A 34 10.03 -19.50 -4.98
C GLY A 34 8.80 -19.71 -4.09
N ARG A 35 8.21 -18.63 -3.65
CA ARG A 35 7.03 -18.72 -2.78
C ARG A 35 5.89 -19.45 -3.49
N LEU A 36 5.76 -19.24 -4.76
CA LEU A 36 4.68 -19.84 -5.54
C LEU A 36 4.65 -21.38 -5.52
N VAL A 37 5.78 -22.03 -5.63
CA VAL A 37 5.80 -23.50 -5.68
C VAL A 37 5.22 -24.20 -4.41
N PRO A 38 5.59 -23.83 -3.21
CA PRO A 38 5.02 -24.45 -1.96
C PRO A 38 3.52 -24.21 -1.88
N GLY A 39 3.12 -23.07 -2.36
CA GLY A 39 1.71 -22.68 -2.38
C GLY A 39 0.90 -23.68 -3.19
N ALA A 40 1.47 -24.15 -4.27
CA ALA A 40 0.77 -25.09 -5.14
C ALA A 40 0.32 -26.32 -4.38
N THR A 41 1.14 -26.82 -3.49
CA THR A 41 0.78 -28.00 -2.72
C THR A 41 -0.16 -27.63 -1.56
N TYR A 42 -1.39 -28.06 -1.65
CA TYR A 42 -2.37 -27.78 -0.60
C TYR A 42 -3.59 -28.67 -0.78
N LEU A 43 -3.83 -29.51 0.19
CA LEU A 43 -4.96 -30.41 0.16
C LEU A 43 -6.21 -29.72 -0.40
N SER A 44 -6.60 -30.14 -1.57
CA SER A 44 -7.77 -29.57 -2.24
C SER A 44 -8.89 -29.24 -1.25
N LEU A 45 -9.38 -28.04 -1.32
CA LEU A 45 -10.46 -27.59 -0.45
C LEU A 45 -11.80 -27.96 -1.06
N GLY A 46 -12.16 -27.27 -2.12
CA GLY A 46 -13.41 -27.54 -2.82
C GLY A 46 -14.47 -26.47 -2.58
N VAL A 47 -14.77 -26.22 -1.33
CA VAL A 47 -15.82 -25.23 -1.00
C VAL A 47 -15.50 -24.40 0.24
N TRP A 48 -14.53 -24.78 1.02
CA TRP A 48 -14.22 -24.03 2.23
C TRP A 48 -14.00 -22.53 1.94
N PRO A 49 -13.27 -22.14 0.92
CA PRO A 49 -13.04 -20.70 0.63
C PRO A 49 -14.25 -20.07 -0.06
N LEU A 50 -14.84 -20.81 -0.95
CA LEU A 50 -15.95 -20.30 -1.75
C LEU A 50 -17.06 -19.70 -0.87
N LEU A 51 -17.34 -20.28 0.26
CA LEU A 51 -18.40 -19.74 1.10
C LEU A 51 -18.09 -18.31 1.60
N LEU A 52 -16.88 -18.07 2.06
CA LEU A 52 -16.53 -16.74 2.58
C LEU A 52 -16.63 -15.65 1.50
N VAL A 53 -16.12 -15.94 0.34
CA VAL A 53 -16.18 -15.01 -0.79
C VAL A 53 -17.61 -14.73 -1.18
N ARG A 54 -18.47 -15.70 -0.95
CA ARG A 54 -19.86 -15.56 -1.32
C ARG A 54 -20.43 -14.28 -0.73
N LEU A 55 -20.07 -13.97 0.49
CA LEU A 55 -20.58 -12.72 1.09
C LEU A 55 -20.10 -11.55 0.21
N LEU A 56 -18.85 -11.60 -0.15
CA LEU A 56 -18.18 -10.61 -1.02
C LEU A 56 -18.71 -10.63 -2.47
N ARG A 57 -19.10 -11.81 -2.90
CA ARG A 57 -19.52 -12.04 -4.29
C ARG A 57 -20.65 -11.14 -4.82
N PRO A 58 -21.71 -10.88 -4.10
CA PRO A 58 -22.78 -9.96 -4.60
C PRO A 58 -22.21 -8.58 -4.92
N HIS A 59 -21.34 -8.12 -4.07
CA HIS A 59 -20.70 -6.81 -4.26
C HIS A 59 -21.75 -5.70 -4.25
N ARG A 60 -21.37 -4.58 -3.72
CA ARG A 60 -22.27 -3.43 -3.65
C ARG A 60 -21.48 -2.14 -3.46
N ALA A 61 -21.74 -1.16 -4.30
CA ALA A 61 -21.04 0.12 -4.21
C ALA A 61 -21.74 1.05 -3.22
N LEU A 62 -22.80 0.58 -2.64
CA LEU A 62 -23.56 1.37 -1.69
C LEU A 62 -22.75 1.51 -0.39
N ALA A 63 -22.11 0.45 0.01
CA ALA A 63 -21.31 0.46 1.23
C ALA A 63 -22.07 1.13 2.37
N GLY B 1 -4.82 23.72 -13.53
CA GLY B 1 -4.48 22.62 -14.48
C GLY B 1 -5.56 21.54 -14.45
N ALA B 2 -6.31 21.45 -15.50
CA ALA B 2 -7.37 20.46 -15.59
C ALA B 2 -6.80 19.06 -15.82
N LYS B 3 -6.68 18.69 -17.06
CA LYS B 3 -6.14 17.38 -17.41
C LYS B 3 -4.61 17.39 -17.32
N ASN B 4 -4.13 17.24 -16.12
CA ASN B 4 -2.70 17.21 -15.86
C ASN B 4 -2.44 16.44 -14.57
N VAL B 5 -3.12 16.83 -13.53
CA VAL B 5 -2.99 16.16 -12.25
C VAL B 5 -3.36 14.69 -12.41
N ILE B 6 -4.57 14.46 -12.86
CA ILE B 6 -5.07 13.11 -13.08
C ILE B 6 -4.15 12.37 -14.05
N VAL B 7 -3.62 13.08 -15.01
CA VAL B 7 -2.72 12.48 -15.99
C VAL B 7 -1.51 11.87 -15.29
N LEU B 8 -0.99 12.57 -14.31
CA LEU B 8 0.18 12.09 -13.58
C LEU B 8 -0.13 10.74 -12.92
N ASN B 9 -1.31 10.62 -12.38
CA ASN B 9 -1.73 9.37 -11.75
C ASN B 9 -1.73 8.24 -12.79
N ALA B 10 -2.18 8.57 -13.97
CA ALA B 10 -2.28 7.60 -15.04
C ALA B 10 -0.90 7.00 -15.31
N ALA B 11 0.11 7.82 -15.29
CA ALA B 11 1.47 7.34 -15.54
C ALA B 11 1.85 6.27 -14.52
N SER B 12 1.48 6.48 -13.28
CA SER B 12 1.80 5.51 -12.23
C SER B 12 1.15 4.16 -12.55
N ALA B 13 -0.09 4.21 -12.98
CA ALA B 13 -0.84 2.99 -13.31
C ALA B 13 -0.13 2.18 -14.38
N ALA B 14 0.44 2.87 -15.33
CA ALA B 14 1.17 2.18 -16.40
C ALA B 14 2.33 1.40 -15.78
N GLY B 15 2.96 2.02 -14.82
CA GLY B 15 4.12 1.42 -14.16
C GLY B 15 3.77 0.07 -13.52
N ASN B 16 2.63 -0.02 -12.91
CA ASN B 16 2.23 -1.29 -12.28
C ASN B 16 2.16 -2.41 -13.31
N HIS B 17 1.62 -2.11 -14.45
CA HIS B 17 1.50 -3.11 -15.52
C HIS B 17 0.75 -4.35 -15.03
N GLY B 18 0.65 -5.34 -15.89
CA GLY B 18 -0.05 -6.59 -15.55
C GLY B 18 0.83 -7.82 -15.76
N PHE B 19 2.01 -7.64 -16.28
CA PHE B 19 2.90 -8.77 -16.52
C PHE B 19 3.52 -9.27 -15.20
N PHE B 20 4.67 -8.77 -14.88
CA PHE B 20 5.35 -9.19 -13.65
C PHE B 20 4.52 -8.85 -12.42
N TRP B 21 3.95 -7.68 -12.41
CA TRP B 21 3.13 -7.24 -11.29
C TRP B 21 1.93 -8.14 -11.08
N GLY B 22 1.30 -8.52 -12.16
CA GLY B 22 0.13 -9.40 -12.09
C GLY B 22 0.50 -10.73 -11.44
N LEU B 23 1.64 -11.24 -11.81
CA LEU B 23 2.13 -12.50 -11.28
C LEU B 23 2.28 -12.44 -9.76
N LEU B 24 2.74 -11.33 -9.28
CA LEU B 24 2.95 -11.16 -7.84
C LEU B 24 1.66 -11.33 -7.03
N VAL B 25 0.59 -10.76 -7.50
CA VAL B 25 -0.67 -10.85 -6.76
C VAL B 25 -1.16 -12.29 -6.63
N VAL B 26 -1.12 -13.03 -7.69
CA VAL B 26 -1.58 -14.41 -7.64
C VAL B 26 -0.68 -15.26 -6.74
N THR B 27 0.60 -15.06 -6.86
CA THR B 27 1.56 -15.81 -6.07
C THR B 27 1.41 -15.57 -4.57
N LEU B 28 1.24 -14.33 -4.20
CA LEU B 28 1.12 -14.00 -2.79
C LEU B 28 -0.11 -14.68 -2.20
N ALA B 29 -1.20 -14.63 -2.91
CA ALA B 29 -2.42 -15.26 -2.44
C ALA B 29 -2.25 -16.77 -2.31
N TRP B 30 -1.63 -17.36 -3.27
CA TRP B 30 -1.41 -18.80 -3.26
C TRP B 30 -0.48 -19.25 -2.13
N HIS B 31 0.55 -18.48 -1.90
CA HIS B 31 1.54 -18.84 -0.88
C HIS B 31 0.93 -18.94 0.51
N VAL B 32 0.06 -18.04 0.85
CA VAL B 32 -0.53 -18.07 2.18
C VAL B 32 -1.36 -19.33 2.40
N LYS B 33 -1.46 -20.18 1.40
CA LYS B 33 -2.23 -21.41 1.56
C LYS B 33 -1.87 -22.10 2.88
N GLY B 34 -0.64 -22.53 2.99
CA GLY B 34 -0.19 -23.20 4.19
C GLY B 34 -0.36 -22.31 5.41
N ARG B 35 -0.10 -21.05 5.25
CA ARG B 35 -0.25 -20.09 6.34
C ARG B 35 -1.69 -20.05 6.84
N LEU B 36 -2.59 -20.19 5.91
CA LEU B 36 -4.03 -20.11 6.20
C LEU B 36 -4.54 -21.17 7.21
N VAL B 37 -4.10 -22.40 7.12
CA VAL B 37 -4.60 -23.44 8.03
C VAL B 37 -4.27 -23.21 9.53
N PRO B 38 -3.04 -22.87 9.90
CA PRO B 38 -2.69 -22.61 11.34
C PRO B 38 -3.45 -21.40 11.88
N GLY B 39 -3.64 -20.45 11.02
CA GLY B 39 -4.37 -19.24 11.38
C GLY B 39 -5.78 -19.56 11.83
N ALA B 40 -6.39 -20.50 11.14
CA ALA B 40 -7.76 -20.90 11.45
C ALA B 40 -7.91 -21.43 12.87
N THR B 41 -6.96 -22.21 13.31
CA THR B 41 -7.03 -22.79 14.65
C THR B 41 -6.64 -21.78 15.73
N TYR B 42 -7.50 -21.60 16.69
CA TYR B 42 -7.25 -20.69 17.79
C TYR B 42 -8.40 -20.72 18.80
N LEU B 43 -9.59 -20.57 18.31
CA LEU B 43 -10.77 -20.59 19.17
C LEU B 43 -10.61 -19.55 20.28
N SER B 44 -10.99 -18.32 19.99
CA SER B 44 -10.89 -17.24 20.95
C SER B 44 -11.27 -15.91 20.30
N LEU B 45 -10.99 -14.83 21.00
CA LEU B 45 -11.30 -13.49 20.51
C LEU B 45 -12.81 -13.29 20.42
N GLY B 46 -13.51 -13.66 21.48
CA GLY B 46 -14.96 -13.53 21.51
C GLY B 46 -15.39 -12.10 21.21
N VAL B 47 -15.11 -11.20 22.12
CA VAL B 47 -15.51 -9.80 21.95
C VAL B 47 -14.44 -8.83 22.46
N TRP B 48 -13.46 -9.35 23.15
CA TRP B 48 -12.41 -8.51 23.70
C TRP B 48 -11.87 -7.52 22.65
N PRO B 49 -11.54 -7.96 21.45
CA PRO B 49 -11.00 -7.04 20.42
C PRO B 49 -12.08 -6.10 19.90
N LEU B 50 -13.28 -6.59 19.82
CA LEU B 50 -14.39 -5.81 19.29
C LEU B 50 -14.57 -4.48 20.02
N LEU B 51 -14.35 -4.44 21.31
CA LEU B 51 -14.53 -3.18 22.02
C LEU B 51 -13.66 -2.10 21.40
N LEU B 52 -12.42 -2.42 21.12
CA LEU B 52 -11.53 -1.44 20.50
C LEU B 52 -12.13 -1.01 19.16
N VAL B 53 -12.62 -1.98 18.44
CA VAL B 53 -13.27 -1.75 17.15
C VAL B 53 -14.48 -0.85 17.31
N ARG B 54 -15.12 -0.94 18.45
CA ARG B 54 -16.32 -0.15 18.69
C ARG B 54 -16.03 1.33 18.43
N LEU B 55 -14.89 1.80 18.83
CA LEU B 55 -14.58 3.22 18.58
C LEU B 55 -14.60 3.46 17.06
N LEU B 56 -14.00 2.55 16.35
CA LEU B 56 -13.92 2.55 14.88
C LEU B 56 -15.28 2.31 14.19
N ARG B 57 -16.08 1.50 14.85
CA ARG B 57 -17.38 1.04 14.28
C ARG B 57 -18.35 2.17 13.85
N PRO B 58 -18.56 3.23 14.61
CA PRO B 58 -19.48 4.32 14.16
C PRO B 58 -19.01 4.94 12.84
N HIS B 59 -17.73 5.12 12.72
CA HIS B 59 -17.15 5.70 11.50
C HIS B 59 -17.86 7.01 11.15
N ARG B 60 -17.32 7.71 10.20
CA ARG B 60 -17.90 8.98 9.77
C ARG B 60 -17.21 9.51 8.53
N ALA B 61 -17.65 10.65 8.05
CA ALA B 61 -17.07 11.27 6.86
C ALA B 61 -16.96 12.77 7.05
N LEU B 62 -17.15 13.22 8.26
CA LEU B 62 -17.06 14.65 8.57
C LEU B 62 -15.63 15.01 8.98
N ALA B 63 -14.75 14.06 8.87
CA ALA B 63 -13.35 14.29 9.22
C ALA B 63 -12.75 15.42 8.39
N GLY C 1 -10.88 12.99 -25.01
CA GLY C 1 -9.55 13.20 -24.37
C GLY C 1 -9.71 13.16 -22.85
N ALA C 2 -10.78 13.73 -22.37
CA ALA C 2 -11.04 13.76 -20.93
C ALA C 2 -11.38 12.37 -20.43
N LYS C 3 -12.32 11.73 -21.08
CA LYS C 3 -12.73 10.38 -20.68
C LYS C 3 -11.72 9.36 -21.18
N ASN C 4 -10.58 9.33 -20.55
CA ASN C 4 -9.52 8.40 -20.90
C ASN C 4 -8.60 8.19 -19.71
N VAL C 5 -8.33 9.26 -19.00
CA VAL C 5 -7.48 9.18 -17.83
C VAL C 5 -8.24 8.48 -16.70
N ILE C 6 -9.40 8.98 -16.40
CA ILE C 6 -10.25 8.41 -15.37
C ILE C 6 -10.57 6.97 -15.73
N VAL C 7 -10.74 6.73 -17.00
CA VAL C 7 -11.05 5.40 -17.50
C VAL C 7 -9.95 4.42 -17.11
N LEU C 8 -8.73 4.87 -17.20
CA LEU C 8 -7.60 4.03 -16.86
C LEU C 8 -7.71 3.59 -15.39
N ASN C 9 -8.12 4.49 -14.54
CA ASN C 9 -8.29 4.16 -13.12
C ASN C 9 -9.32 3.05 -12.96
N ALA C 10 -10.39 3.16 -13.72
CA ALA C 10 -11.46 2.18 -13.65
C ALA C 10 -10.91 0.79 -13.98
N ALA C 11 -10.05 0.74 -14.95
CA ALA C 11 -9.46 -0.53 -15.37
C ALA C 11 -8.71 -1.19 -14.20
N SER C 12 -8.02 -0.40 -13.43
CA SER C 12 -7.28 -0.92 -12.29
C SER C 12 -8.23 -1.63 -11.32
N ALA C 13 -9.38 -1.03 -11.09
CA ALA C 13 -10.36 -1.60 -10.18
C ALA C 13 -10.80 -2.98 -10.65
N ALA C 14 -10.95 -3.13 -11.93
CA ALA C 14 -11.35 -4.43 -12.50
C ALA C 14 -10.29 -5.47 -12.15
N GLY C 15 -9.05 -5.06 -12.24
CA GLY C 15 -7.93 -5.96 -11.96
C GLY C 15 -7.97 -6.47 -10.52
N ASN C 16 -8.31 -5.60 -9.60
CA ASN C 16 -8.38 -6.00 -8.20
C ASN C 16 -9.40 -7.11 -7.98
N HIS C 17 -10.53 -6.99 -8.63
CA HIS C 17 -11.59 -7.99 -8.50
C HIS C 17 -11.04 -9.38 -8.79
N GLY C 18 -10.92 -10.18 -7.75
CA GLY C 18 -10.39 -11.53 -7.92
C GLY C 18 -10.80 -12.44 -6.76
N PHE C 19 -10.75 -13.72 -7.02
CA PHE C 19 -11.10 -14.73 -6.01
C PHE C 19 -9.94 -14.97 -5.03
N PHE C 20 -8.82 -15.40 -5.53
CA PHE C 20 -7.66 -15.69 -4.68
C PHE C 20 -7.21 -14.44 -3.91
N TRP C 21 -7.24 -13.31 -4.57
CA TRP C 21 -6.82 -12.06 -3.96
C TRP C 21 -7.66 -11.72 -2.73
N GLY C 22 -8.94 -11.94 -2.82
CA GLY C 22 -9.84 -11.63 -1.70
C GLY C 22 -9.51 -12.45 -0.46
N LEU C 23 -9.19 -13.70 -0.64
CA LEU C 23 -8.90 -14.60 0.47
C LEU C 23 -7.71 -14.12 1.29
N LEU C 24 -6.71 -13.61 0.63
CA LEU C 24 -5.51 -13.17 1.31
C LEU C 24 -5.78 -12.08 2.35
N VAL C 25 -6.59 -11.12 2.00
CA VAL C 25 -6.88 -10.02 2.94
C VAL C 25 -7.59 -10.48 4.21
N VAL C 26 -8.61 -11.29 4.06
CA VAL C 26 -9.35 -11.76 5.24
C VAL C 26 -8.51 -12.63 6.16
N THR C 27 -7.78 -13.53 5.58
CA THR C 27 -6.95 -14.46 6.34
C THR C 27 -5.87 -13.74 7.12
N LEU C 28 -5.25 -12.79 6.48
CA LEU C 28 -4.18 -12.05 7.12
C LEU C 28 -4.68 -11.29 8.34
N ALA C 29 -5.83 -10.68 8.23
CA ALA C 29 -6.35 -9.89 9.34
C ALA C 29 -6.61 -10.71 10.61
N TRP C 30 -7.26 -11.83 10.50
CA TRP C 30 -7.51 -12.65 11.69
C TRP C 30 -6.23 -13.26 12.24
N HIS C 31 -5.34 -13.67 11.38
CA HIS C 31 -4.09 -14.32 11.81
C HIS C 31 -3.24 -13.43 12.72
N VAL C 32 -3.14 -12.18 12.41
CA VAL C 32 -2.30 -11.28 13.22
C VAL C 32 -2.79 -11.25 14.66
N LYS C 33 -3.86 -11.94 14.95
CA LYS C 33 -4.40 -11.96 16.32
C LYS C 33 -3.29 -12.05 17.35
N GLY C 34 -2.44 -13.04 17.22
CA GLY C 34 -1.35 -13.24 18.16
C GLY C 34 -0.42 -12.02 18.22
N ARG C 35 -0.17 -11.43 17.09
CA ARG C 35 0.71 -10.26 17.03
C ARG C 35 0.13 -9.12 17.87
N LEU C 36 -1.16 -9.01 17.89
CA LEU C 36 -1.85 -7.95 18.61
C LEU C 36 -1.62 -7.93 20.14
N VAL C 37 -1.70 -9.05 20.81
CA VAL C 37 -1.57 -9.03 22.28
C VAL C 37 -0.18 -8.54 22.79
N PRO C 38 0.93 -8.97 22.23
CA PRO C 38 2.29 -8.45 22.63
C PRO C 38 2.37 -6.94 22.43
N GLY C 39 1.70 -6.50 21.40
CA GLY C 39 1.64 -5.08 21.06
C GLY C 39 1.02 -4.27 22.19
N ALA C 40 0.03 -4.83 22.83
CA ALA C 40 -0.67 -4.13 23.91
C ALA C 40 0.28 -3.68 25.02
N THR C 41 1.24 -4.50 25.37
CA THR C 41 2.20 -4.13 26.43
C THR C 41 2.58 -2.66 26.29
N TYR C 42 2.11 -1.84 27.20
CA TYR C 42 2.39 -0.40 27.16
C TYR C 42 3.51 -0.04 28.14
N LEU C 43 4.49 -0.89 28.24
CA LEU C 43 5.62 -0.64 29.15
C LEU C 43 6.08 0.81 28.99
N SER C 44 5.81 1.60 30.00
CA SER C 44 6.20 3.01 29.97
C SER C 44 5.60 3.70 28.76
N LEU C 45 6.23 4.76 28.34
CA LEU C 45 5.78 5.53 27.17
C LEU C 45 4.50 6.27 27.50
N GLY C 46 4.42 6.82 28.69
CA GLY C 46 3.23 7.54 29.12
C GLY C 46 3.37 9.04 28.83
N VAL C 47 4.49 9.60 29.21
CA VAL C 47 4.74 11.01 29.00
C VAL C 47 6.23 11.23 28.67
N TRP C 48 6.63 10.94 27.46
CA TRP C 48 8.02 11.14 27.07
C TRP C 48 8.18 11.02 25.53
N PRO C 49 7.67 9.97 24.90
CA PRO C 49 7.83 9.82 23.42
C PRO C 49 6.87 10.73 22.65
N LEU C 50 5.75 11.01 23.23
CA LEU C 50 4.73 11.84 22.60
C LEU C 50 5.29 13.20 22.16
N LEU C 51 6.21 13.75 22.90
CA LEU C 51 6.72 15.06 22.52
C LEU C 51 7.24 15.01 21.08
N LEU C 52 7.92 13.97 20.71
CA LEU C 52 8.41 13.85 19.33
C LEU C 52 7.20 13.91 18.39
N VAL C 53 6.15 13.24 18.77
CA VAL C 53 4.91 13.21 18.01
C VAL C 53 4.33 14.62 17.85
N ARG C 54 4.62 15.46 18.81
CA ARG C 54 4.11 16.82 18.79
C ARG C 54 4.47 17.51 17.47
N LEU C 55 5.64 17.23 16.98
CA LEU C 55 6.07 17.86 15.72
C LEU C 55 5.02 17.57 14.63
N LEU C 56 4.53 16.36 14.61
CA LEU C 56 3.47 15.91 13.68
C LEU C 56 2.12 16.59 13.95
N ARG C 57 1.88 16.87 15.20
CA ARG C 57 0.59 17.41 15.70
C ARG C 57 0.10 18.73 15.03
N PRO C 58 0.92 19.73 14.78
CA PRO C 58 0.44 20.99 14.12
C PRO C 58 -0.23 20.72 12.77
N HIS C 59 0.31 19.77 12.04
CA HIS C 59 -0.24 19.41 10.72
C HIS C 59 -1.76 19.53 10.70
N ARG C 60 -2.32 19.80 9.55
CA ARG C 60 -3.77 19.96 9.42
C ARG C 60 -4.19 19.88 7.96
N ALA C 61 -5.49 19.94 7.71
CA ALA C 61 -5.99 19.86 6.35
C ALA C 61 -5.90 21.21 5.64
N LEU C 62 -6.88 21.51 4.84
CA LEU C 62 -6.89 22.77 4.10
C LEU C 62 -5.59 22.90 3.31
N ALA C 63 -4.84 21.84 3.26
CA ALA C 63 -3.58 21.83 2.53
C ALA C 63 -3.82 21.93 1.03
N GLY D 1 -19.60 6.79 -20.13
CA GLY D 1 -19.13 6.74 -18.71
C GLY D 1 -19.44 8.09 -18.04
N ALA D 2 -18.44 8.91 -17.93
CA ALA D 2 -18.60 10.22 -17.31
C ALA D 2 -19.07 10.07 -15.87
N LYS D 3 -19.20 8.86 -15.43
CA LYS D 3 -19.66 8.60 -14.05
C LYS D 3 -19.37 7.15 -13.67
N ASN D 4 -19.83 6.23 -14.47
CA ASN D 4 -19.62 4.82 -14.21
C ASN D 4 -18.15 4.57 -13.82
N VAL D 5 -17.31 5.48 -14.19
CA VAL D 5 -15.88 5.36 -13.88
C VAL D 5 -15.66 5.59 -12.38
N ILE D 6 -16.06 6.74 -11.92
CA ILE D 6 -15.93 7.08 -10.51
C ILE D 6 -16.70 6.08 -9.65
N VAL D 7 -17.80 5.63 -10.17
CA VAL D 7 -18.64 4.65 -9.47
C VAL D 7 -17.82 3.40 -9.17
N LEU D 8 -17.02 2.98 -10.11
CA LEU D 8 -16.21 1.79 -9.91
C LEU D 8 -15.28 1.97 -8.71
N ASN D 9 -14.75 3.15 -8.54
CA ASN D 9 -13.87 3.43 -7.40
C ASN D 9 -14.64 3.21 -6.11
N ALA D 10 -15.85 3.68 -6.08
CA ALA D 10 -16.68 3.56 -4.89
C ALA D 10 -16.80 2.09 -4.51
N ALA D 11 -16.93 1.24 -5.49
CA ALA D 11 -17.03 -0.18 -5.24
C ALA D 11 -15.83 -0.67 -4.45
N SER D 12 -14.67 -0.16 -4.77
CA SER D 12 -13.46 -0.54 -4.04
C SER D 12 -13.61 -0.19 -2.56
N ALA D 13 -14.16 0.96 -2.30
CA ALA D 13 -14.34 1.43 -0.93
C ALA D 13 -15.21 0.46 -0.14
N ALA D 14 -16.22 -0.09 -0.78
CA ALA D 14 -17.10 -1.04 -0.11
C ALA D 14 -16.27 -2.25 0.34
N GLY D 15 -15.39 -2.67 -0.52
CA GLY D 15 -14.54 -3.82 -0.20
C GLY D 15 -13.71 -3.56 1.05
N ASN D 16 -13.19 -2.38 1.17
CA ASN D 16 -12.40 -2.01 2.34
C ASN D 16 -13.24 -2.11 3.61
N HIS D 17 -14.47 -1.66 3.52
CA HIS D 17 -15.37 -1.69 4.65
C HIS D 17 -15.60 -3.13 5.13
N GLY D 18 -14.60 -3.69 5.73
CA GLY D 18 -14.67 -5.06 6.25
C GLY D 18 -14.07 -5.14 7.65
N PHE D 19 -14.93 -5.27 8.63
CA PHE D 19 -14.52 -5.37 10.04
C PHE D 19 -13.13 -5.98 10.21
N PHE D 20 -12.88 -7.08 9.55
CA PHE D 20 -11.58 -7.72 9.69
C PHE D 20 -10.48 -6.78 9.22
N TRP D 21 -10.70 -6.11 8.13
CA TRP D 21 -9.71 -5.18 7.59
C TRP D 21 -9.35 -4.08 8.58
N GLY D 22 -10.35 -3.56 9.24
CA GLY D 22 -10.14 -2.49 10.21
C GLY D 22 -9.20 -2.93 11.33
N LEU D 23 -9.38 -4.13 11.78
CA LEU D 23 -8.55 -4.67 12.86
C LEU D 23 -7.07 -4.72 12.48
N LEU D 24 -6.78 -5.08 11.26
CA LEU D 24 -5.37 -5.23 10.84
C LEU D 24 -4.58 -3.93 10.97
N VAL D 25 -5.13 -2.83 10.56
CA VAL D 25 -4.40 -1.57 10.65
C VAL D 25 -4.10 -1.17 12.10
N VAL D 26 -5.05 -1.31 12.97
CA VAL D 26 -4.85 -0.92 14.37
C VAL D 26 -3.78 -1.77 15.07
N THR D 27 -3.83 -3.06 14.89
CA THR D 27 -2.86 -3.94 15.55
C THR D 27 -1.44 -3.69 15.08
N LEU D 28 -1.27 -3.51 13.79
CA LEU D 28 0.06 -3.29 13.25
C LEU D 28 0.67 -2.04 13.88
N ALA D 29 -0.12 -1.01 13.98
CA ALA D 29 0.37 0.23 14.57
C ALA D 29 0.80 0.02 16.02
N TRP D 30 -0.01 -0.72 16.74
CA TRP D 30 0.29 -1.00 18.14
C TRP D 30 1.58 -1.81 18.33
N HIS D 31 1.77 -2.79 17.48
CA HIS D 31 2.94 -3.67 17.59
C HIS D 31 4.27 -2.93 17.46
N VAL D 32 4.35 -2.03 16.54
CA VAL D 32 5.60 -1.31 16.33
C VAL D 32 5.97 -0.45 17.52
N LYS D 33 5.07 -0.29 18.46
CA LYS D 33 5.36 0.52 19.64
C LYS D 33 6.74 0.13 20.19
N GLY D 34 6.86 -1.11 20.58
CA GLY D 34 8.11 -1.60 21.13
C GLY D 34 9.25 -1.43 20.12
N ARG D 35 8.95 -1.63 18.86
CA ARG D 35 9.96 -1.50 17.81
C ARG D 35 10.54 -0.09 17.78
N LEU D 36 9.71 0.88 18.00
CA LEU D 36 10.12 2.28 17.94
C LEU D 36 11.25 2.66 18.94
N VAL D 37 11.19 2.17 20.15
CA VAL D 37 12.19 2.55 21.16
C VAL D 37 13.66 2.15 20.82
N PRO D 38 13.94 0.95 20.39
CA PRO D 38 15.35 0.54 20.00
C PRO D 38 15.86 1.35 18.81
N GLY D 39 14.95 1.66 17.94
CA GLY D 39 15.27 2.46 16.75
C GLY D 39 15.82 3.83 17.14
N ALA D 40 15.23 4.39 18.16
CA ALA D 40 15.62 5.72 18.61
C ALA D 40 17.12 5.81 18.92
N THR D 41 17.67 4.81 19.54
CA THR D 41 19.10 4.82 19.88
C THR D 41 19.96 5.23 18.69
N TYR D 42 20.60 4.25 18.09
CA TYR D 42 21.49 4.47 16.95
C TYR D 42 22.69 5.33 17.34
N LEU D 43 23.85 4.78 17.14
CA LEU D 43 25.10 5.46 17.43
C LEU D 43 25.77 5.85 16.12
N SER D 44 26.49 6.93 16.14
CA SER D 44 27.18 7.41 14.95
C SER D 44 26.30 7.30 13.70
N LEU D 45 25.52 8.32 13.45
CA LEU D 45 24.62 8.36 12.29
C LEU D 45 23.63 9.53 12.51
N GLY D 46 24.17 10.70 12.78
CA GLY D 46 23.35 11.89 13.03
C GLY D 46 23.29 12.87 11.84
N VAL D 47 24.36 12.98 11.09
CA VAL D 47 24.40 13.92 9.95
C VAL D 47 24.05 13.24 8.62
N TRP D 48 24.46 12.01 8.45
CA TRP D 48 24.21 11.30 7.20
C TRP D 48 22.71 11.31 6.82
N PRO D 49 21.80 11.13 7.75
CA PRO D 49 20.34 11.13 7.41
C PRO D 49 19.91 12.44 6.76
N LEU D 50 20.17 13.53 7.44
CA LEU D 50 19.74 14.84 6.99
C LEU D 50 20.20 15.17 5.56
N LEU D 51 21.38 14.80 5.15
CA LEU D 51 21.81 15.13 3.80
C LEU D 51 20.85 14.52 2.75
N LEU D 52 20.46 13.29 2.98
CA LEU D 52 19.57 12.60 2.03
C LEU D 52 18.26 13.36 1.84
N VAL D 53 17.74 13.92 2.88
CA VAL D 53 16.47 14.67 2.81
C VAL D 53 16.57 15.81 1.79
N ARG D 54 17.74 16.35 1.61
CA ARG D 54 17.91 17.47 0.68
C ARG D 54 17.37 17.08 -0.69
N LEU D 55 17.62 15.88 -1.13
CA LEU D 55 17.11 15.47 -2.44
C LEU D 55 15.58 15.57 -2.42
N LEU D 56 15.01 15.10 -1.35
CA LEU D 56 13.56 15.10 -1.08
C LEU D 56 12.92 16.50 -0.87
N ARG D 57 13.71 17.41 -0.34
CA ARG D 57 13.21 18.74 0.07
C ARG D 57 12.47 19.54 -1.02
N PRO D 58 12.89 19.53 -2.27
CA PRO D 58 12.17 20.29 -3.33
C PRO D 58 10.74 19.80 -3.49
N HIS D 59 10.57 18.51 -3.40
CA HIS D 59 9.25 17.90 -3.53
C HIS D 59 8.56 18.38 -4.80
N ARG D 60 9.23 18.24 -5.91
CA ARG D 60 8.68 18.65 -7.20
C ARG D 60 7.24 18.17 -7.34
N ALA D 61 6.53 18.71 -8.29
CA ALA D 61 5.15 18.32 -8.53
C ALA D 61 4.76 18.58 -9.98
N LEU D 62 5.28 17.77 -10.86
CA LEU D 62 5.00 17.90 -12.29
C LEU D 62 5.48 16.65 -13.02
N ALA D 63 5.48 15.54 -12.32
CA ALA D 63 5.91 14.27 -12.90
C ALA D 63 5.35 14.10 -14.31
N GLY E 1 -26.14 10.12 -8.91
CA GLY E 1 -25.46 9.86 -7.61
C GLY E 1 -24.17 10.66 -7.53
N ALA E 2 -24.24 11.93 -7.85
CA ALA E 2 -23.07 12.79 -7.82
C ALA E 2 -22.36 12.68 -6.49
N LYS E 3 -23.08 12.94 -5.42
CA LYS E 3 -22.49 12.86 -4.08
C LYS E 3 -22.68 11.48 -3.47
N ASN E 4 -22.30 10.47 -4.21
CA ASN E 4 -22.39 9.09 -3.76
C ASN E 4 -21.20 8.31 -4.26
N VAL E 5 -20.10 8.99 -4.33
CA VAL E 5 -18.83 8.41 -4.78
C VAL E 5 -17.70 9.10 -4.04
N ILE E 6 -17.52 10.36 -4.33
CA ILE E 6 -16.49 11.14 -3.68
C ILE E 6 -16.72 11.14 -2.17
N VAL E 7 -17.96 11.17 -1.77
CA VAL E 7 -18.30 11.16 -0.35
C VAL E 7 -17.79 9.88 0.30
N LEU E 8 -17.93 8.78 -0.39
CA LEU E 8 -17.48 7.50 0.14
C LEU E 8 -15.97 7.53 0.41
N ASN E 9 -15.24 8.14 -0.49
CA ASN E 9 -13.79 8.24 -0.32
C ASN E 9 -13.46 9.01 0.97
N ALA E 10 -14.20 10.06 1.19
CA ALA E 10 -13.98 10.89 2.36
C ALA E 10 -14.12 10.04 3.62
N ALA E 11 -15.08 9.15 3.63
CA ALA E 11 -15.30 8.29 4.78
C ALA E 11 -14.05 7.47 5.07
N SER E 12 -13.41 6.98 4.05
CA SER E 12 -12.19 6.19 4.23
C SER E 12 -11.13 7.04 4.94
N ALA E 13 -11.01 8.27 4.51
CA ALA E 13 -10.02 9.18 5.08
C ALA E 13 -10.25 9.35 6.58
N ALA E 14 -11.50 9.40 6.97
CA ALA E 14 -11.83 9.54 8.38
C ALA E 14 -11.25 8.36 9.16
N GLY E 15 -11.35 7.20 8.57
CA GLY E 15 -10.84 5.99 9.22
C GLY E 15 -9.35 6.12 9.51
N ASN E 16 -8.62 6.68 8.58
CA ASN E 16 -7.18 6.87 8.75
C ASN E 16 -6.92 7.79 9.95
N HIS E 17 -7.71 8.81 10.08
CA HIS E 17 -7.56 9.77 11.18
C HIS E 17 -7.48 9.05 12.53
N GLY E 18 -6.28 8.78 12.96
CA GLY E 18 -6.07 8.10 14.23
C GLY E 18 -4.61 8.21 14.66
N PHE E 19 -4.35 9.02 15.66
CA PHE E 19 -2.99 9.23 16.16
C PHE E 19 -2.18 7.93 16.12
N PHE E 20 -2.81 6.84 16.45
CA PHE E 20 -2.12 5.56 16.44
C PHE E 20 -1.57 5.28 15.04
N TRP E 21 -2.38 5.55 14.05
CA TRP E 21 -1.98 5.34 12.66
C TRP E 21 -0.76 6.18 12.31
N GLY E 22 -0.75 7.40 12.77
CA GLY E 22 0.36 8.31 12.51
C GLY E 22 1.67 7.76 13.08
N LEU E 23 1.59 7.16 14.24
CA LEU E 23 2.75 6.61 14.91
C LEU E 23 3.44 5.55 14.04
N LEU E 24 2.66 4.77 13.35
CA LEU E 24 3.20 3.70 12.53
C LEU E 24 4.20 4.21 11.49
N VAL E 25 3.90 5.32 10.88
CA VAL E 25 4.79 5.85 9.84
C VAL E 25 6.19 6.14 10.41
N VAL E 26 6.24 6.72 11.57
CA VAL E 26 7.53 7.06 12.17
C VAL E 26 8.37 5.81 12.47
N THR E 27 7.74 4.79 12.98
CA THR E 27 8.46 3.56 13.33
C THR E 27 9.09 2.87 12.12
N LEU E 28 8.33 2.77 11.05
CA LEU E 28 8.85 2.10 9.87
C LEU E 28 10.06 2.85 9.31
N ALA E 29 9.94 4.15 9.27
CA ALA E 29 11.03 4.98 8.74
C ALA E 29 12.29 4.86 9.59
N TRP E 30 12.12 4.84 10.89
CA TRP E 30 13.26 4.75 11.79
C TRP E 30 14.03 3.42 11.65
N HIS E 31 13.31 2.34 11.54
CA HIS E 31 13.92 1.01 11.45
C HIS E 31 14.82 0.86 10.24
N VAL E 32 14.39 1.36 9.12
CA VAL E 32 15.15 1.22 7.89
C VAL E 32 16.43 2.03 7.87
N LYS E 33 16.63 2.88 8.84
CA LYS E 33 17.85 3.70 8.87
C LYS E 33 19.08 2.82 8.62
N GLY E 34 19.23 1.80 9.41
CA GLY E 34 20.37 0.90 9.27
C GLY E 34 20.36 0.23 7.89
N ARG E 35 19.20 -0.11 7.42
CA ARG E 35 19.06 -0.76 6.12
C ARG E 35 19.64 0.10 5.00
N LEU E 36 19.49 1.39 5.14
CA LEU E 36 19.95 2.32 4.11
C LEU E 36 21.48 2.30 3.83
N VAL E 37 22.31 2.27 4.84
CA VAL E 37 23.77 2.33 4.60
C VAL E 37 24.34 1.11 3.83
N PRO E 38 23.96 -0.12 4.14
CA PRO E 38 24.42 -1.32 3.36
C PRO E 38 24.00 -1.21 1.89
N GLY E 39 22.87 -0.60 1.70
CA GLY E 39 22.31 -0.38 0.36
C GLY E 39 23.27 0.45 -0.50
N ALA E 40 23.91 1.40 0.13
CA ALA E 40 24.81 2.30 -0.58
C ALA E 40 25.92 1.54 -1.31
N THR E 41 26.46 0.51 -0.71
CA THR E 41 27.52 -0.26 -1.34
C THR E 41 27.19 -0.52 -2.82
N TYR E 42 28.01 -0.01 -3.70
CA TYR E 42 27.81 -0.17 -5.14
C TYR E 42 28.79 -1.18 -5.72
N LEU E 43 28.54 -2.44 -5.49
CA LEU E 43 29.40 -3.49 -6.02
C LEU E 43 29.08 -3.72 -7.49
N SER E 44 29.25 -4.93 -7.94
CA SER E 44 28.97 -5.27 -9.34
C SER E 44 27.55 -4.87 -9.71
N LEU E 45 27.36 -3.60 -10.00
CA LEU E 45 26.05 -3.07 -10.39
C LEU E 45 26.25 -1.92 -11.36
N GLY E 46 27.28 -2.00 -12.15
CA GLY E 46 27.58 -0.95 -13.11
C GLY E 46 26.38 -0.60 -13.97
N VAL E 47 26.03 -1.49 -14.87
CA VAL E 47 24.91 -1.24 -15.78
C VAL E 47 24.04 -2.48 -16.00
N TRP E 48 24.49 -3.63 -15.55
CA TRP E 48 23.71 -4.83 -15.74
C TRP E 48 22.26 -4.61 -15.25
N PRO E 49 22.08 -4.02 -14.09
CA PRO E 49 20.71 -3.75 -13.54
C PRO E 49 19.88 -2.86 -14.47
N LEU E 50 20.51 -1.85 -15.00
CA LEU E 50 19.82 -0.87 -15.84
C LEU E 50 19.06 -1.51 -17.00
N LEU E 51 19.54 -2.57 -17.57
CA LEU E 51 18.80 -3.12 -18.69
C LEU E 51 17.35 -3.44 -18.28
N LEU E 52 17.16 -4.03 -17.13
CA LEU E 52 15.79 -4.34 -16.69
C LEU E 52 14.97 -3.05 -16.48
N VAL E 53 15.55 -2.09 -15.81
CA VAL E 53 14.88 -0.81 -15.55
C VAL E 53 14.58 -0.09 -16.87
N ARG E 54 15.45 -0.28 -17.82
CA ARG E 54 15.29 0.39 -19.11
C ARG E 54 13.91 0.09 -19.69
N LEU E 55 13.46 -1.13 -19.57
CA LEU E 55 12.14 -1.47 -20.11
C LEU E 55 11.08 -0.59 -19.43
N LEU E 56 11.22 -0.46 -18.14
CA LEU E 56 10.35 0.36 -17.29
C LEU E 56 10.51 1.88 -17.54
N ARG E 57 11.73 2.25 -17.87
CA ARG E 57 12.11 3.66 -18.02
C ARG E 57 11.27 4.48 -19.03
N PRO E 58 10.93 4.00 -20.19
CA PRO E 58 10.10 4.80 -21.15
C PRO E 58 8.73 5.18 -20.55
N HIS E 59 8.14 4.25 -19.84
CA HIS E 59 6.84 4.50 -19.21
C HIS E 59 5.87 5.08 -20.24
N ARG E 60 4.66 5.32 -19.81
CA ARG E 60 3.63 5.88 -20.68
C ARG E 60 2.36 6.17 -19.89
N ALA E 61 1.74 7.29 -20.16
CA ALA E 61 0.51 7.68 -19.47
C ALA E 61 -0.71 7.44 -20.36
N LEU E 62 -0.91 6.20 -20.71
CA LEU E 62 -2.04 5.83 -21.56
C LEU E 62 -2.25 4.32 -21.52
N ALA E 63 -1.63 3.67 -20.57
CA ALA E 63 -1.76 2.23 -20.43
C ALA E 63 -3.21 1.83 -20.24
N GLY F 1 -18.98 25.02 -2.29
CA GLY F 1 -17.73 24.76 -3.07
C GLY F 1 -17.42 23.28 -3.07
N ALA F 2 -18.25 22.52 -2.40
CA ALA F 2 -18.06 21.07 -2.33
C ALA F 2 -16.68 20.74 -1.77
N LYS F 3 -16.02 21.73 -1.24
CA LYS F 3 -14.68 21.53 -0.68
C LYS F 3 -14.77 21.03 0.76
N ASN F 4 -15.09 19.78 0.90
CA ASN F 4 -15.21 19.16 2.22
C ASN F 4 -15.05 17.65 2.09
N VAL F 5 -14.79 17.21 0.89
CA VAL F 5 -14.60 15.79 0.59
C VAL F 5 -13.14 15.60 0.17
N ILE F 6 -12.79 16.16 -0.96
CA ILE F 6 -11.44 16.10 -1.47
C ILE F 6 -10.48 16.72 -0.47
N VAL F 7 -10.97 17.72 0.23
CA VAL F 7 -10.17 18.42 1.23
C VAL F 7 -9.65 17.43 2.27
N LEU F 8 -10.48 16.51 2.67
CA LEU F 8 -10.08 15.51 3.65
C LEU F 8 -8.88 14.73 3.13
N ASN F 9 -8.90 14.39 1.87
CA ASN F 9 -7.80 13.66 1.26
C ASN F 9 -6.53 14.49 1.34
N ALA F 10 -6.68 15.76 1.11
CA ALA F 10 -5.53 16.67 1.13
C ALA F 10 -4.82 16.57 2.47
N ALA F 11 -5.57 16.48 3.54
CA ALA F 11 -4.96 16.37 4.86
C ALA F 11 -4.04 15.16 4.92
N SER F 12 -4.48 14.07 4.34
CA SER F 12 -3.64 12.87 4.33
C SER F 12 -2.35 13.15 3.58
N ALA F 13 -2.47 13.81 2.46
CA ALA F 13 -1.31 14.15 1.65
C ALA F 13 -0.33 15.02 2.42
N ALA F 14 -0.85 15.96 3.15
CA ALA F 14 0.00 16.83 3.96
C ALA F 14 0.74 15.98 5.00
N GLY F 15 0.02 15.05 5.55
CA GLY F 15 0.59 14.16 6.56
C GLY F 15 1.78 13.41 6.00
N ASN F 16 1.66 12.97 4.78
CA ASN F 16 2.75 12.24 4.13
C ASN F 16 3.98 13.15 4.03
N HIS F 17 3.76 14.39 3.69
CA HIS F 17 4.85 15.35 3.56
C HIS F 17 5.62 15.46 4.87
N GLY F 18 6.83 14.96 4.87
CA GLY F 18 7.67 15.00 6.06
C GLY F 18 9.00 14.32 5.80
N PHE F 19 10.06 15.09 5.85
CA PHE F 19 11.42 14.58 5.61
C PHE F 19 11.58 13.12 6.04
N PHE F 20 11.06 12.80 7.18
CA PHE F 20 11.18 11.43 7.67
C PHE F 20 10.54 10.45 6.69
N TRP F 21 9.39 10.81 6.19
CA TRP F 21 8.67 9.95 5.25
C TRP F 21 9.50 9.69 4.00
N GLY F 22 10.15 10.72 3.51
CA GLY F 22 10.96 10.61 2.31
C GLY F 22 12.09 9.58 2.48
N LEU F 23 12.66 9.55 3.64
CA LEU F 23 13.76 8.63 3.92
C LEU F 23 13.33 7.17 3.73
N LEU F 24 12.14 6.85 4.14
CA LEU F 24 11.64 5.47 4.05
C LEU F 24 11.61 4.94 2.61
N VAL F 25 11.13 5.73 1.68
CA VAL F 25 11.04 5.26 0.31
C VAL F 25 12.40 4.97 -0.34
N VAL F 26 13.34 5.85 -0.17
CA VAL F 26 14.65 5.66 -0.79
C VAL F 26 15.41 4.44 -0.23
N THR F 27 15.39 4.31 1.07
CA THR F 27 16.11 3.20 1.71
C THR F 27 15.53 1.85 1.36
N LEU F 28 14.23 1.74 1.32
CA LEU F 28 13.62 0.45 1.01
C LEU F 28 14.07 0.01 -0.38
N ALA F 29 14.09 0.93 -1.29
CA ALA F 29 14.53 0.62 -2.65
C ALA F 29 16.00 0.23 -2.66
N TRP F 30 16.79 0.93 -1.90
CA TRP F 30 18.23 0.66 -1.82
C TRP F 30 18.53 -0.73 -1.22
N HIS F 31 17.81 -1.09 -0.20
CA HIS F 31 18.04 -2.37 0.48
C HIS F 31 17.86 -3.57 -0.42
N VAL F 32 16.85 -3.54 -1.25
CA VAL F 32 16.57 -4.67 -2.12
C VAL F 32 17.63 -4.88 -3.19
N LYS F 33 18.61 -4.01 -3.28
CA LYS F 33 19.66 -4.19 -4.29
C LYS F 33 20.17 -5.62 -4.24
N GLY F 34 20.73 -5.99 -3.13
CA GLY F 34 21.25 -7.35 -2.95
C GLY F 34 20.14 -8.37 -3.16
N ARG F 35 18.97 -8.05 -2.71
CA ARG F 35 17.82 -8.94 -2.84
C ARG F 35 17.55 -9.28 -4.31
N LEU F 36 17.72 -8.32 -5.15
CA LEU F 36 17.44 -8.48 -6.58
C LEU F 36 18.27 -9.59 -7.27
N VAL F 37 19.54 -9.69 -6.96
CA VAL F 37 20.39 -10.68 -7.65
C VAL F 37 19.98 -12.16 -7.44
N PRO F 38 19.68 -12.63 -6.25
CA PRO F 38 19.22 -14.04 -6.03
C PRO F 38 17.90 -14.32 -6.77
N GLY F 39 17.10 -13.30 -6.84
CA GLY F 39 15.82 -13.40 -7.53
C GLY F 39 16.03 -13.75 -9.00
N ALA F 40 17.04 -13.18 -9.59
CA ALA F 40 17.33 -13.42 -11.00
C ALA F 40 17.55 -14.89 -11.26
N THR F 41 18.25 -15.57 -10.38
CA THR F 41 18.50 -17.00 -10.56
C THR F 41 17.28 -17.82 -10.14
N TYR F 42 16.67 -18.48 -11.09
CA TYR F 42 15.50 -19.30 -10.79
C TYR F 42 15.20 -20.20 -11.98
N LEU F 43 15.25 -21.48 -11.74
CA LEU F 43 14.98 -22.47 -12.77
C LEU F 43 13.47 -22.64 -12.93
N SER F 44 13.07 -22.93 -14.12
CA SER F 44 11.65 -23.11 -14.44
C SER F 44 10.88 -21.81 -14.30
N LEU F 45 9.60 -21.87 -14.63
CA LEU F 45 8.73 -20.68 -14.59
C LEU F 45 9.08 -19.74 -15.73
N GLY F 46 9.46 -20.31 -16.83
CA GLY F 46 9.83 -19.54 -18.03
C GLY F 46 8.66 -19.45 -19.01
N VAL F 47 8.03 -20.58 -19.27
CA VAL F 47 6.90 -20.63 -20.18
C VAL F 47 5.87 -21.64 -19.69
N TRP F 48 5.14 -21.31 -18.66
CA TRP F 48 4.12 -22.20 -18.13
C TRP F 48 3.18 -21.40 -17.19
N PRO F 49 3.70 -20.54 -16.35
CA PRO F 49 2.85 -19.72 -15.43
C PRO F 49 2.07 -18.66 -16.21
N LEU F 50 2.69 -18.19 -17.26
CA LEU F 50 2.11 -17.15 -18.11
C LEU F 50 0.75 -17.55 -18.67
N LEU F 51 0.54 -18.80 -18.97
CA LEU F 51 -0.74 -19.17 -19.55
C LEU F 51 -1.86 -18.71 -18.60
N LEU F 52 -1.66 -18.91 -17.33
CA LEU F 52 -2.65 -18.47 -16.35
C LEU F 52 -2.80 -16.94 -16.47
N VAL F 53 -1.67 -16.28 -16.62
CA VAL F 53 -1.61 -14.83 -16.78
C VAL F 53 -2.39 -14.40 -18.02
N ARG F 54 -2.43 -15.27 -19.00
CA ARG F 54 -3.11 -14.96 -20.25
C ARG F 54 -4.54 -14.52 -19.95
N LEU F 55 -5.18 -15.16 -19.01
CA LEU F 55 -6.56 -14.77 -18.68
C LEU F 55 -6.58 -13.29 -18.28
N LEU F 56 -5.62 -12.90 -17.48
CA LEU F 56 -5.43 -11.52 -17.02
C LEU F 56 -5.02 -10.56 -18.16
N ARG F 57 -4.27 -11.10 -19.07
CA ARG F 57 -3.66 -10.31 -20.16
C ARG F 57 -4.64 -9.46 -21.00
N PRO F 58 -5.79 -9.94 -21.42
CA PRO F 58 -6.75 -9.10 -22.19
C PRO F 58 -7.20 -7.88 -21.36
N HIS F 59 -7.43 -8.11 -20.10
CA HIS F 59 -7.86 -7.05 -19.19
C HIS F 59 -9.04 -6.28 -19.79
N ARG F 60 -9.57 -5.36 -19.03
CA ARG F 60 -10.70 -4.55 -19.48
C ARG F 60 -11.00 -3.46 -18.47
N ALA F 61 -12.19 -2.92 -18.53
CA ALA F 61 -12.60 -1.86 -17.61
C ALA F 61 -14.12 -1.81 -17.47
N LEU F 62 -14.78 -2.78 -18.05
CA LEU F 62 -16.23 -2.84 -17.98
C LEU F 62 -16.67 -3.56 -16.69
N ALA F 63 -15.81 -3.55 -15.71
CA ALA F 63 -16.10 -4.21 -14.45
C ALA F 63 -17.45 -3.73 -13.91
#